data_8RC5
#
_entry.id   8RC5
#
loop_
_entity.id
_entity.type
_entity.pdbx_description
1 polymer ORF016
2 polymer 'Helix-turn-helix XRE family protein'
3 non-polymer 'PHOSPHOTHIOPHOSPHORIC ACID-ADENYLATE ESTER'
#
loop_
_entity_poly.entity_id
_entity_poly.type
_entity_poly.pdbx_seq_one_letter_code
_entity_poly.pdbx_strand_id
1 'polypeptide(L)'
;MGSSHHHHHHSSGLVPRGSHMTEKTNQDVDILTQLGVKDISKQNANKFYKFAIYGKFGTGKTTFLTKDNNALVLDINEDG
TTVTEDGAVVQIKNYKHFSAVIKMLPKIIEQLRENGKQIDVVVIETIQKLRDITMDDIMDGKSKKPTFNDWGECATRIVS
IYRYISKLQEHYQFHLAISGHEGINKDKDDEGSTINPTITIEAQDQIKKAVISQSDVLARMTIEEHEQDGEKTYQYVLNA
EPSNLFETKIRHSSNIKINNKRFINPSINDVVQAIRNGN
;
1A,4A,1B,4B,1C,4C,1D,4D,1E,4E,1F,4F,1G,4G,1H,4H,1I,4I
2 'polypeptide(L)'
;MIRNRLSELLSERGLKISRVAKDVKIARSSLTSMAQNDSEMIRYDAIDKLCSYLHISPSEFFEHNPINFDFTFDEEPNYK
INDVFEGFEVTANITHAFSIENFDFEILVDVELDNRQKLNFDLDVSYKETEKITNSQHRFIFTIKNEDENIGLKKYVDSL
SAGLKNLLFKKINQKLSGYVSEIIVKNIDDIEELFPNKGEKSTTLHKEILQTDSRLSSDIFKEYLEHHHHHH
;
2A,3A,2B,3B,2C,3C,2D,3D,2E,3E,2F,3F,2G,3G,2H,3H,2I,3I
#
# COMPACT_ATOMS: atom_id res chain seq x y z
N ASP A 30 -93.39 58.57 0.06
CA ASP A 30 -93.85 58.46 1.48
C ASP A 30 -93.08 57.32 2.15
N ILE A 31 -92.23 57.65 3.13
CA ILE A 31 -91.45 56.60 3.85
C ILE A 31 -92.44 55.69 4.59
N LEU A 32 -93.52 56.27 5.13
CA LEU A 32 -94.56 55.46 5.82
C LEU A 32 -95.09 54.40 4.84
N THR A 33 -95.54 54.84 3.67
CA THR A 33 -96.13 53.92 2.64
C THR A 33 -95.06 52.94 2.16
N GLN A 34 -93.81 53.39 2.00
CA GLN A 34 -92.74 52.48 1.51
C GLN A 34 -92.79 51.21 2.37
N LEU A 35 -92.81 51.37 3.69
CA LEU A 35 -92.94 50.20 4.61
C LEU A 35 -94.42 49.82 4.74
N GLY A 36 -94.72 48.70 5.41
CA GLY A 36 -96.10 48.21 5.51
C GLY A 36 -96.89 48.95 6.59
N VAL A 37 -96.29 49.96 7.21
CA VAL A 37 -96.96 50.66 8.34
C VAL A 37 -98.33 51.19 7.89
N LYS A 38 -99.35 50.98 8.71
CA LYS A 38 -100.74 51.41 8.37
C LYS A 38 -101.47 51.79 9.67
N ASP A 39 -102.49 52.64 9.59
CA ASP A 39 -103.23 53.10 10.80
C ASP A 39 -104.08 51.95 11.35
N ILE A 40 -104.29 51.93 12.68
CA ILE A 40 -105.07 50.83 13.32
C ILE A 40 -106.57 51.16 13.33
N SER A 41 -106.96 52.36 13.74
CA SER A 41 -108.38 52.67 13.78
C SER A 41 -109.07 52.25 12.49
N LYS A 42 -108.42 52.49 11.34
CA LYS A 42 -109.01 52.10 10.07
C LYS A 42 -108.92 50.59 9.86
N GLN A 43 -107.85 49.97 10.34
CA GLN A 43 -107.66 48.51 10.10
C GLN A 43 -108.69 47.71 10.90
N ASN A 44 -108.99 48.13 12.14
CA ASN A 44 -109.90 47.33 13.00
C ASN A 44 -111.37 47.66 12.73
N ALA A 45 -111.65 48.56 11.79
CA ALA A 45 -113.05 48.95 11.58
C ALA A 45 -113.91 47.89 10.92
N ASN A 46 -113.40 47.25 9.87
CA ASN A 46 -114.16 46.21 9.16
C ASN A 46 -113.41 44.91 9.10
N LYS A 47 -112.49 44.68 10.02
CA LYS A 47 -111.66 43.49 9.95
C LYS A 47 -112.48 42.21 9.99
N PHE A 48 -112.10 41.24 9.16
CA PHE A 48 -112.78 39.91 9.19
C PHE A 48 -112.00 38.99 10.14
N TYR A 49 -112.54 38.76 11.33
CA TYR A 49 -111.89 37.93 12.37
C TYR A 49 -111.87 36.43 12.02
N LYS A 50 -110.83 35.70 12.43
CA LYS A 50 -110.82 34.23 12.26
C LYS A 50 -111.44 33.58 13.50
N PHE A 51 -112.12 32.43 13.38
CA PHE A 51 -112.82 31.82 14.53
C PHE A 51 -112.43 30.36 14.64
N ALA A 52 -111.86 29.93 15.78
CA ALA A 52 -111.59 28.50 15.97
C ALA A 52 -112.55 27.95 17.02
N ILE A 53 -113.33 26.91 16.68
CA ILE A 53 -114.35 26.38 17.62
C ILE A 53 -114.07 24.89 17.86
N TYR A 54 -113.55 24.54 19.04
CA TYR A 54 -113.31 23.10 19.35
C TYR A 54 -114.45 22.59 20.23
N GLY A 55 -114.96 21.39 19.95
CA GLY A 55 -116.08 20.85 20.74
C GLY A 55 -116.02 19.34 20.91
N LYS A 56 -116.81 18.78 21.84
CA LYS A 56 -116.89 17.31 21.99
C LYS A 56 -117.84 16.75 20.93
N PHE A 57 -118.06 15.43 20.92
CA PHE A 57 -118.91 14.80 19.87
C PHE A 57 -120.37 15.25 20.01
N GLY A 58 -121.06 15.46 18.90
CA GLY A 58 -122.48 15.82 18.93
C GLY A 58 -122.78 17.08 19.73
N THR A 59 -121.89 18.09 19.67
CA THR A 59 -122.15 19.38 20.35
C THR A 59 -122.73 20.40 19.36
N GLY A 60 -123.00 19.96 18.12
CA GLY A 60 -123.55 20.87 17.09
C GLY A 60 -122.59 21.99 16.71
N LYS A 61 -121.29 21.72 16.71
CA LYS A 61 -120.27 22.75 16.39
C LYS A 61 -120.46 23.24 14.94
N THR A 62 -120.71 22.33 13.99
CA THR A 62 -120.92 22.73 12.57
C THR A 62 -122.17 23.60 12.45
N THR A 63 -123.23 23.29 13.20
CA THR A 63 -124.47 24.11 13.17
C THR A 63 -124.09 25.58 13.33
N PHE A 64 -123.35 25.91 14.39
CA PHE A 64 -122.92 27.31 14.67
C PHE A 64 -122.31 27.95 13.43
N LEU A 65 -121.34 27.29 12.82
CA LEU A 65 -120.59 27.87 11.68
C LEU A 65 -121.53 28.11 10.51
N THR A 66 -122.47 27.19 10.24
CA THR A 66 -123.33 27.29 9.04
C THR A 66 -124.75 27.79 9.35
N LYS A 67 -125.00 28.18 10.60
CA LYS A 67 -126.37 28.65 11.00
C LYS A 67 -126.74 29.85 10.12
N ASP A 68 -125.77 30.71 9.83
CA ASP A 68 -126.02 31.96 9.05
C ASP A 68 -126.53 31.59 7.66
N ASN A 69 -126.33 30.34 7.22
CA ASN A 69 -126.76 29.84 5.88
C ASN A 69 -126.04 30.65 4.79
N ASN A 70 -124.91 31.26 5.14
CA ASN A 70 -124.07 31.98 4.14
C ASN A 70 -122.65 31.44 4.26
N ALA A 71 -122.44 30.15 4.02
CA ALA A 71 -121.09 29.58 4.28
C ALA A 71 -120.62 28.62 3.18
N LEU A 72 -119.31 28.53 2.98
CA LEU A 72 -118.73 27.54 2.03
C LEU A 72 -117.97 26.53 2.87
N VAL A 73 -118.41 25.27 2.90
CA VAL A 73 -117.77 24.28 3.82
C VAL A 73 -116.79 23.39 3.06
N LEU A 74 -115.49 23.52 3.34
CA LEU A 74 -114.49 22.61 2.73
C LEU A 74 -114.31 21.39 3.65
N ASP A 75 -115.30 20.49 3.68
CA ASP A 75 -115.24 19.30 4.57
C ASP A 75 -114.16 18.33 4.08
N ILE A 76 -113.54 17.58 5.01
CA ILE A 76 -112.41 16.69 4.63
C ILE A 76 -112.77 15.24 4.95
N ASN A 77 -112.93 14.40 3.91
CA ASN A 77 -113.20 12.95 4.12
C ASN A 77 -114.40 12.76 5.06
N GLU A 78 -115.37 13.68 5.01
CA GLU A 78 -116.58 13.60 5.86
C GLU A 78 -117.74 14.34 5.18
N ASP A 79 -118.98 14.07 5.57
CA ASP A 79 -120.12 14.83 5.02
C ASP A 79 -121.08 15.23 6.14
N GLY A 80 -120.91 16.42 6.72
CA GLY A 80 -121.82 16.91 7.78
C GLY A 80 -122.69 18.05 7.29
N THR A 81 -122.89 18.15 5.97
CA THR A 81 -123.66 19.27 5.38
C THR A 81 -125.16 19.10 5.67
N THR A 82 -125.57 17.91 6.14
CA THR A 82 -127.01 17.64 6.36
C THR A 82 -127.59 18.64 7.37
N VAL A 83 -126.83 18.98 8.41
CA VAL A 83 -127.36 19.90 9.47
C VAL A 83 -127.60 21.27 8.85
N THR A 84 -126.73 21.69 7.93
CA THR A 84 -126.87 23.02 7.28
C THR A 84 -128.12 23.04 6.41
N GLU A 85 -128.78 24.20 6.28
CA GLU A 85 -129.99 24.32 5.45
C GLU A 85 -129.62 24.77 4.04
N ASP A 86 -128.74 25.77 3.92
CA ASP A 86 -128.33 26.30 2.59
C ASP A 86 -126.86 26.70 2.59
N GLY A 87 -126.24 26.82 1.40
CA GLY A 87 -124.82 27.18 1.27
C GLY A 87 -124.15 26.33 0.19
N ALA A 88 -122.83 26.39 0.07
CA ALA A 88 -122.11 25.53 -0.90
C ALA A 88 -121.11 24.62 -0.15
N VAL A 89 -121.13 23.32 -0.43
CA VAL A 89 -120.17 22.37 0.22
C VAL A 89 -119.28 21.70 -0.82
N VAL A 90 -117.96 21.63 -0.57
CA VAL A 90 -117.01 20.95 -1.50
C VAL A 90 -116.25 19.86 -0.75
N GLN A 91 -116.47 18.59 -1.11
CA GLN A 91 -115.75 17.46 -0.47
C GLN A 91 -114.27 17.57 -0.79
N ILE A 92 -113.39 17.32 0.19
CA ILE A 92 -111.93 17.29 -0.08
C ILE A 92 -111.48 15.85 0.11
N LYS A 93 -110.93 15.21 -0.92
CA LYS A 93 -110.59 13.77 -0.81
C LYS A 93 -109.07 13.56 -0.84
N ASN A 94 -108.31 14.54 -1.31
CA ASN A 94 -106.84 14.34 -1.47
C ASN A 94 -106.11 15.63 -1.10
N TYR A 95 -104.84 15.52 -0.69
CA TYR A 95 -104.04 16.74 -0.38
C TYR A 95 -103.94 17.55 -1.67
N LYS A 96 -103.78 16.87 -2.81
CA LYS A 96 -103.68 17.58 -4.11
C LYS A 96 -104.99 18.36 -4.33
N HIS A 97 -106.12 17.74 -4.01
CA HIS A 97 -107.43 18.43 -4.20
C HIS A 97 -107.47 19.64 -3.28
N PHE A 98 -106.94 19.49 -2.06
CA PHE A 98 -106.96 20.59 -1.07
C PHE A 98 -106.14 21.77 -1.62
N SER A 99 -104.94 21.48 -2.14
CA SER A 99 -104.07 22.55 -2.65
C SER A 99 -104.81 23.31 -3.77
N ALA A 100 -105.43 22.58 -4.69
CA ALA A 100 -106.11 23.22 -5.83
C ALA A 100 -107.21 24.16 -5.34
N VAL A 101 -108.09 23.70 -4.44
CA VAL A 101 -109.24 24.57 -4.05
C VAL A 101 -108.71 25.85 -3.38
N ILE A 102 -107.70 25.74 -2.52
CA ILE A 102 -107.14 26.93 -1.82
C ILE A 102 -106.55 27.89 -2.85
N LYS A 103 -105.79 27.37 -3.81
CA LYS A 103 -105.12 28.24 -4.83
C LYS A 103 -106.19 28.94 -5.68
N MET A 104 -107.27 28.24 -6.02
CA MET A 104 -108.29 28.84 -6.92
C MET A 104 -109.42 29.46 -6.09
N LEU A 105 -109.25 29.52 -4.76
CA LEU A 105 -110.36 30.02 -3.89
C LEU A 105 -110.78 31.43 -4.31
N PRO A 106 -109.87 32.38 -4.63
CA PRO A 106 -110.30 33.69 -5.10
C PRO A 106 -111.31 33.54 -6.24
N LYS A 107 -110.95 32.80 -7.27
CA LYS A 107 -111.82 32.66 -8.47
C LYS A 107 -113.16 32.08 -8.04
N ILE A 108 -113.14 31.07 -7.16
CA ILE A 108 -114.40 30.39 -6.75
C ILE A 108 -115.32 31.41 -6.09
N ILE A 109 -114.84 32.10 -5.06
CA ILE A 109 -115.72 33.04 -4.32
C ILE A 109 -116.45 33.94 -5.33
N GLU A 110 -115.72 34.43 -6.34
CA GLU A 110 -116.33 35.38 -7.32
C GLU A 110 -117.50 34.69 -8.02
N GLN A 111 -117.36 33.41 -8.37
CA GLN A 111 -118.43 32.73 -9.16
C GLN A 111 -119.67 32.49 -8.29
N LEU A 112 -119.51 31.85 -7.13
CA LEU A 112 -120.69 31.65 -6.23
C LEU A 112 -121.40 32.99 -6.01
N ARG A 113 -120.67 34.07 -5.77
CA ARG A 113 -121.32 35.40 -5.60
C ARG A 113 -122.01 35.80 -6.91
N GLU A 114 -121.39 35.50 -8.06
CA GLU A 114 -121.98 35.81 -9.38
C GLU A 114 -123.27 35.00 -9.55
N ASN A 115 -123.26 33.74 -9.12
CA ASN A 115 -124.48 32.88 -9.18
C ASN A 115 -125.52 33.45 -8.22
N GLY A 116 -125.09 34.30 -7.28
CA GLY A 116 -126.01 34.89 -6.28
C GLY A 116 -125.92 34.17 -4.95
N LYS A 117 -125.18 33.05 -4.88
CA LYS A 117 -124.97 32.39 -3.58
C LYS A 117 -124.16 33.34 -2.70
N GLN A 118 -124.48 33.44 -1.41
CA GLN A 118 -123.78 34.40 -0.52
C GLN A 118 -122.72 33.65 0.28
N ILE A 119 -121.44 33.94 0.05
CA ILE A 119 -120.38 33.29 0.89
C ILE A 119 -119.70 34.37 1.73
N ASP A 120 -119.80 34.26 3.06
CA ASP A 120 -119.14 35.24 3.97
C ASP A 120 -118.10 34.51 4.81
N VAL A 121 -118.16 33.18 4.88
CA VAL A 121 -117.22 32.42 5.74
C VAL A 121 -116.75 31.14 5.02
N VAL A 122 -115.45 30.87 5.08
CA VAL A 122 -114.87 29.62 4.50
C VAL A 122 -114.52 28.72 5.68
N VAL A 123 -115.05 27.50 5.73
CA VAL A 123 -114.86 26.64 6.93
C VAL A 123 -114.09 25.38 6.56
N ILE A 124 -113.06 25.03 7.33
CA ILE A 124 -112.37 23.72 7.15
C ILE A 124 -112.92 22.83 8.26
N GLU A 125 -113.59 21.74 7.92
CA GLU A 125 -114.29 20.91 8.95
C GLU A 125 -113.36 20.35 10.03
N THR A 126 -112.18 19.85 9.68
CA THR A 126 -111.35 19.16 10.71
C THR A 126 -109.85 19.45 10.61
N ILE A 127 -109.26 19.98 11.67
CA ILE A 127 -107.79 20.25 11.69
C ILE A 127 -107.05 18.92 11.74
N GLN A 128 -107.62 17.90 12.40
CA GLN A 128 -106.90 16.61 12.55
C GLN A 128 -106.77 15.97 11.16
N LYS A 129 -107.78 16.10 10.31
CA LYS A 129 -107.68 15.58 8.92
C LYS A 129 -106.59 16.33 8.16
N LEU A 130 -106.46 17.65 8.37
CA LEU A 130 -105.35 18.39 7.71
C LEU A 130 -104.02 17.78 8.16
N ARG A 131 -103.90 17.42 9.43
CA ARG A 131 -102.67 16.74 9.90
C ARG A 131 -102.50 15.44 9.12
N ASP A 132 -103.58 14.66 8.98
CA ASP A 132 -103.48 13.34 8.32
C ASP A 132 -103.09 13.49 6.84
N ILE A 133 -103.70 14.45 6.14
CA ILE A 133 -103.44 14.57 4.67
C ILE A 133 -102.02 15.10 4.45
N THR A 134 -101.65 16.17 5.15
CA THR A 134 -100.29 16.76 4.97
C THR A 134 -99.26 15.68 5.27
N MET A 135 -99.56 14.81 6.25
CA MET A 135 -98.57 13.77 6.64
C MET A 135 -98.38 12.81 5.46
N ASP A 136 -99.48 12.45 4.80
CA ASP A 136 -99.39 11.52 3.64
C ASP A 136 -98.56 12.17 2.53
N ASP A 137 -98.76 13.48 2.31
CA ASP A 137 -98.02 14.19 1.22
C ASP A 137 -96.53 14.16 1.53
N ILE A 138 -96.15 14.35 2.80
CA ILE A 138 -94.71 14.40 3.17
C ILE A 138 -94.18 12.98 3.36
N MET A 139 -95.08 12.01 3.54
CA MET A 139 -94.62 10.60 3.63
C MET A 139 -94.76 9.94 2.26
N THR A 147 -90.76 11.44 11.45
CA THR A 147 -89.73 11.96 12.34
C THR A 147 -90.06 13.41 12.70
N PHE A 148 -89.28 13.98 13.63
CA PHE A 148 -89.52 15.39 14.04
C PHE A 148 -89.32 16.27 12.81
N ASN A 149 -88.44 15.85 11.89
CA ASN A 149 -88.27 16.61 10.63
C ASN A 149 -89.60 16.58 9.89
N ASP A 150 -90.25 15.41 9.85
CA ASP A 150 -91.56 15.28 9.18
C ASP A 150 -92.58 16.16 9.91
N TRP A 151 -92.57 16.14 11.25
CA TRP A 151 -93.55 16.92 12.04
C TRP A 151 -93.33 18.42 11.78
N GLY A 152 -92.08 18.86 11.74
CA GLY A 152 -91.78 20.28 11.50
C GLY A 152 -92.27 20.71 10.12
N GLU A 153 -92.10 19.83 9.14
CA GLU A 153 -92.58 20.11 7.76
C GLU A 153 -94.11 20.20 7.80
N CYS A 154 -94.75 19.32 8.57
CA CYS A 154 -96.23 19.34 8.69
C CYS A 154 -96.66 20.68 9.29
N ALA A 155 -95.93 21.13 10.32
CA ALA A 155 -96.24 22.44 10.93
C ALA A 155 -96.03 23.54 9.88
N THR A 156 -94.97 23.41 9.07
CA THR A 156 -94.64 24.44 8.05
C THR A 156 -95.81 24.53 7.05
N ARG A 157 -96.34 23.38 6.65
CA ARG A 157 -97.48 23.38 5.70
C ARG A 157 -98.65 24.11 6.35
N ILE A 158 -98.95 23.80 7.61
CA ILE A 158 -100.14 24.40 8.29
C ILE A 158 -99.94 25.91 8.40
N VAL A 159 -98.76 26.37 8.80
CA VAL A 159 -98.55 27.83 9.01
C VAL A 159 -98.67 28.53 7.65
N SER A 160 -98.13 27.91 6.59
CA SER A 160 -98.16 28.53 5.25
C SER A 160 -99.60 28.71 4.79
N ILE A 161 -100.46 27.72 5.05
CA ILE A 161 -101.88 27.80 4.60
C ILE A 161 -102.51 29.06 5.21
N TYR A 162 -102.40 29.22 6.53
CA TYR A 162 -103.06 30.36 7.20
C TYR A 162 -102.58 31.68 6.58
N ARG A 163 -101.28 31.81 6.36
CA ARG A 163 -100.74 33.07 5.80
C ARG A 163 -101.39 33.32 4.43
N TYR A 164 -101.44 32.29 3.59
CA TYR A 164 -102.05 32.43 2.25
C TYR A 164 -103.50 32.86 2.43
N ILE A 165 -104.27 32.12 3.23
CA ILE A 165 -105.72 32.43 3.37
C ILE A 165 -105.88 33.87 3.86
N SER A 166 -105.06 34.28 4.84
CA SER A 166 -105.21 35.63 5.45
C SER A 166 -105.12 36.75 4.40
N LYS A 167 -104.13 36.69 3.50
CA LYS A 167 -103.97 37.82 2.55
C LYS A 167 -105.23 37.89 1.68
N LEU A 168 -105.78 36.75 1.30
CA LEU A 168 -107.05 36.74 0.54
C LEU A 168 -108.16 37.21 1.49
N GLN A 169 -108.07 36.85 2.76
CA GLN A 169 -109.14 37.18 3.75
C GLN A 169 -109.37 38.70 3.74
N GLU A 170 -108.28 39.48 3.78
CA GLU A 170 -108.43 40.95 3.77
C GLU A 170 -108.98 41.39 2.41
N HIS A 171 -108.49 40.77 1.33
CA HIS A 171 -108.95 41.12 -0.05
C HIS A 171 -110.43 40.80 -0.28
N TYR A 172 -110.88 39.61 0.09
CA TYR A 172 -112.26 39.19 -0.30
C TYR A 172 -113.27 39.27 0.84
N GLN A 173 -112.90 39.85 1.97
CA GLN A 173 -113.91 40.05 3.04
C GLN A 173 -114.59 38.72 3.39
N PHE A 174 -113.81 37.67 3.63
CA PHE A 174 -114.43 36.39 4.05
C PHE A 174 -113.93 36.04 5.46
N HIS A 175 -114.85 35.74 6.37
CA HIS A 175 -114.42 35.28 7.72
C HIS A 175 -113.86 33.87 7.56
N LEU A 176 -112.79 33.54 8.28
CA LEU A 176 -112.28 32.14 8.23
C LEU A 176 -112.70 31.43 9.52
N ALA A 177 -113.04 30.16 9.43
CA ALA A 177 -113.37 29.37 10.64
C ALA A 177 -112.80 27.96 10.52
N ILE A 178 -112.09 27.48 11.54
CA ILE A 178 -111.59 26.08 11.53
C ILE A 178 -112.15 25.38 12.78
N SER A 179 -112.49 24.09 12.66
CA SER A 179 -113.11 23.36 13.79
C SER A 179 -112.36 22.04 14.02
N GLY A 180 -112.27 21.59 15.27
CA GLY A 180 -111.55 20.35 15.61
C GLY A 180 -112.24 19.58 16.72
N HIS A 181 -111.64 18.47 17.19
CA HIS A 181 -112.32 17.61 18.20
C HIS A 181 -111.59 17.65 19.55
N GLU A 182 -112.34 17.84 20.64
CA GLU A 182 -111.75 17.87 22.00
C GLU A 182 -111.04 16.55 22.32
N GLY A 183 -109.80 16.60 22.80
CA GLY A 183 -109.07 15.38 23.21
C GLY A 183 -107.81 15.72 23.98
N THR A 200 -108.65 21.04 25.77
CA THR A 200 -108.13 21.84 24.63
C THR A 200 -108.36 21.09 23.31
N ILE A 201 -108.23 21.78 22.18
CA ILE A 201 -108.37 21.09 20.86
C ILE A 201 -107.27 20.02 20.77
N GLU A 202 -107.61 18.83 20.28
CA GLU A 202 -106.62 17.73 20.26
C GLU A 202 -105.68 17.88 19.06
N ALA A 203 -104.36 17.80 19.29
CA ALA A 203 -103.36 17.91 18.21
C ALA A 203 -101.97 17.91 18.83
N GLN A 204 -100.92 18.16 18.04
CA GLN A 204 -99.56 18.30 18.63
C GLN A 204 -99.30 19.79 18.86
N ASP A 205 -98.67 20.14 19.98
CA ASP A 205 -98.49 21.58 20.35
C ASP A 205 -98.03 22.46 19.17
N GLN A 206 -97.05 22.02 18.37
CA GLN A 206 -96.50 22.93 17.34
C GLN A 206 -97.68 23.48 16.53
N ILE A 207 -98.64 22.61 16.25
CA ILE A 207 -99.87 23.04 15.50
C ILE A 207 -100.72 23.89 16.44
N LYS A 208 -101.04 23.34 17.62
CA LYS A 208 -101.90 24.09 18.58
C LYS A 208 -101.33 25.50 18.74
N LYS A 209 -100.04 25.62 19.04
CA LYS A 209 -99.44 26.96 19.27
C LYS A 209 -99.82 27.87 18.10
N ALA A 210 -99.53 27.44 16.86
CA ALA A 210 -99.79 28.27 15.71
C ALA A 210 -101.26 28.64 15.60
N VAL A 211 -102.13 27.64 15.75
CA VAL A 211 -103.59 27.88 15.60
C VAL A 211 -104.03 28.89 16.66
N ILE A 212 -103.72 28.63 17.93
CA ILE A 212 -104.23 29.52 19.02
C ILE A 212 -103.67 30.93 18.76
N SER A 213 -102.38 31.07 18.49
CA SER A 213 -101.80 32.42 18.34
C SER A 213 -102.54 33.19 17.24
N GLN A 214 -102.63 32.62 16.05
CA GLN A 214 -103.28 33.31 14.89
C GLN A 214 -104.78 33.52 15.13
N SER A 215 -105.49 32.55 15.72
CA SER A 215 -106.96 32.68 15.83
C SER A 215 -107.38 33.88 16.67
N ASP A 216 -108.29 34.70 16.15
CA ASP A 216 -108.81 35.85 16.94
C ASP A 216 -109.66 35.30 18.09
N VAL A 217 -110.71 34.54 17.78
CA VAL A 217 -111.63 34.03 18.84
C VAL A 217 -111.50 32.51 18.95
N LEU A 218 -111.17 31.99 20.13
CA LEU A 218 -111.17 30.53 20.32
C LEU A 218 -112.27 30.22 21.33
N ALA A 219 -113.16 29.29 20.99
CA ALA A 219 -114.32 29.03 21.87
C ALA A 219 -114.56 27.52 22.00
N ARG A 220 -115.16 27.09 23.12
CA ARG A 220 -115.47 25.66 23.33
C ARG A 220 -116.99 25.54 23.39
N MET A 221 -117.58 24.63 22.61
CA MET A 221 -119.06 24.56 22.53
C MET A 221 -119.55 23.32 23.30
N THR A 222 -120.43 23.51 24.28
CA THR A 222 -120.92 22.39 25.12
C THR A 222 -122.43 22.49 25.34
N ILE A 223 -123.09 21.36 25.57
CA ILE A 223 -124.57 21.35 25.79
C ILE A 223 -124.84 21.32 27.30
N GLU A 224 -125.65 22.25 27.81
CA GLU A 224 -125.91 22.33 29.27
C GLU A 224 -127.42 22.21 29.50
N THR A 233 -134.78 21.97 30.15
CA THR A 233 -134.42 21.20 28.93
C THR A 233 -132.94 21.43 28.61
N TYR A 234 -132.36 20.57 27.77
CA TYR A 234 -130.94 20.74 27.35
C TYR A 234 -130.81 22.02 26.53
N GLN A 235 -129.71 22.76 26.71
CA GLN A 235 -129.48 24.01 25.96
C GLN A 235 -128.11 23.95 25.29
N TYR A 236 -127.99 24.49 24.07
CA TYR A 236 -126.68 24.53 23.36
C TYR A 236 -126.07 25.92 23.54
N VAL A 237 -124.93 26.01 24.25
CA VAL A 237 -124.35 27.35 24.55
C VAL A 237 -122.83 27.33 24.31
N LEU A 238 -122.30 28.40 23.72
CA LEU A 238 -120.84 28.49 23.46
C LEU A 238 -120.22 29.32 24.58
N ASN A 239 -119.28 28.74 25.35
CA ASN A 239 -118.73 29.47 26.52
C ASN A 239 -117.27 29.85 26.25
N ALA A 240 -117.00 31.16 26.15
CA ALA A 240 -115.61 31.63 25.95
C ALA A 240 -115.11 32.31 27.22
N GLU A 241 -115.86 32.19 28.32
CA GLU A 241 -115.43 32.81 29.61
C GLU A 241 -114.10 32.20 30.04
N PRO A 242 -113.14 32.98 30.59
CA PRO A 242 -111.82 32.45 30.95
C PRO A 242 -111.98 31.34 31.98
N SER A 243 -111.09 30.35 31.93
CA SER A 243 -111.19 29.19 32.88
C SER A 243 -109.91 28.37 32.86
N ASN A 244 -109.43 27.94 34.04
CA ASN A 244 -108.24 27.04 34.08
C ASN A 244 -108.54 25.70 33.39
N LEU A 245 -109.74 25.15 33.59
CA LEU A 245 -110.07 23.79 33.06
C LEU A 245 -110.03 23.76 31.53
N PHE A 246 -110.55 24.80 30.86
CA PHE A 246 -110.62 24.81 29.37
C PHE A 246 -110.08 26.16 28.90
N GLU A 247 -109.48 26.24 27.72
CA GLU A 247 -108.89 27.56 27.38
C GLU A 247 -109.70 28.25 26.29
N THR A 248 -110.14 29.49 26.57
CA THR A 248 -110.95 30.27 25.59
C THR A 248 -110.41 31.70 25.57
N LYS A 249 -110.55 32.40 24.43
CA LYS A 249 -110.13 33.83 24.40
C LYS A 249 -110.95 34.57 23.34
N ILE A 250 -111.60 35.67 23.73
CA ILE A 250 -112.32 36.48 22.69
C ILE A 250 -111.60 37.84 22.62
N ARG A 251 -111.32 38.34 21.43
CA ARG A 251 -110.56 39.61 21.31
C ARG A 251 -111.53 40.77 21.08
N HIS A 252 -111.54 41.75 22.00
CA HIS A 252 -112.40 42.95 21.83
C HIS A 252 -111.58 44.18 22.26
N SER A 253 -111.90 45.35 21.71
CA SER A 253 -111.12 46.57 22.05
C SER A 253 -111.45 47.02 23.47
N SER A 254 -110.56 47.79 24.09
CA SER A 254 -110.75 48.20 25.51
C SER A 254 -112.17 48.74 25.73
N ASN A 255 -112.62 49.65 24.87
CA ASN A 255 -113.95 50.29 25.10
C ASN A 255 -115.05 49.22 25.07
N ILE A 256 -114.97 48.28 24.13
CA ILE A 256 -116.01 47.20 24.02
C ILE A 256 -115.93 46.32 25.26
N LYS A 257 -117.09 46.01 25.87
CA LYS A 257 -117.12 45.11 27.05
C LYS A 257 -118.10 43.97 26.77
N ILE A 258 -117.69 42.72 27.01
CA ILE A 258 -118.64 41.59 26.84
C ILE A 258 -119.28 41.30 28.20
N ASN A 259 -120.52 41.75 28.39
CA ASN A 259 -121.24 41.50 29.67
C ASN A 259 -121.48 39.99 29.80
N ASN A 260 -121.77 39.31 28.70
CA ASN A 260 -122.04 37.84 28.75
C ASN A 260 -121.17 37.11 27.73
N LYS A 261 -120.25 36.25 28.18
CA LYS A 261 -119.33 35.53 27.26
C LYS A 261 -119.91 34.16 26.88
N ARG A 262 -121.10 33.82 27.38
CA ARG A 262 -121.74 32.54 26.96
C ARG A 262 -122.91 32.88 26.02
N PHE A 263 -122.91 32.28 24.82
CA PHE A 263 -123.97 32.58 23.83
C PHE A 263 -124.81 31.32 23.60
N ILE A 264 -126.13 31.40 23.82
CA ILE A 264 -127.02 30.23 23.60
C ILE A 264 -127.53 30.31 22.15
N ASN A 265 -127.72 29.16 21.49
CA ASN A 265 -128.10 29.19 20.04
C ASN A 265 -127.19 30.18 19.31
N PRO A 266 -125.85 30.02 19.35
CA PRO A 266 -124.94 31.00 18.73
C PRO A 266 -124.82 30.95 17.20
N SER A 267 -124.47 32.09 16.58
CA SER A 267 -124.23 32.13 15.11
C SER A 267 -123.01 33.00 14.88
N ILE A 268 -122.37 32.94 13.71
CA ILE A 268 -121.12 33.72 13.54
C ILE A 268 -121.48 35.21 13.64
N ASN A 269 -122.60 35.62 13.05
CA ASN A 269 -123.05 37.04 13.11
C ASN A 269 -123.07 37.52 14.57
N ASP A 270 -123.81 36.82 15.45
CA ASP A 270 -123.95 37.26 16.83
C ASP A 270 -122.59 37.51 17.47
N VAL A 271 -121.64 36.60 17.26
CA VAL A 271 -120.28 36.78 17.82
C VAL A 271 -119.67 38.05 17.21
N VAL A 272 -119.76 38.19 15.88
CA VAL A 272 -119.18 39.38 15.19
C VAL A 272 -119.77 40.65 15.82
N GLN A 273 -121.09 40.71 15.98
CA GLN A 273 -121.73 41.90 16.54
C GLN A 273 -121.29 42.15 17.98
N ALA A 274 -121.15 41.08 18.77
CA ALA A 274 -120.68 41.23 20.14
C ALA A 274 -119.26 41.79 20.18
N ILE A 275 -118.42 41.39 19.22
CA ILE A 275 -116.99 41.80 19.26
C ILE A 275 -116.79 43.17 18.59
N ARG A 276 -117.72 43.62 17.74
CA ARG A 276 -117.63 44.97 17.21
C ARG A 276 -118.43 45.98 18.03
N ASN A 277 -119.69 45.67 18.33
CA ASN A 277 -120.54 46.57 19.09
C ASN A 277 -120.69 46.07 20.52
N GLY A 278 -121.25 46.92 21.37
CA GLY A 278 -121.45 46.60 22.77
C GLY A 278 -122.30 45.37 23.00
N ASN A 279 -121.82 44.47 23.88
CA ASN A 279 -122.55 43.21 24.17
C ASN A 279 -123.98 43.54 24.62
N MET B 1 -84.66 49.74 -44.30
CA MET B 1 -85.83 48.94 -43.94
C MET B 1 -86.16 47.93 -45.00
N ILE B 2 -86.34 46.67 -44.60
CA ILE B 2 -86.71 45.58 -45.55
C ILE B 2 -87.40 44.46 -44.77
N ARG B 3 -88.51 43.92 -45.28
CA ARG B 3 -89.18 42.78 -44.59
C ARG B 3 -89.70 41.77 -45.62
N ASN B 4 -89.80 40.50 -45.23
CA ASN B 4 -90.40 39.47 -46.14
C ASN B 4 -91.92 39.68 -46.16
N ARG B 5 -92.57 39.35 -47.27
CA ARG B 5 -94.04 39.58 -47.42
C ARG B 5 -94.74 38.22 -47.36
N LEU B 6 -94.07 37.18 -46.85
CA LEU B 6 -94.66 35.82 -46.91
C LEU B 6 -95.99 35.77 -46.16
N SER B 7 -96.08 36.41 -45.00
CA SER B 7 -97.33 36.30 -44.19
C SER B 7 -98.52 36.83 -44.97
N GLU B 8 -98.35 37.95 -45.68
CA GLU B 8 -99.46 38.57 -46.43
C GLU B 8 -99.80 37.69 -47.65
N LEU B 9 -98.79 37.26 -48.40
CA LEU B 9 -99.04 36.48 -49.64
C LEU B 9 -99.82 35.21 -49.29
N LEU B 10 -99.36 34.47 -48.28
CA LEU B 10 -100.03 33.19 -47.90
C LEU B 10 -101.48 33.47 -47.51
N SER B 11 -101.73 34.58 -46.81
CA SER B 11 -103.10 34.88 -46.34
C SER B 11 -104.03 35.10 -47.55
N GLU B 12 -103.58 35.86 -48.55
CA GLU B 12 -104.43 36.16 -49.72
C GLU B 12 -104.74 34.85 -50.46
N ARG B 13 -103.73 34.01 -50.68
CA ARG B 13 -103.94 32.72 -51.40
C ARG B 13 -104.69 31.75 -50.50
N GLY B 14 -104.64 31.97 -49.18
CA GLY B 14 -105.40 31.13 -48.23
C GLY B 14 -104.67 29.85 -47.85
N LEU B 15 -103.46 29.61 -48.38
CA LEU B 15 -102.68 28.41 -47.98
C LEU B 15 -102.29 28.50 -46.50
N LYS B 16 -102.35 27.37 -45.79
CA LYS B 16 -101.95 27.34 -44.36
C LYS B 16 -100.44 27.11 -44.26
N ILE B 17 -99.82 27.50 -43.14
CA ILE B 17 -98.34 27.36 -42.99
C ILE B 17 -97.99 25.87 -43.07
N SER B 18 -98.82 25.01 -42.47
CA SER B 18 -98.46 23.57 -42.42
C SER B 18 -98.35 23.00 -43.84
N ARG B 19 -99.31 23.30 -44.71
CA ARG B 19 -99.27 22.67 -46.06
C ARG B 19 -98.04 23.17 -46.81
N VAL B 20 -97.74 24.47 -46.71
CA VAL B 20 -96.61 25.03 -47.49
C VAL B 20 -95.33 24.34 -47.01
N ALA B 21 -95.18 24.17 -45.68
CA ALA B 21 -93.94 23.56 -45.14
C ALA B 21 -93.80 22.13 -45.66
N LYS B 22 -94.91 21.39 -45.71
CA LYS B 22 -94.86 19.98 -46.17
C LYS B 22 -94.42 19.92 -47.62
N ASP B 23 -94.91 20.84 -48.46
CA ASP B 23 -94.60 20.78 -49.91
C ASP B 23 -93.17 21.29 -50.18
N VAL B 24 -92.86 22.51 -49.76
CA VAL B 24 -91.53 23.11 -50.09
C VAL B 24 -90.43 22.39 -49.30
N LYS B 25 -90.81 21.41 -48.48
CA LYS B 25 -89.81 20.61 -47.71
C LYS B 25 -88.99 21.56 -46.82
N ILE B 26 -89.62 22.59 -46.26
CA ILE B 26 -88.90 23.48 -45.29
C ILE B 26 -89.52 23.24 -43.91
N ALA B 27 -88.70 23.11 -42.87
CA ALA B 27 -89.22 22.75 -41.54
C ALA B 27 -90.20 23.83 -41.06
N ARG B 28 -91.34 23.41 -40.49
CA ARG B 28 -92.39 24.37 -40.04
C ARG B 28 -91.81 25.47 -39.16
N SER B 29 -90.94 25.11 -38.21
CA SER B 29 -90.46 26.15 -37.26
C SER B 29 -89.76 27.27 -38.01
N SER B 30 -88.89 26.92 -38.97
CA SER B 30 -88.14 27.95 -39.71
C SER B 30 -89.12 28.81 -40.53
N LEU B 31 -90.09 28.16 -41.20
CA LEU B 31 -91.03 28.91 -42.08
C LEU B 31 -91.88 29.86 -41.22
N THR B 32 -92.26 29.43 -40.03
CA THR B 32 -93.07 30.30 -39.12
C THR B 32 -92.24 31.51 -38.69
N SER B 33 -91.00 31.27 -38.26
CA SER B 33 -90.11 32.38 -37.86
C SER B 33 -89.97 33.34 -39.04
N MET B 34 -89.70 32.81 -40.23
CA MET B 34 -89.53 33.64 -41.45
C MET B 34 -90.87 34.29 -41.83
N ALA B 35 -92.00 33.65 -41.49
CA ALA B 35 -93.29 34.31 -41.76
C ALA B 35 -93.29 35.62 -40.97
N GLN B 36 -92.82 35.58 -39.73
CA GLN B 36 -92.64 36.83 -38.95
C GLN B 36 -91.31 37.41 -39.42
N ASN B 37 -90.96 38.64 -39.05
CA ASN B 37 -89.68 39.17 -39.59
C ASN B 37 -88.59 38.88 -38.56
N ASP B 38 -88.84 37.96 -37.64
CA ASP B 38 -87.88 37.67 -36.53
C ASP B 38 -86.51 37.20 -37.06
N SER B 39 -86.48 36.31 -38.04
CA SER B 39 -85.18 35.74 -38.51
C SER B 39 -84.26 36.87 -38.99
N GLU B 40 -82.94 36.67 -38.92
CA GLU B 40 -81.98 37.70 -39.39
C GLU B 40 -81.47 37.35 -40.79
N MET B 41 -81.30 36.05 -41.09
CA MET B 41 -80.76 35.63 -42.40
C MET B 41 -81.73 34.68 -43.12
N ILE B 42 -81.75 34.70 -44.46
CA ILE B 42 -82.63 33.79 -45.25
C ILE B 42 -81.78 33.03 -46.26
N ARG B 43 -81.97 31.71 -46.38
CA ARG B 43 -81.11 30.90 -47.29
C ARG B 43 -81.60 31.05 -48.74
N TYR B 44 -80.67 31.20 -49.68
CA TYR B 44 -81.08 31.40 -51.10
C TYR B 44 -82.07 30.29 -51.49
N ASP B 45 -81.88 29.07 -50.99
CA ASP B 45 -82.76 27.95 -51.40
C ASP B 45 -84.21 28.30 -51.04
N ALA B 46 -84.43 28.89 -49.86
CA ALA B 46 -85.80 29.22 -49.42
C ALA B 46 -86.42 30.25 -50.37
N ILE B 47 -85.64 31.23 -50.82
CA ILE B 47 -86.21 32.30 -51.69
C ILE B 47 -86.71 31.67 -52.98
N ASP B 48 -86.00 30.68 -53.54
CA ASP B 48 -86.41 30.11 -54.84
C ASP B 48 -87.57 29.12 -54.67
N LYS B 49 -87.47 28.22 -53.71
CA LYS B 49 -88.53 27.19 -53.54
C LYS B 49 -89.87 27.91 -53.40
N LEU B 50 -89.95 28.88 -52.48
CA LEU B 50 -91.24 29.59 -52.23
C LEU B 50 -91.65 30.36 -53.50
N CYS B 51 -90.70 31.03 -54.15
CA CYS B 51 -91.05 31.88 -55.33
C CYS B 51 -91.59 30.99 -56.46
N SER B 52 -91.02 29.80 -56.66
CA SER B 52 -91.55 28.89 -57.67
C SER B 52 -92.90 28.32 -57.24
N TYR B 53 -93.08 28.15 -55.93
CA TYR B 53 -94.33 27.51 -55.43
C TYR B 53 -95.52 28.46 -55.54
N LEU B 54 -95.30 29.76 -55.29
CA LEU B 54 -96.43 30.72 -55.30
C LEU B 54 -96.41 31.55 -56.59
N HIS B 55 -95.59 31.15 -57.56
CA HIS B 55 -95.56 31.87 -58.87
C HIS B 55 -95.38 33.36 -58.58
N ILE B 56 -94.47 33.69 -57.66
CA ILE B 56 -94.20 35.11 -57.32
C ILE B 56 -92.74 35.43 -57.70
N SER B 57 -92.51 36.58 -58.31
CA SER B 57 -91.12 37.01 -58.63
C SER B 57 -90.40 37.40 -57.34
N PRO B 58 -89.06 37.43 -57.29
CA PRO B 58 -88.35 37.76 -56.07
C PRO B 58 -88.74 39.17 -55.61
N SER B 59 -89.07 40.04 -56.57
CA SER B 59 -89.46 41.43 -56.26
C SER B 59 -90.58 41.42 -55.23
N GLU B 60 -91.62 40.64 -55.50
CA GLU B 60 -92.84 40.61 -54.66
C GLU B 60 -92.49 40.16 -53.24
N PHE B 61 -91.59 39.18 -53.11
CA PHE B 61 -91.29 38.61 -51.76
C PHE B 61 -90.74 39.69 -50.83
N PHE B 62 -89.95 40.65 -51.33
CA PHE B 62 -89.34 41.60 -50.37
C PHE B 62 -89.89 43.01 -50.57
N GLU B 63 -90.18 43.72 -49.48
CA GLU B 63 -90.63 45.13 -49.58
C GLU B 63 -89.47 46.02 -49.13
N HIS B 64 -89.12 47.05 -49.91
CA HIS B 64 -87.95 47.87 -49.57
C HIS B 64 -88.34 49.33 -49.52
N ASN B 65 -87.59 50.09 -48.72
CA ASN B 65 -87.75 51.53 -48.57
C ASN B 65 -86.37 52.07 -48.24
N PRO B 66 -85.91 53.11 -48.94
CA PRO B 66 -84.54 53.60 -48.71
C PRO B 66 -84.31 54.20 -47.35
N ILE B 67 -85.37 54.51 -46.58
CA ILE B 67 -85.17 55.11 -45.26
C ILE B 67 -84.50 54.10 -44.33
N ASN B 68 -83.85 54.63 -43.29
CA ASN B 68 -83.12 53.78 -42.34
C ASN B 68 -83.05 54.50 -41.00
N PHE B 69 -83.47 53.83 -39.93
CA PHE B 69 -83.47 54.49 -38.59
C PHE B 69 -82.47 53.81 -37.66
N ASP B 70 -81.88 54.58 -36.73
CA ASP B 70 -80.93 54.01 -35.74
C ASP B 70 -81.31 54.49 -34.35
N PHE B 71 -81.21 53.61 -33.33
CA PHE B 71 -81.60 53.97 -31.95
C PHE B 71 -80.44 53.64 -31.00
N THR B 72 -80.03 54.59 -30.16
CA THR B 72 -78.96 54.32 -29.17
C THR B 72 -79.49 54.65 -27.77
N PHE B 73 -79.24 53.79 -26.78
CA PHE B 73 -79.76 54.01 -25.41
C PHE B 73 -78.62 54.43 -24.48
N ASP B 74 -78.89 55.37 -23.56
CA ASP B 74 -77.80 55.90 -22.70
C ASP B 74 -77.16 54.77 -21.90
N GLU B 75 -75.82 54.75 -21.84
CA GLU B 75 -75.11 53.73 -21.03
C GLU B 75 -75.45 53.94 -19.55
N GLU B 76 -75.54 55.21 -19.12
CA GLU B 76 -75.82 55.52 -17.70
C GLU B 76 -77.22 56.11 -17.58
N PRO B 77 -78.24 55.35 -17.11
CA PRO B 77 -79.58 55.88 -16.90
C PRO B 77 -79.75 56.35 -15.45
N ASN B 78 -80.80 57.12 -15.15
CA ASN B 78 -81.06 57.50 -13.73
C ASN B 78 -82.23 56.66 -13.23
N TYR B 79 -82.00 55.78 -12.25
CA TYR B 79 -83.08 54.87 -11.82
C TYR B 79 -83.18 54.81 -10.30
N LYS B 80 -84.40 54.86 -9.76
CA LYS B 80 -84.57 54.66 -8.30
C LYS B 80 -85.66 53.62 -8.07
N ILE B 81 -85.33 52.51 -7.40
CA ILE B 81 -86.33 51.41 -7.20
C ILE B 81 -86.46 51.17 -5.69
N ASN B 82 -87.69 51.15 -5.17
CA ASN B 82 -87.91 50.97 -3.71
C ASN B 82 -88.65 49.64 -3.47
N ASP B 83 -88.06 48.75 -2.67
CA ASP B 83 -88.70 47.43 -2.36
C ASP B 83 -90.01 47.69 -1.61
N VAL B 84 -91.09 46.99 -1.96
CA VAL B 84 -92.41 47.24 -1.32
C VAL B 84 -92.72 46.16 -0.28
N PHE B 85 -92.02 45.02 -0.31
CA PHE B 85 -92.32 43.91 0.64
C PHE B 85 -93.78 43.49 0.44
N GLU B 86 -94.59 43.48 1.50
CA GLU B 86 -96.05 43.18 1.38
C GLU B 86 -96.27 41.73 0.93
N GLY B 87 -95.35 40.82 1.26
CA GLY B 87 -95.57 39.37 1.00
C GLY B 87 -95.88 39.00 -0.44
N PHE B 88 -95.19 39.59 -1.42
CA PHE B 88 -95.36 39.18 -2.83
C PHE B 88 -95.34 37.64 -2.96
N GLU B 89 -94.60 36.96 -2.10
CA GLU B 89 -94.42 35.49 -2.27
C GLU B 89 -95.78 34.78 -2.41
N VAL B 90 -96.78 35.20 -1.65
CA VAL B 90 -98.12 34.53 -1.70
C VAL B 90 -98.75 34.78 -3.07
N THR B 91 -99.04 36.04 -3.40
CA THR B 91 -99.75 36.35 -4.68
C THR B 91 -98.75 36.96 -5.66
N ALA B 92 -98.68 36.45 -6.89
CA ALA B 92 -97.64 36.93 -7.82
C ALA B 92 -98.08 38.24 -8.49
N ASN B 93 -98.08 39.34 -7.73
CA ASN B 93 -98.41 40.67 -8.30
C ASN B 93 -97.12 41.50 -8.20
N ILE B 94 -96.43 41.71 -9.32
CA ILE B 94 -95.11 42.40 -9.30
C ILE B 94 -95.18 43.64 -8.41
N THR B 95 -96.26 44.42 -8.51
CA THR B 95 -96.29 45.71 -7.78
C THR B 95 -95.89 45.51 -6.31
N HIS B 96 -96.33 44.40 -5.71
CA HIS B 96 -96.01 44.11 -4.28
C HIS B 96 -94.51 43.93 -4.10
N ALA B 97 -93.86 43.26 -5.07
CA ALA B 97 -92.42 42.96 -4.93
C ALA B 97 -91.57 44.24 -4.97
N PHE B 98 -91.85 45.18 -5.88
CA PHE B 98 -90.99 46.39 -5.99
C PHE B 98 -91.76 47.55 -6.62
N SER B 99 -91.32 48.79 -6.35
CA SER B 99 -91.95 49.98 -6.96
C SER B 99 -90.87 50.89 -7.56
N ILE B 100 -91.09 51.41 -8.76
CA ILE B 100 -90.11 52.33 -9.42
C ILE B 100 -90.43 53.76 -9.00
N GLU B 101 -89.55 54.40 -8.23
CA GLU B 101 -89.80 55.83 -7.86
C GLU B 101 -89.64 56.71 -9.11
N ASN B 102 -88.54 56.55 -9.85
CA ASN B 102 -88.36 57.33 -11.11
C ASN B 102 -87.25 56.73 -11.99
N PHE B 103 -87.56 56.44 -13.26
CA PHE B 103 -86.56 55.87 -14.19
C PHE B 103 -86.60 56.73 -15.47
N ASP B 104 -85.57 57.55 -15.69
CA ASP B 104 -85.55 58.44 -16.89
C ASP B 104 -84.21 58.30 -17.63
N PHE B 105 -84.22 58.43 -18.95
CA PHE B 105 -82.97 58.28 -19.75
C PHE B 105 -83.21 58.87 -21.13
N GLU B 106 -82.21 58.80 -22.01
CA GLU B 106 -82.34 59.43 -23.35
C GLU B 106 -82.12 58.39 -24.44
N ILE B 107 -82.91 58.47 -25.53
CA ILE B 107 -82.68 57.57 -26.68
C ILE B 107 -82.32 58.45 -27.88
N LEU B 108 -81.18 58.22 -28.52
CA LEU B 108 -80.73 59.08 -29.64
C LEU B 108 -81.11 58.43 -30.98
N VAL B 109 -81.91 59.12 -31.79
CA VAL B 109 -82.39 58.51 -33.08
C VAL B 109 -81.83 59.28 -34.27
N ASP B 110 -81.26 58.58 -35.26
CA ASP B 110 -80.70 59.23 -36.46
C ASP B 110 -81.49 58.80 -37.70
N VAL B 111 -82.28 59.71 -38.28
CA VAL B 111 -83.12 59.37 -39.47
C VAL B 111 -82.30 59.64 -40.72
N GLU B 112 -81.69 58.61 -41.29
CA GLU B 112 -80.81 58.82 -42.47
C GLU B 112 -81.67 58.87 -43.72
N LEU B 113 -81.57 59.94 -44.51
CA LEU B 113 -82.44 60.08 -45.71
C LEU B 113 -81.89 59.20 -46.83
N ASP B 114 -82.58 59.16 -47.98
CA ASP B 114 -82.06 58.39 -49.14
C ASP B 114 -80.73 59.04 -49.53
N ASN B 115 -80.69 60.36 -49.55
CA ASN B 115 -79.41 61.09 -49.82
C ASN B 115 -78.47 60.84 -48.64
N ARG B 116 -77.19 61.19 -48.79
CA ARG B 116 -76.20 60.95 -47.71
C ARG B 116 -76.59 61.75 -46.46
N GLN B 117 -77.30 62.87 -46.65
CA GLN B 117 -77.64 63.75 -45.50
C GLN B 117 -78.43 62.98 -44.44
N LYS B 118 -78.13 63.23 -43.16
CA LYS B 118 -78.87 62.55 -42.06
C LYS B 118 -79.40 63.61 -41.10
N LEU B 119 -80.49 63.31 -40.39
CA LEU B 119 -81.01 64.26 -39.37
C LEU B 119 -80.90 63.60 -38.00
N ASN B 120 -80.58 64.39 -36.96
CA ASN B 120 -80.44 63.84 -35.60
C ASN B 120 -81.58 64.33 -34.71
N PHE B 121 -82.30 63.40 -34.07
CA PHE B 121 -83.35 63.81 -33.11
C PHE B 121 -83.04 63.14 -31.76
N ASP B 122 -83.19 63.87 -30.66
CA ASP B 122 -82.86 63.32 -29.32
C ASP B 122 -84.14 63.18 -28.49
N LEU B 123 -84.45 61.98 -28.02
CA LEU B 123 -85.71 61.75 -27.28
C LEU B 123 -85.38 61.51 -25.80
N ASP B 124 -86.10 62.17 -24.89
CA ASP B 124 -85.91 61.92 -23.44
C ASP B 124 -87.13 61.13 -22.96
N VAL B 125 -86.92 59.97 -22.34
CA VAL B 125 -88.09 59.11 -21.96
C VAL B 125 -88.11 58.90 -20.44
N SER B 126 -89.29 59.01 -19.83
CA SER B 126 -89.40 58.90 -18.35
C SER B 126 -90.51 57.91 -17.96
N TYR B 127 -90.45 57.36 -16.74
CA TYR B 127 -91.48 56.41 -16.24
C TYR B 127 -92.75 57.19 -15.90
N LYS B 128 -93.92 56.59 -16.17
CA LYS B 128 -95.22 57.27 -15.88
C LYS B 128 -96.03 56.43 -14.90
N GLU B 129 -96.28 55.15 -15.22
CA GLU B 129 -97.11 54.31 -14.37
C GLU B 129 -96.95 52.86 -14.81
N THR B 130 -97.42 51.92 -13.98
CA THR B 130 -97.39 50.49 -14.37
C THR B 130 -98.81 49.98 -14.61
N GLU B 131 -99.23 49.92 -15.87
CA GLU B 131 -100.61 49.48 -16.21
C GLU B 131 -100.74 47.96 -16.01
N LYS B 132 -101.94 47.49 -15.67
CA LYS B 132 -102.21 46.04 -15.48
C LYS B 132 -102.97 45.52 -16.71
N ILE B 133 -102.27 44.96 -17.69
CA ILE B 133 -102.94 44.48 -18.94
C ILE B 133 -103.90 43.36 -18.57
N THR B 134 -103.46 42.43 -17.71
CA THR B 134 -104.33 41.31 -17.23
C THR B 134 -104.04 41.10 -15.74
N ASN B 135 -104.85 40.28 -15.05
CA ASN B 135 -104.64 40.14 -13.59
C ASN B 135 -103.23 39.64 -13.30
N SER B 136 -102.74 38.68 -14.10
CA SER B 136 -101.41 38.07 -13.82
C SER B 136 -100.26 38.82 -14.51
N GLN B 137 -100.55 39.74 -15.44
CA GLN B 137 -99.43 40.39 -16.20
C GLN B 137 -99.58 41.91 -16.23
N HIS B 138 -98.46 42.63 -16.18
CA HIS B 138 -98.49 44.13 -16.23
C HIS B 138 -97.54 44.63 -17.32
N ARG B 139 -97.73 45.88 -17.76
CA ARG B 139 -96.83 46.47 -18.78
C ARG B 139 -96.39 47.85 -18.29
N PHE B 140 -95.09 48.02 -18.00
CA PHE B 140 -94.60 49.35 -17.59
C PHE B 140 -94.83 50.33 -18.74
N ILE B 141 -95.29 51.53 -18.44
CA ILE B 141 -95.59 52.52 -19.52
C ILE B 141 -94.63 53.70 -19.39
N PHE B 142 -93.89 54.01 -20.45
CA PHE B 142 -92.92 55.14 -20.43
C PHE B 142 -93.35 56.19 -21.45
N THR B 143 -93.29 57.46 -21.07
CA THR B 143 -93.76 58.55 -21.98
C THR B 143 -92.59 59.48 -22.33
N ILE B 144 -92.49 59.87 -23.60
CA ILE B 144 -91.40 60.80 -24.04
C ILE B 144 -91.67 62.17 -23.41
N LYS B 145 -90.65 62.76 -22.78
CA LYS B 145 -90.83 64.05 -22.07
C LYS B 145 -90.96 65.17 -23.10
N ASN B 146 -89.93 65.33 -23.94
CA ASN B 146 -89.96 66.36 -25.01
C ASN B 146 -90.47 65.75 -26.33
N GLU B 147 -91.63 66.22 -26.80
CA GLU B 147 -92.16 65.74 -28.11
C GLU B 147 -92.25 66.92 -29.07
N ASP B 148 -92.48 68.14 -28.55
CA ASP B 148 -92.66 69.33 -29.41
C ASP B 148 -91.38 69.63 -30.22
N GLU B 149 -90.22 69.52 -29.59
CA GLU B 149 -88.93 69.73 -30.29
C GLU B 149 -88.74 68.65 -31.36
N ASN B 150 -89.27 67.44 -31.13
CA ASN B 150 -89.03 66.32 -32.08
C ASN B 150 -90.28 66.01 -32.91
N ILE B 151 -91.07 67.03 -33.25
CA ILE B 151 -92.28 66.82 -34.11
C ILE B 151 -91.86 66.33 -35.50
N GLY B 152 -90.73 66.82 -36.02
CA GLY B 152 -90.30 66.46 -37.39
C GLY B 152 -90.07 64.96 -37.51
N LEU B 153 -89.63 64.32 -36.43
CA LEU B 153 -89.33 62.87 -36.47
C LEU B 153 -90.62 62.14 -36.87
N LYS B 154 -91.76 62.62 -36.38
CA LYS B 154 -93.05 61.94 -36.68
C LYS B 154 -93.33 61.98 -38.19
N LYS B 155 -92.99 63.10 -38.85
CA LYS B 155 -93.29 63.23 -40.30
C LYS B 155 -92.54 62.14 -41.07
N TYR B 156 -91.29 61.88 -40.69
CA TYR B 156 -90.53 60.78 -41.36
C TYR B 156 -91.15 59.41 -41.04
N VAL B 157 -91.61 59.20 -39.80
CA VAL B 157 -92.12 57.84 -39.42
C VAL B 157 -93.37 57.47 -40.22
N ASP B 158 -94.37 58.35 -40.29
CA ASP B 158 -95.66 57.97 -40.94
C ASP B 158 -95.50 57.86 -42.46
N SER B 159 -94.37 58.31 -43.01
CA SER B 159 -94.16 58.21 -44.44
C SER B 159 -93.94 56.77 -44.89
N LEU B 160 -93.57 55.90 -43.96
CA LEU B 160 -93.33 54.47 -44.30
C LEU B 160 -94.65 53.76 -44.56
N SER B 161 -94.61 52.60 -45.22
CA SER B 161 -95.83 51.80 -45.47
C SER B 161 -96.26 51.17 -44.14
N ALA B 162 -97.52 50.75 -44.03
CA ALA B 162 -98.02 50.24 -42.74
C ALA B 162 -97.18 49.04 -42.28
N GLY B 163 -96.85 48.14 -43.21
CA GLY B 163 -96.11 46.92 -42.81
C GLY B 163 -94.75 47.27 -42.22
N LEU B 164 -94.02 48.18 -42.86
CA LEU B 164 -92.70 48.62 -42.32
C LEU B 164 -92.91 49.32 -40.97
N LYS B 165 -93.94 50.15 -40.85
CA LYS B 165 -94.14 50.92 -39.59
C LYS B 165 -94.37 49.96 -38.43
N ASN B 166 -95.18 48.92 -38.65
CA ASN B 166 -95.45 47.93 -37.58
C ASN B 166 -94.13 47.26 -37.21
N LEU B 167 -93.29 46.94 -38.20
CA LEU B 167 -91.98 46.31 -37.91
C LEU B 167 -91.14 47.26 -37.04
N LEU B 168 -91.06 48.54 -37.42
CA LEU B 168 -90.18 49.49 -36.68
C LEU B 168 -90.67 49.58 -35.22
N PHE B 169 -91.97 49.65 -35.02
CA PHE B 169 -92.52 49.79 -33.65
C PHE B 169 -92.16 48.56 -32.82
N LYS B 170 -92.20 47.37 -33.43
CA LYS B 170 -91.79 46.16 -32.68
C LYS B 170 -90.32 46.30 -32.28
N LYS B 171 -89.47 46.78 -33.19
CA LYS B 171 -88.02 46.86 -32.87
C LYS B 171 -87.78 47.83 -31.72
N ILE B 172 -88.42 49.00 -31.74
CA ILE B 172 -88.14 50.01 -30.67
C ILE B 172 -88.62 49.44 -29.34
N ASN B 173 -89.76 48.76 -29.32
CA ASN B 173 -90.33 48.21 -28.05
C ASN B 173 -89.45 47.06 -27.56
N GLN B 174 -89.10 46.10 -28.43
CA GLN B 174 -88.32 44.93 -27.95
C GLN B 174 -87.07 45.44 -27.22
N LYS B 175 -86.35 46.39 -27.82
CA LYS B 175 -85.11 46.92 -27.20
C LYS B 175 -85.44 47.57 -25.86
N LEU B 176 -86.46 48.42 -25.82
CA LEU B 176 -86.83 49.13 -24.56
C LEU B 176 -87.11 48.09 -23.48
N SER B 177 -87.91 47.07 -23.80
CA SER B 177 -88.31 46.06 -22.78
C SER B 177 -87.06 45.36 -22.24
N GLY B 178 -86.14 45.01 -23.14
CA GLY B 178 -84.88 44.38 -22.68
C GLY B 178 -84.08 45.33 -21.81
N TYR B 179 -83.96 46.59 -22.22
CA TYR B 179 -83.15 47.57 -21.47
C TYR B 179 -83.72 47.71 -20.05
N VAL B 180 -84.98 48.13 -19.92
CA VAL B 180 -85.54 48.39 -18.56
C VAL B 180 -85.54 47.09 -17.74
N SER B 181 -85.93 45.97 -18.33
CA SER B 181 -86.02 44.71 -17.54
C SER B 181 -84.64 44.35 -16.98
N GLU B 182 -83.59 44.47 -17.81
CA GLU B 182 -82.23 44.06 -17.36
C GLU B 182 -81.80 44.95 -16.20
N ILE B 183 -82.10 46.25 -16.27
CA ILE B 183 -81.69 47.17 -15.18
C ILE B 183 -82.39 46.74 -13.88
N ILE B 184 -83.70 46.52 -13.93
CA ILE B 184 -84.47 46.21 -12.68
C ILE B 184 -83.98 44.89 -12.09
N VAL B 185 -83.84 43.84 -12.91
CA VAL B 185 -83.50 42.50 -12.35
C VAL B 185 -82.25 42.62 -11.47
N LYS B 186 -81.29 43.48 -11.84
CA LYS B 186 -80.03 43.56 -11.04
C LYS B 186 -80.33 44.17 -9.68
N ASN B 187 -81.07 45.27 -9.63
CA ASN B 187 -81.30 46.00 -8.35
C ASN B 187 -82.14 45.18 -7.37
N ILE B 188 -83.13 44.42 -7.85
CA ILE B 188 -84.05 43.70 -6.91
C ILE B 188 -83.67 42.21 -6.83
N ASP B 189 -83.54 41.68 -5.61
CA ASP B 189 -83.22 40.23 -5.41
C ASP B 189 -84.46 39.38 -5.71
N ASP B 190 -84.28 38.12 -6.09
CA ASP B 190 -85.43 37.26 -6.49
C ASP B 190 -86.18 36.73 -5.26
N ILE B 191 -87.49 36.49 -5.40
CA ILE B 191 -88.29 35.90 -4.30
C ILE B 191 -89.00 34.68 -4.88
N GLU B 192 -88.86 33.50 -4.27
CA GLU B 192 -89.48 32.26 -4.83
C GLU B 192 -90.83 32.02 -4.14
N GLU B 193 -91.85 31.60 -4.91
CA GLU B 193 -93.22 31.40 -4.34
C GLU B 193 -93.29 30.15 -3.47
N LEU B 194 -94.16 30.16 -2.45
CA LEU B 194 -94.34 29.00 -1.55
C LEU B 194 -94.89 27.80 -2.32
N PHE B 195 -95.94 28.00 -3.13
CA PHE B 195 -96.60 26.87 -3.84
C PHE B 195 -96.05 26.76 -5.26
N LYS B 201 -93.18 25.31 -13.11
CA LYS B 201 -93.88 25.22 -11.80
C LYS B 201 -93.62 26.50 -11.00
N SER B 202 -92.59 26.53 -10.17
CA SER B 202 -92.28 27.71 -9.33
C SER B 202 -91.94 28.91 -10.23
N THR B 203 -92.44 30.09 -9.89
CA THR B 203 -92.17 31.32 -10.70
C THR B 203 -91.38 32.31 -9.84
N THR B 204 -90.06 32.38 -10.03
CA THR B 204 -89.23 33.31 -9.22
C THR B 204 -89.48 34.74 -9.69
N LEU B 205 -89.14 35.73 -8.86
CA LEU B 205 -89.43 37.14 -9.20
C LEU B 205 -88.68 37.53 -10.47
N HIS B 206 -87.41 37.11 -10.61
CA HIS B 206 -86.61 37.55 -11.78
C HIS B 206 -87.30 37.06 -13.06
N LYS B 207 -87.80 35.82 -13.06
CA LYS B 207 -88.42 35.27 -14.29
C LYS B 207 -89.63 36.14 -14.65
N GLU B 208 -90.41 36.53 -13.65
CA GLU B 208 -91.61 37.37 -13.89
C GLU B 208 -91.17 38.73 -14.45
N ILE B 209 -90.09 39.29 -13.91
CA ILE B 209 -89.63 40.65 -14.35
C ILE B 209 -89.23 40.56 -15.83
N LEU B 210 -88.50 39.51 -16.20
CA LEU B 210 -88.03 39.37 -17.60
C LEU B 210 -89.24 39.21 -18.52
N GLN B 211 -90.25 38.45 -18.08
CA GLN B 211 -91.47 38.23 -18.90
C GLN B 211 -92.16 39.60 -19.09
N THR B 212 -92.18 40.42 -18.05
CA THR B 212 -92.89 41.73 -18.12
C THR B 212 -92.38 42.53 -19.33
N ASP B 213 -93.30 43.21 -20.05
CA ASP B 213 -92.93 44.00 -21.26
C ASP B 213 -93.24 45.47 -21.04
N SER B 214 -92.38 46.37 -21.55
CA SER B 214 -92.64 47.83 -21.43
C SER B 214 -92.87 48.41 -22.82
N ARG B 215 -93.96 49.15 -23.00
CA ARG B 215 -94.29 49.70 -24.34
C ARG B 215 -94.31 51.23 -24.25
N LEU B 216 -93.56 51.91 -25.12
CA LEU B 216 -93.47 53.39 -25.10
C LEU B 216 -94.82 53.99 -25.54
N SER B 217 -95.31 54.99 -24.80
CA SER B 217 -96.59 55.66 -25.15
C SER B 217 -96.27 57.10 -25.56
N SER B 218 -96.39 57.43 -26.84
CA SER B 218 -95.99 58.78 -27.31
C SER B 218 -96.74 59.17 -28.58
N ASP B 219 -96.86 60.48 -28.84
CA ASP B 219 -97.57 60.97 -30.06
C ASP B 219 -96.79 60.54 -31.31
N ILE B 220 -95.46 60.59 -31.28
CA ILE B 220 -94.64 60.26 -32.48
C ILE B 220 -95.09 58.90 -33.03
N PHE B 221 -95.12 57.88 -32.16
CA PHE B 221 -95.51 56.52 -32.60
C PHE B 221 -96.99 56.32 -32.29
N LYS B 222 -97.82 56.09 -33.32
CA LYS B 222 -99.29 56.03 -33.08
C LYS B 222 -99.83 54.60 -33.21
N GLU B 223 -98.96 53.61 -33.45
CA GLU B 223 -99.46 52.23 -33.67
C GLU B 223 -98.49 51.22 -33.07
N MET C 1 -83.20 27.94 -59.38
CA MET C 1 -81.97 28.67 -59.65
C MET C 1 -82.09 30.14 -59.26
N ILE C 2 -81.11 30.63 -58.51
CA ILE C 2 -81.11 32.07 -58.10
C ILE C 2 -79.66 32.47 -57.78
N ARG C 3 -79.21 33.64 -58.24
CA ARG C 3 -77.83 34.11 -57.92
C ARG C 3 -77.83 35.62 -57.67
N ASN C 4 -76.91 36.11 -56.84
CA ASN C 4 -76.76 37.57 -56.63
C ASN C 4 -76.12 38.18 -57.88
N ARG C 5 -76.44 39.44 -58.19
CA ARG C 5 -75.91 40.09 -59.42
C ARG C 5 -74.88 41.14 -59.01
N LEU C 6 -74.35 41.05 -57.78
CA LEU C 6 -73.45 42.12 -57.27
C LEU C 6 -72.21 42.25 -58.16
N SER C 7 -71.63 41.13 -58.61
CA SER C 7 -70.36 41.22 -59.38
C SER C 7 -70.57 42.02 -60.66
N GLU C 8 -71.70 41.80 -61.34
CA GLU C 8 -71.98 42.50 -62.63
C GLU C 8 -72.27 43.97 -62.35
N LEU C 9 -73.12 44.26 -61.36
CA LEU C 9 -73.52 45.67 -61.08
C LEU C 9 -72.27 46.49 -60.76
N LEU C 10 -71.43 46.00 -59.85
CA LEU C 10 -70.22 46.76 -59.44
C LEU C 10 -69.33 47.00 -60.66
N SER C 11 -69.22 46.03 -61.56
CA SER C 11 -68.34 46.18 -62.74
C SER C 11 -68.83 47.32 -63.64
N GLU C 12 -70.14 47.37 -63.89
CA GLU C 12 -70.70 48.41 -64.79
C GLU C 12 -70.46 49.80 -64.17
N ARG C 13 -70.74 49.93 -62.87
CA ARG C 13 -70.54 51.25 -62.18
C ARG C 13 -69.04 51.51 -62.00
N GLY C 14 -68.22 50.46 -62.04
CA GLY C 14 -66.76 50.64 -61.95
C GLY C 14 -66.24 50.74 -60.53
N LEU C 15 -67.13 50.67 -59.53
CA LEU C 15 -66.67 50.69 -58.11
C LEU C 15 -65.84 49.45 -57.78
N LYS C 16 -64.76 49.61 -57.02
CA LYS C 16 -63.92 48.45 -56.62
C LYS C 16 -64.51 47.82 -55.35
N ILE C 17 -64.19 46.55 -55.11
CA ILE C 17 -64.76 45.83 -53.93
C ILE C 17 -64.29 46.55 -52.66
N SER C 18 -63.04 47.00 -52.64
CA SER C 18 -62.50 47.60 -51.39
C SER C 18 -63.30 48.84 -51.01
N ARG C 19 -63.58 49.72 -51.96
CA ARG C 19 -64.29 50.99 -51.58
C ARG C 19 -65.69 50.64 -51.07
N VAL C 20 -66.37 49.72 -51.75
CA VAL C 20 -67.77 49.42 -51.35
C VAL C 20 -67.76 48.88 -49.92
N ALA C 21 -66.80 48.00 -49.61
CA ALA C 21 -66.75 47.38 -48.27
C ALA C 21 -66.52 48.46 -47.22
N LYS C 22 -65.63 49.43 -47.52
CA LYS C 22 -65.31 50.50 -46.54
C LYS C 22 -66.57 51.34 -46.28
N ASP C 23 -67.35 51.64 -47.32
CA ASP C 23 -68.54 52.51 -47.14
C ASP C 23 -69.69 51.75 -46.46
N VAL C 24 -70.13 50.64 -47.05
CA VAL C 24 -71.32 49.92 -46.51
C VAL C 24 -70.96 49.27 -45.17
N LYS C 25 -69.72 49.41 -44.71
CA LYS C 25 -69.29 48.87 -43.41
C LYS C 25 -69.52 47.35 -43.39
N ILE C 26 -69.27 46.67 -44.52
CA ILE C 26 -69.36 45.19 -44.56
C ILE C 26 -67.94 44.66 -44.76
N ALA C 27 -67.54 43.63 -44.00
CA ALA C 27 -66.14 43.15 -44.06
C ALA C 27 -65.81 42.68 -45.48
N ARG C 28 -64.63 43.04 -45.98
CA ARG C 28 -64.22 42.70 -47.37
C ARG C 28 -64.41 41.21 -47.65
N SER C 29 -63.99 40.34 -46.72
CA SER C 29 -64.03 38.89 -47.02
C SER C 29 -65.47 38.46 -47.32
N SER C 30 -66.43 38.90 -46.51
CA SER C 30 -67.84 38.50 -46.73
C SER C 30 -68.33 39.05 -48.06
N LEU C 31 -68.01 40.31 -48.37
CA LEU C 31 -68.54 40.94 -49.61
C LEU C 31 -67.94 40.22 -50.83
N THR C 32 -66.67 39.80 -50.75
CA THR C 32 -66.02 39.08 -51.87
C THR C 32 -66.69 37.72 -52.07
N SER C 33 -66.90 36.99 -50.97
CA SER C 33 -67.59 35.68 -51.06
C SER C 33 -68.97 35.89 -51.68
N MET C 34 -69.72 36.88 -51.19
CA MET C 34 -71.08 37.18 -51.72
C MET C 34 -70.98 37.71 -53.16
N ALA C 35 -69.87 38.35 -53.53
CA ALA C 35 -69.72 38.77 -54.94
C ALA C 35 -69.76 37.51 -55.79
N GLN C 36 -69.09 36.44 -55.34
CA GLN C 36 -69.20 35.13 -56.01
C GLN C 36 -70.50 34.51 -55.48
N ASN C 37 -70.98 33.42 -56.03
CA ASN C 37 -72.28 32.90 -55.50
C ASN C 37 -71.95 31.83 -54.45
N ASP C 38 -70.71 31.83 -53.94
CA ASP C 38 -70.26 30.78 -52.98
C ASP C 38 -71.10 30.77 -51.71
N SER C 39 -71.42 31.93 -51.12
CA SER C 39 -72.14 31.96 -49.83
C SER C 39 -73.49 31.25 -49.96
N GLU C 40 -74.01 30.69 -48.85
CA GLU C 40 -75.33 30.00 -48.88
C GLU C 40 -76.42 30.92 -48.36
N MET C 41 -76.11 31.77 -47.37
CA MET C 41 -77.14 32.67 -46.77
C MET C 41 -76.71 34.13 -46.87
N ILE C 42 -77.68 35.05 -46.98
CA ILE C 42 -77.38 36.52 -47.05
C ILE C 42 -78.18 37.24 -45.96
N ARG C 43 -77.54 38.14 -45.22
CA ARG C 43 -78.25 38.82 -44.08
C ARG C 43 -79.11 39.95 -44.63
N TYR C 44 -80.35 40.09 -44.13
CA TYR C 44 -81.25 41.16 -44.64
C TYR C 44 -80.51 42.50 -44.63
N ASP C 45 -79.66 42.74 -43.62
CA ASP C 45 -78.99 44.06 -43.53
C ASP C 45 -78.16 44.29 -44.80
N ALA C 46 -77.48 43.25 -45.28
CA ALA C 46 -76.62 43.40 -46.48
C ALA C 46 -77.48 43.78 -47.69
N ILE C 47 -78.66 43.18 -47.83
CA ILE C 47 -79.51 43.44 -49.02
C ILE C 47 -79.88 44.92 -49.03
N ASP C 48 -80.18 45.52 -47.87
CA ASP C 48 -80.66 46.93 -47.86
C ASP C 48 -79.47 47.90 -48.02
N LYS C 49 -78.39 47.68 -47.26
CA LYS C 49 -77.25 48.64 -47.33
C LYS C 49 -76.82 48.76 -48.79
N LEU C 50 -76.57 47.63 -49.45
CA LEU C 50 -76.08 47.66 -50.86
C LEU C 50 -77.15 48.29 -51.76
N CYS C 51 -78.41 47.93 -51.58
CA CYS C 51 -79.50 48.44 -52.47
C CYS C 51 -79.62 49.96 -52.33
N SER C 52 -79.49 50.49 -51.12
CA SER C 52 -79.51 51.94 -50.93
C SER C 52 -78.26 52.58 -51.51
N TYR C 53 -77.13 51.88 -51.44
CA TYR C 53 -75.83 52.47 -51.87
C TYR C 53 -75.76 52.55 -53.40
N LEU C 54 -76.32 51.57 -54.11
CA LEU C 54 -76.20 51.56 -55.60
C LEU C 54 -77.54 51.97 -56.23
N HIS C 55 -78.46 52.49 -55.42
CA HIS C 55 -79.76 52.98 -55.97
C HIS C 55 -80.35 51.87 -56.84
N ILE C 56 -80.31 50.63 -56.34
CA ILE C 56 -80.87 49.47 -57.09
C ILE C 56 -82.02 48.88 -56.28
N SER C 57 -83.13 48.55 -56.94
CA SER C 57 -84.27 47.90 -56.24
C SER C 57 -83.88 46.45 -55.91
N PRO C 58 -84.54 45.78 -54.95
CA PRO C 58 -84.17 44.42 -54.57
C PRO C 58 -84.30 43.51 -55.81
N SER C 59 -85.24 43.84 -56.69
CA SER C 59 -85.48 43.03 -57.92
C SER C 59 -84.17 42.86 -58.66
N GLU C 60 -83.47 43.95 -58.90
CA GLU C 60 -82.23 43.95 -59.71
C GLU C 60 -81.17 43.06 -59.05
N PHE C 61 -81.06 43.09 -57.73
CA PHE C 61 -79.97 42.35 -57.04
C PHE C 61 -80.09 40.85 -57.32
N PHE C 62 -81.30 40.30 -57.43
CA PHE C 62 -81.37 38.82 -57.58
C PHE C 62 -81.90 38.44 -58.96
N GLU C 63 -81.30 37.42 -59.58
CA GLU C 63 -81.82 36.92 -60.88
C GLU C 63 -82.50 35.57 -60.62
N HIS C 64 -83.73 35.37 -61.12
CA HIS C 64 -84.45 34.15 -60.80
C HIS C 64 -84.92 33.48 -62.09
N ASN C 65 -85.07 32.16 -62.01
CA ASN C 65 -85.57 31.34 -63.10
C ASN C 65 -86.28 30.16 -62.45
N PRO C 66 -87.51 29.85 -62.87
CA PRO C 66 -88.27 28.78 -62.20
C PRO C 66 -87.69 27.39 -62.36
N ILE C 67 -86.75 27.18 -63.29
CA ILE C 67 -86.18 25.86 -63.47
C ILE C 67 -85.36 25.46 -62.24
N ASN C 68 -85.19 24.15 -62.06
CA ASN C 68 -84.48 23.64 -60.90
C ASN C 68 -83.89 22.27 -61.25
N PHE C 69 -82.58 22.10 -61.03
CA PHE C 69 -81.93 20.81 -61.41
C PHE C 69 -81.44 20.08 -60.16
N ASP C 70 -81.44 18.74 -60.20
CA ASP C 70 -80.92 17.94 -59.06
C ASP C 70 -79.95 16.87 -59.58
N PHE C 71 -78.87 16.62 -58.84
CA PHE C 71 -77.84 15.64 -59.29
C PHE C 71 -77.58 14.65 -58.16
N THR C 72 -77.63 13.35 -58.46
CA THR C 72 -77.32 12.31 -57.43
C THR C 72 -76.20 11.41 -57.97
N PHE C 73 -75.21 11.09 -57.12
CA PHE C 73 -74.06 10.26 -57.57
C PHE C 73 -74.17 8.86 -56.98
N ASP C 74 -73.82 7.83 -57.75
CA ASP C 74 -73.99 6.43 -57.27
C ASP C 74 -73.21 6.21 -55.98
N GLU C 75 -73.83 5.56 -54.99
CA GLU C 75 -73.12 5.24 -53.72
C GLU C 75 -71.98 4.26 -54.04
N GLU C 76 -72.24 3.30 -54.93
CA GLU C 76 -71.21 2.28 -55.27
C GLU C 76 -70.69 2.53 -56.69
N PRO C 77 -69.47 3.08 -56.87
CA PRO C 77 -68.90 3.28 -58.21
C PRO C 77 -67.99 2.10 -58.56
N ASN C 78 -67.60 1.95 -59.83
CA ASN C 78 -66.63 0.88 -60.19
C ASN C 78 -65.28 1.55 -60.43
N TYR C 79 -64.28 1.25 -59.60
CA TYR C 79 -62.98 1.97 -59.74
C TYR C 79 -61.81 0.99 -59.68
N LYS C 80 -60.82 1.16 -60.56
CA LYS C 80 -59.59 0.34 -60.46
C LYS C 80 -58.39 1.28 -60.53
N ILE C 81 -57.54 1.28 -59.50
CA ILE C 81 -56.37 2.21 -59.45
C ILE C 81 -55.10 1.37 -59.29
N ASN C 82 -54.10 1.59 -60.14
CA ASN C 82 -52.84 0.79 -60.09
C ASN C 82 -51.67 1.70 -59.69
N ASP C 83 -50.96 1.36 -58.61
CA ASP C 83 -49.80 2.19 -58.16
C ASP C 83 -48.72 2.12 -59.24
N VAL C 84 -48.09 3.27 -59.56
CA VAL C 84 -47.08 3.30 -60.66
C VAL C 84 -45.66 3.31 -60.08
N PHE C 85 -45.50 3.65 -58.80
CA PHE C 85 -44.14 3.75 -58.21
C PHE C 85 -43.35 4.80 -58.98
N GLU C 86 -42.16 4.45 -59.50
CA GLU C 86 -41.37 5.38 -60.37
C GLU C 86 -40.90 6.60 -59.56
N GLY C 87 -40.70 6.45 -58.24
CA GLY C 87 -40.10 7.54 -57.43
C GLY C 87 -40.80 8.88 -57.49
N PHE C 88 -42.13 8.91 -57.45
CA PHE C 88 -42.87 10.20 -57.38
C PHE C 88 -42.25 11.12 -56.33
N GLU C 89 -41.67 10.57 -55.26
CA GLU C 89 -41.20 11.42 -54.14
C GLU C 89 -40.28 12.54 -54.65
N VAL C 90 -39.42 12.25 -55.63
CA VAL C 90 -38.46 13.28 -56.14
C VAL C 90 -39.25 14.38 -56.85
N THR C 91 -39.93 14.04 -57.95
CA THR C 91 -40.65 15.08 -58.75
C THR C 91 -42.15 14.95 -58.50
N ALA C 92 -42.83 16.05 -58.18
CA ALA C 92 -44.26 15.94 -57.81
C ALA C 92 -45.14 15.87 -59.06
N ASN C 93 -45.10 14.74 -59.77
CA ASN C 93 -45.98 14.56 -60.95
C ASN C 93 -46.95 13.43 -60.58
N ILE C 94 -48.21 13.76 -60.30
CA ILE C 94 -49.19 12.74 -59.80
C ILE C 94 -49.10 11.47 -60.64
N THR C 95 -48.99 11.60 -61.97
CA THR C 95 -49.06 10.40 -62.83
C THR C 95 -48.10 9.32 -62.31
N HIS C 96 -46.92 9.72 -61.83
CA HIS C 96 -45.92 8.75 -61.32
C HIS C 96 -46.47 8.04 -60.09
N ALA C 97 -47.16 8.77 -59.21
CA ALA C 97 -47.66 8.17 -57.96
C ALA C 97 -48.72 7.08 -58.22
N PHE C 98 -49.69 7.33 -59.12
CA PHE C 98 -50.77 6.33 -59.33
C PHE C 98 -51.38 6.47 -60.73
N SER C 99 -51.99 5.40 -61.23
CA SER C 99 -52.68 5.45 -62.55
C SER C 99 -54.08 4.85 -62.42
N ILE C 100 -55.09 5.49 -63.01
CA ILE C 100 -56.49 4.98 -62.95
C ILE C 100 -56.71 4.05 -64.15
N GLU C 101 -56.90 2.75 -63.91
CA GLU C 101 -57.18 1.82 -65.03
C GLU C 101 -58.58 2.12 -65.60
N ASN C 102 -59.60 2.21 -64.73
CA ASN C 102 -60.96 2.56 -65.22
C ASN C 102 -61.87 2.99 -64.05
N PHE C 103 -62.49 4.17 -64.16
CA PHE C 103 -63.41 4.66 -63.10
C PHE C 103 -64.71 5.09 -63.78
N ASP C 104 -65.79 4.31 -63.62
CA ASP C 104 -67.08 4.62 -64.28
C ASP C 104 -68.22 4.58 -63.26
N PHE C 105 -69.23 5.43 -63.44
CA PHE C 105 -70.37 5.48 -62.48
C PHE C 105 -71.54 6.22 -63.15
N GLU C 106 -72.64 6.40 -62.42
CA GLU C 106 -73.84 7.02 -63.03
C GLU C 106 -74.24 8.26 -62.23
N ILE C 107 -74.66 9.34 -62.91
CA ILE C 107 -75.19 10.52 -62.20
C ILE C 107 -76.64 10.69 -62.62
N LEU C 108 -77.58 10.74 -61.67
CA LEU C 108 -79.03 10.82 -62.01
C LEU C 108 -79.48 12.28 -61.92
N VAL C 109 -80.00 12.83 -63.03
CA VAL C 109 -80.39 14.28 -63.03
C VAL C 109 -81.90 14.40 -63.23
N ASP C 110 -82.57 15.21 -62.39
CA ASP C 110 -84.03 15.42 -62.51
C ASP C 110 -84.33 16.88 -62.87
N VAL C 111 -84.77 17.15 -64.10
CA VAL C 111 -85.04 18.55 -64.54
C VAL C 111 -86.49 18.88 -64.22
N GLU C 112 -86.72 19.55 -63.09
CA GLU C 112 -88.11 19.83 -62.67
C GLU C 112 -88.61 21.08 -63.41
N LEU C 113 -89.73 20.98 -64.12
CA LEU C 113 -90.23 22.13 -64.92
C LEU C 113 -90.89 23.15 -63.98
N ASP C 114 -91.36 24.28 -64.52
CA ASP C 114 -92.10 25.26 -63.69
C ASP C 114 -93.36 24.55 -63.19
N ASN C 115 -94.03 23.81 -64.07
CA ASN C 115 -95.20 23.01 -63.66
C ASN C 115 -94.71 21.88 -62.73
N ARG C 116 -95.63 21.20 -62.04
CA ARG C 116 -95.24 20.14 -61.09
C ARG C 116 -94.53 19.01 -61.86
N GLN C 117 -94.82 18.84 -63.15
CA GLN C 117 -94.24 17.71 -63.92
C GLN C 117 -92.71 17.78 -63.91
N LYS C 118 -92.06 16.62 -63.78
CA LYS C 118 -90.57 16.58 -63.78
C LYS C 118 -90.11 15.58 -64.84
N LEU C 119 -88.90 15.76 -65.38
CA LEU C 119 -88.35 14.78 -66.35
C LEU C 119 -87.10 14.14 -65.73
N ASN C 120 -86.89 12.85 -65.98
CA ASN C 120 -85.72 12.14 -65.41
C ASN C 120 -84.73 11.79 -66.52
N PHE C 121 -83.46 12.20 -66.38
CA PHE C 121 -82.43 11.80 -67.35
C PHE C 121 -81.30 11.10 -66.59
N ASP C 122 -80.78 10.00 -67.13
CA ASP C 122 -79.71 9.23 -66.42
C ASP C 122 -78.41 9.33 -67.22
N LEU C 123 -77.34 9.83 -66.60
CA LEU C 123 -76.05 10.02 -67.31
C LEU C 123 -75.05 8.98 -66.81
N ASP C 124 -74.34 8.33 -67.73
CA ASP C 124 -73.27 7.37 -67.33
C ASP C 124 -71.93 8.05 -67.65
N VAL C 125 -71.04 8.17 -66.67
CA VAL C 125 -69.78 8.92 -66.89
C VAL C 125 -68.57 8.00 -66.68
N SER C 126 -67.58 8.06 -67.57
CA SER C 126 -66.39 7.16 -67.49
C SER C 126 -65.09 7.96 -67.60
N TYR C 127 -63.98 7.39 -67.11
CA TYR C 127 -62.66 8.05 -67.18
C TYR C 127 -62.13 7.98 -68.61
N LYS C 128 -61.45 9.03 -69.07
CA LYS C 128 -60.92 9.07 -70.45
C LYS C 128 -59.40 9.24 -70.41
N GLU C 129 -58.90 10.28 -69.73
CA GLU C 129 -57.47 10.55 -69.71
C GLU C 129 -57.18 11.58 -68.64
N THR C 130 -55.89 11.75 -68.28
CA THR C 130 -55.51 12.80 -67.29
C THR C 130 -54.73 13.91 -68.00
N GLU C 131 -55.40 15.01 -68.34
CA GLU C 131 -54.74 16.13 -69.06
C GLU C 131 -53.82 16.89 -68.11
N LYS C 132 -52.73 17.48 -68.64
CA LYS C 132 -51.78 18.28 -67.83
C LYS C 132 -52.03 19.77 -68.11
N ILE C 133 -52.83 20.42 -67.27
CA ILE C 133 -53.17 21.87 -67.52
C ILE C 133 -51.88 22.70 -67.41
N THR C 134 -51.03 22.40 -66.42
CA THR C 134 -49.73 23.10 -66.25
C THR C 134 -48.71 22.05 -65.80
N ASN C 135 -47.42 22.40 -65.79
CA ASN C 135 -46.39 21.38 -65.44
C ASN C 135 -46.67 20.81 -64.06
N SER C 136 -47.04 21.67 -63.09
CA SER C 136 -47.22 21.19 -61.70
C SER C 136 -48.65 20.72 -61.42
N GLN C 137 -49.62 20.97 -62.31
CA GLN C 137 -51.03 20.62 -61.99
C GLN C 137 -51.69 19.87 -63.14
N HIS C 138 -52.58 18.92 -62.82
CA HIS C 138 -53.30 18.13 -63.86
C HIS C 138 -54.80 18.17 -63.58
N ARG C 139 -55.61 17.87 -64.60
CA ARG C 139 -57.08 17.82 -64.42
C ARG C 139 -57.60 16.50 -65.01
N PHE C 140 -58.13 15.61 -64.17
CA PHE C 140 -58.72 14.36 -64.69
C PHE C 140 -59.89 14.72 -65.60
N ILE C 141 -60.01 14.05 -66.75
CA ILE C 141 -61.09 14.39 -67.70
C ILE C 141 -62.05 13.19 -67.80
N PHE C 142 -63.34 13.41 -67.54
CA PHE C 142 -64.34 12.32 -67.60
C PHE C 142 -65.36 12.64 -68.70
N THR C 143 -65.72 11.65 -69.51
CA THR C 143 -66.65 11.88 -70.65
C THR C 143 -67.93 11.07 -70.45
N ILE C 144 -69.09 11.68 -70.72
CA ILE C 144 -70.39 10.96 -70.60
C ILE C 144 -70.46 9.89 -71.69
N LYS C 145 -70.79 8.65 -71.31
CA LYS C 145 -70.79 7.53 -72.28
C LYS C 145 -72.01 7.69 -73.20
N ASN C 146 -73.21 7.69 -72.62
CA ASN C 146 -74.46 7.87 -73.41
C ASN C 146 -74.86 9.36 -73.44
N GLU C 147 -74.84 9.96 -74.63
CA GLU C 147 -75.29 11.36 -74.77
C GLU C 147 -76.49 11.42 -75.71
N ASP C 148 -76.57 10.48 -76.67
CA ASP C 148 -77.67 10.51 -77.68
C ASP C 148 -79.03 10.31 -77.01
N GLU C 149 -79.12 9.39 -76.04
CA GLU C 149 -80.38 9.16 -75.29
C GLU C 149 -80.73 10.41 -74.48
N ASN C 150 -79.73 11.17 -74.03
CA ASN C 150 -80.02 12.33 -73.14
C ASN C 150 -79.83 13.65 -73.89
N ILE C 151 -80.15 13.69 -75.18
CA ILE C 151 -80.07 14.96 -75.96
C ILE C 151 -81.05 15.99 -75.41
N GLY C 152 -82.23 15.56 -74.96
CA GLY C 152 -83.26 16.51 -74.48
C GLY C 152 -82.76 17.31 -73.30
N LEU C 153 -81.90 16.72 -72.48
CA LEU C 153 -81.39 17.41 -71.26
C LEU C 153 -80.70 18.70 -71.73
N LYS C 154 -79.98 18.63 -72.85
CA LYS C 154 -79.22 19.80 -73.35
C LYS C 154 -80.20 20.95 -73.67
N LYS C 155 -81.36 20.63 -74.23
CA LYS C 155 -82.32 21.69 -74.63
C LYS C 155 -82.74 22.48 -73.39
N TYR C 156 -82.99 21.79 -72.27
CA TYR C 156 -83.33 22.51 -71.01
C TYR C 156 -82.14 23.34 -70.51
N VAL C 157 -80.91 22.82 -70.61
CA VAL C 157 -79.73 23.54 -70.04
C VAL C 157 -79.50 24.88 -70.74
N ASP C 158 -79.46 24.90 -72.08
CA ASP C 158 -79.11 26.16 -72.79
C ASP C 158 -80.23 27.20 -72.70
N SER C 159 -81.41 26.80 -72.22
CA SER C 159 -82.51 27.75 -72.08
C SER C 159 -82.26 28.76 -70.97
N LEU C 160 -81.36 28.42 -70.04
CA LEU C 160 -81.06 29.34 -68.90
C LEU C 160 -80.24 30.53 -69.40
N SER C 161 -80.19 31.61 -68.61
CA SER C 161 -79.36 32.79 -68.97
C SER C 161 -77.89 32.42 -68.78
N ALA C 162 -76.99 33.17 -69.38
CA ALA C 162 -75.55 32.79 -69.33
C ALA C 162 -75.09 32.76 -67.87
N GLY C 163 -75.50 33.74 -67.06
CA GLY C 163 -75.00 33.80 -65.68
C GLY C 163 -75.43 32.57 -64.89
N LEU C 164 -76.69 32.16 -65.03
CA LEU C 164 -77.17 30.94 -64.33
C LEU C 164 -76.43 29.72 -64.87
N LYS C 165 -76.22 29.65 -66.19
CA LYS C 165 -75.57 28.43 -66.78
C LYS C 165 -74.15 28.29 -66.22
N ASN C 166 -73.42 29.39 -66.11
CA ASN C 166 -72.04 29.32 -65.56
C ASN C 166 -72.12 28.83 -64.12
N LEU C 167 -73.11 29.29 -63.36
CA LEU C 167 -73.27 28.83 -61.95
C LEU C 167 -73.51 27.32 -61.95
N LEU C 168 -74.44 26.83 -62.78
CA LEU C 168 -74.79 25.39 -62.74
C LEU C 168 -73.54 24.57 -63.07
N PHE C 169 -72.76 24.99 -64.05
CA PHE C 169 -71.57 24.22 -64.47
C PHE C 169 -70.56 24.18 -63.31
N LYS C 170 -70.42 25.27 -62.57
CA LYS C 170 -69.51 25.23 -61.39
C LYS C 170 -70.04 24.19 -60.40
N LYS C 171 -71.34 24.16 -60.17
CA LYS C 171 -71.89 23.22 -59.14
C LYS C 171 -71.64 21.78 -59.55
N ILE C 172 -71.89 21.44 -60.82
CA ILE C 172 -71.73 20.01 -61.25
C ILE C 172 -70.25 19.63 -61.12
N ASN C 173 -69.35 20.54 -61.49
CA ASN C 173 -67.90 20.22 -61.45
C ASN C 173 -67.43 20.11 -59.99
N GLN C 174 -67.78 21.07 -59.14
CA GLN C 174 -67.27 21.04 -57.74
C GLN C 174 -67.63 19.67 -57.13
N LYS C 175 -68.86 19.23 -57.30
CA LYS C 175 -69.30 17.92 -56.72
C LYS C 175 -68.46 16.80 -57.32
N LEU C 176 -68.33 16.77 -58.65
CA LEU C 176 -67.57 15.68 -59.32
C LEU C 176 -66.16 15.65 -58.75
N SER C 177 -65.50 16.80 -58.65
CA SER C 177 -64.09 16.84 -58.19
C SER C 177 -64.00 16.28 -56.77
N GLY C 178 -64.95 16.67 -55.91
CA GLY C 178 -64.95 16.12 -54.54
C GLY C 178 -65.18 14.62 -54.55
N TYR C 179 -66.13 14.15 -55.36
CA TYR C 179 -66.46 12.70 -55.39
C TYR C 179 -65.21 11.91 -55.80
N VAL C 180 -64.68 12.18 -57.00
CA VAL C 180 -63.53 11.36 -57.50
C VAL C 180 -62.34 11.51 -56.57
N SER C 181 -62.03 12.73 -56.12
CA SER C 181 -60.82 12.93 -55.28
C SER C 181 -60.95 12.10 -54.00
N GLU C 182 -62.13 12.11 -53.37
CA GLU C 182 -62.31 11.40 -52.08
C GLU C 182 -62.09 9.90 -52.30
N ILE C 183 -62.61 9.36 -53.40
CA ILE C 183 -62.47 7.91 -53.68
C ILE C 183 -60.98 7.57 -53.81
N ILE C 184 -60.24 8.35 -54.61
CA ILE C 184 -58.81 8.02 -54.88
C ILE C 184 -58.00 8.11 -53.58
N VAL C 185 -58.16 9.19 -52.83
CA VAL C 185 -57.31 9.40 -51.61
C VAL C 185 -57.36 8.14 -50.73
N LYS C 186 -58.52 7.47 -50.65
CA LYS C 186 -58.62 6.30 -49.74
C LYS C 186 -57.78 5.15 -50.29
N ASN C 187 -57.88 4.85 -51.59
CA ASN C 187 -57.18 3.67 -52.15
C ASN C 187 -55.66 3.84 -52.14
N ILE C 188 -55.15 5.06 -52.38
CA ILE C 188 -53.67 5.23 -52.50
C ILE C 188 -53.10 5.83 -51.21
N ASP C 189 -52.03 5.23 -50.67
CA ASP C 189 -51.37 5.75 -49.44
C ASP C 189 -50.55 6.99 -49.77
N ASP C 190 -50.32 7.87 -48.79
CA ASP C 190 -49.62 9.16 -49.08
C ASP C 190 -48.11 8.95 -49.17
N ILE C 191 -47.44 9.79 -49.98
CA ILE C 191 -45.95 9.73 -50.09
C ILE C 191 -45.44 11.15 -49.81
N GLU C 192 -44.52 11.32 -48.86
CA GLU C 192 -44.01 12.67 -48.50
C GLU C 192 -42.72 12.97 -49.27
N GLU C 193 -42.56 14.20 -49.78
CA GLU C 193 -41.36 14.56 -50.60
C GLU C 193 -40.11 14.68 -49.74
N LEU C 194 -38.94 14.38 -50.32
CA LEU C 194 -37.65 14.49 -49.60
C LEU C 194 -37.35 15.95 -49.23
N PHE C 195 -37.52 16.87 -50.18
CA PHE C 195 -37.16 18.30 -49.93
C PHE C 195 -38.40 19.10 -49.53
N LYS C 201 -44.83 23.97 -46.94
CA LYS C 201 -43.49 23.44 -47.31
C LYS C 201 -43.65 22.05 -47.95
N SER C 202 -43.58 20.99 -47.16
CA SER C 202 -43.70 19.61 -47.71
C SER C 202 -45.08 19.41 -48.33
N THR C 203 -45.15 18.75 -49.49
CA THR C 203 -46.45 18.50 -50.16
C THR C 203 -46.69 16.99 -50.22
N THR C 204 -47.53 16.47 -49.33
CA THR C 204 -47.81 15.01 -49.30
C THR C 204 -48.70 14.65 -50.50
N LEU C 205 -48.73 13.37 -50.88
CA LEU C 205 -49.50 12.96 -52.07
C LEU C 205 -50.99 13.27 -51.87
N HIS C 206 -51.52 13.00 -50.67
CA HIS C 206 -52.97 13.20 -50.45
C HIS C 206 -53.33 14.67 -50.70
N LYS C 207 -52.49 15.59 -50.22
CA LYS C 207 -52.80 17.03 -50.37
C LYS C 207 -52.86 17.37 -51.86
N GLU C 208 -51.92 16.82 -52.63
CA GLU C 208 -51.90 17.08 -54.10
C GLU C 208 -53.16 16.50 -54.73
N ILE C 209 -53.59 15.31 -54.31
CA ILE C 209 -54.77 14.65 -54.94
C ILE C 209 -56.00 15.53 -54.67
N LEU C 210 -56.15 16.03 -53.44
CA LEU C 210 -57.33 16.87 -53.09
C LEU C 210 -57.30 18.14 -53.93
N GLN C 211 -56.12 18.73 -54.10
CA GLN C 211 -55.98 19.98 -54.90
C GLN C 211 -56.42 19.69 -56.34
N THR C 212 -56.05 18.51 -56.86
CA THR C 212 -56.37 18.17 -58.27
C THR C 212 -57.87 18.32 -58.53
N ASP C 213 -58.24 18.86 -59.69
CA ASP C 213 -59.67 19.09 -60.03
C ASP C 213 -60.06 18.26 -61.26
N SER C 214 -61.28 17.71 -61.28
CA SER C 214 -61.76 16.94 -62.46
C SER C 214 -62.93 17.68 -63.12
N ARG C 215 -62.85 17.90 -64.43
CA ARG C 215 -63.91 18.66 -65.12
C ARG C 215 -64.56 17.77 -66.18
N LEU C 216 -65.89 17.64 -66.14
CA LEU C 216 -66.61 16.76 -67.10
C LEU C 216 -66.53 17.36 -68.50
N SER C 217 -66.23 16.53 -69.50
CA SER C 217 -66.15 16.99 -70.91
C SER C 217 -67.28 16.32 -71.68
N SER C 218 -68.30 17.08 -72.08
CA SER C 218 -69.48 16.46 -72.75
C SER C 218 -70.20 17.47 -73.64
N ASP C 219 -70.95 16.99 -74.63
CA ASP C 219 -71.71 17.88 -75.56
C ASP C 219 -72.80 18.62 -74.78
N ILE C 220 -73.47 17.95 -73.85
CA ILE C 220 -74.59 18.58 -73.10
C ILE C 220 -74.12 19.92 -72.52
N PHE C 221 -72.99 19.90 -71.80
CA PHE C 221 -72.47 21.15 -71.17
C PHE C 221 -71.41 21.73 -72.10
N LYS C 222 -71.62 22.95 -72.61
CA LYS C 222 -70.68 23.50 -73.62
C LYS C 222 -69.82 24.64 -73.04
N GLU C 223 -69.98 24.96 -71.76
CA GLU C 223 -69.23 26.11 -71.19
C GLU C 223 -68.80 25.79 -69.74
N ASP D 30 -50.31 -3.18 -69.80
CA ASP D 30 -49.03 -3.92 -69.77
C ASP D 30 -48.56 -4.08 -68.32
N ILE D 31 -48.55 -5.30 -67.81
CA ILE D 31 -48.10 -5.56 -66.41
C ILE D 31 -46.63 -5.14 -66.30
N LEU D 32 -45.84 -5.42 -67.34
CA LEU D 32 -44.41 -5.02 -67.34
C LEU D 32 -44.33 -3.49 -67.12
N THR D 33 -45.02 -2.72 -67.97
CA THR D 33 -44.99 -1.23 -67.87
C THR D 33 -45.57 -0.76 -66.54
N GLN D 34 -46.60 -1.44 -66.03
CA GLN D 34 -47.23 -1.04 -64.75
C GLN D 34 -46.14 -1.11 -63.68
N LEU D 35 -45.33 -2.17 -63.68
CA LEU D 35 -44.17 -2.22 -62.75
C LEU D 35 -43.00 -1.51 -63.42
N GLY D 36 -41.84 -1.44 -62.77
CA GLY D 36 -40.70 -0.68 -63.32
C GLY D 36 -39.79 -1.53 -64.16
N VAL D 37 -40.16 -2.78 -64.44
CA VAL D 37 -39.21 -3.69 -65.16
C VAL D 37 -38.86 -3.06 -66.51
N LYS D 38 -37.58 -3.04 -66.86
CA LYS D 38 -37.13 -2.40 -68.13
C LYS D 38 -35.93 -3.17 -68.69
N ASP D 39 -35.68 -3.06 -69.99
CA ASP D 39 -34.59 -3.85 -70.64
C ASP D 39 -33.25 -3.22 -70.29
N ILE D 40 -32.19 -4.04 -70.18
CA ILE D 40 -30.84 -3.52 -69.78
C ILE D 40 -30.10 -3.03 -71.02
N SER D 41 -30.21 -3.74 -72.14
CA SER D 41 -29.44 -3.35 -73.32
C SER D 41 -29.74 -1.92 -73.71
N LYS D 42 -31.00 -1.51 -73.64
CA LYS D 42 -31.37 -0.14 -73.99
C LYS D 42 -30.95 0.84 -72.90
N GLN D 43 -31.01 0.41 -71.63
CA GLN D 43 -30.69 1.33 -70.51
C GLN D 43 -29.19 1.64 -70.49
N ASN D 44 -28.34 0.65 -70.78
CA ASN D 44 -26.87 0.87 -70.66
C ASN D 44 -26.30 1.48 -71.94
N ALA D 45 -27.13 1.75 -72.95
CA ALA D 45 -26.59 2.24 -74.21
C ALA D 45 -26.08 3.69 -74.15
N ASN D 46 -26.85 4.59 -73.54
CA ASN D 46 -26.44 5.99 -73.43
C ASN D 46 -26.41 6.47 -72.01
N LYS D 47 -26.25 5.56 -71.06
CA LYS D 47 -26.32 5.96 -69.67
C LYS D 47 -25.27 6.98 -69.30
N PHE D 48 -25.67 7.98 -68.49
CA PHE D 48 -24.70 8.98 -68.00
C PHE D 48 -24.15 8.53 -66.64
N TYR D 49 -22.91 8.03 -66.63
CA TYR D 49 -22.26 7.49 -65.41
C TYR D 49 -21.90 8.57 -64.40
N LYS D 50 -21.96 8.28 -63.10
CA LYS D 50 -21.48 9.24 -62.07
C LYS D 50 -19.99 8.99 -61.81
N PHE D 51 -19.20 10.01 -61.47
CA PHE D 51 -17.73 9.82 -61.31
C PHE D 51 -17.29 10.41 -59.97
N ALA D 52 -16.69 9.61 -59.10
CA ALA D 52 -16.15 10.18 -57.84
C ALA D 52 -14.62 10.15 -57.92
N ILE D 53 -13.96 11.30 -57.77
CA ILE D 53 -12.48 11.37 -57.92
C ILE D 53 -11.88 11.93 -56.62
N TYR D 54 -11.24 11.07 -55.81
CA TYR D 54 -10.60 11.57 -54.57
C TYR D 54 -9.09 11.70 -54.82
N GLY D 55 -8.48 12.79 -54.35
CA GLY D 55 -7.05 13.02 -54.60
C GLY D 55 -6.35 13.73 -53.44
N LYS D 56 -5.01 13.70 -53.42
CA LYS D 56 -4.26 14.48 -52.38
C LYS D 56 -4.18 15.94 -52.82
N PHE D 57 -3.52 16.79 -52.03
CA PHE D 57 -3.44 18.24 -52.35
C PHE D 57 -2.65 18.48 -53.62
N GLY D 58 -3.08 19.45 -54.44
CA GLY D 58 -2.33 19.81 -55.67
C GLY D 58 -2.13 18.65 -56.61
N THR D 59 -3.12 17.76 -56.74
CA THR D 59 -3.02 16.63 -57.72
C THR D 59 -3.77 17.01 -59.01
N GLY D 60 -4.26 18.24 -59.11
CA GLY D 60 -5.00 18.68 -60.31
C GLY D 60 -6.29 17.91 -60.53
N LYS D 61 -6.97 17.54 -59.45
CA LYS D 61 -8.24 16.75 -59.55
C LYS D 61 -9.32 17.58 -60.28
N THR D 62 -9.43 18.87 -59.99
CA THR D 62 -10.44 19.74 -60.66
C THR D 62 -10.12 19.85 -62.16
N THR D 63 -8.83 19.94 -62.50
CA THR D 63 -8.43 20.00 -63.94
C THR D 63 -9.15 18.89 -64.71
N PHE D 64 -9.02 17.64 -64.25
CA PHE D 64 -9.65 16.48 -64.91
C PHE D 64 -11.13 16.74 -65.17
N LEU D 65 -11.87 17.14 -64.14
CA LEU D 65 -13.34 17.30 -64.26
C LEU D 65 -13.66 18.40 -65.28
N THR D 66 -12.90 19.50 -65.30
CA THR D 66 -13.24 20.64 -66.18
C THR D 66 -12.36 20.72 -67.44
N LYS D 67 -11.51 19.73 -67.67
CA LYS D 67 -10.61 19.75 -68.86
C LYS D 67 -11.46 19.83 -70.12
N ASP D 68 -12.61 19.14 -70.13
CA ASP D 68 -13.49 19.11 -71.33
C ASP D 68 -13.99 20.51 -71.65
N ASN D 69 -13.89 21.45 -70.70
CA ASN D 69 -14.34 22.86 -70.89
C ASN D 69 -15.86 22.87 -71.15
N ASN D 70 -16.55 21.80 -70.77
CA ASN D 70 -18.03 21.76 -70.89
C ASN D 70 -18.60 21.39 -69.52
N ALA D 71 -18.36 22.22 -68.50
CA ALA D 71 -18.77 21.81 -67.14
C ALA D 71 -19.41 22.93 -66.33
N LEU D 72 -20.31 22.58 -65.41
CA LEU D 72 -20.90 23.59 -64.49
C LEU D 72 -20.39 23.25 -63.09
N VAL D 73 -19.58 24.13 -62.49
CA VAL D 73 -18.94 23.78 -61.19
C VAL D 73 -19.70 24.42 -60.02
N LEU D 74 -20.35 23.61 -59.19
CA LEU D 74 -20.99 24.14 -57.96
C LEU D 74 -19.98 24.11 -56.81
N ASP D 75 -19.00 25.01 -56.83
CA ASP D 75 -17.94 25.03 -55.78
C ASP D 75 -18.52 25.49 -54.44
N ILE D 76 -17.97 25.00 -53.33
CA ILE D 76 -18.55 25.31 -51.99
C ILE D 76 -17.52 26.06 -51.15
N ASN D 77 -17.80 27.33 -50.83
CA ASN D 77 -16.90 28.13 -49.95
C ASN D 77 -15.46 28.06 -50.47
N GLU D 78 -15.27 27.98 -51.79
CA GLU D 78 -13.91 27.92 -52.39
C GLU D 78 -13.98 28.45 -53.83
N ASP D 79 -12.84 28.84 -54.40
CA ASP D 79 -12.84 29.27 -55.82
C ASP D 79 -11.66 28.65 -56.56
N GLY D 80 -11.86 27.48 -57.19
CA GLY D 80 -10.78 26.84 -57.96
C GLY D 80 -11.04 26.90 -59.46
N THR D 81 -11.87 27.85 -59.89
CA THR D 81 -12.25 27.95 -61.32
C THR D 81 -11.07 28.46 -62.16
N THR D 82 -10.02 28.97 -61.51
CA THR D 82 -8.88 29.57 -62.26
C THR D 82 -8.25 28.53 -63.19
N VAL D 83 -8.14 27.28 -62.73
CA VAL D 83 -7.48 26.23 -63.55
C VAL D 83 -8.32 25.98 -64.81
N THR D 84 -9.64 26.03 -64.67
CA THR D 84 -10.54 25.80 -65.84
C THR D 84 -10.37 26.93 -66.86
N GLU D 85 -10.54 26.62 -68.15
CA GLU D 85 -10.42 27.66 -69.21
C GLU D 85 -11.80 28.24 -69.52
N ASP D 86 -12.81 27.39 -69.67
CA ASP D 86 -14.19 27.87 -70.00
C ASP D 86 -15.25 27.01 -69.29
N GLY D 87 -16.47 27.55 -69.17
CA GLY D 87 -17.57 26.85 -68.47
C GLY D 87 -18.38 27.82 -67.63
N ALA D 88 -19.29 27.32 -66.79
CA ALA D 88 -20.03 28.21 -65.86
C ALA D 88 -19.77 27.78 -64.40
N VAL D 89 -19.41 28.73 -63.52
CA VAL D 89 -19.16 28.41 -62.09
C VAL D 89 -20.13 29.17 -61.19
N VAL D 90 -20.73 28.48 -60.21
CA VAL D 90 -21.67 29.13 -59.24
C VAL D 90 -21.17 28.91 -57.82
N GLN D 91 -20.77 29.98 -57.13
CA GLN D 91 -20.32 29.86 -55.72
C GLN D 91 -21.47 29.42 -54.84
N ILE D 92 -21.24 28.50 -53.90
CA ILE D 92 -22.31 28.11 -52.93
C ILE D 92 -21.86 28.61 -51.57
N LYS D 93 -22.64 29.48 -50.92
CA LYS D 93 -22.18 30.07 -49.64
C LYS D 93 -23.03 29.60 -48.47
N ASN D 94 -24.22 29.05 -48.74
CA ASN D 94 -25.14 28.67 -47.62
C ASN D 94 -25.86 27.37 -47.98
N TYR D 95 -26.30 26.62 -46.97
CA TYR D 95 -27.08 25.37 -47.25
C TYR D 95 -28.35 25.79 -47.99
N LYS D 96 -28.95 26.91 -47.60
CA LYS D 96 -30.18 27.39 -48.27
C LYS D 96 -29.86 27.65 -49.75
N HIS D 97 -28.69 28.24 -50.03
CA HIS D 97 -28.30 28.53 -51.42
C HIS D 97 -28.14 27.19 -52.15
N PHE D 98 -27.58 26.20 -51.47
CA PHE D 98 -27.35 24.87 -52.10
C PHE D 98 -28.70 24.25 -52.48
N SER D 99 -29.65 24.30 -51.54
CA SER D 99 -30.98 23.69 -51.82
C SER D 99 -31.60 24.35 -53.05
N ALA D 100 -31.55 25.69 -53.11
CA ALA D 100 -32.17 26.41 -54.24
C ALA D 100 -31.56 25.98 -55.58
N VAL D 101 -30.22 25.97 -55.68
CA VAL D 101 -29.61 25.66 -57.01
C VAL D 101 -30.00 24.25 -57.45
N ILE D 102 -29.98 23.28 -56.53
CA ILE D 102 -30.33 21.88 -56.87
C ILE D 102 -31.78 21.81 -57.35
N LYS D 103 -32.69 22.48 -56.63
CA LYS D 103 -34.14 22.43 -56.97
C LYS D 103 -34.36 23.07 -58.35
N MET D 104 -33.65 24.16 -58.64
CA MET D 104 -33.88 24.88 -59.93
C MET D 104 -32.88 24.41 -60.98
N LEU D 105 -32.11 23.35 -60.67
CA LEU D 105 -31.05 22.92 -61.63
C LEU D 105 -31.65 22.58 -62.99
N PRO D 106 -32.81 21.88 -63.12
CA PRO D 106 -33.41 21.66 -64.42
C PRO D 106 -33.50 22.97 -65.21
N LYS D 107 -34.12 23.98 -64.61
CA LYS D 107 -34.36 25.27 -65.32
C LYS D 107 -33.01 25.85 -65.73
N ILE D 108 -32.01 25.80 -64.85
CA ILE D 108 -30.68 26.41 -65.14
C ILE D 108 -30.09 25.75 -66.37
N ILE D 109 -29.96 24.41 -66.36
CA ILE D 109 -29.30 23.71 -67.51
C ILE D 109 -29.92 24.21 -68.80
N GLU D 110 -31.25 24.36 -68.85
CA GLU D 110 -31.93 24.76 -70.10
C GLU D 110 -31.42 26.14 -70.54
N GLN D 111 -31.21 27.06 -69.59
CA GLN D 111 -30.82 28.45 -69.97
C GLN D 111 -29.38 28.48 -70.48
N LEU D 112 -28.42 27.95 -69.71
CA LEU D 112 -27.02 27.93 -70.21
C LEU D 112 -26.98 27.30 -71.61
N ARG D 113 -27.70 26.20 -71.84
CA ARG D 113 -27.74 25.60 -73.20
C ARG D 113 -28.38 26.59 -74.18
N GLU D 114 -29.41 27.31 -73.75
CA GLU D 114 -30.08 28.32 -74.61
C GLU D 114 -29.07 29.44 -74.94
N ASN D 115 -28.27 29.84 -73.95
CA ASN D 115 -27.22 30.88 -74.17
C ASN D 115 -26.17 30.31 -75.12
N GLY D 116 -26.15 28.97 -75.26
CA GLY D 116 -25.15 28.31 -76.12
C GLY D 116 -23.99 27.73 -75.32
N LYS D 117 -23.94 28.01 -74.02
CA LYS D 117 -22.92 27.38 -73.16
C LYS D 117 -23.19 25.88 -73.14
N GLN D 118 -22.16 25.04 -73.20
CA GLN D 118 -22.36 23.58 -73.25
C GLN D 118 -22.16 23.00 -71.85
N ILE D 119 -23.21 22.46 -71.23
CA ILE D 119 -23.02 21.81 -69.91
C ILE D 119 -23.31 20.31 -70.06
N ASP D 120 -22.31 19.47 -69.82
CA ASP D 120 -22.48 18.00 -69.91
C ASP D 120 -22.24 17.37 -68.53
N VAL D 121 -21.61 18.11 -67.62
CA VAL D 121 -21.28 17.56 -66.27
C VAL D 121 -21.54 18.59 -65.18
N VAL D 122 -22.18 18.16 -64.08
CA VAL D 122 -22.42 19.05 -62.91
C VAL D 122 -21.46 18.57 -61.82
N VAL D 123 -20.61 19.45 -61.30
CA VAL D 123 -19.56 19.01 -60.34
C VAL D 123 -19.75 19.67 -58.98
N ILE D 124 -19.72 18.89 -57.90
CA ILE D 124 -19.74 19.49 -56.53
C ILE D 124 -18.28 19.44 -56.07
N GLU D 125 -17.66 20.58 -55.81
CA GLU D 125 -16.19 20.61 -55.52
C GLU D 125 -15.78 19.79 -54.29
N THR D 126 -16.54 19.83 -53.19
CA THR D 126 -16.05 19.14 -51.96
C THR D 126 -17.16 18.43 -51.17
N ILE D 127 -17.01 17.12 -50.95
CA ILE D 127 -18.00 16.36 -50.15
C ILE D 127 -17.88 16.76 -48.68
N GLN D 128 -16.67 17.11 -48.24
CA GLN D 128 -16.47 17.44 -46.80
C GLN D 128 -17.24 18.74 -46.49
N LYS D 129 -17.26 19.69 -47.43
CA LYS D 129 -18.05 20.94 -47.23
C LYS D 129 -19.55 20.60 -47.17
N LEU D 130 -20.01 19.63 -47.98
CA LEU D 130 -21.44 19.23 -47.87
C LEU D 130 -21.69 18.71 -46.46
N ARG D 131 -20.75 17.96 -45.90
CA ARG D 131 -20.92 17.50 -44.50
C ARG D 131 -21.00 18.73 -43.59
N ASP D 132 -20.13 19.72 -43.79
CA ASP D 132 -20.10 20.90 -42.89
C ASP D 132 -21.41 21.69 -43.01
N ILE D 133 -21.90 21.91 -44.22
CA ILE D 133 -23.12 22.78 -44.39
C ILE D 133 -24.35 22.04 -43.85
N THR D 134 -24.53 20.77 -44.23
CA THR D 134 -25.72 20.01 -43.77
C THR D 134 -25.70 19.98 -42.24
N MET D 135 -24.50 19.90 -41.66
CA MET D 135 -24.41 19.81 -40.18
C MET D 135 -24.93 21.12 -39.58
N ASP D 136 -24.58 22.26 -40.18
CA ASP D 136 -25.04 23.57 -39.66
C ASP D 136 -26.56 23.64 -39.76
N ASP D 137 -27.13 23.14 -40.86
CA ASP D 137 -28.60 23.19 -41.06
C ASP D 137 -29.28 22.37 -39.97
N ILE D 138 -28.73 21.20 -39.63
CA ILE D 138 -29.39 20.31 -38.63
C ILE D 138 -28.98 20.78 -37.22
N MET D 139 -27.91 21.58 -37.10
CA MET D 139 -27.57 22.12 -35.76
C MET D 139 -28.14 23.54 -35.63
N THR D 147 -24.93 14.49 -32.37
CA THR D 147 -25.17 13.13 -31.89
C THR D 147 -25.30 12.18 -33.08
N PHE D 148 -25.38 10.89 -32.78
CA PHE D 148 -25.53 9.89 -33.87
C PHE D 148 -26.86 10.18 -34.60
N ASN D 149 -27.84 10.70 -33.86
CA ASN D 149 -29.11 11.09 -34.51
C ASN D 149 -28.79 12.19 -35.53
N ASP D 150 -27.95 13.15 -35.13
CA ASP D 150 -27.56 14.25 -36.06
C ASP D 150 -26.79 13.64 -37.24
N TRP D 151 -25.87 12.71 -36.97
CA TRP D 151 -25.07 12.10 -38.06
C TRP D 151 -25.98 11.35 -39.02
N GLY D 152 -26.96 10.61 -38.50
CA GLY D 152 -27.89 9.85 -39.35
C GLY D 152 -28.69 10.78 -40.24
N GLU D 153 -29.11 11.92 -39.67
CA GLU D 153 -29.87 12.93 -40.45
C GLU D 153 -28.95 13.48 -41.53
N CYS D 154 -27.68 13.70 -41.20
CA CYS D 154 -26.71 14.22 -42.20
C CYS D 154 -26.58 13.20 -43.33
N ALA D 155 -26.51 11.92 -42.99
CA ALA D 155 -26.44 10.86 -44.03
C ALA D 155 -27.74 10.90 -44.84
N THR D 156 -28.88 11.10 -44.18
CA THR D 156 -30.18 11.11 -44.87
C THR D 156 -30.20 12.25 -45.90
N ARG D 157 -29.67 13.41 -45.52
CA ARG D 157 -29.63 14.56 -46.46
C ARG D 157 -28.77 14.16 -47.66
N ILE D 158 -27.60 13.57 -47.41
CA ILE D 158 -26.67 13.23 -48.53
C ILE D 158 -27.33 12.22 -49.46
N VAL D 159 -27.96 11.18 -48.90
CA VAL D 159 -28.55 10.11 -49.77
C VAL D 159 -29.68 10.73 -50.59
N SER D 160 -30.47 11.61 -49.97
CA SER D 160 -31.63 12.23 -50.67
C SER D 160 -31.13 13.04 -51.87
N ILE D 161 -30.03 13.79 -51.69
CA ILE D 161 -29.51 14.65 -52.79
C ILE D 161 -29.22 13.76 -54.00
N TYR D 162 -28.46 12.67 -53.81
CA TYR D 162 -28.06 11.83 -54.96
C TYR D 162 -29.32 11.32 -55.69
N ARG D 163 -30.32 10.86 -54.93
CA ARG D 163 -31.54 10.31 -55.56
C ARG D 163 -32.18 11.40 -56.42
N TYR D 164 -32.29 12.61 -55.88
CA TYR D 164 -32.90 13.75 -56.63
C TYR D 164 -32.07 13.98 -57.90
N ILE D 165 -30.75 14.14 -57.73
CA ILE D 165 -29.90 14.48 -58.92
C ILE D 165 -30.05 13.36 -59.95
N SER D 166 -30.06 12.10 -59.53
CA SER D 166 -30.10 10.95 -60.48
C SER D 166 -31.33 11.03 -61.40
N LYS D 167 -32.51 11.29 -60.85
CA LYS D 167 -33.73 11.26 -61.72
C LYS D 167 -33.58 12.35 -62.79
N LEU D 168 -33.03 13.51 -62.40
CA LEU D 168 -32.77 14.57 -63.39
C LEU D 168 -31.65 14.09 -64.31
N GLN D 169 -30.68 13.34 -63.77
CA GLN D 169 -29.50 12.90 -64.55
C GLN D 169 -29.98 12.13 -65.79
N GLU D 170 -30.94 11.23 -65.61
CA GLU D 170 -31.47 10.44 -66.75
C GLU D 170 -32.22 11.40 -67.69
N HIS D 171 -33.00 12.31 -67.11
CA HIS D 171 -33.80 13.29 -67.90
C HIS D 171 -32.94 14.23 -68.73
N TYR D 172 -31.91 14.84 -68.11
CA TYR D 172 -31.19 15.93 -68.83
C TYR D 172 -29.82 15.49 -69.36
N GLN D 173 -29.51 14.21 -69.33
CA GLN D 173 -28.25 13.75 -69.96
C GLN D 173 -27.06 14.54 -69.41
N PHE D 174 -26.94 14.64 -68.08
CA PHE D 174 -25.75 15.33 -67.52
C PHE D 174 -24.96 14.32 -66.68
N HIS D 175 -23.66 14.22 -66.94
CA HIS D 175 -22.82 13.36 -66.08
C HIS D 175 -22.69 14.03 -64.71
N LEU D 176 -22.71 13.27 -63.63
CA LEU D 176 -22.48 13.89 -62.30
C LEU D 176 -21.06 13.55 -61.85
N ALA D 177 -20.40 14.48 -61.18
CA ALA D 177 -19.04 14.21 -60.63
C ALA D 177 -18.90 14.87 -59.25
N ILE D 178 -18.45 14.12 -58.25
CA ILE D 178 -18.18 14.71 -56.91
C ILE D 178 -16.71 14.47 -56.57
N SER D 179 -16.06 15.42 -55.90
CA SER D 179 -14.61 15.29 -55.60
C SER D 179 -14.37 15.57 -54.11
N GLY D 180 -13.39 14.90 -53.50
CA GLY D 180 -13.09 15.07 -52.06
C GLY D 180 -11.60 15.00 -51.79
N HIS D 181 -11.19 15.05 -50.52
CA HIS D 181 -9.74 15.11 -50.18
C HIS D 181 -9.28 13.83 -49.46
N GLU D 182 -8.17 13.26 -49.92
CA GLU D 182 -7.60 12.02 -49.29
C GLU D 182 -7.28 12.26 -47.82
N GLY D 183 -7.73 11.37 -46.94
CA GLY D 183 -7.39 11.46 -45.50
C GLY D 183 -7.77 10.21 -44.74
N THR D 200 -8.21 6.26 -48.79
CA THR D 200 -9.63 6.39 -49.21
C THR D 200 -10.08 7.85 -49.07
N ILE D 201 -11.22 8.21 -49.67
CA ILE D 201 -11.75 9.60 -49.52
C ILE D 201 -12.03 9.81 -48.02
N GLU D 202 -11.68 10.98 -47.49
CA GLU D 202 -11.85 11.22 -46.02
C GLU D 202 -13.30 11.59 -45.72
N ALA D 203 -13.92 10.93 -44.73
CA ALA D 203 -15.30 11.22 -44.32
C ALA D 203 -15.73 10.19 -43.27
N GLN D 204 -17.00 10.20 -42.87
CA GLN D 204 -17.49 9.14 -41.94
C GLN D 204 -18.10 8.02 -42.79
N ASP D 205 -17.86 6.75 -42.41
CA ASP D 205 -18.31 5.60 -43.25
C ASP D 205 -19.74 5.75 -43.78
N GLN D 206 -20.70 6.15 -42.95
CA GLN D 206 -22.11 6.14 -43.40
C GLN D 206 -22.17 6.88 -44.74
N ILE D 207 -21.42 7.99 -44.82
CA ILE D 207 -21.36 8.78 -46.08
C ILE D 207 -20.55 7.98 -47.10
N LYS D 208 -19.33 7.59 -46.72
CA LYS D 208 -18.45 6.84 -47.67
C LYS D 208 -19.26 5.68 -48.27
N LYS D 209 -19.91 4.87 -47.42
CA LYS D 209 -20.66 3.69 -47.94
C LYS D 209 -21.60 4.15 -49.05
N ALA D 210 -22.43 5.16 -48.75
CA ALA D 210 -23.41 5.62 -49.74
C ALA D 210 -22.73 6.10 -51.01
N VAL D 211 -21.70 6.92 -50.85
CA VAL D 211 -21.01 7.49 -52.05
C VAL D 211 -20.43 6.35 -52.88
N ILE D 212 -19.64 5.46 -52.27
CA ILE D 212 -18.96 4.40 -53.05
C ILE D 212 -20.04 3.54 -53.72
N SER D 213 -21.07 3.12 -52.99
CA SER D 213 -22.09 2.22 -53.59
C SER D 213 -22.69 2.86 -54.84
N GLN D 214 -23.23 4.08 -54.70
CA GLN D 214 -23.89 4.77 -55.84
C GLN D 214 -22.91 5.11 -56.97
N SER D 215 -21.68 5.52 -56.65
CA SER D 215 -20.75 6.00 -57.72
C SER D 215 -20.43 4.88 -58.71
N ASP D 216 -20.56 5.16 -60.01
CA ASP D 216 -20.17 4.15 -61.03
C ASP D 216 -18.64 4.00 -61.02
N VAL D 217 -17.91 5.09 -61.24
CA VAL D 217 -16.42 5.02 -61.32
C VAL D 217 -15.80 5.75 -60.12
N LEU D 218 -14.99 5.06 -59.32
CA LEU D 218 -14.27 5.76 -58.24
C LEU D 218 -12.78 5.68 -58.59
N ALA D 219 -12.09 6.81 -58.59
CA ALA D 219 -10.68 6.82 -59.03
C ALA D 219 -9.83 7.68 -58.09
N ARG D 220 -8.54 7.38 -57.99
CA ARG D 220 -7.61 8.19 -57.14
C ARG D 220 -6.60 8.83 -58.09
N MET D 221 -6.39 10.15 -57.98
CA MET D 221 -5.52 10.87 -58.94
C MET D 221 -4.20 11.23 -58.25
N THR D 222 -3.07 10.77 -58.80
CA THR D 222 -1.75 11.02 -58.18
C THR D 222 -0.73 11.44 -59.24
N ILE D 223 0.31 12.19 -58.85
CA ILE D 223 1.36 12.65 -59.81
C ILE D 223 2.55 11.71 -59.69
N GLU D 224 3.01 11.15 -60.81
CA GLU D 224 4.13 10.18 -60.78
C GLU D 224 5.26 10.69 -61.68
N THR D 233 10.29 13.43 -66.38
CA THR D 233 9.54 14.58 -65.82
C THR D 233 8.33 14.07 -65.03
N TYR D 234 7.75 14.91 -64.18
CA TYR D 234 6.53 14.53 -63.41
C TYR D 234 5.37 14.33 -64.38
N GLN D 235 4.53 13.33 -64.12
CA GLN D 235 3.37 13.05 -65.00
C GLN D 235 2.10 12.99 -64.14
N TYR D 236 0.97 13.50 -64.66
CA TYR D 236 -0.31 13.43 -63.93
C TYR D 236 -1.13 12.26 -64.47
N VAL D 237 -1.38 11.24 -63.65
CA VAL D 237 -2.08 10.02 -64.14
C VAL D 237 -3.15 9.57 -63.15
N LEU D 238 -4.32 9.17 -63.66
CA LEU D 238 -5.42 8.70 -62.78
C LEU D 238 -5.37 7.16 -62.75
N ASN D 239 -5.17 6.57 -61.57
CA ASN D 239 -5.01 5.09 -61.49
C ASN D 239 -6.24 4.46 -60.84
N ALA D 240 -7.00 3.68 -61.61
CA ALA D 240 -8.18 2.98 -61.04
C ALA D 240 -7.90 1.48 -60.96
N GLU D 241 -6.65 1.07 -61.19
CA GLU D 241 -6.27 -0.36 -61.11
C GLU D 241 -6.55 -0.87 -59.69
N PRO D 242 -7.07 -2.11 -59.50
CA PRO D 242 -7.41 -2.60 -58.17
C PRO D 242 -6.16 -2.64 -57.30
N SER D 243 -6.32 -2.42 -55.99
CA SER D 243 -5.15 -2.38 -55.08
C SER D 243 -5.61 -2.43 -53.61
N ASN D 244 -4.92 -3.21 -52.78
CA ASN D 244 -5.24 -3.23 -51.33
C ASN D 244 -4.99 -1.86 -50.70
N LEU D 245 -3.89 -1.19 -51.07
CA LEU D 245 -3.51 0.09 -50.42
C LEU D 245 -4.56 1.19 -50.65
N PHE D 246 -5.13 1.29 -51.85
CA PHE D 246 -6.10 2.36 -52.18
C PHE D 246 -7.29 1.70 -52.85
N GLU D 247 -8.50 2.25 -52.73
CA GLU D 247 -9.64 1.49 -53.33
C GLU D 247 -10.16 2.21 -54.56
N THR D 248 -10.21 1.49 -55.68
CA THR D 248 -10.70 2.07 -56.96
C THR D 248 -11.63 1.06 -57.63
N LYS D 249 -12.60 1.52 -58.42
CA LYS D 249 -13.46 0.55 -59.17
C LYS D 249 -13.98 1.23 -60.44
N ILE D 250 -13.78 0.60 -61.59
CA ILE D 250 -14.38 1.16 -62.84
C ILE D 250 -15.41 0.14 -63.34
N ARG D 251 -16.61 0.60 -63.72
CA ARG D 251 -17.66 -0.36 -64.12
C ARG D 251 -17.71 -0.46 -65.65
N HIS D 252 -17.48 -1.66 -66.20
CA HIS D 252 -17.55 -1.87 -67.66
C HIS D 252 -18.26 -3.21 -67.91
N SER D 253 -18.92 -3.36 -69.05
CA SER D 253 -19.66 -4.62 -69.35
C SER D 253 -18.67 -5.75 -69.63
N SER D 254 -19.10 -7.00 -69.47
CA SER D 254 -18.18 -8.16 -69.64
C SER D 254 -17.40 -8.05 -70.96
N ASN D 255 -18.08 -7.76 -72.07
CA ASN D 255 -17.38 -7.74 -73.38
C ASN D 255 -16.29 -6.65 -73.37
N ILE D 256 -16.60 -5.48 -72.80
CA ILE D 256 -15.61 -4.36 -72.76
C ILE D 256 -14.44 -4.78 -71.86
N LYS D 257 -13.21 -4.54 -72.30
CA LYS D 257 -12.01 -4.85 -71.47
C LYS D 257 -11.14 -3.60 -71.38
N ILE D 258 -10.72 -3.24 -70.17
CA ILE D 258 -9.79 -2.07 -70.04
C ILE D 258 -8.36 -2.61 -70.03
N ASN D 259 -7.66 -2.50 -71.16
CA ASN D 259 -6.25 -2.95 -71.24
C ASN D 259 -5.40 -2.10 -70.29
N ASN D 260 -5.69 -0.80 -70.19
CA ASN D 260 -4.89 0.12 -69.33
C ASN D 260 -5.83 0.89 -68.39
N LYS D 261 -5.73 0.67 -67.08
CA LYS D 261 -6.61 1.36 -66.10
C LYS D 261 -5.97 2.65 -65.59
N ARG D 262 -4.76 2.98 -66.06
CA ARG D 262 -4.14 4.28 -65.67
C ARG D 262 -4.20 5.24 -66.86
N PHE D 263 -4.78 6.43 -66.64
CA PHE D 263 -4.93 7.41 -67.75
C PHE D 263 -4.06 8.63 -67.46
N ILE D 264 -3.14 8.96 -68.37
CA ILE D 264 -2.27 10.17 -68.19
C ILE D 264 -2.98 11.36 -68.84
N ASN D 265 -2.85 12.56 -68.28
CA ASN D 265 -3.62 13.72 -68.80
C ASN D 265 -5.07 13.30 -69.02
N PRO D 266 -5.79 12.81 -68.00
CA PRO D 266 -7.16 12.32 -68.19
C PRO D 266 -8.26 13.39 -68.34
N SER D 267 -9.36 13.04 -69.03
CA SER D 267 -10.51 13.96 -69.16
C SER D 267 -11.79 13.11 -68.99
N ILE D 268 -12.94 13.72 -68.74
CA ILE D 268 -14.14 12.88 -68.47
C ILE D 268 -14.46 12.11 -69.76
N ASN D 269 -14.34 12.76 -70.92
CA ASN D 269 -14.61 12.09 -72.22
C ASN D 269 -13.79 10.79 -72.31
N ASP D 270 -12.46 10.87 -72.16
CA ASP D 270 -11.62 9.70 -72.32
C ASP D 270 -12.11 8.52 -71.48
N VAL D 271 -12.46 8.82 -70.22
CA VAL D 271 -12.98 7.74 -69.32
C VAL D 271 -14.28 7.21 -69.92
N VAL D 272 -15.19 8.10 -70.31
CA VAL D 272 -16.50 7.68 -70.89
C VAL D 272 -16.23 6.75 -72.09
N GLN D 273 -15.33 7.15 -73.00
CA GLN D 273 -15.06 6.34 -74.18
C GLN D 273 -14.45 5.00 -73.81
N ALA D 274 -13.56 4.98 -72.80
CA ALA D 274 -12.98 3.73 -72.35
C ALA D 274 -14.03 2.80 -71.78
N ILE D 275 -15.04 3.37 -71.10
CA ILE D 275 -16.04 2.50 -70.42
C ILE D 275 -17.18 2.11 -71.38
N ARG D 276 -17.38 2.84 -72.48
CA ARG D 276 -18.35 2.42 -73.49
C ARG D 276 -17.72 1.59 -74.60
N ASN D 277 -16.62 2.07 -75.17
CA ASN D 277 -15.95 1.38 -76.26
C ASN D 277 -14.68 0.70 -75.75
N GLY D 278 -14.10 -0.15 -76.59
CA GLY D 278 -12.90 -0.87 -76.24
C GLY D 278 -11.72 0.01 -75.89
N ASN D 279 -11.05 -0.31 -74.77
CA ASN D 279 -9.90 0.51 -74.32
C ASN D 279 -8.85 0.60 -75.44
N ASP E 30 -63.03 70.12 27.51
CA ASP E 30 -63.63 69.51 28.74
C ASP E 30 -63.31 68.01 28.75
N ILE E 31 -62.49 67.58 29.71
CA ILE E 31 -62.13 66.12 29.82
C ILE E 31 -63.42 65.35 30.09
N LEU E 32 -64.32 65.90 30.90
CA LEU E 32 -65.62 65.23 31.20
C LEU E 32 -66.34 64.97 29.87
N THR E 33 -66.54 66.02 29.07
CA THR E 33 -67.27 65.91 27.77
C THR E 33 -66.52 64.99 26.81
N GLN E 34 -65.18 65.03 26.84
CA GLN E 34 -64.37 64.18 25.92
C GLN E 34 -64.72 62.72 26.24
N LEU E 35 -64.82 62.37 27.51
CA LEU E 35 -65.29 61.00 27.88
C LEU E 35 -66.83 61.04 27.94
N GLY E 36 -67.47 59.93 28.25
CA GLY E 36 -68.94 59.87 28.21
C GLY E 36 -69.57 60.20 29.55
N VAL E 37 -68.78 60.63 30.54
CA VAL E 37 -69.35 60.84 31.89
C VAL E 37 -70.48 61.87 31.80
N LYS E 38 -71.62 61.59 32.44
CA LYS E 38 -72.79 62.49 32.36
C LYS E 38 -73.57 62.44 33.69
N ASP E 39 -74.35 63.47 33.99
CA ASP E 39 -75.03 63.55 35.30
C ASP E 39 -76.25 62.60 35.28
N ILE E 40 -76.60 62.03 36.43
CA ILE E 40 -77.71 61.05 36.50
C ILE E 40 -79.04 61.78 36.68
N SER E 41 -79.07 62.83 37.50
CA SER E 41 -80.32 63.51 37.77
C SER E 41 -80.98 63.98 36.47
N LYS E 42 -80.19 64.51 35.54
CA LYS E 42 -80.74 64.95 34.26
C LYS E 42 -81.09 63.77 33.37
N GLN E 43 -80.31 62.69 33.44
CA GLN E 43 -80.54 61.54 32.53
C GLN E 43 -81.84 60.81 32.92
N ASN E 44 -82.12 60.69 34.22
CA ASN E 44 -83.30 59.90 34.67
C ASN E 44 -84.57 60.76 34.68
N ALA E 45 -84.48 62.03 34.28
CA ALA E 45 -85.67 62.89 34.37
C ALA E 45 -86.75 62.57 33.34
N ASN E 46 -86.35 62.38 32.09
CA ASN E 46 -87.32 62.07 31.02
C ASN E 46 -87.00 60.79 30.31
N LYS E 47 -86.27 59.89 30.96
CA LYS E 47 -85.84 58.67 30.29
C LYS E 47 -87.00 57.85 29.77
N PHE E 48 -86.86 57.31 28.56
CA PHE E 48 -87.90 56.40 28.01
C PHE E 48 -87.55 54.95 28.37
N TYR E 49 -88.24 54.37 29.34
CA TYR E 49 -87.96 53.00 29.83
C TYR E 49 -88.37 51.92 28.82
N LYS E 50 -87.64 50.80 28.78
CA LYS E 50 -88.06 49.65 27.93
C LYS E 50 -88.96 48.74 28.76
N PHE E 51 -89.93 48.05 28.15
CA PHE E 51 -90.90 47.22 28.93
C PHE E 51 -90.97 45.83 28.32
N ALA E 52 -90.67 44.79 29.09
CA ALA E 52 -90.86 43.42 28.57
C ALA E 52 -92.04 42.77 29.29
N ILE E 53 -93.06 42.31 28.56
CA ILE E 53 -94.28 41.75 29.20
C ILE E 53 -94.48 40.32 28.69
N TYR E 54 -94.29 39.32 29.57
CA TYR E 54 -94.60 37.91 29.19
C TYR E 54 -95.92 37.56 29.88
N GLY E 55 -97.03 37.52 29.13
CA GLY E 55 -98.36 37.33 29.75
C GLY E 55 -98.98 35.97 29.49
N LYS E 56 -98.18 34.95 29.15
CA LYS E 56 -98.73 33.61 28.80
C LYS E 56 -99.65 33.71 27.58
N PHE E 57 -100.88 33.20 27.69
CA PHE E 57 -101.80 33.15 26.52
C PHE E 57 -103.17 33.74 26.89
N GLY E 58 -103.80 34.46 25.96
CA GLY E 58 -105.17 34.98 26.16
C GLY E 58 -105.33 35.82 27.42
N THR E 59 -104.37 36.70 27.71
CA THR E 59 -104.45 37.49 28.97
C THR E 59 -104.73 38.96 28.67
N GLY E 60 -104.05 39.55 27.67
CA GLY E 60 -104.29 41.00 27.47
C GLY E 60 -102.99 41.80 27.47
N LYS E 61 -101.85 41.10 27.42
CA LYS E 61 -100.53 41.79 27.39
C LYS E 61 -100.44 42.67 26.15
N THR E 62 -100.96 42.21 24.99
CA THR E 62 -100.98 43.11 23.80
C THR E 62 -101.95 44.26 24.08
N THR E 63 -103.22 43.98 24.40
CA THR E 63 -104.15 45.06 24.83
C THR E 63 -103.36 46.08 25.64
N PHE E 64 -102.65 45.65 26.69
CA PHE E 64 -101.86 46.54 27.57
C PHE E 64 -100.97 47.46 26.73
N LEU E 65 -100.18 46.88 25.83
CA LEU E 65 -99.19 47.67 25.05
C LEU E 65 -99.90 48.70 24.18
N THR E 66 -101.04 48.35 23.58
CA THR E 66 -101.71 49.26 22.61
C THR E 66 -102.94 49.97 23.22
N LYS E 67 -103.20 49.79 24.51
CA LYS E 67 -104.37 50.43 25.16
C LYS E 67 -104.29 51.94 24.99
N ASP E 68 -103.07 52.49 25.07
CA ASP E 68 -102.86 53.96 24.97
C ASP E 68 -103.32 54.46 23.60
N ASN E 69 -103.47 53.56 22.62
CA ASN E 69 -103.91 53.91 21.24
C ASN E 69 -102.87 54.85 20.61
N ASN E 70 -101.64 54.85 21.13
CA ASN E 70 -100.54 55.65 20.54
C ASN E 70 -99.37 54.71 20.31
N ALA E 71 -99.53 53.68 19.48
CA ALA E 71 -98.45 52.67 19.36
C ALA E 71 -98.20 52.23 17.91
N LEU E 72 -96.95 51.85 17.61
CA LEU E 72 -96.62 51.29 16.27
C LEU E 72 -96.27 49.82 16.49
N VAL E 73 -97.08 48.91 15.96
CA VAL E 73 -96.86 47.45 16.26
C VAL E 73 -96.12 46.76 15.11
N LEU E 74 -94.88 46.35 15.34
CA LEU E 74 -94.15 45.54 14.32
C LEU E 74 -94.43 44.06 14.55
N ASP E 75 -95.64 43.60 14.21
CA ASP E 75 -96.03 42.18 14.43
C ASP E 75 -95.26 41.27 13.48
N ILE E 76 -94.98 40.03 13.90
CA ILE E 76 -94.14 39.11 13.09
C ILE E 76 -94.95 37.88 12.71
N ASN E 77 -95.25 37.70 11.42
CA ASN E 77 -95.97 36.49 10.93
C ASN E 77 -97.25 36.27 11.76
N GLU E 78 -97.89 37.36 12.20
CA GLU E 78 -99.14 37.27 12.99
C GLU E 78 -99.95 38.55 12.81
N ASP E 79 -101.25 38.53 13.10
CA ASP E 79 -102.05 39.79 13.04
C ASP E 79 -102.95 39.89 14.28
N GLY E 80 -102.48 40.56 15.34
CA GLY E 80 -103.30 40.75 16.55
C GLY E 80 -103.73 42.20 16.70
N THR E 81 -103.76 42.95 15.60
CA THR E 81 -104.11 44.40 15.66
C THR E 81 -105.60 44.58 15.93
N THR E 82 -106.39 43.51 15.81
CA THR E 82 -107.87 43.63 15.96
C THR E 82 -108.22 44.17 17.35
N VAL E 83 -107.42 43.83 18.37
CA VAL E 83 -107.75 44.25 19.77
C VAL E 83 -107.46 45.73 19.97
N THR E 84 -106.43 46.29 19.31
CA THR E 84 -106.02 47.69 19.59
C THR E 84 -107.10 48.71 19.21
N GLU E 85 -107.35 49.71 20.08
CA GLU E 85 -108.32 50.78 19.74
C GLU E 85 -107.80 51.66 18.59
N ASP E 86 -106.54 52.08 18.65
CA ASP E 86 -105.99 53.02 17.62
C ASP E 86 -104.46 52.96 17.61
N GLY E 87 -103.81 53.48 16.56
CA GLY E 87 -102.33 53.50 16.53
C GLY E 87 -101.78 53.23 15.13
N ALA E 88 -100.60 52.61 15.05
CA ALA E 88 -99.98 52.27 13.75
C ALA E 88 -99.49 50.81 13.77
N VAL E 89 -99.30 50.19 12.60
CA VAL E 89 -98.91 48.75 12.55
C VAL E 89 -98.26 48.39 11.21
N VAL E 90 -97.43 47.35 11.16
CA VAL E 90 -96.65 46.93 9.97
C VAL E 90 -96.32 45.43 10.08
N GLN E 91 -96.88 44.61 9.17
CA GLN E 91 -96.59 43.16 9.17
C GLN E 91 -95.12 42.93 8.84
N ILE E 92 -94.46 42.00 9.54
CA ILE E 92 -93.05 41.65 9.19
C ILE E 92 -93.08 40.21 8.66
N LYS E 93 -92.65 40.00 7.42
CA LYS E 93 -92.78 38.64 6.81
C LYS E 93 -91.40 38.01 6.60
N ASN E 94 -90.33 38.82 6.60
CA ASN E 94 -88.99 38.26 6.27
C ASN E 94 -87.94 38.94 7.16
N TYR E 95 -86.81 38.27 7.40
CA TYR E 95 -85.71 38.88 8.18
C TYR E 95 -85.25 40.13 7.41
N LYS E 96 -85.20 40.04 6.09
CA LYS E 96 -84.78 41.20 5.27
C LYS E 96 -85.75 42.35 5.52
N HIS E 97 -87.05 42.04 5.58
CA HIS E 97 -88.06 43.10 5.81
C HIS E 97 -87.81 43.69 7.20
N PHE E 98 -87.48 42.84 8.17
CA PHE E 98 -87.25 43.31 9.55
C PHE E 98 -86.06 44.28 9.58
N SER E 99 -84.97 43.91 8.91
CA SER E 99 -83.77 44.77 8.90
C SER E 99 -84.14 46.14 8.33
N ALA E 100 -84.86 46.15 7.21
CA ALA E 100 -85.21 47.43 6.54
C ALA E 100 -86.01 48.33 7.48
N VAL E 101 -87.07 47.81 8.12
CA VAL E 101 -87.94 48.69 8.94
C VAL E 101 -87.11 49.29 10.10
N ILE E 102 -86.26 48.48 10.73
CA ILE E 102 -85.45 48.97 11.88
C ILE E 102 -84.50 50.06 11.38
N LYS E 103 -83.84 49.85 10.25
CA LYS E 103 -82.86 50.83 9.72
C LYS E 103 -83.57 52.14 9.36
N MET E 104 -84.78 52.04 8.80
CA MET E 104 -85.48 53.27 8.35
C MET E 104 -86.44 53.75 9.44
N LEU E 105 -86.38 53.15 10.63
CA LEU E 105 -87.37 53.49 11.69
C LEU E 105 -87.30 54.99 12.01
N PRO E 106 -86.12 55.64 12.13
CA PRO E 106 -86.09 57.09 12.35
C PRO E 106 -86.99 57.81 11.34
N LYS E 107 -86.78 57.55 10.05
CA LYS E 107 -87.53 58.26 8.99
C LYS E 107 -89.03 57.99 9.18
N ILE E 108 -89.38 56.73 9.40
CA ILE E 108 -90.82 56.33 9.49
C ILE E 108 -91.50 57.11 10.62
N ILE E 109 -90.95 57.03 11.84
CA ILE E 109 -91.66 57.64 13.02
C ILE E 109 -91.90 59.13 12.76
N GLU E 110 -90.93 59.82 12.18
CA GLU E 110 -91.10 61.29 12.02
C GLU E 110 -92.35 61.53 11.16
N GLN E 111 -92.51 60.77 10.08
CA GLN E 111 -93.65 61.02 9.16
C GLN E 111 -94.99 60.65 9.83
N LEU E 112 -95.05 59.60 10.66
CA LEU E 112 -96.35 59.35 11.33
C LEU E 112 -96.70 60.58 12.17
N ARG E 113 -95.71 61.15 12.85
CA ARG E 113 -95.93 62.39 13.64
C ARG E 113 -96.38 63.47 12.66
N GLU E 114 -95.77 63.52 11.47
CA GLU E 114 -96.19 64.48 10.42
C GLU E 114 -97.67 64.22 10.07
N ASN E 115 -98.00 62.99 9.63
CA ASN E 115 -99.40 62.69 9.25
C ASN E 115 -100.31 63.04 10.43
N GLY E 116 -99.74 63.17 11.62
CA GLY E 116 -100.52 63.49 12.84
C GLY E 116 -100.78 62.25 13.67
N LYS E 117 -100.43 61.07 13.16
CA LYS E 117 -100.55 59.85 13.99
C LYS E 117 -99.57 59.98 15.16
N GLN E 118 -99.98 59.56 16.36
CA GLN E 118 -99.10 59.73 17.55
C GLN E 118 -98.39 58.40 17.84
N ILE E 119 -97.07 58.35 17.70
CA ILE E 119 -96.35 57.10 18.07
C ILE E 119 -95.45 57.39 19.26
N ASP E 120 -95.70 56.73 20.40
CA ASP E 120 -94.86 56.92 21.61
C ASP E 120 -94.18 55.59 21.95
N VAL E 121 -94.64 54.48 21.39
CA VAL E 121 -94.06 53.15 21.73
C VAL E 121 -93.93 52.28 20.47
N VAL E 122 -92.79 51.61 20.32
CA VAL E 122 -92.56 50.68 19.18
C VAL E 122 -92.60 49.27 19.79
N VAL E 123 -93.48 48.40 19.28
CA VAL E 123 -93.67 47.07 19.93
C VAL E 123 -93.29 45.95 18.96
N ILE E 124 -92.49 44.98 19.42
CA ILE E 124 -92.21 43.77 18.60
C ILE E 124 -93.10 42.69 19.19
N GLU E 125 -94.05 42.15 18.43
CA GLU E 125 -95.05 41.21 19.00
C GLU E 125 -94.45 39.95 19.62
N THR E 126 -93.44 39.33 19.01
CA THR E 126 -92.96 38.03 19.54
C THR E 126 -91.44 37.85 19.50
N ILE E 127 -90.82 37.61 20.65
CA ILE E 127 -89.34 37.37 20.70
C ILE E 127 -89.04 36.01 20.07
N GLN E 128 -89.96 35.05 20.22
CA GLN E 128 -89.68 33.68 19.70
C GLN E 128 -89.62 33.74 18.17
N LYS E 129 -90.46 34.56 17.53
CA LYS E 129 -90.39 34.73 16.06
C LYS E 129 -89.05 35.39 15.67
N LEU E 130 -88.56 36.33 16.48
CA LEU E 130 -87.22 36.92 16.18
C LEU E 130 -86.18 35.79 16.19
N ARG E 131 -86.29 34.86 17.14
CA ARG E 131 -85.37 33.70 17.15
C ARG E 131 -85.54 32.93 15.86
N ASP E 132 -86.78 32.68 15.44
CA ASP E 132 -87.02 31.85 14.23
C ASP E 132 -86.46 32.54 12.98
N ILE E 133 -86.69 33.85 12.83
CA ILE E 133 -86.28 34.55 11.58
C ILE E 133 -84.74 34.66 11.55
N THR E 134 -84.13 35.10 12.65
CA THR E 134 -82.64 35.26 12.68
C THR E 134 -82.03 33.90 12.37
N MET E 135 -82.65 32.82 12.85
CA MET E 135 -82.08 31.48 12.64
C MET E 135 -82.08 31.16 11.15
N ASP E 136 -83.16 31.52 10.45
CA ASP E 136 -83.25 31.25 8.99
C ASP E 136 -82.16 32.04 8.28
N ASP E 137 -81.94 33.29 8.70
CA ASP E 137 -80.92 34.15 8.03
C ASP E 137 -79.53 33.52 8.20
N ILE E 138 -79.25 32.98 9.39
CA ILE E 138 -77.90 32.41 9.65
C ILE E 138 -77.85 30.97 9.11
N MET E 139 -79.01 30.36 8.87
CA MET E 139 -79.00 29.01 8.26
C MET E 139 -79.21 29.14 6.75
N THR E 147 -75.81 24.90 15.32
CA THR E 147 -74.76 24.60 16.28
C THR E 147 -74.68 25.73 17.29
N PHE E 148 -73.86 25.53 18.33
CA PHE E 148 -73.69 26.58 19.37
C PHE E 148 -73.12 27.82 18.68
N ASN E 149 -72.33 27.63 17.63
CA ASN E 149 -71.82 28.80 16.86
C ASN E 149 -73.02 29.52 16.27
N ASP E 150 -73.99 28.77 15.74
CA ASP E 150 -75.21 29.38 15.17
C ASP E 150 -75.98 30.09 16.28
N TRP E 151 -76.10 29.44 17.44
CA TRP E 151 -76.86 30.03 18.58
C TRP E 151 -76.19 31.33 19.03
N GLY E 152 -74.85 31.32 19.12
CA GLY E 152 -74.12 32.53 19.55
C GLY E 152 -74.33 33.66 18.57
N GLU E 153 -74.34 33.35 17.28
CA GLU E 153 -74.58 34.37 16.23
C GLU E 153 -76.01 34.90 16.41
N CYS E 154 -76.96 34.00 16.71
CA CYS E 154 -78.37 34.42 16.91
C CYS E 154 -78.43 35.39 18.09
N ALA E 155 -77.70 35.07 19.17
CA ALA E 155 -77.65 35.97 20.34
C ALA E 155 -77.03 37.30 19.91
N THR E 156 -75.98 37.23 19.08
CA THR E 156 -75.27 38.47 18.65
C THR E 156 -76.25 39.36 17.88
N ARG E 157 -77.08 38.75 17.01
CA ARG E 157 -78.05 39.55 16.25
C ARG E 157 -79.01 40.22 17.23
N ILE E 158 -79.51 39.46 18.22
CA ILE E 158 -80.51 40.02 19.17
C ILE E 158 -79.88 41.17 19.96
N VAL E 159 -78.66 40.99 20.46
CA VAL E 159 -78.03 42.05 21.31
C VAL E 159 -77.81 43.29 20.44
N SER E 160 -77.40 43.09 19.19
CA SER E 160 -77.11 44.24 18.30
C SER E 160 -78.37 45.06 18.08
N ILE E 161 -79.51 44.38 17.89
CA ILE E 161 -80.79 45.09 17.62
C ILE E 161 -81.06 46.05 18.78
N TYR E 162 -81.03 45.53 20.01
CA TYR E 162 -81.39 46.39 21.19
C TYR E 162 -80.48 47.61 21.23
N ARG E 163 -79.18 47.41 21.00
CA ARG E 163 -78.23 48.56 21.08
C ARG E 163 -78.64 49.61 20.03
N TYR E 164 -78.93 49.15 18.81
CA TYR E 164 -79.34 50.08 17.73
C TYR E 164 -80.61 50.81 18.17
N ILE E 165 -81.63 50.06 18.58
CA ILE E 165 -82.92 50.69 18.94
C ILE E 165 -82.69 51.71 20.06
N SER E 166 -81.88 51.35 21.06
CA SER E 166 -81.68 52.24 22.23
C SER E 166 -81.15 53.62 21.83
N LYS E 167 -80.14 53.68 20.95
CA LYS E 167 -79.56 55.02 20.63
C LYS E 167 -80.65 55.86 19.98
N LEU E 168 -81.49 55.25 19.15
CA LEU E 168 -82.62 55.99 18.55
C LEU E 168 -83.63 56.29 19.67
N GLN E 169 -83.76 55.38 20.63
CA GLN E 169 -84.76 55.52 21.71
C GLN E 169 -84.53 56.86 22.43
N GLU E 170 -83.27 57.16 22.76
CA GLU E 170 -82.95 58.43 23.46
C GLU E 170 -83.23 59.59 22.49
N HIS E 171 -82.85 59.43 21.22
CA HIS E 171 -83.05 60.48 20.19
C HIS E 171 -84.52 60.79 19.94
N TYR E 172 -85.36 59.78 19.73
CA TYR E 172 -86.74 60.04 19.27
C TYR E 172 -87.79 59.88 20.38
N GLN E 173 -87.37 59.74 21.63
CA GLN E 173 -88.37 59.72 22.72
C GLN E 173 -89.45 58.66 22.45
N PHE E 174 -89.04 57.43 22.13
CA PHE E 174 -90.05 56.36 21.93
C PHE E 174 -89.82 55.27 22.98
N HIS E 175 -90.88 54.89 23.71
CA HIS E 175 -90.72 53.74 24.64
C HIS E 175 -90.60 52.48 23.81
N LEU E 176 -89.76 51.54 24.23
CA LEU E 176 -89.69 50.25 23.50
C LEU E 176 -90.42 49.19 24.33
N ALA E 177 -91.12 48.26 23.67
CA ALA E 177 -91.79 47.16 24.38
C ALA E 177 -91.67 45.86 23.58
N ILE E 178 -91.23 44.78 24.22
CA ILE E 178 -91.18 43.46 23.52
C ILE E 178 -92.04 42.48 24.32
N SER E 179 -92.74 41.58 23.64
CA SER E 179 -93.65 40.63 24.34
C SER E 179 -93.36 39.19 23.87
N GLY E 180 -93.53 38.21 24.76
CA GLY E 180 -93.25 36.79 24.43
C GLY E 180 -94.25 35.86 25.09
N HIS E 181 -94.05 34.54 24.95
CA HIS E 181 -95.06 33.57 25.48
C HIS E 181 -94.47 32.74 26.63
N GLU E 182 -95.23 32.63 27.73
CA GLU E 182 -94.78 31.84 28.91
C GLU E 182 -94.55 30.38 28.53
N GLY E 183 -93.40 29.81 28.90
CA GLY E 183 -93.12 28.39 28.65
C GLY E 183 -91.88 27.91 29.41
N THR E 200 -91.25 31.77 33.52
CA THR E 200 -90.40 32.81 32.87
C THR E 200 -90.73 32.86 31.38
N ILE E 201 -90.28 33.92 30.69
CA ILE E 201 -90.50 34.00 29.21
C ILE E 201 -89.78 32.81 28.57
N GLU E 202 -90.41 32.15 27.60
CA GLU E 202 -89.80 30.94 27.00
C GLU E 202 -88.75 31.34 25.96
N ALA E 203 -87.55 30.76 26.04
CA ALA E 203 -86.46 31.04 25.07
C ALA E 203 -85.19 30.32 25.54
N GLN E 204 -84.05 30.57 24.89
CA GLN E 204 -82.77 29.98 25.39
C GLN E 204 -82.10 31.04 26.27
N ASP E 205 -81.49 30.62 27.39
CA ASP E 205 -80.93 31.59 28.37
C ASP E 205 -80.12 32.71 27.72
N GLN E 206 -79.25 32.42 26.75
CA GLN E 206 -78.35 33.48 26.24
C GLN E 206 -79.23 34.67 25.86
N ILE E 207 -80.39 34.39 25.26
CA ILE E 207 -81.34 35.46 24.88
C ILE E 207 -81.98 35.99 26.16
N LYS E 208 -82.56 35.10 26.96
CA LYS E 208 -83.24 35.54 28.20
C LYS E 208 -82.30 36.47 28.99
N LYS E 209 -81.06 36.03 29.21
CA LYS E 209 -80.10 36.85 30.01
C LYS E 209 -80.08 38.26 29.43
N ALA E 210 -79.82 38.38 28.12
CA ALA E 210 -79.71 39.70 27.50
C ALA E 210 -80.99 40.50 27.66
N VAL E 211 -82.12 39.87 27.38
CA VAL E 211 -83.43 40.59 27.46
C VAL E 211 -83.64 41.08 28.90
N ILE E 212 -83.55 40.18 29.88
CA ILE E 212 -83.86 40.57 31.27
C ILE E 212 -82.88 41.69 31.68
N SER E 213 -81.58 41.52 31.42
CA SER E 213 -80.61 42.55 31.89
C SER E 213 -80.99 43.92 31.33
N GLN E 214 -81.13 44.03 30.01
CA GLN E 214 -81.43 45.34 29.36
C GLN E 214 -82.81 45.87 29.76
N SER E 215 -83.82 45.02 29.87
CA SER E 215 -85.21 45.52 30.11
C SER E 215 -85.31 46.26 31.45
N ASP E 216 -85.88 47.47 31.43
CA ASP E 216 -86.10 48.21 32.69
C ASP E 216 -87.18 47.49 33.51
N VAL E 217 -88.37 47.32 32.93
CA VAL E 217 -89.50 46.70 33.68
C VAL E 217 -89.85 45.35 33.06
N LEU E 218 -89.80 44.27 33.85
CA LEU E 218 -90.25 42.95 33.33
C LEU E 218 -91.49 42.57 34.13
N ALA E 219 -92.59 42.24 33.47
CA ALA E 219 -93.85 41.97 34.19
C ALA E 219 -94.54 40.73 33.60
N ARG E 220 -95.34 40.04 34.41
CA ARG E 220 -96.10 38.85 33.96
C ARG E 220 -97.58 39.20 34.06
N MET E 221 -98.34 38.98 32.98
CA MET E 221 -99.76 39.42 32.96
C MET E 221 -100.67 38.19 33.08
N THR E 222 -101.53 38.17 34.11
CA THR E 222 -102.41 36.99 34.34
C THR E 222 -103.84 37.45 34.68
N ILE E 223 -104.83 36.61 34.39
CA ILE E 223 -106.26 36.95 34.67
C ILE E 223 -106.67 36.30 36.00
N GLU E 224 -107.19 37.10 36.94
CA GLU E 224 -107.56 36.56 38.28
C GLU E 224 -109.05 36.84 38.53
N THR E 233 -116.63 40.67 37.92
CA THR E 233 -116.37 39.33 37.35
C THR E 233 -114.86 39.06 37.37
N TYR E 234 -114.33 38.46 36.29
CA TYR E 234 -112.88 38.18 36.20
C TYR E 234 -112.12 39.50 36.20
N GLN E 235 -110.99 39.56 36.93
CA GLN E 235 -110.19 40.80 37.00
C GLN E 235 -108.84 40.56 36.33
N TYR E 236 -108.44 41.45 35.41
CA TYR E 236 -107.18 41.24 34.66
C TYR E 236 -106.13 42.18 35.27
N VAL E 237 -105.06 41.62 35.81
CA VAL E 237 -104.06 42.48 36.54
C VAL E 237 -102.64 42.10 36.11
N LEU E 238 -101.74 43.09 36.09
CA LEU E 238 -100.32 42.80 35.78
C LEU E 238 -99.57 42.77 37.11
N ASN E 239 -98.98 41.63 37.48
CA ASN E 239 -98.33 41.52 38.81
C ASN E 239 -96.81 41.52 38.66
N ALA E 240 -96.15 42.59 39.12
CA ALA E 240 -94.67 42.65 39.07
C ALA E 240 -94.11 42.47 40.48
N GLU E 241 -94.96 42.10 41.44
CA GLU E 241 -94.50 41.88 42.85
C GLU E 241 -93.45 40.76 42.86
N PRO E 242 -92.36 40.85 43.64
CA PRO E 242 -91.31 39.85 43.63
C PRO E 242 -91.89 38.48 44.02
N SER E 243 -91.33 37.41 43.48
CA SER E 243 -91.86 36.04 43.77
C SER E 243 -90.90 34.97 43.29
N ASN E 244 -90.68 33.92 44.09
CA ASN E 244 -89.83 32.78 43.64
C ASN E 244 -90.45 32.08 42.43
N LEU E 245 -91.77 31.91 42.42
CA LEU E 245 -92.44 31.13 41.33
C LEU E 245 -92.27 31.79 39.96
N PHE E 246 -92.39 33.13 39.89
CA PHE E 246 -92.32 33.84 38.59
C PHE E 246 -91.34 35.02 38.78
N GLU E 247 -90.64 35.45 37.74
CA GLU E 247 -89.65 36.53 38.03
C GLU E 247 -90.12 37.86 37.43
N THR E 248 -90.18 38.88 38.27
CA THR E 248 -90.62 40.23 37.84
C THR E 248 -89.68 41.26 38.45
N LYS E 249 -89.49 42.41 37.79
CA LYS E 249 -88.67 43.49 38.41
C LYS E 249 -89.12 44.85 37.87
N ILE E 250 -89.44 45.79 38.76
CA ILE E 250 -89.78 47.16 38.27
C ILE E 250 -88.68 48.09 38.80
N ARG E 251 -88.15 48.98 37.96
CA ARG E 251 -87.04 49.85 38.42
C ARG E 251 -87.58 51.22 38.81
N HIS E 252 -87.38 51.61 40.07
CA HIS E 252 -87.82 52.96 40.54
C HIS E 252 -86.72 53.51 41.46
N SER E 253 -86.61 54.84 41.54
CA SER E 253 -85.54 55.47 42.35
C SER E 253 -85.85 55.28 43.85
N SER E 254 -84.83 55.36 44.71
CA SER E 254 -85.03 55.10 46.15
C SER E 254 -86.22 55.89 46.70
N ASN E 255 -86.30 57.18 46.40
CA ASN E 255 -87.39 58.02 46.97
C ASN E 255 -88.75 57.49 46.51
N ILE E 256 -88.87 57.10 45.24
CA ILE E 256 -90.16 56.59 44.70
C ILE E 256 -90.48 55.26 45.37
N LYS E 257 -91.73 55.07 45.83
CA LYS E 257 -92.14 53.79 46.45
C LYS E 257 -93.38 53.28 45.73
N ILE E 258 -93.40 52.00 45.34
CA ILE E 258 -94.63 51.44 44.72
C ILE E 258 -95.45 50.77 45.81
N ASN E 259 -96.51 51.44 46.28
CA ASN E 259 -97.39 50.85 47.32
C ASN E 259 -98.08 49.61 46.75
N ASN E 260 -98.46 49.64 45.47
CA ASN E 260 -99.16 48.49 44.85
C ASN E 260 -98.46 48.10 43.55
N LYS E 261 -97.88 46.89 43.50
CA LYS E 261 -97.15 46.42 42.29
C LYS E 261 -98.08 45.65 41.35
N ARG E 262 -99.35 45.50 41.69
CA ARG E 262 -100.31 44.84 40.77
C ARG E 262 -101.22 45.90 40.17
N PHE E 263 -101.29 45.97 38.83
CA PHE E 263 -102.12 47.01 38.17
C PHE E 263 -103.27 46.32 37.43
N ILE E 264 -104.51 46.69 37.74
CA ILE E 264 -105.70 46.11 37.05
C ILE E 264 -106.02 47.00 35.84
N ASN E 265 -106.49 46.41 34.73
CA ASN E 265 -106.70 47.22 33.50
C ASN E 265 -105.47 48.11 33.26
N PRO E 266 -104.25 47.54 33.14
CA PRO E 266 -103.04 48.34 32.99
C PRO E 266 -102.80 48.98 31.61
N SER E 267 -102.06 50.09 31.58
CA SER E 267 -101.68 50.74 30.29
C SER E 267 -100.23 51.20 30.43
N ILE E 268 -99.55 51.50 29.32
CA ILE E 268 -98.09 51.83 29.46
C ILE E 268 -98.00 53.14 30.27
N ASN E 269 -98.89 54.10 30.01
CA ASN E 269 -98.89 55.38 30.76
C ASN E 269 -98.91 55.10 32.26
N ASP E 270 -99.90 54.36 32.76
CA ASP E 270 -100.03 54.12 34.19
C ASP E 270 -98.72 53.62 34.79
N VAL E 271 -98.08 52.66 34.12
CA VAL E 271 -96.78 52.13 34.61
C VAL E 271 -95.77 53.28 34.63
N VAL E 272 -95.68 54.03 33.54
CA VAL E 272 -94.71 55.17 33.46
C VAL E 272 -94.94 56.11 34.64
N GLN E 273 -96.20 56.49 34.89
CA GLN E 273 -96.51 57.43 35.97
C GLN E 273 -96.14 56.82 37.33
N ALA E 274 -96.40 55.53 37.52
CA ALA E 274 -96.04 54.88 38.77
C ALA E 274 -94.53 54.88 38.97
N ILE E 275 -93.76 54.73 37.89
CA ILE E 275 -92.28 54.62 38.04
C ILE E 275 -91.61 55.99 38.08
N ARG E 276 -92.29 57.05 37.60
CA ARG E 276 -91.75 58.40 37.74
C ARG E 276 -92.27 59.10 38.99
N ASN E 277 -93.58 59.11 39.19
CA ASN E 277 -94.20 59.75 40.33
C ASN E 277 -94.63 58.73 41.37
N GLY E 278 -94.99 59.22 42.55
CA GLY E 278 -95.40 58.35 43.65
C GLY E 278 -96.60 57.49 43.33
N ASN E 279 -96.49 56.20 43.66
CA ASN E 279 -97.59 55.23 43.36
C ASN E 279 -98.90 55.74 44.00
N MET F 1 -53.24 80.62 -16.27
CA MET F 1 -54.63 80.15 -16.24
C MET F 1 -55.15 79.90 -17.64
N ILE F 2 -55.74 78.72 -17.86
CA ILE F 2 -56.33 78.38 -19.19
C ILE F 2 -57.39 77.29 -18.98
N ARG F 3 -58.56 77.43 -19.61
CA ARG F 3 -59.60 76.38 -19.50
C ARG F 3 -60.31 76.17 -20.85
N ASN F 4 -60.82 74.97 -21.10
CA ASN F 4 -61.62 74.71 -22.33
C ASN F 4 -62.99 75.37 -22.17
N ARG F 5 -63.60 75.81 -23.26
CA ARG F 5 -64.91 76.52 -23.19
C ARG F 5 -65.99 75.59 -23.75
N LEU F 6 -65.72 74.29 -23.82
CA LEU F 6 -66.68 73.36 -24.47
C LEU F 6 -68.03 73.39 -23.75
N SER F 7 -68.04 73.42 -22.42
CA SER F 7 -69.33 73.32 -21.68
C SER F 7 -70.23 74.50 -22.05
N GLU F 8 -69.65 75.71 -22.16
CA GLU F 8 -70.46 76.91 -22.47
C GLU F 8 -70.93 76.85 -23.92
N LEU F 9 -70.02 76.53 -24.84
CA LEU F 9 -70.38 76.54 -26.29
C LEU F 9 -71.54 75.56 -26.54
N LEU F 10 -71.42 74.33 -26.02
CA LEU F 10 -72.47 73.31 -26.25
C LEU F 10 -73.80 73.81 -25.68
N SER F 11 -73.77 74.48 -24.53
CA SER F 11 -75.03 74.94 -23.89
C SER F 11 -75.73 75.97 -24.79
N GLU F 12 -74.98 76.92 -25.34
CA GLU F 12 -75.59 77.99 -26.19
C GLU F 12 -76.21 77.34 -27.43
N ARG F 13 -75.51 76.36 -28.02
CA ARG F 13 -76.03 75.62 -29.20
C ARG F 13 -77.07 74.61 -28.75
N GLY F 14 -76.97 74.13 -27.51
CA GLY F 14 -77.96 73.17 -26.96
C GLY F 14 -77.66 71.73 -27.32
N LEU F 15 -76.56 71.45 -28.02
CA LEU F 15 -76.19 70.04 -28.31
C LEU F 15 -75.79 69.33 -27.01
N LYS F 16 -76.27 68.09 -26.82
CA LYS F 16 -75.95 67.30 -25.61
C LYS F 16 -74.61 66.58 -25.78
N ILE F 17 -73.97 66.21 -24.66
CA ILE F 17 -72.69 65.44 -24.72
C ILE F 17 -72.96 64.11 -25.41
N SER F 18 -74.11 63.50 -25.16
CA SER F 18 -74.40 62.14 -25.71
C SER F 18 -74.36 62.17 -27.24
N ARG F 19 -74.93 63.21 -27.85
CA ARG F 19 -74.97 63.30 -29.33
C ARG F 19 -73.59 63.66 -29.87
N VAL F 20 -73.05 64.80 -29.42
CA VAL F 20 -71.73 65.27 -29.90
C VAL F 20 -70.77 64.08 -29.88
N ALA F 21 -70.81 63.28 -28.82
CA ALA F 21 -69.87 62.15 -28.69
C ALA F 21 -70.12 61.16 -29.83
N LYS F 22 -71.38 60.91 -30.15
CA LYS F 22 -71.72 59.93 -31.22
C LYS F 22 -71.18 60.42 -32.56
N ASP F 23 -71.30 61.72 -32.84
CA ASP F 23 -70.88 62.25 -34.16
C ASP F 23 -69.36 62.35 -34.24
N VAL F 24 -68.73 63.07 -33.32
CA VAL F 24 -67.25 63.30 -33.43
C VAL F 24 -66.51 62.01 -33.13
N LYS F 25 -67.23 60.93 -32.84
CA LYS F 25 -66.59 59.61 -32.59
C LYS F 25 -65.61 59.71 -31.42
N ILE F 26 -65.96 60.51 -30.40
CA ILE F 26 -65.09 60.58 -29.18
C ILE F 26 -65.89 59.93 -28.03
N ALA F 27 -65.24 59.09 -27.23
CA ALA F 27 -65.98 58.34 -26.19
C ALA F 27 -66.62 59.31 -25.20
N ARG F 28 -67.88 59.06 -24.82
CA ARG F 28 -68.63 59.97 -23.92
C ARG F 28 -67.83 60.29 -22.66
N SER F 29 -67.20 59.30 -22.05
CA SER F 29 -66.53 59.56 -20.75
C SER F 29 -65.44 60.63 -20.93
N SER F 30 -64.63 60.51 -21.99
CA SER F 30 -63.55 61.49 -22.21
C SER F 30 -64.15 62.87 -22.47
N LEU F 31 -65.19 62.94 -23.30
CA LEU F 31 -65.78 64.26 -23.67
C LEU F 31 -66.37 64.91 -22.42
N THR F 32 -66.98 64.13 -21.54
CA THR F 32 -67.57 64.69 -20.29
C THR F 32 -66.47 65.23 -19.39
N SER F 33 -65.40 64.44 -19.22
CA SER F 33 -64.26 64.91 -18.39
C SER F 33 -63.71 66.20 -18.99
N MET F 34 -63.52 66.23 -20.30
CA MET F 34 -62.99 67.44 -20.98
C MET F 34 -64.03 68.57 -20.94
N ALA F 35 -65.32 68.23 -20.87
CA ALA F 35 -66.33 69.31 -20.72
C ALA F 35 -66.01 70.02 -19.41
N GLN F 36 -65.69 69.27 -18.36
CA GLN F 36 -65.21 69.89 -17.10
C GLN F 36 -63.73 70.18 -17.33
N ASN F 37 -63.06 70.92 -16.45
CA ASN F 37 -61.64 71.21 -16.76
C ASN F 37 -60.78 70.16 -16.04
N ASP F 38 -61.39 69.04 -15.65
CA ASP F 38 -60.67 68.00 -14.87
C ASP F 38 -59.47 67.42 -15.64
N SER F 39 -59.61 67.13 -16.93
CA SER F 39 -58.51 66.48 -17.68
C SER F 39 -57.24 67.35 -17.64
N GLU F 40 -56.06 66.73 -17.75
CA GLU F 40 -54.79 67.51 -17.74
C GLU F 40 -54.28 67.71 -19.17
N MET F 41 -54.49 66.73 -20.05
CA MET F 41 -53.98 66.81 -21.45
C MET F 41 -55.12 66.66 -22.46
N ILE F 42 -55.00 67.31 -23.62
CA ILE F 42 -56.03 67.19 -24.70
C ILE F 42 -55.36 66.76 -26.00
N ARG F 43 -55.93 65.78 -26.70
CA ARG F 43 -55.27 65.26 -27.94
C ARG F 43 -55.56 66.19 -29.12
N TYR F 44 -54.55 66.48 -29.94
CA TYR F 44 -54.74 67.41 -31.07
C TYR F 44 -55.98 66.99 -31.86
N ASP F 45 -56.20 65.69 -32.01
CA ASP F 45 -57.35 65.23 -32.84
C ASP F 45 -58.65 65.80 -32.27
N ALA F 46 -58.80 65.80 -30.95
CA ALA F 46 -60.03 66.30 -30.31
C ALA F 46 -60.22 67.79 -30.63
N ILE F 47 -59.14 68.58 -30.62
CA ILE F 47 -59.28 70.04 -30.85
C ILE F 47 -59.83 70.26 -32.26
N ASP F 48 -59.40 69.48 -33.25
CA ASP F 48 -59.83 69.75 -34.65
C ASP F 48 -61.24 69.20 -34.89
N LYS F 49 -61.52 67.97 -34.46
CA LYS F 49 -62.85 67.37 -34.72
C LYS F 49 -63.92 68.31 -34.18
N LEU F 50 -63.79 68.72 -32.92
CA LEU F 50 -64.82 69.60 -32.28
C LEU F 50 -64.86 70.95 -33.01
N CYS F 51 -63.69 71.52 -33.33
CA CYS F 51 -63.66 72.87 -33.95
C CYS F 51 -64.33 72.83 -35.33
N SER F 52 -64.12 71.76 -36.10
CA SER F 52 -64.82 71.62 -37.38
C SER F 52 -66.30 71.38 -37.19
N TYR F 53 -66.65 70.68 -36.11
CA TYR F 53 -68.08 70.30 -35.89
C TYR F 53 -68.91 71.52 -35.46
N LEU F 54 -68.34 72.41 -34.65
CA LEU F 54 -69.11 73.57 -34.15
C LEU F 54 -68.72 74.85 -34.89
N HIS F 55 -67.98 74.71 -35.98
CA HIS F 55 -67.61 75.90 -36.81
C HIS F 55 -67.02 76.94 -35.87
N ILE F 56 -66.13 76.51 -34.96
CA ILE F 56 -65.48 77.45 -34.00
C ILE F 56 -63.97 77.44 -34.28
N SER F 57 -63.34 78.61 -34.30
CA SER F 57 -61.87 78.69 -34.47
C SER F 57 -61.19 78.19 -33.18
N PRO F 58 -59.91 77.78 -33.20
CA PRO F 58 -59.24 77.26 -32.02
C PRO F 58 -59.25 78.34 -30.93
N SER F 59 -59.20 79.60 -31.35
CA SER F 59 -59.18 80.74 -30.40
C SER F 59 -60.35 80.61 -29.42
N GLU F 60 -61.54 80.41 -29.98
CA GLU F 60 -62.79 80.37 -29.17
C GLU F 60 -62.71 79.23 -28.15
N PHE F 61 -62.17 78.07 -28.54
CA PHE F 61 -62.20 76.88 -27.65
C PHE F 61 -61.43 77.18 -26.35
N PHE F 62 -60.35 77.96 -26.39
CA PHE F 62 -59.57 78.12 -25.13
C PHE F 62 -59.65 79.55 -24.62
N GLU F 63 -59.81 79.72 -23.30
CA GLU F 63 -59.79 81.08 -22.71
C GLU F 63 -58.48 81.26 -21.96
N HIS F 64 -57.76 82.37 -22.19
CA HIS F 64 -56.44 82.52 -21.59
C HIS F 64 -56.36 83.84 -20.83
N ASN F 65 -55.51 83.86 -19.80
CA ASN F 65 -55.23 85.03 -19.01
C ASN F 65 -53.80 84.90 -18.54
N PRO F 66 -52.98 85.96 -18.69
CA PRO F 66 -51.55 85.83 -18.35
C PRO F 66 -51.28 85.63 -16.87
N ILE F 67 -52.26 85.86 -15.99
CA ILE F 67 -52.01 85.68 -14.56
C ILE F 67 -51.78 84.20 -14.26
N ASN F 68 -51.10 83.96 -13.13
CA ASN F 68 -50.75 82.60 -12.75
C ASN F 68 -50.59 82.54 -11.23
N PHE F 69 -51.29 81.62 -10.57
CA PHE F 69 -51.23 81.55 -9.08
C PHE F 69 -50.56 80.25 -8.64
N ASP F 70 -49.86 80.27 -7.50
CA ASP F 70 -49.23 79.04 -6.95
C ASP F 70 -49.57 78.92 -5.47
N PHE F 71 -49.83 77.70 -4.99
CA PHE F 71 -50.22 77.47 -3.58
C PHE F 71 -49.32 76.39 -2.98
N THR F 72 -48.72 76.67 -1.82
CA THR F 72 -47.88 75.65 -1.13
C THR F 72 -48.42 75.44 0.29
N PHE F 73 -48.52 74.19 0.75
CA PHE F 73 -49.09 73.90 2.09
C PHE F 73 -47.95 73.47 3.03
N ASP F 74 -48.01 73.91 4.30
CA ASP F 74 -46.90 73.60 5.24
C ASP F 74 -46.71 72.10 5.37
N GLU F 75 -45.46 71.64 5.33
CA GLU F 75 -45.16 70.20 5.53
C GLU F 75 -45.57 69.80 6.95
N GLU F 76 -45.30 70.67 7.93
CA GLU F 76 -45.61 70.36 9.34
C GLU F 76 -46.78 71.23 9.81
N PRO F 77 -48.01 70.70 9.93
CA PRO F 77 -49.15 71.46 10.44
C PRO F 77 -49.30 71.23 11.96
N ASN F 78 -50.10 72.06 12.65
CA ASN F 78 -50.36 71.80 14.09
C ASN F 78 -51.77 71.22 14.21
N TYR F 79 -51.90 69.98 14.65
CA TYR F 79 -53.25 69.35 14.66
C TYR F 79 -53.51 68.63 15.99
N LYS F 80 -54.70 68.80 16.56
CA LYS F 80 -55.05 68.01 17.77
C LYS F 80 -56.43 67.38 17.55
N ILE F 81 -56.52 66.05 17.59
CA ILE F 81 -57.81 65.35 17.32
C ILE F 81 -58.15 64.49 18.54
N ASN F 82 -59.37 64.61 19.07
CA ASN F 82 -59.78 63.85 20.28
C ASN F 82 -60.89 62.86 19.92
N ASP F 83 -60.68 61.57 20.18
CA ASP F 83 -61.72 60.54 19.87
C ASP F 83 -62.94 60.81 20.74
N VAL F 84 -64.15 60.71 20.17
CA VAL F 84 -65.39 61.05 20.93
C VAL F 84 -66.11 59.76 21.36
N PHE F 85 -65.78 58.62 20.76
CA PHE F 85 -66.49 57.35 21.09
C PHE F 85 -67.99 57.54 20.80
N GLU F 86 -68.86 57.29 21.79
CA GLU F 86 -70.32 57.55 21.63
C GLU F 86 -70.92 56.62 20.56
N GLY F 87 -70.36 55.42 20.37
CA GLY F 87 -70.98 54.41 19.48
C GLY F 87 -71.24 54.87 18.05
N PHE F 88 -70.33 55.60 17.43
CA PHE F 88 -70.48 55.96 16.00
C PHE F 88 -70.92 54.75 15.17
N GLU F 89 -70.50 53.54 15.55
CA GLU F 89 -70.75 52.34 14.70
C GLU F 89 -72.24 52.24 14.33
N VAL F 90 -73.15 52.56 15.26
CA VAL F 90 -74.60 52.43 14.99
C VAL F 90 -75.01 53.47 13.94
N THR F 91 -74.87 54.76 14.25
CA THR F 91 -75.32 55.83 13.31
C THR F 91 -74.10 56.48 12.68
N ALA F 92 -74.07 56.61 11.35
CA ALA F 92 -72.84 57.12 10.68
C ALA F 92 -72.80 58.65 10.74
N ASN F 93 -72.56 59.21 11.92
CA ASN F 93 -72.40 60.68 12.05
C ASN F 93 -70.94 60.92 12.46
N ILE F 94 -70.12 61.41 11.53
CA ILE F 94 -68.66 61.54 11.79
C ILE F 94 -68.43 62.19 13.16
N THR F 95 -69.21 63.22 13.50
CA THR F 95 -68.93 63.97 14.76
C THR F 95 -68.74 62.99 15.92
N HIS F 96 -69.55 61.92 15.97
CA HIS F 96 -69.47 60.94 17.07
C HIS F 96 -68.12 60.22 17.05
N ALA F 97 -67.62 59.92 15.86
CA ALA F 97 -66.34 59.17 15.74
C ALA F 97 -65.16 59.99 16.26
N PHE F 98 -65.06 61.26 15.90
CA PHE F 98 -63.86 62.06 16.32
C PHE F 98 -64.18 63.56 16.36
N SER F 99 -63.41 64.31 17.15
CA SER F 99 -63.60 65.79 17.21
C SER F 99 -62.24 66.48 17.05
N ILE F 100 -62.18 67.55 16.24
CA ILE F 100 -60.91 68.30 16.03
C ILE F 100 -60.82 69.40 17.09
N GLU F 101 -59.86 69.31 18.02
CA GLU F 101 -59.71 70.40 19.02
C GLU F 101 -59.17 71.65 18.33
N ASN F 102 -58.11 71.53 17.53
CA ASN F 102 -57.58 72.70 16.77
C ASN F 102 -56.63 72.26 15.65
N PHE F 103 -56.90 72.70 14.41
CA PHE F 103 -56.03 72.36 13.26
C PHE F 103 -55.69 73.67 12.54
N ASP F 104 -54.45 74.13 12.66
CA ASP F 104 -54.04 75.42 12.02
C ASP F 104 -52.74 75.24 11.24
N PHE F 105 -52.59 75.96 10.13
CA PHE F 105 -51.37 75.82 9.28
C PHE F 105 -51.29 77.03 8.34
N GLU F 106 -50.28 77.07 7.48
CA GLU F 106 -50.09 78.25 6.60
C GLU F 106 -50.10 77.83 5.13
N ILE F 107 -50.72 78.63 4.27
CA ILE F 107 -50.66 78.35 2.80
C ILE F 107 -49.94 79.52 2.15
N LEU F 108 -48.87 79.27 1.39
CA LEU F 108 -48.07 80.38 0.79
C LEU F 108 -48.51 80.57 -0.67
N VAL F 109 -48.99 81.76 -1.02
CA VAL F 109 -49.50 82.00 -2.41
C VAL F 109 -48.63 83.01 -3.13
N ASP F 110 -48.20 82.71 -4.36
CA ASP F 110 -47.37 83.65 -5.15
C ASP F 110 -48.13 84.11 -6.40
N VAL F 111 -48.54 85.38 -6.43
CA VAL F 111 -49.34 85.90 -7.59
C VAL F 111 -48.36 86.46 -8.61
N GLU F 112 -48.03 85.67 -9.64
CA GLU F 112 -47.02 86.11 -10.63
C GLU F 112 -47.72 87.01 -11.66
N LEU F 113 -47.22 88.23 -11.87
CA LEU F 113 -47.89 89.17 -12.80
C LEU F 113 -47.53 88.78 -14.24
N ASP F 114 -48.09 89.49 -15.22
CA ASP F 114 -47.71 89.23 -16.64
C ASP F 114 -46.21 89.54 -16.77
N ASN F 115 -45.78 90.64 -16.16
CA ASN F 115 -44.33 90.98 -16.14
C ASN F 115 -43.61 89.93 -15.27
N ARG F 116 -42.29 89.89 -15.32
CA ARG F 116 -41.52 88.89 -14.55
C ARG F 116 -41.76 89.10 -13.04
N GLN F 117 -42.09 90.33 -12.64
CA GLN F 117 -42.24 90.64 -11.18
C GLN F 117 -43.33 89.75 -10.57
N LYS F 118 -43.10 89.27 -9.35
CA LYS F 118 -44.10 88.42 -8.64
C LYS F 118 -44.37 89.03 -7.27
N LEU F 119 -45.57 88.78 -6.72
CA LEU F 119 -45.87 89.26 -5.34
C LEU F 119 -46.08 88.05 -4.45
N ASN F 120 -45.65 88.12 -3.19
CA ASN F 120 -45.81 86.99 -2.25
C ASN F 120 -46.83 87.33 -1.16
N PHE F 121 -47.86 86.50 -0.99
CA PHE F 121 -48.82 86.71 0.11
C PHE F 121 -48.85 85.43 0.96
N ASP F 122 -48.87 85.59 2.29
CA ASP F 122 -48.85 84.40 3.19
C ASP F 122 -50.17 84.31 3.94
N LEU F 123 -50.89 83.18 3.80
CA LEU F 123 -52.22 83.04 4.43
C LEU F 123 -52.12 82.06 5.60
N ASP F 124 -52.69 82.39 6.76
CA ASP F 124 -52.71 81.45 7.91
C ASP F 124 -54.16 80.96 8.03
N VAL F 125 -54.37 79.64 8.03
CA VAL F 125 -55.77 79.12 8.02
C VAL F 125 -55.99 78.25 9.27
N SER F 126 -57.14 78.43 9.94
CA SER F 126 -57.43 77.68 11.19
C SER F 126 -58.80 77.01 11.14
N TYR F 127 -59.03 75.99 11.96
CA TYR F 127 -60.34 75.29 12.02
C TYR F 127 -61.35 76.16 12.75
N LYS F 128 -62.61 76.15 12.31
CA LYS F 128 -63.66 76.98 12.96
C LYS F 128 -64.78 76.08 13.47
N GLU F 129 -65.37 75.25 12.61
CA GLU F 129 -66.48 74.41 13.03
C GLU F 129 -66.74 73.36 11.95
N THR F 130 -67.54 72.34 12.27
CA THR F 130 -67.90 71.32 11.26
C THR F 130 -69.39 71.45 10.89
N GLU F 131 -69.69 72.12 9.77
CA GLU F 131 -71.10 72.34 9.35
C GLU F 131 -71.70 71.03 8.83
N LYS F 132 -73.01 70.85 8.99
CA LYS F 132 -73.72 69.64 8.49
C LYS F 132 -74.48 70.01 7.21
N ILE F 133 -73.90 69.79 6.03
CA ILE F 133 -74.56 70.18 4.76
C ILE F 133 -75.85 69.36 4.61
N THR F 134 -75.80 68.06 4.91
CA THR F 134 -77.00 67.18 4.86
C THR F 134 -76.92 66.23 6.06
N ASN F 135 -78.00 65.48 6.33
CA ASN F 135 -77.98 64.62 7.55
C ASN F 135 -76.82 63.63 7.46
N SER F 136 -76.57 63.05 6.28
CA SER F 136 -75.51 62.01 6.17
C SER F 136 -74.13 62.59 5.84
N GLN F 137 -74.04 63.87 5.47
CA GLN F 137 -72.72 64.41 5.04
C GLN F 137 -72.40 65.74 5.73
N HIS F 138 -71.12 65.98 6.04
CA HIS F 138 -70.70 67.25 6.71
C HIS F 138 -69.54 67.87 5.91
N ARG F 139 -69.31 69.17 6.12
CA ARG F 139 -68.18 69.87 5.45
C ARG F 139 -67.39 70.64 6.51
N PHE F 140 -66.14 70.25 6.75
CA PHE F 140 -65.30 71.01 7.71
C PHE F 140 -65.13 72.42 7.16
N ILE F 141 -65.22 73.44 8.03
CA ILE F 141 -65.11 74.84 7.56
C ILE F 141 -63.85 75.46 8.16
N PHE F 142 -62.95 75.98 7.32
CA PHE F 142 -61.70 76.61 7.81
C PHE F 142 -61.69 78.08 7.42
N THR F 143 -61.29 78.95 8.37
CA THR F 143 -61.32 80.41 8.10
C THR F 143 -59.90 80.98 8.15
N ILE F 144 -59.56 81.87 7.21
CA ILE F 144 -58.21 82.52 7.19
C ILE F 144 -58.11 83.45 8.41
N LYS F 145 -57.03 83.32 9.18
CA LYS F 145 -56.88 84.12 10.42
C LYS F 145 -56.55 85.56 10.03
N ASN F 146 -55.46 85.77 9.30
CA ASN F 146 -55.08 87.13 8.85
C ASN F 146 -55.62 87.39 7.43
N GLU F 147 -56.54 88.36 7.31
CA GLU F 147 -57.06 88.72 5.96
C GLU F 147 -56.70 90.19 5.68
N ASP F 148 -56.59 91.02 6.73
CA ASP F 148 -56.33 92.48 6.52
C ASP F 148 -54.96 92.70 5.88
N GLU F 149 -53.93 91.96 6.31
CA GLU F 149 -52.58 92.06 5.71
C GLU F 149 -52.64 91.59 4.25
N ASN F 150 -53.52 90.65 3.93
CA ASN F 150 -53.53 90.08 2.55
C ASN F 150 -54.74 90.60 1.75
N ILE F 151 -55.15 91.86 1.97
CA ILE F 151 -56.29 92.44 1.19
C ILE F 151 -55.90 92.55 -0.29
N GLY F 152 -54.64 92.85 -0.59
CA GLY F 152 -54.21 93.05 -1.99
C GLY F 152 -54.43 91.80 -2.82
N LEU F 153 -54.31 90.62 -2.19
CA LEU F 153 -54.45 89.34 -2.92
C LEU F 153 -55.85 89.33 -3.54
N LYS F 154 -56.85 89.84 -2.82
CA LYS F 154 -58.25 89.83 -3.31
C LYS F 154 -58.35 90.64 -4.61
N LYS F 155 -57.63 91.77 -4.69
CA LYS F 155 -57.75 92.64 -5.89
C LYS F 155 -57.28 91.86 -7.12
N TYR F 156 -56.21 91.09 -7.00
CA TYR F 156 -55.76 90.24 -8.13
C TYR F 156 -56.79 89.15 -8.46
N VAL F 157 -57.41 88.54 -7.45
CA VAL F 157 -58.34 87.40 -7.70
C VAL F 157 -59.57 87.84 -8.51
N ASP F 158 -60.24 88.92 -8.10
CA ASP F 158 -61.52 89.30 -8.76
C ASP F 158 -61.26 89.87 -10.17
N SER F 159 -59.99 90.15 -10.51
CA SER F 159 -59.69 90.66 -11.84
C SER F 159 -59.87 89.61 -12.92
N LEU F 160 -59.87 88.34 -12.53
CA LEU F 160 -60.04 87.23 -13.52
C LEU F 160 -61.50 87.17 -14.00
N SER F 161 -61.73 86.50 -15.12
CA SER F 161 -63.11 86.32 -15.63
C SER F 161 -63.83 85.32 -14.73
N ALA F 162 -65.17 85.32 -14.76
CA ALA F 162 -65.91 84.45 -13.83
C ALA F 162 -65.53 82.98 -14.04
N GLY F 163 -65.39 82.56 -15.31
CA GLY F 163 -65.10 81.14 -15.57
C GLY F 163 -63.77 80.73 -14.97
N LEU F 164 -62.74 81.57 -15.14
CA LEU F 164 -61.41 81.27 -14.55
C LEU F 164 -61.52 81.28 -13.02
N LYS F 165 -62.26 82.24 -12.46
CA LYS F 165 -62.33 82.35 -10.98
C LYS F 165 -62.95 81.09 -10.39
N ASN F 166 -64.00 80.58 -11.02
CA ASN F 166 -64.66 79.35 -10.52
C ASN F 166 -63.65 78.21 -10.59
N LEU F 167 -62.85 78.14 -11.66
CA LEU F 167 -61.82 77.07 -11.78
C LEU F 167 -60.83 77.21 -10.62
N LEU F 168 -60.33 78.42 -10.37
CA LEU F 168 -59.28 78.59 -9.33
C LEU F 168 -59.84 78.14 -7.97
N PHE F 169 -61.09 78.51 -7.68
CA PHE F 169 -61.69 78.16 -6.36
C PHE F 169 -61.80 76.64 -6.24
N LYS F 170 -62.14 75.96 -7.33
CA LYS F 170 -62.19 74.47 -7.26
C LYS F 170 -60.78 73.95 -6.93
N LYS F 171 -59.75 74.51 -7.56
CA LYS F 171 -58.37 73.97 -7.34
C LYS F 171 -57.96 74.17 -5.88
N ILE F 172 -58.21 75.35 -5.31
CA ILE F 172 -57.75 75.62 -3.91
C ILE F 172 -58.50 74.67 -2.97
N ASN F 173 -59.79 74.45 -3.21
CA ASN F 173 -60.60 73.58 -2.32
C ASN F 173 -60.17 72.13 -2.47
N GLN F 174 -60.04 71.63 -3.70
CA GLN F 174 -59.70 70.19 -3.88
C GLN F 174 -58.43 69.88 -3.08
N LYS F 175 -57.41 70.73 -3.21
CA LYS F 175 -56.13 70.50 -2.49
C LYS F 175 -56.37 70.52 -0.97
N LEU F 176 -57.10 71.53 -0.48
CA LEU F 176 -57.34 71.65 0.98
C LEU F 176 -58.02 70.37 1.46
N SER F 177 -59.06 69.91 0.75
CA SER F 177 -59.83 68.73 1.21
C SER F 177 -58.91 67.52 1.28
N GLY F 178 -58.06 67.35 0.26
CA GLY F 178 -57.10 66.23 0.29
C GLY F 178 -56.13 66.36 1.45
N TYR F 179 -55.61 67.57 1.67
CA TYR F 179 -54.61 67.78 2.75
C TYR F 179 -55.24 67.41 4.10
N VAL F 180 -56.33 68.08 4.48
CA VAL F 180 -56.91 67.85 5.84
C VAL F 180 -57.37 66.39 5.96
N SER F 181 -58.03 65.85 4.94
CA SER F 181 -58.57 64.47 5.04
C SER F 181 -57.42 63.48 5.28
N GLU F 182 -56.31 63.65 4.55
CA GLU F 182 -55.19 62.68 4.66
C GLU F 182 -54.62 62.75 6.09
N ILE F 183 -54.50 63.94 6.65
CA ILE F 183 -53.94 64.08 8.02
C ILE F 183 -54.86 63.35 9.00
N ILE F 184 -56.17 63.58 8.94
CA ILE F 184 -57.10 62.98 9.94
C ILE F 184 -57.10 61.47 9.81
N VAL F 185 -57.20 60.93 8.59
CA VAL F 185 -57.32 59.45 8.43
C VAL F 185 -56.19 58.77 9.19
N LYS F 186 -54.98 59.34 9.20
CA LYS F 186 -53.84 58.65 9.86
C LYS F 186 -54.06 58.62 11.37
N ASN F 187 -54.44 59.75 11.99
CA ASN F 187 -54.55 59.82 13.46
C ASN F 187 -55.70 58.94 13.99
N ILE F 188 -56.82 58.84 13.28
CA ILE F 188 -58.00 58.10 13.82
C ILE F 188 -58.10 56.72 13.17
N ASP F 189 -58.25 55.66 14.00
CA ASP F 189 -58.40 54.27 13.47
C ASP F 189 -59.81 54.09 12.88
N ASP F 190 -59.98 53.14 11.94
CA ASP F 190 -61.29 52.98 11.27
C ASP F 190 -62.28 52.21 12.15
N ILE F 191 -63.58 52.49 11.99
CA ILE F 191 -64.62 51.73 12.74
C ILE F 191 -65.60 51.21 11.70
N GLU F 192 -65.88 49.90 11.67
CA GLU F 192 -66.79 49.31 10.64
C GLU F 192 -68.22 49.23 11.21
N GLU F 193 -69.23 49.54 10.40
CA GLU F 193 -70.65 49.54 10.89
C GLU F 193 -71.18 48.12 11.09
N LEU F 194 -72.09 47.93 12.04
CA LEU F 194 -72.70 46.60 12.30
C LEU F 194 -73.52 46.13 11.09
N PHE F 195 -74.36 47.00 10.53
CA PHE F 195 -75.27 46.59 9.42
C PHE F 195 -74.65 46.99 8.08
N LYS F 201 -71.62 48.53 0.32
CA LYS F 201 -72.44 48.06 1.47
C LYS F 201 -71.89 48.68 2.75
N SER F 202 -70.97 47.99 3.44
CA SER F 202 -70.40 48.50 4.71
C SER F 202 -69.64 49.80 4.45
N THR F 203 -69.78 50.79 5.34
CA THR F 203 -69.07 52.08 5.18
C THR F 203 -68.11 52.27 6.35
N THR F 204 -66.82 52.01 6.14
CA THR F 204 -65.83 52.15 7.23
C THR F 204 -65.59 53.63 7.52
N LEU F 205 -65.06 53.96 8.70
CA LEU F 205 -64.87 55.39 9.06
C LEU F 205 -63.92 56.07 8.08
N HIS F 206 -62.83 55.39 7.70
CA HIS F 206 -61.83 56.03 6.81
C HIS F 206 -62.51 56.44 5.49
N LYS F 207 -63.35 55.56 4.94
CA LYS F 207 -64.00 55.88 3.64
C LYS F 207 -64.85 57.13 3.81
N GLU F 208 -65.57 57.24 4.92
CA GLU F 208 -66.43 58.42 5.17
C GLU F 208 -65.55 59.66 5.28
N ILE F 209 -64.40 59.56 5.97
CA ILE F 209 -63.51 60.75 6.18
C ILE F 209 -63.02 61.24 4.82
N LEU F 210 -62.61 60.31 3.95
CA LEU F 210 -62.08 60.69 2.61
C LEU F 210 -63.19 61.37 1.81
N GLN F 211 -64.41 60.84 1.90
CA GLN F 211 -65.56 61.42 1.16
C GLN F 211 -65.79 62.84 1.67
N THR F 212 -65.66 63.06 2.98
CA THR F 212 -65.92 64.40 3.56
C THR F 212 -65.09 65.47 2.84
N ASP F 213 -65.69 66.63 2.58
CA ASP F 213 -64.98 67.73 1.87
C ASP F 213 -64.86 68.97 2.77
N SER F 214 -63.73 69.68 2.69
CA SER F 214 -63.54 70.92 3.49
C SER F 214 -63.45 72.12 2.55
N ARG F 215 -64.25 73.15 2.81
CA ARG F 215 -64.26 74.33 1.91
C ARG F 215 -63.83 75.57 2.69
N LEU F 216 -62.83 76.30 2.21
CA LEU F 216 -62.31 77.49 2.91
C LEU F 216 -63.36 78.60 2.90
N SER F 217 -63.60 79.25 4.03
CA SER F 217 -64.58 80.36 4.13
C SER F 217 -63.80 81.64 4.42
N SER F 218 -63.69 82.55 3.45
CA SER F 218 -62.86 83.77 3.65
C SER F 218 -63.35 84.92 2.76
N ASP F 219 -63.04 86.15 3.14
CA ASP F 219 -63.44 87.35 2.34
C ASP F 219 -62.72 87.33 0.99
N ILE F 220 -61.45 86.96 0.96
CA ILE F 220 -60.65 86.98 -0.30
C ILE F 220 -61.44 86.23 -1.39
N PHE F 221 -61.86 85.00 -1.10
CA PHE F 221 -62.59 84.19 -2.10
C PHE F 221 -64.09 84.34 -1.85
N LYS F 222 -64.85 84.88 -2.80
CA LYS F 222 -66.28 85.18 -2.53
C LYS F 222 -67.22 84.23 -3.28
N GLU F 223 -66.67 83.25 -4.01
CA GLU F 223 -67.53 82.36 -4.82
C GLU F 223 -66.98 80.93 -4.81
N MET G 1 -57.03 69.05 -39.85
CA MET G 1 -55.61 69.40 -39.83
C MET G 1 -55.31 70.47 -38.79
N ILE G 2 -54.31 70.23 -37.95
CA ILE G 2 -53.90 71.23 -36.92
C ILE G 2 -52.44 70.96 -36.54
N ARG G 3 -51.62 72.01 -36.43
CA ARG G 3 -50.21 71.83 -36.00
C ARG G 3 -49.78 72.96 -35.08
N ASN G 4 -48.82 72.71 -34.18
CA ASN G 4 -48.26 73.78 -33.32
C ASN G 4 -47.35 74.65 -34.17
N ARG G 5 -47.24 75.96 -33.84
CA ARG G 5 -46.43 76.89 -34.65
C ARG G 5 -45.18 77.25 -33.85
N LEU G 6 -44.82 76.45 -32.85
CA LEU G 6 -43.69 76.82 -31.95
C LEU G 6 -42.39 76.96 -32.76
N SER G 7 -42.14 76.06 -33.71
CA SER G 7 -40.83 76.09 -34.42
C SER G 7 -40.67 77.42 -35.17
N GLU G 8 -41.74 77.90 -35.80
CA GLU G 8 -41.67 79.16 -36.59
C GLU G 8 -41.53 80.35 -35.63
N LEU G 9 -42.35 80.39 -34.57
CA LEU G 9 -42.33 81.56 -33.65
C LEU G 9 -40.93 81.71 -33.05
N LEU G 10 -40.36 80.61 -32.54
CA LEU G 10 -39.01 80.67 -31.90
C LEU G 10 -37.99 81.18 -32.92
N SER G 11 -38.10 80.74 -34.17
CA SER G 11 -37.09 81.14 -35.19
C SER G 11 -37.14 82.66 -35.42
N GLU G 12 -38.35 83.22 -35.54
CA GLU G 12 -38.48 84.68 -35.80
C GLU G 12 -37.89 85.46 -34.62
N ARG G 13 -38.23 85.07 -33.39
CA ARG G 13 -37.72 85.77 -32.19
C ARG G 13 -36.23 85.45 -32.00
N GLY G 14 -35.77 84.33 -32.57
CA GLY G 14 -34.33 83.99 -32.51
C GLY G 14 -33.95 83.25 -31.23
N LEU G 15 -34.89 83.01 -30.33
CA LEU G 15 -34.59 82.24 -29.09
C LEU G 15 -34.21 80.79 -29.44
N LYS G 16 -33.21 80.24 -28.76
CA LYS G 16 -32.80 78.82 -29.00
C LYS G 16 -33.66 77.90 -28.15
N ILE G 17 -33.77 76.63 -28.55
CA ILE G 17 -34.64 75.66 -27.80
C ILE G 17 -34.10 75.53 -26.38
N SER G 18 -32.77 75.50 -26.23
CA SER G 18 -32.20 75.26 -24.88
C SER G 18 -32.62 76.36 -23.90
N ARG G 19 -32.54 77.63 -24.32
CA ARG G 19 -32.86 78.72 -23.36
C ARG G 19 -34.33 78.63 -22.98
N VAL G 20 -35.21 78.39 -23.96
CA VAL G 20 -36.67 78.39 -23.67
C VAL G 20 -36.94 77.27 -22.66
N ALA G 21 -36.33 76.10 -22.87
CA ALA G 21 -36.59 74.95 -21.97
C ALA G 21 -36.14 75.29 -20.55
N LYS G 22 -34.99 75.95 -20.42
CA LYS G 22 -34.46 76.30 -19.08
C LYS G 22 -35.42 77.25 -18.37
N ASP G 23 -35.97 78.22 -19.10
CA ASP G 23 -36.85 79.25 -18.45
C ASP G 23 -38.23 78.65 -18.15
N VAL G 24 -38.93 78.14 -19.15
CA VAL G 24 -40.33 77.67 -18.94
C VAL G 24 -40.31 76.39 -18.09
N LYS G 25 -39.13 75.92 -17.71
CA LYS G 25 -39.01 74.72 -16.83
C LYS G 25 -39.68 73.52 -17.51
N ILE G 26 -39.55 73.41 -18.85
CA ILE G 26 -40.08 72.22 -19.57
C ILE G 26 -38.87 71.43 -20.07
N ALA G 27 -38.87 70.10 -19.91
CA ALA G 27 -37.69 69.29 -20.27
C ALA G 27 -37.38 69.46 -21.77
N ARG G 28 -36.10 69.63 -22.12
CA ARG G 28 -35.69 69.86 -23.54
C ARG G 28 -36.29 68.81 -24.46
N SER G 29 -36.24 67.53 -24.07
CA SER G 29 -36.69 66.48 -25.01
C SER G 29 -38.16 66.70 -25.40
N SER G 30 -39.01 67.00 -24.41
CA SER G 30 -40.45 67.20 -24.70
C SER G 30 -40.61 68.42 -25.60
N LEU G 31 -39.92 69.51 -25.29
CA LEU G 31 -40.10 70.77 -26.06
C LEU G 31 -39.63 70.55 -27.50
N THR G 32 -38.57 69.78 -27.70
CA THR G 32 -38.06 69.50 -29.08
C THR G 32 -39.09 68.67 -29.84
N SER G 33 -39.62 67.62 -29.21
CA SER G 33 -40.65 66.78 -29.85
C SER G 33 -41.84 67.67 -30.22
N MET G 34 -42.30 68.50 -29.28
CA MET G 34 -43.45 69.42 -29.53
C MET G 34 -43.06 70.49 -30.56
N ALA G 35 -41.78 70.85 -30.65
CA ALA G 35 -41.37 71.81 -31.70
C ALA G 35 -41.72 71.16 -33.04
N GLN G 36 -41.44 69.86 -33.17
CA GLN G 36 -41.88 69.12 -34.38
C GLN G 36 -43.35 68.76 -34.12
N ASN G 37 -44.09 68.25 -35.09
CA ASN G 37 -45.52 67.98 -34.79
C ASN G 37 -45.63 66.51 -34.39
N ASP G 38 -44.51 65.88 -34.00
CA ASP G 38 -44.48 64.43 -33.69
C ASP G 38 -45.42 64.10 -32.51
N SER G 39 -45.40 64.89 -31.43
CA SER G 39 -46.21 64.53 -30.24
C SER G 39 -47.69 64.42 -30.59
N GLU G 40 -48.46 63.61 -29.85
CA GLU G 40 -49.91 63.45 -30.13
C GLU G 40 -50.72 64.32 -29.16
N MET G 41 -50.26 64.47 -27.92
CA MET G 41 -51.03 65.24 -26.90
C MET G 41 -50.17 66.39 -26.33
N ILE G 42 -50.81 67.49 -25.94
CA ILE G 42 -50.07 68.65 -25.33
C ILE G 42 -50.71 69.00 -23.98
N ARG G 43 -49.91 69.20 -22.94
CA ARG G 43 -50.47 69.47 -21.59
C ARG G 43 -50.90 70.93 -21.47
N TYR G 44 -52.07 71.19 -20.90
CA TYR G 44 -52.57 72.59 -20.79
C TYR G 44 -51.45 73.47 -20.20
N ASP G 45 -50.69 72.95 -19.24
CA ASP G 45 -49.65 73.78 -18.59
C ASP G 45 -48.69 74.31 -19.66
N ALA G 46 -48.29 73.46 -20.62
CA ALA G 46 -47.33 73.87 -21.65
C ALA G 46 -47.90 75.01 -22.49
N ILE G 47 -49.20 74.95 -22.81
CA ILE G 47 -49.81 75.98 -23.70
C ILE G 47 -49.72 77.33 -22.99
N ASP G 48 -49.93 77.38 -21.66
CA ASP G 48 -49.96 78.69 -20.97
C ASP G 48 -48.53 79.20 -20.72
N LYS G 49 -47.64 78.34 -20.23
CA LYS G 49 -46.27 78.81 -19.91
C LYS G 49 -45.67 79.45 -21.16
N LEU G 50 -45.72 78.75 -22.29
CA LEU G 50 -45.11 79.27 -23.55
C LEU G 50 -45.85 80.54 -23.98
N CYS G 51 -47.18 80.55 -23.91
CA CYS G 51 -47.97 81.72 -24.40
C CYS G 51 -47.64 82.95 -23.55
N SER G 52 -47.47 82.79 -22.24
CA SER G 52 -47.07 83.92 -21.39
C SER G 52 -45.64 84.33 -21.68
N TYR G 53 -44.78 83.36 -22.02
CA TYR G 53 -43.33 83.65 -22.21
C TYR G 53 -43.10 84.41 -23.52
N LEU G 54 -43.85 84.10 -24.57
CA LEU G 54 -43.61 84.74 -25.89
C LEU G 54 -44.69 85.79 -26.17
N HIS G 55 -45.50 86.13 -25.16
CA HIS G 55 -46.52 87.19 -25.33
C HIS G 55 -47.34 86.86 -26.58
N ILE G 56 -47.72 85.58 -26.73
CA ILE G 56 -48.52 85.14 -27.89
C ILE G 56 -49.88 84.64 -27.39
N SER G 57 -50.97 85.01 -28.05
CA SER G 57 -52.30 84.50 -27.67
C SER G 57 -52.40 83.02 -28.08
N PRO G 58 -53.33 82.22 -27.51
CA PRO G 58 -53.42 80.80 -27.84
C PRO G 58 -53.71 80.66 -29.34
N SER G 59 -54.41 81.63 -29.92
CA SER G 59 -54.77 81.61 -31.36
C SER G 59 -53.51 81.40 -32.17
N GLU G 60 -52.49 82.20 -31.92
CA GLU G 60 -51.23 82.20 -32.71
C GLU G 60 -50.56 80.82 -32.61
N PHE G 61 -50.58 80.20 -31.43
CA PHE G 61 -49.83 78.93 -31.24
C PHE G 61 -50.36 77.84 -32.18
N PHE G 62 -51.67 77.82 -32.46
CA PHE G 62 -52.17 76.68 -33.28
C PHE G 62 -52.66 77.16 -34.64
N GLU G 63 -52.34 76.42 -35.71
CA GLU G 63 -52.87 76.76 -37.06
C GLU G 63 -53.94 75.74 -37.42
N HIS G 64 -55.11 76.18 -37.87
CA HIS G 64 -56.20 75.26 -38.13
C HIS G 64 -56.73 75.43 -39.55
N ASN G 65 -57.27 74.34 -40.08
CA ASN G 65 -57.88 74.32 -41.39
C ASN G 65 -58.98 73.26 -41.33
N PRO G 66 -60.20 73.58 -41.78
CA PRO G 66 -61.31 72.63 -41.64
C PRO G 66 -61.16 71.35 -42.46
N ILE G 67 -60.24 71.33 -43.44
CA ILE G 67 -60.09 70.13 -44.25
C ILE G 67 -59.55 68.99 -43.40
N ASN G 68 -59.80 67.75 -43.87
CA ASN G 68 -59.39 66.56 -43.13
C ASN G 68 -59.21 65.42 -44.11
N PHE G 69 -58.03 64.77 -44.08
CA PHE G 69 -57.77 63.67 -45.06
C PHE G 69 -57.65 62.33 -44.33
N ASP G 70 -58.04 61.24 -44.99
CA ASP G 70 -57.90 59.88 -44.39
C ASP G 70 -57.25 58.95 -45.41
N PHE G 71 -56.37 58.06 -44.95
CA PHE G 71 -55.64 57.13 -45.86
C PHE G 71 -55.81 55.69 -45.34
N THR G 72 -56.22 54.77 -46.22
CA THR G 72 -56.34 53.34 -45.82
C THR G 72 -55.50 52.50 -46.78
N PHE G 73 -54.74 51.53 -46.25
CA PHE G 73 -53.84 50.70 -47.10
C PHE G 73 -54.43 49.28 -47.23
N ASP G 74 -54.33 48.68 -48.42
CA ASP G 74 -54.97 47.36 -48.64
C ASP G 74 -54.40 46.33 -47.66
N GLU G 75 -55.28 45.52 -47.05
CA GLU G 75 -54.83 44.46 -46.13
C GLU G 75 -54.02 43.43 -46.92
N GLU G 76 -54.46 43.14 -48.15
CA GLU G 76 -53.77 42.11 -48.99
C GLU G 76 -53.07 42.81 -50.15
N PRO G 77 -51.73 42.99 -50.13
CA PRO G 77 -51.00 43.59 -51.26
C PRO G 77 -50.45 42.49 -52.17
N ASN G 78 -50.01 42.84 -53.38
CA ASN G 78 -49.38 41.82 -54.26
C ASN G 78 -47.88 42.06 -54.25
N TYR G 79 -47.09 41.12 -53.72
CA TYR G 79 -45.64 41.38 -53.59
C TYR G 79 -44.82 40.18 -54.06
N LYS G 80 -43.75 40.42 -54.82
CA LYS G 80 -42.84 39.31 -55.19
C LYS G 80 -41.41 39.75 -54.89
N ILE G 81 -40.70 39.00 -54.03
CA ILE G 81 -39.32 39.40 -53.63
C ILE G 81 -38.37 38.23 -53.95
N ASN G 82 -37.28 38.50 -54.66
CA ASN G 82 -36.34 37.42 -55.07
C ASN G 82 -34.99 37.63 -54.37
N ASP G 83 -34.52 36.63 -53.61
CA ASP G 83 -33.21 36.74 -52.89
C ASP G 83 -32.10 36.86 -53.94
N VAL G 84 -31.13 37.75 -53.74
CA VAL G 84 -30.06 37.99 -54.75
C VAL G 84 -28.76 37.29 -54.32
N PHE G 85 -28.64 36.92 -53.04
CA PHE G 85 -27.37 36.31 -52.55
C PHE G 85 -26.21 37.30 -52.80
N GLU G 86 -25.15 36.88 -53.49
CA GLU G 86 -24.04 37.81 -53.86
C GLU G 86 -23.30 38.30 -52.61
N GLY G 87 -23.27 37.51 -51.54
CA GLY G 87 -22.45 37.84 -50.34
C GLY G 87 -22.71 39.21 -49.72
N PHE G 88 -23.97 39.62 -49.60
CA PHE G 88 -24.29 40.88 -48.89
C PHE G 88 -23.52 40.99 -47.57
N GLU G 89 -23.24 39.85 -46.92
CA GLU G 89 -22.64 39.89 -45.56
C GLU G 89 -21.38 40.77 -45.54
N VAL G 90 -20.56 40.72 -46.60
CA VAL G 90 -19.29 41.51 -46.63
C VAL G 90 -19.64 43.00 -46.69
N THR G 91 -20.28 43.44 -47.77
CA THR G 91 -20.58 44.89 -47.94
C THR G 91 -22.07 45.13 -47.69
N ALA G 92 -22.41 46.11 -46.86
CA ALA G 92 -23.84 46.29 -46.49
C ALA G 92 -24.57 47.08 -47.57
N ASN G 93 -24.81 46.47 -48.73
CA ASN G 93 -25.60 47.13 -49.79
C ASN G 93 -26.88 46.32 -49.94
N ILE G 94 -28.01 46.85 -49.46
CA ILE G 94 -29.28 46.08 -49.44
C ILE G 94 -29.51 45.38 -50.78
N THR G 95 -29.24 46.08 -51.89
CA THR G 95 -29.58 45.50 -53.22
C THR G 95 -29.06 44.06 -53.32
N HIS G 96 -27.86 43.81 -52.78
CA HIS G 96 -27.25 42.46 -52.85
C HIS G 96 -28.10 41.46 -52.07
N ALA G 97 -28.63 41.88 -50.92
CA ALA G 97 -29.39 40.96 -50.05
C ALA G 97 -30.70 40.51 -50.73
N PHE G 98 -31.45 41.42 -51.35
CA PHE G 98 -32.77 41.03 -51.93
C PHE G 98 -33.17 41.98 -53.06
N SER G 99 -34.04 41.51 -53.96
CA SER G 99 -34.55 42.38 -55.06
C SER G 99 -36.07 42.26 -55.14
N ILE G 100 -36.78 43.38 -55.29
CA ILE G 100 -38.26 43.36 -55.40
C ILE G 100 -38.64 43.21 -56.88
N GLU G 101 -39.24 42.07 -57.27
CA GLU G 101 -39.68 41.91 -58.68
C GLU G 101 -40.86 42.85 -58.95
N ASN G 102 -41.89 42.84 -58.09
CA ASN G 102 -43.03 43.78 -58.25
C ASN G 102 -43.86 43.87 -56.98
N PHE G 103 -44.09 45.09 -56.47
CA PHE G 103 -44.92 45.30 -55.26
C PHE G 103 -45.96 46.38 -55.59
N ASP G 104 -47.22 45.98 -55.73
CA ASP G 104 -48.30 46.96 -56.09
C ASP G 104 -49.49 46.80 -55.14
N PHE G 105 -50.17 47.90 -54.84
CA PHE G 105 -51.33 47.85 -53.90
C PHE G 105 -52.15 49.13 -54.07
N GLU G 106 -53.20 49.29 -53.27
CA GLU G 106 -54.10 50.46 -53.44
C GLU G 106 -54.19 51.25 -52.13
N ILE G 107 -54.19 52.58 -52.22
CA ILE G 107 -54.40 53.41 -51.00
C ILE G 107 -55.70 54.19 -51.20
N LEU G 108 -56.66 54.08 -50.28
CA LEU G 108 -57.98 54.75 -50.45
C LEU G 108 -57.98 56.06 -49.66
N VAL G 109 -58.19 57.20 -50.34
CA VAL G 109 -58.13 58.51 -49.65
C VAL G 109 -59.50 59.18 -49.66
N ASP G 110 -59.98 59.68 -48.51
CA ASP G 110 -61.29 60.36 -48.43
C ASP G 110 -61.10 61.82 -48.04
N VAL G 111 -61.32 62.75 -48.97
CA VAL G 111 -61.11 64.20 -48.69
C VAL G 111 -62.42 64.77 -48.16
N GLU G 112 -62.54 64.90 -46.84
CA GLU G 112 -63.82 65.37 -46.25
C GLU G 112 -63.84 66.89 -46.29
N LEU G 113 -64.87 67.48 -46.89
CA LEU G 113 -64.92 68.96 -47.02
C LEU G 113 -65.33 69.57 -45.68
N ASP G 114 -65.38 70.91 -45.60
CA ASP G 114 -65.87 71.56 -44.36
C ASP G 114 -67.32 71.14 -44.18
N ASN G 115 -68.10 71.14 -45.26
CA ASN G 115 -69.49 70.64 -45.20
C ASN G 115 -69.45 69.14 -44.94
N ARG G 116 -70.60 68.53 -44.59
CA ARG G 116 -70.63 67.09 -44.28
C ARG G 116 -70.22 66.29 -45.53
N GLN G 117 -70.44 66.83 -46.72
CA GLN G 117 -70.15 66.08 -47.97
C GLN G 117 -68.68 65.66 -48.02
N LYS G 118 -68.41 64.43 -48.49
CA LYS G 118 -67.02 63.94 -48.61
C LYS G 118 -66.78 63.44 -50.03
N LEU G 119 -65.54 63.47 -50.50
CA LEU G 119 -65.22 62.93 -51.85
C LEU G 119 -64.29 61.74 -51.67
N ASN G 120 -64.45 60.72 -52.51
CA ASN G 120 -63.60 59.50 -52.41
C ASN G 120 -62.67 59.41 -53.62
N PHE G 121 -61.36 59.29 -53.37
CA PHE G 121 -60.40 59.10 -54.50
C PHE G 121 -59.62 57.81 -54.21
N ASP G 122 -59.40 56.98 -55.24
CA ASP G 122 -58.69 55.68 -55.05
C ASP G 122 -57.35 55.73 -55.77
N LEU G 123 -56.25 55.53 -55.06
CA LEU G 123 -54.90 55.62 -55.68
C LEU G 123 -54.30 54.22 -55.79
N ASP G 124 -53.74 53.88 -56.95
CA ASP G 124 -53.05 52.57 -57.10
C ASP G 124 -51.55 52.86 -57.15
N VAL G 125 -50.76 52.23 -56.29
CA VAL G 125 -49.31 52.57 -56.21
C VAL G 125 -48.46 51.33 -56.53
N SER G 126 -47.42 51.49 -57.36
CA SER G 126 -46.58 50.34 -57.77
C SER G 126 -45.09 50.64 -57.57
N TYR G 127 -44.25 49.60 -57.47
CA TYR G 127 -42.79 49.78 -57.30
C TYR G 127 -42.17 50.22 -58.63
N LYS G 128 -41.18 51.09 -58.58
CA LYS G 128 -40.53 51.60 -59.82
C LYS G 128 -39.04 51.24 -59.80
N GLU G 129 -38.31 51.65 -58.75
CA GLU G 129 -36.88 51.41 -58.69
C GLU G 129 -36.40 51.69 -57.28
N THR G 130 -35.16 51.26 -56.97
CA THR G 130 -34.57 51.56 -55.63
C THR G 130 -33.43 52.57 -55.78
N GLU G 131 -33.70 53.85 -55.52
CA GLU G 131 -32.67 54.90 -55.67
C GLU G 131 -31.65 54.81 -54.54
N LYS G 132 -30.40 55.21 -54.80
CA LYS G 132 -29.33 55.20 -53.77
C LYS G 132 -29.09 56.64 -53.29
N ILE G 133 -29.73 57.06 -52.20
CA ILE G 133 -29.58 58.46 -51.72
C ILE G 133 -28.13 58.70 -51.32
N THR G 134 -27.51 57.74 -50.63
CA THR G 134 -26.08 57.84 -50.24
C THR G 134 -25.46 56.45 -50.39
N ASN G 135 -24.13 56.33 -50.30
CA ASN G 135 -23.50 55.00 -50.55
C ASN G 135 -24.07 53.98 -49.57
N SER G 136 -24.25 54.35 -48.29
CA SER G 136 -24.69 53.36 -47.28
C SER G 136 -26.23 53.29 -47.16
N GLN G 137 -26.98 54.22 -47.77
CA GLN G 137 -28.46 54.21 -47.56
C GLN G 137 -29.21 54.32 -48.89
N HIS G 138 -30.36 53.66 -49.00
CA HIS G 138 -31.18 53.71 -50.24
C HIS G 138 -32.63 54.08 -49.89
N ARG G 139 -33.39 54.55 -50.87
CA ARG G 139 -34.82 54.88 -50.65
C ARG G 139 -35.65 54.23 -51.75
N PHE G 140 -36.50 53.26 -51.40
CA PHE G 140 -37.38 52.63 -52.41
C PHE G 140 -38.30 53.72 -52.97
N ILE G 141 -38.50 53.74 -54.28
CA ILE G 141 -39.36 54.79 -54.90
C ILE G 141 -40.61 54.14 -55.48
N PHE G 142 -41.79 54.60 -55.08
CA PHE G 142 -43.07 54.04 -55.57
C PHE G 142 -43.83 55.13 -56.33
N THR G 143 -44.40 54.79 -57.49
CA THR G 143 -45.10 55.80 -58.32
C THR G 143 -46.58 55.43 -58.45
N ILE G 144 -47.47 56.42 -58.34
CA ILE G 144 -48.94 56.17 -58.48
C ILE G 144 -49.22 55.80 -59.95
N LYS G 145 -49.94 54.70 -60.16
CA LYS G 145 -50.19 54.22 -61.55
C LYS G 145 -51.21 55.15 -62.21
N ASN G 146 -52.40 55.25 -61.61
CA ASN G 146 -53.45 56.16 -62.16
C ASN G 146 -53.39 57.53 -61.48
N GLU G 147 -53.06 58.58 -62.23
CA GLU G 147 -53.06 59.96 -61.67
C GLU G 147 -54.10 60.81 -62.41
N ASP G 148 -54.37 60.50 -63.68
CA ASP G 148 -55.31 61.33 -64.49
C ASP G 148 -56.73 61.27 -63.90
N GLU G 149 -57.18 60.08 -63.48
CA GLU G 149 -58.51 59.95 -62.85
C GLU G 149 -58.54 60.71 -61.52
N ASN G 150 -57.41 60.82 -60.83
CA ASN G 150 -57.42 61.46 -59.49
C ASN G 150 -56.77 62.84 -59.55
N ILE G 151 -56.93 63.59 -60.64
CA ILE G 151 -56.40 64.98 -60.75
C ILE G 151 -57.07 65.89 -59.71
N GLY G 152 -58.37 65.68 -59.45
CA GLY G 152 -59.11 66.56 -58.52
C GLY G 152 -58.50 66.52 -57.13
N LEU G 153 -57.93 65.39 -56.73
CA LEU G 153 -57.37 65.24 -55.37
C LEU G 153 -56.27 66.31 -55.23
N LYS G 154 -55.51 66.54 -56.29
CA LYS G 154 -54.38 67.52 -56.23
C LYS G 154 -54.94 68.92 -55.91
N LYS G 155 -56.08 69.29 -56.48
CA LYS G 155 -56.64 70.65 -56.28
C LYS G 155 -56.92 70.86 -54.78
N TYR G 156 -57.46 69.84 -54.11
CA TYR G 156 -57.68 69.95 -52.64
C TYR G 156 -56.36 70.05 -51.89
N VAL G 157 -55.33 69.28 -52.30
CA VAL G 157 -54.05 69.25 -51.53
C VAL G 157 -53.36 70.62 -51.53
N ASP G 158 -53.20 71.24 -52.69
CA ASP G 158 -52.41 72.50 -52.77
C ASP G 158 -53.17 73.67 -52.12
N SER G 159 -54.46 73.48 -51.81
CA SER G 159 -55.23 74.55 -51.18
C SER G 159 -54.79 74.80 -49.75
N LEU G 160 -54.13 73.81 -49.14
CA LEU G 160 -53.67 73.96 -47.72
C LEU G 160 -52.48 74.91 -47.65
N SER G 161 -52.19 75.43 -46.46
CA SER G 161 -51.01 76.32 -46.27
C SER G 161 -49.75 75.47 -46.36
N ALA G 162 -48.60 76.10 -46.62
CA ALA G 162 -47.36 75.30 -46.82
C ALA G 162 -47.07 74.47 -45.58
N GLY G 163 -47.24 75.04 -44.38
CA GLY G 163 -46.88 74.29 -43.17
C GLY G 163 -47.73 73.03 -43.02
N LEU G 164 -49.04 73.15 -43.26
CA LEU G 164 -49.93 71.96 -43.18
C LEU G 164 -49.54 70.96 -44.28
N LYS G 165 -49.23 71.45 -45.49
CA LYS G 165 -48.93 70.52 -46.61
C LYS G 165 -47.69 69.70 -46.29
N ASN G 166 -46.67 70.34 -45.71
CA ASN G 166 -45.43 69.60 -45.35
C ASN G 166 -45.80 68.55 -44.29
N LEU G 167 -46.67 68.89 -43.34
CA LEU G 167 -47.08 67.90 -42.31
C LEU G 167 -47.77 66.71 -43.00
N LEU G 168 -48.72 66.99 -43.91
CA LEU G 168 -49.50 65.88 -44.54
C LEU G 168 -48.53 64.96 -45.28
N PHE G 169 -47.56 65.53 -46.00
CA PHE G 169 -46.62 64.70 -46.81
C PHE G 169 -45.80 63.82 -45.86
N LYS G 170 -45.39 64.35 -44.70
CA LYS G 170 -44.66 63.49 -43.74
C LYS G 170 -45.56 62.32 -43.32
N LYS G 171 -46.83 62.59 -43.05
CA LYS G 171 -47.73 61.52 -42.55
C LYS G 171 -47.89 60.43 -43.60
N ILE G 172 -48.11 60.81 -44.87
CA ILE G 172 -48.35 59.78 -45.92
C ILE G 172 -47.08 58.94 -46.08
N ASN G 173 -45.91 59.58 -46.04
CA ASN G 173 -44.63 58.86 -46.24
C ASN G 173 -44.37 57.94 -45.04
N GLN G 174 -44.49 58.45 -43.81
CA GLN G 174 -44.14 57.62 -42.63
C GLN G 174 -44.94 56.31 -42.71
N LYS G 175 -46.24 56.40 -42.99
CA LYS G 175 -47.09 55.19 -43.05
C LYS G 175 -46.59 54.28 -44.17
N LEU G 176 -46.34 54.83 -45.36
CA LEU G 176 -45.89 53.99 -46.51
C LEU G 176 -44.62 53.26 -46.11
N SER G 177 -43.66 53.97 -45.52
CA SER G 177 -42.35 53.36 -45.18
C SER G 177 -42.57 52.21 -44.20
N GLY G 178 -43.42 52.42 -43.19
CA GLY G 178 -43.72 51.33 -42.24
C GLY G 178 -44.39 50.17 -42.95
N TYR G 179 -45.36 50.44 -43.81
CA TYR G 179 -46.11 49.36 -44.51
C TYR G 179 -45.13 48.50 -45.32
N VAL G 180 -44.42 49.12 -46.28
CA VAL G 180 -43.54 48.31 -47.18
C VAL G 180 -42.44 47.64 -46.36
N SER G 181 -41.83 48.34 -45.42
CA SER G 181 -40.70 47.74 -44.65
C SER G 181 -41.19 46.50 -43.90
N GLU G 182 -42.36 46.59 -43.27
CA GLU G 182 -42.86 45.45 -42.46
C GLU G 182 -43.10 44.24 -43.36
N ILE G 183 -43.65 44.47 -44.56
CA ILE G 183 -43.92 43.34 -45.49
C ILE G 183 -42.60 42.67 -45.86
N ILE G 184 -41.59 43.45 -46.24
CA ILE G 184 -40.31 42.85 -46.73
C ILE G 184 -39.63 42.08 -45.59
N VAL G 185 -39.54 42.69 -44.40
CA VAL G 185 -38.77 42.03 -43.29
C VAL G 185 -39.29 40.60 -43.10
N LYS G 186 -40.59 40.36 -43.26
CA LYS G 186 -41.12 38.99 -43.00
C LYS G 186 -40.62 38.04 -44.08
N ASN G 187 -40.70 38.42 -45.35
CA ASN G 187 -40.34 37.49 -46.46
C ASN G 187 -38.83 37.15 -46.47
N ILE G 188 -37.97 38.11 -46.14
CA ILE G 188 -36.49 37.85 -46.25
C ILE G 188 -35.89 37.57 -44.86
N ASP G 189 -35.11 36.49 -44.74
CA ASP G 189 -34.44 36.15 -43.45
C ASP G 189 -33.26 37.10 -43.22
N ASP G 190 -32.87 37.30 -41.95
CA ASP G 190 -31.79 38.27 -41.64
C ASP G 190 -30.40 37.68 -41.92
N ILE G 191 -29.45 38.54 -42.27
CA ILE G 191 -28.04 38.08 -42.48
C ILE G 191 -27.15 38.97 -41.61
N GLU G 192 -26.32 38.38 -40.75
CA GLU G 192 -25.46 39.19 -39.83
C GLU G 192 -24.08 39.39 -40.45
N GLU G 193 -23.50 40.60 -40.33
CA GLU G 193 -22.19 40.91 -40.96
C GLU G 193 -21.03 40.21 -40.23
N LEU G 194 -19.97 39.88 -40.95
CA LEU G 194 -18.77 39.23 -40.34
C LEU G 194 -18.08 40.18 -39.35
N PHE G 195 -17.88 41.45 -39.74
CA PHE G 195 -17.13 42.39 -38.88
C PHE G 195 -18.11 43.26 -38.09
N LYS G 201 -22.98 48.09 -33.12
CA LYS G 201 -21.83 47.41 -33.77
C LYS G 201 -22.34 46.62 -34.98
N SER G 202 -22.68 45.34 -34.78
CA SER G 202 -23.15 44.49 -35.89
C SER G 202 -24.46 45.04 -36.46
N THR G 203 -24.61 45.04 -37.78
CA THR G 203 -25.86 45.55 -38.41
C THR G 203 -26.54 44.40 -39.16
N THR G 204 -27.58 43.81 -38.56
CA THR G 204 -28.29 42.67 -39.21
C THR G 204 -29.12 43.20 -40.38
N LEU G 205 -29.50 42.33 -41.31
CA LEU G 205 -30.24 42.78 -42.51
C LEU G 205 -31.58 43.41 -42.09
N HIS G 206 -32.28 42.79 -41.13
CA HIS G 206 -33.62 43.30 -40.75
C HIS G 206 -33.50 44.75 -40.25
N LYS G 207 -32.47 45.03 -39.45
CA LYS G 207 -32.31 46.40 -38.89
C LYS G 207 -32.13 47.38 -40.05
N GLU G 208 -31.33 47.00 -41.05
CA GLU G 208 -31.08 47.88 -42.21
C GLU G 208 -32.40 48.09 -42.97
N ILE G 209 -33.20 47.04 -43.13
CA ILE G 209 -34.47 47.15 -43.91
C ILE G 209 -35.40 48.13 -43.19
N LEU G 210 -35.49 48.02 -41.86
CA LEU G 210 -36.40 48.92 -41.09
C LEU G 210 -35.91 50.36 -41.24
N GLN G 211 -34.59 50.57 -41.19
CA GLN G 211 -34.01 51.93 -41.31
C GLN G 211 -34.38 52.48 -42.69
N THR G 212 -34.34 51.63 -43.73
CA THR G 212 -34.60 52.11 -45.11
C THR G 212 -35.96 52.81 -45.17
N ASP G 213 -36.04 53.92 -45.92
CA ASP G 213 -37.30 54.70 -46.03
C ASP G 213 -37.81 54.71 -47.48
N SER G 214 -39.12 54.64 -47.67
CA SER G 214 -39.70 54.69 -49.04
C SER G 214 -40.52 55.97 -49.20
N ARG G 215 -40.26 56.74 -50.26
CA ARG G 215 -40.98 58.03 -50.45
C ARG G 215 -41.76 57.98 -51.76
N LEU G 216 -43.07 58.26 -51.70
CA LEU G 216 -43.92 58.20 -52.92
C LEU G 216 -43.54 59.32 -53.89
N SER G 217 -43.40 59.00 -55.18
CA SER G 217 -43.05 60.01 -56.20
C SER G 217 -44.26 60.16 -57.12
N SER G 218 -44.96 61.30 -57.05
CA SER G 218 -46.20 61.46 -57.86
C SER G 218 -46.50 62.93 -58.13
N ASP G 219 -47.26 63.21 -59.18
CA ASP G 219 -47.63 64.61 -59.53
C ASP G 219 -48.51 65.22 -58.43
N ILE G 220 -49.44 64.43 -57.89
CA ILE G 220 -50.39 64.96 -56.86
C ILE G 220 -49.58 65.65 -55.76
N PHE G 221 -48.58 64.97 -55.20
CA PHE G 221 -47.78 65.54 -54.09
C PHE G 221 -46.50 66.13 -54.70
N LYS G 222 -46.30 67.44 -54.56
CA LYS G 222 -45.14 68.08 -55.25
C LYS G 222 -44.04 68.49 -54.27
N GLU G 223 -44.21 68.20 -52.97
CA GLU G 223 -43.20 68.66 -51.98
C GLU G 223 -43.03 67.60 -50.88
N ASP H 30 -34.21 37.84 -65.64
CA ASP H 30 -33.23 36.81 -66.05
C ASP H 30 -32.97 35.86 -64.86
N ILE H 31 -33.38 34.60 -64.99
CA ILE H 31 -33.16 33.61 -63.89
C ILE H 31 -31.65 33.45 -63.71
N LEU H 32 -30.88 33.46 -64.80
CA LEU H 32 -29.40 33.35 -64.70
C LEU H 32 -28.89 34.48 -63.81
N THR H 33 -29.24 35.73 -64.13
CA THR H 33 -28.76 36.92 -63.36
C THR H 33 -29.30 36.86 -61.93
N GLN H 34 -30.53 36.39 -61.74
CA GLN H 34 -31.12 36.32 -60.38
C GLN H 34 -30.21 35.43 -59.53
N LEU H 35 -29.76 34.30 -60.07
CA LEU H 35 -28.77 33.46 -59.36
C LEU H 35 -27.37 34.01 -59.69
N GLY H 36 -26.32 33.40 -59.15
CA GLY H 36 -24.96 33.94 -59.35
C GLY H 36 -24.26 33.33 -60.54
N VAL H 37 -24.96 32.53 -61.35
CA VAL H 37 -24.27 31.82 -62.47
C VAL H 37 -23.63 32.87 -63.38
N LYS H 38 -22.37 32.64 -63.77
CA LYS H 38 -21.63 33.62 -64.61
C LYS H 38 -20.67 32.87 -65.54
N ASP H 39 -20.28 33.49 -66.65
CA ASP H 39 -19.43 32.79 -67.66
C ASP H 39 -17.99 32.74 -67.14
N ILE H 40 -17.25 31.69 -67.49
CA ILE H 40 -15.85 31.51 -66.98
C ILE H 40 -14.88 32.26 -67.89
N SER H 41 -15.09 32.22 -69.21
CA SER H 41 -14.14 32.85 -70.11
C SER H 41 -13.95 34.32 -69.77
N LYS H 42 -15.03 35.02 -69.44
CA LYS H 42 -14.93 36.43 -69.08
C LYS H 42 -14.34 36.61 -67.68
N GLN H 43 -14.65 35.68 -66.77
CA GLN H 43 -14.18 35.82 -65.37
C GLN H 43 -12.67 35.62 -65.29
N ASN H 44 -12.13 34.67 -66.06
CA ASN H 44 -10.67 34.34 -65.95
C ASN H 44 -9.83 35.26 -66.84
N ALA H 45 -10.44 36.21 -67.54
CA ALA H 45 -9.66 37.04 -68.45
C ALA H 45 -8.75 38.05 -67.76
N ASN H 46 -9.27 38.75 -66.75
CA ASN H 46 -8.47 39.74 -66.02
C ASN H 46 -8.42 39.47 -64.54
N LYS H 47 -8.64 38.23 -64.14
CA LYS H 47 -8.71 37.93 -62.72
C LYS H 47 -7.45 38.29 -61.98
N PHE H 48 -7.60 38.86 -60.78
CA PHE H 48 -6.41 39.17 -59.94
C PHE H 48 -6.16 37.99 -58.98
N TYR H 49 -5.14 37.19 -59.29
CA TYR H 49 -4.80 35.98 -58.51
C TYR H 49 -4.21 36.30 -57.12
N LYS H 50 -4.47 35.46 -56.12
CA LYS H 50 -3.84 35.64 -54.78
C LYS H 50 -2.53 34.85 -54.77
N PHE H 51 -1.50 35.30 -54.05
CA PHE H 51 -0.18 34.61 -54.08
C PHE H 51 0.29 34.35 -52.64
N ALA H 52 0.54 33.09 -52.29
CA ALA H 52 1.10 32.82 -50.95
C ALA H 52 2.55 32.36 -51.12
N ILE H 53 3.51 33.03 -50.49
CA ILE H 53 4.94 32.68 -50.69
C ILE H 53 5.56 32.37 -49.32
N TYR H 54 5.83 31.09 -49.04
CA TYR H 54 6.48 30.73 -47.76
C TYR H 54 7.97 30.48 -48.01
N GLY H 55 8.84 30.99 -47.12
CA GLY H 55 10.29 30.84 -47.32
C GLY H 55 11.05 30.68 -46.01
N LYS H 56 12.31 30.24 -46.08
CA LYS H 56 13.16 30.17 -44.86
C LYS H 56 13.73 31.56 -44.56
N PHE H 57 14.54 31.69 -43.51
CA PHE H 57 15.06 33.02 -43.11
C PHE H 57 16.02 33.57 -44.17
N GLY H 58 15.97 34.88 -44.41
CA GLY H 58 16.91 35.52 -45.37
C GLY H 58 16.84 34.92 -46.77
N THR H 59 15.64 34.56 -47.24
CA THR H 59 15.49 34.04 -48.63
C THR H 59 15.02 35.18 -49.54
N GLY H 60 14.93 36.41 -49.02
CA GLY H 60 14.47 37.56 -49.82
C GLY H 60 13.04 37.43 -50.30
N LYS H 61 12.17 36.82 -49.49
CA LYS H 61 10.75 36.61 -49.87
C LYS H 61 10.04 37.97 -50.06
N THR H 62 10.30 38.94 -49.18
CA THR H 62 9.67 40.28 -49.30
C THR H 62 10.15 40.97 -50.59
N THR H 63 11.43 40.82 -50.94
CA THR H 63 11.96 41.40 -52.20
C THR H 63 11.01 41.05 -53.35
N PHE H 64 10.71 39.76 -53.54
CA PHE H 64 9.83 39.30 -54.63
C PHE H 64 8.52 40.10 -54.65
N LEU H 65 7.85 40.18 -53.51
CA LEU H 65 6.52 40.83 -53.44
C LEU H 65 6.64 42.31 -53.81
N THR H 66 7.69 43.00 -53.36
CA THR H 66 7.80 44.46 -53.58
C THR H 66 8.78 44.84 -54.70
N LYS H 67 9.30 43.85 -55.43
CA LYS H 67 10.27 44.14 -56.52
C LYS H 67 9.61 45.07 -57.54
N ASP H 68 8.32 44.85 -57.80
CA ASP H 68 7.58 45.64 -58.82
C ASP H 68 7.56 47.12 -58.42
N ASN H 69 7.85 47.43 -57.15
CA ASN H 69 7.86 48.82 -56.61
C ASN H 69 6.45 49.43 -56.76
N ASN H 70 5.43 48.58 -56.87
CA ASN H 70 4.03 49.06 -56.91
C ASN H 70 3.26 48.29 -55.84
N ALA H 71 3.64 48.43 -54.56
CA ALA H 71 2.99 47.58 -53.54
C ALA H 71 2.65 48.34 -52.26
N LEU H 72 1.60 47.91 -51.55
CA LEU H 72 1.25 48.49 -50.23
C LEU H 72 1.51 47.41 -49.19
N VAL H 73 2.49 47.61 -48.30
CA VAL H 73 2.86 46.52 -47.36
C VAL H 73 2.23 46.74 -45.98
N LEU H 74 1.29 45.88 -45.59
CA LEU H 74 0.73 45.96 -44.22
C LEU H 74 1.57 45.08 -43.28
N ASP H 75 2.78 45.54 -42.94
CA ASP H 75 3.69 44.75 -42.07
C ASP H 75 3.14 44.69 -40.64
N ILE H 76 3.42 43.60 -39.92
CA ILE H 76 2.83 43.41 -38.55
C ILE H 76 3.95 43.32 -37.53
N ASN H 77 4.05 44.31 -36.64
CA ASN H 77 5.06 44.29 -35.54
C ASN H 77 6.46 44.02 -36.12
N GLU H 78 6.74 44.51 -37.33
CA GLU H 78 8.06 44.32 -37.98
C GLU H 78 8.29 45.45 -38.98
N ASP H 79 9.54 45.70 -39.38
CA ASP H 79 9.81 46.71 -40.44
C ASP H 79 10.81 46.16 -41.45
N GLY H 80 10.33 45.55 -42.53
CA GLY H 80 11.23 45.04 -43.59
C GLY H 80 11.14 45.86 -44.85
N THR H 81 10.69 47.12 -44.74
CA THR H 81 10.47 47.97 -45.94
C THR H 81 11.83 48.42 -46.50
N THR H 82 12.93 48.22 -45.76
CA THR H 82 14.26 48.72 -46.21
C THR H 82 14.63 48.08 -47.55
N VAL H 83 14.31 46.80 -47.75
CA VAL H 83 14.71 46.10 -49.00
C VAL H 83 13.95 46.72 -50.17
N THR H 84 12.70 47.12 -49.95
CA THR H 84 11.88 47.75 -51.03
C THR H 84 12.47 49.10 -51.41
N GLU H 85 12.35 49.50 -52.68
CA GLU H 85 12.88 50.82 -53.14
C GLU H 85 11.77 51.88 -53.05
N ASP H 86 10.56 51.54 -53.51
CA ASP H 86 9.43 52.52 -53.50
C ASP H 86 8.11 51.82 -53.20
N GLY H 87 7.10 52.57 -52.78
CA GLY H 87 5.78 52.02 -52.43
C GLY H 87 5.22 52.68 -51.17
N ALA H 88 4.13 52.16 -50.61
CA ALA H 88 3.61 52.69 -49.32
C ALA H 88 3.60 51.59 -48.26
N VAL H 89 4.14 51.86 -47.07
CA VAL H 89 4.14 50.85 -45.97
C VAL H 89 3.36 51.37 -44.76
N VAL H 90 2.50 50.53 -44.18
CA VAL H 90 1.71 50.91 -42.97
C VAL H 90 1.98 49.91 -41.84
N GLN H 91 2.62 50.35 -40.76
CA GLN H 91 2.88 49.46 -39.60
C GLN H 91 1.57 49.05 -38.97
N ILE H 92 1.43 47.77 -38.59
CA ILE H 92 0.20 47.34 -37.85
C ILE H 92 0.66 46.98 -36.43
N LYS H 93 0.12 47.64 -35.41
CA LYS H 93 0.60 47.41 -34.02
C LYS H 93 -0.46 46.73 -33.17
N ASN H 94 -1.72 46.77 -33.59
CA ASN H 94 -2.81 46.23 -32.73
C ASN H 94 -3.85 45.53 -33.61
N TYR H 95 -4.59 44.57 -33.05
CA TYR H 95 -5.68 43.92 -33.81
C TYR H 95 -6.69 44.99 -34.21
N LYS H 96 -6.96 45.93 -33.29
CA LYS H 96 -7.91 47.02 -33.59
C LYS H 96 -7.39 47.82 -34.78
N HIS H 97 -6.08 48.07 -34.82
CA HIS H 97 -5.50 48.85 -35.95
C HIS H 97 -5.69 48.03 -37.23
N PHE H 98 -5.51 46.70 -37.12
CA PHE H 98 -5.64 45.83 -38.32
C PHE H 98 -7.07 45.89 -38.86
N SER H 99 -8.05 45.80 -37.96
CA SER H 99 -9.47 45.83 -38.39
C SER H 99 -9.74 47.15 -39.14
N ALA H 100 -9.28 48.27 -38.57
CA ALA H 100 -9.55 49.58 -39.18
C ALA H 100 -8.96 49.65 -40.60
N VAL H 101 -7.69 49.28 -40.79
CA VAL H 101 -7.07 49.45 -42.13
C VAL H 101 -7.83 48.60 -43.16
N ILE H 102 -8.20 47.37 -42.80
CA ILE H 102 -8.92 46.46 -43.75
C ILE H 102 -10.27 47.09 -44.10
N LYS H 103 -11.00 47.58 -43.10
CA LYS H 103 -12.35 48.15 -43.34
C LYS H 103 -12.24 49.39 -44.23
N MET H 104 -11.21 50.21 -44.03
CA MET H 104 -11.09 51.48 -44.80
C MET H 104 -10.20 51.26 -46.01
N LEU H 105 -9.80 50.01 -46.30
CA LEU H 105 -8.84 49.76 -47.40
C LEU H 105 -9.39 50.30 -48.73
N PRO H 106 -10.69 50.14 -49.08
CA PRO H 106 -11.19 50.74 -50.31
C PRO H 106 -10.82 52.22 -50.38
N LYS H 107 -11.16 52.97 -49.35
CA LYS H 107 -10.92 54.44 -49.35
C LYS H 107 -9.42 54.71 -49.53
N ILE H 108 -8.59 53.94 -48.83
CA ILE H 108 -7.11 54.17 -48.88
C ILE H 108 -6.63 54.00 -50.32
N ILE H 109 -6.91 52.86 -50.94
CA ILE H 109 -6.40 52.60 -52.32
C ILE H 109 -6.70 53.81 -53.19
N GLU H 110 -7.92 54.36 -53.08
CA GLU H 110 -8.32 55.49 -53.95
C GLU H 110 -7.38 56.67 -53.72
N GLN H 111 -7.00 56.94 -52.46
CA GLN H 111 -6.17 58.14 -52.18
C GLN H 111 -4.75 57.96 -52.70
N LEU H 112 -4.08 56.87 -52.32
CA LEU H 112 -2.71 56.64 -52.87
C LEU H 112 -2.73 56.76 -54.40
N ARG H 113 -3.72 56.18 -55.07
CA ARG H 113 -3.80 56.32 -56.55
C ARG H 113 -4.02 57.79 -56.92
N GLU H 114 -4.82 58.52 -56.13
CA GLU H 114 -5.07 59.96 -56.37
C GLU H 114 -3.75 60.72 -56.20
N ASN H 115 -2.96 60.35 -55.20
CA ASN H 115 -1.63 61.00 -54.97
C ASN H 115 -0.72 60.63 -56.13
N GLY H 116 -1.08 59.58 -56.89
CA GLY H 116 -0.25 59.12 -58.02
C GLY H 116 0.59 57.91 -57.65
N LYS H 117 0.61 57.53 -56.37
CA LYS H 117 1.31 56.29 -55.98
C LYS H 117 0.59 55.12 -56.64
N GLN H 118 1.33 54.13 -57.15
CA GLN H 118 0.69 52.99 -57.88
C GLN H 118 0.58 51.80 -56.93
N ILE H 119 -0.65 51.41 -56.57
CA ILE H 119 -0.79 50.18 -55.72
C ILE H 119 -1.50 49.10 -56.53
N ASP H 120 -0.81 47.97 -56.78
CA ASP H 120 -1.42 46.85 -57.54
C ASP H 120 -1.51 45.62 -56.63
N VAL H 121 -0.77 45.62 -55.51
CA VAL H 121 -0.76 44.43 -54.61
C VAL H 121 -0.79 44.86 -53.14
N VAL H 122 -1.62 44.19 -52.34
CA VAL H 122 -1.70 44.46 -50.88
C VAL H 122 -1.03 43.27 -50.20
N VAL H 123 -0.02 43.50 -49.38
CA VAL H 123 0.76 42.37 -48.80
C VAL H 123 0.65 42.34 -47.28
N ILE H 124 0.34 41.18 -46.70
CA ILE H 124 0.39 41.05 -45.21
C ILE H 124 1.71 40.34 -44.93
N GLU H 125 2.62 40.97 -44.20
CA GLU H 125 3.98 40.41 -44.01
C GLU H 125 4.01 39.04 -43.35
N THR H 126 3.20 38.79 -42.31
CA THR H 126 3.34 37.51 -41.57
C THR H 126 2.01 36.89 -41.14
N ILE H 127 1.73 35.66 -41.57
CA ILE H 127 0.48 34.96 -41.16
C ILE H 127 0.59 34.57 -39.69
N GLN H 128 1.79 34.28 -39.21
CA GLN H 128 1.94 33.83 -37.79
C GLN H 128 1.58 35.00 -36.88
N LYS H 129 1.94 36.23 -37.25
CA LYS H 129 1.54 37.42 -36.44
C LYS H 129 0.02 37.57 -36.46
N LEU H 130 -0.64 37.30 -37.59
CA LEU H 130 -2.12 37.35 -37.60
C LEU H 130 -2.66 36.35 -36.58
N ARG H 131 -2.04 35.17 -36.49
CA ARG H 131 -2.46 34.19 -35.46
C ARG H 131 -2.27 34.82 -34.08
N ASP H 132 -1.12 35.46 -33.85
CA ASP H 132 -0.82 36.02 -32.51
C ASP H 132 -1.81 37.13 -32.15
N ILE H 133 -2.10 38.02 -33.10
CA ILE H 133 -2.97 39.20 -32.77
C ILE H 133 -4.42 38.72 -32.56
N THR H 134 -4.94 37.91 -33.48
CA THR H 134 -6.34 37.42 -33.35
C THR H 134 -6.46 36.69 -32.02
N MET H 135 -5.42 35.98 -31.62
CA MET H 135 -5.49 35.19 -30.35
C MET H 135 -5.64 36.16 -29.19
N ASP H 136 -4.90 37.28 -29.21
CA ASP H 136 -5.01 38.27 -28.10
C ASP H 136 -6.43 38.84 -28.06
N ASP H 137 -7.00 39.11 -29.23
CA ASP H 137 -8.36 39.71 -29.29
C ASP H 137 -9.37 38.74 -28.68
N ILE H 138 -9.22 37.43 -28.96
CA ILE H 138 -10.20 36.43 -28.45
C ILE H 138 -9.82 36.04 -27.02
N MET H 139 -8.58 36.32 -26.61
CA MET H 139 -8.21 36.04 -25.19
C MET H 139 -8.34 37.34 -24.39
N THR H 147 -8.33 27.32 -25.94
CA THR H 147 -9.01 26.04 -26.13
C THR H 147 -9.31 25.85 -27.61
N PHE H 148 -9.79 24.66 -27.97
CA PHE H 148 -10.14 24.38 -29.38
C PHE H 148 -11.24 25.36 -29.80
N ASN H 149 -12.08 25.77 -28.85
CA ASN H 149 -13.11 26.78 -29.16
C ASN H 149 -12.38 28.06 -29.56
N ASP H 150 -11.33 28.42 -28.81
CA ASP H 150 -10.54 29.64 -29.14
C ASP H 150 -9.89 29.45 -30.51
N TRP H 151 -9.33 28.27 -30.77
CA TRP H 151 -8.65 28.01 -32.07
C TRP H 151 -9.65 28.12 -33.22
N GLY H 152 -10.85 27.56 -33.03
CA GLY H 152 -11.87 27.61 -34.08
C GLY H 152 -12.28 29.05 -34.37
N GLU H 153 -12.38 29.85 -33.32
CA GLU H 153 -12.72 31.29 -33.48
C GLU H 153 -11.58 31.97 -34.25
N CYS H 154 -10.33 31.60 -33.92
CA CYS H 154 -9.17 32.20 -34.62
C CYS H 154 -9.25 31.84 -36.10
N ALA H 155 -9.60 30.59 -36.41
CA ALA H 155 -9.75 30.17 -37.82
C ALA H 155 -10.90 30.98 -38.45
N THR H 156 -11.98 31.19 -37.69
CA THR H 156 -13.15 31.92 -38.22
C THR H 156 -12.72 33.35 -38.60
N ARG H 157 -11.91 33.98 -37.73
CA ARG H 157 -11.44 35.35 -38.04
C ARG H 157 -10.62 35.32 -39.33
N ILE H 158 -9.73 34.34 -39.46
CA ILE H 158 -8.84 34.30 -40.66
C ILE H 158 -9.68 34.09 -41.92
N VAL H 159 -10.63 33.16 -41.88
CA VAL H 159 -11.44 32.86 -43.10
C VAL H 159 -12.25 34.11 -43.46
N SER H 160 -12.79 34.80 -42.45
CA SER H 160 -13.63 35.99 -42.72
C SER H 160 -12.81 37.06 -43.42
N ILE H 161 -11.56 37.26 -42.98
CA ILE H 161 -10.70 38.31 -43.58
C ILE H 161 -10.58 38.06 -45.08
N TYR H 162 -10.20 36.83 -45.46
CA TYR H 162 -9.98 36.54 -46.90
C TYR H 162 -11.25 36.83 -47.71
N ARG H 163 -12.41 36.42 -47.19
CA ARG H 163 -13.68 36.63 -47.93
C ARG H 163 -13.87 38.13 -48.14
N TYR H 164 -13.67 38.92 -47.08
CA TYR H 164 -13.84 40.40 -47.19
C TYR H 164 -12.85 40.92 -48.23
N ILE H 165 -11.57 40.57 -48.09
CA ILE H 165 -10.55 41.13 -49.04
C ILE H 165 -10.93 40.74 -50.46
N SER H 166 -11.36 39.50 -50.68
CA SER H 166 -11.66 39.00 -52.06
C SER H 166 -12.71 39.87 -52.76
N LYS H 167 -13.81 40.20 -52.08
CA LYS H 167 -14.88 40.94 -52.78
C LYS H 167 -14.32 42.30 -53.21
N LEU H 168 -13.49 42.91 -52.37
CA LEU H 168 -12.82 44.18 -52.76
C LEU H 168 -11.81 43.86 -53.86
N GLN H 169 -11.18 42.68 -53.79
CA GLN H 169 -10.12 42.31 -54.77
C GLN H 169 -10.69 42.41 -56.19
N GLU H 170 -11.89 41.85 -56.40
CA GLU H 170 -12.52 41.90 -57.74
C GLU H 170 -12.86 43.35 -58.07
N HIS H 171 -13.38 44.09 -57.08
CA HIS H 171 -13.77 45.51 -57.28
C HIS H 171 -12.58 46.41 -57.61
N TYR H 172 -11.49 46.32 -56.85
CA TYR H 172 -10.40 47.33 -57.01
C TYR H 172 -9.18 46.79 -57.76
N GLN H 173 -9.29 45.61 -58.37
CA GLN H 173 -8.16 45.13 -59.21
C GLN H 173 -6.85 45.17 -58.43
N PHE H 174 -6.83 44.60 -57.22
CA PHE H 174 -5.55 44.54 -56.48
C PHE H 174 -5.18 43.07 -56.25
N HIS H 175 -3.95 42.70 -56.61
CA HIS H 175 -3.49 41.32 -56.31
C HIS H 175 -3.29 41.22 -54.80
N LEU H 176 -3.65 40.08 -54.20
CA LEU H 176 -3.37 39.91 -52.75
C LEU H 176 -2.17 38.99 -52.60
N ALA H 177 -1.32 39.25 -51.61
CA ALA H 177 -0.17 38.34 -51.34
C ALA H 177 0.03 38.20 -49.83
N ILE H 178 0.15 36.98 -49.33
CA ILE H 178 0.46 36.78 -47.88
C ILE H 178 1.74 35.96 -47.79
N SER H 179 2.58 36.24 -46.79
CA SER H 179 3.89 35.54 -46.67
C SER H 179 4.06 35.00 -45.25
N GLY H 180 4.74 33.87 -45.09
CA GLY H 180 4.94 33.25 -43.76
C GLY H 180 6.31 32.61 -43.63
N HIS H 181 6.58 31.93 -42.52
CA HIS H 181 7.95 31.36 -42.29
C HIS H 181 7.93 29.84 -42.28
N GLU H 182 8.86 29.22 -43.02
CA GLU H 182 8.96 27.74 -43.08
C GLU H 182 9.21 27.15 -41.69
N GLY H 183 8.42 26.14 -41.30
CA GLY H 183 8.64 25.45 -40.01
C GLY H 183 7.83 24.17 -39.91
N THR H 200 6.60 22.91 -45.30
CA THR H 200 5.33 23.65 -45.51
C THR H 200 5.33 24.94 -44.68
N ILE H 201 4.42 25.87 -44.97
CA ILE H 201 4.32 27.11 -44.15
C ILE H 201 3.97 26.68 -42.72
N GLU H 202 4.61 27.30 -41.72
CA GLU H 202 4.39 26.87 -40.31
C GLU H 202 3.09 27.48 -39.78
N ALA H 203 2.22 26.67 -39.17
CA ALA H 203 0.94 27.16 -38.59
C ALA H 203 0.14 25.95 -38.13
N GLN H 204 -1.12 26.15 -37.70
CA GLN H 204 -1.98 24.99 -37.34
C GLN H 204 -2.82 24.65 -38.58
N ASP H 205 -3.01 23.35 -38.85
CA ASP H 205 -3.70 22.92 -40.10
C ASP H 205 -4.97 23.73 -40.41
N GLN H 206 -5.83 23.98 -39.43
CA GLN H 206 -7.14 24.62 -39.75
C GLN H 206 -6.83 25.87 -40.57
N ILE H 207 -5.78 26.60 -40.18
CA ILE H 207 -5.38 27.83 -40.93
C ILE H 207 -4.75 27.37 -42.24
N LYS H 208 -3.74 26.50 -42.17
CA LYS H 208 -3.06 26.04 -43.41
C LYS H 208 -4.12 25.60 -44.42
N LYS H 209 -5.05 24.74 -44.02
CA LYS H 209 -6.06 24.23 -44.98
C LYS H 209 -6.71 25.42 -45.68
N ALA H 210 -7.22 26.38 -44.90
CA ALA H 210 -7.92 27.52 -45.50
C ALA H 210 -7.02 28.30 -46.44
N VAL H 211 -5.80 28.59 -45.98
CA VAL H 211 -4.86 29.41 -46.81
C VAL H 211 -4.58 28.65 -48.11
N ILE H 212 -4.16 27.40 -48.03
CA ILE H 212 -3.76 26.65 -49.26
C ILE H 212 -4.98 26.60 -50.18
N SER H 213 -6.16 26.23 -49.67
CA SER H 213 -7.34 26.06 -50.57
C SER H 213 -7.60 27.37 -51.33
N GLN H 214 -7.75 28.48 -50.60
CA GLN H 214 -8.07 29.79 -51.24
C GLN H 214 -6.93 30.28 -52.14
N SER H 215 -5.66 30.11 -51.74
CA SER H 215 -4.54 30.70 -52.52
C SER H 215 -4.48 30.13 -53.94
N ASP H 216 -4.39 31.01 -54.95
CA ASP H 216 -4.23 30.54 -56.34
C ASP H 216 -2.83 29.92 -56.49
N VAL H 217 -1.79 30.70 -56.22
CA VAL H 217 -0.39 30.21 -56.42
C VAL H 217 0.30 30.08 -55.06
N LEU H 218 0.80 28.89 -54.72
CA LEU H 218 1.59 28.74 -53.48
C LEU H 218 3.01 28.37 -53.92
N ALA H 219 4.00 29.11 -53.43
CA ALA H 219 5.39 28.88 -53.90
C ALA H 219 6.37 28.90 -52.72
N ARG H 220 7.50 28.21 -52.86
CA ARG H 220 8.54 28.18 -51.80
C ARG H 220 9.78 28.84 -52.39
N MET H 221 10.36 29.82 -51.68
CA MET H 221 11.50 30.59 -52.25
C MET H 221 12.79 30.17 -51.56
N THR H 222 13.78 29.69 -52.32
CA THR H 222 15.05 29.20 -51.75
C THR H 222 16.24 29.73 -52.55
N ILE H 223 17.41 29.85 -51.91
CA ILE H 223 18.65 30.35 -52.60
C ILE H 223 19.48 29.14 -53.01
N GLU H 224 19.86 29.05 -54.29
CA GLU H 224 20.63 27.89 -54.79
C GLU H 224 21.93 28.38 -55.42
N THR H 233 27.96 31.28 -58.59
CA THR H 233 27.55 32.20 -57.51
C THR H 233 26.18 31.78 -56.98
N TYR H 234 25.80 32.27 -55.78
CA TYR H 234 24.47 31.97 -55.22
C TYR H 234 23.39 32.61 -56.09
N GLN H 235 22.26 31.93 -56.29
CA GLN H 235 21.15 32.46 -57.11
C GLN H 235 19.86 32.42 -56.30
N TYR H 236 18.99 33.42 -56.45
CA TYR H 236 17.68 33.42 -55.76
C TYR H 236 16.60 32.96 -56.74
N VAL H 237 15.98 31.80 -56.48
CA VAL H 237 15.00 31.24 -57.45
C VAL H 237 13.75 30.74 -56.72
N LEU H 238 12.57 31.01 -57.28
CA LEU H 238 11.30 30.54 -56.66
C LEU H 238 10.89 29.24 -57.36
N ASN H 239 10.79 28.14 -56.60
CA ASN H 239 10.48 26.83 -57.24
C ASN H 239 9.06 26.38 -56.88
N ALA H 240 8.17 26.32 -57.88
CA ALA H 240 6.80 25.85 -57.63
C ALA H 240 6.59 24.47 -58.28
N GLU H 241 7.69 23.85 -58.75
CA GLU H 241 7.60 22.51 -59.38
C GLU H 241 7.05 21.51 -58.35
N PRO H 242 6.16 20.56 -58.73
CA PRO H 242 5.56 19.64 -57.77
C PRO H 242 6.66 18.82 -57.08
N SER H 243 6.44 18.45 -55.83
CA SER H 243 7.49 17.69 -55.07
C SER H 243 6.90 17.12 -53.78
N ASN H 244 7.24 15.87 -53.45
CA ASN H 244 6.78 15.27 -52.16
C ASN H 244 7.39 16.04 -50.98
N LEU H 245 8.66 16.43 -51.07
CA LEU H 245 9.35 17.09 -49.91
C LEU H 245 8.71 18.43 -49.53
N PHE H 246 8.31 19.24 -50.51
CA PHE H 246 7.75 20.58 -50.24
C PHE H 246 6.47 20.72 -51.08
N GLU H 247 5.48 21.49 -50.62
CA GLU H 247 4.24 21.49 -51.44
C GLU H 247 4.08 22.82 -52.16
N THR H 248 3.91 22.76 -53.49
CA THR H 248 3.74 23.99 -54.31
C THR H 248 2.62 23.74 -55.32
N LYS H 249 1.91 24.78 -55.74
CA LYS H 249 0.87 24.61 -56.79
C LYS H 249 0.69 25.91 -57.56
N ILE H 250 0.81 25.86 -58.89
CA ILE H 250 0.53 27.09 -59.69
C ILE H 250 -0.71 26.79 -60.54
N ARG H 251 -1.67 27.72 -60.59
CA ARG H 251 -2.93 27.43 -61.33
C ARG H 251 -2.86 28.07 -62.72
N HIS H 252 -2.95 27.26 -63.78
CA HIS H 252 -2.94 27.78 -65.17
C HIS H 252 -3.99 27.00 -65.97
N SER H 253 -4.56 27.62 -67.01
CA SER H 253 -5.61 26.94 -67.81
C SER H 253 -4.98 25.82 -68.64
N SER H 254 -5.79 24.83 -69.06
CA SER H 254 -5.26 23.67 -69.82
C SER H 254 -4.35 24.13 -70.97
N ASN H 255 -4.81 25.09 -71.77
CA ASN H 255 -4.00 25.50 -72.96
C ASN H 255 -2.65 26.06 -72.50
N ILE H 256 -2.64 26.87 -71.44
CA ILE H 256 -1.37 27.47 -70.94
C ILE H 256 -0.47 26.36 -70.41
N LYS H 257 0.81 26.37 -70.78
CA LYS H 257 1.77 25.35 -70.26
C LYS H 257 2.96 26.09 -69.65
N ILE H 258 3.38 25.69 -68.44
CA ILE H 258 4.59 26.31 -67.83
C ILE H 258 5.78 25.42 -68.16
N ASN H 259 6.59 25.82 -69.14
CA ASN H 259 7.80 25.04 -69.52
C ASN H 259 8.77 25.05 -68.33
N ASN H 260 8.87 26.18 -67.63
CA ASN H 260 9.82 26.28 -66.48
C ASN H 260 9.08 26.79 -65.24
N LYS H 261 8.99 25.97 -64.18
CA LYS H 261 8.27 26.35 -62.94
C LYS H 261 9.22 26.99 -61.94
N ARG H 262 10.51 27.11 -62.26
CA ARG H 262 11.46 27.81 -61.36
C ARG H 262 11.79 29.18 -61.95
N PHE H 263 11.59 30.25 -61.17
CA PHE H 263 11.84 31.62 -61.68
C PHE H 263 13.01 32.23 -60.90
N ILE H 264 14.06 32.65 -61.60
CA ILE H 264 15.23 33.29 -60.94
C ILE H 264 14.98 34.80 -60.91
N ASN H 265 15.42 35.51 -59.85
CA ASN H 265 15.09 36.95 -59.73
C ASN H 265 13.60 37.16 -60.03
N PRO H 266 12.67 36.49 -59.30
CA PRO H 266 11.24 36.60 -59.62
C PRO H 266 10.53 37.89 -59.19
N SER H 267 9.46 38.25 -59.89
CA SER H 267 8.64 39.44 -59.51
C SER H 267 7.17 39.06 -59.68
N ILE H 268 6.23 39.80 -59.09
CA ILE H 268 4.82 39.35 -59.18
C ILE H 268 4.40 39.40 -60.65
N ASN H 269 4.81 40.45 -61.38
CA ASN H 269 4.48 40.57 -62.82
C ASN H 269 4.88 39.29 -63.56
N ASP H 270 6.15 38.87 -63.48
CA ASP H 270 6.61 37.70 -64.22
C ASP H 270 5.71 36.50 -63.98
N VAL H 271 5.35 36.27 -62.72
CA VAL H 271 4.45 35.12 -62.40
C VAL H 271 3.10 35.36 -63.10
N VAL H 272 2.55 36.56 -62.98
CA VAL H 272 1.24 36.88 -63.61
C VAL H 272 1.33 36.59 -65.11
N GLN H 273 2.38 37.06 -65.78
CA GLN H 273 2.51 36.85 -67.22
C GLN H 273 2.65 35.37 -67.55
N ALA H 274 3.39 34.62 -66.73
CA ALA H 274 3.53 33.18 -66.95
C ALA H 274 2.20 32.48 -66.82
N ILE H 275 1.35 32.94 -65.89
CA ILE H 275 0.06 32.22 -65.64
C ILE H 275 -1.04 32.69 -66.59
N ARG H 276 -0.90 33.87 -67.21
CA ARG H 276 -1.86 34.30 -68.23
C ARG H 276 -1.40 33.93 -69.63
N ASN H 277 -0.17 34.25 -70.00
CA ASN H 277 0.37 33.97 -71.32
C ASN H 277 1.31 32.78 -71.26
N GLY H 278 1.68 32.28 -72.43
CA GLY H 278 2.58 31.13 -72.54
C GLY H 278 3.93 31.34 -71.90
N ASN H 279 4.37 30.37 -71.10
CA ASN H 279 5.66 30.48 -70.38
C ASN H 279 6.79 30.74 -71.39
N ASP I 30 -32.90 57.77 56.30
CA ASP I 30 -33.74 56.84 57.10
C ASP I 30 -33.85 55.51 56.36
N ILE I 31 -33.26 54.44 56.91
CA ILE I 31 -33.34 53.11 56.26
C ILE I 31 -34.81 52.68 56.21
N LEU I 32 -35.58 52.99 57.26
CA LEU I 32 -37.02 52.66 57.27
C LEU I 32 -37.69 53.30 56.06
N THR I 33 -37.52 54.62 55.90
CA THR I 33 -38.16 55.37 54.78
C THR I 33 -37.63 54.87 53.43
N GLN I 34 -36.34 54.53 53.38
CA GLN I 34 -35.74 54.05 52.10
C GLN I 34 -36.51 52.80 51.67
N LEU I 35 -36.79 51.90 52.61
CA LEU I 35 -37.66 50.73 52.30
C LEU I 35 -39.11 51.16 52.47
N GLY I 36 -40.07 50.26 52.24
CA GLY I 36 -41.48 50.65 52.30
C GLY I 36 -42.10 50.44 53.68
N VAL I 37 -41.29 50.09 54.68
CA VAL I 37 -41.88 49.75 56.02
C VAL I 37 -42.67 50.96 56.51
N LYS I 38 -43.88 50.73 57.03
CA LYS I 38 -44.75 51.84 57.48
C LYS I 38 -45.59 51.35 58.67
N ASP I 39 -46.08 52.28 59.51
CA ASP I 39 -46.82 51.88 60.73
C ASP I 39 -48.24 51.45 60.34
N ILE I 40 -48.82 50.52 61.08
CA ILE I 40 -50.17 49.98 60.74
C ILE I 40 -51.24 50.87 61.36
N SER I 41 -51.03 51.33 62.60
CA SER I 41 -52.07 52.11 63.26
C SER I 41 -52.47 53.33 62.42
N LYS I 42 -51.49 53.99 61.81
CA LYS I 42 -51.80 55.14 60.97
C LYS I 42 -52.40 54.73 59.63
N GLN I 43 -51.96 53.58 59.10
CA GLN I 43 -52.45 53.14 57.77
C GLN I 43 -53.91 52.71 57.85
N ASN I 44 -54.31 52.04 58.93
CA ASN I 44 -55.69 51.51 59.02
C ASN I 44 -56.67 52.56 59.55
N ALA I 45 -56.20 53.78 59.84
CA ALA I 45 -57.10 54.77 60.42
C ALA I 45 -58.14 55.32 59.46
N ASN I 46 -57.73 55.68 58.25
CA ASN I 46 -58.66 56.23 57.25
C ASN I 46 -58.67 55.43 55.97
N LYS I 47 -58.27 54.17 56.04
CA LYS I 47 -58.15 53.39 54.82
C LYS I 47 -59.46 53.28 54.07
N PHE I 48 -59.38 53.38 52.73
CA PHE I 48 -60.60 53.21 51.89
C PHE I 48 -60.67 51.74 51.44
N TYR I 49 -61.57 50.98 52.06
CA TYR I 49 -61.74 49.53 51.79
C TYR I 49 -62.36 49.25 50.42
N LYS I 50 -61.97 48.14 49.77
CA LYS I 50 -62.62 47.74 48.50
C LYS I 50 -63.81 46.82 48.83
N PHE I 51 -64.89 46.83 48.04
CA PHE I 51 -66.09 46.04 48.38
C PHE I 51 -66.53 45.22 47.17
N ALA I 52 -66.58 43.90 47.30
CA ALA I 52 -67.10 43.09 46.18
C ALA I 52 -68.48 42.52 46.59
N ILE I 53 -69.51 42.79 45.80
CA ILE I 53 -70.90 42.35 46.17
C ILE I 53 -71.45 41.48 45.05
N TYR I 54 -71.54 40.16 45.26
CA TYR I 54 -72.13 39.27 44.22
C TYR I 54 -73.57 38.94 44.62
N GLY I 55 -74.48 38.97 43.65
CA GLY I 55 -75.91 38.70 43.97
C GLY I 55 -76.65 37.98 42.85
N LYS I 56 -77.83 37.44 43.13
CA LYS I 56 -78.65 36.81 42.06
C LYS I 56 -79.41 37.91 41.30
N PHE I 57 -80.23 37.54 40.32
CA PHE I 57 -80.94 38.55 39.49
C PHE I 57 -81.97 39.32 40.34
N GLY I 58 -82.11 40.62 40.09
CA GLY I 58 -83.12 41.43 40.80
C GLY I 58 -82.97 41.40 42.31
N THR I 59 -81.74 41.38 42.82
CA THR I 59 -81.52 41.44 44.29
C THR I 59 -81.21 42.88 44.71
N GLY I 60 -81.30 43.83 43.79
CA GLY I 60 -81.01 45.25 44.09
C GLY I 60 -79.57 45.49 44.51
N LYS I 61 -78.64 44.75 43.92
CA LYS I 61 -77.19 44.90 44.28
C LYS I 61 -76.70 46.31 43.94
N THR I 62 -77.09 46.85 42.78
CA THR I 62 -76.64 48.22 42.38
C THR I 62 -77.22 49.25 43.35
N THR I 63 -78.46 49.06 43.81
CA THR I 63 -79.08 50.00 44.79
C THR I 63 -78.10 50.23 45.94
N PHE I 64 -77.62 49.14 46.57
CA PHE I 64 -76.68 49.23 47.71
C PHE I 64 -75.51 50.14 47.37
N LEU I 65 -74.85 49.90 46.24
CA LEU I 65 -73.62 50.65 45.88
C LEU I 65 -73.95 52.13 45.70
N THR I 66 -75.09 52.46 45.09
CA THR I 66 -75.41 53.88 44.76
C THR I 66 -76.43 54.50 45.72
N LYS I 67 -76.81 53.79 46.78
CA LYS I 67 -77.82 54.32 47.74
C LYS I 67 -77.28 55.62 48.33
N ASP I 68 -75.99 55.70 48.59
CA ASP I 68 -75.36 56.90 49.21
C ASP I 68 -75.56 58.11 48.31
N ASN I 69 -75.88 57.90 47.02
CA ASN I 69 -76.09 58.99 46.03
C ASN I 69 -74.79 59.79 45.88
N ASN I 70 -73.66 59.18 46.23
CA ASN I 70 -72.34 59.83 46.02
C ASN I 70 -71.45 58.83 45.27
N ALA I 71 -71.85 58.45 44.05
CA ALA I 71 -71.09 57.37 43.36
C ALA I 71 -70.85 57.66 41.88
N LEU I 72 -69.75 57.14 41.33
CA LEU I 72 -69.49 57.26 39.87
C LEU I 72 -69.59 55.84 39.30
N VAL I 73 -70.58 55.57 38.45
CA VAL I 73 -70.80 54.16 37.98
C VAL I 73 -70.20 53.96 36.59
N LEU I 74 -69.15 53.15 36.48
CA LEU I 74 -68.59 52.80 35.15
C LEU I 74 -69.30 51.54 34.64
N ASP I 75 -70.56 51.67 34.22
CA ASP I 75 -71.35 50.50 33.74
C ASP I 75 -70.79 50.00 32.40
N ILE I 76 -70.91 48.70 32.14
CA ILE I 76 -70.31 48.11 30.91
C ILE I 76 -71.40 47.50 30.03
N ASN I 77 -71.64 48.08 28.86
CA ASN I 77 -72.62 47.53 27.89
C ASN I 77 -73.97 47.30 28.59
N GLU I 78 -74.32 48.16 29.56
CA GLU I 78 -75.60 48.04 30.30
C GLU I 78 -75.99 49.41 30.84
N ASP I 79 -77.27 49.62 31.19
CA ASP I 79 -77.68 50.91 31.81
C ASP I 79 -78.60 50.64 33.00
N GLY I 80 -78.04 50.52 34.22
CA GLY I 80 -78.86 50.31 35.43
C GLY I 80 -78.88 51.55 36.30
N THR I 81 -78.62 52.72 35.72
CA THR I 81 -78.55 53.98 36.52
C THR I 81 -79.95 54.41 36.95
N THR I 82 -81.00 53.81 36.38
CA THR I 82 -82.38 54.25 36.69
C THR I 82 -82.66 54.10 38.19
N VAL I 83 -82.16 53.04 38.81
CA VAL I 83 -82.46 52.79 40.25
C VAL I 83 -81.81 53.90 41.08
N THR I 84 -80.62 54.36 40.68
CA THR I 84 -79.91 55.43 41.41
C THR I 84 -80.69 56.75 41.30
N GLU I 85 -80.62 57.58 42.34
CA GLU I 85 -81.33 58.89 42.33
C GLU I 85 -80.40 59.98 41.80
N ASP I 86 -79.15 60.01 42.30
CA ASP I 86 -78.18 61.05 41.88
C ASP I 86 -76.77 60.47 41.78
N GLY I 87 -75.86 61.16 41.06
CA GLY I 87 -74.48 60.69 40.87
C GLY I 87 -74.02 60.92 39.44
N ALA I 88 -72.86 60.38 39.05
CA ALA I 88 -72.42 60.47 37.64
C ALA I 88 -72.26 59.07 37.04
N VAL I 89 -72.82 58.82 35.86
CA VAL I 89 -72.68 57.49 35.19
C VAL I 89 -71.97 57.62 33.85
N VAL I 90 -70.99 56.75 33.56
CA VAL I 90 -70.27 56.78 32.26
C VAL I 90 -70.39 55.41 31.59
N GLN I 91 -71.09 55.34 30.45
CA GLN I 91 -71.22 54.06 29.70
C GLN I 91 -69.86 53.62 29.19
N ILE I 92 -69.53 52.33 29.29
CA ILE I 92 -68.26 51.83 28.70
C ILE I 92 -68.65 50.91 27.53
N LYS I 93 -68.21 51.22 26.32
CA LYS I 93 -68.66 50.44 25.14
C LYS I 93 -67.50 49.65 24.53
N ASN I 94 -66.26 50.01 24.84
CA ASN I 94 -65.11 49.34 24.19
C ASN I 94 -63.98 49.16 25.20
N TYR I 95 -63.11 48.17 24.99
CA TYR I 95 -61.93 47.99 25.88
C TYR I 95 -61.09 49.26 25.81
N LYS I 96 -60.96 49.83 24.61
CA LYS I 96 -60.17 51.06 24.44
C LYS I 96 -60.80 52.16 25.30
N HIS I 97 -62.13 52.25 25.31
CA HIS I 97 -62.83 53.28 26.11
C HIS I 97 -62.52 53.02 27.58
N PHE I 98 -62.51 51.74 27.97
CA PHE I 98 -62.27 51.37 29.39
C PHE I 98 -60.86 51.84 29.80
N SER I 99 -59.87 51.55 28.94
CA SER I 99 -58.48 51.93 29.27
C SER I 99 -58.40 53.44 29.48
N ALA I 100 -59.01 54.21 28.58
CA ALA I 100 -58.93 55.69 28.65
C ALA I 100 -59.52 56.19 29.97
N VAL I 101 -60.72 55.74 30.34
CA VAL I 101 -61.37 56.31 31.57
C VAL I 101 -60.50 55.99 32.79
N ILE I 102 -59.96 54.77 32.88
CA ILE I 102 -59.12 54.38 34.05
C ILE I 102 -57.87 55.27 34.10
N LYS I 103 -57.23 55.46 32.94
CA LYS I 103 -55.96 56.25 32.90
C LYS I 103 -56.26 57.70 33.29
N MET I 104 -57.39 58.25 32.86
CA MET I 104 -57.68 59.68 33.13
C MET I 104 -58.55 59.80 34.38
N LEU I 105 -58.76 58.70 35.10
CA LEU I 105 -59.68 58.73 36.28
C LEU I 105 -59.22 59.79 37.29
N PRO I 106 -57.91 59.95 37.62
CA PRO I 106 -57.49 61.01 38.51
C PRO I 106 -58.08 62.36 38.07
N LYS I 107 -57.85 62.72 36.81
CA LYS I 107 -58.29 64.04 36.30
C LYS I 107 -59.81 64.14 36.45
N ILE I 108 -60.53 63.07 36.12
CA ILE I 108 -62.02 63.11 36.15
C ILE I 108 -62.48 63.42 37.58
N ILE I 109 -62.03 62.62 38.55
CA ILE I 109 -62.52 62.81 39.95
C ILE I 109 -62.39 64.29 40.32
N GLU I 110 -61.26 64.92 39.95
CA GLU I 110 -61.03 66.34 40.34
C GLU I 110 -62.12 67.21 39.75
N GLN I 111 -62.54 66.95 38.50
CA GLN I 111 -63.52 67.85 37.84
C GLN I 111 -64.91 67.68 38.46
N LEU I 112 -65.43 66.45 38.54
CA LEU I 112 -66.75 66.25 39.20
C LEU I 112 -66.75 66.92 40.58
N ARG I 113 -65.68 66.76 41.36
CA ARG I 113 -65.62 67.44 42.69
C ARG I 113 -65.61 68.95 42.49
N GLU I 114 -64.93 69.44 41.45
CA GLU I 114 -64.89 70.90 41.15
C GLU I 114 -66.31 71.36 40.78
N ASN I 115 -67.03 70.56 40.01
CA ASN I 115 -68.44 70.89 39.63
C ASN I 115 -69.29 70.84 40.90
N GLY I 116 -68.78 70.20 41.96
CA GLY I 116 -69.54 70.08 43.22
C GLY I 116 -70.20 68.72 43.36
N LYS I 117 -70.15 67.90 42.30
CA LYS I 117 -70.68 66.52 42.42
C LYS I 117 -69.80 65.78 43.43
N GLN I 118 -70.38 64.96 44.29
CA GLN I 118 -69.59 64.26 45.33
C GLN I 118 -69.31 62.83 44.88
N ILE I 119 -68.04 62.49 44.63
CA ILE I 119 -67.74 61.07 44.27
C ILE I 119 -66.87 60.47 45.38
N ASP I 120 -67.39 59.43 46.06
CA ASP I 120 -66.63 58.75 47.14
C ASP I 120 -66.37 57.30 46.73
N VAL I 121 -67.09 56.79 45.73
CA VAL I 121 -66.93 55.37 45.31
C VAL I 121 -66.96 55.24 43.79
N VAL I 122 -66.04 54.44 43.24
CA VAL I 122 -65.99 54.17 41.77
C VAL I 122 -66.48 52.73 41.61
N VAL I 123 -67.52 52.50 40.81
CA VAL I 123 -68.13 51.15 40.73
C VAL I 123 -68.01 50.59 39.31
N ILE I 124 -67.55 49.35 39.16
CA ILE I 124 -67.55 48.69 37.83
C ILE I 124 -68.76 47.74 37.88
N GLU I 125 -69.76 47.94 37.02
CA GLU I 125 -71.03 47.17 37.12
C GLU I 125 -70.85 45.65 37.00
N THR I 126 -70.01 45.17 36.09
CA THR I 126 -69.97 43.69 35.87
C THR I 126 -68.55 43.15 35.62
N ILE I 127 -68.11 42.20 36.45
CA ILE I 127 -66.78 41.58 36.26
C ILE I 127 -66.82 40.68 35.03
N GLN I 128 -67.98 40.06 34.74
CA GLN I 128 -68.06 39.12 33.60
C GLN I 128 -67.85 39.91 32.30
N LYS I 129 -68.39 41.13 32.23
CA LYS I 129 -68.16 41.99 31.04
C LYS I 129 -66.68 42.34 30.91
N LEU I 130 -65.98 42.58 32.03
CA LEU I 130 -64.53 42.84 31.95
C LEU I 130 -63.86 41.61 31.34
N ARG I 131 -64.29 40.41 31.71
CA ARG I 131 -63.73 39.20 31.08
C ARG I 131 -64.02 39.24 29.58
N ASP I 132 -65.24 39.59 29.19
CA ASP I 132 -65.62 39.58 27.75
C ASP I 132 -64.80 40.61 26.98
N ILE I 133 -64.63 41.82 27.51
CA ILE I 133 -63.94 42.90 26.74
C ILE I 133 -62.44 42.56 26.64
N THR I 134 -61.82 42.22 27.77
CA THR I 134 -60.36 41.93 27.76
C THR I 134 -60.12 40.78 26.78
N MET I 135 -61.06 39.84 26.71
CA MET I 135 -60.87 38.67 25.82
C MET I 135 -60.85 39.15 24.36
N ASP I 136 -61.74 40.09 24.02
CA ASP I 136 -61.78 40.61 22.64
C ASP I 136 -60.47 41.31 22.32
N ASP I 137 -59.93 42.07 23.28
CA ASP I 137 -58.67 42.82 23.06
C ASP I 137 -57.54 41.84 22.78
N ILE I 138 -57.50 40.73 23.52
CA ILE I 138 -56.38 39.75 23.36
C ILE I 138 -56.70 38.81 22.18
N MET I 139 -57.97 38.75 21.76
CA MET I 139 -58.30 37.93 20.56
C MET I 139 -58.35 38.85 19.33
N THR I 147 -56.92 30.17 24.40
CA THR I 147 -56.08 29.16 25.00
C THR I 147 -55.75 29.57 26.44
N PHE I 148 -55.10 28.65 27.17
CA PHE I 148 -54.72 28.97 28.57
C PHE I 148 -53.77 30.17 28.55
N ASN I 149 -53.00 30.31 27.48
CA ASN I 149 -52.12 31.49 27.35
C ASN I 149 -53.03 32.73 27.29
N ASP I 150 -54.12 32.64 26.52
CA ASP I 150 -55.08 33.77 26.43
C ASP I 150 -55.70 34.01 27.81
N TRP I 151 -56.08 32.94 28.51
CA TRP I 151 -56.73 33.09 29.84
C TRP I 151 -55.75 33.74 30.82
N GLY I 152 -54.49 33.32 30.79
CA GLY I 152 -53.48 33.88 31.69
C GLY I 152 -53.28 35.36 31.43
N GLU I 153 -53.29 35.74 30.16
CA GLU I 153 -53.16 37.17 29.77
C GLU I 153 -54.40 37.92 30.29
N CYS I 154 -55.58 37.30 30.19
CA CYS I 154 -56.82 37.94 30.68
C CYS I 154 -56.69 38.16 32.19
N ALA I 155 -56.16 37.17 32.90
CA ALA I 155 -55.94 37.32 34.36
C ALA I 155 -54.94 38.44 34.59
N THR I 156 -53.91 38.51 33.76
CA THR I 156 -52.85 39.54 33.94
C THR I 156 -53.47 40.93 33.79
N ARG I 157 -54.36 41.09 32.81
CA ARG I 157 -55.02 42.40 32.61
C ARG I 157 -55.82 42.73 33.87
N ILE I 158 -56.57 41.76 34.39
CA ILE I 158 -57.46 42.03 35.56
C ILE I 158 -56.60 42.41 36.77
N VAL I 159 -55.51 41.68 37.02
CA VAL I 159 -54.68 41.94 38.23
C VAL I 159 -54.06 43.33 38.08
N SER I 160 -53.62 43.68 36.86
CA SER I 160 -52.95 44.98 36.63
C SER I 160 -53.92 46.12 36.95
N ILE I 161 -55.19 45.97 36.53
CA ILE I 161 -56.19 47.05 36.75
C ILE I 161 -56.27 47.33 38.24
N TYR I 162 -56.48 46.30 39.06
CA TYR I 162 -56.66 46.52 40.52
C TYR I 162 -55.44 47.25 41.10
N ARG I 163 -54.24 46.84 40.70
CA ARG I 163 -53.02 47.47 41.26
C ARG I 163 -53.05 48.97 40.90
N TYR I 164 -53.35 49.28 39.64
CA TYR I 164 -53.39 50.69 39.20
C TYR I 164 -54.44 51.43 40.04
N ILE I 165 -55.66 50.89 40.10
CA ILE I 165 -56.76 51.61 40.83
C ILE I 165 -56.33 51.82 42.28
N SER I 166 -55.72 50.80 42.91
CA SER I 166 -55.36 50.89 44.35
C SER I 166 -54.45 52.08 44.63
N LYS I 167 -53.40 52.29 43.83
CA LYS I 167 -52.44 53.38 44.16
C LYS I 167 -53.20 54.71 44.10
N LEU I 168 -54.11 54.85 43.14
CA LEU I 168 -54.95 56.08 43.08
C LEU I 168 -55.90 56.05 44.27
N GLN I 169 -56.37 54.86 44.67
CA GLN I 169 -57.36 54.72 45.76
C GLN I 169 -56.81 55.40 47.02
N GLU I 170 -55.55 55.13 47.35
CA GLU I 170 -54.94 55.75 48.56
C GLU I 170 -54.81 57.25 48.32
N HIS I 171 -54.40 57.64 47.11
CA HIS I 171 -54.21 59.07 46.76
C HIS I 171 -55.52 59.88 46.81
N TYR I 172 -56.59 59.36 46.19
CA TYR I 172 -57.81 60.20 46.03
C TYR I 172 -58.93 59.82 46.99
N GLN I 173 -58.67 58.96 47.97
CA GLN I 173 -59.72 58.68 48.99
C GLN I 173 -61.02 58.25 48.30
N PHE I 174 -60.95 57.29 47.38
CA PHE I 174 -62.21 56.78 46.78
C PHE I 174 -62.37 55.30 47.12
N HIS I 175 -63.54 54.92 47.64
CA HIS I 175 -63.79 53.48 47.88
C HIS I 175 -63.97 52.82 46.51
N LEU I 176 -63.45 51.60 46.35
CA LEU I 176 -63.70 50.88 45.07
C LEU I 176 -64.75 49.80 45.33
N ALA I 177 -65.63 49.56 44.36
CA ALA I 177 -66.64 48.49 44.49
C ALA I 177 -66.81 47.78 43.13
N ILE I 178 -66.75 46.45 43.12
CA ILE I 178 -67.02 45.70 41.86
C ILE I 178 -68.18 44.74 42.13
N SER I 179 -69.05 44.53 41.15
CA SER I 179 -70.25 43.66 41.35
C SER I 179 -70.34 42.63 40.22
N GLY I 180 -70.84 41.43 40.52
CA GLY I 180 -70.95 40.35 39.52
C GLY I 180 -72.21 39.52 39.70
N HIS I 181 -72.39 38.47 38.91
CA HIS I 181 -73.66 37.67 38.98
C HIS I 181 -73.42 36.27 39.52
N GLU I 182 -74.25 35.84 40.47
CA GLU I 182 -74.14 34.49 41.07
C GLU I 182 -74.29 33.40 39.99
N GLY I 183 -73.37 32.44 39.96
CA GLY I 183 -73.49 31.31 39.01
C GLY I 183 -72.51 30.19 39.34
N THR I 200 -71.12 31.16 44.76
CA THR I 200 -69.97 32.09 44.64
C THR I 200 -70.15 32.97 43.39
N ILE I 201 -69.38 34.05 43.28
CA ILE I 201 -69.46 34.91 42.06
C ILE I 201 -69.05 34.05 40.86
N GLU I 202 -69.77 34.17 39.75
CA GLU I 202 -69.48 33.29 38.58
C GLU I 202 -68.29 33.84 37.79
N ALA I 203 -67.31 32.98 37.48
CA ALA I 203 -66.11 33.39 36.70
C ALA I 203 -65.14 32.21 36.66
N GLN I 204 -63.93 32.41 36.12
CA GLN I 204 -62.91 31.34 36.16
C GLN I 204 -62.03 31.57 37.41
N ASP I 205 -61.66 30.50 38.11
CA ASP I 205 -60.92 30.65 39.40
C ASP I 205 -59.78 31.68 39.33
N GLN I 206 -58.95 31.68 38.29
CA GLN I 206 -57.75 32.54 38.30
C GLN I 206 -58.24 33.96 38.62
N ILE I 207 -59.37 34.35 38.05
CA ILE I 207 -59.96 35.70 38.32
C ILE I 207 -60.52 35.68 39.74
N LYS I 208 -61.39 34.71 40.04
CA LYS I 208 -62.01 34.65 41.39
C LYS I 208 -60.90 34.75 42.45
N LYS I 209 -59.85 33.93 42.33
CA LYS I 209 -58.77 33.95 43.35
C LYS I 209 -58.31 35.39 43.55
N ALA I 210 -57.93 36.06 42.45
CA ALA I 210 -57.40 37.42 42.56
C ALA I 210 -58.42 38.36 43.20
N VAL I 211 -59.66 38.30 42.73
CA VAL I 211 -60.71 39.22 43.25
C VAL I 211 -60.88 38.97 44.75
N ILE I 212 -61.12 37.72 45.15
CA ILE I 212 -61.41 37.44 46.58
C ILE I 212 -60.20 37.88 47.41
N SER I 213 -58.98 37.51 47.00
CA SER I 213 -57.79 37.85 47.83
C SER I 213 -57.73 39.36 48.06
N GLN I 214 -57.73 40.14 46.99
CA GLN I 214 -57.60 41.62 47.09
C GLN I 214 -58.80 42.26 47.81
N SER I 215 -60.03 41.78 47.55
CA SER I 215 -61.22 42.46 48.12
C SER I 215 -61.21 42.44 49.66
N ASP I 216 -61.41 43.60 50.28
CA ASP I 216 -61.52 43.65 51.76
C ASP I 216 -62.81 42.96 52.19
N VAL I 217 -63.95 43.43 51.71
CA VAL I 217 -65.27 42.87 52.13
C VAL I 217 -65.94 42.16 50.96
N LEU I 218 -66.25 40.87 51.09
CA LEU I 218 -67.01 40.18 50.03
C LEU I 218 -68.37 39.80 50.64
N ALA I 219 -69.46 40.17 49.98
CA ALA I 219 -70.80 39.94 50.57
C ALA I 219 -71.76 39.40 49.51
N ARG I 220 -72.78 38.66 49.93
CA ARG I 220 -73.81 38.13 49.01
C ARG I 220 -75.13 38.77 49.38
N MET I 221 -75.84 39.35 48.40
CA MET I 221 -77.08 40.12 48.71
C MET I 221 -78.29 39.29 48.28
N THR I 222 -79.21 39.01 49.22
CA THR I 222 -80.40 38.17 48.91
C THR I 222 -81.66 38.79 49.54
N ILE I 223 -82.84 38.51 48.96
CA ILE I 223 -84.12 39.06 49.48
C ILE I 223 -84.78 37.99 50.34
N GLU I 224 -85.14 38.31 51.58
CA GLU I 224 -85.74 37.32 52.50
C GLU I 224 -87.10 37.84 52.97
N THR I 233 -93.48 40.84 55.19
CA THR I 233 -93.21 41.35 53.82
C THR I 233 -91.79 40.96 53.41
N TYR I 234 -91.48 41.03 52.11
CA TYR I 234 -90.12 40.72 51.62
C TYR I 234 -89.14 41.79 52.15
N GLN I 235 -87.94 41.36 52.53
CA GLN I 235 -86.92 42.32 53.04
C GLN I 235 -85.62 42.15 52.25
N TYR I 236 -84.91 43.24 51.99
CA TYR I 236 -83.61 43.17 51.27
C TYR I 236 -82.48 43.24 52.30
N VAL I 237 -81.70 42.17 52.43
CA VAL I 237 -80.64 42.13 53.50
C VAL I 237 -79.34 41.57 52.93
N LEU I 238 -78.21 42.17 53.30
CA LEU I 238 -76.88 41.70 52.83
C LEU I 238 -76.30 40.80 53.92
N ASN I 239 -76.03 39.52 53.61
CA ASN I 239 -75.54 38.59 54.66
C ASN I 239 -74.08 38.24 54.42
N ALA I 240 -73.20 38.67 55.33
CA ALA I 240 -71.76 38.33 55.20
C ALA I 240 -71.38 37.31 56.29
N GLU I 241 -72.36 36.77 57.00
CA GLU I 241 -72.08 35.77 58.07
C GLU I 241 -71.40 34.55 57.45
N PRO I 242 -70.39 33.93 58.10
CA PRO I 242 -69.66 32.81 57.51
C PRO I 242 -70.63 31.66 57.22
N SER I 243 -70.37 30.89 56.17
CA SER I 243 -71.27 29.78 55.79
C SER I 243 -70.61 28.86 54.76
N ASN I 244 -70.76 27.54 54.93
CA ASN I 244 -70.23 26.59 53.90
C ASN I 244 -70.93 26.80 52.56
N LEU I 245 -72.25 27.01 52.57
CA LEU I 245 -73.02 27.10 51.29
C LEU I 245 -72.58 28.28 50.42
N PHE I 246 -72.31 29.44 51.02
CA PHE I 246 -71.94 30.65 50.25
C PHE I 246 -70.69 31.25 50.91
N GLU I 247 -69.82 31.93 50.17
CA GLU I 247 -68.59 32.40 50.88
C GLU I 247 -68.62 33.91 51.06
N THR I 248 -68.46 34.35 52.30
CA THR I 248 -68.47 35.80 52.62
C THR I 248 -67.32 36.09 53.59
N LYS I 249 -66.76 37.31 53.57
CA LYS I 249 -65.73 37.66 54.57
C LYS I 249 -65.74 39.17 54.82
N ILE I 250 -65.85 39.60 56.07
CA ILE I 250 -65.75 41.05 56.36
C ILE I 250 -64.48 41.26 57.20
N ARG I 251 -63.65 42.26 56.86
CA ARG I 251 -62.38 42.43 57.60
C ARG I 251 -62.54 43.52 58.66
N HIS I 252 -62.34 43.16 59.93
CA HIS I 252 -62.41 44.16 61.04
C HIS I 252 -61.26 43.86 62.02
N SER I 253 -60.79 44.88 62.73
CA SER I 253 -59.65 44.69 63.66
C SER I 253 -60.12 43.88 64.88
N SER I 254 -59.19 43.23 65.59
CA SER I 254 -59.55 42.37 66.73
C SER I 254 -60.52 43.08 67.69
N ASN I 255 -60.21 44.33 68.07
CA ASN I 255 -61.06 45.03 69.06
C ASN I 255 -62.48 45.20 68.50
N ILE I 256 -62.60 45.55 67.22
CA ILE I 256 -63.95 45.75 66.61
C ILE I 256 -64.67 44.40 66.56
N LYS I 257 -65.95 44.38 66.96
CA LYS I 257 -66.75 43.14 66.89
C LYS I 257 -68.03 43.42 66.12
N ILE I 258 -68.38 42.57 65.15
CA ILE I 258 -69.66 42.76 64.43
C ILE I 258 -70.72 41.89 65.11
N ASN I 259 -71.58 42.51 65.93
CA ASN I 259 -72.66 41.77 66.61
C ASN I 259 -73.63 41.22 65.55
N ASN I 260 -73.89 41.98 64.50
CA ASN I 260 -74.84 41.54 63.43
C ASN I 260 -74.18 41.65 62.06
N LYS I 261 -73.97 40.53 61.38
CA LYS I 261 -73.30 40.53 60.04
C LYS I 261 -74.35 40.62 58.91
N ARG I 262 -75.63 40.67 59.25
CA ARG I 262 -76.66 40.86 58.18
C ARG I 262 -77.19 42.29 58.26
N PHE I 263 -77.13 43.03 57.14
CA PHE I 263 -77.59 44.44 57.14
C PHE I 263 -78.83 44.57 56.25
N ILE I 264 -79.94 45.06 56.80
CA ILE I 264 -81.19 45.26 56.01
C ILE I 264 -81.16 46.67 55.43
N ASN I 265 -81.69 46.87 54.21
CA ASN I 265 -81.56 48.21 53.57
C ASN I 265 -80.12 48.71 53.70
N PRO I 266 -79.10 47.96 53.22
CA PRO I 266 -77.70 48.36 53.40
C PRO I 266 -77.19 49.49 52.50
N SER I 267 -76.17 50.23 52.96
CA SER I 267 -75.54 51.29 52.14
C SER I 267 -74.03 51.20 52.36
N ILE I 268 -73.20 51.79 51.49
CA ILE I 268 -71.73 51.59 51.68
C ILE I 268 -71.34 52.23 53.01
N ASN I 269 -71.89 53.40 53.33
CA ASN I 269 -71.59 54.09 54.61
C ASN I 269 -71.80 53.12 55.79
N ASP I 270 -72.99 52.55 55.92
CA ASP I 270 -73.29 51.68 57.05
C ASP I 270 -72.22 50.60 57.23
N VAL I 271 -71.83 49.97 56.12
CA VAL I 271 -70.78 48.92 56.19
C VAL I 271 -69.49 49.58 56.68
N VAL I 272 -69.11 50.71 56.10
CA VAL I 272 -67.85 51.42 56.52
C VAL I 272 -67.91 51.67 58.03
N GLN I 273 -69.02 52.21 58.54
CA GLN I 273 -69.12 52.53 59.96
C GLN I 273 -69.05 51.26 60.81
N ALA I 274 -69.67 50.17 60.35
CA ALA I 274 -69.61 48.91 61.08
C ALA I 274 -68.17 48.39 61.14
N ILE I 275 -67.40 48.60 60.07
CA ILE I 275 -66.02 48.01 60.02
C ILE I 275 -65.01 48.94 60.69
N ARG I 276 -65.32 50.24 60.84
CA ARG I 276 -64.43 51.12 61.60
C ARG I 276 -64.82 51.23 63.06
N ASN I 277 -66.09 51.50 63.34
CA ASN I 277 -66.58 51.65 64.70
C ASN I 277 -67.36 50.40 65.13
N GLY I 278 -67.66 50.32 66.42
CA GLY I 278 -68.38 49.19 66.97
C GLY I 278 -69.75 48.97 66.37
N ASN I 279 -70.04 47.71 66.00
CA ASN I 279 -71.34 47.37 65.36
C ASN I 279 -72.48 47.84 66.26
N MET J 1 -16.43 83.50 21.46
CA MET J 1 -17.89 83.52 21.35
C MET J 1 -18.33 84.12 20.02
N ILE J 2 -19.23 83.42 19.32
CA ILE J 2 -19.78 83.92 18.03
C ILE J 2 -21.12 83.25 17.78
N ARG J 3 -22.14 84.01 17.35
CA ARG J 3 -23.46 83.40 17.03
C ARG J 3 -24.08 84.07 15.80
N ASN J 4 -24.90 83.34 15.05
CA ASN J 4 -25.62 83.94 13.89
C ASN J 4 -26.74 84.83 14.43
N ARG J 5 -27.09 85.90 13.70
CA ARG J 5 -28.12 86.86 14.17
C ARG J 5 -29.38 86.67 13.32
N LEU J 6 -29.51 85.54 12.64
CA LEU J 6 -30.64 85.35 11.69
C LEU J 6 -31.98 85.47 12.43
N SER J 7 -32.10 84.89 13.63
CA SER J 7 -33.41 84.87 14.31
C SER J 7 -33.87 86.30 14.59
N GLU J 8 -32.96 87.17 15.02
CA GLU J 8 -33.33 88.57 15.35
C GLU J 8 -33.66 89.33 14.07
N LEU J 9 -32.83 89.21 13.04
CA LEU J 9 -33.03 89.99 11.79
C LEU J 9 -34.40 89.64 11.20
N LEU J 10 -34.71 88.35 11.08
CA LEU J 10 -36.00 87.92 10.48
C LEU J 10 -37.15 88.49 11.29
N SER J 11 -37.02 88.51 12.62
CA SER J 11 -38.13 89.00 13.47
C SER J 11 -38.41 90.48 13.19
N GLU J 12 -37.36 91.30 13.09
CA GLU J 12 -37.54 92.76 12.89
C GLU J 12 -38.21 92.97 11.52
N ARG J 13 -37.74 92.29 10.48
CA ARG J 13 -38.32 92.44 9.13
C ARG J 13 -39.69 91.77 9.07
N GLY J 14 -39.96 90.83 9.98
CA GLY J 14 -41.28 90.18 10.06
C GLY J 14 -41.45 89.02 9.10
N LEU J 15 -40.42 88.71 8.30
CA LEU J 15 -40.49 87.53 7.39
C LEU J 15 -40.59 86.23 8.20
N LYS J 16 -41.43 85.29 7.75
CA LYS J 16 -41.55 83.98 8.44
C LYS J 16 -40.46 83.03 7.92
N ILE J 17 -40.12 82.01 8.70
CA ILE J 17 -39.04 81.06 8.30
C ILE J 17 -39.46 80.37 7.01
N SER J 18 -40.74 80.01 6.89
CA SER J 18 -41.19 79.23 5.70
C SER J 18 -40.95 80.03 4.42
N ARG J 19 -41.31 81.31 4.40
CA ARG J 19 -41.17 82.08 3.14
C ARG J 19 -39.69 82.19 2.79
N VAL J 20 -38.84 82.46 3.78
CA VAL J 20 -37.39 82.67 3.48
C VAL J 20 -36.85 81.37 2.88
N ALA J 21 -37.22 80.23 3.46
CA ALA J 21 -36.68 78.94 2.98
C ALA J 21 -37.11 78.70 1.53
N LYS J 22 -38.37 79.03 1.21
CA LYS J 22 -38.89 78.81 -0.17
C LYS J 22 -38.11 79.67 -1.16
N ASP J 23 -37.80 80.92 -0.79
CA ASP J 23 -37.11 81.84 -1.74
C ASP J 23 -35.63 81.48 -1.86
N VAL J 24 -34.90 81.47 -0.75
CA VAL J 24 -33.42 81.26 -0.83
C VAL J 24 -33.13 79.81 -1.22
N LYS J 25 -34.17 79.00 -1.41
CA LYS J 25 -34.00 77.59 -1.85
C LYS J 25 -33.14 76.84 -0.83
N ILE J 26 -33.31 77.14 0.47
CA ILE J 26 -32.58 76.38 1.53
C ILE J 26 -33.63 75.56 2.28
N ALA J 27 -33.35 74.28 2.56
CA ALA J 27 -34.37 73.41 3.20
C ALA J 27 -34.78 73.97 4.56
N ARG J 28 -36.08 73.97 4.85
CA ARG J 28 -36.60 74.55 6.12
C ARG J 28 -35.85 74.00 7.33
N SER J 29 -35.61 72.69 7.37
CA SER J 29 -35.01 72.11 8.60
C SER J 29 -33.64 72.75 8.86
N SER J 30 -32.81 72.88 7.82
CA SER J 30 -31.47 73.46 8.00
C SER J 30 -31.60 74.91 8.46
N LEU J 31 -32.50 75.68 7.82
CA LEU J 31 -32.62 77.12 8.14
C LEU J 31 -33.09 77.29 9.59
N THR J 32 -33.99 76.42 10.05
CA THR J 32 -34.50 76.49 11.44
C THR J 32 -33.35 76.19 12.42
N SER J 33 -32.59 75.13 12.15
CA SER J 33 -31.45 74.78 13.02
C SER J 33 -30.49 75.96 13.06
N MET J 34 -30.17 76.53 11.89
CA MET J 34 -29.24 77.69 11.80
C MET J 34 -29.89 78.93 12.44
N ALA J 35 -31.23 79.02 12.42
CA ALA J 35 -31.87 80.16 13.13
C ALA J 35 -31.47 80.06 14.59
N GLN J 36 -31.49 78.84 15.14
CA GLN J 36 -30.96 78.65 16.52
C GLN J 36 -29.45 78.53 16.36
N ASN J 37 -28.67 78.53 17.44
CA ASN J 37 -27.20 78.48 17.21
C ASN J 37 -26.77 77.01 17.30
N ASP J 38 -27.72 76.08 17.16
CA ASP J 38 -27.43 74.63 17.33
C ASP J 38 -26.40 74.14 16.31
N SER J 39 -26.50 74.53 15.04
CA SER J 39 -25.58 73.98 14.00
C SER J 39 -24.12 74.30 14.37
N GLU J 40 -23.18 73.48 13.90
CA GLU J 40 -21.74 73.73 14.19
C GLU J 40 -21.07 74.39 12.98
N MET J 41 -21.48 74.03 11.77
CA MET J 41 -20.84 74.59 10.53
C MET J 41 -21.88 75.28 9.64
N ILE J 42 -21.47 76.31 8.90
CA ILE J 42 -22.39 77.03 7.97
C ILE J 42 -21.76 77.05 6.57
N ARG J 43 -22.53 76.74 5.53
CA ARG J 43 -21.97 76.66 4.16
C ARG J 43 -21.84 78.08 3.57
N TYR J 44 -20.72 78.37 2.92
CA TYR J 44 -20.52 79.73 2.35
C TYR J 44 -21.75 80.12 1.53
N ASP J 45 -22.35 79.17 0.81
CA ASP J 45 -23.50 79.52 -0.06
C ASP J 45 -24.61 80.14 0.79
N ALA J 46 -24.86 79.59 1.98
CA ALA J 46 -25.94 80.09 2.85
C ALA J 46 -25.65 81.54 3.26
N ILE J 47 -24.39 81.85 3.57
CA ILE J 47 -24.05 83.21 4.05
C ILE J 47 -24.38 84.22 2.95
N ASP J 48 -24.11 83.89 1.68
CA ASP J 48 -24.32 84.88 0.59
C ASP J 48 -25.81 84.97 0.21
N LYS J 49 -26.48 83.84 0.04
CA LYS J 49 -27.90 83.87 -0.39
C LYS J 49 -28.67 84.75 0.60
N LEU J 50 -28.54 84.47 1.90
CA LEU J 50 -29.31 85.22 2.92
C LEU J 50 -28.88 86.69 2.91
N CYS J 51 -27.57 86.96 2.82
CA CYS J 51 -27.07 88.36 2.89
C CYS J 51 -27.59 89.16 1.69
N SER J 52 -27.66 88.55 0.51
CA SER J 52 -28.23 89.25 -0.65
C SER J 52 -29.73 89.41 -0.49
N TYR J 53 -30.38 88.44 0.16
CA TYR J 53 -31.87 88.47 0.27
C TYR J 53 -32.32 89.54 1.27
N LEU J 54 -31.58 89.74 2.35
CA LEU J 54 -32.01 90.71 3.39
C LEU J 54 -31.19 92.00 3.30
N HIS J 55 -30.43 92.16 2.22
CA HIS J 55 -29.64 93.41 2.03
C HIS J 55 -28.84 93.67 3.31
N ILE J 56 -28.23 92.62 3.85
CA ILE J 56 -27.40 92.76 5.08
C ILE J 56 -25.95 92.41 4.74
N SER J 57 -24.99 93.20 5.23
CA SER J 57 -23.57 92.88 5.02
C SER J 57 -23.18 91.67 5.87
N PRO J 58 -22.10 90.94 5.58
CA PRO J 58 -21.72 89.76 6.35
C PRO J 58 -21.51 90.16 7.81
N SER J 59 -21.03 91.39 8.03
CA SER J 59 -20.76 91.90 9.39
C SER J 59 -21.99 91.71 10.26
N GLU J 60 -23.13 92.16 9.76
CA GLU J 60 -24.40 92.14 10.54
C GLU J 60 -24.78 90.70 10.90
N PHE J 61 -24.58 89.76 9.99
CA PHE J 61 -25.04 88.36 10.23
C PHE J 61 -24.34 87.78 11.47
N PHE J 62 -23.07 88.11 11.72
CA PHE J 62 -22.39 87.43 12.86
C PHE J 62 -22.08 88.41 13.98
N GLU J 63 -22.30 88.01 15.24
CA GLU J 63 -21.93 88.86 16.39
C GLU J 63 -20.69 88.25 17.04
N HIS J 64 -19.66 89.05 17.31
CA HIS J 64 -18.41 88.51 17.83
C HIS J 64 -18.01 89.23 19.10
N ASN J 65 -17.28 88.51 19.96
CA ASN J 65 -16.74 89.04 21.20
C ASN J 65 -15.45 88.28 21.46
N PRO J 66 -14.35 88.97 21.76
CA PRO J 66 -13.07 88.27 21.91
C PRO J 66 -13.00 87.34 23.11
N ILE J 67 -13.93 87.43 24.06
CA ILE J 67 -13.89 86.55 25.22
C ILE J 67 -14.14 85.11 24.80
N ASN J 68 -13.66 84.18 25.63
CA ASN J 68 -13.79 82.76 25.32
C ASN J 68 -13.78 81.97 26.63
N PHE J 69 -14.79 81.11 26.83
CA PHE J 69 -14.88 80.36 28.11
C PHE J 69 -14.69 78.86 27.86
N ASP J 70 -14.12 78.15 28.83
CA ASP J 70 -13.94 76.67 28.71
C ASP J 70 -14.44 76.00 29.98
N PHE J 71 -15.10 74.84 29.85
CA PHE J 71 -15.66 74.13 31.03
C PHE J 71 -15.19 72.67 31.00
N THR J 72 -14.64 72.18 32.12
CA THR J 72 -14.22 70.76 32.20
C THR J 72 -14.91 70.11 33.40
N PHE J 73 -15.43 68.89 33.23
CA PHE J 73 -16.18 68.20 34.31
C PHE J 73 -15.33 67.06 34.88
N ASP J 74 -15.36 66.86 36.20
CA ASP J 74 -14.48 65.84 36.83
C ASP J 74 -14.77 64.47 36.25
N GLU J 75 -13.72 63.71 35.92
CA GLU J 75 -13.89 62.33 35.40
C GLU J 75 -14.51 61.47 36.50
N GLU J 76 -14.09 61.68 37.75
CA GLU J 76 -14.61 60.86 38.88
C GLU J 76 -15.49 61.74 39.77
N PRO J 77 -16.84 61.61 39.71
CA PRO J 77 -17.72 62.37 40.59
C PRO J 77 -18.08 61.52 41.83
N ASN J 78 -18.65 62.15 42.87
CA ASN J 78 -19.10 61.36 44.05
C ASN J 78 -20.63 61.26 43.98
N TYR J 79 -21.16 60.05 43.79
CA TYR J 79 -22.64 59.95 43.61
C TYR J 79 -23.22 58.82 44.46
N LYS J 80 -24.36 59.06 45.12
CA LYS J 80 -25.04 57.96 45.84
C LYS J 80 -26.51 57.97 45.44
N ILE J 81 -27.00 56.86 44.87
CA ILE J 81 -28.42 56.81 44.41
C ILE J 81 -29.11 55.64 45.09
N ASN J 82 -30.28 55.88 45.70
CA ASN J 82 -31.00 54.81 46.44
C ASN J 82 -32.32 54.50 45.74
N ASP J 83 -32.54 53.24 45.36
CA ASP J 83 -33.80 52.84 44.67
C ASP J 83 -34.97 53.04 45.64
N VAL J 84 -36.09 53.61 45.17
CA VAL J 84 -37.24 53.91 46.08
C VAL J 84 -38.35 52.87 45.91
N PHE J 85 -38.32 52.08 44.82
CA PHE J 85 -39.41 51.10 44.59
C PHE J 85 -40.74 51.85 44.52
N GLU J 86 -41.74 51.46 45.32
CA GLU J 86 -43.03 52.20 45.39
C GLU J 86 -43.80 52.10 44.07
N GLY J 87 -43.61 51.02 43.30
CA GLY J 87 -44.41 50.78 42.09
C GLY J 87 -44.40 51.89 41.04
N PHE J 88 -43.25 52.50 40.77
CA PHE J 88 -43.15 53.51 39.69
C PHE J 88 -43.86 53.01 38.42
N GLU J 89 -43.87 51.70 38.18
CA GLU J 89 -44.40 51.18 36.89
C GLU J 89 -45.81 51.72 36.61
N VAL J 90 -46.65 51.83 37.63
CA VAL J 90 -48.05 52.30 37.42
C VAL J 90 -48.02 53.78 37.00
N THR J 91 -47.54 54.67 37.87
CA THR J 91 -47.56 56.13 37.57
C THR J 91 -46.13 56.58 37.23
N ALA J 92 -45.95 57.29 36.10
CA ALA J 92 -44.58 57.64 35.67
C ALA J 92 -44.08 58.87 36.43
N ASN J 93 -43.78 58.72 37.72
CA ASN J 93 -43.20 59.84 38.50
C ASN J 93 -41.78 59.41 38.88
N ILE J 94 -40.77 59.98 38.24
CA ILE J 94 -39.36 59.53 38.44
C ILE J 94 -39.08 59.36 39.93
N THR J 95 -39.54 60.30 40.76
CA THR J 95 -39.15 60.27 42.19
C THR J 95 -39.38 58.86 42.77
N HIS J 96 -40.48 58.20 42.37
CA HIS J 96 -40.80 56.85 42.87
C HIS J 96 -39.72 55.85 42.43
N ALA J 97 -39.24 55.98 41.21
CA ALA J 97 -38.24 55.02 40.68
C ALA J 97 -36.91 55.10 41.44
N PHE J 98 -36.39 56.29 41.71
CA PHE J 98 -35.06 56.40 42.37
C PHE J 98 -34.92 57.72 43.13
N SER J 99 -34.03 57.76 44.12
CA SER J 99 -33.77 59.01 44.87
C SER J 99 -32.25 59.25 44.96
N ILE J 100 -31.79 60.48 44.74
CA ILE J 100 -30.34 60.81 44.82
C ILE J 100 -30.03 61.22 46.25
N GLU J 101 -29.23 60.43 46.97
CA GLU J 101 -28.84 60.82 48.35
C GLU J 101 -27.89 62.02 48.28
N ASN J 102 -26.84 61.95 47.45
CA ASN J 102 -25.93 63.11 47.29
C ASN J 102 -25.05 62.97 46.04
N PHE J 103 -25.06 63.98 45.17
CA PHE J 103 -24.23 63.96 43.93
C PHE J 103 -23.45 65.27 43.87
N ASP J 104 -22.14 65.22 44.12
CA ASP J 104 -21.31 66.46 44.13
C ASP J 104 -20.06 66.27 43.26
N PHE J 105 -19.60 67.33 42.60
CA PHE J 105 -18.41 67.23 41.72
C PHE J 105 -17.89 68.63 41.44
N GLU J 106 -16.83 68.75 40.62
CA GLU J 106 -16.21 70.07 40.39
C GLU J 106 -16.22 70.39 38.89
N ILE J 107 -16.49 71.65 38.54
CA ILE J 107 -16.39 72.07 37.11
C ILE J 107 -15.29 73.13 37.02
N LEU J 108 -14.28 72.92 36.18
CA LEU J 108 -13.14 73.88 36.10
C LEU J 108 -13.37 74.85 34.93
N VAL J 109 -13.42 76.15 35.20
CA VAL J 109 -13.72 77.14 34.12
C VAL J 109 -12.51 78.05 33.90
N ASP J 110 -12.09 78.23 32.64
CA ASP J 110 -10.93 79.11 32.31
C ASP J 110 -11.41 80.31 31.47
N VAL J 111 -11.42 81.50 32.05
CA VAL J 111 -11.91 82.71 31.32
C VAL J 111 -10.72 83.34 30.61
N GLU J 112 -10.57 83.05 29.32
CA GLU J 112 -9.37 83.57 28.59
C GLU J 112 -9.67 85.00 28.13
N LEU J 113 -8.81 85.96 28.49
CA LEU J 113 -9.08 87.38 28.14
C LEU J 113 -8.73 87.60 26.66
N ASP J 114 -8.95 88.82 26.15
CA ASP J 114 -8.54 89.13 24.75
C ASP J 114 -7.02 88.98 24.69
N ASN J 115 -6.33 89.49 25.72
CA ASN J 115 -4.85 89.30 25.79
C ASN J 115 -4.57 87.82 26.02
N ARG J 116 -3.31 87.40 25.88
CA ARG J 116 -2.95 85.96 26.06
C ARG J 116 -3.26 85.54 27.49
N GLN J 117 -3.24 86.48 28.44
CA GLN J 117 -3.42 86.11 29.87
C GLN J 117 -4.77 85.43 30.08
N LYS J 118 -4.80 84.40 30.93
CA LYS J 118 -6.07 83.68 31.22
C LYS J 118 -6.28 83.63 32.74
N LEU J 119 -7.53 83.54 33.19
CA LEU J 119 -7.80 83.42 34.65
C LEU J 119 -8.45 82.06 34.88
N ASN J 120 -8.13 81.42 36.00
CA ASN J 120 -8.71 80.09 36.33
C ASN J 120 -9.67 80.19 37.50
N PHE J 121 -10.92 79.73 37.33
CA PHE J 121 -11.87 79.71 38.47
C PHE J 121 -12.35 78.27 38.64
N ASP J 122 -12.46 77.79 39.88
CA ASP J 122 -12.87 76.37 40.12
C ASP J 122 -14.23 76.37 40.83
N LEU J 123 -15.23 75.71 40.24
CA LEU J 123 -16.59 75.72 40.81
C LEU J 123 -16.90 74.34 41.39
N ASP J 124 -17.45 74.27 42.61
CA ASP J 124 -17.86 72.96 43.19
C ASP J 124 -19.39 72.93 43.17
N VAL J 125 -19.98 71.91 42.56
CA VAL J 125 -21.47 71.90 42.40
C VAL J 125 -22.06 70.68 43.12
N SER J 126 -23.16 70.87 43.87
CA SER J 126 -23.76 69.77 44.64
C SER J 126 -25.27 69.66 44.39
N TYR J 127 -25.87 68.50 44.64
CA TYR J 127 -27.33 68.30 44.46
C TYR J 127 -28.09 69.01 45.58
N LYS J 128 -29.24 69.59 45.26
CA LYS J 128 -30.05 70.31 46.28
C LYS J 128 -31.43 69.66 46.41
N GLU J 129 -32.16 69.55 45.29
CA GLU J 129 -33.51 69.01 45.33
C GLU J 129 -33.97 68.71 43.91
N THR J 130 -35.07 67.96 43.78
CA THR J 130 -35.64 67.69 42.43
C THR J 130 -36.96 68.43 42.26
N GLU J 131 -36.95 69.58 41.61
CA GLU J 131 -38.19 70.39 41.42
C GLU J 131 -39.11 69.72 40.39
N LYS J 132 -40.43 69.91 40.53
CA LYS J 132 -41.41 69.35 39.58
C LYS J 132 -41.92 70.48 38.67
N ILE J 133 -41.32 70.65 37.49
CA ILE J 133 -41.72 71.76 36.58
C ILE J 133 -43.16 71.55 36.15
N THR J 134 -43.54 70.31 35.81
CA THR J 134 -44.94 69.97 35.44
C THR J 134 -45.27 68.61 36.05
N ASN J 135 -46.54 68.19 36.01
CA ASN J 135 -46.89 66.92 36.70
C ASN J 135 -46.08 65.77 36.09
N SER J 136 -45.92 65.75 34.76
CA SER J 136 -45.22 64.60 34.12
C SER J 136 -43.71 64.81 34.01
N GLN J 137 -43.20 66.03 34.26
CA GLN J 137 -41.74 66.27 34.05
C GLN J 137 -41.09 66.95 35.26
N HIS J 138 -39.84 66.61 35.56
CA HIS J 138 -39.11 67.23 36.70
C HIS J 138 -37.75 67.76 36.22
N ARG J 139 -37.16 68.68 36.98
CA ARG J 139 -35.81 69.21 36.64
C ARG J 139 -34.93 69.13 37.88
N PHE J 140 -33.88 68.30 37.85
CA PHE J 140 -32.94 68.24 38.99
C PHE J 140 -32.30 69.61 39.14
N ILE J 141 -32.17 70.10 40.39
CA ILE J 141 -31.59 71.44 40.61
C ILE J 141 -30.26 71.28 41.35
N PHE J 142 -29.18 71.84 40.79
CA PHE J 142 -27.83 71.74 41.43
C PHE J 142 -27.35 73.15 41.78
N THR J 143 -26.78 73.32 42.98
CA THR J 143 -26.36 74.68 43.42
C THR J 143 -24.84 74.68 43.64
N ILE J 144 -24.17 75.75 43.20
CA ILE J 144 -22.69 75.88 43.39
C ILE J 144 -22.41 76.06 44.89
N LYS J 145 -21.50 75.27 45.45
CA LYS J 145 -21.22 75.32 46.91
C LYS J 145 -20.45 76.61 47.21
N ASN J 146 -19.28 76.76 46.59
CA ASN J 146 -18.46 78.00 46.80
C ASN J 146 -18.77 79.02 45.70
N GLU J 147 -19.34 80.17 46.09
CA GLU J 147 -19.60 81.25 45.11
C GLU J 147 -18.79 82.49 45.51
N ASP J 148 -18.53 82.68 46.81
CA ASP J 148 -17.82 83.90 47.29
C ASP J 148 -16.39 83.95 46.73
N GLU J 149 -15.69 82.82 46.71
CA GLU J 149 -14.33 82.76 46.13
C GLU J 149 -14.38 83.05 44.63
N ASN J 150 -15.48 82.70 43.96
CA ASN J 150 -15.53 82.86 42.48
C ASN J 150 -16.46 84.03 42.10
N ILE J 151 -16.49 85.09 42.90
CA ILE J 151 -17.30 86.30 42.55
C ILE J 151 -16.78 86.94 41.26
N GLY J 152 -15.46 86.95 41.06
CA GLY J 152 -14.86 87.62 39.89
C GLY J 152 -15.38 87.02 38.59
N LEU J 153 -15.68 85.72 38.60
CA LEU J 153 -16.14 85.03 37.36
C LEU J 153 -17.41 85.74 36.90
N LYS J 154 -18.27 86.14 37.85
CA LYS J 154 -19.56 86.78 37.48
C LYS J 154 -19.29 88.09 36.73
N LYS J 155 -18.27 88.84 37.13
CA LYS J 155 -18.00 90.15 36.48
C LYS J 155 -17.68 89.93 34.99
N TYR J 156 -16.91 88.89 34.68
CA TYR J 156 -16.64 88.56 33.25
C TYR J 156 -17.92 88.14 32.53
N VAL J 157 -18.78 87.35 33.19
CA VAL J 157 -19.99 86.80 32.49
C VAL J 157 -20.95 87.92 32.07
N ASP J 158 -21.30 88.84 32.96
CA ASP J 158 -22.32 89.86 32.63
C ASP J 158 -21.78 90.89 31.64
N SER J 159 -20.47 90.89 31.38
CA SER J 159 -19.91 91.83 30.43
C SER J 159 -20.31 91.51 28.99
N LEU J 160 -20.73 90.26 28.75
CA LEU J 160 -21.12 89.85 27.37
C LEU J 160 -22.48 90.48 27.02
N SER J 161 -22.81 90.50 25.73
CA SER J 161 -24.13 91.02 25.28
C SER J 161 -25.19 90.00 25.66
N ALA J 162 -26.46 90.41 25.71
CA ALA J 162 -27.51 89.49 26.19
C ALA J 162 -27.57 88.25 25.29
N GLY J 163 -27.46 88.44 23.97
CA GLY J 163 -27.58 87.28 23.07
C GLY J 163 -26.50 86.25 23.32
N LEU J 164 -25.25 86.71 23.49
CA LEU J 164 -24.14 85.77 23.79
C LEU J 164 -24.37 85.12 25.16
N LYS J 165 -24.84 85.89 26.14
CA LYS J 165 -25.00 85.33 27.51
C LYS J 165 -26.02 84.20 27.48
N ASN J 166 -27.12 84.40 26.76
CA ASN J 166 -28.17 83.34 26.67
C ASN J 166 -27.54 82.10 26.02
N LEU J 167 -26.71 82.29 24.99
CA LEU J 167 -26.04 81.14 24.33
C LEU J 167 -25.16 80.42 25.35
N LEU J 168 -24.34 81.15 26.11
CA LEU J 168 -23.39 80.49 27.05
C LEU J 168 -24.19 79.68 28.07
N PHE J 169 -25.28 80.23 28.58
CA PHE J 169 -26.08 79.53 29.62
C PHE J 169 -26.65 78.23 29.03
N LYS J 170 -27.10 78.27 27.77
CA LYS J 170 -27.59 77.01 27.14
C LYS J 170 -26.45 76.00 27.11
N LYS J 171 -25.24 76.43 26.75
CA LYS J 171 -24.12 75.46 26.61
C LYS J 171 -23.80 74.82 27.96
N ILE J 172 -23.73 75.62 29.03
CA ILE J 172 -23.33 75.07 30.35
C ILE J 172 -24.42 74.07 30.79
N ASN J 173 -25.69 74.40 30.57
CA ASN J 173 -26.81 73.53 31.01
C ASN J 173 -26.81 72.24 30.17
N GLN J 174 -26.74 72.35 28.84
CA GLN J 174 -26.84 71.13 28.00
C GLN J 174 -25.80 70.11 28.49
N LYS J 175 -24.56 70.56 28.70
CA LYS J 175 -23.47 69.64 29.15
C LYS J 175 -23.84 69.05 30.51
N LEU J 176 -24.27 69.88 31.45
CA LEU J 176 -24.59 69.39 32.81
C LEU J 176 -25.67 68.32 32.70
N SER J 177 -26.72 68.58 31.93
CA SER J 177 -27.86 67.63 31.84
C SER J 177 -27.36 66.30 31.27
N GLY J 178 -26.51 66.35 30.25
CA GLY J 178 -25.95 65.11 29.70
C GLY J 178 -25.09 64.39 30.72
N TYR J 179 -24.25 65.14 31.43
CA TYR J 179 -23.33 64.51 32.43
C TYR J 179 -24.16 63.78 33.49
N VAL J 180 -25.02 64.49 34.21
CA VAL J 180 -25.77 63.86 35.34
C VAL J 180 -26.66 62.74 34.80
N SER J 181 -27.36 62.97 33.68
CA SER J 181 -28.29 61.94 33.18
C SER J 181 -27.52 60.64 32.86
N GLU J 182 -26.36 60.77 32.22
CA GLU J 182 -25.59 59.56 31.81
C GLU J 182 -25.16 58.79 33.05
N ILE J 183 -24.74 59.49 34.10
CA ILE J 183 -24.28 58.81 35.34
C ILE J 183 -25.47 58.03 35.93
N ILE J 184 -26.63 58.67 36.06
CA ILE J 184 -27.79 57.99 36.73
C ILE J 184 -28.24 56.78 35.91
N VAL J 185 -28.38 56.93 34.60
CA VAL J 185 -28.95 55.82 33.78
C VAL J 185 -28.13 54.53 34.05
N LYS J 186 -26.82 54.64 34.26
CA LYS J 186 -26.00 53.41 34.45
C LYS J 186 -26.36 52.76 35.79
N ASN J 187 -26.44 53.54 36.87
CA ASN J 187 -26.66 52.96 38.21
C ASN J 187 -28.05 52.34 38.35
N ILE J 188 -29.08 52.93 37.75
CA ILE J 188 -30.48 52.43 37.96
C ILE J 188 -30.93 51.59 36.75
N ASP J 189 -31.47 50.39 36.99
CA ASP J 189 -31.98 49.52 35.90
C ASP J 189 -33.32 50.07 35.39
N ASP J 190 -33.68 49.77 34.14
CA ASP J 190 -34.91 50.34 33.55
C ASP J 190 -36.17 49.61 34.03
N ILE J 191 -37.29 50.31 34.10
CA ILE J 191 -38.59 49.66 34.47
C ILE J 191 -39.59 50.00 33.38
N GLU J 192 -40.24 49.01 32.76
CA GLU J 192 -41.19 49.28 31.64
C GLU J 192 -42.62 49.38 32.20
N GLU J 193 -43.42 50.33 31.69
CA GLU J 193 -44.81 50.54 32.22
C GLU J 193 -45.76 49.43 31.77
N LEU J 194 -46.77 49.13 32.57
CA LEU J 194 -47.77 48.08 32.23
C LEU J 194 -48.58 48.50 30.99
N PHE J 195 -49.06 49.74 30.97
CA PHE J 195 -49.95 50.19 29.85
C PHE J 195 -49.13 50.95 28.81
N LYS J 201 -45.08 54.84 22.45
CA LYS J 201 -46.10 54.18 23.31
C LYS J 201 -45.51 53.94 24.71
N SER J 202 -44.91 52.76 24.93
CA SER J 202 -44.34 52.43 26.25
C SER J 202 -43.19 53.39 26.58
N THR J 203 -43.11 53.86 27.83
CA THR J 203 -42.03 54.79 28.25
C THR J 203 -41.16 54.11 29.31
N THR J 204 -40.00 53.60 28.91
CA THR J 204 -39.11 52.90 29.88
C THR J 204 -38.47 53.94 30.80
N LEU J 205 -37.97 53.51 31.96
CA LEU J 205 -37.39 54.47 32.94
C LEU J 205 -36.19 55.19 32.32
N HIS J 206 -35.34 54.46 31.59
CA HIS J 206 -34.11 55.10 31.04
C HIS J 206 -34.50 56.25 30.10
N LYS J 207 -35.52 56.04 29.28
CA LYS J 207 -35.92 57.08 28.31
C LYS J 207 -36.36 58.32 29.09
N GLU J 208 -37.12 58.12 30.17
CA GLU J 208 -37.60 59.26 30.99
C GLU J 208 -36.39 59.97 31.61
N ILE J 209 -35.41 59.21 32.09
CA ILE J 209 -34.22 59.83 32.77
C ILE J 209 -33.49 60.70 31.76
N LEU J 210 -33.29 60.20 30.54
CA LEU J 210 -32.56 60.97 29.50
C LEU J 210 -33.33 62.24 29.17
N GLN J 211 -34.66 62.15 29.09
CA GLN J 211 -35.51 63.33 28.77
C GLN J 211 -35.34 64.36 29.90
N THR J 212 -35.26 63.90 31.15
CA THR J 212 -35.17 64.83 32.31
C THR J 212 -33.99 65.79 32.11
N ASP J 213 -34.17 67.06 32.46
CA ASP J 213 -33.11 68.09 32.29
C ASP J 213 -32.70 68.66 33.65
N SER J 214 -31.41 68.94 33.82
CA SER J 214 -30.92 69.54 35.09
C SER J 214 -30.38 70.95 34.82
N ARG J 215 -30.85 71.95 35.57
CA ARG J 215 -30.43 73.35 35.32
C ARG J 215 -29.72 73.88 36.56
N LEU J 216 -28.50 74.40 36.40
CA LEU J 216 -27.71 74.91 37.56
C LEU J 216 -28.37 76.17 38.11
N SER J 217 -28.51 76.27 39.43
CA SER J 217 -29.10 77.46 40.09
C SER J 217 -28.00 78.14 40.90
N SER J 218 -27.54 79.31 40.45
CA SER J 218 -26.40 79.98 41.14
C SER J 218 -26.43 81.49 40.91
N ASP J 219 -25.79 82.26 41.80
CA ASP J 219 -25.75 83.74 41.68
C ASP J 219 -24.95 84.12 40.42
N ILE J 220 -23.84 83.42 40.14
CA ILE J 220 -22.97 83.78 38.98
C ILE J 220 -23.84 83.90 37.73
N PHE J 221 -24.65 82.88 37.44
CA PHE J 221 -25.50 82.88 36.22
C PHE J 221 -26.89 83.35 36.63
N LYS J 222 -27.37 84.48 36.07
CA LYS J 222 -28.66 85.04 36.54
C LYS J 222 -29.77 84.88 35.49
N GLU J 223 -29.48 84.23 34.37
CA GLU J 223 -30.50 84.12 33.30
C GLU J 223 -30.40 82.76 32.60
N MET K 1 -21.48 86.00 -4.51
CA MET K 1 -20.04 85.85 -4.42
C MET K 1 -19.54 86.17 -3.02
N ILE K 2 -18.72 85.26 -2.46
CA ILE K 2 -18.14 85.48 -1.10
C ILE K 2 -16.86 84.64 -0.99
N ARG K 3 -15.77 85.21 -0.45
CA ARG K 3 -14.53 84.42 -0.25
C ARG K 3 -13.86 84.80 1.07
N ASN K 4 -13.12 83.87 1.68
CA ASN K 4 -12.35 84.18 2.91
C ASN K 4 -11.13 85.03 2.52
N ARG K 5 -10.68 85.92 3.40
CA ARG K 5 -9.55 86.83 3.09
C ARG K 5 -8.32 86.37 3.88
N LEU K 6 -8.32 85.13 4.36
CA LEU K 6 -7.22 84.67 5.25
C LEU K 6 -5.87 84.76 4.52
N SER K 7 -5.81 84.38 3.25
CA SER K 7 -4.49 84.34 2.55
C SER K 7 -3.88 85.74 2.51
N GLU K 8 -4.69 86.76 2.25
CA GLU K 8 -4.17 88.15 2.14
C GLU K 8 -3.77 88.64 3.54
N LEU K 9 -4.63 88.44 4.54
CA LEU K 9 -4.35 88.97 5.90
C LEU K 9 -3.03 88.39 6.42
N LEU K 10 -2.86 87.06 6.31
CA LEU K 10 -1.63 86.40 6.82
C LEU K 10 -0.41 86.98 6.09
N SER K 11 -0.53 87.24 4.79
CA SER K 11 0.63 87.74 4.01
C SER K 11 1.07 89.12 4.53
N GLU K 12 0.11 90.02 4.78
CA GLU K 12 0.44 91.39 5.23
C GLU K 12 1.12 91.30 6.61
N ARG K 13 0.57 90.51 7.52
CA ARG K 13 1.16 90.37 8.88
C ARG K 13 2.46 89.56 8.80
N GLY K 14 2.62 88.76 7.74
CA GLY K 14 3.86 88.00 7.54
C GLY K 14 3.90 86.68 8.30
N LEU K 15 2.84 86.35 9.04
CA LEU K 15 2.79 85.03 9.74
C LEU K 15 2.75 83.88 8.72
N LYS K 16 3.47 82.79 9.00
CA LYS K 16 3.46 81.61 8.09
C LYS K 16 2.28 80.71 8.46
N ILE K 17 1.83 79.87 7.52
CA ILE K 17 0.66 78.99 7.77
C ILE K 17 1.00 78.05 8.92
N SER K 18 2.24 77.55 8.97
CA SER K 18 2.58 76.54 10.00
C SER K 18 2.42 77.13 11.40
N ARG K 19 2.92 78.35 11.63
CA ARG K 19 2.85 78.91 13.01
C ARG K 19 1.39 79.10 13.39
N VAL K 20 0.58 79.63 12.47
CA VAL K 20 -0.84 79.93 12.82
C VAL K 20 -1.52 78.62 13.19
N ALA K 21 -1.27 77.56 12.43
CA ALA K 21 -1.95 76.27 12.69
C ALA K 21 -1.55 75.76 14.07
N LYS K 22 -0.28 75.89 14.43
CA LYS K 22 0.22 75.38 15.74
C LYS K 22 -0.48 76.14 16.87
N ASP K 23 -0.64 77.46 16.72
CA ASP K 23 -1.23 78.27 17.82
C ASP K 23 -2.74 78.06 17.90
N VAL K 24 -3.47 78.32 16.81
CA VAL K 24 -4.96 78.25 16.88
C VAL K 24 -5.40 76.79 17.01
N LYS K 25 -4.46 75.86 17.05
CA LYS K 25 -4.78 74.42 17.25
C LYS K 25 -5.72 73.96 16.13
N ILE K 26 -5.51 74.44 14.90
CA ILE K 26 -6.31 73.95 13.74
C ILE K 26 -5.34 73.16 12.84
N ALA K 27 -5.76 71.99 12.35
CA ALA K 27 -4.84 71.13 11.58
C ALA K 27 -4.36 71.87 10.33
N ARG K 28 -3.06 71.78 10.01
CA ARG K 28 -2.47 72.51 8.86
C ARG K 28 -3.27 72.25 7.57
N SER K 29 -3.65 71.00 7.32
CA SER K 29 -4.31 70.70 6.02
C SER K 29 -5.60 71.52 5.89
N SER K 30 -6.40 71.56 6.94
CA SER K 30 -7.69 72.30 6.88
C SER K 30 -7.40 73.79 6.68
N LEU K 31 -6.43 74.34 7.42
CA LEU K 31 -6.16 75.80 7.35
C LEU K 31 -5.65 76.15 5.94
N THR K 32 -4.85 75.28 5.33
CA THR K 32 -4.33 75.53 3.96
C THR K 32 -5.49 75.51 2.96
N SER K 33 -6.36 74.51 3.06
CA SER K 33 -7.53 74.44 2.16
C SER K 33 -8.36 75.71 2.33
N MET K 34 -8.63 76.10 3.58
CA MET K 34 -9.42 77.33 3.87
C MET K 34 -8.63 78.57 3.45
N ALA K 35 -7.30 78.52 3.46
CA ALA K 35 -6.54 79.69 2.96
C ALA K 35 -6.94 79.88 1.50
N GLN K 36 -7.05 78.78 0.74
CA GLN K 36 -7.58 78.86 -0.64
C GLN K 36 -9.11 78.89 -0.48
N ASN K 37 -9.87 79.16 -1.53
CA ASN K 37 -11.34 79.22 -1.30
C ASN K 37 -11.92 77.84 -1.62
N ASP K 38 -11.08 76.81 -1.66
CA ASP K 38 -11.53 75.45 -2.07
C ASP K 38 -12.61 74.91 -1.14
N SER K 39 -12.47 75.06 0.19
CA SER K 39 -13.45 74.45 1.13
C SER K 39 -14.86 74.98 0.85
N GLU K 40 -15.89 74.19 1.17
CA GLU K 40 -17.29 74.64 0.95
C GLU K 40 -17.90 75.15 2.26
N MET K 41 -17.53 74.56 3.39
CA MET K 41 -18.12 74.96 4.70
C MET K 41 -17.02 75.37 5.69
N ILE K 42 -17.31 76.31 6.59
CA ILE K 42 -16.33 76.76 7.62
C ILE K 42 -16.96 76.61 9.02
N ARG K 43 -16.23 76.05 9.98
CA ARG K 43 -16.81 75.80 11.32
C ARG K 43 -16.79 77.09 12.14
N TYR K 44 -17.88 77.40 12.85
CA TYR K 44 -17.94 78.66 13.64
C TYR K 44 -16.68 78.77 14.49
N ASP K 45 -16.18 77.66 15.04
CA ASP K 45 -15.01 77.73 15.95
C ASP K 45 -13.83 78.36 15.20
N ALA K 46 -13.64 78.00 13.93
CA ALA K 46 -12.49 78.52 13.14
C ALA K 46 -12.63 80.04 12.98
N ILE K 47 -13.85 80.53 12.75
CA ILE K 47 -14.04 81.98 12.50
C ILE K 47 -13.61 82.75 13.76
N ASP K 48 -13.92 82.23 14.96
CA ASP K 48 -13.62 83.01 16.19
C ASP K 48 -12.14 82.88 16.56
N LYS K 49 -11.59 81.66 16.53
CA LYS K 49 -10.17 81.47 16.95
C LYS K 49 -9.30 82.41 16.11
N LEU K 50 -9.46 82.37 14.78
CA LEU K 50 -8.61 83.20 13.89
C LEU K 50 -8.88 84.69 14.15
N CYS K 51 -10.15 85.07 14.30
CA CYS K 51 -10.50 86.51 14.48
C CYS K 51 -9.91 87.03 15.78
N SER K 52 -9.91 86.24 16.86
CA SER K 52 -9.27 86.66 18.10
C SER K 52 -7.76 86.69 17.95
N TYR K 53 -7.20 85.78 17.14
CA TYR K 53 -5.73 85.67 17.02
C TYR K 53 -5.16 86.84 16.21
N LEU K 54 -5.87 87.30 15.18
CA LEU K 54 -5.32 88.38 14.31
C LEU K 54 -6.00 89.71 14.63
N HIS K 55 -6.76 89.77 15.73
CA HIS K 55 -7.40 91.04 16.15
C HIS K 55 -8.16 91.60 14.94
N ILE K 56 -8.89 90.72 14.23
CA ILE K 56 -9.68 91.16 13.05
C ILE K 56 -11.17 90.91 13.35
N SER K 57 -12.02 91.87 13.01
CA SER K 57 -13.49 91.67 13.19
C SER K 57 -13.98 90.67 12.13
N PRO K 58 -15.15 90.02 12.32
CA PRO K 58 -15.64 89.03 11.37
C PRO K 58 -15.81 89.70 10.00
N SER K 59 -16.15 90.99 10.00
CA SER K 59 -16.36 91.75 8.74
C SER K 59 -15.15 91.57 7.84
N GLU K 60 -13.96 91.81 8.39
CA GLU K 60 -12.70 91.79 7.60
C GLU K 60 -12.49 90.40 7.00
N PHE K 61 -12.78 89.34 7.75
CA PHE K 61 -12.47 87.97 7.26
C PHE K 61 -13.23 87.67 5.96
N PHE K 62 -14.45 88.18 5.78
CA PHE K 62 -15.18 87.77 4.55
C PHE K 62 -15.39 88.96 3.62
N GLU K 63 -15.20 88.75 2.31
CA GLU K 63 -15.48 89.82 1.32
C GLU K 63 -16.77 89.47 0.59
N HIS K 64 -17.72 90.41 0.48
CA HIS K 64 -19.01 90.09 -0.11
C HIS K 64 -19.31 91.06 -1.25
N ASN K 65 -20.11 90.58 -2.20
CA ASN K 65 -20.58 91.36 -3.33
C ASN K 65 -21.95 90.79 -3.70
N PRO K 66 -22.97 91.63 -3.87
CA PRO K 66 -24.32 91.12 -4.12
C PRO K 66 -24.48 90.40 -5.45
N ILE K 67 -23.53 90.56 -6.38
CA ILE K 67 -23.67 89.90 -7.68
C ILE K 67 -23.58 88.38 -7.50
N ASN K 68 -24.13 87.66 -8.48
CA ASN K 68 -24.17 86.21 -8.42
C ASN K 68 -24.25 85.65 -9.83
N PHE K 69 -23.35 84.74 -10.18
CA PHE K 69 -23.33 84.20 -11.58
C PHE K 69 -23.68 82.72 -11.58
N ASP K 70 -24.31 82.24 -12.65
CA ASP K 70 -24.65 80.79 -12.77
C ASP K 70 -24.23 80.29 -14.15
N PHE K 71 -23.69 79.07 -14.22
CA PHE K 71 -23.20 78.50 -15.51
C PHE K 71 -23.83 77.13 -15.72
N THR K 72 -24.42 76.90 -16.90
CA THR K 72 -24.99 75.55 -17.21
C THR K 72 -24.36 75.04 -18.51
N PHE K 73 -23.97 73.77 -18.55
CA PHE K 73 -23.29 73.20 -19.75
C PHE K 73 -24.27 72.27 -20.48
N ASP K 74 -24.25 72.29 -21.82
CA ASP K 74 -25.22 71.49 -22.60
C ASP K 74 -25.09 70.00 -22.26
N GLU K 75 -26.21 69.33 -22.05
CA GLU K 75 -26.19 67.86 -21.77
C GLU K 75 -25.66 67.14 -23.01
N GLU K 76 -26.05 67.60 -24.20
CA GLU K 76 -25.62 66.94 -25.47
C GLU K 76 -24.64 67.85 -26.20
N PRO K 77 -23.32 67.58 -26.18
CA PRO K 77 -22.34 68.38 -26.93
C PRO K 77 -22.07 67.72 -28.30
N ASN K 78 -21.44 68.44 -29.23
CA ASN K 78 -21.07 67.81 -30.52
C ASN K 78 -19.56 67.55 -30.50
N TYR K 79 -19.15 66.27 -30.52
CA TYR K 79 -17.70 65.99 -30.37
C TYR K 79 -17.25 64.96 -31.40
N LYS K 80 -16.08 65.19 -32.03
CA LYS K 80 -15.52 64.16 -32.94
C LYS K 80 -14.06 63.94 -32.56
N ILE K 81 -13.69 62.71 -32.19
CA ILE K 81 -12.30 62.43 -31.75
C ILE K 81 -11.72 61.32 -32.64
N ASN K 82 -10.53 61.53 -33.22
CA ASN K 82 -9.92 60.54 -34.14
C ASN K 82 -8.64 59.98 -33.51
N ASP K 83 -8.56 58.66 -33.35
CA ASP K 83 -7.36 58.01 -32.75
C ASP K 83 -6.17 58.25 -33.69
N VAL K 84 -5.00 58.60 -33.15
CA VAL K 84 -3.82 58.94 -34.00
C VAL K 84 -2.82 57.76 -34.03
N PHE K 85 -2.94 56.82 -33.09
CA PHE K 85 -1.96 55.70 -33.03
C PHE K 85 -0.55 56.28 -32.85
N GLU K 86 0.39 55.93 -33.73
CA GLU K 86 1.76 56.54 -33.68
C GLU K 86 2.50 56.12 -32.40
N GLY K 87 2.19 54.96 -31.83
CA GLY K 87 2.96 54.44 -30.67
C GLY K 87 3.06 55.35 -29.47
N PHE K 88 1.98 56.02 -29.09
CA PHE K 88 1.99 56.84 -27.84
C PHE K 88 2.63 56.06 -26.68
N GLU K 89 2.49 54.74 -26.67
CA GLU K 89 2.96 53.95 -25.49
C GLU K 89 4.42 54.28 -25.14
N VAL K 90 5.27 54.47 -26.14
CA VAL K 90 6.71 54.76 -25.88
C VAL K 90 6.84 56.13 -25.20
N THR K 91 6.45 57.21 -25.91
CA THR K 91 6.62 58.58 -25.37
C THR K 91 5.26 59.12 -24.93
N ALA K 92 5.15 59.64 -23.71
CA ALA K 92 3.81 60.06 -23.20
C ALA K 92 3.47 61.44 -23.74
N ASN K 93 3.16 61.54 -25.04
CA ASN K 93 2.71 62.84 -25.61
C ASN K 93 1.25 62.62 -26.04
N ILE K 94 0.29 63.19 -25.29
CA ILE K 94 -1.15 62.93 -25.55
C ILE K 94 -1.45 63.05 -27.05
N THR K 95 -0.88 64.06 -27.72
CA THR K 95 -1.26 64.30 -29.13
C THR K 95 -1.18 63.00 -29.93
N HIS K 96 -0.17 62.17 -29.66
CA HIS K 96 0.01 60.89 -30.39
C HIS K 96 -1.17 59.96 -30.12
N ALA K 97 -1.64 59.93 -28.88
CA ALA K 97 -2.73 59.00 -28.51
C ALA K 97 -4.04 59.34 -29.22
N PHE K 98 -4.42 60.63 -29.29
CA PHE K 98 -5.74 60.98 -29.90
C PHE K 98 -5.74 62.42 -30.42
N SER K 99 -6.61 62.72 -31.39
CA SER K 99 -6.74 64.10 -31.91
C SER K 99 -8.21 64.51 -31.94
N ILE K 100 -8.53 65.73 -31.51
CA ILE K 100 -9.94 66.21 -31.52
C ILE K 100 -10.21 66.89 -32.86
N GLU K 101 -11.07 66.32 -33.69
CA GLU K 101 -11.42 66.98 -34.98
C GLU K 101 -12.23 68.25 -34.70
N ASN K 102 -13.29 68.15 -33.88
CA ASN K 102 -14.08 69.36 -33.52
C ASN K 102 -14.96 69.09 -32.29
N PHE K 103 -14.85 69.94 -31.27
CA PHE K 103 -15.69 69.80 -30.04
C PHE K 103 -16.33 71.16 -29.75
N ASP K 104 -17.63 71.29 -29.99
CA ASP K 104 -18.32 72.59 -29.77
C ASP K 104 -19.60 72.39 -28.93
N PHE K 105 -19.94 73.37 -28.10
CA PHE K 105 -21.13 73.25 -27.23
C PHE K 105 -21.51 74.64 -26.72
N GLU K 106 -22.55 74.72 -25.88
CA GLU K 106 -23.03 76.05 -25.42
C GLU K 106 -23.00 76.11 -23.89
N ILE K 107 -22.60 77.25 -23.34
CA ILE K 107 -22.66 77.43 -21.85
C ILE K 107 -23.64 78.58 -21.58
N LEU K 108 -24.66 78.35 -20.77
CA LEU K 108 -25.71 79.39 -20.52
C LEU K 108 -25.38 80.11 -19.21
N VAL K 109 -25.19 81.44 -19.25
CA VAL K 109 -24.79 82.19 -18.03
C VAL K 109 -25.90 83.17 -17.64
N ASP K 110 -26.30 83.18 -16.36
CA ASP K 110 -27.36 84.10 -15.88
C ASP K 110 -26.77 85.09 -14.86
N VAL K 111 -26.62 86.37 -15.23
CA VAL K 111 -26.01 87.37 -14.31
C VAL K 111 -27.14 87.99 -13.49
N GLU K 112 -27.33 87.51 -12.27
CA GLU K 112 -28.45 88.02 -11.44
C GLU K 112 -28.02 89.31 -10.75
N LEU K 113 -28.76 90.40 -10.93
CA LEU K 113 -28.35 91.71 -10.35
C LEU K 113 -28.68 91.72 -8.86
N ASP K 114 -28.34 92.80 -8.15
CA ASP K 114 -28.72 92.91 -6.72
C ASP K 114 -30.24 92.92 -6.67
N ASN K 115 -30.88 93.66 -7.58
CA ASN K 115 -32.36 93.65 -7.67
C ASN K 115 -32.80 92.26 -8.15
N ARG K 116 -34.09 91.95 -8.05
CA ARG K 116 -34.59 90.62 -8.46
C ARG K 116 -34.33 90.41 -9.95
N GLN K 117 -34.25 91.49 -10.74
CA GLN K 117 -34.10 91.36 -12.21
C GLN K 117 -32.83 90.58 -12.54
N LYS K 118 -32.90 89.71 -13.56
CA LYS K 118 -31.71 88.92 -13.98
C LYS K 118 -31.50 89.10 -15.48
N LEU K 119 -30.26 88.97 -15.96
CA LEU K 119 -30.00 89.05 -17.42
C LEU K 119 -29.49 87.69 -17.89
N ASN K 120 -29.88 87.28 -19.10
CA ASN K 120 -29.44 85.97 -19.65
C ASN K 120 -28.47 86.18 -20.80
N PHE K 121 -27.28 85.56 -20.73
CA PHE K 121 -26.33 85.62 -21.86
C PHE K 121 -26.00 84.19 -22.28
N ASP K 122 -25.95 83.92 -23.58
CA ASP K 122 -25.68 82.54 -24.06
C ASP K 122 -24.33 82.51 -24.78
N LEU K 123 -23.40 81.65 -24.31
CA LEU K 123 -22.04 81.61 -24.89
C LEU K 123 -21.89 80.32 -25.70
N ASP K 124 -21.34 80.40 -26.92
CA ASP K 124 -21.07 79.18 -27.72
C ASP K 124 -19.56 78.98 -27.72
N VAL K 125 -19.07 77.82 -27.31
CA VAL K 125 -17.59 77.62 -27.17
C VAL K 125 -17.14 76.48 -28.09
N SER K 126 -16.03 76.68 -28.80
CA SER K 126 -15.53 75.66 -29.76
C SER K 126 -14.05 75.36 -29.54
N TYR K 127 -13.57 74.19 -29.99
CA TYR K 127 -12.14 73.82 -29.86
C TYR K 127 -11.30 74.61 -30.87
N LYS K 128 -10.09 75.00 -30.47
CA LYS K 128 -9.22 75.80 -31.37
C LYS K 128 -7.90 75.04 -31.61
N GLU K 129 -7.20 74.66 -30.54
CA GLU K 129 -5.91 74.00 -30.69
C GLU K 129 -5.50 73.42 -29.35
N THR K 130 -4.49 72.54 -29.35
CA THR K 130 -3.96 71.98 -28.08
C THR K 130 -2.55 72.54 -27.80
N GLU K 131 -2.45 73.57 -26.96
CA GLU K 131 -1.14 74.20 -26.66
C GLU K 131 -0.31 73.28 -25.77
N LYS K 132 1.02 73.34 -25.89
CA LYS K 132 1.95 72.53 -25.05
C LYS K 132 2.56 73.42 -23.98
N ILE K 133 1.97 73.45 -22.77
CA ILE K 133 2.48 74.35 -21.70
C ILE K 133 3.91 73.92 -21.34
N THR K 134 4.14 72.61 -21.22
CA THR K 134 5.50 72.07 -20.92
C THR K 134 5.68 70.80 -21.75
N ASN K 135 6.90 70.25 -21.81
CA ASN K 135 7.12 69.08 -22.69
C ASN K 135 6.18 67.94 -22.28
N SER K 136 6.01 67.71 -20.96
CA SER K 136 5.19 66.55 -20.51
C SER K 136 3.71 66.91 -20.35
N GLN K 137 3.33 68.19 -20.40
CA GLN K 137 1.91 68.54 -20.12
C GLN K 137 1.34 69.49 -21.19
N HIS K 138 0.06 69.33 -21.53
CA HIS K 138 -0.59 70.21 -22.54
C HIS K 138 -1.88 70.79 -21.96
N ARG K 139 -2.38 71.89 -22.56
CA ARG K 139 -3.65 72.50 -22.11
C ARG K 139 -4.54 72.72 -23.35
N PHE K 140 -5.67 72.01 -23.43
CA PHE K 140 -6.60 72.24 -24.56
C PHE K 140 -7.09 73.68 -24.47
N ILE K 141 -7.16 74.37 -25.61
CA ILE K 141 -7.60 75.80 -25.60
C ILE K 141 -8.93 75.91 -26.34
N PHE K 142 -9.95 76.47 -25.69
CA PHE K 142 -11.29 76.62 -26.31
C PHE K 142 -11.62 78.11 -26.42
N THR K 143 -12.15 78.55 -27.56
CA THR K 143 -12.44 79.99 -27.77
C THR K 143 -13.94 80.20 -27.97
N ILE K 144 -14.49 81.24 -27.34
CA ILE K 144 -15.95 81.56 -27.49
C ILE K 144 -16.20 82.01 -28.93
N LYS K 145 -17.20 81.43 -29.60
CA LYS K 145 -17.45 81.75 -31.03
C LYS K 145 -18.08 83.14 -31.10
N ASN K 146 -19.24 83.32 -30.46
CA ASN K 146 -19.91 84.65 -30.44
C ASN K 146 -19.50 85.44 -29.19
N GLU K 147 -18.81 86.57 -29.39
CA GLU K 147 -18.44 87.44 -28.24
C GLU K 147 -19.11 88.81 -28.43
N ASP K 148 -19.35 89.24 -29.66
CA ASP K 148 -19.92 90.59 -29.93
C ASP K 148 -21.33 90.70 -29.35
N GLU K 149 -22.15 89.66 -29.50
CA GLU K 149 -23.52 89.65 -28.93
C GLU K 149 -23.45 89.69 -27.40
N ASN K 150 -22.40 89.11 -26.82
CA ASN K 150 -22.33 89.01 -25.33
C ASN K 150 -21.30 89.98 -24.77
N ILE K 151 -21.13 91.16 -25.38
CA ILE K 151 -20.20 92.20 -24.85
C ILE K 151 -20.66 92.67 -23.47
N GLY K 152 -21.98 92.78 -23.25
CA GLY K 152 -22.50 93.29 -21.97
C GLY K 152 -22.06 92.44 -20.80
N LEU K 153 -21.90 91.14 -21.02
CA LEU K 153 -21.52 90.21 -19.93
C LEU K 153 -20.18 90.69 -19.37
N LYS K 154 -19.28 91.15 -20.25
CA LYS K 154 -17.94 91.58 -19.80
C LYS K 154 -18.07 92.76 -18.82
N LYS K 155 -19.00 93.68 -19.09
CA LYS K 155 -19.14 94.88 -18.22
C LYS K 155 -19.48 94.44 -16.80
N TYR K 156 -20.36 93.46 -16.64
CA TYR K 156 -20.68 92.93 -15.29
C TYR K 156 -19.45 92.25 -14.67
N VAL K 157 -18.67 91.50 -15.45
CA VAL K 157 -17.54 90.72 -14.87
C VAL K 157 -16.48 91.64 -14.28
N ASP K 158 -16.02 92.65 -15.02
CA ASP K 158 -14.88 93.48 -14.53
C ASP K 158 -15.32 94.39 -13.37
N SER K 159 -16.63 94.48 -13.11
CA SER K 159 -17.09 95.30 -11.99
C SER K 159 -16.73 94.70 -10.64
N LEU K 160 -16.46 93.40 -10.61
CA LEU K 160 -16.10 92.72 -9.33
C LEU K 160 -14.70 93.12 -8.90
N SER K 161 -14.38 92.90 -7.62
CA SER K 161 -13.01 93.19 -7.11
C SER K 161 -12.05 92.14 -7.67
N ALA K 162 -10.76 92.42 -7.67
CA ALA K 162 -9.80 91.49 -8.30
C ALA K 162 -9.88 90.11 -7.63
N GLY K 163 -9.98 90.09 -6.29
CA GLY K 163 -9.98 88.78 -5.60
C GLY K 163 -11.17 87.94 -6.01
N LEU K 164 -12.36 88.55 -6.08
CA LEU K 164 -13.57 87.80 -6.52
C LEU K 164 -13.40 87.36 -7.98
N LYS K 165 -12.85 88.24 -8.83
CA LYS K 165 -12.75 87.90 -10.27
C LYS K 165 -11.84 86.69 -10.46
N ASN K 166 -10.73 86.63 -9.72
CA ASN K 166 -9.80 85.47 -9.82
C ASN K 166 -10.57 84.22 -9.37
N LEU K 167 -11.38 84.32 -8.32
CA LEU K 167 -12.17 83.15 -7.86
C LEU K 167 -13.11 82.70 -8.98
N LEU K 168 -13.85 83.63 -9.58
CA LEU K 168 -14.85 83.26 -10.61
C LEU K 168 -14.14 82.54 -11.76
N PHE K 169 -12.99 83.06 -12.18
CA PHE K 169 -12.27 82.46 -13.34
C PHE K 169 -11.84 81.03 -12.98
N LYS K 170 -11.41 80.81 -11.75
CA LYS K 170 -11.05 79.42 -11.34
C LYS K 170 -12.30 78.54 -11.46
N LYS K 171 -13.46 79.02 -11.03
CA LYS K 171 -14.67 78.17 -11.03
C LYS K 171 -15.06 77.81 -12.47
N ILE K 172 -15.03 78.78 -13.38
CA ILE K 172 -15.47 78.48 -14.78
C ILE K 172 -14.50 77.47 -15.39
N ASN K 173 -13.20 77.63 -15.13
CA ASN K 173 -12.18 76.74 -15.73
C ASN K 173 -12.32 75.33 -15.12
N GLN K 174 -12.39 75.22 -13.78
CA GLN K 174 -12.42 73.88 -13.17
C GLN K 174 -13.56 73.07 -13.81
N LYS K 175 -14.74 73.68 -13.92
CA LYS K 175 -15.91 72.97 -14.50
C LYS K 175 -15.61 72.57 -15.94
N LEU K 176 -15.10 73.51 -16.75
CA LEU K 176 -14.81 73.22 -18.18
C LEU K 176 -13.85 72.03 -18.26
N SER K 177 -12.78 72.05 -17.46
CA SER K 177 -11.76 70.99 -17.54
C SER K 177 -12.40 69.63 -17.21
N GLY K 178 -13.24 69.60 -16.17
CA GLY K 178 -13.94 68.35 -15.83
C GLY K 178 -14.86 67.92 -16.95
N TYR K 179 -15.62 68.85 -17.52
CA TYR K 179 -16.59 68.50 -18.59
C TYR K 179 -15.83 67.88 -19.77
N VAL K 180 -14.90 68.61 -20.38
CA VAL K 180 -14.22 68.10 -21.60
C VAL K 180 -13.46 66.81 -21.28
N SER K 181 -12.75 66.77 -20.15
CA SER K 181 -11.93 65.57 -19.83
C SER K 181 -12.84 64.34 -19.72
N GLU K 182 -13.99 64.48 -19.05
CA GLU K 182 -14.87 63.31 -18.84
C GLU K 182 -15.37 62.81 -20.20
N ILE K 183 -15.72 63.72 -21.11
CA ILE K 183 -16.23 63.30 -22.43
C ILE K 183 -15.14 62.52 -23.16
N ILE K 184 -13.92 63.04 -23.20
CA ILE K 184 -12.83 62.37 -23.99
C ILE K 184 -12.53 60.99 -23.39
N VAL K 185 -12.36 60.90 -22.07
CA VAL K 185 -11.94 59.61 -21.45
C VAL K 185 -12.87 58.49 -21.93
N LYS K 186 -14.16 58.77 -22.10
CA LYS K 186 -15.10 57.69 -22.49
C LYS K 186 -14.81 57.23 -23.92
N ASN K 187 -14.65 58.17 -24.85
CA ASN K 187 -14.49 57.80 -26.28
C ASN K 187 -13.16 57.07 -26.54
N ILE K 188 -12.07 57.44 -25.86
CA ILE K 188 -10.75 56.83 -26.17
C ILE K 188 -10.39 55.76 -25.13
N ASP K 189 -9.98 54.57 -25.57
CA ASP K 189 -9.57 53.48 -24.64
C ASP K 189 -8.19 53.78 -24.06
N ASP K 190 -7.87 53.24 -22.89
CA ASP K 190 -6.58 53.58 -22.22
C ASP K 190 -5.41 52.80 -22.83
N ILE K 191 -4.21 53.38 -22.81
CA ILE K 191 -3.00 52.67 -23.30
C ILE K 191 -1.96 52.72 -22.16
N GLU K 192 -1.43 51.57 -21.74
CA GLU K 192 -0.47 51.55 -20.60
C GLU K 192 0.97 51.59 -21.14
N GLU K 193 1.87 52.35 -20.50
CA GLU K 193 3.27 52.50 -20.99
C GLU K 193 4.09 51.23 -20.74
N LEU K 194 5.07 50.96 -21.62
CA LEU K 194 5.95 49.77 -21.45
C LEU K 194 6.80 49.89 -20.18
N PHE K 195 7.41 51.05 -19.94
CA PHE K 195 8.32 51.21 -18.78
C PHE K 195 7.58 51.86 -17.62
N LYS K 201 3.94 55.04 -10.66
CA LYS K 201 4.89 54.42 -11.63
C LYS K 201 4.29 54.49 -13.03
N SER K 202 3.56 53.44 -13.44
CA SER K 202 2.97 53.40 -14.80
C SER K 202 1.93 54.52 -14.94
N THR K 203 1.91 55.19 -16.09
CA THR K 203 0.94 56.29 -16.33
C THR K 203 0.01 55.90 -17.48
N THR K 204 -1.20 55.44 -17.17
CA THR K 204 -2.16 55.02 -18.23
C THR K 204 -2.68 56.27 -18.96
N LEU K 205 -3.22 56.08 -20.16
CA LEU K 205 -3.69 57.26 -20.96
C LEU K 205 -4.81 57.98 -20.21
N HIS K 206 -5.74 57.24 -19.60
CA HIS K 206 -6.89 57.91 -18.95
C HIS K 206 -6.38 58.83 -17.83
N LYS K 207 -5.39 58.37 -17.06
CA LYS K 207 -4.89 59.20 -15.94
C LYS K 207 -4.32 60.49 -16.51
N GLU K 208 -3.58 60.40 -17.61
CA GLU K 208 -2.98 61.60 -18.23
C GLU K 208 -4.10 62.53 -18.71
N ILE K 209 -5.16 61.97 -19.31
CA ILE K 209 -6.26 62.82 -19.86
C ILE K 209 -6.91 63.59 -18.70
N LEU K 210 -7.16 62.92 -17.58
CA LEU K 210 -7.82 63.56 -16.42
C LEU K 210 -6.91 64.68 -15.90
N GLN K 211 -5.60 64.42 -15.85
CA GLN K 211 -4.64 65.43 -15.34
C GLN K 211 -4.68 66.64 -16.28
N THR K 212 -4.81 66.42 -17.58
CA THR K 212 -4.79 67.54 -18.56
C THR K 212 -5.86 68.57 -18.20
N ASP K 213 -5.54 69.86 -18.34
CA ASP K 213 -6.49 70.95 -17.98
C ASP K 213 -6.83 71.78 -19.22
N SER K 214 -8.09 72.23 -19.33
CA SER K 214 -8.49 73.08 -20.47
C SER K 214 -8.87 74.46 -19.95
N ARG K 215 -8.31 75.52 -20.54
CA ARG K 215 -8.57 76.89 -20.05
C ARG K 215 -9.22 77.70 -21.18
N LEU K 216 -10.37 78.32 -20.92
CA LEU K 216 -11.10 79.09 -21.95
C LEU K 216 -10.30 80.36 -22.31
N SER K 217 -10.15 80.65 -23.60
CA SER K 217 -9.43 81.87 -24.05
C SER K 217 -10.45 82.79 -24.71
N SER K 218 -10.78 83.91 -24.07
CA SER K 218 -11.84 84.80 -24.63
C SER K 218 -11.65 86.25 -24.15
N ASP K 219 -12.19 87.20 -24.89
CA ASP K 219 -12.08 88.65 -24.51
C ASP K 219 -12.84 88.90 -23.20
N ILE K 220 -14.02 88.28 -23.03
CA ILE K 220 -14.86 88.53 -21.82
C ILE K 220 -13.98 88.34 -20.58
N PHE K 221 -13.30 87.20 -20.47
CA PHE K 221 -12.46 86.92 -19.28
C PHE K 221 -11.01 87.29 -19.62
N LYS K 222 -10.43 88.25 -18.89
CA LYS K 222 -9.08 88.74 -19.27
C LYS K 222 -8.00 88.30 -18.28
N GLU K 223 -8.37 87.50 -17.28
CA GLU K 223 -7.37 87.11 -16.25
C GLU K 223 -7.62 85.67 -15.79
N ASP L 30 -7.18 63.93 -42.91
CA ASP L 30 -6.50 62.96 -43.82
C ASP L 30 -6.60 61.56 -43.21
N ILE L 31 -7.35 60.66 -43.85
CA ILE L 31 -7.49 59.27 -43.33
C ILE L 31 -6.10 58.62 -43.35
N LEU L 32 -5.30 58.90 -44.38
CA LEU L 32 -3.92 58.35 -44.45
C LEU L 32 -3.16 58.76 -43.19
N THR L 33 -3.11 60.06 -42.90
CA THR L 33 -2.37 60.59 -41.72
C THR L 33 -2.97 60.05 -40.41
N GLN L 34 -4.30 59.91 -40.37
CA GLN L 34 -4.97 59.41 -39.15
C GLN L 34 -4.41 58.02 -38.86
N LEU L 35 -4.27 57.18 -39.89
CA LEU L 35 -3.60 55.86 -39.69
C LEU L 35 -2.09 56.08 -39.85
N GLY L 36 -1.30 55.02 -39.73
CA GLY L 36 0.17 55.18 -39.77
C GLY L 36 0.73 55.01 -41.17
N VAL L 37 -0.11 54.90 -42.18
CA VAL L 37 0.41 54.60 -43.55
C VAL L 37 1.38 55.72 -43.95
N LYS L 38 2.54 55.35 -44.49
CA LYS L 38 3.58 56.34 -44.86
C LYS L 38 4.33 55.85 -46.10
N ASP L 39 4.96 56.77 -46.85
CA ASP L 39 5.63 56.38 -48.12
C ASP L 39 6.96 55.69 -47.78
N ILE L 40 7.40 54.75 -48.63
CA ILE L 40 8.64 53.98 -48.35
C ILE L 40 9.84 54.75 -48.91
N SER L 41 9.70 55.36 -50.09
CA SER L 41 10.85 56.03 -50.68
C SER L 41 11.44 57.07 -49.74
N LYS L 42 10.58 57.83 -49.05
CA LYS L 42 11.06 58.83 -48.10
C LYS L 42 11.59 58.18 -46.82
N GLN L 43 10.98 57.08 -46.40
CA GLN L 43 11.39 56.44 -45.12
C GLN L 43 12.76 55.78 -45.27
N ASN L 44 13.06 55.19 -46.42
CA ASN L 44 14.34 54.45 -46.58
C ASN L 44 15.47 55.38 -47.02
N ALA L 45 15.20 56.68 -47.18
CA ALA L 45 16.24 57.57 -47.69
C ALA L 45 17.36 57.84 -46.68
N ASN L 46 17.01 58.14 -45.43
CA ASN L 46 18.01 58.43 -44.40
C ASN L 46 17.88 57.53 -43.21
N LYS L 47 17.30 56.35 -43.39
CA LYS L 47 17.05 55.48 -42.25
C LYS L 47 18.32 55.10 -41.53
N PHE L 48 18.26 55.08 -40.19
CA PHE L 48 19.44 54.63 -39.40
C PHE L 48 19.28 53.13 -39.09
N TYR L 49 20.05 52.31 -39.80
CA TYR L 49 19.98 50.82 -39.67
C TYR L 49 20.54 50.31 -38.34
N LYS L 50 19.98 49.23 -37.80
CA LYS L 50 20.58 48.59 -36.58
C LYS L 50 21.59 47.54 -37.03
N PHE L 51 22.67 47.30 -36.25
CA PHE L 51 23.72 46.37 -36.69
C PHE L 51 24.02 45.37 -35.57
N ALA L 52 23.86 44.08 -35.83
CA ALA L 52 24.25 43.08 -34.81
C ALA L 52 25.51 42.36 -35.29
N ILE L 53 26.58 42.38 -34.49
CA ILE L 53 27.88 41.77 -34.93
C ILE L 53 28.29 40.71 -33.90
N TYR L 54 28.15 39.43 -34.24
CA TYR L 54 28.59 38.35 -33.31
C TYR L 54 29.97 37.84 -33.75
N GLY L 55 30.89 37.63 -32.81
CA GLY L 55 32.24 37.18 -33.16
C GLY L 55 32.86 36.23 -32.13
N LYS L 56 33.94 35.54 -32.49
CA LYS L 56 34.65 34.68 -31.49
C LYS L 56 35.57 35.57 -30.65
N PHE L 57 36.32 34.98 -29.72
CA PHE L 57 37.19 35.78 -28.81
C PHE L 57 38.32 36.46 -29.59
N GLY L 58 38.67 37.69 -29.22
CA GLY L 58 39.80 38.39 -29.86
C GLY L 58 39.65 38.54 -31.36
N THR L 59 38.43 38.77 -31.84
CA THR L 59 38.23 39.01 -33.30
C THR L 59 38.14 40.51 -33.58
N GLY L 60 38.39 41.35 -32.56
CA GLY L 60 38.33 42.81 -32.72
C GLY L 60 36.95 43.32 -33.09
N LYS L 61 35.90 42.68 -32.57
CA LYS L 61 34.50 43.08 -32.89
C LYS L 61 34.23 44.51 -32.40
N THR L 62 34.70 44.87 -31.20
CA THR L 62 34.48 46.25 -30.66
C THR L 62 35.22 47.27 -31.54
N THR L 63 36.42 46.93 -32.03
CA THR L 63 37.17 47.85 -32.92
C THR L 63 36.24 48.34 -34.03
N PHE L 64 35.60 47.41 -34.76
CA PHE L 64 34.68 47.76 -35.86
C PHE L 64 33.67 48.81 -35.43
N LEU L 65 32.97 48.56 -34.32
CA LEU L 65 31.88 49.46 -33.87
C LEU L 65 32.45 50.85 -33.54
N THR L 66 33.62 50.92 -32.92
CA THR L 66 34.15 52.23 -32.46
C THR L 66 35.27 52.78 -33.37
N LYS L 67 35.54 52.13 -34.50
CA LYS L 67 36.61 52.58 -35.41
C LYS L 67 36.30 54.01 -35.86
N ASP L 68 35.02 54.31 -36.10
CA ASP L 68 34.60 55.65 -36.60
C ASP L 68 34.98 56.72 -35.57
N ASN L 69 35.27 56.34 -34.33
CA ASN L 69 35.66 57.28 -33.23
C ASN L 69 34.50 58.25 -32.98
N ASN L 70 33.28 57.86 -33.38
CA ASN L 70 32.08 58.70 -33.09
C ASN L 70 31.06 57.78 -32.42
N ALA L 71 31.37 57.22 -31.25
CA ALA L 71 30.45 56.22 -30.67
C ALA L 71 30.27 56.38 -29.16
N LEU L 72 29.09 56.00 -28.64
CA LEU L 72 28.85 56.01 -27.17
C LEU L 72 28.73 54.54 -26.75
N VAL L 73 29.66 54.03 -25.95
CA VAL L 73 29.66 52.57 -25.62
C VAL L 73 29.03 52.33 -24.25
N LEU L 74 27.86 51.69 -24.21
CA LEU L 74 27.26 51.30 -22.90
C LEU L 74 27.75 49.90 -22.53
N ASP L 75 29.02 49.78 -22.11
CA ASP L 75 29.61 48.46 -21.76
C ASP L 75 28.98 47.93 -20.48
N ILE L 76 28.89 46.60 -20.35
CA ILE L 76 28.20 46.00 -19.16
C ILE L 76 29.18 45.15 -18.37
N ASN L 77 29.51 45.56 -17.14
CA ASN L 77 30.40 44.76 -16.25
C ASN L 77 31.69 44.40 -16.99
N GLU L 78 32.16 45.28 -17.88
CA GLU L 78 33.42 45.04 -18.65
C GLU L 78 34.03 46.38 -19.05
N ASP L 79 35.32 46.41 -19.39
CA ASP L 79 35.92 47.67 -19.90
C ASP L 79 36.79 47.37 -21.12
N GLY L 80 36.22 47.47 -22.33
CA GLY L 80 37.00 47.26 -23.57
C GLY L 80 37.22 48.55 -24.33
N THR L 81 37.14 49.70 -23.62
CA THR L 81 37.27 51.02 -24.29
C THR L 81 38.72 51.27 -24.70
N THR L 82 39.67 50.45 -24.21
CA THR L 82 41.11 50.70 -24.49
C THR L 82 41.36 50.66 -26.01
N VAL L 83 40.70 49.75 -26.73
CA VAL L 83 40.95 49.60 -28.19
C VAL L 83 40.49 50.88 -28.90
N THR L 84 39.38 51.48 -28.43
CA THR L 84 38.85 52.71 -29.04
C THR L 84 39.83 53.87 -28.81
N GLU L 85 39.90 54.81 -29.76
CA GLU L 85 40.81 55.98 -29.63
C GLU L 85 40.06 57.15 -28.99
N ASP L 86 38.83 57.42 -29.46
CA ASP L 86 38.04 58.57 -28.93
C ASP L 86 36.54 58.21 -28.87
N GLY L 87 35.77 58.95 -28.07
CA GLY L 87 34.33 58.69 -27.91
C GLY L 87 33.91 58.84 -26.45
N ALA L 88 32.69 58.46 -26.10
CA ALA L 88 32.25 58.48 -24.67
C ALA L 88 31.87 57.07 -24.22
N VAL L 89 32.39 56.61 -23.08
CA VAL L 89 32.03 55.26 -22.55
C VAL L 89 31.36 55.37 -21.17
N VAL L 90 30.26 54.65 -20.97
CA VAL L 90 29.54 54.66 -19.66
C VAL L 90 29.44 53.22 -19.12
N GLN L 91 30.12 52.93 -18.01
CA GLN L 91 30.05 51.59 -17.40
C GLN L 91 28.63 51.31 -16.91
N ILE L 92 28.11 50.11 -17.13
CA ILE L 92 26.76 49.75 -16.57
C ILE L 92 27.01 48.69 -15.50
N LYS L 93 26.62 48.94 -14.26
CA LYS L 93 26.94 47.98 -13.16
C LYS L 93 25.67 47.32 -12.62
N ASN L 94 24.51 47.90 -12.88
CA ASN L 94 23.26 47.36 -12.27
C ASN L 94 22.12 47.47 -13.29
N TYR L 95 21.10 46.62 -13.16
CA TYR L 95 19.91 46.71 -14.05
C TYR L 95 19.27 48.08 -13.84
N LYS L 96 19.24 48.54 -12.58
CA LYS L 96 18.65 49.87 -12.28
C LYS L 96 19.46 50.93 -13.04
N HIS L 97 20.79 50.80 -13.06
CA HIS L 97 21.63 51.79 -13.76
C HIS L 97 21.29 51.72 -15.26
N PHE L 98 21.07 50.50 -15.77
CA PHE L 98 20.78 50.33 -17.20
C PHE L 98 19.46 51.05 -17.54
N SER L 99 18.44 50.84 -16.71
CA SER L 99 17.13 51.46 -16.98
C SER L 99 17.29 52.99 -17.04
N ALA L 100 18.02 53.55 -16.07
CA ALA L 100 18.18 55.02 -16.00
C ALA L 100 18.84 55.55 -17.28
N VAL L 101 19.95 54.95 -17.71
CA VAL L 101 20.68 55.54 -18.88
C VAL L 101 19.77 55.48 -20.12
N ILE L 102 19.04 54.38 -20.32
CA ILE L 102 18.16 54.25 -21.51
C ILE L 102 17.06 55.31 -21.44
N LYS L 103 16.45 55.50 -20.27
CA LYS L 103 15.33 56.46 -20.13
C LYS L 103 15.85 57.88 -20.38
N MET L 104 17.06 58.20 -19.91
CA MET L 104 17.57 59.58 -20.04
C MET L 104 18.46 59.68 -21.29
N LEU L 105 18.48 58.64 -22.12
CA LEU L 105 19.40 58.65 -23.30
C LEU L 105 19.11 59.87 -24.20
N PRO L 106 17.85 60.25 -24.49
CA PRO L 106 17.60 61.46 -25.27
C PRO L 106 18.40 62.64 -24.71
N LYS L 107 18.22 62.91 -23.42
CA LYS L 107 18.87 64.09 -22.79
C LYS L 107 20.39 63.97 -22.94
N ILE L 108 20.93 62.77 -22.73
CA ILE L 108 22.41 62.57 -22.78
C ILE L 108 22.91 62.94 -24.18
N ILE L 109 22.34 62.32 -25.22
CA ILE L 109 22.85 62.57 -26.60
C ILE L 109 22.96 64.09 -26.82
N GLU L 110 21.95 64.84 -26.37
CA GLU L 110 21.94 66.31 -26.62
C GLU L 110 23.17 66.94 -25.96
N GLN L 111 23.52 66.49 -24.75
CA GLN L 111 24.64 67.15 -24.03
C GLN L 111 25.99 66.82 -24.68
N LEU L 112 26.30 65.55 -24.88
CA LEU L 112 27.57 65.21 -25.57
C LEU L 112 27.68 66.00 -26.89
N ARG L 113 26.60 66.09 -27.66
CA ARG L 113 26.65 66.90 -28.92
C ARG L 113 26.89 68.37 -28.56
N GLU L 114 26.29 68.86 -27.48
CA GLU L 114 26.48 70.27 -27.04
C GLU L 114 27.95 70.45 -26.64
N ASN L 115 28.54 69.47 -25.97
CA ASN L 115 29.97 69.53 -25.58
C ASN L 115 30.81 69.49 -26.87
N GLY L 116 30.22 69.04 -27.97
CA GLY L 116 30.94 68.92 -29.25
C GLY L 116 31.38 67.50 -29.53
N LYS L 117 31.20 66.60 -28.55
CA LYS L 117 31.50 65.16 -28.82
C LYS L 117 30.51 64.68 -29.88
N GLN L 118 30.97 63.87 -30.83
CA GLN L 118 30.07 63.41 -31.93
C GLN L 118 29.56 62.00 -31.61
N ILE L 119 28.26 61.85 -31.38
CA ILE L 119 27.73 60.47 -31.15
C ILE L 119 26.79 60.12 -32.30
N ASP L 120 27.13 59.08 -33.08
CA ASP L 120 26.27 58.64 -34.21
C ASP L 120 25.78 57.22 -33.95
N VAL L 121 26.41 56.51 -33.01
CA VAL L 121 26.04 55.10 -32.74
C VAL L 121 26.03 54.81 -31.24
N VAL L 122 25.00 54.12 -30.76
CA VAL L 122 24.91 53.71 -29.32
C VAL L 122 25.16 52.20 -29.30
N VAL L 123 26.16 51.75 -28.54
CA VAL L 123 26.54 50.30 -28.60
C VAL L 123 26.33 49.63 -27.25
N ILE L 124 25.68 48.47 -27.22
CA ILE L 124 25.58 47.68 -25.95
C ILE L 124 26.62 46.58 -26.11
N GLU L 125 27.63 46.53 -25.25
CA GLU L 125 28.77 45.58 -25.46
C GLU L 125 28.36 44.11 -25.48
N THR L 126 27.44 43.67 -24.60
CA THR L 126 27.16 42.21 -24.52
C THR L 126 25.68 41.87 -24.31
N ILE L 127 25.10 41.10 -25.23
CA ILE L 127 23.67 40.67 -25.07
C ILE L 127 23.58 39.65 -23.94
N GLN L 128 24.63 38.84 -23.73
CA GLN L 128 24.56 37.79 -22.69
C GLN L 128 24.48 38.47 -21.32
N LYS L 129 25.20 39.58 -21.13
CA LYS L 129 25.11 40.34 -19.86
C LYS L 129 23.70 40.91 -19.68
N LEU L 130 23.06 41.36 -20.76
CA LEU L 130 21.66 41.84 -20.63
C LEU L 130 20.80 40.67 -20.13
N ARG L 131 21.04 39.47 -20.63
CA ARG L 131 20.30 38.30 -20.11
C ARG L 131 20.58 38.15 -18.61
N ASP L 132 21.85 38.27 -18.21
CA ASP L 132 22.21 38.05 -16.79
C ASP L 132 21.57 39.11 -15.91
N ILE L 133 21.60 40.38 -16.32
CA ILE L 133 21.08 41.47 -15.43
C ILE L 133 19.55 41.38 -15.35
N THR L 134 18.88 41.26 -16.49
CA THR L 134 17.39 41.19 -16.48
C THR L 134 16.97 40.00 -15.62
N MET L 135 17.75 38.92 -15.66
CA MET L 135 17.38 37.71 -14.88
C MET L 135 17.44 38.04 -13.38
N ASP L 136 18.46 38.79 -12.97
CA ASP L 136 18.59 39.16 -11.53
C ASP L 136 17.40 40.03 -11.13
N ASP L 137 16.99 40.95 -12.01
CA ASP L 137 15.87 41.87 -11.69
C ASP L 137 14.59 41.05 -11.50
N ILE L 138 14.37 40.04 -12.34
CA ILE L 138 13.11 39.23 -12.26
C ILE L 138 13.28 38.15 -11.19
N MET L 139 14.53 37.85 -10.79
CA MET L 139 14.72 36.87 -9.67
C MET L 139 14.91 37.65 -8.37
N THR L 147 12.14 29.86 -14.24
CA THR L 147 11.14 29.05 -14.93
C THR L 147 10.88 29.64 -16.31
N PHE L 148 10.10 28.93 -17.12
CA PHE L 148 9.77 29.42 -18.48
C PHE L 148 9.03 30.75 -18.33
N ASN L 149 8.29 30.91 -17.23
CA ASN L 149 7.60 32.20 -16.97
C ASN L 149 8.70 33.27 -16.81
N ASP L 150 9.76 32.93 -16.07
CA ASP L 150 10.89 33.88 -15.88
C ASP L 150 11.53 34.16 -17.24
N TRP L 151 11.75 33.11 -18.05
CA TRP L 151 12.41 33.28 -19.37
C TRP L 151 11.55 34.18 -20.27
N GLY L 152 10.24 33.96 -20.25
CA GLY L 152 9.33 34.76 -21.09
C GLY L 152 9.37 36.22 -20.68
N GLU L 153 9.44 36.46 -19.37
CA GLU L 153 9.54 37.85 -18.84
C GLU L 153 10.87 38.44 -19.32
N CYS L 154 11.94 37.63 -19.28
CA CYS L 154 13.27 38.12 -19.73
C CYS L 154 13.17 38.52 -21.20
N ALA L 155 12.50 37.70 -22.01
CA ALA L 155 12.31 38.01 -23.44
C ALA L 155 11.50 39.31 -23.55
N THR L 156 10.47 39.45 -22.70
CA THR L 156 9.60 40.65 -22.75
C THR L 156 10.43 41.90 -22.48
N ARG L 157 11.34 41.82 -21.50
CA ARG L 157 12.20 42.98 -21.19
C ARG L 157 13.05 43.31 -22.42
N ILE L 158 13.63 42.27 -23.05
CA ILE L 158 14.55 42.52 -24.20
C ILE L 158 13.76 43.16 -25.35
N VAL L 159 12.58 42.63 -25.66
CA VAL L 159 11.80 43.15 -26.82
C VAL L 159 11.40 44.59 -26.52
N SER L 160 11.02 44.88 -25.27
CA SER L 160 10.57 46.25 -24.91
C SER L 160 11.72 47.24 -25.12
N ILE L 161 12.93 46.85 -24.74
CA ILE L 161 14.10 47.77 -24.86
C ILE L 161 14.23 48.19 -26.33
N TYR L 162 14.27 47.22 -27.25
CA TYR L 162 14.47 47.55 -28.67
C TYR L 162 13.40 48.52 -29.17
N ARG L 163 12.14 48.27 -28.80
CA ARG L 163 11.04 49.14 -29.26
C ARG L 163 11.30 50.57 -28.76
N TYR L 164 11.66 50.70 -27.48
CA TYR L 164 11.92 52.04 -26.90
C TYR L 164 13.07 52.68 -27.68
N ILE L 165 14.20 51.96 -27.81
CA ILE L 165 15.38 52.56 -28.48
C ILE L 165 14.99 52.98 -29.90
N SER L 166 14.24 52.15 -30.62
CA SER L 166 13.90 52.43 -32.03
C SER L 166 13.18 53.78 -32.19
N LYS L 167 12.18 54.07 -31.36
CA LYS L 167 11.41 55.32 -31.56
C LYS L 167 12.37 56.50 -31.39
N LEU L 168 13.29 56.40 -30.43
CA LEU L 168 14.31 57.46 -30.26
C LEU L 168 15.25 57.40 -31.46
N GLN L 169 15.52 56.20 -31.98
CA GLN L 169 16.48 56.02 -33.10
C GLN L 169 16.05 56.89 -34.27
N GLU L 170 14.76 56.86 -34.62
CA GLU L 170 14.25 57.69 -35.74
C GLU L 170 14.37 59.16 -35.36
N HIS L 171 14.02 59.49 -34.11
CA HIS L 171 14.06 60.89 -33.61
C HIS L 171 15.48 61.47 -33.60
N TYR L 172 16.46 60.75 -33.05
CA TYR L 172 17.80 61.36 -32.83
C TYR L 172 18.84 60.90 -33.84
N GLN L 173 18.45 60.20 -34.89
CA GLN L 173 19.43 59.86 -35.96
C GLN L 173 20.65 59.16 -35.34
N PHE L 174 20.43 58.13 -34.51
CA PHE L 174 21.60 57.38 -33.97
C PHE L 174 21.52 55.93 -34.47
N HIS L 175 22.61 55.43 -35.04
CA HIS L 175 22.63 53.99 -35.42
C HIS L 175 22.69 53.17 -34.14
N LEU L 176 22.00 52.04 -34.09
CA LEU L 176 22.12 51.17 -32.89
C LEU L 176 22.99 49.98 -33.26
N ALA L 177 23.82 49.51 -32.34
CA ALA L 177 24.64 48.30 -32.59
C ALA L 177 24.71 47.44 -31.31
N ILE L 178 24.44 46.15 -31.43
CA ILE L 178 24.59 45.24 -30.25
C ILE L 178 25.58 44.14 -30.63
N SER L 179 26.40 43.69 -29.69
CA SER L 179 27.44 42.67 -29.99
C SER L 179 27.37 41.53 -28.97
N GLY L 180 27.67 40.30 -29.39
CA GLY L 180 27.61 39.13 -28.50
C GLY L 180 28.73 38.14 -28.78
N HIS L 181 28.73 36.98 -28.11
CA HIS L 181 29.86 36.02 -28.26
C HIS L 181 29.40 34.73 -28.94
N GLU L 182 30.15 34.28 -29.94
CA GLU L 182 29.82 33.02 -30.66
C GLU L 182 29.81 31.83 -29.71
N GLY L 183 28.75 31.01 -29.75
CA GLY L 183 28.68 29.79 -28.93
C GLY L 183 27.52 28.89 -29.35
N THR L 200 26.32 30.59 -34.62
CA THR L 200 25.33 31.68 -34.39
C THR L 200 25.65 32.39 -33.07
N ILE L 201 25.06 33.57 -32.85
CA ILE L 201 25.28 34.28 -31.54
C ILE L 201 24.73 33.38 -30.43
N GLU L 202 25.46 33.27 -29.32
CA GLU L 202 25.04 32.33 -28.23
C GLU L 202 23.95 32.98 -27.39
N ALA L 203 22.84 32.27 -27.14
CA ALA L 203 21.72 32.78 -26.31
C ALA L 203 20.58 31.77 -26.36
N GLN L 204 19.42 32.12 -25.80
CA GLN L 204 18.24 31.21 -25.93
C GLN L 204 17.41 31.70 -27.12
N ASP L 205 16.87 30.79 -27.93
CA ASP L 205 16.16 31.18 -29.19
C ASP L 205 15.20 32.37 -28.99
N GLN L 206 14.38 32.38 -27.94
CA GLN L 206 13.34 33.44 -27.84
C GLN L 206 14.04 34.78 -28.04
N ILE L 207 15.23 34.93 -27.45
CA ILE L 207 16.02 36.18 -27.60
C ILE L 207 16.57 36.21 -29.03
N LYS L 208 17.27 35.16 -29.43
CA LYS L 208 17.88 35.12 -30.78
C LYS L 208 16.79 35.51 -31.81
N LYS L 209 15.63 34.86 -31.76
CA LYS L 209 14.57 35.16 -32.77
C LYS L 209 14.34 36.67 -32.80
N ALA L 210 14.08 37.27 -31.64
CA ALA L 210 13.77 38.69 -31.60
C ALA L 210 14.92 39.53 -32.17
N VAL L 211 16.14 39.23 -31.72
CA VAL L 211 17.32 40.01 -32.17
C VAL L 211 17.45 39.89 -33.69
N ILE L 212 17.48 38.66 -34.22
CA ILE L 212 17.73 38.48 -35.67
C ILE L 212 16.60 39.19 -36.43
N SER L 213 15.34 38.98 -36.04
CA SER L 213 14.22 39.58 -36.82
C SER L 213 14.40 41.10 -36.90
N GLN L 214 14.52 41.76 -35.75
CA GLN L 214 14.64 43.24 -35.71
C GLN L 214 15.92 43.74 -36.37
N SER L 215 17.05 43.06 -36.20
CA SER L 215 18.34 43.60 -36.71
C SER L 215 18.33 43.73 -38.23
N ASP L 216 18.73 44.90 -38.75
CA ASP L 216 18.82 45.07 -40.22
C ASP L 216 20.00 44.23 -40.73
N VAL L 217 21.20 44.48 -40.22
CA VAL L 217 22.41 43.76 -40.72
C VAL L 217 22.95 42.84 -39.63
N LEU L 218 23.06 41.53 -39.90
CA LEU L 218 23.70 40.63 -38.92
C LEU L 218 24.98 40.10 -39.59
N ALA L 219 26.11 40.23 -38.91
CA ALA L 219 27.40 39.86 -39.53
C ALA L 219 28.26 39.07 -38.54
N ARG L 220 29.15 38.22 -39.06
CA ARG L 220 30.07 37.43 -38.21
C ARG L 220 31.49 37.90 -38.54
N MET L 221 32.29 38.25 -37.51
CA MET L 221 33.63 38.84 -37.76
C MET L 221 34.70 37.80 -37.44
N THR L 222 35.56 37.47 -38.41
CA THR L 222 36.60 36.43 -38.21
C THR L 222 37.94 36.90 -38.78
N ILE L 223 39.05 36.38 -38.26
CA ILE L 223 40.41 36.77 -38.74
C ILE L 223 40.90 35.69 -39.71
N GLU L 224 41.30 36.08 -40.92
CA GLU L 224 41.73 35.10 -41.95
C GLU L 224 43.17 35.44 -42.39
N THR L 233 49.95 37.61 -44.39
CA THR L 233 49.76 38.02 -42.98
C THR L 233 48.29 37.81 -42.58
N TYR L 234 48.00 37.80 -41.28
CA TYR L 234 46.60 37.67 -40.80
C TYR L 234 45.81 38.91 -41.21
N GLN L 235 44.55 38.73 -41.60
CA GLN L 235 43.69 39.88 -42.01
C GLN L 235 42.39 39.84 -41.21
N TYR L 236 41.86 40.99 -40.84
CA TYR L 236 40.56 41.07 -40.11
C TYR L 236 39.46 41.41 -41.11
N VAL L 237 38.51 40.49 -41.33
CA VAL L 237 37.48 40.73 -42.39
C VAL L 237 36.10 40.34 -41.85
N LEU L 238 35.08 41.14 -42.14
CA LEU L 238 33.70 40.83 -41.70
C LEU L 238 32.97 40.16 -42.87
N ASN L 239 32.50 38.92 -42.68
CA ASN L 239 31.87 38.18 -43.82
C ASN L 239 30.37 38.04 -43.59
N ALA L 240 29.56 38.70 -44.43
CA ALA L 240 28.09 38.56 -44.32
C ALA L 240 27.56 37.74 -45.49
N GLU L 241 28.45 37.13 -46.27
CA GLU L 241 28.01 36.30 -47.43
C GLU L 241 27.14 35.14 -46.92
N PRO L 242 26.05 34.76 -47.61
CA PRO L 242 25.14 33.72 -47.12
C PRO L 242 25.93 32.40 -46.97
N SER L 243 25.53 31.59 -45.98
CA SER L 243 26.26 30.31 -45.73
C SER L 243 25.46 29.40 -44.79
N ASN L 244 25.40 28.10 -45.09
CA ASN L 244 24.72 27.15 -44.16
C ASN L 244 25.45 27.10 -42.80
N LEU L 245 26.78 27.11 -42.81
CA LEU L 245 27.55 26.95 -41.55
C LEU L 245 27.30 28.10 -40.55
N PHE L 246 27.22 29.33 -41.04
CA PHE L 246 27.05 30.52 -40.15
C PHE L 246 25.92 31.37 -40.73
N GLU L 247 25.16 32.09 -39.92
CA GLU L 247 24.02 32.82 -40.55
C GLU L 247 24.29 34.32 -40.58
N THR L 248 24.20 34.90 -41.77
CA THR L 248 24.45 36.35 -41.95
C THR L 248 23.36 36.93 -42.87
N LYS L 249 23.01 38.20 -42.72
CA LYS L 249 22.03 38.81 -43.66
C LYS L 249 22.28 40.32 -43.76
N ILE L 250 22.46 40.84 -44.97
CA ILE L 250 22.59 42.32 -45.11
C ILE L 250 21.37 42.80 -45.91
N ARG L 251 20.72 43.88 -45.46
CA ARG L 251 19.48 44.32 -46.15
C ARG L 251 19.82 45.47 -47.11
N HIS L 252 19.57 45.28 -48.41
CA HIS L 252 19.80 46.36 -49.41
C HIS L 252 18.62 46.35 -50.39
N SER L 253 18.32 47.50 -51.01
CA SER L 253 17.17 47.58 -51.93
C SER L 253 17.49 46.83 -53.23
N SER L 254 16.47 46.42 -53.99
CA SER L 254 16.70 45.61 -55.22
C SER L 254 17.77 46.26 -56.10
N ASN L 255 17.66 47.56 -56.36
CA ASN L 255 18.61 48.23 -57.30
C ASN L 255 20.03 48.11 -56.75
N ILE L 256 20.21 48.30 -55.43
CA ILE L 256 21.57 48.24 -54.82
C ILE L 256 22.07 46.79 -54.92
N LYS L 257 23.33 46.60 -55.34
CA LYS L 257 23.92 45.25 -55.41
C LYS L 257 25.23 45.25 -54.62
N ILE L 258 25.44 44.26 -53.75
CA ILE L 258 26.74 44.17 -53.03
C ILE L 258 27.64 43.22 -53.81
N ASN L 259 28.59 43.77 -54.57
CA ASN L 259 29.54 42.93 -55.35
C ASN L 259 30.41 42.14 -54.37
N ASN L 260 30.78 42.74 -53.24
CA ASN L 260 31.65 42.05 -52.24
C ASN L 260 31.02 42.13 -50.86
N LYS L 261 30.63 40.99 -50.28
CA LYS L 261 29.97 40.97 -48.94
C LYS L 261 31.01 40.78 -47.82
N ARG L 262 32.29 40.67 -48.17
CA ARG L 262 33.34 40.59 -47.12
C ARG L 262 34.10 41.92 -47.05
N PHE L 263 34.16 42.53 -45.88
CA PHE L 263 34.83 43.85 -45.73
C PHE L 263 36.07 43.68 -44.86
N ILE L 264 37.25 44.06 -45.38
CA ILE L 264 38.50 43.97 -44.59
C ILE L 264 38.70 45.31 -43.87
N ASN L 265 39.25 45.30 -42.65
CA ASN L 265 39.34 46.56 -41.87
C ASN L 265 38.00 47.30 -41.93
N PRO L 266 36.87 46.68 -41.51
CA PRO L 266 35.56 47.31 -41.63
C PRO L 266 35.23 48.42 -40.61
N SER L 267 34.35 49.34 -40.99
CA SER L 267 33.89 50.40 -40.05
C SER L 267 32.38 50.57 -40.27
N ILE L 268 31.66 51.20 -39.34
CA ILE L 268 30.18 51.26 -39.51
C ILE L 268 29.89 52.09 -40.77
N ASN L 269 30.63 53.17 -40.98
CA ASN L 269 30.43 54.02 -42.19
C ASN L 269 30.48 53.16 -43.45
N ASP L 270 31.58 52.41 -43.66
CA ASP L 270 31.73 51.63 -44.87
C ASP L 270 30.51 50.75 -45.14
N VAL L 271 30.03 50.09 -44.09
CA VAL L 271 28.81 49.23 -44.24
C VAL L 271 27.64 50.13 -44.65
N VAL L 272 27.44 51.25 -43.96
CA VAL L 272 26.32 52.18 -44.29
C VAL L 272 26.41 52.58 -45.76
N GLN L 273 27.59 52.97 -46.24
CA GLN L 273 27.75 53.41 -47.61
C GLN L 273 27.47 52.26 -48.58
N ALA L 274 27.92 51.06 -48.24
CA ALA L 274 27.66 49.90 -49.09
C ALA L 274 26.16 49.61 -49.19
N ILE L 275 25.43 49.83 -48.09
CA ILE L 275 23.97 49.47 -48.08
C ILE L 275 23.12 50.61 -48.64
N ARG L 276 23.63 51.85 -48.67
CA ARG L 276 22.90 52.93 -49.32
C ARG L 276 23.31 53.12 -50.78
N ASN L 277 24.61 53.21 -51.04
CA ASN L 277 25.12 53.41 -52.39
C ASN L 277 25.68 52.12 -52.95
N GLY L 278 25.95 52.11 -54.24
CA GLY L 278 26.49 50.94 -54.92
C GLY L 278 27.80 50.45 -54.35
N ASN L 279 27.89 49.13 -54.11
CA ASN L 279 29.12 48.54 -53.53
C ASN L 279 30.33 48.90 -54.40
N ASP M 30 -10.13 24.67 73.27
CA ASP M 30 -11.26 23.75 73.58
C ASP M 30 -11.69 23.05 72.29
N ILE M 31 -11.48 21.73 72.22
CA ILE M 31 -11.89 20.94 71.01
C ILE M 31 -13.41 21.05 70.86
N LEU M 32 -14.15 21.02 71.98
CA LEU M 32 -15.62 21.17 71.93
C LEU M 32 -15.96 22.48 71.22
N THR M 33 -15.41 23.60 71.71
CA THR M 33 -15.70 24.95 71.13
C THR M 33 -15.22 25.02 69.67
N GLN M 34 -14.09 24.39 69.37
CA GLN M 34 -13.54 24.42 67.99
C GLN M 34 -14.59 23.81 67.07
N LEU M 35 -15.22 22.70 67.48
CA LEU M 35 -16.35 22.14 66.69
C LEU M 35 -17.63 22.84 67.15
N GLY M 36 -18.77 22.49 66.59
CA GLY M 36 -20.03 23.20 66.92
C GLY M 36 -20.79 22.55 68.06
N VAL M 37 -20.21 21.54 68.71
CA VAL M 37 -20.98 20.79 69.75
C VAL M 37 -21.42 21.79 70.82
N LYS M 38 -22.69 21.71 71.23
CA LYS M 38 -23.24 22.66 72.24
C LYS M 38 -24.29 21.94 73.10
N ASP M 39 -24.56 22.46 74.30
CA ASP M 39 -25.48 21.76 75.23
C ASP M 39 -26.92 22.01 74.77
N ILE M 40 -27.82 21.05 75.01
CA ILE M 40 -29.23 21.17 74.54
C ILE M 40 -30.05 21.92 75.59
N SER M 41 -29.82 21.66 76.88
CA SER M 41 -30.64 22.29 77.89
C SER M 41 -30.60 23.81 77.77
N LYS M 42 -29.42 24.37 77.49
CA LYS M 42 -29.31 25.82 77.32
C LYS M 42 -29.89 26.28 76.00
N GLN M 43 -29.76 25.46 74.96
CA GLN M 43 -30.23 25.88 73.61
C GLN M 43 -31.75 25.92 73.57
N ASN M 44 -32.43 24.96 74.23
CA ASN M 44 -33.91 24.89 74.14
C ASN M 44 -34.58 25.80 75.18
N ALA M 45 -33.80 26.53 75.98
CA ALA M 45 -34.43 27.33 77.03
C ALA M 45 -35.18 28.55 76.52
N ASN M 46 -34.58 29.31 75.60
CA ASN M 46 -35.22 30.51 75.05
C ASN M 46 -35.34 30.45 73.55
N LYS M 47 -35.34 29.27 72.98
CA LYS M 47 -35.34 29.16 71.52
C LYS M 47 -36.55 29.82 70.90
N PHE M 48 -36.33 30.52 69.78
CA PHE M 48 -37.47 31.13 69.04
C PHE M 48 -37.93 30.16 67.96
N TYR M 49 -39.06 29.49 68.19
CA TYR M 49 -39.61 28.47 67.27
C TYR M 49 -40.16 29.08 65.96
N LYS M 50 -40.06 28.36 64.85
CA LYS M 50 -40.69 28.82 63.58
C LYS M 50 -42.11 28.25 63.52
N PHE M 51 -43.08 28.96 62.89
CA PHE M 51 -44.48 28.49 62.89
C PHE M 51 -45.02 28.51 61.47
N ALA M 52 -45.47 27.38 60.95
CA ALA M 52 -46.10 27.38 59.62
C ALA M 52 -47.60 27.13 59.79
N ILE M 53 -48.45 28.04 59.29
CA ILE M 53 -49.93 27.91 59.50
C ILE M 53 -50.62 27.89 58.13
N TYR M 54 -51.09 26.72 57.70
CA TYR M 54 -51.83 26.64 56.41
C TYR M 54 -53.33 26.60 56.69
N GLY M 55 -54.11 27.36 55.92
CA GLY M 55 -55.57 27.41 56.16
C GLY M 55 -56.38 27.57 54.88
N LYS M 56 -57.70 27.32 54.94
CA LYS M 56 -58.57 27.56 53.77
C LYS M 56 -58.91 29.05 53.69
N PHE M 57 -59.71 29.45 52.69
CA PHE M 57 -60.02 30.89 52.51
C PHE M 57 -60.85 31.43 53.68
N GLY M 58 -60.60 32.67 54.09
CA GLY M 58 -61.39 33.30 55.17
C GLY M 58 -61.39 32.51 56.46
N THR M 59 -60.26 31.90 56.82
CA THR M 59 -60.15 31.18 58.12
C THR M 59 -59.48 32.08 59.17
N GLY M 60 -59.22 33.34 58.82
CA GLY M 60 -58.56 34.28 59.75
C GLY M 60 -57.16 33.85 60.13
N LYS M 61 -56.41 33.24 59.20
CA LYS M 61 -55.04 32.77 59.50
C LYS M 61 -54.13 33.95 59.84
N THR M 62 -54.24 35.06 59.11
CA THR M 62 -53.40 36.26 59.39
C THR M 62 -53.73 36.82 60.78
N THR M 63 -55.01 36.82 61.16
CA THR M 63 -55.41 37.31 62.51
C THR M 63 -54.50 36.65 63.56
N PHE M 64 -54.41 35.32 63.56
CA PHE M 64 -53.59 34.56 64.54
C PHE M 64 -52.18 35.13 64.60
N LEU M 65 -51.52 35.28 63.46
CA LEU M 65 -50.11 35.71 63.41
C LEU M 65 -49.98 37.13 63.99
N THR M 66 -50.91 38.02 63.69
CA THR M 66 -50.78 39.45 64.11
C THR M 66 -51.66 39.80 65.32
N LYS M 67 -52.32 38.82 65.93
CA LYS M 67 -53.21 39.09 67.08
C LYS M 67 -52.38 39.74 68.19
N ASP M 68 -51.14 39.30 68.36
CA ASP M 68 -50.26 39.81 69.45
C ASP M 68 -50.01 41.30 69.26
N ASN M 69 -50.27 41.83 68.05
CA ASN M 69 -50.07 43.28 67.73
C ASN M 69 -48.59 43.62 67.88
N ASN M 70 -47.71 42.63 67.83
CA ASN M 70 -46.25 42.87 67.87
C ASN M 70 -45.63 42.15 66.68
N ALA M 71 -46.00 42.52 65.45
CA ALA M 71 -45.53 41.74 64.28
C ALA M 71 -45.10 42.62 63.11
N LEU M 72 -44.16 42.12 62.30
CA LEU M 72 -43.74 42.83 61.07
C LEU M 72 -44.19 41.96 59.89
N VAL M 73 -45.14 42.45 59.09
CA VAL M 73 -45.72 41.57 58.01
C VAL M 73 -45.09 41.88 56.66
N LEU M 74 -44.30 40.95 56.11
CA LEU M 74 -43.76 41.13 54.74
C LEU M 74 -44.75 40.55 53.73
N ASP M 75 -45.88 41.23 53.50
CA ASP M 75 -46.94 40.72 52.58
C ASP M 75 -46.43 40.78 51.13
N ILE M 76 -46.90 39.86 50.29
CA ILE M 76 -46.38 39.78 48.88
C ILE M 76 -47.52 40.02 47.90
N ASN M 77 -47.48 41.13 47.16
CA ASN M 77 -48.50 41.43 46.12
C ASN M 77 -49.91 41.31 46.72
N GLU M 78 -50.07 41.64 47.99
CA GLU M 78 -51.40 41.58 48.67
C GLU M 78 -51.42 42.57 49.83
N ASP M 79 -52.61 42.96 50.31
CA ASP M 79 -52.68 43.84 51.50
C ASP M 79 -53.74 43.31 52.48
N GLY M 80 -53.34 42.48 53.44
CA GLY M 80 -54.29 41.97 54.46
C GLY M 80 -54.03 42.58 55.82
N THR M 81 -53.39 43.75 55.86
CA THR M 81 -53.02 44.38 57.15
C THR M 81 -54.27 44.96 57.84
N THR M 82 -55.40 45.03 57.12
CA THR M 82 -56.62 45.67 57.69
C THR M 82 -57.07 44.91 58.95
N VAL M 83 -56.95 43.58 58.95
CA VAL M 83 -57.43 42.77 60.11
C VAL M 83 -56.56 43.11 61.33
N THR M 84 -55.26 43.33 61.11
CA THR M 84 -54.33 43.66 62.23
C THR M 84 -54.69 45.02 62.81
N GLU M 85 -54.48 45.21 64.12
CA GLU M 85 -54.77 46.51 64.78
C GLU M 85 -53.52 47.38 64.79
N ASP M 86 -52.37 46.81 65.15
CA ASP M 86 -51.09 47.58 65.21
C ASP M 86 -49.91 46.73 64.77
N GLY M 87 -48.80 47.38 64.40
CA GLY M 87 -47.59 46.67 63.93
C GLY M 87 -46.96 47.41 62.75
N ALA M 88 -45.98 46.81 62.07
CA ALA M 88 -45.41 47.44 60.85
C ALA M 88 -45.61 46.51 59.65
N VAL M 89 -46.11 47.02 58.53
CA VAL M 89 -46.30 46.19 57.29
C VAL M 89 -45.48 46.75 56.14
N VAL M 90 -44.78 45.87 55.41
CA VAL M 90 -43.96 46.31 54.23
C VAL M 90 -44.42 45.53 53.00
N GLN M 91 -45.00 46.22 52.01
CA GLN M 91 -45.43 45.56 50.75
C GLN M 91 -44.21 45.04 50.00
N ILE M 92 -44.28 43.83 49.45
CA ILE M 92 -43.17 43.30 48.60
C ILE M 92 -43.70 43.23 47.17
N LYS M 93 -43.08 43.94 46.23
CA LYS M 93 -43.64 43.99 44.85
C LYS M 93 -42.72 43.28 43.86
N ASN M 94 -41.45 43.06 44.23
CA ASN M 94 -40.49 42.48 43.25
C ASN M 94 -39.55 41.51 43.98
N TYR M 95 -38.98 40.54 43.26
CA TYR M 95 -38.00 39.62 43.88
C TYR M 95 -36.82 40.45 44.37
N LYS M 96 -36.43 41.46 43.59
CA LYS M 96 -35.30 42.34 43.98
C LYS M 96 -35.66 43.03 45.31
N HIS M 97 -36.91 43.48 45.43
CA HIS M 97 -37.34 44.16 46.68
C HIS M 97 -37.25 43.14 47.82
N PHE M 98 -37.64 41.90 47.55
CA PHE M 98 -37.64 40.85 48.60
C PHE M 98 -36.20 40.62 49.08
N SER M 99 -35.27 40.50 48.14
CA SER M 99 -33.85 40.25 48.51
C SER M 99 -33.36 41.38 49.41
N ALA M 100 -33.64 42.62 49.03
CA ALA M 100 -33.15 43.80 49.81
C ALA M 100 -33.69 43.74 51.25
N VAL M 101 -34.99 43.55 51.43
CA VAL M 101 -35.55 43.62 52.82
C VAL M 101 -34.92 42.53 53.67
N ILE M 102 -34.76 41.31 53.13
CA ILE M 102 -34.18 40.18 53.91
C ILE M 102 -32.74 40.52 54.29
N LYS M 103 -31.96 41.05 53.34
CA LYS M 103 -30.53 41.36 53.59
C LYS M 103 -30.42 42.45 54.65
N MET M 104 -31.31 43.45 54.61
CA MET M 104 -31.20 44.59 55.55
C MET M 104 -32.10 44.35 56.77
N LEU M 105 -32.68 43.15 56.88
CA LEU M 105 -33.65 42.89 57.98
C LEU M 105 -32.99 43.15 59.35
N PRO M 106 -31.73 42.73 59.62
CA PRO M 106 -31.10 43.07 60.90
C PRO M 106 -31.24 44.56 61.18
N LYS M 107 -30.79 45.39 60.24
CA LYS M 107 -30.80 46.87 60.46
C LYS M 107 -32.22 47.33 60.75
N ILE M 108 -33.20 46.81 60.00
CA ILE M 108 -34.61 47.27 60.13
C ILE M 108 -35.08 46.97 61.56
N ILE M 109 -34.96 45.72 62.00
CA ILE M 109 -35.49 45.35 63.34
C ILE M 109 -34.97 46.36 64.36
N GLU M 110 -33.69 46.72 64.28
CA GLU M 110 -33.08 47.64 65.27
C GLU M 110 -33.83 48.98 65.26
N GLN M 111 -34.19 49.48 64.06
CA GLN M 111 -34.82 50.82 63.99
C GLN M 111 -36.24 50.79 64.55
N LEU M 112 -37.09 49.89 64.05
CA LEU M 112 -38.46 49.80 64.62
C LEU M 112 -38.40 49.69 66.15
N ARG M 113 -37.49 48.87 66.69
CA ARG M 113 -37.36 48.78 68.16
C ARG M 113 -36.89 50.14 68.72
N GLU M 114 -36.00 50.83 68.00
CA GLU M 114 -35.52 52.17 68.44
C GLU M 114 -36.70 53.15 68.43
N ASN M 115 -37.57 53.06 67.41
CA ASN M 115 -38.77 53.92 67.34
C ASN M 115 -39.71 53.53 68.49
N GLY M 116 -39.51 52.35 69.06
CA GLY M 116 -40.38 51.87 70.17
C GLY M 116 -41.41 50.87 69.68
N LYS M 117 -41.51 50.69 68.35
CA LYS M 117 -42.42 49.64 67.83
C LYS M 117 -41.88 48.29 68.29
N GLN M 118 -42.75 47.37 68.69
CA GLN M 118 -42.29 46.06 69.22
C GLN M 118 -42.40 45.01 68.11
N ILE M 119 -41.27 44.47 67.65
CA ILE M 119 -41.35 43.38 66.63
C ILE M 119 -40.80 42.09 67.26
N ASP M 120 -41.64 41.07 67.38
CA ASP M 120 -41.20 39.76 67.95
C ASP M 120 -41.34 38.68 66.88
N VAL M 121 -42.09 38.95 65.81
CA VAL M 121 -42.32 37.92 64.75
C VAL M 121 -42.25 38.55 63.36
N VAL M 122 -41.55 37.88 62.43
CA VAL M 122 -41.46 38.34 61.02
C VAL M 122 -42.33 37.37 60.22
N VAL M 123 -43.32 37.87 59.47
CA VAL M 123 -44.27 36.97 58.79
C VAL M 123 -44.21 37.15 57.27
N ILE M 124 -44.10 36.06 56.52
CA ILE M 124 -44.19 36.15 55.03
C ILE M 124 -45.62 35.70 54.71
N GLU M 125 -46.44 36.57 54.12
CA GLU M 125 -47.88 36.25 53.92
C GLU M 125 -48.14 35.01 53.07
N THR M 126 -47.40 34.79 51.99
CA THR M 126 -47.77 33.65 51.08
C THR M 126 -46.56 32.91 50.50
N ILE M 127 -46.48 31.60 50.76
CA ILE M 127 -45.36 30.78 50.20
C ILE M 127 -45.56 30.64 48.69
N GLN M 128 -46.82 30.60 48.22
CA GLN M 128 -47.06 30.39 46.77
C GLN M 128 -46.53 31.61 46.01
N LYS M 129 -46.69 32.81 46.56
CA LYS M 129 -46.12 34.03 45.91
C LYS M 129 -44.59 33.94 45.87
N LEU M 130 -43.96 33.40 46.93
CA LEU M 130 -42.48 33.22 46.89
C LEU M 130 -42.15 32.30 45.71
N ARG M 131 -42.94 31.25 45.49
CA ARG M 131 -42.70 30.38 44.32
C ARG M 131 -42.83 31.23 43.05
N ASP M 132 -43.87 32.06 42.96
CA ASP M 132 -44.11 32.84 41.72
C ASP M 132 -42.95 33.83 41.48
N ILE M 133 -42.49 34.53 42.52
CA ILE M 133 -41.46 35.58 42.31
C ILE M 133 -40.12 34.91 41.97
N THR M 134 -39.72 33.91 42.75
CA THR M 134 -38.41 33.24 42.50
C THR M 134 -38.43 32.69 41.08
N MET M 135 -39.59 32.22 40.62
CA MET M 135 -39.67 31.62 39.28
C MET M 135 -39.39 32.71 38.23
N ASP M 136 -39.93 33.91 38.44
CA ASP M 136 -39.71 35.02 37.49
C ASP M 136 -38.22 35.36 37.46
N ASP M 137 -37.57 35.37 38.63
CA ASP M 137 -36.13 35.73 38.71
C ASP M 137 -35.31 34.71 37.92
N ILE M 138 -35.67 33.43 38.03
CA ILE M 138 -34.86 32.36 37.34
C ILE M 138 -35.34 32.25 35.89
N MET M 139 -36.52 32.77 35.57
CA MET M 139 -36.97 32.76 34.15
C MET M 139 -36.65 34.12 33.52
N THR M 147 -38.23 24.12 33.69
CA THR M 147 -37.77 22.73 33.68
C THR M 147 -37.47 22.28 35.10
N PHE M 148 -37.18 20.99 35.26
CA PHE M 148 -36.84 20.46 36.61
C PHE M 148 -35.60 21.19 37.11
N ASN M 149 -34.73 21.59 36.18
CA ASN M 149 -33.53 22.38 36.59
C ASN M 149 -34.04 23.69 37.19
N ASP M 150 -35.04 24.31 36.56
CA ASP M 150 -35.61 25.57 37.08
C ASP M 150 -36.26 25.30 38.44
N TRP M 151 -36.99 24.19 38.56
CA TRP M 151 -37.69 23.86 39.83
C TRP M 151 -36.66 23.65 40.94
N GLY M 152 -35.56 22.94 40.62
CA GLY M 152 -34.52 22.68 41.63
C GLY M 152 -33.88 23.97 42.10
N GLU M 153 -33.66 24.90 41.16
CA GLU M 153 -33.10 26.23 41.50
C GLU M 153 -34.10 26.96 42.40
N CYS M 154 -35.39 26.84 42.08
CA CYS M 154 -36.43 27.50 42.91
C CYS M 154 -36.38 26.93 44.33
N ALA M 155 -36.23 25.61 44.44
CA ALA M 155 -36.11 24.97 45.77
C ALA M 155 -34.84 25.50 46.45
N THR M 156 -33.76 25.64 45.68
CA THR M 156 -32.47 26.11 46.26
C THR M 156 -32.65 27.51 46.84
N ARG M 157 -33.37 28.37 46.11
CA ARG M 157 -33.60 29.75 46.62
C ARG M 157 -34.39 29.65 47.93
N ILE M 158 -35.43 28.82 47.97
CA ILE M 158 -36.29 28.75 49.19
C ILE M 158 -35.46 28.23 50.37
N VAL M 159 -34.66 27.18 50.16
CA VAL M 159 -33.90 26.58 51.29
C VAL M 159 -32.88 27.63 51.79
N SER M 160 -32.26 28.36 50.87
CA SER M 160 -31.23 29.35 51.24
C SER M 160 -31.86 30.44 52.13
N ILE M 161 -33.07 30.88 51.77
CA ILE M 161 -33.73 31.96 52.55
C ILE M 161 -33.85 31.51 54.01
N TYR M 162 -34.42 30.33 54.23
CA TYR M 162 -34.66 29.87 55.62
C TYR M 162 -33.34 29.84 56.40
N ARG M 163 -32.28 29.33 55.79
CA ARG M 163 -30.98 29.24 56.49
C ARG M 163 -30.54 30.64 56.89
N TYR M 164 -30.64 31.59 55.96
CA TYR M 164 -30.23 32.99 56.27
C TYR M 164 -31.09 33.51 57.42
N ILE M 165 -32.42 33.39 57.29
CA ILE M 165 -33.31 33.97 58.34
C ILE M 165 -32.97 33.32 59.69
N SER M 166 -32.73 32.00 59.71
CA SER M 166 -32.50 31.27 60.99
C SER M 166 -31.30 31.86 61.75
N LYS M 167 -30.18 32.10 61.08
CA LYS M 167 -28.98 32.57 61.84
C LYS M 167 -29.31 33.92 62.47
N LEU M 168 -30.05 34.76 61.75
CA LEU M 168 -30.50 36.05 62.35
C LEU M 168 -31.52 35.74 63.44
N GLN M 169 -32.33 34.70 63.23
CA GLN M 169 -33.42 34.36 64.20
C GLN M 169 -32.81 34.16 65.59
N GLU M 170 -31.72 33.40 65.66
CA GLU M 170 -31.06 33.16 66.97
C GLU M 170 -30.48 34.48 67.48
N HIS M 171 -29.87 35.26 66.58
CA HIS M 171 -29.24 36.56 66.95
C HIS M 171 -30.26 37.58 67.46
N TYR M 172 -31.37 37.78 66.75
CA TYR M 172 -32.28 38.90 67.09
C TYR M 172 -33.55 38.46 67.82
N GLN M 173 -33.62 37.21 68.25
CA GLN M 173 -34.79 36.79 69.08
C GLN M 173 -36.11 37.14 68.36
N PHE M 174 -36.24 36.77 67.09
CA PHE M 174 -37.53 37.01 66.39
C PHE M 174 -38.14 35.66 66.00
N HIS M 175 -39.41 35.44 66.35
CA HIS M 175 -40.08 34.21 65.88
C HIS M 175 -40.33 34.36 64.37
N LEU M 176 -40.18 33.28 63.62
CA LEU M 176 -40.51 33.37 62.17
C LEU M 176 -41.84 32.66 61.94
N ALA M 177 -42.67 33.20 61.04
CA ALA M 177 -43.95 32.54 60.70
C ALA M 177 -44.21 32.65 59.20
N ILE M 178 -44.53 31.53 58.54
CA ILE M 178 -44.90 31.60 57.09
C ILE M 178 -46.30 31.01 56.94
N SER M 179 -47.11 31.56 56.04
CA SER M 179 -48.51 31.09 55.88
C SER M 179 -48.80 30.80 54.40
N GLY M 180 -49.66 29.81 54.12
CA GLY M 180 -49.99 29.44 52.73
C GLY M 180 -51.44 29.04 52.57
N HIS M 181 -51.85 28.59 51.39
CA HIS M 181 -53.29 28.29 51.14
C HIS M 181 -53.52 26.78 50.93
N GLU M 182 -54.51 26.22 51.61
CA GLU M 182 -54.86 24.77 51.48
C GLU M 182 -55.22 24.45 50.03
N GLY M 183 -54.63 23.38 49.47
CA GLY M 183 -54.97 22.93 48.10
C GLY M 183 -54.38 21.57 47.80
N THR M 200 -53.25 19.38 52.90
CA THR M 200 -51.87 19.87 53.17
C THR M 200 -51.69 21.25 52.52
N ILE M 201 -50.63 21.97 52.89
CA ILE M 201 -50.35 23.29 52.24
C ILE M 201 -50.11 23.02 50.76
N GLU M 202 -50.66 23.87 49.88
CA GLU M 202 -50.54 23.61 48.42
C GLU M 202 -49.18 24.09 47.92
N ALA M 203 -48.46 23.24 47.16
CA ALA M 203 -47.14 23.60 46.61
C ALA M 203 -46.55 22.35 45.93
N GLN M 204 -45.29 22.43 45.48
CA GLN M 204 -44.63 21.21 44.93
C GLN M 204 -43.84 20.55 46.07
N ASP M 205 -43.84 19.22 46.15
CA ASP M 205 -43.20 18.52 47.30
C ASP M 205 -41.82 19.06 47.66
N GLN M 206 -40.94 19.31 46.69
CA GLN M 206 -39.55 19.68 47.04
C GLN M 206 -39.63 20.84 48.03
N ILE M 207 -40.55 21.77 47.80
CA ILE M 207 -40.74 22.92 48.72
C ILE M 207 -41.40 22.40 49.99
N LYS M 208 -42.54 21.71 49.84
CA LYS M 208 -43.27 21.19 51.03
C LYS M 208 -42.27 20.45 51.94
N LYS M 209 -41.49 19.52 51.37
CA LYS M 209 -40.56 18.73 52.21
C LYS M 209 -39.71 19.70 53.04
N ALA M 210 -39.06 20.66 52.37
CA ALA M 210 -38.18 21.58 53.08
C ALA M 210 -38.93 22.35 54.16
N VAL M 211 -40.09 22.89 53.80
CA VAL M 211 -40.86 23.71 54.78
C VAL M 211 -41.24 22.84 55.98
N ILE M 212 -41.86 21.68 55.75
CA ILE M 212 -42.34 20.85 56.87
C ILE M 212 -41.13 20.47 57.74
N SER M 213 -40.04 20.00 57.13
CA SER M 213 -38.88 19.52 57.92
C SER M 213 -38.40 20.65 58.84
N GLN M 214 -38.08 21.82 58.29
CA GLN M 214 -37.54 22.96 59.08
C GLN M 214 -38.57 23.48 60.09
N SER M 215 -39.85 23.57 59.72
CA SER M 215 -40.85 24.21 60.62
C SER M 215 -40.97 23.47 61.94
N ASP M 216 -40.89 24.19 63.07
CA ASP M 216 -41.09 23.55 64.39
C ASP M 216 -42.57 23.15 64.52
N VAL M 217 -43.49 24.12 64.41
CA VAL M 217 -44.93 23.83 64.60
C VAL M 217 -45.67 24.00 63.27
N LEU M 218 -46.35 22.96 62.79
CA LEU M 218 -47.20 23.12 61.58
C LEU M 218 -48.64 22.91 62.02
N ALA M 219 -49.53 23.86 61.70
CA ALA M 219 -50.91 23.79 62.18
C ALA M 219 -51.90 24.13 61.06
N ARG M 220 -53.12 23.61 61.15
CA ARG M 220 -54.17 23.91 60.14
C ARG M 220 -55.28 24.66 60.87
N MET M 221 -55.70 25.80 60.34
CA MET M 221 -56.69 26.66 61.06
C MET M 221 -58.05 26.55 60.37
N THR M 222 -59.09 26.13 61.11
CA THR M 222 -60.44 25.93 60.52
C THR M 222 -61.51 26.51 61.45
N ILE M 223 -62.66 26.90 60.88
CA ILE M 223 -63.78 27.49 61.69
C ILE M 223 -64.80 26.38 61.97
N GLU M 224 -65.15 26.17 63.24
CA GLU M 224 -66.08 25.08 63.61
C GLU M 224 -67.28 25.68 64.35
N THR M 233 -72.69 28.99 68.16
CA THR M 233 -72.15 30.00 67.19
C THR M 233 -70.89 29.45 66.55
N TYR M 234 -70.46 30.04 65.42
CA TYR M 234 -69.19 29.61 64.76
C TYR M 234 -68.01 29.95 65.67
N GLN M 235 -67.01 29.07 65.71
CA GLN M 235 -65.81 29.30 66.56
C GLN M 235 -64.56 29.16 65.69
N TYR M 236 -63.54 29.99 65.94
CA TYR M 236 -62.26 29.89 65.20
C TYR M 236 -61.25 29.12 66.05
N VAL M 237 -60.82 27.94 65.60
CA VAL M 237 -59.93 27.10 66.45
C VAL M 237 -58.80 26.52 65.60
N LEU M 238 -57.57 26.50 66.14
CA LEU M 238 -56.41 25.94 65.40
C LEU M 238 -56.20 24.51 65.89
N ASN M 239 -56.29 23.53 64.99
CA ASN M 239 -56.19 22.10 65.43
C ASN M 239 -54.87 21.50 64.95
N ALA M 240 -53.98 21.16 65.89
CA ALA M 240 -52.70 20.51 65.52
C ALA M 240 -52.72 19.04 65.96
N GLU M 241 -53.88 18.54 66.39
CA GLU M 241 -53.99 17.12 66.82
C GLU M 241 -53.64 16.21 65.65
N PRO M 242 -52.91 15.09 65.85
CA PRO M 242 -52.48 14.23 64.75
C PRO M 242 -53.72 13.71 64.01
N SER M 243 -53.59 13.49 62.69
CA SER M 243 -54.76 13.01 61.90
C SER M 243 -54.30 12.54 60.51
N ASN M 244 -54.84 11.43 60.03
CA ASN M 244 -54.52 10.96 58.66
C ASN M 244 -55.01 11.98 57.61
N LEU M 245 -56.20 12.55 57.81
CA LEU M 245 -56.81 13.46 56.78
C LEU M 245 -55.97 14.72 56.57
N PHE M 246 -55.43 15.31 57.63
CA PHE M 246 -54.66 16.58 57.52
C PHE M 246 -53.36 16.39 58.31
N GLU M 247 -52.26 17.05 57.93
CA GLU M 247 -51.02 16.73 58.68
C GLU M 247 -50.62 17.91 59.57
N THR M 248 -50.45 17.64 60.86
CA THR M 248 -50.07 18.69 61.84
C THR M 248 -48.96 18.13 62.75
N LYS M 249 -48.09 18.98 63.29
CA LYS M 249 -47.08 18.50 64.26
C LYS M 249 -46.68 19.62 65.19
N ILE M 250 -46.77 19.41 66.50
CA ILE M 250 -46.27 20.45 67.45
C ILE M 250 -45.09 19.85 68.19
N ARG M 251 -43.98 20.59 68.33
CA ARG M 251 -42.77 20.01 68.97
C ARG M 251 -42.71 20.45 70.44
N HIS M 252 -42.73 19.48 71.36
CA HIS M 252 -42.61 19.81 72.81
C HIS M 252 -41.69 18.76 73.45
N SER M 253 -41.01 19.12 74.53
CA SER M 253 -40.06 18.19 75.18
C SER M 253 -40.84 17.06 75.89
N SER M 254 -40.20 15.93 76.14
CA SER M 254 -40.89 14.76 76.74
C SER M 254 -41.69 15.19 77.99
N ASN M 255 -41.07 15.94 78.89
CA ASN M 255 -41.76 16.30 80.16
C ASN M 255 -43.02 17.12 79.85
N ILE M 256 -42.92 18.06 78.90
CA ILE M 256 -44.09 18.92 78.55
C ILE M 256 -45.17 18.05 77.91
N LYS M 257 -46.43 18.21 78.33
CA LYS M 257 -47.55 17.43 77.73
C LYS M 257 -48.62 18.43 77.27
N ILE M 258 -49.11 18.28 76.04
CA ILE M 258 -50.22 19.17 75.57
C ILE M 258 -51.54 18.42 75.83
N ASN M 259 -52.24 18.80 76.90
CA ASN M 259 -53.55 18.18 77.21
C ASN M 259 -54.55 18.51 76.09
N ASN M 260 -54.48 19.73 75.55
CA ASN M 260 -55.43 20.15 74.47
C ASN M 260 -54.64 20.70 73.28
N LYS M 261 -54.70 20.03 72.13
CA LYS M 261 -53.96 20.48 70.91
C LYS M 261 -54.81 21.40 70.04
N ARG M 262 -56.06 21.67 70.44
CA ARG M 262 -56.90 22.63 69.67
C ARG M 262 -56.99 23.94 70.47
N PHE M 263 -56.64 25.06 69.83
CA PHE M 263 -56.66 26.37 70.54
C PHE M 263 -57.73 27.26 69.91
N ILE M 264 -58.69 27.74 70.70
CA ILE M 264 -59.75 28.64 70.19
C ILE M 264 -59.26 30.08 70.36
N ASN M 265 -59.61 30.98 69.42
CA ASN M 265 -59.05 32.36 69.48
C ASN M 265 -57.54 32.29 69.75
N PRO M 266 -56.74 31.59 68.90
CA PRO M 266 -55.31 31.44 69.17
C PRO M 266 -54.41 32.65 68.88
N SER M 267 -53.27 32.74 69.58
CA SER M 267 -52.29 33.82 69.32
C SER M 267 -50.90 33.20 69.38
N ILE M 268 -49.87 33.85 68.85
CA ILE M 268 -48.54 33.17 68.82
C ILE M 268 -48.09 32.95 70.27
N ASN M 269 -48.32 33.94 71.15
CA ASN M 269 -47.93 33.80 72.58
C ASN M 269 -48.51 32.50 73.15
N ASP M 270 -49.83 32.30 73.06
CA ASP M 270 -50.47 31.14 73.66
C ASP M 270 -49.78 29.85 73.22
N VAL M 271 -49.48 29.74 71.93
CA VAL M 271 -48.79 28.52 71.41
C VAL M 271 -47.41 28.45 72.08
N VAL M 272 -46.67 29.56 72.10
CA VAL M 272 -45.32 29.58 72.71
C VAL M 272 -45.41 29.08 74.16
N GLN M 273 -46.36 29.61 74.93
CA GLN M 273 -46.49 29.23 76.33
C GLN M 273 -46.87 27.75 76.46
N ALA M 274 -47.73 27.25 75.58
CA ALA M 274 -48.10 25.84 75.61
C ALA M 274 -46.89 24.96 75.32
N ILE M 275 -46.00 25.41 74.43
CA ILE M 275 -44.85 24.54 74.01
C ILE M 275 -43.67 24.70 74.97
N ARG M 276 -43.60 25.78 75.76
CA ARG M 276 -42.57 25.90 76.78
C ARG M 276 -43.05 25.40 78.14
N ASN M 277 -44.21 25.87 78.60
CA ASN M 277 -44.75 25.49 79.90
C ASN M 277 -45.88 24.48 79.72
N GLY M 278 -46.30 23.89 80.83
CA GLY M 278 -47.35 22.90 80.81
C GLY M 278 -48.67 23.40 80.26
N ASN M 279 -49.28 22.62 79.36
CA ASN M 279 -50.56 23.03 78.73
C ASN M 279 -51.60 23.33 79.81
N MET N 1 16.25 57.25 53.45
CA MET N 1 14.89 57.75 53.47
C MET N 1 14.75 59.00 52.61
N ILE N 2 13.74 59.01 51.72
CA ILE N 2 13.48 60.20 50.86
C ILE N 2 12.01 60.16 50.42
N ARG N 3 11.30 61.30 50.48
CA ARG N 3 9.90 61.35 50.01
C ARG N 3 9.62 62.65 49.27
N ASN N 4 8.66 62.64 48.33
CA ASN N 4 8.26 63.89 47.64
C ASN N 4 7.43 64.73 48.61
N ARG N 5 7.46 66.06 48.48
CA ARG N 5 6.74 66.95 49.43
C ARG N 5 5.56 67.57 48.68
N LEU N 6 5.15 66.99 47.55
CA LEU N 6 4.09 67.61 46.72
C LEU N 6 2.79 67.77 47.52
N SER N 7 2.41 66.77 48.32
CA SER N 7 1.10 66.84 49.01
C SER N 7 1.08 68.04 49.96
N GLU N 8 2.17 68.29 50.67
CA GLU N 8 2.21 69.42 51.64
C GLU N 8 2.23 70.75 50.88
N LEU N 9 3.08 70.86 49.86
CA LEU N 9 3.21 72.15 49.12
C LEU N 9 1.85 72.55 48.54
N LEU N 10 1.18 71.62 47.86
CA LEU N 10 -0.13 71.93 47.22
C LEU N 10 -1.12 72.38 48.28
N SER N 11 -1.10 71.75 49.46
CA SER N 11 -2.08 72.10 50.52
C SER N 11 -1.87 73.54 50.98
N GLU N 12 -0.61 73.95 51.20
CA GLU N 12 -0.33 75.32 51.69
C GLU N 12 -0.79 76.34 50.64
N ARG N 13 -0.47 76.10 49.37
CA ARG N 13 -0.86 77.04 48.28
C ARG N 13 -2.37 76.91 48.03
N GLY N 14 -2.97 75.78 48.42
CA GLY N 14 -4.43 75.62 48.28
C GLY N 14 -4.86 75.14 46.91
N LEU N 15 -3.92 74.93 45.98
CA LEU N 15 -4.28 74.40 44.64
C LEU N 15 -4.82 72.96 44.76
N LYS N 16 -5.86 72.64 43.99
CA LYS N 16 -6.43 71.27 44.00
C LYS N 16 -5.65 70.39 43.03
N ILE N 17 -5.69 69.07 43.21
CA ILE N 17 -4.91 68.14 42.35
C ILE N 17 -5.43 68.28 40.91
N SER N 18 -6.74 68.44 40.74
CA SER N 18 -7.31 68.46 39.36
C SER N 18 -6.73 69.65 38.58
N ARG N 19 -6.69 70.84 39.19
CA ARG N 19 -6.22 72.02 38.41
C ARG N 19 -4.75 71.83 38.04
N VAL N 20 -3.93 71.34 38.98
CA VAL N 20 -2.48 71.22 38.71
C VAL N 20 -2.32 70.24 37.54
N ALA N 21 -3.05 69.13 37.55
CA ALA N 21 -2.89 68.11 36.49
C ALA N 21 -3.26 68.72 35.14
N LYS N 22 -4.32 69.52 35.09
CA LYS N 22 -4.78 70.12 33.82
C LYS N 22 -3.70 71.06 33.28
N ASP N 23 -3.06 71.85 34.16
CA ASP N 23 -2.06 72.84 33.70
C ASP N 23 -0.75 72.15 33.31
N VAL N 24 -0.14 71.41 34.23
CA VAL N 24 1.21 70.82 33.96
C VAL N 24 1.08 69.70 32.92
N LYS N 25 -0.15 69.43 32.46
CA LYS N 25 -0.37 68.41 31.40
C LYS N 25 0.15 67.05 31.90
N ILE N 26 -0.03 66.75 33.19
CA ILE N 26 0.34 65.41 33.72
C ILE N 26 -0.96 64.69 34.09
N ALA N 27 -1.10 63.41 33.73
CA ALA N 27 -2.38 62.70 33.95
C ALA N 27 -2.70 62.66 35.45
N ARG N 28 -3.97 62.92 35.80
CA ARG N 28 -4.39 62.98 37.23
C ARG N 28 -3.94 61.73 37.99
N SER N 29 -4.12 60.55 37.40
CA SER N 29 -3.81 59.32 38.18
C SER N 29 -2.34 59.32 38.60
N SER N 30 -1.43 59.65 37.69
CA SER N 30 0.01 59.64 38.02
C SER N 30 0.29 60.69 39.10
N LEU N 31 -0.28 61.89 38.95
CA LEU N 31 0.02 62.99 39.91
C LEU N 31 -0.50 62.60 41.31
N THR N 32 -1.66 61.93 41.37
CA THR N 32 -2.23 61.51 42.68
C THR N 32 -1.32 60.45 43.32
N SER N 33 -0.89 59.46 42.53
CA SER N 33 0.02 58.42 43.05
C SER N 33 1.29 59.11 43.56
N MET N 34 1.86 60.02 42.77
CA MET N 34 3.09 60.74 43.16
C MET N 34 2.79 61.68 44.34
N ALA N 35 1.56 62.17 44.48
CA ALA N 35 1.24 62.99 45.67
C ALA N 35 1.47 62.11 46.88
N GLN N 36 1.05 60.85 46.82
CA GLN N 36 1.38 59.88 47.90
C GLN N 36 2.80 59.41 47.60
N ASN N 37 3.45 58.67 48.49
CA ASN N 37 4.85 58.29 48.16
C ASN N 37 4.80 56.90 47.53
N ASP N 38 3.63 56.47 47.05
CA ASP N 38 3.46 55.09 46.50
C ASP N 38 4.38 54.84 45.30
N SER N 39 4.49 55.79 44.36
CA SER N 39 5.28 55.53 43.13
C SER N 39 6.73 55.18 43.48
N GLU N 40 7.42 54.42 42.63
CA GLU N 40 8.84 54.06 42.89
C GLU N 40 9.78 54.97 42.08
N MET N 41 9.37 55.36 40.87
CA MET N 41 10.23 56.19 40.00
C MET N 41 9.53 57.50 39.60
N ILE N 42 10.30 58.57 39.40
CA ILE N 42 9.71 59.88 38.97
C ILE N 42 10.43 60.36 37.71
N ARG N 43 9.68 60.81 36.69
CA ARG N 43 10.31 61.21 35.41
C ARG N 43 10.89 62.61 35.53
N TYR N 44 12.10 62.83 35.01
CA TYR N 44 12.75 64.16 35.12
C TYR N 44 11.77 65.25 34.67
N ASP N 45 10.96 64.96 33.64
CA ASP N 45 10.05 66.00 33.11
C ASP N 45 9.11 66.46 34.24
N ALA N 46 8.62 65.53 35.04
CA ALA N 46 7.67 65.88 36.12
C ALA N 46 8.35 66.81 37.13
N ILE N 47 9.61 66.54 37.45
CA ILE N 47 10.32 67.35 38.49
C ILE N 47 10.39 68.80 38.01
N ASP N 48 10.65 69.03 36.71
CA ASP N 48 10.83 70.42 36.23
C ASP N 48 9.48 71.12 36.05
N LYS N 49 8.51 70.46 35.42
CA LYS N 49 7.21 71.12 35.15
C LYS N 49 6.66 71.62 36.49
N LEU N 50 6.59 70.76 37.49
CA LEU N 50 6.01 71.14 38.81
C LEU N 50 6.87 72.23 39.45
N CYS N 51 8.19 72.11 39.39
CA CYS N 51 9.09 73.09 40.06
C CYS N 51 8.93 74.47 39.42
N SER N 52 8.78 74.54 38.10
CA SER N 52 8.53 75.81 37.43
C SER N 52 7.14 76.34 37.76
N TYR N 53 6.18 75.43 37.93
CA TYR N 53 4.77 75.85 38.16
C TYR N 53 4.58 76.42 39.57
N LEU N 54 5.26 75.86 40.56
CA LEU N 54 5.06 76.33 41.96
C LEU N 54 6.24 77.19 42.42
N HIS N 55 7.09 77.58 41.48
CA HIS N 55 8.23 78.48 41.83
C HIS N 55 8.97 77.87 43.02
N ILE N 56 9.20 76.55 42.97
CA ILE N 56 9.93 75.85 44.07
C ILE N 56 11.22 75.28 43.50
N SER N 57 12.34 75.42 44.22
CA SER N 57 13.62 74.82 43.77
C SER N 57 13.54 73.30 43.95
N PRO N 58 14.38 72.50 43.28
CA PRO N 58 14.31 71.05 43.38
C PRO N 58 14.53 70.64 44.84
N SER N 59 15.34 71.42 45.57
CA SER N 59 15.64 71.14 47.00
C SER N 59 14.34 70.94 47.75
N GLU N 60 13.43 71.89 47.61
CA GLU N 60 12.16 71.90 48.38
C GLU N 60 11.34 70.65 48.06
N PHE N 61 11.32 70.22 46.81
CA PHE N 61 10.45 69.09 46.41
C PHE N 61 10.82 67.82 47.18
N PHE N 62 12.12 67.60 47.47
CA PHE N 62 12.45 66.30 48.10
C PHE N 62 12.97 66.51 49.52
N GLU N 63 12.53 65.65 50.46
CA GLU N 63 13.05 65.72 51.85
C GLU N 63 13.99 64.54 52.06
N HIS N 64 15.20 64.78 52.59
CA HIS N 64 16.18 63.70 52.71
C HIS N 64 16.67 63.58 54.14
N ASN N 65 17.07 62.37 54.51
CA ASN N 65 17.66 62.09 55.81
C ASN N 65 18.63 60.93 55.59
N PRO N 66 19.86 61.04 56.10
CA PRO N 66 20.86 59.99 55.82
C PRO N 66 20.54 58.64 56.43
N ILE N 67 19.61 58.56 57.38
CA ILE N 67 19.29 57.28 58.00
C ILE N 67 18.65 56.35 56.97
N ASN N 68 18.75 55.05 57.25
CA ASN N 68 18.23 54.04 56.33
C ASN N 68 17.90 52.78 57.11
N PHE N 69 16.67 52.28 56.97
CA PHE N 69 16.25 51.08 57.77
C PHE N 69 16.00 49.90 56.83
N ASP N 70 16.25 48.68 57.32
CA ASP N 70 15.99 47.45 56.52
C ASP N 70 15.21 46.44 57.37
N PHE N 71 14.24 45.75 56.77
CA PHE N 71 13.39 44.77 57.51
C PHE N 71 13.41 43.43 56.78
N THR N 72 13.70 42.35 57.50
CA THR N 72 13.66 41.00 56.88
C THR N 72 12.71 40.11 57.69
N PHE N 73 11.86 39.33 57.01
CA PHE N 73 10.86 38.48 57.72
C PHE N 73 11.28 37.02 57.62
N ASP N 74 11.09 36.25 58.70
CA ASP N 74 11.56 34.84 58.72
C ASP N 74 10.91 34.04 57.58
N GLU N 75 11.72 33.26 56.87
CA GLU N 75 11.18 32.39 55.78
C GLU N 75 10.24 31.36 56.40
N GLU N 76 10.60 30.83 57.57
CA GLU N 76 9.77 29.77 58.24
C GLU N 76 9.13 30.36 59.49
N PRO N 77 7.82 30.70 59.47
CA PRO N 77 7.13 31.19 60.67
C PRO N 77 6.44 30.03 61.41
N ASN N 78 6.01 30.24 62.65
CA ASN N 78 5.25 29.17 63.35
C ASN N 78 3.77 29.59 63.36
N TYR N 79 2.91 28.83 62.68
CA TYR N 79 1.50 29.27 62.58
C TYR N 79 0.53 28.11 62.85
N LYS N 80 -0.52 28.36 63.63
CA LYS N 80 -1.56 27.31 63.81
C LYS N 80 -2.93 27.95 63.56
N ILE N 81 -3.69 27.43 62.59
CA ILE N 81 -5.01 28.03 62.24
C ILE N 81 -6.08 26.95 62.37
N ASN N 82 -7.16 27.23 63.10
CA ASN N 82 -8.23 26.21 63.32
C ASN N 82 -9.52 26.68 62.65
N ASP N 83 -10.08 25.87 61.75
CA ASP N 83 -11.34 26.24 61.04
C ASP N 83 -12.47 26.31 62.08
N VAL N 84 -13.32 27.34 62.01
CA VAL N 84 -14.39 27.53 63.03
C VAL N 84 -15.75 27.07 62.49
N PHE N 85 -15.88 26.91 61.16
CA PHE N 85 -17.19 26.53 60.58
C PHE N 85 -18.23 27.59 60.95
N GLU N 86 -19.35 27.20 61.56
CA GLU N 86 -20.36 28.18 62.06
C GLU N 86 -21.01 28.93 60.90
N GLY N 87 -21.09 28.33 59.71
CA GLY N 87 -21.84 28.94 58.58
C GLY N 87 -21.42 30.34 58.18
N PHE N 88 -20.11 30.62 58.14
CA PHE N 88 -19.64 31.93 57.63
C PHE N 88 -20.36 32.32 56.33
N GLU N 89 -20.73 31.34 55.51
CA GLU N 89 -21.30 31.66 54.17
C GLU N 89 -22.45 32.67 54.29
N VAL N 90 -23.29 32.54 55.30
CA VAL N 90 -24.46 33.46 55.44
C VAL N 90 -23.96 34.87 55.74
N THR N 91 -23.29 35.07 56.88
CA THR N 91 -22.85 36.43 57.29
C THR N 91 -21.34 36.54 57.09
N ALA N 92 -20.86 37.58 56.42
CA ALA N 92 -19.42 37.66 56.10
C ALA N 92 -18.64 38.19 57.30
N ASN N 93 -18.50 37.37 58.35
CA ASN N 93 -17.67 37.77 59.53
C ASN N 93 -16.48 36.81 59.55
N ILE N 94 -15.30 37.27 59.17
CA ILE N 94 -14.11 36.38 59.04
C ILE N 94 -14.01 35.47 60.26
N THR N 95 -14.23 36.01 61.46
CA THR N 95 -13.98 35.20 62.68
C THR N 95 -14.68 33.83 62.55
N HIS N 96 -15.88 33.80 61.97
CA HIS N 96 -16.63 32.53 61.82
C HIS N 96 -15.88 31.57 60.89
N ALA N 97 -15.28 32.11 59.83
CA ALA N 97 -14.59 31.25 58.85
C ALA N 97 -13.36 30.55 59.46
N PHE N 98 -12.53 31.28 60.22
CA PHE N 98 -11.28 30.64 60.75
C PHE N 98 -10.81 31.36 62.02
N SER N 99 -10.03 30.66 62.84
CA SER N 99 -9.46 31.29 64.07
C SER N 99 -7.96 30.99 64.15
N ILE N 100 -7.14 31.98 64.49
CA ILE N 100 -5.66 31.77 64.61
C ILE N 100 -5.35 31.35 66.05
N GLU N 101 -4.89 30.12 66.25
CA GLU N 101 -4.51 29.69 67.62
C GLU N 101 -3.24 30.44 68.05
N ASN N 102 -2.21 30.44 67.21
CA ASN N 102 -0.97 31.21 67.53
C ASN N 102 -0.09 31.40 66.30
N PHE N 103 0.28 32.65 65.99
CA PHE N 103 1.16 32.94 64.84
C PHE N 103 2.30 33.83 65.33
N ASP N 104 3.51 33.28 65.43
CA ASP N 104 4.68 34.06 65.95
C ASP N 104 5.88 33.92 65.00
N PHE N 105 6.69 34.96 64.88
CA PHE N 105 7.86 34.93 63.96
C PHE N 105 8.80 36.08 64.33
N GLU N 106 9.90 36.22 63.58
CA GLU N 106 10.91 37.25 63.94
C GLU N 106 11.12 38.21 62.77
N ILE N 107 11.27 39.50 63.06
CA ILE N 107 11.61 40.48 61.98
C ILE N 107 12.97 41.07 62.33
N LEU N 108 13.94 40.99 61.40
CA LEU N 108 15.32 41.47 61.70
C LEU N 108 15.49 42.88 61.12
N VAL N 109 15.81 43.87 61.97
CA VAL N 109 15.91 45.28 61.49
C VAL N 109 17.35 45.77 61.63
N ASP N 110 17.91 46.38 60.57
CA ASP N 110 19.29 46.91 60.61
C ASP N 110 19.27 48.44 60.45
N VAL N 111 19.57 49.18 61.52
CA VAL N 111 19.54 50.67 61.47
C VAL N 111 20.91 51.16 61.04
N GLU N 112 21.07 51.46 59.76
CA GLU N 112 22.41 51.88 59.27
C GLU N 112 22.61 53.37 59.55
N LEU N 113 23.68 53.74 60.24
CA LEU N 113 23.89 55.17 60.60
C LEU N 113 24.41 55.93 59.38
N ASP N 114 24.60 57.25 59.51
CA ASP N 114 25.19 58.03 58.39
C ASP N 114 26.60 57.46 58.15
N ASN N 115 27.33 57.20 59.24
CA ASN N 115 28.66 56.58 59.12
C ASN N 115 28.46 55.14 58.62
N ARG N 116 29.54 54.47 58.20
CA ARG N 116 29.43 53.10 57.66
C ARG N 116 28.90 52.16 58.76
N GLN N 117 29.14 52.50 60.03
CA GLN N 117 28.74 51.59 61.14
C GLN N 117 27.23 51.33 61.11
N LYS N 118 26.82 50.09 61.38
CA LYS N 118 25.38 49.75 61.40
C LYS N 118 25.04 49.08 62.74
N LEU N 119 23.80 49.17 63.18
CA LEU N 119 23.38 48.47 64.43
C LEU N 119 22.33 47.43 64.06
N ASN N 120 22.36 46.27 64.73
CA ASN N 120 21.37 45.19 64.44
C ASN N 120 20.40 45.03 65.60
N PHE N 121 19.10 45.10 65.33
CA PHE N 121 18.10 44.84 66.40
C PHE N 121 17.18 43.71 65.91
N ASP N 122 16.85 42.78 66.79
CA ASP N 122 16.01 41.61 66.39
C ASP N 122 14.66 41.69 67.11
N LEU N 123 13.55 41.73 66.35
CA LEU N 123 12.21 41.88 66.97
C LEU N 123 11.46 40.55 66.85
N ASP N 124 10.82 40.09 67.94
CA ASP N 124 10.00 38.86 67.87
C ASP N 124 8.54 39.31 67.96
N VAL N 125 7.71 38.92 66.99
CA VAL N 125 6.30 39.44 66.95
C VAL N 125 5.32 38.26 67.07
N SER N 126 4.28 38.42 67.89
CA SER N 126 3.30 37.31 68.12
C SER N 126 1.86 37.82 67.95
N TYR N 127 0.92 36.90 67.68
CA TYR N 127 -0.51 37.26 67.53
C TYR N 127 -1.11 37.57 68.91
N LYS N 128 -2.01 38.55 68.99
CA LYS N 128 -2.63 38.92 70.28
C LYS N 128 -4.15 38.75 70.18
N GLU N 129 -4.79 39.39 69.20
CA GLU N 129 -6.24 39.33 69.09
C GLU N 129 -6.66 39.86 67.73
N THR N 130 -7.92 39.64 67.35
CA THR N 130 -8.43 40.21 66.06
C THR N 130 -9.46 41.30 66.36
N GLU N 131 -9.04 42.57 66.31
CA GLU N 131 -9.96 43.70 66.62
C GLU N 131 -10.94 43.90 65.46
N LYS N 132 -12.16 44.39 65.77
CA LYS N 132 -13.18 44.66 64.74
C LYS N 132 -13.25 46.17 64.49
N ILE N 133 -12.54 46.68 63.49
CA ILE N 133 -12.51 48.15 63.23
C ILE N 133 -13.92 48.61 62.86
N THR N 134 -14.61 47.84 62.02
CA THR N 134 -16.02 48.16 61.63
C THR N 134 -16.80 46.85 61.56
N ASN N 135 -18.12 46.90 61.43
CA ASN N 135 -18.91 45.63 61.46
C ASN N 135 -18.43 44.70 60.34
N SER N 136 -18.17 45.25 59.14
CA SER N 136 -17.80 44.39 57.99
C SER N 136 -16.29 44.15 57.89
N GLN N 137 -15.46 44.89 58.63
CA GLN N 137 -13.99 44.74 58.45
C GLN N 137 -13.27 44.56 59.79
N HIS N 138 -12.20 43.77 59.80
CA HIS N 138 -11.41 43.52 61.05
C HIS N 138 -9.93 43.78 60.77
N ARG N 139 -9.14 44.01 61.82
CA ARG N 139 -7.68 44.20 61.67
C ARG N 139 -6.95 43.29 62.67
N PHE N 140 -6.21 42.31 62.17
CA PHE N 140 -5.43 41.44 63.08
C PHE N 140 -4.41 42.32 63.81
N ILE N 141 -4.24 42.11 65.11
CA ILE N 141 -3.30 42.95 65.90
C ILE N 141 -2.14 42.08 66.39
N PHE N 142 -0.91 42.47 66.06
CA PHE N 142 0.29 41.68 66.49
C PHE N 142 1.14 42.56 67.41
N THR N 143 1.63 41.97 68.51
CA THR N 143 2.42 42.76 69.49
C THR N 143 3.85 42.21 69.59
N ILE N 144 4.84 43.10 69.63
CA ILE N 144 6.27 42.66 69.76
C ILE N 144 6.46 42.04 71.14
N LYS N 145 7.05 40.85 71.20
CA LYS N 145 7.21 40.13 72.50
C LYS N 145 8.31 40.83 73.30
N ASN N 146 9.52 40.89 72.75
CA ASN N 146 10.65 41.57 73.44
C ASN N 146 10.76 43.03 72.96
N GLU N 147 10.53 43.98 73.88
CA GLU N 147 10.69 45.42 73.54
C GLU N 147 11.79 46.02 74.41
N ASP N 148 12.00 45.49 75.62
CA ASP N 148 13.00 46.07 76.56
C ASP N 148 14.42 45.95 75.99
N GLU N 149 14.75 44.80 75.39
CA GLU N 149 16.08 44.60 74.76
C GLU N 149 16.23 45.56 73.57
N ASN N 150 15.13 45.90 72.89
CA ASN N 150 15.25 46.74 71.67
C ASN N 150 14.75 48.17 71.93
N ILE N 151 14.98 48.70 73.13
CA ILE N 151 14.59 50.11 73.45
C ILE N 151 15.39 51.08 72.57
N GLY N 152 16.67 50.77 72.29
CA GLY N 152 17.52 51.69 71.52
C GLY N 152 16.95 51.95 70.13
N LEU N 153 16.27 50.96 69.56
CA LEU N 153 15.72 51.09 68.19
C LEU N 153 14.77 52.28 68.20
N LYS N 154 14.00 52.43 69.28
CA LYS N 154 13.01 53.53 69.36
C LYS N 154 13.71 54.89 69.27
N LYS N 155 14.87 55.03 69.90
CA LYS N 155 15.59 56.33 69.91
C LYS N 155 15.93 56.73 68.48
N TYR N 156 16.37 55.79 67.66
CA TYR N 156 16.66 56.09 66.23
C TYR N 156 15.36 56.44 65.49
N VAL N 157 14.25 55.76 65.76
CA VAL N 157 13.00 55.98 64.98
C VAL N 157 12.46 57.40 65.19
N ASP N 158 12.33 57.86 66.44
CA ASP N 158 11.69 59.18 66.69
C ASP N 158 12.60 60.33 66.26
N SER N 159 13.86 60.05 65.92
CA SER N 159 14.76 61.11 65.48
C SER N 159 14.38 61.62 64.10
N LEU N 160 13.64 60.82 63.34
CA LEU N 160 13.24 61.23 61.95
C LEU N 160 12.16 62.33 62.03
N SER N 161 11.97 63.05 60.93
CA SER N 161 10.91 64.08 60.86
C SER N 161 9.55 63.38 60.81
N ALA N 162 8.47 64.08 61.14
CA ALA N 162 7.15 63.41 61.21
C ALA N 162 6.80 62.82 59.85
N GLY N 163 7.06 63.54 58.76
CA GLY N 163 6.67 63.03 57.43
C GLY N 163 7.37 61.73 57.10
N LEU N 164 8.68 61.65 57.37
CA LEU N 164 9.44 60.40 57.12
C LEU N 164 8.91 59.30 58.04
N LYS N 165 8.62 59.62 59.31
CA LYS N 165 8.19 58.57 60.27
C LYS N 165 6.87 57.96 59.80
N ASN N 166 5.94 58.79 59.33
CA ASN N 166 4.64 58.27 58.84
C ASN N 166 4.91 57.35 57.65
N LEU N 167 5.85 57.73 56.77
CA LEU N 167 6.18 56.87 55.60
C LEU N 167 6.72 55.53 56.10
N LEU N 168 7.66 55.54 57.04
CA LEU N 168 8.29 54.28 57.50
C LEU N 168 7.21 53.36 58.08
N PHE N 169 6.29 53.92 58.88
CA PHE N 169 5.24 53.09 59.53
C PHE N 169 4.35 52.47 58.45
N LYS N 170 4.05 53.20 57.38
CA LYS N 170 3.24 52.60 56.29
C LYS N 170 4.02 51.42 55.71
N LYS N 171 5.33 51.58 55.49
CA LYS N 171 6.11 50.50 54.84
C LYS N 171 6.12 49.24 55.71
N ILE N 172 6.35 49.40 57.03
CA ILE N 172 6.44 48.20 57.91
C ILE N 172 5.08 47.49 57.92
N ASN N 173 3.99 48.26 57.96
CA ASN N 173 2.63 47.67 58.03
C ASN N 173 2.30 46.99 56.70
N GLN N 174 2.51 47.67 55.57
CA GLN N 174 2.11 47.07 54.27
C GLN N 174 2.76 45.68 54.15
N LYS N 175 4.05 45.58 54.45
CA LYS N 175 4.77 44.28 54.35
C LYS N 175 4.14 43.27 55.30
N LEU N 176 3.91 43.66 56.56
CA LEU N 176 3.34 42.71 57.55
C LEU N 176 2.00 42.20 57.04
N SER N 177 1.15 43.10 56.55
CA SER N 177 -0.22 42.69 56.11
C SER N 177 -0.10 41.69 54.96
N GLY N 178 0.80 41.96 54.02
CA GLY N 178 1.01 41.00 52.91
C GLY N 178 1.53 39.67 53.42
N TYR N 179 2.50 39.70 54.34
CA TYR N 179 3.10 38.45 54.86
C TYR N 179 2.00 37.60 55.52
N VAL N 180 1.35 38.13 56.56
CA VAL N 180 0.35 37.30 57.31
C VAL N 180 -0.79 36.88 56.38
N SER N 181 -1.29 37.79 55.55
CA SER N 181 -2.46 37.45 54.69
C SER N 181 -2.09 36.30 53.76
N GLU N 182 -0.90 36.34 53.17
CA GLU N 182 -0.49 35.29 52.19
C GLU N 182 -0.42 33.94 52.90
N ILE N 183 0.11 33.92 54.12
CA ILE N 183 0.24 32.64 54.86
C ILE N 183 -1.16 32.08 55.11
N ILE N 184 -2.09 32.89 55.61
CA ILE N 184 -3.44 32.38 55.97
C ILE N 184 -4.17 31.88 54.72
N VAL N 185 -4.16 32.65 53.65
CA VAL N 185 -4.97 32.28 52.44
C VAL N 185 -4.60 30.84 52.02
N LYS N 186 -3.34 30.43 52.17
CA LYS N 186 -2.95 29.07 51.70
C LYS N 186 -3.59 28.02 52.61
N ASN N 187 -3.51 28.19 53.93
CA ASN N 187 -4.00 27.15 54.87
C ASN N 187 -5.53 26.99 54.81
N ILE N 188 -6.28 28.08 54.63
CA ILE N 188 -7.77 27.98 54.68
C ILE N 188 -8.37 27.99 53.27
N ASP N 189 -9.26 27.03 52.95
CA ASP N 189 -9.92 26.97 51.63
C ASP N 189 -10.98 28.06 51.53
N ASP N 190 -11.32 28.50 50.31
CA ASP N 190 -12.27 29.63 50.14
C ASP N 190 -13.72 29.18 50.31
N ILE N 191 -14.59 30.07 50.79
CA ILE N 191 -16.04 29.74 50.91
C ILE N 191 -16.80 30.85 50.17
N GLU N 192 -17.67 30.50 49.22
CA GLU N 192 -18.40 31.53 48.43
C GLU N 192 -19.78 31.79 49.06
N GLU N 193 -20.20 33.06 49.12
CA GLU N 193 -21.50 33.42 49.78
C GLU N 193 -22.70 32.98 48.94
N LEU N 194 -23.82 32.65 49.59
CA LEU N 194 -25.07 32.26 48.87
C LEU N 194 -25.60 33.42 48.03
N PHE N 195 -25.69 34.62 48.61
CA PHE N 195 -26.30 35.77 47.90
C PHE N 195 -25.21 36.63 47.26
N LYS N 201 -19.69 41.58 43.17
CA LYS N 201 -20.92 40.94 43.68
C LYS N 201 -20.55 39.93 44.77
N SER N 202 -20.35 38.67 44.37
CA SER N 202 -20.01 37.60 45.36
C SER N 202 -18.65 37.91 46.00
N THR N 203 -18.54 37.69 47.31
CA THR N 203 -17.27 37.95 48.03
C THR N 203 -16.74 36.63 48.60
N THR N 204 -15.76 36.03 47.92
CA THR N 204 -15.19 34.73 48.39
C THR N 204 -14.34 34.97 49.63
N LEU N 205 -14.08 33.93 50.42
CA LEU N 205 -13.33 34.11 51.69
C LEU N 205 -11.92 34.63 51.38
N HIS N 206 -11.27 34.10 50.35
CA HIS N 206 -9.87 34.50 50.07
C HIS N 206 -9.82 36.01 49.80
N LYS N 207 -10.80 36.53 49.04
CA LYS N 207 -10.78 37.97 48.71
C LYS N 207 -10.88 38.77 50.00
N GLU N 208 -11.75 38.35 50.92
CA GLU N 208 -11.92 39.06 52.20
C GLU N 208 -10.61 39.00 52.99
N ILE N 209 -9.94 37.84 53.00
CA ILE N 209 -8.69 37.69 53.80
C ILE N 209 -7.64 38.66 53.25
N LEU N 210 -7.52 38.75 51.93
CA LEU N 210 -6.49 39.65 51.31
C LEU N 210 -6.83 41.09 51.67
N GLN N 211 -8.12 41.45 51.64
CA GLN N 211 -8.54 42.84 51.97
C GLN N 211 -8.16 43.13 53.43
N THR N 212 -8.32 42.14 54.31
CA THR N 212 -8.04 42.36 55.76
C THR N 212 -6.62 42.88 55.95
N ASP N 213 -6.44 43.85 56.86
CA ASP N 213 -5.09 44.46 57.10
C ASP N 213 -4.64 44.19 58.54
N SER N 214 -3.35 43.95 58.73
CA SER N 214 -2.81 43.71 60.10
C SER N 214 -1.85 44.84 60.47
N ARG N 215 -2.05 45.47 61.62
CA ARG N 215 -1.21 46.62 62.03
C ARG N 215 -0.47 46.28 63.32
N LEU N 216 0.85 46.42 63.33
CA LEU N 216 1.67 46.08 64.52
C LEU N 216 1.38 47.08 65.64
N SER N 217 1.17 46.58 66.87
CA SER N 217 0.91 47.45 68.04
C SER N 217 2.10 47.31 68.99
N SER N 218 2.92 48.36 69.11
CA SER N 218 4.15 48.25 69.94
C SER N 218 4.60 49.63 70.44
N ASP N 219 5.36 49.66 71.53
CA ASP N 219 5.87 50.94 72.10
C ASP N 219 6.84 51.60 71.11
N ILE N 220 7.70 50.81 70.47
CA ILE N 220 8.73 51.38 69.54
C ILE N 220 8.03 52.32 68.55
N PHE N 221 6.98 51.84 67.88
CA PHE N 221 6.29 52.66 66.87
C PHE N 221 5.06 53.29 67.55
N LYS N 222 5.00 54.63 67.61
CA LYS N 222 3.91 55.28 68.39
C LYS N 222 2.89 55.96 67.46
N GLU N 223 3.05 55.85 66.14
CA GLU N 223 2.14 56.57 65.22
C GLU N 223 1.88 55.72 63.97
N MET O 1 14.30 72.90 32.10
CA MET O 1 15.62 72.30 32.01
C MET O 1 16.07 71.75 33.35
N ILE O 2 16.53 70.50 33.37
CA ILE O 2 17.04 69.87 34.63
C ILE O 2 17.99 68.74 34.25
N ARG O 3 19.15 68.63 34.91
CA ARG O 3 20.08 67.51 34.64
C ARG O 3 20.72 67.00 35.93
N ASN O 4 21.09 65.72 35.97
CA ASN O 4 21.82 65.18 37.16
C ASN O 4 23.26 65.71 37.12
N ARG O 5 23.88 65.89 38.29
CA ARG O 5 25.25 66.45 38.36
C ARG O 5 26.21 65.34 38.76
N LEU O 6 25.81 64.07 38.60
CA LEU O 6 26.65 62.94 39.09
C LEU O 6 28.02 62.95 38.41
N SER O 7 28.07 63.21 37.10
CA SER O 7 29.37 63.11 36.38
C SER O 7 30.37 64.11 36.96
N GLU O 8 29.92 65.33 37.27
CA GLU O 8 30.83 66.38 37.79
C GLU O 8 31.25 66.02 39.22
N LEU O 9 30.29 65.64 40.06
CA LEU O 9 30.60 65.36 41.49
C LEU O 9 31.63 64.23 41.58
N LEU O 10 31.41 63.13 40.86
CA LEU O 10 32.34 61.98 40.91
C LEU O 10 33.74 62.42 40.46
N SER O 11 33.81 63.28 39.44
CA SER O 11 35.13 63.72 38.91
C SER O 11 35.90 64.49 39.98
N GLU O 12 35.24 65.40 40.68
CA GLU O 12 35.93 66.23 41.71
C GLU O 12 36.43 65.32 42.83
N ARG O 13 35.60 64.40 43.30
CA ARG O 13 36.00 63.47 44.39
C ARG O 13 36.99 62.45 43.85
N GLY O 14 37.00 62.23 42.53
CA GLY O 14 37.98 61.31 41.91
C GLY O 14 37.56 59.86 41.96
N LEU O 15 36.39 59.54 42.53
CA LEU O 15 35.89 58.14 42.53
C LEU O 15 35.60 57.68 41.10
N LYS O 16 35.94 56.42 40.78
CA LYS O 16 35.66 55.86 39.43
C LYS O 16 34.23 55.30 39.41
N ILE O 17 33.64 55.17 38.22
CA ILE O 17 32.23 54.68 38.12
C ILE O 17 32.18 53.26 38.66
N SER O 18 33.20 52.45 38.38
CA SER O 18 33.15 51.02 38.79
C SER O 18 33.05 50.91 40.31
N ARG O 19 33.87 51.66 41.05
CA ARG O 19 33.86 51.50 42.53
C ARG O 19 32.49 51.93 43.06
N VAL O 20 31.96 53.04 42.55
CA VAL O 20 30.67 53.56 43.11
C VAL O 20 29.60 52.51 42.86
N ALA O 21 29.58 51.89 41.67
CA ALA O 21 28.54 50.91 41.34
C ALA O 21 28.64 49.71 42.30
N LYS O 22 29.87 49.27 42.58
CA LYS O 22 30.08 48.10 43.47
C LYS O 22 29.55 48.40 44.87
N ASP O 23 29.79 49.62 45.37
CA ASP O 23 29.38 49.96 46.75
C ASP O 23 27.87 50.20 46.83
N VAL O 24 27.36 51.14 46.04
CA VAL O 24 25.90 51.51 46.16
C VAL O 24 25.04 50.36 45.63
N LYS O 25 25.66 49.29 45.17
CA LYS O 25 24.90 48.09 44.69
C LYS O 25 23.96 48.51 43.55
N ILE O 26 24.42 49.42 42.69
CA ILE O 26 23.62 49.80 41.48
C ILE O 26 24.37 49.27 40.25
N ALA O 27 23.67 48.65 39.31
CA ALA O 27 24.36 48.02 38.16
C ALA O 27 25.13 49.08 37.36
N ARG O 28 26.37 48.75 36.96
CA ARG O 28 27.23 49.72 36.24
C ARG O 28 26.51 50.34 35.04
N SER O 29 25.81 49.53 34.26
CA SER O 29 25.20 50.09 33.02
C SER O 29 24.23 51.22 33.38
N SER O 30 23.38 51.01 34.38
CA SER O 30 22.39 52.04 34.76
C SER O 30 23.12 53.29 35.27
N LEU O 31 24.15 53.11 36.11
CA LEU O 31 24.85 54.27 36.71
C LEU O 31 25.55 55.07 35.60
N THR O 32 26.10 54.38 34.60
CA THR O 32 26.79 55.07 33.47
C THR O 32 25.76 55.88 32.66
N SER O 33 24.62 55.26 32.34
CA SER O 33 23.57 55.98 31.60
C SER O 33 23.14 57.20 32.40
N MET O 34 22.90 57.02 33.70
CA MET O 34 22.48 58.14 34.58
C MET O 34 23.63 59.14 34.75
N ALA O 35 24.89 58.70 34.64
CA ALA O 35 26.00 59.67 34.69
C ALA O 35 25.80 60.63 33.52
N GLN O 36 25.44 60.10 32.36
CA GLN O 36 25.06 60.98 31.22
C GLN O 36 23.61 61.38 31.47
N ASN O 37 23.06 62.33 30.72
CA ASN O 37 21.66 62.71 31.05
C ASN O 37 20.72 61.90 30.16
N ASP O 38 21.22 60.79 29.59
CA ASP O 38 20.43 59.99 28.62
C ASP O 38 19.15 59.43 29.26
N SER O 39 19.22 58.89 30.49
CA SER O 39 18.03 58.25 31.09
C SER O 39 16.87 59.24 31.19
N GLU O 40 15.63 58.75 31.18
CA GLU O 40 14.45 59.65 31.29
C GLU O 40 13.92 59.64 32.73
N MET O 41 13.99 58.51 33.42
CA MET O 41 13.44 58.41 34.80
C MET O 41 14.53 57.96 35.78
N ILE O 42 14.44 58.41 37.04
CA ILE O 42 15.42 57.99 38.10
C ILE O 42 14.67 57.42 39.30
N ARG O 43 15.11 56.28 39.83
CA ARG O 43 14.37 55.63 40.94
C ARG O 43 14.71 56.32 42.26
N TYR O 44 13.71 56.57 43.11
CA TYR O 44 13.96 57.26 44.40
C TYR O 44 15.12 56.58 45.12
N ASP O 45 15.21 55.25 45.04
CA ASP O 45 16.27 54.53 45.79
C ASP O 45 17.64 55.06 45.34
N ALA O 46 17.82 55.28 44.04
CA ALA O 46 19.14 55.74 43.53
C ALA O 46 19.46 57.12 44.11
N ILE O 47 18.48 58.01 44.21
CA ILE O 47 18.74 59.38 44.69
C ILE O 47 19.27 59.30 46.12
N ASP O 48 18.72 58.42 46.96
CA ASP O 48 19.15 58.39 48.39
C ASP O 48 20.48 57.66 48.55
N LYS O 49 20.64 56.49 47.92
CA LYS O 49 21.90 55.73 48.10
C LYS O 49 23.07 56.64 47.74
N LEU O 50 23.03 57.26 46.57
CA LEU O 50 24.16 58.11 46.11
C LEU O 50 24.32 59.31 47.06
N CYS O 51 23.21 59.94 47.46
CA CYS O 51 23.29 61.16 48.30
C CYS O 51 23.90 60.82 49.66
N SER O 52 23.58 59.65 50.24
CA SER O 52 24.20 59.23 51.48
C SER O 52 25.66 58.87 51.27
N TYR O 53 25.98 58.32 50.09
CA TYR O 53 27.37 57.84 49.83
C TYR O 53 28.33 59.02 49.62
N LEU O 54 27.87 60.10 48.98
CA LEU O 54 28.78 61.23 48.69
C LEU O 54 28.50 62.40 49.63
N HIS O 55 27.71 62.16 50.68
CA HIS O 55 27.44 63.21 51.69
C HIS O 55 26.98 64.47 50.94
N ILE O 56 26.09 64.30 49.96
CA ILE O 56 25.57 65.44 49.18
C ILE O 56 24.06 65.55 49.42
N SER O 57 23.56 66.76 49.63
CA SER O 57 22.08 66.96 49.80
C SER O 57 21.40 66.77 48.44
N PRO O 58 20.09 66.50 48.37
CA PRO O 58 19.42 66.26 47.10
C PRO O 58 19.56 67.50 46.23
N SER O 59 19.62 68.68 46.85
CA SER O 59 19.76 69.96 46.11
C SER O 59 20.93 69.86 45.16
N GLU O 60 22.08 69.46 45.66
CA GLU O 60 23.35 69.42 44.88
C GLU O 60 23.19 68.48 43.68
N PHE O 61 22.52 67.34 43.86
CA PHE O 61 22.45 66.34 42.77
C PHE O 61 21.76 66.92 41.53
N PHE O 62 20.76 67.79 41.70
CA PHE O 62 20.04 68.25 40.48
C PHE O 62 20.29 69.74 40.22
N GLU O 63 20.51 70.11 38.96
CA GLU O 63 20.65 71.55 38.61
C GLU O 63 19.38 71.99 37.89
N HIS O 64 18.77 73.11 38.30
CA HIS O 64 17.50 73.51 37.72
C HIS O 64 17.58 74.93 37.20
N ASN O 65 16.77 75.22 36.18
CA ASN O 65 16.64 76.53 35.59
C ASN O 65 15.21 76.66 35.09
N PRO O 66 14.50 77.73 35.42
CA PRO O 66 13.08 77.83 35.04
C PRO O 66 12.83 77.91 33.54
N ILE O 67 13.85 78.17 32.73
CA ILE O 67 13.64 78.28 31.29
C ILE O 67 13.26 76.91 30.73
N ASN O 68 12.60 76.93 29.57
CA ASN O 68 12.13 75.70 28.94
C ASN O 68 12.00 75.93 27.44
N PHE O 69 12.63 75.07 26.63
CA PHE O 69 12.61 75.26 25.16
C PHE O 69 11.83 74.13 24.49
N ASP O 70 11.17 74.42 23.36
CA ASP O 70 10.43 73.39 22.59
C ASP O 70 10.81 73.48 21.11
N PHE O 71 10.96 72.33 20.44
CA PHE O 71 11.37 72.32 19.02
C PHE O 71 10.38 71.46 18.23
N THR O 72 9.85 71.99 17.12
CA THR O 72 8.93 71.20 16.25
C THR O 72 9.49 71.19 14.84
N PHE O 73 9.48 70.03 14.17
CA PHE O 73 10.05 69.91 12.80
C PHE O 73 8.92 69.77 11.78
N ASP O 74 9.06 70.41 10.61
CA ASP O 74 7.95 70.40 9.62
C ASP O 74 7.62 68.97 9.21
N GLU O 75 6.32 68.65 9.15
CA GLU O 75 5.88 67.30 8.71
C GLU O 75 6.29 67.11 7.24
N GLU O 76 6.15 68.17 6.44
CA GLU O 76 6.47 68.06 5.00
C GLU O 76 7.74 68.88 4.70
N PRO O 77 8.91 68.23 4.49
CA PRO O 77 10.14 68.96 4.14
C PRO O 77 10.31 68.97 2.62
N ASN O 78 11.21 69.81 2.10
CA ASN O 78 11.49 69.78 0.63
C ASN O 78 12.83 69.10 0.44
N TYR O 79 12.85 67.93 -0.21
CA TYR O 79 14.13 67.18 -0.32
C TYR O 79 14.35 66.67 -1.74
N LYS O 80 15.57 66.81 -2.26
CA LYS O 80 15.88 66.21 -3.58
C LYS O 80 17.18 65.40 -3.45
N ILE O 81 17.13 64.10 -3.74
CA ILE O 81 18.34 63.23 -3.57
C ILE O 81 18.63 62.56 -4.92
N ASN O 82 19.87 62.65 -5.40
CA ASN O 82 20.23 62.06 -6.73
C ASN O 82 21.23 60.92 -6.52
N ASP O 83 20.90 59.71 -7.00
CA ASP O 83 21.80 58.54 -6.86
C ASP O 83 23.09 58.82 -7.65
N VAL O 84 24.26 58.51 -7.10
CA VAL O 84 25.56 58.83 -7.77
C VAL O 84 26.14 57.57 -8.42
N PHE O 85 25.69 56.37 -8.02
CA PHE O 85 26.27 55.13 -8.56
C PHE O 85 27.76 55.10 -8.23
N GLU O 86 28.64 54.94 -9.22
CA GLU O 86 30.11 55.00 -9.00
C GLU O 86 30.59 53.84 -8.11
N GLY O 87 29.90 52.70 -8.13
CA GLY O 87 30.37 51.50 -7.42
C GLY O 87 30.64 51.66 -5.94
N PHE O 88 29.79 52.37 -5.20
CA PHE O 88 29.93 52.46 -3.74
C PHE O 88 30.21 51.09 -3.11
N GLU O 89 29.69 50.01 -3.72
CA GLU O 89 29.80 48.67 -3.08
C GLU O 89 31.25 48.35 -2.71
N VAL O 90 32.21 48.72 -3.56
CA VAL O 90 33.64 48.39 -3.29
C VAL O 90 34.11 49.19 -2.07
N THR O 91 34.12 50.52 -2.16
CA THR O 91 34.65 51.36 -1.05
C THR O 91 33.47 52.02 -0.32
N ALA O 92 33.42 51.92 1.01
CA ALA O 92 32.24 52.43 1.73
C ALA O 92 32.35 53.94 1.95
N ASN O 93 32.20 54.72 0.88
CA ASN O 93 32.20 56.20 1.00
C ASN O 93 30.79 56.66 0.62
N ILE O 94 30.00 57.06 1.60
CA ILE O 94 28.57 57.41 1.36
C ILE O 94 28.44 58.30 0.12
N THR O 95 29.33 59.28 -0.03
CA THR O 95 29.17 60.26 -1.13
C THR O 95 28.92 59.52 -2.46
N HIS O 96 29.62 58.40 -2.68
CA HIS O 96 29.47 57.62 -3.94
C HIS O 96 28.05 57.08 -4.05
N ALA O 97 27.49 56.61 -2.94
CA ALA O 97 26.14 55.99 -2.97
C ALA O 97 25.06 57.01 -3.36
N PHE O 98 25.07 58.22 -2.79
CA PHE O 98 23.98 59.19 -3.08
C PHE O 98 24.46 60.63 -2.85
N SER O 99 23.80 61.59 -3.51
CA SER O 99 24.13 63.03 -3.30
C SER O 99 22.85 63.82 -3.04
N ILE O 100 22.88 64.73 -2.07
CA ILE O 100 21.68 65.57 -1.74
C ILE O 100 21.74 66.84 -2.60
N GLU O 101 20.81 67.01 -3.54
CA GLU O 101 20.79 68.27 -4.34
C GLU O 101 20.37 69.43 -3.44
N ASN O 102 19.27 69.29 -2.69
CA ASN O 102 18.85 70.36 -1.75
C ASN O 102 17.82 69.83 -0.74
N PHE O 103 18.09 70.03 0.56
CA PHE O 103 17.15 69.59 1.62
C PHE O 103 16.93 70.78 2.56
N ASP O 104 15.75 71.39 2.51
CA ASP O 104 15.46 72.58 3.35
C ASP O 104 14.11 72.41 4.07
N PHE O 105 14.00 72.94 5.29
CA PHE O 105 12.75 72.78 6.09
C PHE O 105 12.77 73.82 7.21
N GLU O 106 11.74 73.81 8.06
CA GLU O 106 11.64 74.84 9.13
C GLU O 106 11.56 74.17 10.50
N ILE O 107 12.23 74.74 11.49
CA ILE O 107 12.09 74.23 12.89
C ILE O 107 11.49 75.34 13.73
N LEU O 108 10.37 75.08 14.41
CA LEU O 108 9.67 76.14 15.19
C LEU O 108 10.07 76.03 16.66
N VAL O 109 10.66 77.09 17.23
CA VAL O 109 11.15 77.03 18.64
C VAL O 109 10.36 78.00 19.52
N ASP O 110 9.88 77.53 20.67
CA ASP O 110 9.11 78.40 21.60
C ASP O 110 9.88 78.56 22.92
N VAL O 111 10.42 79.75 23.19
CA VAL O 111 11.23 79.97 24.42
C VAL O 111 10.28 80.44 25.51
N GLU O 112 9.84 79.53 26.38
CA GLU O 112 8.85 79.91 27.43
C GLU O 112 9.59 80.53 28.60
N LEU O 113 9.22 81.74 29.01
CA LEU O 113 9.95 82.44 30.10
C LEU O 113 9.52 81.85 31.45
N ASP O 114 10.10 82.32 32.55
CA ASP O 114 9.65 81.86 33.89
C ASP O 114 8.19 82.30 34.04
N ASN O 115 7.89 83.53 33.63
CA ASN O 115 6.48 84.01 33.65
C ASN O 115 5.70 83.20 32.61
N ARG O 116 4.37 83.30 32.63
CA ARG O 116 3.53 82.54 31.68
C ARG O 116 3.85 82.98 30.25
N GLN O 117 4.30 84.22 30.06
CA GLN O 117 4.54 84.75 28.69
C GLN O 117 5.55 83.87 27.94
N LYS O 118 5.30 83.64 26.66
CA LYS O 118 6.24 82.83 25.83
C LYS O 118 6.62 83.62 24.58
N LEU O 119 7.79 83.35 24.01
CA LEU O 119 8.19 84.03 22.75
C LEU O 119 8.31 82.97 21.66
N ASN O 120 7.92 83.30 20.43
CA ASN O 120 7.99 82.33 19.31
C ASN O 120 9.08 82.75 18.31
N PHE O 121 10.02 81.85 18.01
CA PHE O 121 11.03 82.14 16.97
C PHE O 121 10.96 81.05 15.92
N ASP O 122 11.04 81.41 14.64
CA ASP O 122 10.93 80.41 13.54
C ASP O 122 12.26 80.30 12.81
N LEU O 123 12.85 79.10 12.75
CA LEU O 123 14.18 78.93 12.13
C LEU O 123 14.01 78.18 10.81
N ASP O 124 14.66 78.66 9.73
CA ASP O 124 14.62 77.93 8.44
C ASP O 124 16.01 77.31 8.25
N VAL O 125 16.09 76.00 8.03
CA VAL O 125 17.42 75.33 7.96
C VAL O 125 17.59 74.67 6.58
N SER O 126 18.77 74.84 5.96
CA SER O 126 19.02 74.29 4.60
C SER O 126 20.32 73.49 4.56
N TYR O 127 20.46 72.59 3.58
CA TYR O 127 21.70 71.78 3.42
C TYR O 127 22.82 72.66 2.85
N LYS O 128 24.05 72.44 3.31
CA LYS O 128 25.21 73.25 2.83
C LYS O 128 26.24 72.34 2.17
N GLU O 129 26.71 71.31 2.89
CA GLU O 129 27.75 70.45 2.36
C GLU O 129 27.86 69.21 3.23
N THR O 130 28.56 68.18 2.75
CA THR O 130 28.79 66.96 3.58
C THR O 130 30.26 66.88 3.99
N GLU O 131 30.60 67.31 5.20
CA GLU O 131 32.01 67.29 5.68
C GLU O 131 32.45 65.86 5.97
N LYS O 132 33.75 65.57 5.80
CA LYS O 132 34.32 64.23 6.09
C LYS O 132 35.08 64.28 7.41
N ILE O 133 34.42 63.93 8.53
CA ILE O 133 35.09 64.02 9.86
C ILE O 133 36.27 63.06 9.89
N THR O 134 36.11 61.84 9.36
CA THR O 134 37.20 60.85 9.28
C THR O 134 37.07 60.12 7.93
N ASN O 135 38.07 59.32 7.55
CA ASN O 135 38.01 58.69 6.20
C ASN O 135 36.75 57.83 6.09
N SER O 136 36.40 57.09 7.15
CA SER O 136 35.25 56.15 7.06
C SER O 136 33.92 56.82 7.47
N GLN O 137 33.95 58.03 8.06
CA GLN O 137 32.68 58.62 8.56
C GLN O 137 32.52 60.07 8.10
N HIS O 138 31.28 60.50 7.82
CA HIS O 138 31.01 61.89 7.39
C HIS O 138 29.90 62.50 8.26
N ARG O 139 29.81 63.83 8.28
CA ARG O 139 28.73 64.51 9.04
C ARG O 139 28.06 65.54 8.13
N PHE O 140 26.79 65.33 7.80
CA PHE O 140 26.06 66.33 6.98
C PHE O 140 26.01 67.64 7.76
N ILE O 141 26.24 68.76 7.09
CA ILE O 141 26.25 70.08 7.79
C ILE O 141 25.08 70.91 7.29
N PHE O 142 24.22 71.38 8.19
CA PHE O 142 23.05 72.21 7.81
C PHE O 142 23.19 73.60 8.44
N THR O 143 22.91 74.64 7.68
CA THR O 143 23.07 76.03 8.18
C THR O 143 21.73 76.75 8.21
N ILE O 144 21.45 77.49 9.29
CA ILE O 144 20.17 78.26 9.40
C ILE O 144 20.20 79.38 8.37
N LYS O 145 19.14 79.52 7.57
CA LYS O 145 19.11 80.53 6.49
C LYS O 145 18.93 81.90 7.11
N ASN O 146 17.83 82.10 7.84
CA ASN O 146 17.58 83.40 8.53
C ASN O 146 18.10 83.35 9.97
N GLU O 147 19.10 84.17 10.28
CA GLU O 147 19.62 84.26 11.67
C GLU O 147 19.40 85.67 12.20
N ASP O 148 19.42 86.68 11.32
CA ASP O 148 19.30 88.10 11.77
C ASP O 148 17.94 88.35 12.42
N GLU O 149 16.87 87.81 11.85
CA GLU O 149 15.51 87.95 12.45
C GLU O 149 15.46 87.24 13.81
N ASN O 150 16.24 86.17 13.97
CA ASN O 150 16.14 85.37 15.23
C ASN O 150 17.37 85.61 16.12
N ILE O 151 17.92 86.82 16.12
CA ILE O 151 19.08 87.16 17.01
C ILE O 151 18.66 87.05 18.48
N GLY O 152 17.42 87.43 18.82
CA GLY O 152 16.96 87.42 20.22
C GLY O 152 17.04 86.03 20.82
N LEU O 153 16.82 85.00 20.00
CA LEU O 153 16.81 83.60 20.50
C LEU O 153 18.18 83.34 21.12
N LYS O 154 19.24 83.86 20.51
CA LYS O 154 20.62 83.61 21.02
C LYS O 154 20.76 84.17 22.43
N LYS O 155 20.17 85.34 22.69
CA LYS O 155 20.32 85.97 24.03
C LYS O 155 19.74 85.06 25.11
N TYR O 156 18.61 84.43 24.83
CA TYR O 156 18.03 83.45 25.81
C TYR O 156 18.94 82.22 25.95
N VAL O 157 19.52 81.73 24.85
CA VAL O 157 20.32 80.47 24.91
C VAL O 157 21.56 80.63 25.80
N ASP O 158 22.36 81.69 25.59
CA ASP O 158 23.64 81.81 26.34
C ASP O 158 23.39 82.16 27.81
N SER O 159 22.16 82.51 28.19
CA SER O 159 21.87 82.81 29.58
C SER O 159 21.91 81.57 30.46
N LEU O 160 21.79 80.39 29.86
CA LEU O 160 21.82 79.13 30.64
C LEU O 160 23.24 78.83 31.12
N SER O 161 23.37 77.96 32.11
CA SER O 161 24.71 77.55 32.61
C SER O 161 25.36 76.65 31.55
N ALA O 162 26.68 76.49 31.60
CA ALA O 162 27.36 75.72 30.54
C ALA O 162 26.82 74.29 30.49
N GLY O 163 26.60 73.68 31.66
CA GLY O 163 26.16 72.27 31.66
C GLY O 163 24.80 72.11 30.98
N LEU O 164 23.86 73.01 31.29
CA LEU O 164 22.53 72.96 30.63
C LEU O 164 22.69 73.22 29.13
N LYS O 165 23.53 74.18 28.76
CA LYS O 165 23.66 74.54 27.31
C LYS O 165 24.17 73.34 26.53
N ASN O 166 25.15 72.62 27.08
CA ASN O 166 25.69 71.43 26.38
C ASN O 166 24.56 70.41 26.24
N LEU O 167 23.74 70.24 27.27
CA LEU O 167 22.60 69.29 27.18
C LEU O 167 21.65 69.73 26.05
N LEU O 168 21.29 71.00 26.00
CA LEU O 168 20.31 71.47 24.99
C LEU O 168 20.86 71.20 23.59
N PHE O 169 22.14 71.47 23.38
CA PHE O 169 22.75 71.30 22.04
C PHE O 169 22.71 69.82 21.65
N LYS O 170 22.95 68.92 22.61
CA LYS O 170 22.84 67.48 22.28
C LYS O 170 21.40 67.17 21.84
N LYS O 171 20.41 67.72 22.54
CA LYS O 171 19.00 67.38 22.22
C LYS O 171 18.65 67.87 20.81
N ILE O 172 19.04 69.10 20.46
CA ILE O 172 18.65 69.63 19.12
C ILE O 172 19.33 68.79 18.04
N ASN O 173 20.59 68.40 18.26
CA ASN O 173 21.33 67.62 17.23
C ASN O 173 20.74 66.22 17.13
N GLN O 174 20.53 65.53 18.25
CA GLN O 174 20.05 64.13 18.17
C GLN O 174 18.77 64.10 17.30
N LYS O 175 17.84 65.01 17.56
CA LYS O 175 16.56 65.04 16.81
C LYS O 175 16.86 65.30 15.33
N LEU O 176 17.70 66.30 15.02
CA LEU O 176 18.00 66.63 13.61
C LEU O 176 18.56 65.39 12.92
N SER O 177 19.52 64.72 13.55
CA SER O 177 20.19 63.56 12.92
C SER O 177 19.15 62.48 12.63
N GLY O 178 18.25 62.23 13.58
CA GLY O 178 17.18 61.23 13.33
C GLY O 178 16.28 61.68 12.21
N TYR O 179 15.88 62.95 12.20
CA TYR O 179 14.95 63.44 11.16
C TYR O 179 15.57 63.25 9.77
N VAL O 180 16.73 63.86 9.52
CA VAL O 180 17.34 63.80 8.16
C VAL O 180 17.64 62.35 7.79
N SER O 181 18.22 61.57 8.71
CA SER O 181 18.61 60.19 8.37
C SER O 181 17.37 59.38 7.95
N GLU O 182 16.27 59.53 8.69
CA GLU O 182 15.05 58.72 8.39
C GLU O 182 14.55 59.09 6.98
N ILE O 183 14.57 60.37 6.65
CA ILE O 183 14.06 60.80 5.31
C ILE O 183 14.92 60.16 4.23
N ILE O 184 16.26 60.24 4.35
CA ILE O 184 17.15 59.73 3.28
C ILE O 184 16.99 58.21 3.14
N VAL O 185 17.00 57.48 4.24
CA VAL O 185 16.97 55.98 4.15
C VAL O 185 15.79 55.55 3.27
N LYS O 186 14.66 56.26 3.34
CA LYS O 186 13.48 55.81 2.56
C LYS O 186 13.74 56.01 1.06
N ASN O 187 14.24 57.19 0.67
CA ASN O 187 14.41 57.50 -0.77
C ASN O 187 15.48 56.61 -1.44
N ILE O 188 16.56 56.27 -0.74
CA ILE O 188 17.67 55.51 -1.38
C ILE O 188 17.61 54.03 -0.99
N ASP O 189 17.68 53.12 -1.98
CA ASP O 189 17.67 51.66 -1.70
C ASP O 189 19.03 51.22 -1.14
N ASP O 190 19.07 50.13 -0.38
CA ASP O 190 20.34 49.71 0.28
C ASP O 190 21.27 49.00 -0.70
N ILE O 191 22.58 49.10 -0.49
CA ILE O 191 23.57 48.38 -1.34
C ILE O 191 24.47 47.58 -0.39
N GLU O 192 24.60 46.26 -0.59
CA GLU O 192 25.42 45.43 0.34
C GLU O 192 26.84 45.28 -0.22
N GLU O 193 27.86 45.35 0.64
CA GLU O 193 29.28 45.28 0.18
C GLU O 193 29.66 43.86 -0.26
N LEU O 194 30.59 43.75 -1.22
CA LEU O 194 31.07 42.42 -1.69
C LEU O 194 31.80 41.67 -0.57
N PHE O 195 32.71 42.34 0.14
CA PHE O 195 33.52 41.64 1.17
C PHE O 195 32.91 41.87 2.56
N LYS O 201 29.82 42.37 10.43
CA LYS O 201 30.61 42.02 9.22
C LYS O 201 30.17 42.91 8.06
N SER O 202 29.20 42.45 7.25
CA SER O 202 28.73 43.22 6.08
C SER O 202 28.10 44.53 6.55
N THR O 203 28.38 45.63 5.85
CA THR O 203 27.80 46.95 6.22
C THR O 203 26.90 47.44 5.09
N THR O 204 25.58 47.28 5.23
CA THR O 204 24.63 47.72 4.16
C THR O 204 24.58 49.25 4.15
N LEU O 205 24.11 49.83 3.04
CA LEU O 205 24.08 51.30 2.91
C LEU O 205 23.17 51.90 4.00
N HIS O 206 22.00 51.28 4.24
CA HIS O 206 21.05 51.87 5.22
C HIS O 206 21.72 51.97 6.59
N LYS O 207 22.46 50.93 6.99
CA LYS O 207 23.09 50.94 8.33
C LYS O 207 24.06 52.12 8.40
N GLU O 208 24.83 52.32 7.33
CA GLU O 208 25.81 53.44 7.30
C GLU O 208 25.07 54.77 7.40
N ILE O 209 23.94 54.90 6.69
CA ILE O 209 23.19 56.20 6.67
C ILE O 209 22.71 56.49 8.09
N LEU O 210 22.17 55.48 8.78
CA LEU O 210 21.64 55.68 10.15
C LEU O 210 22.79 56.09 11.08
N GLN O 211 23.95 55.47 10.91
CA GLN O 211 25.13 55.78 11.76
C GLN O 211 25.52 57.23 11.51
N THR O 212 25.45 57.69 10.26
CA THR O 212 25.88 59.08 9.93
C THR O 212 25.14 60.09 10.80
N ASP O 213 25.83 61.12 11.27
CA ASP O 213 25.22 62.14 12.16
C ASP O 213 25.25 63.53 11.48
N SER O 214 24.20 64.32 11.67
CA SER O 214 24.16 65.69 11.10
C SER O 214 24.17 66.72 12.22
N ARG O 215 25.08 67.69 12.16
CA ARG O 215 25.18 68.69 13.26
C ARG O 215 24.91 70.08 12.69
N LEU O 216 23.97 70.81 13.29
CA LEU O 216 23.59 72.17 12.79
C LEU O 216 24.76 73.14 13.02
N SER O 217 25.09 73.95 12.01
CA SER O 217 26.19 74.95 12.14
C SER O 217 25.55 76.34 12.05
N SER O 218 25.51 77.07 13.16
CA SER O 218 24.82 78.38 13.16
C SER O 218 25.38 79.30 14.25
N ASP O 219 25.22 80.62 14.09
CA ASP O 219 25.70 81.60 15.08
C ASP O 219 24.95 81.43 16.41
N ILE O 220 23.64 81.19 16.35
CA ILE O 220 22.82 81.08 17.59
C ILE O 220 23.48 80.08 18.54
N PHE O 221 23.79 78.88 18.05
CA PHE O 221 24.40 77.83 18.91
C PHE O 221 25.91 77.87 18.68
N LYS O 222 26.69 78.15 19.74
CA LYS O 222 28.15 78.34 19.54
C LYS O 222 28.96 77.18 20.13
N GLU O 223 28.29 76.15 20.66
CA GLU O 223 29.04 75.05 21.32
C GLU O 223 28.34 73.71 21.06
N ASP P 30 24.70 68.41 -13.20
CA ASP P 30 25.16 67.84 -14.49
C ASP P 30 24.60 66.42 -14.62
N ILE P 31 23.70 66.20 -15.59
CA ILE P 31 23.12 64.85 -15.81
C ILE P 31 24.26 63.91 -16.21
N LEU P 32 25.21 64.39 -17.01
CA LEU P 32 26.38 63.56 -17.42
C LEU P 32 27.09 63.07 -16.16
N THR P 33 27.47 64.00 -15.28
CA THR P 33 28.22 63.65 -14.03
C THR P 33 27.35 62.77 -13.12
N GLN P 34 26.05 63.02 -13.08
CA GLN P 34 25.14 62.22 -12.21
C GLN P 34 25.25 60.76 -12.67
N LEU P 35 25.25 60.52 -13.97
CA LEU P 35 25.50 59.14 -14.48
C LEU P 35 27.01 58.95 -14.59
N GLY P 36 27.46 57.78 -15.05
CA GLY P 36 28.91 57.50 -15.08
C GLY P 36 29.54 57.85 -16.41
N VAL P 37 28.79 58.50 -17.31
CA VAL P 37 29.34 58.75 -18.67
C VAL P 37 30.62 59.57 -18.54
N LYS P 38 31.69 59.18 -19.25
CA LYS P 38 33.00 59.88 -19.15
C LYS P 38 33.70 59.84 -20.51
N ASP P 39 34.63 60.76 -20.74
CA ASP P 39 35.29 60.85 -22.08
C ASP P 39 36.32 59.74 -22.19
N ILE P 40 36.55 59.23 -23.41
CA ILE P 40 37.50 58.10 -23.61
C ILE P 40 38.92 58.64 -23.79
N SER P 41 39.08 59.75 -24.51
CA SER P 41 40.42 60.25 -24.77
C SER P 41 41.18 60.49 -23.47
N LYS P 42 40.50 61.03 -22.46
CA LYS P 42 41.16 61.27 -21.17
C LYS P 42 41.35 59.97 -20.41
N GLN P 43 40.41 59.04 -20.53
CA GLN P 43 40.49 57.77 -19.75
C GLN P 43 41.64 56.89 -20.26
N ASN P 44 41.86 56.86 -21.58
CA ASN P 44 42.88 55.94 -22.15
C ASN P 44 44.28 56.60 -22.14
N ALA P 45 44.40 57.83 -21.63
CA ALA P 45 45.70 58.49 -21.69
C ALA P 45 46.74 57.92 -20.75
N ASN P 46 46.37 57.67 -19.49
CA ASN P 46 47.31 57.12 -18.51
C ASN P 46 46.81 55.83 -17.90
N LYS P 47 45.94 55.13 -18.60
CA LYS P 47 45.34 53.94 -18.00
C LYS P 47 46.37 52.90 -17.64
N PHE P 48 46.18 52.27 -16.46
CA PHE P 48 47.09 51.16 -16.06
C PHE P 48 46.50 49.83 -16.50
N TYR P 49 47.06 49.25 -17.57
CA TYR P 49 46.56 47.98 -18.16
C TYR P 49 46.82 46.77 -17.28
N LYS P 50 45.93 45.77 -17.30
CA LYS P 50 46.18 44.49 -16.57
C LYS P 50 46.91 43.53 -17.53
N PHE P 51 47.78 42.65 -17.02
CA PHE P 51 48.58 41.76 -17.91
C PHE P 51 48.46 40.32 -17.43
N ALA P 52 47.97 39.42 -18.28
CA ALA P 52 47.95 37.99 -17.89
C ALA P 52 49.00 37.25 -18.73
N ILE P 53 49.94 36.57 -18.08
CA ILE P 53 51.05 35.90 -18.82
C ILE P 53 51.04 34.41 -18.46
N TYR P 54 50.59 33.55 -19.37
CA TYR P 54 50.61 32.08 -19.11
C TYR P 54 51.82 31.46 -19.82
N GLY P 55 52.53 30.56 -19.13
CA GLY P 55 53.73 29.96 -19.74
C GLY P 55 53.96 28.51 -19.33
N LYS P 56 54.82 27.77 -20.04
CA LYS P 56 55.16 26.39 -19.63
C LYS P 56 56.21 26.44 -18.50
N PHE P 57 56.67 25.28 -18.01
CA PHE P 57 57.63 25.26 -16.88
C PHE P 57 58.97 25.86 -17.29
N GLY P 58 59.62 26.60 -16.39
CA GLY P 58 60.96 27.15 -16.67
C GLY P 58 61.01 28.03 -17.90
N THR P 59 59.96 28.82 -18.15
CA THR P 59 59.97 29.77 -19.29
C THR P 59 60.35 31.17 -18.80
N GLY P 60 60.72 31.30 -17.53
CA GLY P 60 61.09 32.61 -16.95
C GLY P 60 59.96 33.62 -16.96
N LYS P 61 58.73 33.15 -16.75
CA LYS P 61 57.54 34.06 -16.76
C LYS P 61 57.64 35.08 -15.63
N THR P 62 58.07 34.66 -14.44
CA THR P 62 58.21 35.61 -13.29
C THR P 62 59.28 36.66 -13.61
N THR P 63 60.38 36.25 -14.25
CA THR P 63 61.44 37.22 -14.63
C THR P 63 60.80 38.43 -15.31
N PHE P 64 60.00 38.20 -16.35
CA PHE P 64 59.33 39.29 -17.11
C PHE P 64 58.61 40.25 -16.16
N LEU P 65 57.78 39.72 -15.28
CA LEU P 65 56.95 40.56 -14.39
C LEU P 65 57.85 41.39 -13.47
N THR P 66 58.93 40.82 -12.94
CA THR P 66 59.77 41.52 -11.94
C THR P 66 61.07 42.08 -12.53
N LYS P 67 61.25 42.00 -13.85
CA LYS P 67 62.50 42.49 -14.49
C LYS P 67 62.65 43.98 -14.17
N ASP P 68 61.55 44.72 -14.16
CA ASP P 68 61.57 46.19 -13.92
C ASP P 68 62.14 46.47 -12.54
N ASN P 69 62.18 45.47 -11.65
CA ASN P 69 62.70 45.62 -10.25
C ASN P 69 61.85 46.65 -9.51
N ASN P 70 60.63 46.88 -9.97
CA ASN P 70 59.68 47.77 -9.25
C ASN P 70 58.37 47.01 -9.06
N ALA P 71 58.41 45.90 -8.32
CA ALA P 71 57.18 45.06 -8.24
C ALA P 71 56.90 44.53 -6.83
N LEU P 72 55.63 44.31 -6.51
CA LEU P 72 55.25 43.69 -5.22
C LEU P 72 54.67 42.32 -5.54
N VAL P 73 55.35 41.23 -5.14
CA VAL P 73 54.90 39.87 -5.56
C VAL P 73 54.09 39.20 -4.45
N LEU P 74 52.78 39.00 -4.65
CA LEU P 74 51.98 38.22 -3.67
C LEU P 74 52.01 36.74 -4.05
N ASP P 75 53.15 36.08 -3.81
CA ASP P 75 53.31 34.64 -4.18
C ASP P 75 52.42 33.77 -3.28
N ILE P 76 51.95 32.64 -3.80
CA ILE P 76 51.00 31.77 -3.03
C ILE P 76 51.61 30.40 -2.80
N ASN P 77 51.92 30.06 -1.54
CA ASN P 77 52.45 28.72 -1.20
C ASN P 77 53.67 28.39 -2.09
N GLU P 78 54.45 29.40 -2.46
CA GLU P 78 55.65 29.19 -3.32
C GLU P 78 56.66 30.32 -3.06
N ASP P 79 57.93 30.13 -3.41
CA ASP P 79 58.91 31.23 -3.27
C ASP P 79 59.78 31.32 -4.53
N GLY P 80 59.38 32.14 -5.51
CA GLY P 80 60.18 32.32 -6.73
C GLY P 80 60.84 33.69 -6.78
N THR P 81 61.02 34.33 -5.62
CA THR P 81 61.58 35.70 -5.56
C THR P 81 63.08 35.67 -5.87
N THR P 82 63.70 34.48 -5.90
CA THR P 82 65.17 34.40 -6.10
C THR P 82 65.55 35.01 -7.45
N VAL P 83 64.73 34.79 -8.49
CA VAL P 83 65.07 35.30 -9.85
C VAL P 83 65.07 36.83 -9.82
N THR P 84 64.14 37.43 -9.06
CA THR P 84 64.04 38.90 -8.97
C THR P 84 65.28 39.46 -8.27
N GLU P 85 65.71 40.68 -8.65
CA GLU P 85 66.89 41.31 -8.01
C GLU P 85 66.44 42.20 -6.85
N ASP P 86 65.40 43.01 -7.05
CA ASP P 86 64.91 43.93 -6.00
C ASP P 86 63.38 44.05 -6.04
N GLY P 87 62.78 44.51 -4.94
CA GLY P 87 61.31 44.64 -4.85
C GLY P 87 60.82 44.20 -3.48
N ALA P 88 59.50 44.07 -3.29
CA ALA P 88 58.96 43.54 -2.01
C ALA P 88 58.14 42.27 -2.28
N VAL P 89 58.39 41.20 -1.53
CA VAL P 89 57.61 39.93 -1.70
C VAL P 89 56.87 39.57 -0.41
N VAL P 90 55.59 39.19 -0.52
CA VAL P 90 54.79 38.78 0.66
C VAL P 90 54.23 37.37 0.44
N GLN P 91 54.69 36.40 1.24
CA GLN P 91 54.18 35.01 1.13
C GLN P 91 52.69 34.98 1.49
N ILE P 92 51.87 34.23 0.75
CA ILE P 92 50.44 34.07 1.13
C ILE P 92 50.26 32.61 1.53
N LYS P 93 49.84 32.34 2.77
CA LYS P 93 49.77 30.93 3.24
C LYS P 93 48.31 30.50 3.47
N ASN P 94 47.39 31.45 3.58
CA ASN P 94 46.00 31.08 3.92
C ASN P 94 45.04 31.99 3.14
N TYR P 95 43.80 31.52 2.90
CA TYR P 95 42.79 32.38 2.23
C TYR P 95 42.55 33.60 3.11
N LYS P 96 42.53 33.40 4.43
CA LYS P 96 42.32 34.53 5.37
C LYS P 96 43.45 35.53 5.18
N HIS P 97 44.68 35.03 5.03
CA HIS P 97 45.84 35.95 4.84
C HIS P 97 45.64 36.69 3.53
N PHE P 98 45.15 36.00 2.51
CA PHE P 98 44.95 36.63 1.17
C PHE P 98 43.94 37.76 1.29
N SER P 99 42.83 37.51 1.98
CA SER P 99 41.77 38.54 2.11
C SER P 99 42.37 39.77 2.79
N ALA P 100 43.12 39.57 3.88
CA ALA P 100 43.69 40.71 4.64
C ALA P 100 44.59 41.56 3.75
N VAL P 101 45.54 40.94 3.02
CA VAL P 101 46.50 41.77 2.24
C VAL P 101 45.75 42.58 1.18
N ILE P 102 44.76 41.97 0.51
CA ILE P 102 44.00 42.69 -0.55
C ILE P 102 43.24 43.87 0.09
N LYS P 103 42.60 43.64 1.23
CA LYS P 103 41.79 44.71 1.88
C LYS P 103 42.71 45.85 2.32
N MET P 104 43.91 45.53 2.82
CA MET P 104 44.81 46.58 3.35
C MET P 104 45.80 47.01 2.26
N LEU P 105 45.62 46.53 1.03
CA LEU P 105 46.61 46.83 -0.04
C LEU P 105 46.76 48.35 -0.23
N PRO P 106 45.70 49.18 -0.22
CA PRO P 106 45.89 50.62 -0.31
C PRO P 106 46.92 51.10 0.71
N LYS P 107 46.70 50.76 1.98
CA LYS P 107 47.59 51.24 3.07
C LYS P 107 49.02 50.77 2.78
N ILE P 108 49.18 49.52 2.36
CA ILE P 108 50.54 48.93 2.15
C ILE P 108 51.26 49.76 1.08
N ILE P 109 50.64 49.91 -0.09
CA ILE P 109 51.34 50.63 -1.21
C ILE P 109 51.89 51.95 -0.68
N GLU P 110 51.10 52.67 0.12
CA GLU P 110 51.53 54.00 0.63
C GLU P 110 52.81 53.85 1.44
N GLN P 111 52.91 52.79 2.26
CA GLN P 111 54.09 52.65 3.16
C GLN P 111 55.35 52.31 2.36
N LEU P 112 55.31 51.25 1.54
CA LEU P 112 56.49 50.92 0.71
C LEU P 112 56.95 52.18 -0.06
N ARG P 113 56.02 52.94 -0.64
CA ARG P 113 56.42 54.18 -1.34
C ARG P 113 57.03 55.17 -0.34
N GLU P 114 56.48 55.23 0.87
CA GLU P 114 57.02 56.14 1.93
C GLU P 114 58.43 55.67 2.30
N ASN P 115 58.66 54.36 2.37
CA ASN P 115 60.00 53.80 2.67
C ASN P 115 60.92 54.13 1.48
N GLY P 116 60.33 54.46 0.33
CA GLY P 116 61.12 54.76 -0.88
C GLY P 116 61.16 53.58 -1.84
N LYS P 117 60.64 52.42 -1.42
CA LYS P 117 60.55 51.28 -2.36
C LYS P 117 59.56 51.68 -3.46
N GLN P 118 59.86 51.32 -4.71
CA GLN P 118 58.99 51.72 -5.85
C GLN P 118 58.07 50.56 -6.21
N ILE P 119 56.76 50.70 -6.02
CA ILE P 119 55.84 49.62 -6.47
C ILE P 119 54.96 50.16 -7.59
N ASP P 120 55.07 49.56 -8.78
CA ASP P 120 54.24 49.99 -9.94
C ASP P 120 53.34 48.83 -10.38
N VAL P 121 53.65 47.61 -9.93
CA VAL P 121 52.85 46.42 -10.36
C VAL P 121 52.63 45.46 -9.19
N VAL P 122 51.40 44.97 -9.04
CA VAL P 122 51.06 43.98 -7.99
C VAL P 122 50.87 42.65 -8.71
N VAL P 123 51.61 41.61 -8.33
CA VAL P 123 51.56 40.33 -9.10
C VAL P 123 51.05 39.19 -8.23
N ILE P 124 50.09 38.42 -8.72
CA ILE P 124 49.66 37.19 -8.00
C ILE P 124 50.35 36.04 -8.74
N GLU P 125 51.21 35.29 -8.06
CA GLU P 125 52.04 34.26 -8.75
C GLU P 125 51.23 33.18 -9.46
N THR P 126 50.15 32.66 -8.87
CA THR P 126 49.47 31.51 -9.49
C THR P 126 47.94 31.56 -9.38
N ILE P 127 47.25 31.54 -10.53
CA ILE P 127 45.76 31.53 -10.53
C ILE P 127 45.27 30.17 -10.03
N GLN P 128 46.02 29.10 -10.29
CA GLN P 128 45.54 27.75 -9.89
C GLN P 128 45.53 27.67 -8.35
N LYS P 129 46.52 28.29 -7.69
CA LYS P 129 46.52 28.34 -6.21
C LYS P 129 45.32 29.14 -5.70
N LEU P 130 44.94 30.22 -6.39
CA LEU P 130 43.72 30.97 -5.97
C LEU P 130 42.53 30.03 -6.05
N ARG P 131 42.46 29.19 -7.08
CA ARG P 131 41.37 28.20 -7.16
C ARG P 131 41.45 27.27 -5.93
N ASP P 132 42.66 26.80 -5.60
CA ASP P 132 42.80 25.84 -4.48
C ASP P 132 42.39 26.50 -3.16
N ILE P 133 42.83 27.73 -2.91
CA ILE P 133 42.56 28.36 -1.58
C ILE P 133 41.06 28.69 -1.47
N THR P 134 40.50 29.33 -2.50
CA THR P 134 39.06 29.71 -2.44
C THR P 134 38.24 28.44 -2.23
N MET P 135 38.68 27.34 -2.83
CA MET P 135 37.90 26.07 -2.72
C MET P 135 37.91 25.62 -1.26
N ASP P 136 39.06 25.75 -0.59
CA ASP P 136 39.14 25.32 0.84
C ASP P 136 38.21 26.20 1.68
N ASP P 137 38.17 27.50 1.38
CA ASP P 137 37.33 28.45 2.17
C ASP P 137 35.86 28.05 2.00
N ILE P 138 35.44 27.67 0.78
CA ILE P 138 34.01 27.35 0.54
C ILE P 138 33.76 25.90 0.95
N MET P 139 34.82 25.09 1.07
CA MET P 139 34.61 23.70 1.56
C MET P 139 34.89 23.66 3.07
N THR P 147 30.61 20.82 -5.67
CA THR P 147 29.50 20.78 -6.62
C THR P 147 29.56 22.00 -7.53
N PHE P 148 28.69 22.03 -8.54
CA PHE P 148 28.65 23.19 -9.47
C PHE P 148 28.30 24.43 -8.65
N ASN P 149 27.53 24.25 -7.57
CA ASN P 149 27.23 25.40 -6.69
C ASN P 149 28.56 25.89 -6.10
N ASP P 150 29.40 24.95 -5.67
CA ASP P 150 30.72 25.31 -5.10
C ASP P 150 31.56 25.99 -6.19
N TRP P 151 31.54 25.44 -7.40
CA TRP P 151 32.35 26.02 -8.51
C TRP P 151 31.87 27.44 -8.82
N GLY P 152 30.56 27.65 -8.85
CA GLY P 152 30.00 28.98 -9.14
C GLY P 152 30.42 29.99 -8.08
N GLU P 153 30.42 29.54 -6.82
CA GLU P 153 30.86 30.41 -5.69
C GLU P 153 32.35 30.72 -5.89
N CYS P 154 33.12 29.72 -6.31
CA CYS P 154 34.58 29.95 -6.54
C CYS P 154 34.74 31.00 -7.63
N ALA P 155 33.95 30.90 -8.70
CA ALA P 155 34.00 31.91 -9.77
C ALA P 155 33.60 33.27 -9.20
N THR P 156 32.58 33.29 -8.34
CA THR P 156 32.10 34.57 -7.76
C THR P 156 33.22 35.22 -6.95
N ARG P 157 33.96 34.42 -6.19
CA ARG P 157 35.09 34.98 -5.40
C ARG P 157 36.11 35.58 -6.37
N ILE P 158 36.44 34.86 -7.44
CA ILE P 158 37.50 35.34 -8.38
C ILE P 158 37.03 36.65 -9.03
N VAL P 159 35.78 36.70 -9.49
CA VAL P 159 35.30 37.92 -10.22
C VAL P 159 35.30 39.09 -9.24
N SER P 160 34.91 38.84 -7.98
CA SER P 160 34.82 39.93 -6.99
C SER P 160 36.21 40.52 -6.75
N ILE P 161 37.23 39.66 -6.67
CA ILE P 161 38.61 40.14 -6.39
C ILE P 161 39.01 41.15 -7.47
N TYR P 162 38.85 40.77 -8.75
CA TYR P 162 39.30 41.66 -9.85
C TYR P 162 38.59 43.01 -9.74
N ARG P 163 37.29 43.00 -9.49
CA ARG P 163 36.52 44.27 -9.40
C ARG P 163 37.13 45.14 -8.29
N TYR P 164 37.37 44.53 -7.13
CA TYR P 164 37.95 45.28 -5.99
C TYR P 164 39.30 45.84 -6.43
N ILE P 165 40.19 44.98 -6.95
CA ILE P 165 41.56 45.45 -7.30
C ILE P 165 41.45 46.59 -8.32
N SER P 166 40.56 46.46 -9.31
CA SER P 166 40.46 47.47 -10.39
C SER P 166 40.18 48.87 -9.83
N LYS P 167 39.22 49.00 -8.91
CA LYS P 167 38.86 50.37 -8.45
C LYS P 167 40.09 50.99 -7.77
N LEU P 168 40.84 50.17 -7.03
CA LEU P 168 42.10 50.67 -6.43
C LEU P 168 43.10 50.92 -7.56
N GLN P 169 43.07 50.09 -8.60
CA GLN P 169 44.05 50.18 -9.71
C GLN P 169 44.00 51.60 -10.30
N GLU P 170 42.80 52.11 -10.55
CA GLU P 170 42.66 53.49 -11.10
C GLU P 170 43.15 54.50 -10.06
N HIS P 171 42.78 54.27 -8.80
CA HIS P 171 43.17 55.18 -7.68
C HIS P 171 44.69 55.24 -7.46
N TYR P 172 45.36 54.08 -7.39
CA TYR P 172 46.78 54.09 -6.97
C TYR P 172 47.76 53.88 -8.14
N GLN P 173 47.28 53.92 -9.37
CA GLN P 173 48.23 53.85 -10.51
C GLN P 173 49.13 52.62 -10.38
N PHE P 174 48.55 51.44 -10.15
CA PHE P 174 49.40 50.22 -10.10
C PHE P 174 48.95 49.28 -11.23
N HIS P 175 49.91 48.81 -12.03
CA HIS P 175 49.56 47.80 -13.06
C HIS P 175 49.26 46.49 -12.34
N LEU P 176 48.27 45.73 -12.80
CA LEU P 176 48.03 44.41 -12.18
C LEU P 176 48.55 43.34 -13.14
N ALA P 177 49.13 42.26 -12.61
CA ALA P 177 49.59 41.14 -13.45
C ALA P 177 49.28 39.80 -12.75
N ILE P 178 48.67 38.86 -13.46
CA ILE P 178 48.43 37.51 -12.88
C ILE P 178 49.10 36.49 -13.81
N SER P 179 49.67 35.42 -13.23
CA SER P 179 50.40 34.42 -14.05
C SER P 179 49.91 33.01 -13.70
N GLY P 180 49.90 32.10 -14.69
CA GLY P 180 49.40 30.72 -14.47
C GLY P 180 50.22 29.71 -15.26
N HIS P 181 49.83 28.44 -15.24
CA HIS P 181 50.65 27.37 -15.89
C HIS P 181 49.91 26.76 -17.08
N GLU P 182 50.60 26.65 -18.22
CA GLU P 182 50.01 26.04 -19.44
C GLU P 182 49.56 24.61 -19.19
N GLY P 183 48.32 24.27 -19.56
CA GLY P 183 47.82 22.88 -19.42
C GLY P 183 46.51 22.68 -20.17
N THR P 200 46.37 26.96 -23.88
CA THR P 200 45.71 28.04 -23.10
C THR P 200 46.08 27.89 -21.62
N ILE P 201 45.83 28.95 -20.83
CA ILE P 201 46.11 28.85 -19.36
C ILE P 201 45.23 27.73 -18.79
N GLU P 202 45.78 26.89 -17.92
CA GLU P 202 45.00 25.74 -17.39
C GLU P 202 44.07 26.19 -16.28
N ALA P 203 42.78 25.80 -16.36
CA ALA P 203 41.78 26.15 -15.32
C ALA P 203 40.41 25.69 -15.80
N GLN P 204 39.33 26.04 -15.07
CA GLN P 204 37.98 25.72 -15.56
C GLN P 204 37.44 26.94 -16.33
N ASP P 205 36.74 26.73 -17.44
CA ASP P 205 36.30 27.86 -18.31
C ASP P 205 35.70 29.03 -17.52
N GLN P 206 34.83 28.78 -16.55
CA GLN P 206 34.12 29.91 -15.90
C GLN P 206 35.19 30.91 -15.46
N ILE P 207 36.31 30.40 -14.93
CA ILE P 207 37.43 31.27 -14.50
C ILE P 207 38.10 31.82 -15.75
N LYS P 208 38.51 30.93 -16.66
CA LYS P 208 39.22 31.38 -17.88
C LYS P 208 38.41 32.51 -18.54
N LYS P 209 37.10 32.29 -18.75
CA LYS P 209 36.27 33.32 -19.43
C LYS P 209 36.48 34.65 -18.72
N ALA P 210 36.29 34.68 -17.39
CA ALA P 210 36.39 35.94 -16.65
C ALA P 210 37.78 36.55 -16.81
N VAL P 211 38.82 35.73 -16.64
CA VAL P 211 40.22 36.25 -16.70
C VAL P 211 40.45 36.84 -18.10
N ILE P 212 40.19 36.05 -19.15
CA ILE P 212 40.52 36.52 -20.52
C ILE P 212 39.72 37.82 -20.78
N SER P 213 38.42 37.82 -20.48
CA SER P 213 37.60 39.02 -20.81
C SER P 213 38.20 40.26 -20.15
N GLN P 214 38.40 40.23 -18.84
CA GLN P 214 38.92 41.40 -18.08
C GLN P 214 40.35 41.76 -18.50
N SER P 215 41.22 40.76 -18.73
CA SER P 215 42.65 41.08 -18.98
C SER P 215 42.83 41.91 -20.25
N ASP P 216 43.58 43.01 -20.15
CA ASP P 216 43.88 43.82 -21.36
C ASP P 216 44.81 43.03 -22.27
N VAL P 217 45.97 42.63 -21.78
CA VAL P 217 46.97 41.92 -22.63
C VAL P 217 47.13 40.47 -22.15
N LEU P 218 46.88 39.49 -23.03
CA LEU P 218 47.14 38.09 -22.64
C LEU P 218 48.28 37.59 -23.54
N ALA P 219 49.33 37.04 -22.95
CA ALA P 219 50.51 36.64 -23.74
C ALA P 219 51.01 35.27 -23.31
N ARG P 220 51.67 34.56 -24.22
CA ARG P 220 52.24 33.21 -23.91
C ARG P 220 53.76 33.34 -24.04
N MET P 221 54.51 32.91 -23.01
CA MET P 221 55.99 33.12 -23.03
C MET P 221 56.68 31.79 -23.31
N THR P 222 57.50 31.72 -24.36
CA THR P 222 58.18 30.45 -24.74
C THR P 222 59.65 30.73 -25.09
N ILE P 223 60.51 29.72 -24.94
CA ILE P 223 61.96 29.86 -25.25
C ILE P 223 62.22 29.29 -26.64
N GLU P 224 62.84 30.08 -27.53
CA GLU P 224 63.07 29.63 -28.92
C GLU P 224 64.57 29.69 -29.22
N THR P 233 71.85 30.43 -30.28
CA THR P 233 71.65 30.15 -28.84
C THR P 233 70.15 30.23 -28.51
N TYR P 234 69.75 29.68 -27.37
CA TYR P 234 68.33 29.76 -26.93
C TYR P 234 67.96 31.22 -26.65
N GLN P 235 66.75 31.64 -27.02
CA GLN P 235 66.30 33.03 -26.77
C GLN P 235 64.96 32.99 -26.03
N TYR P 236 64.75 33.93 -25.11
CA TYR P 236 63.47 34.03 -24.37
C TYR P 236 62.61 35.12 -25.02
N VAL P 237 61.47 34.75 -25.61
CA VAL P 237 60.65 35.75 -26.36
C VAL P 237 59.17 35.57 -26.00
N LEU P 238 58.45 36.69 -25.82
CA LEU P 238 57.00 36.63 -25.51
C LEU P 238 56.24 36.85 -26.81
N ASN P 239 55.42 35.86 -27.22
CA ASN P 239 54.73 35.97 -28.53
C ASN P 239 53.22 36.20 -28.32
N ALA P 240 52.73 37.38 -28.70
CA ALA P 240 51.28 37.66 -28.59
C ALA P 240 50.65 37.70 -29.98
N GLU P 241 51.40 37.29 -31.01
CA GLU P 241 50.87 37.28 -32.40
C GLU P 241 49.66 36.34 -32.46
N PRO P 242 48.57 36.67 -33.20
CA PRO P 242 47.36 35.85 -33.22
C PRO P 242 47.72 34.46 -33.76
N SER P 243 47.02 33.43 -33.28
CA SER P 243 47.33 32.04 -33.73
C SER P 243 46.21 31.08 -33.30
N ASN P 244 45.81 30.16 -34.18
CA ASN P 244 44.81 29.14 -33.80
C ASN P 244 45.35 28.24 -32.67
N LEU P 245 46.63 27.85 -32.75
CA LEU P 245 47.20 26.88 -31.77
C LEU P 245 47.18 27.44 -30.33
N PHE P 246 47.50 28.72 -30.15
CA PHE P 246 47.59 29.31 -28.79
C PHE P 246 46.80 30.63 -28.82
N GLU P 247 46.21 31.07 -27.71
CA GLU P 247 45.39 32.30 -27.86
C GLU P 247 46.08 33.48 -27.18
N THR P 248 46.28 34.57 -27.93
CA THR P 248 46.94 35.78 -27.39
C THR P 248 46.15 37.00 -27.87
N LYS P 249 46.16 38.09 -27.10
CA LYS P 249 45.50 39.34 -27.58
C LYS P 249 46.18 40.55 -26.94
N ILE P 250 46.61 41.51 -27.76
CA ILE P 250 47.17 42.76 -27.17
C ILE P 250 46.23 43.90 -27.56
N ARG P 251 45.86 44.78 -26.62
CA ARG P 251 44.88 45.84 -26.94
C ARG P 251 45.63 47.15 -27.24
N HIS P 252 45.45 47.69 -28.46
CA HIS P 252 46.08 48.98 -28.82
C HIS P 252 45.05 49.80 -29.62
N SER P 253 45.15 51.12 -29.58
CA SER P 253 44.17 51.97 -30.30
C SER P 253 44.40 51.89 -31.80
N SER P 254 43.37 52.20 -32.61
CA SER P 254 43.48 52.06 -34.09
C SER P 254 44.78 52.70 -34.61
N ASN P 255 45.07 53.93 -34.19
CA ASN P 255 46.26 54.64 -34.74
C ASN P 255 47.53 53.86 -34.39
N ILE P 256 47.63 53.35 -33.16
CA ILE P 256 48.84 52.59 -32.73
C ILE P 256 48.92 51.30 -33.54
N LYS P 257 50.10 50.97 -34.06
CA LYS P 257 50.29 49.71 -34.82
C LYS P 257 51.46 48.95 -34.20
N ILE P 258 51.30 47.66 -33.94
CA ILE P 258 52.44 46.85 -33.41
C ILE P 258 53.11 46.17 -34.60
N ASN P 259 54.24 46.71 -35.05
CA ASN P 259 54.99 46.11 -36.18
C ASN P 259 55.49 44.72 -35.76
N ASN P 260 55.91 44.57 -34.49
CA ASN P 260 56.45 43.27 -34.01
C ASN P 260 55.73 42.86 -32.73
N LYS P 261 54.97 41.75 -32.76
CA LYS P 261 54.21 41.30 -31.57
C LYS P 261 55.03 40.30 -30.74
N ARG P 262 56.26 39.98 -31.16
CA ARG P 262 57.13 39.11 -30.34
C ARG P 262 58.22 39.96 -29.68
N PHE P 263 58.33 39.88 -28.35
CA PHE P 263 59.33 40.71 -27.63
C PHE P 263 60.39 39.79 -27.01
N ILE P 264 61.67 40.00 -27.34
CA ILE P 264 62.77 39.17 -26.77
C ILE P 264 63.26 39.88 -25.50
N ASN P 265 63.67 39.14 -24.47
CA ASN P 265 64.03 39.78 -23.17
C ASN P 265 62.96 40.81 -22.80
N PRO P 266 61.68 40.43 -22.67
CA PRO P 266 60.61 41.40 -22.41
C PRO P 266 60.52 41.93 -20.97
N SER P 267 59.97 43.14 -20.80
CA SER P 267 59.74 43.70 -19.44
C SER P 267 58.37 44.40 -19.47
N ILE P 268 57.77 44.68 -18.31
CA ILE P 268 56.39 45.25 -18.36
C ILE P 268 56.47 46.62 -19.04
N ASN P 269 57.51 47.40 -18.74
CA ASN P 269 57.68 48.74 -19.36
C ASN P 269 57.62 48.61 -20.89
N ASP P 270 58.47 47.77 -21.50
CA ASP P 270 58.50 47.66 -22.94
C ASP P 270 57.12 47.42 -23.54
N VAL P 271 56.37 46.51 -22.91
CA VAL P 271 54.98 46.24 -23.40
C VAL P 271 54.15 47.52 -23.26
N VAL P 272 54.23 48.17 -22.10
CA VAL P 272 53.45 49.43 -21.87
C VAL P 272 53.80 50.44 -22.98
N GLN P 273 55.08 50.64 -23.26
CA GLN P 273 55.49 51.61 -24.27
C GLN P 273 54.99 51.21 -25.65
N ALA P 274 55.05 49.91 -25.97
CA ALA P 274 54.55 49.45 -27.26
C ALA P 274 53.05 49.69 -27.39
N ILE P 275 52.31 49.56 -26.29
CA ILE P 275 50.81 49.69 -26.37
C ILE P 275 50.38 51.16 -26.26
N ARG P 276 51.22 52.04 -25.72
CA ARG P 276 50.89 53.47 -25.72
C ARG P 276 51.48 54.20 -26.92
N ASN P 277 52.77 54.01 -27.18
CA ASN P 277 53.45 54.68 -28.29
C ASN P 277 53.68 53.69 -29.43
N GLY P 278 54.08 54.24 -30.58
CA GLY P 278 54.31 53.43 -31.76
C GLY P 278 55.37 52.37 -31.58
N ASN P 279 55.05 51.13 -32.02
CA ASN P 279 55.99 50.00 -31.86
C ASN P 279 57.35 50.35 -32.51
N ASP Q 30 0.44 -17.77 71.21
CA ASP Q 30 -0.93 -18.33 71.12
C ASP Q 30 -1.43 -18.19 69.68
N ILE Q 31 -1.62 -19.31 68.98
CA ILE Q 31 -2.12 -19.26 67.57
C ILE Q 31 -3.52 -18.64 67.59
N LEU Q 32 -4.33 -18.98 68.59
CA LEU Q 32 -5.69 -18.39 68.72
C LEU Q 32 -5.56 -16.86 68.74
N THR Q 33 -4.76 -16.34 69.66
CA THR Q 33 -4.58 -14.85 69.82
C THR Q 33 -3.97 -14.26 68.55
N GLN Q 34 -3.04 -14.98 67.91
CA GLN Q 34 -2.39 -14.46 66.68
C GLN Q 34 -3.48 -14.22 65.65
N LEU Q 35 -4.44 -15.14 65.52
CA LEU Q 35 -5.61 -14.89 64.63
C LEU Q 35 -6.66 -14.14 65.45
N GLY Q 36 -7.81 -13.82 64.86
CA GLY Q 36 -8.82 -13.01 65.55
C GLY Q 36 -9.84 -13.86 66.29
N VAL Q 37 -9.64 -15.18 66.35
CA VAL Q 37 -10.69 -16.05 66.95
C VAL Q 37 -10.92 -15.60 68.40
N LYS Q 38 -12.19 -15.48 68.79
CA LYS Q 38 -12.53 -15.00 70.16
C LYS Q 38 -13.82 -15.68 70.64
N ASP Q 39 -14.03 -15.75 71.95
CA ASP Q 39 -15.21 -16.48 72.49
C ASP Q 39 -16.45 -15.63 72.29
N ILE Q 40 -17.62 -16.27 72.11
CA ILE Q 40 -18.88 -15.52 71.83
C ILE Q 40 -19.54 -15.14 73.16
N SER Q 41 -19.51 -16.04 74.15
CA SER Q 41 -20.20 -15.75 75.41
C SER Q 41 -19.71 -14.44 76.01
N LYS Q 42 -18.39 -14.20 75.97
CA LYS Q 42 -17.85 -12.95 76.51
C LYS Q 42 -18.14 -11.78 75.59
N GLN Q 43 -18.15 -12.00 74.28
CA GLN Q 43 -18.36 -10.88 73.33
C GLN Q 43 -19.81 -10.37 73.41
N ASN Q 44 -20.77 -11.27 73.57
CA ASN Q 44 -22.21 -10.85 73.54
C ASN Q 44 -22.67 -10.39 74.93
N ALA Q 45 -21.80 -10.39 75.93
CA ALA Q 45 -22.25 -10.03 77.28
C ALA Q 45 -22.56 -8.54 77.46
N ASN Q 46 -21.68 -7.66 76.97
CA ASN Q 46 -21.89 -6.23 77.11
C ASN Q 46 -21.88 -5.51 75.77
N LYS Q 47 -22.17 -6.23 74.70
CA LYS Q 47 -22.07 -5.64 73.38
C LYS Q 47 -22.97 -4.43 73.22
N PHE Q 48 -22.45 -3.38 72.57
CA PHE Q 48 -23.28 -2.19 72.28
C PHE Q 48 -23.91 -2.35 70.88
N TYR Q 49 -25.20 -2.67 70.85
CA TYR Q 49 -25.94 -2.91 69.57
C TYR Q 49 -26.17 -1.63 68.76
N LYS Q 50 -26.17 -1.73 67.43
CA LYS Q 50 -26.52 -0.54 66.58
C LYS Q 50 -28.04 -0.57 66.34
N PHE Q 51 -28.69 0.60 66.19
CA PHE Q 51 -30.17 0.63 66.06
C PHE Q 51 -30.53 1.49 64.84
N ALA Q 52 -31.26 0.92 63.88
CA ALA Q 52 -31.73 1.75 62.76
C ALA Q 52 -33.25 1.92 62.87
N ILE Q 53 -33.75 3.15 62.93
CA ILE Q 53 -35.21 3.39 63.14
C ILE Q 53 -35.74 4.22 61.97
N TYR Q 54 -36.49 3.61 61.06
CA TYR Q 54 -37.09 4.38 59.93
C TYR Q 54 -38.56 4.67 60.26
N GLY Q 55 -39.02 5.89 59.99
CA GLY Q 55 -40.41 6.26 60.31
C GLY Q 55 -41.02 7.23 59.31
N LYS Q 56 -42.35 7.40 59.33
CA LYS Q 56 -42.99 8.42 58.46
C LYS Q 56 -42.88 9.79 59.13
N PHE Q 57 -43.43 10.83 58.50
CA PHE Q 57 -43.29 12.21 59.04
C PHE Q 57 -44.03 12.35 60.38
N GLY Q 58 -43.46 13.10 61.32
CA GLY Q 58 -44.13 13.36 62.61
C GLY Q 58 -44.47 12.09 63.37
N THR Q 59 -43.62 11.07 63.32
CA THR Q 59 -43.85 9.83 64.11
C THR Q 59 -43.05 9.89 65.41
N GLY Q 60 -42.38 11.01 65.70
CA GLY Q 60 -41.57 11.16 66.91
C GLY Q 60 -40.40 10.20 66.97
N LYS Q 61 -39.79 9.91 65.82
CA LYS Q 61 -38.64 8.96 65.75
C LYS Q 61 -37.46 9.51 66.57
N THR Q 62 -37.17 10.81 66.47
CA THR Q 62 -36.04 11.41 67.23
C THR Q 62 -36.33 11.32 68.74
N THR Q 63 -37.58 11.52 69.16
CA THR Q 63 -37.94 11.41 70.59
C THR Q 63 -37.38 10.10 71.14
N PHE Q 64 -37.68 8.97 70.50
CA PHE Q 64 -37.20 7.63 70.95
C PHE Q 64 -35.70 7.65 71.20
N LEU Q 65 -34.93 8.11 70.21
CA LEU Q 65 -33.45 8.06 70.30
C LEU Q 65 -32.96 8.92 71.47
N THR Q 66 -33.57 10.09 71.69
CA THR Q 66 -33.06 11.03 72.73
C THR Q 66 -33.90 11.03 74.01
N LYS Q 67 -34.88 10.12 74.12
CA LYS Q 67 -35.76 10.07 75.32
C LYS Q 67 -34.88 9.84 76.55
N ASP Q 68 -33.84 9.01 76.42
CA ASP Q 68 -32.95 8.66 77.56
C ASP Q 68 -32.26 9.92 78.08
N ASN Q 69 -32.25 11.01 77.29
CA ASN Q 69 -31.60 12.29 77.69
C ASN Q 69 -30.10 12.06 77.90
N ASN Q 70 -29.56 10.99 77.33
CA ASN Q 70 -28.10 10.73 77.38
C ASN Q 70 -27.60 10.51 75.95
N ALA Q 71 -27.75 11.51 75.08
CA ALA Q 71 -27.41 11.27 73.65
C ALA Q 71 -26.63 12.43 73.02
N LEU Q 72 -25.81 12.11 72.02
CA LEU Q 72 -25.09 13.16 71.25
C LEU Q 72 -25.67 13.12 69.83
N VAL Q 73 -26.35 14.19 69.41
CA VAL Q 73 -27.06 14.15 68.09
C VAL Q 73 -26.24 14.85 67.01
N LEU Q 74 -25.72 14.11 66.04
CA LEU Q 74 -25.01 14.75 64.89
C LEU Q 74 -26.05 15.03 63.79
N ASP Q 75 -26.90 16.04 63.98
CA ASP Q 75 -27.96 16.37 62.99
C ASP Q 75 -27.32 16.95 61.72
N ILE Q 76 -27.96 16.74 60.57
CA ILE Q 76 -27.36 17.17 59.27
C ILE Q 76 -28.29 18.18 58.59
N ASN Q 77 -27.85 19.43 58.48
CA ASN Q 77 -28.64 20.48 57.76
C ASN Q 77 -30.08 20.52 58.31
N GLU Q 78 -30.25 20.25 59.60
CA GLU Q 78 -31.59 20.27 60.25
C GLU Q 78 -31.44 20.55 61.74
N ASP Q 79 -32.49 21.00 62.42
CA ASP Q 79 -32.42 21.19 63.89
C ASP Q 79 -33.67 20.62 64.56
N GLY Q 80 -33.62 19.35 64.99
CA GLY Q 80 -34.77 18.74 65.68
C GLY Q 80 -34.47 18.52 67.16
N THR Q 81 -33.52 19.28 67.71
CA THR Q 81 -33.11 19.09 69.12
C THR Q 81 -34.19 19.62 70.08
N THR Q 82 -35.18 20.35 69.55
CA THR Q 82 -36.20 20.98 70.43
C THR Q 82 -36.96 19.89 71.20
N VAL Q 83 -37.24 18.75 70.55
CA VAL Q 83 -38.04 17.68 71.22
C VAL Q 83 -37.23 17.12 72.39
N THR Q 84 -35.91 17.02 72.23
CA THR Q 84 -35.03 16.48 73.30
C THR Q 84 -35.03 17.45 74.49
N GLU Q 85 -34.90 16.92 75.71
CA GLU Q 85 -34.86 17.77 76.93
C GLU Q 85 -33.41 18.11 77.28
N ASP Q 86 -32.51 17.12 77.26
CA ASP Q 86 -31.09 17.35 77.60
C ASP Q 86 -30.16 16.50 76.73
N GLY Q 87 -28.88 16.86 76.65
CA GLY Q 87 -27.89 16.15 75.82
C GLY Q 87 -26.97 17.12 75.10
N ALA Q 88 -26.15 16.66 74.16
CA ALA Q 88 -25.31 17.58 73.35
C ALA Q 88 -25.65 17.43 71.86
N VAL Q 89 -25.89 18.55 71.17
CA VAL Q 89 -26.19 18.49 69.70
C VAL Q 89 -25.14 19.25 68.90
N VAL Q 90 -24.66 18.66 67.80
CA VAL Q 90 -23.64 19.33 66.92
C VAL Q 90 -24.20 19.40 65.50
N GLN Q 91 -24.46 20.61 65.00
CA GLN Q 91 -24.95 20.79 63.60
C GLN Q 91 -23.87 20.35 62.63
N ILE Q 92 -24.23 19.63 61.56
CA ILE Q 92 -23.24 19.27 60.51
C ILE Q 92 -23.65 20.03 59.25
N LYS Q 93 -22.76 20.88 58.73
CA LYS Q 93 -23.15 21.74 57.57
C LYS Q 93 -22.38 21.34 56.31
N ASN Q 94 -21.28 20.60 56.45
CA ASN Q 94 -20.44 20.30 55.26
C ASN Q 94 -19.90 18.86 55.38
N TYR Q 95 -19.58 18.23 54.25
CA TYR Q 95 -18.97 16.87 54.30
C TYR Q 95 -17.64 16.98 55.05
N LYS Q 96 -16.92 18.07 54.81
CA LYS Q 96 -15.62 18.27 55.51
C LYS Q 96 -15.88 18.32 57.02
N HIS Q 97 -16.94 19.01 57.43
CA HIS Q 97 -17.27 19.11 58.87
C HIS Q 97 -17.59 17.71 59.38
N PHE Q 98 -18.31 16.92 58.58
CA PHE Q 98 -18.71 15.56 58.99
C PHE Q 98 -17.45 14.71 59.22
N SER Q 99 -16.51 14.78 58.28
CA SER Q 99 -15.27 13.96 58.40
C SER Q 99 -14.56 14.33 59.70
N ALA Q 100 -14.42 15.62 59.98
CA ALA Q 100 -13.69 16.08 61.18
C ALA Q 100 -14.34 15.52 62.45
N VAL Q 101 -15.66 15.67 62.60
CA VAL Q 101 -16.30 15.24 63.88
C VAL Q 101 -16.10 13.73 64.08
N ILE Q 102 -16.26 12.94 63.02
CA ILE Q 102 -16.10 11.46 63.13
C ILE Q 102 -14.66 11.13 63.53
N LYS Q 103 -13.68 11.78 62.90
CA LYS Q 103 -12.25 11.48 63.18
C LYS Q 103 -11.94 11.86 64.63
N MET Q 104 -12.48 12.97 65.11
CA MET Q 104 -12.12 13.44 66.48
C MET Q 104 -13.17 12.94 67.48
N LEU Q 105 -14.08 12.07 67.06
CA LEU Q 105 -15.18 11.62 67.96
C LEU Q 105 -14.60 10.99 69.23
N PRO Q 106 -13.55 10.14 69.20
CA PRO Q 106 -12.98 9.63 70.43
C PRO Q 106 -12.69 10.77 71.41
N LYS Q 107 -11.93 11.77 70.96
CA LYS Q 107 -11.53 12.89 71.85
C LYS Q 107 -12.78 13.57 72.41
N ILE Q 108 -13.79 13.79 71.55
CA ILE Q 108 -15.01 14.52 71.98
C ILE Q 108 -15.68 13.75 73.12
N ILE Q 109 -15.98 12.47 72.91
CA ILE Q 109 -16.71 11.68 73.94
C ILE Q 109 -16.01 11.88 75.29
N GLU Q 110 -14.68 11.84 75.30
CA GLU Q 110 -13.93 11.95 76.58
C GLU Q 110 -14.25 13.29 77.25
N GLN Q 111 -14.33 14.37 76.46
CA GLN Q 111 -14.52 15.72 77.07
C GLN Q 111 -15.95 15.85 77.63
N LEU Q 112 -16.97 15.60 76.83
CA LEU Q 112 -18.36 15.67 77.35
C LEU Q 112 -18.47 14.84 78.65
N ARG Q 113 -17.89 13.64 78.67
CA ARG Q 113 -17.93 12.82 79.91
C ARG Q 113 -17.14 13.54 81.02
N GLU Q 114 -16.03 14.19 80.67
CA GLU Q 114 -15.21 14.95 81.66
C GLU Q 114 -16.05 16.11 82.19
N ASN Q 115 -16.81 16.78 81.31
CA ASN Q 115 -17.70 17.90 81.73
C ASN Q 115 -18.81 17.31 82.61
N GLY Q 116 -19.02 16.00 82.54
CA GLY Q 116 -20.09 15.34 83.32
C GLY Q 116 -21.31 15.06 82.48
N LYS Q 117 -21.34 15.56 81.24
CA LYS Q 117 -22.47 15.21 80.34
C LYS Q 117 -22.39 13.71 80.07
N GLN Q 118 -23.53 13.02 80.03
CA GLN Q 118 -23.52 11.54 79.85
C GLN Q 118 -23.83 11.23 78.38
N ILE Q 119 -22.86 10.67 77.64
CA ILE Q 119 -23.17 10.27 76.24
C ILE Q 119 -23.08 8.74 76.15
N ASP Q 120 -24.20 8.09 75.81
CA ASP Q 120 -24.22 6.61 75.66
C ASP Q 120 -24.56 6.25 74.21
N VAL Q 121 -25.09 7.21 73.44
CA VAL Q 121 -25.52 6.93 72.04
C VAL Q 121 -25.14 8.08 71.12
N VAL Q 122 -24.58 7.75 69.95
CA VAL Q 122 -24.24 8.76 68.92
C VAL Q 122 -25.27 8.61 67.81
N VAL Q 123 -25.99 9.68 67.46
CA VAL Q 123 -27.10 9.54 66.48
C VAL Q 123 -26.84 10.38 65.24
N ILE Q 124 -27.00 9.80 64.05
CA ILE Q 124 -26.92 10.60 62.80
C ILE Q 124 -28.38 10.81 62.38
N GLU Q 125 -28.85 12.06 62.33
CA GLU Q 125 -30.29 12.32 62.09
C GLU Q 125 -30.82 11.77 60.77
N THR Q 126 -30.09 11.88 59.67
CA THR Q 126 -30.67 11.48 58.35
C THR Q 126 -29.69 10.77 57.43
N ILE Q 127 -30.02 9.54 57.02
CA ILE Q 127 -29.16 8.78 56.06
C ILE Q 127 -29.25 9.44 54.69
N GLN Q 128 -30.41 10.01 54.35
CA GLN Q 128 -30.57 10.60 52.98
C GLN Q 128 -29.63 11.81 52.86
N LYS Q 129 -29.48 12.59 53.93
CA LYS Q 129 -28.52 13.73 53.91
C LYS Q 129 -27.09 13.21 53.74
N LEU Q 130 -26.75 12.08 54.37
CA LEU Q 130 -25.39 11.51 54.15
C LEU Q 130 -25.23 11.20 52.67
N ARG Q 131 -26.27 10.67 52.02
CA ARG Q 131 -26.19 10.44 50.56
C ARG Q 131 -25.95 11.76 49.85
N ASP Q 132 -26.69 12.82 50.24
CA ASP Q 132 -26.56 14.12 49.54
C ASP Q 132 -25.16 14.70 49.73
N ILE Q 133 -24.61 14.65 50.95
CA ILE Q 133 -23.30 15.31 51.21
C ILE Q 133 -22.19 14.51 50.51
N THR Q 134 -22.17 13.19 50.68
CA THR Q 134 -21.10 12.36 50.07
C THR Q 134 -21.15 12.58 48.55
N MET Q 135 -22.36 12.76 48.00
CA MET Q 135 -22.47 12.93 46.54
C MET Q 135 -21.80 14.23 46.13
N ASP Q 136 -21.98 15.29 46.92
CA ASP Q 136 -21.35 16.60 46.60
C ASP Q 136 -19.82 16.44 46.64
N ASP Q 137 -19.33 15.70 47.64
CA ASP Q 137 -17.85 15.54 47.79
C ASP Q 137 -17.29 14.81 46.56
N ILE Q 138 -18.02 13.80 46.07
CA ILE Q 138 -17.51 13.00 44.91
C ILE Q 138 -17.85 13.74 43.61
N MET Q 139 -18.81 14.68 43.65
CA MET Q 139 -19.09 15.48 42.43
C MET Q 139 -18.33 16.80 42.51
N THR Q 147 -22.79 8.90 37.98
CA THR Q 147 -22.75 7.63 37.28
C THR Q 147 -22.74 6.49 38.29
N PHE Q 148 -22.85 5.26 37.80
CA PHE Q 148 -22.81 4.08 38.71
C PHE Q 148 -21.46 4.08 39.41
N ASN Q 149 -20.42 4.57 38.75
CA ASN Q 149 -19.09 4.69 39.41
C ASN Q 149 -19.25 5.64 40.58
N ASP Q 150 -19.96 6.76 40.38
CA ASP Q 150 -20.19 7.72 41.48
C ASP Q 150 -21.00 7.05 42.58
N TRP Q 151 -22.04 6.30 42.20
CA TRP Q 151 -22.91 5.63 43.21
C TRP Q 151 -22.09 4.62 44.02
N GLY Q 152 -21.24 3.86 43.34
CA GLY Q 152 -20.41 2.85 44.03
C GLY Q 152 -19.47 3.51 45.01
N GLU Q 153 -18.91 4.66 44.62
CA GLU Q 153 -18.01 5.42 45.52
C GLU Q 153 -18.83 5.91 46.72
N CYS Q 154 -20.07 6.35 46.46
CA CYS Q 154 -20.94 6.82 47.57
C CYS Q 154 -21.19 5.66 48.54
N ALA Q 155 -21.43 4.47 47.99
CA ALA Q 155 -21.64 3.28 48.85
C ALA Q 155 -20.33 3.01 49.62
N THR Q 156 -19.20 3.17 48.95
CA THR Q 156 -17.89 2.88 49.60
C THR Q 156 -17.71 3.83 50.78
N ARG Q 157 -18.07 5.11 50.61
CA ARG Q 157 -17.94 6.07 51.73
C ARG Q 157 -18.83 5.61 52.88
N ILE Q 158 -20.07 5.22 52.57
CA ILE Q 158 -21.02 4.85 53.66
C ILE Q 158 -20.49 3.61 54.40
N VAL Q 159 -20.02 2.60 53.66
CA VAL Q 159 -19.57 1.35 54.33
C VAL Q 159 -18.35 1.67 55.19
N SER Q 160 -17.46 2.53 54.69
CA SER Q 160 -16.22 2.86 55.44
C SER Q 160 -16.58 3.52 56.76
N ILE Q 161 -17.57 4.42 56.74
CA ILE Q 161 -17.96 5.16 57.98
C ILE Q 161 -18.35 4.13 59.05
N TYR Q 162 -19.25 3.21 58.72
CA TYR Q 162 -19.75 2.24 59.74
C TYR Q 162 -18.57 1.46 60.33
N ARG Q 163 -17.65 1.01 59.47
CA ARG Q 163 -16.51 0.21 59.97
C ARG Q 163 -15.71 1.05 60.96
N TYR Q 164 -15.44 2.31 60.61
CA TYR Q 164 -14.67 3.21 61.51
C TYR Q 164 -15.45 3.34 62.83
N ILE Q 165 -16.73 3.70 62.74
CA ILE Q 165 -17.51 3.95 63.98
C ILE Q 165 -17.50 2.68 64.84
N SER Q 166 -17.67 1.51 64.22
CA SER Q 166 -17.77 0.23 64.98
C SER Q 166 -16.54 0.00 65.85
N LYS Q 167 -15.33 0.17 65.31
CA LYS Q 167 -14.12 -0.15 66.12
C LYS Q 167 -14.10 0.77 67.34
N LEU Q 168 -14.48 2.03 67.16
CA LEU Q 168 -14.59 2.95 68.32
C LEU Q 168 -15.76 2.47 69.19
N GLN Q 169 -16.82 1.97 68.57
CA GLN Q 169 -18.04 1.56 69.32
C GLN Q 169 -17.65 0.55 70.40
N GLU Q 170 -16.84 -0.45 70.05
CA GLU Q 170 -16.41 -1.46 71.04
C GLU Q 170 -15.51 -0.78 72.08
N HIS Q 171 -14.62 0.10 71.62
CA HIS Q 171 -13.68 0.82 72.53
C HIS Q 171 -14.40 1.74 73.53
N TYR Q 172 -15.33 2.56 73.05
CA TYR Q 172 -15.89 3.61 73.96
C TYR Q 172 -17.30 3.29 74.46
N GLN Q 173 -17.78 2.06 74.24
CA GLN Q 173 -19.09 1.68 74.83
C GLN Q 173 -20.16 2.71 74.46
N PHE Q 174 -20.29 3.03 73.17
CA PHE Q 174 -21.38 3.95 72.76
C PHE Q 174 -22.31 3.20 71.80
N HIS Q 175 -23.61 3.24 72.09
CA HIS Q 175 -24.59 2.64 71.13
C HIS Q 175 -24.64 3.54 69.90
N LEU Q 176 -24.73 2.97 68.70
CA LEU Q 176 -24.89 3.83 67.50
C LEU Q 176 -26.35 3.75 67.05
N ALA Q 177 -26.89 4.86 66.56
CA ALA Q 177 -28.27 4.86 66.03
C ALA Q 177 -28.34 5.74 64.77
N ILE Q 178 -28.92 5.23 63.69
CA ILE Q 178 -29.11 6.07 62.47
C ILE Q 178 -30.61 6.08 62.14
N SER Q 179 -31.13 7.20 61.67
CA SER Q 179 -32.59 7.32 61.39
C SER Q 179 -32.81 7.87 59.98
N GLY Q 180 -33.89 7.43 59.31
CA GLY Q 180 -34.17 7.87 57.93
C GLY Q 180 -35.67 8.06 57.70
N HIS Q 181 -36.09 8.36 56.46
CA HIS Q 181 -37.52 8.66 56.19
C HIS Q 181 -38.16 7.59 55.30
N GLU Q 182 -39.33 7.10 55.69
CA GLU Q 182 -40.06 6.07 54.91
C GLU Q 182 -40.38 6.58 53.50
N GLY Q 183 -40.06 5.79 52.47
CA GLY Q 183 -40.40 6.17 51.08
C GLY Q 183 -40.21 5.00 50.12
N THR Q 200 -40.25 0.43 53.48
CA THR Q 200 -38.83 0.30 53.86
C THR Q 200 -38.19 1.70 53.94
N ILE Q 201 -37.00 1.80 54.55
CA ILE Q 201 -36.30 3.11 54.59
C ILE Q 201 -35.99 3.52 53.14
N GLU Q 202 -36.19 4.80 52.81
CA GLU Q 202 -36.02 5.24 51.41
C GLU Q 202 -34.53 5.47 51.11
N ALA Q 203 -34.02 4.90 50.00
CA ALA Q 203 -32.62 5.07 49.60
C ALA Q 203 -32.35 4.17 48.38
N GLN Q 204 -31.10 4.07 47.95
CA GLN Q 204 -30.77 3.12 46.85
C GLN Q 204 -30.31 1.80 47.48
N ASP Q 205 -30.72 0.66 46.92
CA ASP Q 205 -30.42 -0.66 47.55
C ASP Q 205 -28.98 -0.80 48.04
N GLN Q 206 -27.98 -0.39 47.25
CA GLN Q 206 -26.57 -0.67 47.65
C GLN Q 206 -26.41 -0.16 49.08
N ILE Q 207 -27.00 1.00 49.37
CA ILE Q 207 -26.93 1.59 50.74
C ILE Q 207 -27.82 0.75 51.64
N LYS Q 208 -29.09 0.59 51.26
CA LYS Q 208 -30.04 -0.18 52.10
C LYS Q 208 -29.40 -1.52 52.47
N LYS Q 209 -28.88 -2.26 51.48
CA LYS Q 209 -28.30 -3.60 51.79
C LYS Q 209 -27.29 -3.44 52.92
N ALA Q 210 -26.32 -2.52 52.76
CA ALA Q 210 -25.28 -2.36 53.76
C ALA Q 210 -25.87 -2.01 55.13
N VAL Q 211 -26.78 -1.04 55.15
CA VAL Q 211 -27.37 -0.58 56.43
C VAL Q 211 -28.09 -1.77 57.10
N ILE Q 212 -29.00 -2.43 56.37
CA ILE Q 212 -29.81 -3.50 57.00
C ILE Q 212 -28.84 -4.59 57.50
N SER Q 213 -27.89 -5.02 56.67
CA SER Q 213 -27.00 -6.14 57.08
C SER Q 213 -26.30 -5.79 58.39
N GLN Q 214 -25.60 -4.65 58.43
CA GLN Q 214 -24.83 -4.24 59.64
C GLN Q 214 -25.74 -3.97 60.84
N SER Q 215 -26.91 -3.34 60.64
CA SER Q 215 -27.74 -2.93 61.80
C SER Q 215 -28.21 -4.14 62.61
N ASP Q 216 -28.02 -4.10 63.93
CA ASP Q 216 -28.53 -5.18 64.80
C ASP Q 216 -30.06 -5.13 64.82
N VAL Q 217 -30.63 -4.00 65.23
CA VAL Q 217 -32.12 -3.89 65.35
C VAL Q 217 -32.65 -2.90 64.31
N LEU Q 218 -33.56 -3.34 63.44
CA LEU Q 218 -34.20 -2.38 62.51
C LEU Q 218 -35.68 -2.32 62.89
N ALA Q 219 -36.20 -1.12 63.10
CA ALA Q 219 -37.60 -0.99 63.58
C ALA Q 219 -38.33 0.11 62.82
N ARG Q 220 -39.65 0.01 62.72
CA ARG Q 220 -40.47 1.05 62.05
C ARG Q 220 -41.38 1.67 63.11
N MET Q 221 -41.40 3.00 63.22
CA MET Q 221 -42.15 3.66 64.32
C MET Q 221 -43.42 4.30 63.75
N THR Q 222 -44.59 3.92 64.25
CA THR Q 222 -45.88 4.44 63.73
C THR Q 222 -46.82 4.80 64.88
N ILE Q 223 -47.74 5.74 64.65
CA ILE Q 223 -48.71 6.18 65.70
C ILE Q 223 -50.02 5.44 65.48
N GLU Q 224 -50.54 4.78 66.52
CA GLU Q 224 -51.79 3.98 66.38
C GLU Q 224 -52.82 4.48 67.39
N THR Q 233 -57.34 7.06 72.63
CA THR Q 233 -56.46 8.18 72.23
C THR Q 233 -55.35 7.65 71.33
N TYR Q 234 -54.67 8.54 70.60
CA TYR Q 234 -53.53 8.13 69.73
C TYR Q 234 -52.39 7.62 70.62
N GLN Q 235 -51.70 6.56 70.18
CA GLN Q 235 -50.57 5.99 70.96
C GLN Q 235 -49.33 5.91 70.06
N TYR Q 236 -48.14 6.18 70.61
CA TYR Q 236 -46.89 6.06 69.83
C TYR Q 236 -46.22 4.71 70.15
N VAL Q 237 -46.13 3.82 69.16
CA VAL Q 237 -45.61 2.45 69.44
C VAL Q 237 -44.62 2.04 68.35
N LEU Q 238 -43.51 1.40 68.75
CA LEU Q 238 -42.50 0.94 67.77
C LEU Q 238 -42.75 -0.55 67.50
N ASN Q 239 -43.06 -0.92 66.25
CA ASN Q 239 -43.41 -2.33 65.95
C ASN Q 239 -42.29 -3.00 65.15
N ALA Q 240 -41.62 -3.99 65.76
CA ALA Q 240 -40.57 -4.74 65.05
C ALA Q 240 -41.05 -6.16 64.74
N GLU Q 241 -42.35 -6.43 64.96
CA GLU Q 241 -42.91 -7.77 64.66
C GLU Q 241 -42.73 -8.09 63.17
N PRO Q 242 -42.38 -9.32 62.77
CA PRO Q 242 -42.12 -9.64 61.37
C PRO Q 242 -43.39 -9.36 60.55
N SER Q 243 -43.21 -8.96 59.28
CA SER Q 243 -44.38 -8.63 58.43
C SER Q 243 -43.96 -8.50 56.96
N ASN Q 244 -44.76 -9.04 56.03
CA ASN Q 244 -44.46 -8.86 54.59
C ASN Q 244 -44.54 -7.39 54.20
N LEU Q 245 -45.52 -6.65 54.72
CA LEU Q 245 -45.74 -5.23 54.29
C LEU Q 245 -44.54 -4.34 54.64
N PHE Q 246 -43.95 -4.51 55.82
CA PHE Q 246 -42.84 -3.65 56.29
C PHE Q 246 -41.73 -4.56 56.81
N GLU Q 247 -40.46 -4.16 56.72
CA GLU Q 247 -39.44 -5.15 57.15
C GLU Q 247 -38.80 -4.71 58.47
N THR Q 248 -38.83 -5.60 59.46
CA THR Q 248 -38.25 -5.31 60.79
C THR Q 248 -37.46 -6.54 61.26
N LYS Q 249 -36.42 -6.34 62.08
CA LYS Q 249 -35.70 -7.51 62.64
C LYS Q 249 -35.06 -7.13 63.98
N ILE Q 250 -35.34 -7.90 65.02
CA ILE Q 250 -34.65 -7.64 66.33
C ILE Q 250 -33.76 -8.85 66.61
N ARG Q 251 -32.51 -8.63 67.02
CA ARG Q 251 -31.59 -9.77 67.22
C ARG Q 251 -31.54 -10.12 68.72
N HIS Q 252 -31.92 -11.35 69.08
CA HIS Q 252 -31.84 -11.80 70.49
C HIS Q 252 -31.33 -13.25 70.49
N SER Q 253 -30.68 -13.66 71.57
CA SER Q 253 -30.12 -15.04 71.64
C SER Q 253 -31.25 -16.06 71.78
N SER Q 254 -30.99 -17.32 71.41
CA SER Q 254 -32.06 -18.36 71.43
C SER Q 254 -32.81 -18.34 72.77
N ASN Q 255 -32.08 -18.34 73.88
CA ASN Q 255 -32.75 -18.44 75.22
C ASN Q 255 -33.68 -17.23 75.41
N ILE Q 256 -33.22 -16.03 75.02
CA ILE Q 256 -34.05 -14.80 75.19
C ILE Q 256 -35.27 -14.90 74.28
N LYS Q 257 -36.46 -14.59 74.80
CA LYS Q 257 -37.69 -14.60 73.98
C LYS Q 257 -38.39 -13.24 74.11
N ILE Q 258 -38.79 -12.63 72.99
CA ILE Q 258 -39.54 -11.35 73.07
C ILE Q 258 -41.02 -11.69 73.03
N ASN Q 259 -41.69 -11.65 74.19
CA ASN Q 259 -43.15 -11.93 74.24
C ASN Q 259 -43.89 -10.83 73.48
N ASN Q 260 -43.42 -9.58 73.58
CA ASN Q 260 -44.10 -8.45 72.89
C ASN Q 260 -43.08 -7.66 72.07
N LYS Q 261 -43.23 -7.64 70.74
CA LYS Q 261 -42.27 -6.94 69.85
C LYS Q 261 -42.75 -5.50 69.57
N ARG Q 262 -43.88 -5.09 70.13
CA ARG Q 262 -44.33 -3.68 69.96
C ARG Q 262 -44.11 -2.94 71.29
N PHE Q 263 -43.38 -1.83 71.25
CA PHE Q 263 -43.08 -1.07 72.49
C PHE Q 263 -43.78 0.30 72.43
N ILE Q 264 -44.64 0.60 73.41
CA ILE Q 264 -45.34 1.92 73.45
C ILE Q 264 -44.46 2.89 74.26
N ASN Q 265 -44.43 4.17 73.90
CA ASN Q 265 -43.50 5.12 74.57
C ASN Q 265 -42.12 4.48 74.68
N PRO Q 266 -41.49 4.07 73.55
CA PRO Q 266 -40.19 3.37 73.61
C PRO Q 266 -38.96 4.24 73.90
N SER Q 267 -37.91 3.65 74.48
CA SER Q 267 -36.64 4.37 74.71
C SER Q 267 -35.50 3.41 74.38
N ILE Q 268 -34.27 3.89 74.16
CA ILE Q 268 -33.20 2.94 73.72
C ILE Q 268 -32.98 1.94 74.86
N ASN Q 269 -32.99 2.41 76.12
CA ASN Q 269 -32.80 1.50 77.28
C ASN Q 269 -33.78 0.33 77.20
N ASP Q 270 -35.08 0.61 77.11
CA ASP Q 270 -36.08 -0.45 77.12
C ASP Q 270 -35.77 -1.52 76.08
N VAL Q 271 -35.40 -1.09 74.88
CA VAL Q 271 -35.04 -2.06 73.80
C VAL Q 271 -33.82 -2.85 74.27
N VAL Q 272 -32.79 -2.16 74.76
CA VAL Q 272 -31.55 -2.84 75.22
C VAL Q 272 -31.92 -3.90 76.27
N GLN Q 273 -32.74 -3.55 77.26
CA GLN Q 273 -33.12 -4.48 78.30
C GLN Q 273 -33.91 -5.66 77.74
N ALA Q 274 -34.79 -5.40 76.79
CA ALA Q 274 -35.56 -6.47 76.16
C ALA Q 274 -34.65 -7.43 75.41
N ILE Q 275 -33.58 -6.90 74.79
CA ILE Q 275 -32.71 -7.78 73.94
C ILE Q 275 -31.63 -8.45 74.79
N ARG Q 276 -31.31 -7.94 75.99
CA ARG Q 276 -30.39 -8.64 76.88
C ARG Q 276 -31.12 -9.55 77.86
N ASN Q 277 -32.13 -9.03 78.55
CA ASN Q 277 -32.88 -9.79 79.54
C ASN Q 277 -34.24 -10.20 78.98
N GLY Q 278 -34.91 -11.10 79.68
CA GLY Q 278 -36.20 -11.59 79.27
C GLY Q 278 -37.26 -10.51 79.11
N ASN Q 279 -37.98 -10.55 77.98
CA ASN Q 279 -39.02 -9.52 77.70
C ASN Q 279 -40.03 -9.49 78.87
N MET R 1 37.03 10.71 67.10
CA MET R 1 35.88 11.53 67.45
C MET R 1 36.19 13.02 67.28
N ILE R 2 35.30 13.73 66.58
CA ILE R 2 35.46 15.20 66.38
C ILE R 2 34.08 15.80 66.09
N ARG R 3 33.76 16.95 66.71
CA ARG R 3 32.47 17.62 66.42
C ARG R 3 32.65 19.14 66.39
N ASN R 4 31.80 19.85 65.63
CA ASN R 4 31.84 21.33 65.63
C ASN R 4 31.22 21.84 66.94
N ARG R 5 31.67 22.98 67.44
CA ARG R 5 31.18 23.51 68.74
C ARG R 5 30.29 24.73 68.45
N LEU R 6 29.81 24.88 67.22
CA LEU R 6 29.05 26.10 66.85
C LEU R 6 27.81 26.25 67.73
N SER R 7 27.08 25.17 67.99
CA SER R 7 25.80 25.29 68.74
C SER R 7 26.06 25.87 70.13
N GLU R 8 27.13 25.43 70.79
CA GLU R 8 27.44 25.90 72.17
C GLU R 8 27.90 27.36 72.11
N LEU R 9 28.82 27.67 71.20
CA LEU R 9 29.38 29.05 71.14
C LEU R 9 28.25 30.06 70.91
N LEU R 10 27.39 29.80 69.93
CA LEU R 10 26.29 30.74 69.60
C LEU R 10 25.40 30.92 70.83
N SER R 11 25.14 29.85 71.57
CA SER R 11 24.23 29.93 72.74
C SER R 11 24.83 30.86 73.81
N GLU R 12 26.12 30.73 74.09
CA GLU R 12 26.77 31.56 75.14
C GLU R 12 26.71 33.04 74.72
N ARG R 13 27.05 33.33 73.46
CA ARG R 13 27.03 34.73 72.96
C ARG R 13 25.58 35.19 72.79
N GLY R 14 24.64 34.26 72.66
CA GLY R 14 23.21 34.61 72.58
C GLY R 14 22.77 34.98 71.16
N LEU R 15 23.67 34.95 70.18
CA LEU R 15 23.26 35.23 68.78
C LEU R 15 22.32 34.15 68.26
N LYS R 16 21.29 34.54 67.51
CA LYS R 16 20.34 33.55 66.93
C LYS R 16 20.89 33.04 65.60
N ILE R 17 20.44 31.86 65.16
CA ILE R 17 20.97 31.25 63.90
C ILE R 17 20.63 32.19 62.74
N SER R 18 19.44 32.79 62.76
CA SER R 18 19.02 33.61 61.60
C SER R 18 19.97 34.79 61.41
N ARG R 19 20.32 35.49 62.49
CA ARG R 19 21.17 36.70 62.32
C ARG R 19 22.55 36.27 61.80
N VAL R 20 23.10 35.19 62.34
CA VAL R 20 24.48 34.78 61.93
C VAL R 20 24.44 34.45 60.43
N ALA R 21 23.40 33.74 59.99
CA ALA R 21 23.33 33.34 58.57
C ALA R 21 23.26 34.57 57.67
N LYS R 22 22.49 35.58 58.09
CA LYS R 22 22.34 36.82 57.27
C LYS R 22 23.69 37.52 57.15
N ASP R 23 24.46 37.58 58.24
CA ASP R 23 25.74 38.33 58.22
C ASP R 23 26.81 37.54 57.46
N VAL R 24 27.10 36.31 57.89
CA VAL R 24 28.22 35.54 57.28
C VAL R 24 27.84 35.13 55.86
N LYS R 25 26.64 35.48 55.41
CA LYS R 25 26.20 35.17 54.01
C LYS R 25 26.25 33.65 53.79
N ILE R 26 25.89 32.86 54.81
CA ILE R 26 25.80 31.38 54.63
C ILE R 26 24.33 31.00 54.72
N ALA R 27 23.84 30.15 53.82
CA ALA R 27 22.39 29.83 53.78
C ALA R 27 21.96 29.21 55.11
N ARG R 28 20.81 29.64 55.63
CA ARG R 28 20.32 29.15 56.96
C ARG R 28 20.32 27.63 57.02
N SER R 29 19.84 26.96 55.97
CA SER R 29 19.71 25.49 56.06
C SER R 29 21.07 24.85 56.33
N SER R 30 22.10 25.28 55.61
CA SER R 30 23.45 24.69 55.79
C SER R 30 23.95 24.98 57.20
N LEU R 31 23.78 26.22 57.67
CA LEU R 31 24.30 26.61 59.01
C LEU R 31 23.59 25.79 60.10
N THR R 32 22.30 25.55 59.93
CA THR R 32 21.52 24.76 60.93
C THR R 32 22.03 23.31 60.94
N SER R 33 22.19 22.72 59.75
CA SER R 33 22.72 21.34 59.66
C SER R 33 24.09 21.30 60.34
N MET R 34 24.96 22.26 60.02
CA MET R 34 26.33 22.31 60.61
C MET R 34 26.23 22.64 62.11
N ALA R 35 25.19 23.35 62.54
CA ALA R 35 25.04 23.58 63.99
C ALA R 35 24.91 22.22 64.65
N GLN R 36 24.13 21.32 64.04
CA GLN R 36 24.08 19.92 64.52
C GLN R 36 25.31 19.23 63.92
N ASN R 37 25.65 18.01 64.33
CA ASN R 37 26.88 17.43 63.75
C ASN R 37 26.48 16.57 62.55
N ASP R 38 25.27 16.79 62.02
CA ASP R 38 24.74 15.94 60.92
C ASP R 38 25.63 16.01 59.67
N SER R 39 26.08 17.19 59.27
CA SER R 39 26.86 17.32 58.00
C SER R 39 28.11 16.43 58.05
N GLU R 40 28.60 15.99 56.89
CA GLU R 40 29.82 15.15 56.86
C GLU R 40 31.04 15.99 56.48
N MET R 41 30.87 17.00 55.63
CA MET R 41 32.01 17.85 55.17
C MET R 41 31.75 19.32 55.48
N ILE R 42 32.82 20.09 55.74
CA ILE R 42 32.68 21.56 56.01
C ILE R 42 33.60 22.33 55.06
N ARG R 43 33.10 23.39 54.43
CA ARG R 43 33.91 24.13 53.43
C ARG R 43 34.88 25.08 54.14
N TYR R 44 36.14 25.13 53.69
CA TYR R 44 37.14 26.00 54.36
C TYR R 44 36.56 27.41 54.54
N ASP R 45 35.79 27.89 53.56
CA ASP R 45 35.26 29.28 53.64
C ASP R 45 34.43 29.42 54.91
N ALA R 46 33.62 28.41 55.23
CA ALA R 46 32.74 28.49 56.42
C ALA R 46 33.59 28.60 57.69
N ILE R 47 34.69 27.85 57.76
CA ILE R 47 35.52 27.84 58.99
C ILE R 47 36.06 29.25 59.23
N ASP R 48 36.47 29.96 58.17
CA ASP R 48 37.09 31.29 58.38
C ASP R 48 36.03 32.37 58.64
N LYS R 49 34.96 32.39 57.85
CA LYS R 49 33.94 33.45 58.02
C LYS R 49 33.46 33.42 59.47
N LEU R 50 33.06 32.25 59.97
CA LEU R 50 32.53 32.13 61.35
C LEU R 50 33.62 32.50 62.36
N CYS R 51 34.86 32.03 62.15
CA CYS R 51 35.94 32.27 63.13
C CYS R 51 36.26 33.77 63.21
N SER R 52 36.22 34.48 62.08
CA SER R 52 36.42 35.93 62.10
C SER R 52 35.23 36.63 62.74
N TYR R 53 34.04 36.08 62.54
CA TYR R 53 32.80 36.74 63.04
C TYR R 53 32.68 36.63 64.56
N LEU R 54 33.09 35.49 65.14
CA LEU R 54 32.93 35.29 66.60
C LEU R 54 34.28 35.45 67.31
N HIS R 55 35.28 35.96 66.61
CA HIS R 55 36.61 36.21 67.23
C HIS R 55 37.03 34.93 67.95
N ILE R 56 36.86 33.78 67.29
CA ILE R 56 37.26 32.48 67.88
C ILE R 56 38.37 31.87 67.01
N SER R 57 39.41 31.33 67.64
CA SER R 57 40.49 30.65 66.88
C SER R 57 39.95 29.32 66.33
N PRO R 58 40.56 28.71 65.29
CA PRO R 58 40.05 27.47 64.72
C PRO R 58 40.04 26.39 65.81
N SER R 59 40.97 26.47 66.75
CA SER R 59 41.07 25.48 67.85
C SER R 59 39.72 25.36 68.54
N GLU R 60 39.15 26.49 68.92
CA GLU R 60 37.89 26.52 69.70
C GLU R 60 36.76 25.86 68.90
N PHE R 61 36.70 26.10 67.59
CA PHE R 61 35.56 25.59 66.79
C PHE R 61 35.49 24.07 66.85
N PHE R 62 36.63 23.36 66.91
CA PHE R 62 36.52 21.88 66.84
C PHE R 62 36.96 21.24 68.16
N GLU R 63 36.22 20.22 68.62
CA GLU R 63 36.63 19.48 69.84
C GLU R 63 37.16 18.12 69.41
N HIS R 64 38.33 17.71 69.89
CA HIS R 64 38.94 16.47 69.42
C HIS R 64 39.27 15.58 70.60
N ASN R 65 39.27 14.27 70.34
CA ASN R 65 39.62 13.25 71.31
C ASN R 65 40.23 12.09 70.52
N PRO R 66 41.39 11.59 70.92
CA PRO R 66 42.06 10.54 70.11
C PRO R 66 41.30 9.23 70.05
N ILE R 67 40.32 9.00 70.93
CA ILE R 67 39.60 7.74 70.91
C ILE R 67 38.79 7.62 69.62
N ASN R 68 38.47 6.38 69.26
CA ASN R 68 37.75 6.12 68.01
C ASN R 68 36.99 4.81 68.14
N PHE R 69 35.68 4.81 67.89
CA PHE R 69 34.87 3.57 68.05
C PHE R 69 34.35 3.09 66.70
N ASP R 70 34.19 1.77 66.55
CA ASP R 70 33.63 1.20 65.30
C ASP R 70 32.53 0.19 65.64
N PHE R 71 31.45 0.18 64.85
CA PHE R 71 30.30 -0.72 65.14
C PHE R 71 29.96 -1.52 63.86
N THR R 72 29.86 -2.85 63.98
CA THR R 72 29.47 -3.68 62.81
C THR R 72 28.24 -4.50 63.19
N PHE R 73 27.25 -4.59 62.29
CA PHE R 73 25.99 -5.32 62.59
C PHE R 73 25.96 -6.64 61.81
N ASP R 74 25.46 -7.71 62.42
CA ASP R 74 25.50 -9.04 61.75
C ASP R 74 24.73 -8.99 60.43
N GLU R 75 25.31 -9.56 59.37
CA GLU R 75 24.62 -9.61 58.06
C GLU R 75 23.37 -10.48 58.20
N GLU R 76 23.47 -11.57 58.95
CA GLU R 76 22.32 -12.51 59.11
C GLU R 76 21.78 -12.41 60.54
N PRO R 77 20.64 -11.73 60.79
CA PRO R 77 20.04 -11.67 62.11
C PRO R 77 18.99 -12.77 62.27
N ASN R 78 18.54 -13.05 63.50
CA ASN R 78 17.45 -14.03 63.70
C ASN R 78 16.17 -13.26 64.00
N TYR R 79 15.17 -13.31 63.11
CA TYR R 79 13.96 -12.48 63.33
C TYR R 79 12.68 -13.28 63.11
N LYS R 80 11.69 -13.12 63.99
CA LYS R 80 10.38 -13.77 63.75
C LYS R 80 9.29 -12.71 63.92
N ILE R 81 8.49 -12.46 62.88
CA ILE R 81 7.43 -11.41 62.96
C ILE R 81 6.09 -12.05 62.65
N ASN R 82 5.08 -11.84 63.50
CA ASN R 82 3.75 -12.47 63.30
C ASN R 82 2.71 -11.38 63.03
N ASP R 83 2.00 -11.47 61.89
CA ASP R 83 0.96 -10.47 61.53
C ASP R 83 -0.16 -10.54 62.58
N VAL R 84 -0.67 -9.40 63.04
CA VAL R 84 -1.71 -9.40 64.12
C VAL R 84 -3.09 -9.13 63.53
N PHE R 85 -3.16 -8.61 62.30
CA PHE R 85 -4.48 -8.26 61.70
C PHE R 85 -5.18 -7.24 62.60
N GLU R 86 -6.41 -7.52 63.03
CA GLU R 86 -7.12 -6.63 64.01
C GLU R 86 -7.43 -5.27 63.38
N GLY R 87 -7.60 -5.20 62.05
CA GLY R 87 -8.04 -3.95 61.39
C GLY R 87 -7.19 -2.73 61.65
N PHE R 88 -5.86 -2.85 61.65
CA PHE R 88 -4.97 -1.66 61.77
C PHE R 88 -5.45 -0.53 60.86
N GLU R 89 -6.04 -0.85 59.72
CA GLU R 89 -6.38 0.20 58.72
C GLU R 89 -7.18 1.33 59.36
N VAL R 90 -8.10 1.01 60.27
CA VAL R 90 -8.96 2.07 60.90
C VAL R 90 -8.07 2.95 61.79
N THR R 91 -7.47 2.39 62.84
CA THR R 91 -6.67 3.21 63.79
C THR R 91 -5.19 2.94 63.55
N ALA R 92 -4.37 3.99 63.41
CA ALA R 92 -2.94 3.76 63.06
C ALA R 92 -2.13 3.42 64.30
N ASN R 93 -2.32 2.21 64.84
CA ASN R 93 -1.51 1.75 65.99
C ASN R 93 -0.67 0.58 65.49
N ILE R 94 0.62 0.79 65.28
CA ILE R 94 1.49 -0.24 64.66
C ILE R 94 1.24 -1.60 65.31
N THR R 95 1.10 -1.64 66.63
CA THR R 95 0.99 -2.96 67.32
C THR R 95 -0.05 -3.83 66.64
N HIS R 96 -1.17 -3.23 66.20
CA HIS R 96 -2.26 -3.99 65.52
C HIS R 96 -1.75 -4.59 64.21
N ALA R 97 -0.94 -3.83 63.47
CA ALA R 97 -0.47 -4.30 62.15
C ALA R 97 0.44 -5.53 62.28
N PHE R 98 1.40 -5.53 63.22
CA PHE R 98 2.35 -6.66 63.31
C PHE R 98 2.92 -6.80 64.72
N SER R 99 3.40 -8.00 65.08
CA SER R 99 4.03 -8.21 66.41
C SER R 99 5.35 -8.95 66.22
N ILE R 100 6.41 -8.52 66.92
CA ILE R 100 7.75 -9.19 66.82
C ILE R 100 7.81 -10.30 67.87
N GLU R 101 7.86 -11.56 67.44
CA GLU R 101 8.00 -12.67 68.44
C GLU R 101 9.40 -12.62 69.06
N ASN R 102 10.45 -12.53 68.24
CA ASN R 102 11.83 -12.41 68.80
C ASN R 102 12.81 -11.94 67.72
N PHE R 103 13.56 -10.87 68.01
CA PHE R 103 14.58 -10.35 67.05
C PHE R 103 15.88 -10.18 67.82
N ASP R 104 16.87 -11.04 67.56
CA ASP R 104 18.16 -10.98 68.28
C ASP R 104 19.34 -11.02 67.30
N PHE R 105 20.43 -10.32 67.61
CA PHE R 105 21.60 -10.28 66.70
C PHE R 105 22.81 -9.78 67.48
N GLU R 106 23.95 -9.63 66.81
CA GLU R 106 25.19 -9.24 67.52
C GLU R 106 25.77 -7.96 66.92
N ILE R 107 26.28 -7.07 67.76
CA ILE R 107 26.97 -5.85 67.24
C ILE R 107 28.43 -5.92 67.70
N LEU R 108 29.39 -5.86 66.79
CA LEU R 108 30.82 -6.00 67.17
C LEU R 108 31.45 -4.60 67.30
N VAL R 109 31.98 -4.27 68.47
CA VAL R 109 32.54 -2.90 68.70
C VAL R 109 34.04 -2.98 68.93
N ASP R 110 34.82 -2.15 68.24
CA ASP R 110 36.30 -2.13 68.42
C ASP R 110 36.75 -0.78 68.99
N VAL R 111 37.18 -0.75 70.25
CA VAL R 111 37.59 0.53 70.90
C VAL R 111 39.08 0.73 70.65
N GLU R 112 39.42 1.54 69.64
CA GLU R 112 40.86 1.70 69.29
C GLU R 112 41.46 2.76 70.21
N LEU R 113 42.54 2.43 70.92
CA LEU R 113 43.14 3.40 71.88
C LEU R 113 43.95 4.44 71.12
N ASP R 114 44.52 5.42 71.83
CA ASP R 114 45.40 6.42 71.15
C ASP R 114 46.58 5.64 70.58
N ASN R 115 47.13 4.70 71.36
CA ASN R 115 48.22 3.83 70.86
C ASN R 115 47.64 2.93 69.77
N ARG R 116 48.49 2.24 69.02
CA ARG R 116 48.02 1.36 67.91
C ARG R 116 47.16 0.24 68.49
N GLN R 117 47.38 -0.13 69.76
CA GLN R 117 46.65 -1.29 70.35
C GLN R 117 45.14 -1.03 70.31
N LYS R 118 44.36 -2.08 70.00
CA LYS R 118 42.88 -1.94 69.97
C LYS R 118 42.26 -3.02 70.87
N LEU R 119 41.07 -2.78 71.41
CA LEU R 119 40.38 -3.81 72.21
C LEU R 119 39.10 -4.20 71.48
N ASN R 120 38.72 -5.49 71.53
CA ASN R 120 37.49 -5.96 70.85
C ASN R 120 36.42 -6.34 71.88
N PHE R 121 35.23 -5.77 71.77
CA PHE R 121 34.12 -6.18 72.66
C PHE R 121 32.95 -6.63 71.79
N ASP R 122 32.28 -7.72 72.15
CA ASP R 122 31.17 -8.25 71.32
C ASP R 122 29.85 -8.12 72.09
N LEU R 123 28.87 -7.41 71.52
CA LEU R 123 27.59 -7.16 72.24
C LEU R 123 26.49 -8.00 71.58
N ASP R 124 25.67 -8.69 72.37
CA ASP R 124 24.52 -9.45 71.82
C ASP R 124 23.26 -8.67 72.20
N VAL R 125 22.41 -8.30 71.23
CA VAL R 125 21.24 -7.43 71.54
C VAL R 125 19.95 -8.18 71.17
N SER R 126 18.94 -8.12 72.05
CA SER R 126 17.67 -8.86 71.81
C SER R 126 16.45 -7.93 72.00
N TYR R 127 15.32 -8.29 71.41
CA TYR R 127 14.06 -7.49 71.55
C TYR R 127 13.48 -7.70 72.96
N LYS R 128 12.92 -6.64 73.54
CA LYS R 128 12.34 -6.74 74.90
C LYS R 128 10.85 -6.39 74.86
N GLU R 129 10.50 -5.21 74.33
CA GLU R 129 9.12 -4.77 74.32
C GLU R 129 8.98 -3.57 73.39
N THR R 130 7.73 -3.21 73.04
CA THR R 130 7.52 -1.99 72.21
C THR R 130 6.84 -0.90 73.05
N GLU R 131 7.62 0.05 73.56
CA GLU R 131 7.07 1.12 74.43
C GLU R 131 6.27 2.12 73.58
N LYS R 132 5.24 2.75 74.17
CA LYS R 132 4.42 3.77 73.45
C LYS R 132 4.82 5.16 73.94
N ILE R 133 5.73 5.83 73.23
CA ILE R 133 6.22 7.17 73.68
C ILE R 133 5.04 8.15 73.68
N THR R 134 4.21 8.11 72.63
CA THR R 134 3.00 8.97 72.54
C THR R 134 1.87 8.13 71.93
N ASN R 135 0.63 8.62 71.93
CA ASN R 135 -0.49 7.79 71.44
C ASN R 135 -0.23 7.40 69.98
N SER R 136 0.27 8.32 69.16
CA SER R 136 0.44 8.02 67.71
C SER R 136 1.83 7.43 67.39
N GLN R 137 2.78 7.44 68.33
CA GLN R 137 4.15 6.98 68.00
C GLN R 137 4.68 5.99 69.04
N HIS R 138 5.46 5.00 68.61
CA HIS R 138 6.05 3.99 69.53
C HIS R 138 7.56 3.88 69.29
N ARG R 139 8.29 3.36 70.28
CA ARG R 139 9.76 3.15 70.12
C ARG R 139 10.09 1.73 70.53
N PHE R 140 10.55 0.90 69.58
CA PHE R 140 10.96 -0.48 69.92
C PHE R 140 12.13 -0.38 70.89
N ILE R 141 12.14 -1.22 71.94
CA ILE R 141 13.23 -1.15 72.96
C ILE R 141 14.03 -2.45 72.88
N PHE R 142 15.35 -2.35 72.70
CA PHE R 142 16.22 -3.55 72.62
C PHE R 142 17.22 -3.51 73.78
N THR R 143 17.43 -4.64 74.44
CA THR R 143 18.34 -4.68 75.62
C THR R 143 19.53 -5.61 75.33
N ILE R 144 20.74 -5.19 75.71
CA ILE R 144 21.95 -6.03 75.51
C ILE R 144 21.86 -7.25 76.44
N LYS R 145 22.06 -8.45 75.90
CA LYS R 145 21.90 -9.69 76.69
C LYS R 145 23.08 -9.81 77.65
N ASN R 146 24.30 -9.86 77.09
CA ASN R 146 25.53 -9.94 77.94
C ASN R 146 26.11 -8.54 78.18
N GLU R 147 26.10 -8.10 79.44
CA GLU R 147 26.70 -6.79 79.79
C GLU R 147 27.87 -7.03 80.76
N ASP R 148 27.81 -8.08 81.57
CA ASP R 148 28.87 -8.32 82.60
C ASP R 148 30.22 -8.59 81.93
N GLU R 149 30.24 -9.37 80.84
CA GLU R 149 31.49 -9.64 80.10
C GLU R 149 32.01 -8.34 79.48
N ASN R 150 31.13 -7.41 79.12
CA ASN R 150 31.57 -6.18 78.41
C ASN R 150 31.51 -4.97 79.34
N ILE R 151 31.79 -5.15 80.64
CA ILE R 151 31.81 -3.99 81.59
C ILE R 151 32.94 -3.02 81.21
N GLY R 152 34.08 -3.53 80.73
CA GLY R 152 35.23 -2.65 80.40
C GLY R 152 34.86 -1.63 79.34
N LEU R 153 33.97 -1.99 78.42
CA LEU R 153 33.59 -1.08 77.31
C LEU R 153 33.03 0.19 77.94
N LYS R 154 32.27 0.05 79.03
CA LYS R 154 31.63 1.23 79.68
C LYS R 154 32.72 2.19 80.17
N LYS R 155 33.82 1.67 80.72
CA LYS R 155 34.88 2.55 81.27
C LYS R 155 35.44 3.44 80.16
N TYR R 156 35.64 2.89 78.97
CA TYR R 156 36.10 3.73 77.83
C TYR R 156 35.03 4.75 77.43
N VAL R 157 33.76 4.37 77.44
CA VAL R 157 32.69 5.31 76.95
C VAL R 157 32.59 6.55 77.83
N ASP R 158 32.50 6.39 79.15
CA ASP R 158 32.27 7.57 80.03
C ASP R 158 33.50 8.47 80.11
N SER R 159 34.66 8.00 79.60
CA SER R 159 35.85 8.82 79.63
C SER R 159 35.76 10.00 78.67
N LEU R 160 34.87 9.91 77.67
CA LEU R 160 34.71 11.01 76.69
C LEU R 160 34.01 12.20 77.33
N SER R 161 34.12 13.38 76.70
CA SER R 161 33.42 14.59 77.21
C SER R 161 31.93 14.43 76.92
N ALA R 162 31.09 15.19 77.62
CA ALA R 162 29.63 14.99 77.48
C ALA R 162 29.22 15.23 76.03
N GLY R 163 29.76 16.26 75.38
CA GLY R 163 29.33 16.56 74.01
C GLY R 163 29.64 15.42 73.06
N LEU R 164 30.84 14.84 73.16
CA LEU R 164 31.21 13.68 72.31
C LEU R 164 30.30 12.50 72.65
N LYS R 165 30.03 12.27 73.95
CA LYS R 165 29.24 11.07 74.34
C LYS R 165 27.83 11.17 73.73
N ASN R 166 27.23 12.35 73.77
CA ASN R 166 25.88 12.54 73.19
C ASN R 166 25.96 12.24 71.70
N LEU R 167 27.02 12.69 71.03
CA LEU R 167 27.18 12.41 69.58
C LEU R 167 27.25 10.89 69.35
N LEU R 168 28.07 10.19 70.13
CA LEU R 168 28.26 8.74 69.89
C LEU R 168 26.92 8.02 70.07
N PHE R 169 26.15 8.41 71.09
CA PHE R 169 24.86 7.72 71.37
C PHE R 169 23.91 7.95 70.19
N LYS R 170 23.91 9.16 69.61
CA LYS R 170 23.05 9.40 68.44
C LYS R 170 23.49 8.45 67.31
N LYS R 171 24.80 8.29 67.09
CA LYS R 171 25.27 7.46 65.96
C LYS R 171 24.83 6.00 66.16
N ILE R 172 25.00 5.46 67.37
CA ILE R 172 24.66 4.02 67.59
C ILE R 172 23.16 3.83 67.37
N ASN R 173 22.35 4.78 67.85
CA ASN R 173 20.87 4.65 67.73
C ASN R 173 20.45 4.80 66.27
N GLN R 174 20.95 5.84 65.57
CA GLN R 174 20.49 6.05 64.17
C GLN R 174 20.70 4.74 63.39
N LYS R 175 21.86 4.14 63.51
CA LYS R 175 22.17 2.90 62.76
C LYS R 175 21.20 1.80 63.18
N LEU R 176 21.01 1.61 64.48
CA LEU R 176 20.11 0.52 64.97
C LEU R 176 18.72 0.73 64.37
N SER R 177 18.21 1.96 64.42
CA SER R 177 16.83 2.23 63.95
C SER R 177 16.72 1.89 62.46
N GLY R 178 17.74 2.28 61.68
CA GLY R 178 17.73 1.93 60.25
C GLY R 178 17.78 0.43 60.06
N TYR R 179 18.65 -0.25 60.80
CA TYR R 179 18.81 -1.71 60.63
C TYR R 179 17.47 -2.40 60.90
N VAL R 180 16.92 -2.25 62.12
CA VAL R 180 15.67 -2.99 62.48
C VAL R 180 14.53 -2.57 61.55
N SER R 181 14.38 -1.28 61.27
CA SER R 181 13.24 -0.83 60.45
C SER R 181 13.31 -1.46 59.05
N GLU R 182 14.51 -1.50 58.46
CA GLU R 182 14.66 -2.04 57.09
C GLU R 182 14.27 -3.53 57.09
N ILE R 183 14.68 -4.27 58.11
CA ILE R 183 14.36 -5.72 58.17
C ILE R 183 12.84 -5.89 58.23
N ILE R 184 12.15 -5.15 59.12
CA ILE R 184 10.69 -5.35 59.31
C ILE R 184 9.95 -4.97 58.02
N VAL R 185 10.27 -3.83 57.43
CA VAL R 185 9.48 -3.35 56.25
C VAL R 185 9.42 -4.47 55.20
N LYS R 186 10.49 -5.25 55.04
CA LYS R 186 10.49 -6.29 53.97
C LYS R 186 9.50 -7.39 54.33
N ASN R 187 9.53 -7.88 55.58
CA ASN R 187 8.68 -9.05 55.96
C ASN R 187 7.19 -8.70 55.95
N ILE R 188 6.81 -7.48 56.34
CA ILE R 188 5.35 -7.14 56.45
C ILE R 188 4.91 -6.31 55.25
N ASP R 189 3.80 -6.70 54.61
CA ASP R 189 3.24 -5.93 53.44
C ASP R 189 2.56 -4.65 53.95
N ASP R 190 2.47 -3.63 53.10
CA ASP R 190 1.91 -2.32 53.54
C ASP R 190 0.38 -2.36 53.59
N ILE R 191 -0.21 -1.57 54.49
CA ILE R 191 -1.70 -1.46 54.56
C ILE R 191 -2.05 0.03 54.47
N GLU R 192 -2.90 0.44 53.53
CA GLU R 192 -3.24 1.88 53.36
C GLU R 192 -4.51 2.22 54.15
N GLU R 193 -4.54 3.38 54.81
CA GLU R 193 -5.72 3.76 55.66
C GLU R 193 -6.93 4.14 54.81
N LEU R 194 -8.14 3.90 55.32
CA LEU R 194 -9.38 4.27 54.59
C LEU R 194 -9.50 5.79 54.43
N PHE R 195 -9.25 6.55 55.50
CA PHE R 195 -9.45 8.03 55.45
C PHE R 195 -8.10 8.72 55.21
N LYS R 201 -1.07 13.10 53.46
CA LYS R 201 -2.47 12.69 53.72
C LYS R 201 -2.49 11.22 54.17
N SER R 202 -2.65 10.29 53.22
CA SER R 202 -2.72 8.85 53.57
C SER R 202 -1.39 8.41 54.18
N THR R 203 -1.44 7.59 55.24
CA THR R 203 -0.21 7.09 55.90
C THR R 203 -0.14 5.57 55.74
N THR R 204 0.67 5.08 54.80
CA THR R 204 0.78 3.62 54.56
C THR R 204 1.57 2.99 55.72
N LEU R 205 1.44 1.68 55.91
CA LEU R 205 2.12 1.01 57.06
C LEU R 205 3.63 1.17 56.93
N HIS R 206 4.18 1.01 55.72
CA HIS R 206 5.66 1.07 55.56
C HIS R 206 6.17 2.44 56.01
N LYS R 207 5.46 3.51 55.65
CA LYS R 207 5.93 4.87 56.02
C LYS R 207 5.97 4.97 57.54
N GLU R 208 4.94 4.44 58.21
CA GLU R 208 4.90 4.50 59.69
C GLU R 208 6.06 3.69 60.26
N ILE R 209 6.36 2.52 59.68
CA ILE R 209 7.44 1.65 60.23
C ILE R 209 8.77 2.41 60.12
N LEU R 210 9.01 3.05 58.98
CA LEU R 210 10.30 3.78 58.77
C LEU R 210 10.39 4.92 59.79
N GLN R 211 9.28 5.62 60.02
CA GLN R 211 9.26 6.75 60.99
C GLN R 211 9.60 6.21 62.37
N THR R 212 9.08 5.02 62.71
CA THR R 212 9.31 4.45 64.07
C THR R 212 10.81 4.39 64.38
N ASP R 213 11.20 4.71 65.61
CA ASP R 213 12.63 4.71 66.01
C ASP R 213 12.88 3.68 67.12
N SER R 214 14.02 3.00 67.08
CA SER R 214 14.37 2.02 68.14
C SER R 214 15.58 2.51 68.92
N ARG R 215 15.48 2.56 70.25
CA ARG R 215 16.60 3.09 71.07
C ARG R 215 17.11 1.98 72.00
N LEU R 216 18.42 1.70 71.97
CA LEU R 216 18.99 0.62 72.81
C LEU R 216 18.93 1.01 74.28
N SER R 217 18.49 0.09 75.15
CA SER R 217 18.42 0.36 76.61
C SER R 217 19.44 -0.54 77.30
N SER R 218 20.53 0.03 77.82
CA SER R 218 21.60 -0.82 78.41
C SER R 218 22.40 -0.03 79.45
N ASP R 219 23.05 -0.74 80.39
CA ASP R 219 23.88 -0.08 81.43
C ASP R 219 25.06 0.64 80.80
N ILE R 220 25.70 0.02 79.79
CA ILE R 220 26.91 0.62 79.16
C ILE R 220 26.61 2.06 78.77
N PHE R 221 25.52 2.28 78.04
CA PHE R 221 25.17 3.65 77.58
C PHE R 221 24.15 4.24 78.56
N LYS R 222 24.48 5.34 79.24
CA LYS R 222 23.57 5.84 80.30
C LYS R 222 22.88 7.15 79.88
N GLU R 223 23.10 7.61 78.65
CA GLU R 223 22.51 8.92 78.24
C GLU R 223 22.11 8.86 76.77
N MET S 1 41.50 34.24 55.61
CA MET S 1 42.59 33.38 55.15
C MET S 1 42.75 32.17 56.05
N ILE S 2 42.80 30.97 55.45
CA ILE S 2 43.01 29.72 56.22
C ILE S 2 43.59 28.66 55.29
N ARG S 3 44.62 27.92 55.74
CA ARG S 3 45.18 26.83 54.91
C ARG S 3 45.54 25.61 55.76
N ASN S 4 45.51 24.42 55.18
CA ASN S 4 45.95 23.19 55.91
C ASN S 4 47.48 23.21 56.02
N ARG S 5 48.03 22.64 57.09
CA ARG S 5 49.49 22.67 57.32
C ARG S 5 50.04 21.26 57.07
N LEU S 6 49.29 20.40 56.37
CA LEU S 6 49.72 18.98 56.22
C LEU S 6 51.08 18.90 55.52
N SER S 7 51.31 19.70 54.48
CA SER S 7 52.56 19.57 53.71
C SER S 7 53.77 19.83 54.61
N GLU S 8 53.69 20.83 55.48
CA GLU S 8 54.82 21.19 56.36
C GLU S 8 54.99 20.10 57.42
N LEU S 9 53.90 19.67 58.06
CA LEU S 9 54.00 18.69 59.17
C LEU S 9 54.65 17.40 58.64
N LEU S 10 54.16 16.89 57.51
CA LEU S 10 54.70 15.62 56.95
C LEU S 10 56.20 15.78 56.66
N SER S 11 56.60 16.95 56.16
CA SER S 11 58.03 17.16 55.79
C SER S 11 58.91 17.07 57.04
N GLU S 12 58.49 17.71 58.14
CA GLU S 12 59.32 17.72 59.38
C GLU S 12 59.44 16.28 59.90
N ARG S 13 58.33 15.54 59.95
CA ARG S 13 58.35 14.15 60.45
C ARG S 13 59.03 13.24 59.41
N GLY S 14 59.08 13.67 58.16
CA GLY S 14 59.78 12.90 57.12
C GLY S 14 58.94 11.79 56.50
N LEU S 15 57.69 11.63 56.95
CA LEU S 15 56.79 10.61 56.33
C LEU S 15 56.49 10.97 54.87
N LYS S 16 56.47 9.97 53.99
CA LYS S 16 56.14 10.22 52.56
C LYS S 16 54.61 10.18 52.38
N ILE S 17 54.10 10.81 51.32
CA ILE S 17 52.63 10.88 51.09
C ILE S 17 52.11 9.45 50.91
N SER S 18 52.87 8.60 50.22
CA SER S 18 52.35 7.24 49.92
C SER S 18 52.11 6.46 51.22
N ARG S 19 53.05 6.50 52.16
CA ARG S 19 52.88 5.68 53.40
C ARG S 19 51.67 6.20 54.17
N VAL S 20 51.52 7.53 54.27
CA VAL S 20 50.42 8.10 55.09
C VAL S 20 49.10 7.64 54.46
N ALA S 21 48.99 7.70 53.14
CA ALA S 21 47.73 7.35 52.46
C ALA S 21 47.40 5.87 52.73
N LYS S 22 48.41 5.01 52.70
CA LYS S 22 48.18 3.55 52.91
C LYS S 22 47.67 3.32 54.33
N ASP S 23 48.23 4.02 55.32
CA ASP S 23 47.82 3.78 56.73
C ASP S 23 46.45 4.41 57.02
N VAL S 24 46.30 5.71 56.80
CA VAL S 24 45.03 6.39 57.19
C VAL S 24 43.90 5.94 56.26
N LYS S 25 44.20 5.07 55.29
CA LYS S 25 43.17 4.54 54.38
C LYS S 25 42.50 5.69 53.62
N ILE S 26 43.27 6.72 53.25
CA ILE S 26 42.71 7.83 52.43
C ILE S 26 43.37 7.74 51.05
N ALA S 27 42.58 7.87 49.97
CA ALA S 27 43.14 7.68 48.61
C ALA S 27 44.26 8.69 48.35
N ARG S 28 45.37 8.24 47.76
CA ARG S 28 46.54 9.12 47.51
C ARG S 28 46.13 10.41 46.80
N SER S 29 45.28 10.31 45.78
CA SER S 29 44.97 11.54 44.99
C SER S 29 44.36 12.60 45.90
N SER S 30 43.41 12.22 46.75
CA SER S 30 42.74 13.20 47.64
C SER S 30 43.77 13.78 48.62
N LEU S 31 44.62 12.93 49.19
CA LEU S 31 45.58 13.41 50.21
C LEU S 31 46.58 14.38 49.56
N THR S 32 46.99 14.11 48.32
CA THR S 32 47.93 15.01 47.59
C THR S 32 47.26 16.35 47.33
N SER S 33 46.02 16.33 46.84
CA SER S 33 45.29 17.59 46.60
C SER S 33 45.18 18.36 47.91
N MET S 34 44.80 17.69 48.99
CA MET S 34 44.67 18.33 50.32
C MET S 34 46.05 18.74 50.85
N ALA S 35 47.11 18.05 50.44
CA ALA S 35 48.47 18.49 50.87
C ALA S 35 48.66 19.90 50.29
N GLN S 36 48.24 20.11 49.04
CA GLN S 36 48.24 21.48 48.48
C GLN S 36 46.96 22.14 48.99
N ASN S 37 46.77 23.44 48.82
CA ASN S 37 45.53 24.02 49.39
C ASN S 37 44.47 24.04 48.30
N ASP S 38 44.65 23.25 47.24
CA ASP S 38 43.74 23.26 46.07
C ASP S 38 42.30 22.87 46.47
N SER S 39 42.12 21.84 47.30
CA SER S 39 40.74 21.37 47.62
C SER S 39 39.92 22.51 48.25
N GLU S 40 38.60 22.48 48.11
CA GLU S 40 37.74 23.53 48.70
C GLU S 40 37.12 23.02 50.01
N MET S 41 36.80 21.73 50.09
CA MET S 41 36.14 21.17 51.30
C MET S 41 36.96 20.01 51.89
N ILE S 42 36.91 19.82 53.21
CA ILE S 42 37.64 18.70 53.88
C ILE S 42 36.66 17.89 54.72
N ARG S 43 36.70 16.55 54.62
CA ARG S 43 35.70 15.72 55.35
C ARG S 43 36.13 15.58 56.82
N TYR S 44 35.18 15.69 57.75
CA TYR S 44 35.53 15.59 59.19
C TYR S 44 36.37 14.34 59.43
N ASP S 45 36.07 13.25 58.73
CA ASP S 45 36.80 11.98 58.97
C ASP S 45 38.30 12.21 58.73
N ALA S 46 38.64 12.95 57.67
CA ALA S 46 40.06 13.18 57.34
C ALA S 46 40.75 13.96 58.46
N ILE S 47 40.06 14.94 59.04
CA ILE S 47 40.70 15.79 60.09
C ILE S 47 41.07 14.89 61.27
N ASP S 48 40.21 13.93 61.64
CA ASP S 48 40.49 13.12 62.86
C ASP S 48 41.54 12.03 62.55
N LYS S 49 41.38 11.31 61.45
CA LYS S 49 42.33 10.21 61.16
C LYS S 49 43.75 10.78 61.17
N LEU S 50 43.99 11.86 60.44
CA LEU S 50 45.35 12.45 60.34
C LEU S 50 45.78 12.95 61.72
N CYS S 51 44.89 13.62 62.46
CA CYS S 51 45.27 14.22 63.76
C CYS S 51 45.64 13.11 64.76
N SER S 52 44.94 11.98 64.74
CA SER S 52 45.31 10.86 65.60
C SER S 52 46.61 10.22 65.13
N TYR S 53 46.84 10.22 63.81
CA TYR S 53 48.03 9.53 63.26
C TYR S 53 49.31 10.30 63.55
N LEU S 54 49.25 11.64 63.52
CA LEU S 54 50.48 12.46 63.73
C LEU S 54 50.49 13.07 65.13
N HIS S 55 49.58 12.62 66.00
CA HIS S 55 49.56 13.11 67.40
C HIS S 55 49.56 14.65 67.35
N ILE S 56 48.74 15.22 66.48
CA ILE S 56 48.65 16.69 66.36
C ILE S 56 47.22 17.12 66.74
N SER S 57 47.09 18.19 67.53
CA SER S 57 45.75 18.72 67.87
C SER S 57 45.14 19.39 66.63
N PRO S 58 43.81 19.59 66.54
CA PRO S 58 43.21 20.19 65.37
C PRO S 58 43.79 21.59 65.16
N SER S 59 44.15 22.26 66.25
CA SER S 59 44.72 23.63 66.19
C SER S 59 45.88 23.65 65.22
N GLU S 60 46.81 22.71 65.39
CA GLU S 60 48.06 22.68 64.59
C GLU S 60 47.73 22.50 63.10
N PHE S 61 46.73 21.66 62.78
CA PHE S 61 46.45 21.36 61.36
C PHE S 61 46.07 22.63 60.59
N PHE S 62 45.38 23.58 61.22
CA PHE S 62 44.91 24.74 60.41
C PHE S 62 45.61 26.02 60.86
N GLU S 63 46.03 26.85 59.90
CA GLU S 63 46.63 28.17 60.25
C GLU S 63 45.61 29.26 59.91
N HIS S 64 45.33 30.18 60.84
CA HIS S 64 44.28 31.16 60.60
C HIS S 64 44.84 32.57 60.81
N ASN S 65 44.22 33.53 60.11
CA ASN S 65 44.54 34.93 60.21
C ASN S 65 43.25 35.69 59.93
N PRO S 66 42.89 36.66 60.77
CA PRO S 66 41.58 37.33 60.58
C PRO S 66 41.49 38.17 59.32
N ILE S 67 42.61 38.48 58.65
CA ILE S 67 42.55 39.29 57.45
C ILE S 67 41.83 38.53 56.34
N ASN S 68 41.29 39.28 55.39
CA ASN S 68 40.53 38.69 54.29
C ASN S 68 40.59 39.61 53.08
N PHE S 69 40.99 39.08 51.92
CA PHE S 69 41.15 39.94 50.71
C PHE S 69 40.12 39.54 49.65
N ASP S 70 39.67 40.51 48.84
CA ASP S 70 38.71 40.22 47.74
C ASP S 70 39.22 40.87 46.45
N PHE S 71 39.07 40.19 45.32
CA PHE S 71 39.56 40.71 44.01
C PHE S 71 38.43 40.66 43.00
N THR S 72 38.16 41.78 42.31
CA THR S 72 37.12 41.79 41.24
C THR S 72 37.76 42.29 39.94
N PHE S 73 37.46 41.63 38.81
CA PHE S 73 38.08 41.99 37.51
C PHE S 73 37.04 42.70 36.64
N ASP S 74 37.45 43.73 35.90
CA ASP S 74 36.48 44.52 35.09
C ASP S 74 35.76 43.61 34.09
N GLU S 75 34.44 43.76 33.99
CA GLU S 75 33.66 42.97 33.00
C GLU S 75 34.09 43.38 31.59
N GLU S 76 34.34 44.67 31.38
CA GLU S 76 34.73 45.17 30.03
C GLU S 76 36.20 45.60 30.06
N PRO S 77 37.15 44.81 29.50
CA PRO S 77 38.54 45.21 29.43
C PRO S 77 38.84 45.88 28.07
N ASN S 78 39.98 46.55 27.94
CA ASN S 78 40.36 47.12 26.62
C ASN S 78 41.45 46.24 26.02
N TYR S 79 41.16 45.56 24.90
CA TYR S 79 42.16 44.60 24.36
C TYR S 79 42.33 44.77 22.86
N LYS S 80 43.58 44.76 22.37
CA LYS S 80 43.80 44.78 20.90
C LYS S 80 44.78 43.66 20.55
N ILE S 81 44.36 42.72 19.71
CA ILE S 81 45.24 41.56 19.35
C ILE S 81 45.42 41.53 17.83
N ASN S 82 46.67 41.46 17.35
CA ASN S 82 46.94 41.49 15.89
C ASN S 82 47.53 40.13 15.46
N ASP S 83 46.89 39.46 14.50
CA ASP S 83 47.39 38.15 14.01
C ASP S 83 48.76 38.36 13.35
N VAL S 84 49.72 37.48 13.61
CA VAL S 84 51.11 37.67 13.06
C VAL S 84 51.35 36.75 11.87
N PHE S 85 50.52 35.72 11.69
CA PHE S 85 50.74 34.74 10.59
C PHE S 85 52.13 34.12 10.77
N GLU S 86 52.99 34.18 9.73
CA GLU S 86 54.39 33.70 9.86
C GLU S 86 54.43 32.17 10.07
N GLY S 87 53.43 31.44 9.56
CA GLY S 87 53.47 29.97 9.60
C GLY S 87 53.66 29.32 10.96
N PHE S 88 53.00 29.83 12.01
CA PHE S 88 53.05 29.18 13.33
C PHE S 88 52.85 27.67 13.21
N GLU S 89 52.08 27.21 12.24
CA GLU S 89 51.74 25.76 12.16
C GLU S 89 52.99 24.89 12.22
N VAL S 90 54.08 25.30 11.57
CA VAL S 90 55.32 24.48 11.55
C VAL S 90 55.92 24.43 12.96
N THR S 91 56.33 25.58 13.51
CA THR S 91 57.00 25.60 14.84
C THR S 91 56.02 26.16 15.87
N ALA S 92 55.83 25.48 17.01
CA ALA S 92 54.80 25.92 17.97
C ALA S 92 55.36 27.05 18.85
N ASN S 93 55.53 28.24 18.28
CA ASN S 93 55.96 29.41 19.08
C ASN S 93 54.79 30.39 19.07
N ILE S 94 54.07 30.51 20.18
CA ILE S 94 52.84 31.35 20.23
C ILE S 94 53.08 32.70 19.56
N THR S 95 54.24 33.31 19.82
CA THR S 95 54.46 34.69 19.31
C THR S 95 54.11 34.77 17.81
N HIS S 96 54.45 33.72 17.06
CA HIS S 96 54.18 33.72 15.58
C HIS S 96 52.67 33.74 15.34
N ALA S 97 51.91 33.01 16.15
CA ALA S 97 50.45 32.91 15.93
C ALA S 97 49.75 34.27 16.14
N PHE S 98 50.08 35.00 17.21
CA PHE S 98 49.36 36.28 17.49
C PHE S 98 50.23 37.22 18.32
N SER S 99 49.94 38.52 18.25
CA SER S 99 50.67 39.53 19.06
C SER S 99 49.66 40.45 19.76
N ILE S 100 49.88 40.74 21.04
CA ILE S 100 48.97 41.65 21.80
C ILE S 100 49.48 43.09 21.64
N GLU S 101 48.72 43.95 20.95
CA GLU S 101 49.14 45.37 20.84
C GLU S 101 49.02 46.05 22.20
N ASN S 102 47.87 45.92 22.88
CA ASN S 102 47.72 46.50 24.24
C ASN S 102 46.50 45.89 24.97
N PHE S 103 46.71 45.38 26.17
CA PHE S 103 45.61 44.79 26.99
C PHE S 103 45.67 45.42 28.38
N ASP S 104 44.74 46.30 28.70
CA ASP S 104 44.75 46.99 30.02
C ASP S 104 43.37 46.91 30.68
N PHE S 105 43.33 46.83 32.01
CA PHE S 105 42.03 46.70 32.73
C PHE S 105 42.26 47.04 34.20
N GLU S 106 41.21 46.94 35.03
CA GLU S 106 41.34 47.34 36.45
C GLU S 106 40.96 46.17 37.35
N ILE S 107 41.70 45.97 38.46
CA ILE S 107 41.31 44.93 39.45
C ILE S 107 40.99 45.65 40.76
N LEU S 108 39.79 45.46 41.32
CA LEU S 108 39.39 46.19 42.55
C LEU S 108 39.63 45.29 43.77
N VAL S 109 40.46 45.73 44.72
CA VAL S 109 40.80 44.88 45.89
C VAL S 109 40.27 45.52 47.18
N ASP S 110 39.57 44.74 48.02
CA ASP S 110 39.04 45.26 49.30
C ASP S 110 39.71 44.55 50.48
N VAL S 111 40.57 45.25 51.23
CA VAL S 111 41.29 44.62 52.36
C VAL S 111 40.45 44.79 53.62
N GLU S 112 39.69 43.76 53.98
CA GLU S 112 38.78 43.89 55.15
C GLU S 112 39.59 43.63 56.43
N LEU S 113 39.56 44.57 57.38
CA LEU S 113 40.38 44.41 58.61
C LEU S 113 39.69 43.43 59.55
N ASP S 114 40.30 43.13 60.70
CA ASP S 114 39.63 42.25 61.70
C ASP S 114 38.37 42.99 62.15
N ASN S 115 38.47 44.30 62.38
CA ASN S 115 37.27 45.11 62.73
C ASN S 115 36.37 45.17 61.50
N ARG S 116 35.14 45.63 61.65
CA ARG S 116 34.18 45.69 60.52
C ARG S 116 34.72 46.62 59.45
N GLN S 117 35.54 47.61 59.83
CA GLN S 117 36.03 48.62 58.84
C GLN S 117 36.79 47.93 57.70
N LYS S 118 36.59 48.41 56.47
CA LYS S 118 37.29 47.83 55.31
C LYS S 118 37.99 48.97 54.54
N LEU S 119 39.07 48.66 53.83
CA LEU S 119 39.76 49.69 53.00
C LEU S 119 39.63 49.27 51.53
N ASN S 120 39.47 50.25 50.63
CA ASN S 120 39.34 49.94 49.19
C ASN S 120 40.57 50.41 48.43
N PHE S 121 41.21 49.53 47.67
CA PHE S 121 42.35 49.95 46.82
C PHE S 121 42.04 49.54 45.38
N ASP S 122 42.33 50.43 44.42
CA ASP S 122 42.00 50.13 43.00
C ASP S 122 43.29 49.98 42.20
N LEU S 123 43.49 48.83 41.56
CA LEU S 123 44.76 48.58 40.82
C LEU S 123 44.48 48.62 39.31
N ASP S 124 45.31 49.32 38.54
CA ASP S 124 45.17 49.33 37.06
C ASP S 124 46.31 48.49 36.50
N VAL S 125 46.01 47.48 35.70
CA VAL S 125 47.09 46.54 35.21
C VAL S 125 47.16 46.59 33.68
N SER S 126 48.38 46.66 33.14
CA SER S 126 48.55 46.76 31.66
C SER S 126 49.57 45.72 31.16
N TYR S 127 49.51 45.39 29.86
CA TYR S 127 50.44 44.42 29.25
C TYR S 127 51.82 45.07 29.08
N LYS S 128 52.90 44.31 29.28
CA LYS S 128 54.27 44.86 29.16
C LYS S 128 55.03 44.10 28.08
N GLU S 129 55.11 42.77 28.19
CA GLU S 129 55.89 41.98 27.24
C GLU S 129 55.55 40.51 27.43
N THR S 130 55.95 39.67 26.47
CA THR S 130 55.74 38.20 26.62
C THR S 130 57.08 37.50 26.82
N GLU S 131 57.43 37.18 28.07
CA GLU S 131 58.73 36.53 28.38
C GLU S 131 58.70 35.06 27.95
N LYS S 132 59.85 34.52 27.56
CA LYS S 132 59.97 33.09 27.15
C LYS S 132 60.61 32.30 28.29
N ILE S 133 59.80 31.68 29.16
CA ILE S 133 60.35 30.94 30.32
C ILE S 133 61.19 29.76 29.81
N THR S 134 60.70 29.05 28.80
CA THR S 134 61.45 27.93 28.17
C THR S 134 61.23 27.99 26.66
N ASN S 135 61.97 27.21 25.87
CA ASN S 135 61.82 27.33 24.40
C ASN S 135 60.37 27.04 23.99
N SER S 136 59.74 26.03 24.60
CA SER S 136 58.36 25.65 24.19
C SER S 136 57.28 26.40 24.95
N GLN S 137 57.61 27.12 26.03
CA GLN S 137 56.54 27.77 26.85
C GLN S 137 56.86 29.23 27.12
N HIS S 138 55.83 30.09 27.17
CA HIS S 138 56.02 31.54 27.45
C HIS S 138 55.08 31.97 28.58
N ARG S 139 55.39 33.10 29.23
CA ARG S 139 54.52 33.64 30.30
C ARG S 139 54.26 35.12 30.02
N PHE S 140 53.01 35.48 29.74
CA PHE S 140 52.68 36.91 29.52
C PHE S 140 52.96 37.65 30.83
N ILE S 141 53.58 38.83 30.74
CA ILE S 141 53.92 39.59 31.98
C ILE S 141 53.11 40.88 32.01
N PHE S 142 52.35 41.10 33.09
CA PHE S 142 51.52 42.33 33.21
C PHE S 142 52.01 43.14 34.41
N THR S 143 52.12 44.46 34.25
CA THR S 143 52.66 45.32 35.32
C THR S 143 51.58 46.31 35.79
N ILE S 144 51.46 46.51 37.10
CA ILE S 144 50.47 47.49 37.65
C ILE S 144 50.91 48.90 37.27
N LYS S 145 50.00 49.69 36.70
CA LYS S 145 50.36 51.05 36.21
C LYS S 145 50.55 51.97 37.43
N ASN S 146 49.51 52.11 38.24
CA ASN S 146 49.61 52.95 39.48
C ASN S 146 49.98 52.09 40.69
N GLU S 147 51.15 52.33 41.26
CA GLU S 147 51.56 51.60 42.49
C GLU S 147 51.74 52.59 43.64
N ASP S 148 52.12 53.84 43.32
CA ASP S 148 52.39 54.85 44.39
C ASP S 148 51.12 55.16 45.19
N GLU S 149 49.99 55.29 44.50
CA GLU S 149 48.69 55.54 45.20
C GLU S 149 48.33 54.33 46.07
N ASN S 150 48.73 53.13 45.66
CA ASN S 150 48.31 51.91 46.40
C ASN S 150 49.48 51.33 47.21
N ILE S 151 50.36 52.17 47.74
CA ILE S 151 51.49 51.69 48.60
C ILE S 151 50.95 51.03 49.87
N GLY S 152 49.86 51.57 50.43
CA GLY S 152 49.32 51.05 51.70
C GLY S 152 48.93 49.59 51.57
N LEU S 153 48.47 49.18 50.38
CA LEU S 153 48.00 47.79 50.17
C LEU S 153 49.18 46.87 50.50
N LYS S 154 50.40 47.27 50.12
CA LYS S 154 51.59 46.41 50.35
C LYS S 154 51.78 46.18 51.85
N LYS S 155 51.54 47.20 52.68
CA LYS S 155 51.77 47.07 54.14
C LYS S 155 50.87 45.96 54.70
N TYR S 156 49.62 45.91 54.25
CA TYR S 156 48.70 44.83 54.70
C TYR S 156 49.19 43.47 54.18
N VAL S 157 49.68 43.39 52.94
CA VAL S 157 50.05 42.07 52.36
C VAL S 157 51.21 41.43 53.12
N ASP S 158 52.30 42.16 53.36
CA ASP S 158 53.50 41.53 53.99
C ASP S 158 53.25 41.21 55.46
N SER S 159 52.16 41.69 56.05
CA SER S 159 51.86 41.38 57.44
C SER S 159 51.47 39.93 57.64
N LEU S 160 51.04 39.27 56.56
CA LEU S 160 50.62 37.84 56.66
C LEU S 160 51.85 36.94 56.84
N SER S 161 51.64 35.71 57.30
CA SER S 161 52.74 34.74 57.45
C SER S 161 53.17 34.29 56.05
N ALA S 162 54.38 33.74 55.92
CA ALA S 162 54.89 33.39 54.57
C ALA S 162 53.94 32.38 53.90
N GLY S 163 53.47 31.39 54.66
CA GLY S 163 52.62 30.35 54.04
C GLY S 163 51.34 30.94 53.48
N LEU S 164 50.69 31.82 54.23
CA LEU S 164 49.45 32.49 53.73
C LEU S 164 49.81 33.36 52.52
N LYS S 165 50.93 34.08 52.58
CA LYS S 165 51.27 35.01 51.46
C LYS S 165 51.46 34.23 50.16
N ASN S 166 52.13 33.08 50.25
CA ASN S 166 52.34 32.25 49.03
C ASN S 166 50.97 31.80 48.51
N LEU S 167 50.05 31.44 49.41
CA LEU S 167 48.70 31.02 48.97
C LEU S 167 48.02 32.19 48.25
N LEU S 168 48.06 33.39 48.82
CA LEU S 168 47.34 34.55 48.23
C LEU S 168 47.89 34.81 46.82
N PHE S 169 49.22 34.74 46.67
CA PHE S 169 49.85 35.04 45.36
C PHE S 169 49.39 34.00 44.33
N LYS S 170 49.28 32.74 44.74
CA LYS S 170 48.76 31.72 43.79
C LYS S 170 47.35 32.10 43.37
N LYS S 171 46.51 32.52 44.31
CA LYS S 171 45.09 32.82 43.97
C LYS S 171 45.01 33.99 42.99
N ILE S 172 45.78 35.06 43.22
CA ILE S 172 45.68 36.24 42.32
C ILE S 172 46.15 35.84 40.92
N ASN S 173 47.22 35.03 40.84
CA ASN S 173 47.78 34.64 39.53
C ASN S 173 46.80 33.70 38.81
N GLN S 174 46.30 32.67 39.51
CA GLN S 174 45.43 31.68 38.81
C GLN S 174 44.28 32.44 38.14
N LYS S 175 43.64 33.36 38.85
CA LYS S 175 42.50 34.13 38.30
C LYS S 175 42.97 34.94 37.09
N LEU S 176 44.09 35.66 37.23
CA LEU S 176 44.59 36.51 36.11
C LEU S 176 44.81 35.63 34.89
N SER S 177 45.47 34.49 35.06
CA SER S 177 45.80 33.61 33.91
C SER S 177 44.51 33.16 33.23
N GLY S 178 43.51 32.77 34.01
CA GLY S 178 42.22 32.38 33.42
C GLY S 178 41.57 33.54 32.69
N TYR S 179 41.58 34.72 33.30
CA TYR S 179 40.92 35.91 32.69
C TYR S 179 41.57 36.20 31.33
N VAL S 180 42.88 36.48 31.31
CA VAL S 180 43.54 36.88 30.03
C VAL S 180 43.43 35.74 29.01
N SER S 181 43.66 34.50 29.42
CA SER S 181 43.65 33.38 28.44
C SER S 181 42.27 33.29 27.79
N GLU S 182 41.20 33.39 28.59
CA GLU S 182 39.83 33.24 28.04
C GLU S 182 39.56 34.34 27.02
N ILE S 183 40.00 35.56 27.31
CA ILE S 183 39.75 36.69 26.37
C ILE S 183 40.47 36.40 25.05
N ILE S 184 41.74 36.01 25.10
CA ILE S 184 42.53 35.81 23.85
C ILE S 184 41.93 34.67 23.02
N VAL S 185 41.63 33.53 23.65
CA VAL S 185 41.17 32.34 22.88
C VAL S 185 39.98 32.75 22.00
N LYS S 186 39.11 33.64 22.47
CA LYS S 186 37.91 33.99 21.66
C LYS S 186 38.34 34.79 20.42
N ASN S 187 39.20 35.79 20.58
CA ASN S 187 39.57 36.66 19.44
C ASN S 187 40.37 35.92 18.36
N ILE S 188 41.24 34.98 18.74
CA ILE S 188 42.12 34.32 17.72
C ILE S 188 41.59 32.91 17.40
N ASP S 189 41.46 32.60 16.10
CA ASP S 189 40.99 31.25 15.65
C ASP S 189 42.11 30.23 15.86
N ASP S 190 41.76 28.94 16.01
CA ASP S 190 42.79 27.90 16.30
C ASP S 190 43.54 27.49 15.03
N ILE S 191 44.80 27.08 15.18
CA ILE S 191 45.59 26.58 14.01
C ILE S 191 46.14 25.20 14.42
N GLU S 192 45.88 24.17 13.62
CA GLU S 192 46.33 22.78 13.97
C GLU S 192 47.68 22.50 13.31
N GLU S 193 48.61 21.85 14.03
CA GLU S 193 49.97 21.58 13.49
C GLU S 193 49.95 20.49 12.41
N LEU S 194 50.87 20.55 11.45
CA LEU S 194 50.96 19.53 10.38
C LEU S 194 51.34 18.16 10.96
N PHE S 195 52.35 18.12 11.83
CA PHE S 195 52.84 16.82 12.36
C PHE S 195 52.23 16.54 13.73
N LYS S 201 48.81 14.22 21.13
CA LYS S 201 49.55 14.26 19.84
C LYS S 201 49.49 15.67 19.26
N SER S 202 48.49 15.95 18.41
CA SER S 202 48.38 17.28 17.77
C SER S 202 48.13 18.36 18.84
N THR S 203 48.78 19.51 18.71
CA THR S 203 48.60 20.61 19.70
C THR S 203 47.97 21.81 19.00
N THR S 204 46.67 22.01 19.15
CA THR S 204 45.98 23.15 18.48
C THR S 204 46.37 24.45 19.18
N LEU S 205 46.19 25.59 18.50
CA LEU S 205 46.62 26.89 19.09
C LEU S 205 45.84 27.15 20.39
N HIS S 206 44.54 26.88 20.41
CA HIS S 206 43.74 27.20 21.61
C HIS S 206 44.29 26.44 22.81
N LYS S 207 44.64 25.17 22.63
CA LYS S 207 45.14 24.36 23.77
C LYS S 207 46.41 25.02 24.31
N GLU S 208 47.30 25.45 23.41
CA GLU S 208 48.56 26.11 23.83
C GLU S 208 48.24 27.39 24.58
N ILE S 209 47.27 28.18 24.10
CA ILE S 209 46.94 29.48 24.75
C ILE S 209 46.46 29.21 26.17
N LEU S 210 45.59 28.21 26.35
CA LEU S 210 45.04 27.90 27.70
C LEU S 210 46.19 27.46 28.62
N GLN S 211 47.12 26.66 28.09
CA GLN S 211 48.27 26.18 28.89
C GLN S 211 49.09 27.39 29.33
N THR S 212 49.25 28.38 28.44
CA THR S 212 50.11 29.55 28.76
C THR S 212 49.64 30.21 30.06
N ASP S 213 50.57 30.64 30.90
CA ASP S 213 50.23 31.28 32.21
C ASP S 213 50.72 32.73 32.25
N SER S 214 49.94 33.61 32.86
CA SER S 214 50.36 35.04 33.00
C SER S 214 50.59 35.37 34.47
N ARG S 215 51.75 35.93 34.80
CA ARG S 215 52.07 36.22 36.23
C ARG S 215 52.26 37.73 36.40
N LEU S 216 51.55 38.35 37.34
CA LEU S 216 51.63 39.82 37.55
C LEU S 216 53.01 40.17 38.12
N SER S 217 53.65 41.20 37.58
CA SER S 217 54.98 41.66 38.08
C SER S 217 54.80 43.03 38.70
N SER S 218 54.89 43.14 40.02
CA SER S 218 54.62 44.45 40.69
C SER S 218 55.35 44.54 42.03
N ASP S 219 55.60 45.76 42.50
CA ASP S 219 56.28 45.97 43.81
C ASP S 219 55.41 45.43 44.96
N ILE S 220 54.10 45.66 44.89
CA ILE S 220 53.18 45.24 45.99
C ILE S 220 53.45 43.76 46.31
N PHE S 221 53.42 42.90 45.29
CA PHE S 221 53.62 41.44 45.53
C PHE S 221 55.08 41.12 45.24
N LYS S 222 55.83 40.63 46.23
CA LYS S 222 57.29 40.44 46.04
C LYS S 222 57.66 38.96 45.96
N GLU S 223 56.68 38.06 46.00
CA GLU S 223 57.01 36.61 46.01
C GLU S 223 55.96 35.82 45.21
N ASP T 30 53.44 48.62 12.97
CA ASP T 30 53.84 48.62 11.53
C ASP T 30 52.92 47.66 10.77
N ILE T 31 52.09 48.19 9.88
CA ILE T 31 51.16 47.34 9.07
C ILE T 31 52.03 46.42 8.20
N LEU T 32 53.14 46.91 7.68
CA LEU T 32 54.06 46.07 6.86
C LEU T 32 54.49 44.86 7.69
N THR T 33 55.03 45.11 8.89
CA THR T 33 55.53 44.01 9.78
C THR T 33 54.37 43.11 10.19
N GLN T 34 53.18 43.68 10.43
CA GLN T 34 52.02 42.87 10.85
C GLN T 34 51.75 41.84 9.76
N LEU T 35 51.81 42.25 8.49
CA LEU T 35 51.69 41.27 7.38
C LEU T 35 53.10 40.72 7.10
N GLY T 36 53.23 39.83 6.12
CA GLY T 36 54.53 39.18 5.89
C GLY T 36 55.37 39.92 4.85
N VAL T 37 54.92 41.10 4.41
CA VAL T 37 55.64 41.79 3.30
C VAL T 37 57.09 42.03 3.74
N LYS T 38 58.06 41.74 2.87
CA LYS T 38 59.50 41.88 3.22
C LYS T 38 60.29 42.28 1.98
N ASP T 39 61.46 42.89 2.16
CA ASP T 39 62.24 43.41 0.99
C ASP T 39 62.92 42.22 0.30
N ILE T 40 63.11 42.31 -1.02
CA ILE T 40 63.71 41.19 -1.80
C ILE T 40 65.23 41.30 -1.77
N SER T 41 65.78 42.51 -1.88
CA SER T 41 67.22 42.66 -1.94
C SER T 41 67.89 42.03 -0.73
N LYS T 42 67.30 42.19 0.45
CA LYS T 42 67.88 41.60 1.66
C LYS T 42 67.62 40.10 1.70
N GLN T 43 66.47 39.66 1.19
CA GLN T 43 66.11 38.22 1.28
C GLN T 43 67.00 37.39 0.35
N ASN T 44 67.33 37.92 -0.84
CA ASN T 44 68.10 37.11 -1.83
C ASN T 44 69.61 37.25 -1.59
N ALA T 45 70.03 38.00 -0.57
CA ALA T 45 71.47 38.20 -0.37
C ALA T 45 72.21 36.97 0.13
N ASN T 46 71.67 36.29 1.13
CA ASN T 46 72.32 35.09 1.68
C ASN T 46 71.42 33.88 1.63
N LYS T 47 70.45 33.87 0.73
CA LYS T 47 69.49 32.78 0.71
C LYS T 47 70.15 31.43 0.49
N PHE T 48 69.67 30.42 1.22
CA PHE T 48 70.19 29.04 1.00
C PHE T 48 69.29 28.32 0.00
N TYR T 49 69.77 28.17 -1.23
CA TYR T 49 68.98 27.54 -2.34
C TYR T 49 68.80 26.04 -2.16
N LYS T 50 67.67 25.47 -2.60
CA LYS T 50 67.48 24.00 -2.58
C LYS T 50 67.99 23.44 -3.91
N PHE T 51 68.53 22.20 -3.94
CA PHE T 51 69.12 21.66 -5.19
C PHE T 51 68.56 20.27 -5.45
N ALA T 52 67.91 20.05 -6.60
CA ALA T 52 67.45 18.69 -6.94
C ALA T 52 68.32 18.16 -8.09
N ILE T 53 68.97 17.00 -7.89
CA ILE T 53 69.90 16.47 -8.93
C ILE T 53 69.44 15.07 -9.32
N TYR T 54 68.84 14.91 -10.50
CA TYR T 54 68.43 13.57 -10.97
C TYR T 54 69.47 13.03 -11.96
N GLY T 55 69.84 11.75 -11.83
CA GLY T 55 70.87 11.18 -12.71
C GLY T 55 70.63 9.72 -13.05
N LYS T 56 71.32 9.19 -14.07
CA LYS T 56 71.21 7.73 -14.39
C LYS T 56 72.12 6.95 -13.43
N PHE T 57 72.18 5.62 -13.58
CA PHE T 57 72.99 4.78 -12.65
C PHE T 57 74.48 5.07 -12.81
N GLY T 58 75.23 5.08 -11.70
CA GLY T 58 76.69 5.27 -11.76
C GLY T 58 77.09 6.57 -12.42
N THR T 59 76.34 7.66 -12.20
CA THR T 59 76.73 8.99 -12.75
C THR T 59 77.45 9.81 -11.67
N GLY T 60 77.71 9.21 -10.51
CA GLY T 60 78.39 9.91 -9.40
C GLY T 60 77.58 11.09 -8.87
N LYS T 61 76.26 10.97 -8.84
CA LYS T 61 75.38 12.07 -8.36
C LYS T 61 75.66 12.36 -6.88
N THR T 62 75.85 11.33 -6.05
CA THR T 62 76.13 11.54 -4.60
C THR T 62 77.48 12.24 -4.43
N THR T 63 78.47 11.89 -5.26
CA THR T 63 79.81 12.55 -5.19
C THR T 63 79.60 14.07 -5.18
N PHE T 64 78.87 14.61 -6.15
CA PHE T 64 78.61 16.06 -6.27
C PHE T 64 78.11 16.63 -4.93
N LEU T 65 77.08 16.01 -4.37
CA LEU T 65 76.44 16.55 -3.13
C LEU T 65 77.44 16.54 -1.98
N THR T 66 78.27 15.48 -1.86
CA THR T 66 79.17 15.36 -0.69
C THR T 66 80.63 15.72 -1.01
N LYS T 67 80.90 16.22 -2.22
CA LYS T 67 82.29 16.57 -2.61
C LYS T 67 82.83 17.61 -1.63
N ASP T 68 81.97 18.55 -1.21
CA ASP T 68 82.40 19.65 -0.30
C ASP T 68 82.89 19.06 1.02
N ASN T 69 82.56 17.80 1.32
CA ASN T 69 82.98 17.11 2.59
C ASN T 69 82.38 17.87 3.78
N ASN T 70 81.32 18.64 3.55
CA ASN T 70 80.61 19.33 4.66
C ASN T 70 79.13 18.98 4.54
N ALA T 71 78.77 17.70 4.65
CA ALA T 71 77.36 17.32 4.38
C ALA T 71 76.81 16.31 5.39
N LEU T 72 75.51 16.33 5.63
CA LEU T 72 74.85 15.32 6.50
C LEU T 72 73.93 14.50 5.58
N VAL T 73 74.23 13.22 5.39
CA VAL T 73 73.45 12.42 4.39
C VAL T 73 72.40 11.57 5.09
N LEU T 74 71.11 11.88 4.88
CA LEU T 74 70.02 11.02 5.42
C LEU T 74 69.68 9.94 4.38
N ASP T 75 70.55 8.95 4.22
CA ASP T 75 70.32 7.89 3.20
C ASP T 75 69.15 6.99 3.62
N ILE T 76 68.43 6.42 2.65
CA ILE T 76 67.21 5.63 2.97
C ILE T 76 67.38 4.20 2.48
N ASN T 77 67.46 3.24 3.41
CA ASN T 77 67.56 1.80 3.03
C ASN T 77 68.70 1.59 2.03
N GLU T 78 69.78 2.37 2.14
CA GLU T 78 70.95 2.25 1.22
C GLU T 78 72.19 2.77 1.94
N ASP T 79 73.39 2.40 1.47
CA ASP T 79 74.62 2.97 2.06
C ASP T 79 75.59 3.38 0.94
N GLY T 80 75.54 4.64 0.50
CA GLY T 80 76.48 5.14 -0.53
C GLY T 80 77.49 6.10 0.05
N THR T 81 77.73 6.03 1.36
CA THR T 81 78.66 6.98 2.03
C THR T 81 80.10 6.67 1.66
N THR T 82 80.36 5.51 1.05
CA THR T 82 81.76 5.10 0.75
C THR T 82 82.42 6.13 -0.18
N VAL T 83 81.68 6.69 -1.13
CA VAL T 83 82.28 7.64 -2.11
C VAL T 83 82.70 8.90 -1.35
N THR T 84 81.91 9.31 -0.36
CA THR T 84 82.23 10.53 0.44
C THR T 84 83.51 10.30 1.24
N GLU T 85 84.29 11.36 1.47
CA GLU T 85 85.54 11.24 2.27
C GLU T 85 85.26 11.57 3.74
N ASP T 86 84.51 12.65 3.99
CA ASP T 86 84.20 13.05 5.39
C ASP T 86 82.79 13.62 5.50
N GLY T 87 82.23 13.67 6.71
CA GLY T 87 80.86 14.16 6.94
C GLY T 87 80.13 13.30 7.96
N ALA T 88 78.82 13.49 8.13
CA ALA T 88 78.04 12.61 9.03
C ALA T 88 76.92 11.91 8.23
N VAL T 89 76.78 10.59 8.37
CA VAL T 89 75.71 9.85 7.65
C VAL T 89 74.78 9.16 8.65
N VAL T 90 73.46 9.27 8.45
CA VAL T 90 72.46 8.61 9.34
C VAL T 90 71.55 7.71 8.50
N GLN T 91 71.63 6.38 8.71
CA GLN T 91 70.76 5.43 7.98
C GLN T 91 69.30 5.67 8.38
N ILE T 92 68.39 5.64 7.41
CA ILE T 92 66.93 5.75 7.75
C ILE T 92 66.31 4.39 7.41
N LYS T 93 65.72 3.71 8.38
CA LYS T 93 65.20 2.34 8.13
C LYS T 93 63.67 2.30 8.21
N ASN T 94 63.05 3.30 8.81
CA ASN T 94 61.58 3.26 9.01
C ASN T 94 60.99 4.65 8.81
N TYR T 95 59.71 4.75 8.44
CA TYR T 95 59.05 6.07 8.32
C TYR T 95 59.09 6.74 9.69
N LYS T 96 58.88 5.96 10.74
CA LYS T 96 58.90 6.51 12.13
C LYS T 96 60.29 7.10 12.37
N HIS T 97 61.34 6.40 11.93
CA HIS T 97 62.73 6.90 12.15
C HIS T 97 62.88 8.21 11.36
N PHE T 98 62.30 8.25 10.16
CA PHE T 98 62.42 9.46 9.31
C PHE T 98 61.76 10.65 10.00
N SER T 99 60.56 10.44 10.54
CA SER T 99 59.84 11.54 11.21
C SER T 99 60.68 12.08 12.36
N ALA T 100 61.24 11.17 13.18
CA ALA T 100 62.04 11.60 14.36
C ALA T 100 63.23 12.46 13.93
N VAL T 101 64.01 12.01 12.94
CA VAL T 101 65.25 12.78 12.59
C VAL T 101 64.86 14.18 12.10
N ILE T 102 63.80 14.28 11.29
CA ILE T 102 63.38 15.60 10.74
C ILE T 102 62.94 16.50 11.90
N LYS T 103 62.16 15.96 12.83
CA LYS T 103 61.62 16.78 13.95
C LYS T 103 62.78 17.25 14.83
N MET T 104 63.79 16.40 15.04
CA MET T 104 64.90 16.77 15.96
C MET T 104 66.06 17.34 15.16
N LEU T 105 65.87 17.58 13.87
CA LEU T 105 67.00 18.04 13.01
C LEU T 105 67.59 19.34 13.56
N PRO T 106 66.82 20.35 14.02
CA PRO T 106 67.40 21.53 14.62
C PRO T 106 68.44 21.14 15.69
N LYS T 107 68.01 20.33 16.65
CA LYS T 107 68.90 19.96 17.79
C LYS T 107 70.15 19.27 17.24
N ILE T 108 69.99 18.39 16.25
CA ILE T 108 71.14 17.60 15.71
C ILE T 108 72.17 18.59 15.13
N ILE T 109 71.74 19.44 14.21
CA ILE T 109 72.70 20.36 13.53
C ILE T 109 73.55 21.05 14.60
N GLU T 110 72.92 21.50 15.69
CA GLU T 110 73.66 22.25 16.75
C GLU T 110 74.76 21.35 17.31
N GLN T 111 74.49 20.06 17.53
CA GLN T 111 75.49 19.18 18.19
C GLN T 111 76.66 18.90 17.24
N LEU T 112 76.40 18.42 16.02
CA LEU T 112 77.52 18.19 15.07
C LEU T 112 78.37 19.46 14.97
N ARG T 113 77.76 20.64 14.87
CA ARG T 113 78.57 21.89 14.83
C ARG T 113 79.34 22.06 16.15
N GLU T 114 78.72 21.70 17.28
CA GLU T 114 79.39 21.79 18.60
C GLU T 114 80.57 20.82 18.62
N ASN T 115 80.40 19.63 18.05
CA ASN T 115 81.51 18.63 17.97
C ASN T 115 82.58 19.18 17.03
N GLY T 116 82.22 20.18 16.21
CA GLY T 116 83.17 20.78 15.25
C GLY T 116 82.97 20.23 13.84
N LYS T 117 82.10 19.23 13.70
CA LYS T 117 81.77 18.74 12.33
C LYS T 117 81.06 19.87 11.60
N GLN T 118 81.36 20.08 10.32
CA GLN T 118 80.75 21.21 9.57
C GLN T 118 79.58 20.69 8.74
N ILE T 119 78.35 21.10 9.05
CA ILE T 119 77.21 20.67 8.19
C ILE T 119 76.62 21.91 7.51
N ASP T 120 76.67 21.95 6.17
CA ASP T 120 76.11 23.09 5.42
C ASP T 120 74.96 22.60 4.53
N VAL T 121 74.87 21.28 4.32
CA VAL T 121 73.81 20.72 3.42
C VAL T 121 73.22 19.45 4.00
N VAL T 122 71.89 19.32 3.97
CA VAL T 122 71.18 18.10 4.43
C VAL T 122 70.69 17.39 3.18
N VAL T 123 71.08 16.14 2.97
CA VAL T 123 70.74 15.44 1.69
C VAL T 123 69.85 14.24 1.94
N ILE T 124 68.76 14.10 1.19
CA ILE T 124 67.92 12.87 1.27
C ILE T 124 68.33 12.07 0.03
N GLU T 125 68.88 10.86 0.22
CA GLU T 125 69.45 10.09 -0.93
C GLU T 125 68.43 9.76 -2.02
N THR T 126 67.20 9.36 -1.68
CA THR T 126 66.27 8.90 -2.75
C THR T 126 64.82 9.35 -2.54
N ILE T 127 64.27 10.06 -3.51
CA ILE T 127 62.84 10.49 -3.44
C ILE T 127 61.93 9.27 -3.62
N GLN T 128 62.37 8.28 -4.41
CA GLN T 128 61.50 7.11 -4.67
C GLN T 128 61.32 6.32 -3.36
N LYS T 129 62.38 6.25 -2.54
CA LYS T 129 62.26 5.58 -1.21
C LYS T 129 61.28 6.37 -0.31
N LEU T 130 61.29 7.70 -0.39
CA LEU T 130 60.30 8.48 0.41
C LEU T 130 58.90 8.08 -0.05
N ARG T 131 58.71 7.89 -1.35
CA ARG T 131 57.39 7.42 -1.83
C ARG T 131 57.09 6.05 -1.20
N ASP T 132 58.07 5.15 -1.20
CA ASP T 132 57.84 3.78 -0.69
C ASP T 132 57.51 3.82 0.81
N ILE T 133 58.25 4.60 1.60
CA ILE T 133 58.04 4.58 3.08
C ILE T 133 56.70 5.24 3.41
N THR T 134 56.44 6.43 2.85
CA THR T 134 55.17 7.14 3.16
C THR T 134 54.01 6.22 2.78
N MET T 135 54.17 5.46 1.70
CA MET T 135 53.06 4.58 1.24
C MET T 135 52.80 3.52 2.30
N ASP T 136 53.87 2.96 2.89
CA ASP T 136 53.70 1.92 3.94
C ASP T 136 52.97 2.53 5.14
N ASP T 137 53.33 3.77 5.50
CA ASP T 137 52.73 4.43 6.69
C ASP T 137 51.23 4.61 6.44
N ILE T 138 50.84 4.99 5.22
CA ILE T 138 49.40 5.25 4.93
C ILE T 138 48.71 3.92 4.60
N MET T 139 49.48 2.88 4.26
CA MET T 139 48.84 1.56 4.04
C MET T 139 48.96 0.73 5.33
N THR T 147 44.89 3.74 -3.45
CA THR T 147 43.91 4.48 -4.24
C THR T 147 44.39 5.91 -4.46
N PHE T 148 43.66 6.66 -5.28
CA PHE T 148 44.05 8.07 -5.54
C PHE T 148 43.99 8.82 -4.21
N ASN T 149 43.10 8.40 -3.32
CA ASN T 149 43.05 9.02 -1.97
C ASN T 149 44.40 8.76 -1.30
N ASP T 150 44.90 7.53 -1.41
CA ASP T 150 46.21 7.17 -0.82
C ASP T 150 47.31 8.00 -1.49
N TRP T 151 47.25 8.13 -2.82
CA TRP T 151 48.29 8.89 -3.56
C TRP T 151 48.27 10.35 -3.13
N GLY T 152 47.07 10.94 -2.97
CA GLY T 152 46.95 12.35 -2.57
C GLY T 152 47.53 12.55 -1.18
N GLU T 153 47.29 11.59 -0.29
CA GLU T 153 47.84 11.65 1.09
C GLU T 153 49.37 11.57 0.99
N CYS T 154 49.87 10.72 0.10
CA CYS T 154 51.35 10.58 -0.07
C CYS T 154 51.90 11.92 -0.54
N ALA T 155 51.22 12.57 -1.48
CA ALA T 155 51.65 13.91 -1.95
C ALA T 155 51.60 14.88 -0.78
N THR T 156 50.56 14.78 0.05
CA THR T 156 50.40 15.72 1.19
C THR T 156 51.58 15.56 2.14
N ARG T 157 51.99 14.31 2.40
CA ARG T 157 53.15 14.08 3.29
C ARG T 157 54.38 14.74 2.67
N ILE T 158 54.59 14.55 1.37
CA ILE T 158 55.84 15.08 0.73
C ILE T 158 55.82 16.61 0.79
N VAL T 159 54.68 17.23 0.49
CA VAL T 159 54.64 18.74 0.46
C VAL T 159 54.89 19.24 1.88
N SER T 160 54.32 18.57 2.88
CA SER T 160 54.44 19.03 4.28
C SER T 160 55.92 18.99 4.69
N ILE T 161 56.64 17.94 4.29
CA ILE T 161 58.07 17.80 4.69
C ILE T 161 58.83 19.03 4.19
N TYR T 162 58.70 19.37 2.91
CA TYR T 162 59.47 20.50 2.34
C TYR T 162 59.18 21.78 3.13
N ARG T 163 57.90 22.04 3.41
CA ARG T 163 57.53 23.28 4.13
C ARG T 163 58.24 23.29 5.49
N TYR T 164 58.20 22.17 6.20
CA TYR T 164 58.86 22.09 7.53
C TYR T 164 60.35 22.36 7.34
N ILE T 165 61.00 21.64 6.42
CA ILE T 165 62.48 21.78 6.26
C ILE T 165 62.79 23.25 5.92
N SER T 166 61.99 23.87 5.04
CA SER T 166 62.28 25.25 4.58
C SER T 166 62.35 26.24 5.75
N LYS T 167 61.40 26.19 6.67
CA LYS T 167 61.39 27.22 7.75
C LYS T 167 62.68 27.05 8.56
N LEU T 168 63.10 25.80 8.78
CA LEU T 168 64.39 25.56 9.48
C LEU T 168 65.52 26.00 8.55
N GLN T 169 65.34 25.82 7.25
CA GLN T 169 66.41 26.14 6.27
C GLN T 169 66.82 27.60 6.43
N GLU T 170 65.84 28.50 6.53
CA GLU T 170 66.15 29.94 6.70
C GLU T 170 66.81 30.14 8.06
N HIS T 171 66.28 29.47 9.09
CA HIS T 171 66.81 29.59 10.48
C HIS T 171 68.25 29.10 10.61
N TYR T 172 68.55 27.90 10.08
CA TYR T 172 69.87 27.29 10.38
C TYR T 172 70.85 27.37 9.21
N GLN T 173 70.53 28.13 8.17
CA GLN T 173 71.52 28.33 7.08
C GLN T 173 72.02 26.98 6.56
N PHE T 174 71.11 26.06 6.23
CA PHE T 174 71.56 24.78 5.65
C PHE T 174 70.99 24.65 4.23
N HIS T 175 71.84 24.36 3.26
CA HIS T 175 71.32 24.10 1.89
C HIS T 175 70.59 22.76 1.91
N LEU T 176 69.48 22.64 1.20
CA LEU T 176 68.81 21.32 1.12
C LEU T 176 69.10 20.72 -0.25
N ALA T 177 69.28 19.41 -0.32
CA ALA T 177 69.49 18.73 -1.62
C ALA T 177 68.76 17.39 -1.64
N ILE T 178 67.96 17.12 -2.68
CA ILE T 178 67.30 15.80 -2.80
C ILE T 178 67.74 15.17 -4.13
N SER T 179 67.93 13.86 -4.17
CA SER T 179 68.42 13.19 -5.41
C SER T 179 67.52 12.01 -5.75
N GLY T 180 67.34 11.71 -7.05
CA GLY T 180 66.46 10.61 -7.48
C GLY T 180 67.03 9.90 -8.70
N HIS T 181 66.29 8.93 -9.27
CA HIS T 181 66.83 8.12 -10.40
C HIS T 181 66.06 8.39 -11.70
N GLU T 182 66.80 8.62 -12.79
CA GLU T 182 66.17 8.88 -14.11
C GLU T 182 65.31 7.70 -14.55
N GLY T 183 64.07 7.95 -14.96
CA GLY T 183 63.19 6.88 -15.49
C GLY T 183 61.95 7.44 -16.16
N THR T 200 63.37 12.79 -17.36
CA THR T 200 62.98 13.52 -16.13
C THR T 200 63.16 12.60 -14.92
N ILE T 201 63.14 13.16 -13.71
CA ILE T 201 63.24 12.32 -12.48
C ILE T 201 62.03 11.38 -12.47
N GLU T 202 62.24 10.11 -12.13
CA GLU T 202 61.12 9.12 -12.19
C GLU T 202 60.24 9.25 -10.93
N ALA T 203 58.92 9.35 -11.12
CA ALA T 203 57.97 9.45 -9.98
C ALA T 203 56.57 9.68 -10.55
N GLN T 204 55.58 9.95 -9.68
CA GLN T 204 54.23 10.31 -10.19
C GLN T 204 54.15 11.84 -10.25
N ASP T 205 53.52 12.39 -11.30
CA ASP T 205 53.51 13.87 -11.49
C ASP T 205 53.19 14.66 -10.21
N GLN T 206 52.20 14.25 -9.43
CA GLN T 206 51.78 15.09 -8.27
C GLN T 206 53.04 15.40 -7.47
N ILE T 207 53.91 14.40 -7.32
CA ILE T 207 55.18 14.59 -6.58
C ILE T 207 56.11 15.44 -7.46
N LYS T 208 56.33 15.01 -8.70
CA LYS T 208 57.25 15.75 -9.61
C LYS T 208 56.85 17.24 -9.60
N LYS T 209 55.56 17.53 -9.81
CA LYS T 209 55.12 18.95 -9.87
C LYS T 209 55.63 19.67 -8.62
N ALA T 210 55.34 19.13 -7.44
CA ALA T 210 55.73 19.80 -6.20
C ALA T 210 57.24 19.96 -6.11
N VAL T 211 57.97 18.89 -6.41
CA VAL T 211 59.47 18.96 -6.30
C VAL T 211 59.99 20.03 -7.26
N ILE T 212 59.62 19.95 -8.54
CA ILE T 212 60.19 20.90 -9.54
C ILE T 212 59.81 22.32 -9.11
N SER T 213 58.55 22.57 -8.77
CA SER T 213 58.14 23.96 -8.44
C SER T 213 59.00 24.51 -7.30
N GLN T 214 59.06 23.79 -6.17
CA GLN T 214 59.82 24.27 -4.98
C GLN T 214 61.33 24.34 -5.25
N SER T 215 61.90 23.37 -5.98
CA SER T 215 63.37 23.33 -6.14
C SER T 215 63.90 24.57 -6.86
N ASP T 216 64.92 25.22 -6.29
CA ASP T 216 65.55 26.38 -6.97
C ASP T 216 66.29 25.88 -8.21
N VAL T 217 67.25 24.96 -8.02
CA VAL T 217 68.08 24.48 -9.17
C VAL T 217 67.76 23.01 -9.45
N LEU T 218 67.34 22.68 -10.66
CA LEU T 218 67.15 21.25 -11.01
C LEU T 218 68.18 20.93 -12.10
N ALA T 219 68.98 19.88 -11.90
CA ALA T 219 70.06 19.58 -12.86
C ALA T 219 70.12 18.07 -13.16
N ARG T 220 70.62 17.71 -14.34
CA ARG T 220 70.76 16.29 -14.72
C ARG T 220 72.26 16.02 -14.87
N MET T 221 72.76 14.95 -14.22
CA MET T 221 74.22 14.70 -14.21
C MET T 221 74.54 13.52 -15.13
N THR T 222 75.40 13.72 -16.13
CA THR T 222 75.72 12.65 -17.11
C THR T 222 77.23 12.60 -17.36
N ILE T 223 77.75 11.44 -17.76
CA ILE T 223 79.21 11.28 -18.03
C ILE T 223 79.42 11.39 -19.55
N GLU T 224 80.32 12.28 -19.99
CA GLU T 224 80.55 12.50 -21.44
C GLU T 224 82.03 12.24 -21.75
N THR T 233 89.29 11.22 -22.74
CA THR T 233 88.88 10.37 -21.59
C THR T 233 87.45 10.71 -21.18
N TYR T 234 86.79 9.84 -20.42
CA TYR T 234 85.41 10.13 -19.93
C TYR T 234 85.46 11.31 -18.96
N GLN T 235 84.45 12.18 -19.01
CA GLN T 235 84.39 13.36 -18.11
C GLN T 235 83.04 13.37 -17.40
N TYR T 236 83.02 13.79 -16.12
CA TYR T 236 81.74 13.89 -15.37
C TYR T 236 81.30 15.36 -15.36
N VAL T 237 80.16 15.65 -16.00
CA VAL T 237 79.73 17.08 -16.13
C VAL T 237 78.24 17.21 -15.83
N LEU T 238 77.85 18.26 -15.09
CA LEU T 238 76.42 18.49 -14.76
C LEU T 238 75.87 19.51 -15.77
N ASN T 239 74.86 19.12 -16.56
CA ASN T 239 74.35 20.04 -17.61
C ASN T 239 72.96 20.56 -17.24
N ALA T 240 72.85 21.87 -16.98
CA ALA T 240 71.54 22.47 -16.67
C ALA T 240 71.08 23.34 -17.84
N GLU T 241 71.78 23.28 -18.97
CA GLU T 241 71.39 24.08 -20.17
C GLU T 241 69.98 23.68 -20.60
N PRO T 242 69.10 24.63 -21.03
CA PRO T 242 67.73 24.30 -21.38
C PRO T 242 67.72 23.29 -22.53
N SER T 243 66.72 22.41 -22.57
CA SER T 243 66.66 21.37 -23.63
C SER T 243 65.28 20.70 -23.65
N ASN T 244 64.73 20.47 -24.84
CA ASN T 244 63.44 19.73 -24.94
C ASN T 244 63.59 18.30 -24.42
N LEU T 245 64.71 17.63 -24.74
CA LEU T 245 64.89 16.20 -24.36
C LEU T 245 64.89 15.98 -22.85
N PHE T 246 65.55 16.88 -22.09
CA PHE T 246 65.67 16.71 -20.62
C PHE T 246 65.30 18.05 -19.98
N GLU T 247 64.75 18.07 -18.76
CA GLU T 247 64.33 19.39 -18.26
C GLU T 247 65.26 19.86 -17.14
N THR T 248 65.83 21.06 -17.29
CA THR T 248 66.75 21.62 -16.27
C THR T 248 66.39 23.09 -16.06
N LYS T 249 66.64 23.64 -14.87
CA LYS T 249 66.41 25.09 -14.65
C LYS T 249 67.33 25.60 -13.56
N ILE T 250 68.11 26.66 -13.84
CA ILE T 250 68.93 27.26 -12.76
C ILE T 250 68.39 28.67 -12.51
N ARG T 251 68.21 29.06 -11.24
CA ARG T 251 67.60 30.39 -10.97
C ARG T 251 68.70 31.40 -10.64
N HIS T 252 68.81 32.46 -11.45
CA HIS T 252 69.81 33.53 -11.19
C HIS T 252 69.13 34.88 -11.45
N SER T 253 69.60 35.95 -10.78
CA SER T 253 68.97 37.28 -10.94
C SER T 253 69.31 37.84 -12.32
N SER T 254 68.49 38.78 -12.83
CA SER T 254 68.70 39.32 -14.19
C SER T 254 70.16 39.73 -14.42
N ASN T 255 70.75 40.48 -13.48
CA ASN T 255 72.13 40.98 -13.69
C ASN T 255 73.09 39.79 -13.82
N ILE T 256 72.93 38.76 -13.00
CA ILE T 256 73.83 37.58 -13.04
C ILE T 256 73.61 36.85 -14.37
N LYS T 257 74.70 36.48 -15.05
CA LYS T 257 74.59 35.72 -16.33
C LYS T 257 75.44 34.46 -16.21
N ILE T 258 74.89 33.31 -16.59
CA ILE T 258 75.70 32.05 -16.58
C ILE T 258 76.27 31.85 -17.98
N ASN T 259 77.54 32.18 -18.18
CA ASN T 259 78.19 31.99 -19.50
C ASN T 259 78.23 30.49 -19.82
N ASN T 260 78.48 29.65 -18.81
CA ASN T 260 78.58 28.18 -19.04
C ASN T 260 77.65 27.44 -18.06
N LYS T 261 76.62 26.76 -18.57
CA LYS T 261 75.65 26.04 -17.71
C LYS T 261 76.07 24.58 -17.49
N ARG T 262 77.20 24.16 -18.09
CA ARG T 262 77.70 22.78 -17.83
C ARG T 262 78.92 22.87 -16.90
N PHE T 263 78.89 22.14 -15.78
CA PHE T 263 80.00 22.20 -14.81
C PHE T 263 80.69 20.83 -14.77
N ILE T 264 82.00 20.79 -15.03
CA ILE T 264 82.77 19.51 -14.98
C ILE T 264 83.31 19.36 -13.55
N ASN T 265 83.39 18.12 -13.03
CA ASN T 265 83.81 17.96 -11.61
C ASN T 265 83.04 18.95 -10.73
N PRO T 266 81.70 18.95 -10.73
CA PRO T 266 80.93 19.95 -9.97
C PRO T 266 80.85 19.73 -8.45
N SER T 267 80.66 20.82 -7.70
CA SER T 267 80.47 20.72 -6.22
C SER T 267 79.36 21.70 -5.84
N ILE T 268 78.76 21.58 -4.66
CA ILE T 268 77.61 22.48 -4.35
C ILE T 268 78.14 23.92 -4.30
N ASN T 269 79.32 24.13 -3.72
CA ASN T 269 79.93 25.48 -3.64
C ASN T 269 79.97 26.11 -5.04
N ASP T 270 80.59 25.44 -6.01
CA ASP T 270 80.74 26.01 -7.35
C ASP T 270 79.40 26.50 -7.89
N VAL T 271 78.36 25.68 -7.74
CA VAL T 271 77.02 26.09 -8.23
C VAL T 271 76.58 27.33 -7.45
N VAL T 272 76.72 27.30 -6.12
CA VAL T 272 76.32 28.47 -5.28
C VAL T 272 77.03 29.73 -5.79
N GLN T 273 78.34 29.66 -6.01
CA GLN T 273 79.11 30.82 -6.45
C GLN T 273 78.65 31.28 -7.83
N ALA T 274 78.36 30.33 -8.73
CA ALA T 274 77.88 30.69 -10.05
C ALA T 274 76.53 31.41 -9.98
N ILE T 275 75.68 31.00 -9.02
CA ILE T 275 74.30 31.58 -8.96
C ILE T 275 74.29 32.88 -8.13
N ARG T 276 75.29 33.11 -7.29
CA ARG T 276 75.39 34.40 -6.59
C ARG T 276 76.26 35.39 -7.33
N ASN T 277 77.47 34.99 -7.71
CA ASN T 277 78.40 35.86 -8.41
C ASN T 277 78.45 35.51 -9.89
N GLY T 278 79.09 36.39 -10.67
CA GLY T 278 79.20 36.20 -12.10
C GLY T 278 79.89 34.92 -12.51
N ASN T 279 79.29 34.19 -13.45
CA ASN T 279 79.84 32.90 -13.91
C ASN T 279 81.29 33.11 -14.39
N ASP U 30 -1.75 -55.28 49.04
CA ASP U 30 -3.21 -55.28 48.78
C ASP U 30 -3.50 -54.34 47.61
N ILE U 31 -3.93 -54.89 46.47
CA ILE U 31 -4.26 -54.04 45.28
C ILE U 31 -5.41 -53.12 45.65
N LEU U 32 -6.37 -53.61 46.44
CA LEU U 32 -7.50 -52.76 46.89
C LEU U 32 -6.94 -51.54 47.62
N THR U 33 -6.12 -51.78 48.65
CA THR U 33 -5.53 -50.67 49.46
C THR U 33 -4.65 -49.77 48.59
N GLN U 34 -3.92 -50.36 47.64
CA GLN U 34 -3.02 -49.55 46.77
C GLN U 34 -3.89 -48.54 46.03
N LEU U 35 -5.05 -48.96 45.53
CA LEU U 35 -6.00 -47.99 44.94
C LEU U 35 -6.87 -47.42 46.06
N GLY U 36 -7.80 -46.53 45.74
CA GLY U 36 -8.60 -45.87 46.80
C GLY U 36 -9.89 -46.61 47.10
N VAL U 37 -10.09 -47.79 46.52
CA VAL U 37 -11.41 -48.48 46.70
C VAL U 37 -11.65 -48.70 48.19
N LYS U 38 -12.85 -48.40 48.67
CA LYS U 38 -13.18 -48.53 50.12
C LYS U 38 -14.64 -48.92 50.28
N ASP U 39 -15.00 -49.52 51.42
CA ASP U 39 -16.38 -50.04 51.62
C ASP U 39 -17.30 -48.85 51.91
N ILE U 40 -18.57 -48.94 51.50
CA ILE U 40 -19.53 -47.81 51.69
C ILE U 40 -20.17 -47.91 53.06
N SER U 41 -20.51 -49.12 53.51
CA SER U 41 -21.20 -49.25 54.79
C SER U 41 -20.41 -48.60 55.92
N LYS U 42 -19.09 -48.77 55.92
CA LYS U 42 -18.26 -48.15 56.95
C LYS U 42 -18.11 -46.67 56.72
N GLN U 43 -18.05 -46.23 55.46
CA GLN U 43 -17.82 -44.80 55.16
C GLN U 43 -19.05 -43.97 55.54
N ASN U 44 -20.26 -44.50 55.31
CA ASN U 44 -21.49 -43.70 55.57
C ASN U 44 -21.93 -43.81 57.03
N ALA U 45 -21.21 -44.55 57.86
CA ALA U 45 -21.66 -44.74 59.24
C ALA U 45 -21.54 -43.49 60.11
N ASN U 46 -20.41 -42.81 60.06
CA ASN U 46 -20.20 -41.60 60.86
C ASN U 46 -19.84 -40.40 60.02
N LYS U 47 -20.22 -40.41 58.75
CA LYS U 47 -19.82 -39.33 57.87
C LYS U 47 -20.30 -37.98 58.35
N PHE U 48 -19.45 -36.96 58.23
CA PHE U 48 -19.87 -35.59 58.58
C PHE U 48 -20.36 -34.87 57.32
N TYR U 49 -21.68 -34.73 57.20
CA TYR U 49 -22.33 -34.12 56.01
C TYR U 49 -22.09 -32.61 55.90
N LYS U 50 -21.99 -32.06 54.69
CA LYS U 50 -21.90 -30.59 54.51
C LYS U 50 -23.32 -30.04 54.37
N PHE U 51 -23.58 -28.79 54.83
CA PHE U 51 -24.96 -28.25 54.80
C PHE U 51 -24.94 -26.87 54.16
N ALA U 52 -25.70 -26.67 53.08
CA ALA U 52 -25.80 -25.31 52.51
C ALA U 52 -27.20 -24.78 52.77
N ILE U 53 -27.32 -23.62 53.43
CA ILE U 53 -28.66 -23.07 53.80
C ILE U 53 -28.80 -21.68 53.19
N TYR U 54 -29.61 -21.53 52.14
CA TYR U 54 -29.85 -20.19 51.54
C TYR U 54 -31.19 -19.65 52.04
N GLY U 55 -31.24 -18.37 52.41
CA GLY U 55 -32.49 -17.79 52.93
C GLY U 55 -32.68 -16.34 52.55
N LYS U 56 -33.90 -15.81 52.71
CA LYS U 56 -34.14 -14.35 52.47
C LYS U 56 -33.68 -13.56 53.69
N PHE U 57 -33.84 -12.23 53.66
CA PHE U 57 -33.36 -11.38 54.78
C PHE U 57 -34.15 -11.66 56.06
N GLY U 58 -33.49 -11.64 57.21
CA GLY U 58 -34.18 -11.83 58.50
C GLY U 58 -34.96 -13.13 58.59
N THR U 59 -34.43 -14.20 58.03
CA THR U 59 -35.10 -15.54 58.15
C THR U 59 -34.45 -16.34 59.28
N GLY U 60 -33.51 -15.72 60.02
CA GLY U 60 -32.82 -16.43 61.13
C GLY U 60 -31.99 -17.61 60.66
N LYS U 61 -31.37 -17.50 59.47
CA LYS U 61 -30.56 -18.60 58.91
C LYS U 61 -29.35 -18.89 59.83
N THR U 62 -28.69 -17.85 60.33
CA THR U 62 -27.51 -18.04 61.23
C THR U 62 -27.96 -18.73 62.53
N THR U 63 -29.14 -18.38 63.05
CA THR U 63 -29.66 -19.02 64.28
C THR U 63 -29.55 -20.54 64.13
N PHE U 64 -30.11 -21.09 63.04
CA PHE U 64 -30.10 -22.55 62.77
C PHE U 64 -28.68 -23.11 62.93
N LEU U 65 -27.73 -22.51 62.25
CA LEU U 65 -26.34 -23.05 62.21
C LEU U 65 -25.74 -23.01 63.62
N THR U 66 -25.99 -21.95 64.40
CA THR U 66 -25.34 -21.81 65.73
C THR U 66 -26.27 -22.15 66.90
N LYS U 67 -27.47 -22.65 66.62
CA LYS U 67 -28.44 -23.00 67.70
C LYS U 67 -27.80 -24.03 68.63
N ASP U 68 -27.04 -24.97 68.06
CA ASP U 68 -26.41 -26.07 68.86
C ASP U 68 -25.43 -25.46 69.87
N ASN U 69 -25.03 -24.21 69.69
CA ASN U 69 -24.07 -23.50 70.61
C ASN U 69 -22.73 -24.26 70.61
N ASN U 70 -22.47 -25.05 69.57
CA ASN U 70 -21.17 -25.73 69.42
C ASN U 70 -20.63 -25.40 68.04
N ALA U 71 -20.37 -24.12 67.75
CA ALA U 71 -19.99 -23.76 66.36
C ALA U 71 -18.85 -22.75 66.30
N LEU U 72 -18.05 -22.79 65.23
CA LEU U 72 -16.98 -21.78 65.01
C LEU U 72 -17.40 -20.97 63.77
N VAL U 73 -17.71 -19.69 63.94
CA VAL U 73 -18.25 -18.90 62.79
C VAL U 73 -17.17 -18.06 62.14
N LEU U 74 -16.79 -18.39 60.90
CA LEU U 74 -15.82 -17.53 60.15
C LEU U 74 -16.61 -16.47 59.37
N ASP U 75 -17.14 -15.46 60.06
CA ASP U 75 -17.95 -14.41 59.40
C ASP U 75 -17.06 -13.54 58.52
N ILE U 76 -17.62 -12.98 57.43
CA ILE U 76 -16.79 -12.20 56.47
C ILE U 76 -17.31 -10.76 56.40
N ASN U 77 -16.51 -9.80 56.86
CA ASN U 77 -16.88 -8.35 56.77
C ASN U 77 -18.29 -8.14 57.35
N GLU U 78 -18.67 -8.91 58.38
CA GLU U 78 -20.00 -8.79 59.01
C GLU U 78 -19.91 -9.29 60.46
N ASP U 79 -20.86 -8.90 61.32
CA ASP U 79 -20.88 -9.45 62.70
C ASP U 79 -22.30 -9.87 63.09
N GLY U 80 -22.67 -11.13 62.86
CA GLY U 80 -24.02 -11.62 63.25
C GLY U 80 -23.94 -12.57 64.43
N THR U 81 -22.87 -12.49 65.22
CA THR U 81 -22.67 -13.43 66.36
C THR U 81 -23.64 -13.10 67.49
N THR U 82 -24.31 -11.95 67.44
CA THR U 82 -25.19 -11.51 68.55
C THR U 82 -26.31 -12.54 68.76
N VAL U 83 -26.84 -13.11 67.67
CA VAL U 83 -27.99 -14.06 67.79
C VAL U 83 -27.49 -15.32 68.52
N THR U 84 -26.25 -15.73 68.26
CA THR U 84 -25.68 -16.94 68.91
C THR U 84 -25.51 -16.70 70.41
N GLU U 85 -25.65 -17.74 71.23
CA GLU U 85 -25.48 -17.61 72.70
C GLU U 85 -24.05 -17.92 73.09
N ASP U 86 -23.48 -19.02 72.55
CA ASP U 86 -22.09 -19.42 72.89
C ASP U 86 -21.37 -20.00 71.67
N GLY U 87 -20.04 -20.05 71.71
CA GLY U 87 -19.23 -20.56 70.59
C GLY U 87 -18.00 -19.69 70.37
N ALA U 88 -17.26 -19.89 69.28
CA ALA U 88 -16.11 -19.01 68.95
C ALA U 88 -16.33 -18.34 67.59
N VAL U 89 -16.15 -17.02 67.52
CA VAL U 89 -16.33 -16.29 66.22
C VAL U 89 -15.02 -15.61 65.82
N VAL U 90 -14.62 -15.74 64.54
CA VAL U 90 -13.38 -15.09 64.03
C VAL U 90 -13.73 -14.19 62.83
N GLN U 91 -13.58 -12.87 62.99
CA GLN U 91 -13.86 -11.93 61.87
C GLN U 91 -12.87 -12.17 60.73
N ILE U 92 -13.33 -12.17 59.48
CA ILE U 92 -12.38 -12.29 58.33
C ILE U 92 -12.41 -10.95 57.61
N LYS U 93 -11.27 -10.26 57.49
CA LYS U 93 -11.28 -8.90 56.90
C LYS U 93 -10.54 -8.87 55.56
N ASN U 94 -9.71 -9.89 55.28
CA ASN U 94 -8.89 -9.85 54.04
C ASN U 94 -8.81 -11.25 53.45
N TYR U 95 -8.58 -11.36 52.14
CA TYR U 95 -8.40 -12.69 51.50
C TYR U 95 -7.18 -13.36 52.15
N LYS U 96 -6.14 -12.56 52.42
CA LYS U 96 -4.92 -13.11 53.06
C LYS U 96 -5.30 -13.70 54.42
N HIS U 97 -6.16 -12.98 55.17
CA HIS U 97 -6.58 -13.47 56.50
C HIS U 97 -7.35 -14.78 56.31
N PHE U 98 -8.18 -14.83 55.27
CA PHE U 98 -9.00 -16.04 55.01
C PHE U 98 -8.08 -17.24 54.74
N SER U 99 -7.06 -17.04 53.90
CA SER U 99 -6.15 -18.14 53.55
C SER U 99 -5.49 -18.66 54.83
N ALA U 100 -5.00 -17.75 55.68
CA ALA U 100 -4.29 -18.15 56.91
C ALA U 100 -5.20 -19.01 57.81
N VAL U 101 -6.42 -18.56 58.08
CA VAL U 101 -7.28 -19.31 59.04
C VAL U 101 -7.56 -20.71 58.49
N ILE U 102 -7.83 -20.84 57.19
CA ILE U 102 -8.13 -22.16 56.58
C ILE U 102 -6.89 -23.07 56.70
N LYS U 103 -5.71 -22.53 56.40
CA LYS U 103 -4.46 -23.35 56.43
C LYS U 103 -4.19 -23.80 57.86
N MET U 104 -4.45 -22.94 58.85
CA MET U 104 -4.10 -23.29 60.25
C MET U 104 -5.34 -23.85 60.95
N LEU U 105 -6.42 -24.09 60.22
CA LEU U 105 -7.68 -24.55 60.86
C LEU U 105 -7.45 -25.84 61.65
N PRO U 106 -6.69 -26.86 61.17
CA PRO U 106 -6.42 -28.03 61.98
C PRO U 106 -5.91 -27.61 63.36
N LYS U 107 -4.86 -26.80 63.40
CA LYS U 107 -4.23 -26.42 64.68
C LYS U 107 -5.27 -25.72 65.57
N ILE U 108 -6.08 -24.84 64.97
CA ILE U 108 -7.07 -24.06 65.77
C ILE U 108 -8.06 -25.02 66.44
N ILE U 109 -8.69 -25.89 65.66
CA ILE U 109 -9.71 -26.81 66.24
C ILE U 109 -9.13 -27.48 67.48
N GLU U 110 -7.87 -27.93 67.40
CA GLU U 110 -7.26 -28.66 68.54
C GLU U 110 -7.23 -27.75 69.77
N GLN U 111 -6.92 -26.47 69.59
CA GLN U 111 -6.77 -25.57 70.77
C GLN U 111 -8.14 -25.29 71.42
N LEU U 112 -9.10 -24.81 70.63
CA LEU U 112 -10.45 -24.58 71.21
C LEU U 112 -10.93 -25.82 71.96
N ARG U 113 -10.74 -27.02 71.38
CA ARG U 113 -11.13 -28.27 72.10
C ARG U 113 -10.28 -28.42 73.37
N GLU U 114 -9.00 -28.06 73.31
CA GLU U 114 -8.11 -28.13 74.49
C GLU U 114 -8.62 -27.15 75.55
N ASN U 115 -9.05 -25.96 75.13
CA ASN U 115 -9.61 -24.95 76.07
C ASN U 115 -10.92 -25.51 76.63
N GLY U 116 -11.51 -26.51 75.97
CA GLY U 116 -12.78 -27.09 76.40
C GLY U 116 -13.95 -26.55 75.59
N LYS U 117 -13.71 -25.57 74.74
CA LYS U 117 -14.79 -25.08 73.84
C LYS U 117 -15.13 -26.24 72.89
N GLN U 118 -16.42 -26.44 72.59
CA GLN U 118 -16.82 -27.59 71.73
C GLN U 118 -17.06 -27.07 70.31
N ILE U 119 -16.23 -27.50 69.34
CA ILE U 119 -16.50 -27.09 67.94
C ILE U 119 -16.86 -28.34 67.13
N ASP U 120 -18.08 -28.38 66.59
CA ASP U 120 -18.51 -29.54 65.76
C ASP U 120 -18.80 -29.07 64.34
N VAL U 121 -18.95 -27.75 64.14
CA VAL U 121 -19.30 -27.21 62.79
C VAL U 121 -18.51 -25.94 62.50
N VAL U 122 -17.96 -25.83 61.29
CA VAL U 122 -17.22 -24.61 60.85
C VAL U 122 -18.15 -23.91 59.85
N VAL U 123 -18.49 -22.65 60.08
CA VAL U 123 -19.50 -21.97 59.21
C VAL U 123 -18.87 -20.78 58.50
N ILE U 124 -19.07 -20.66 57.19
CA ILE U 124 -18.64 -19.44 56.45
C ILE U 124 -19.92 -18.63 56.27
N GLU U 125 -20.00 -17.42 56.83
CA GLU U 125 -21.27 -16.65 56.83
C GLU U 125 -21.80 -16.34 55.43
N THR U 126 -20.97 -15.96 54.47
CA THR U 126 -21.51 -15.50 53.16
C THR U 126 -20.69 -15.97 51.96
N ILE U 127 -21.32 -16.70 51.03
CA ILE U 127 -20.62 -17.15 49.79
C ILE U 127 -20.38 -15.93 48.89
N GLN U 128 -21.28 -14.95 48.92
CA GLN U 128 -21.13 -13.78 48.01
C GLN U 128 -19.89 -13.00 48.42
N LYS U 129 -19.61 -12.90 49.72
CA LYS U 129 -18.37 -12.22 50.18
C LYS U 129 -17.13 -13.01 49.72
N LEU U 130 -17.20 -14.35 49.72
CA LEU U 130 -16.07 -15.14 49.19
C LEU U 130 -15.86 -14.76 47.72
N ARG U 131 -16.94 -14.58 46.97
CA ARG U 131 -16.78 -14.12 45.57
C ARG U 131 -16.09 -12.76 45.56
N ASP U 132 -16.52 -11.85 46.44
CA ASP U 132 -15.95 -10.47 46.43
C ASP U 132 -14.46 -10.50 46.79
N ILE U 133 -14.09 -11.27 47.81
CA ILE U 133 -12.66 -11.25 48.28
C ILE U 133 -11.77 -11.93 47.23
N THR U 134 -12.15 -13.11 46.76
CA THR U 134 -11.33 -13.84 45.77
C THR U 134 -11.15 -12.94 44.55
N MET U 135 -12.20 -12.17 44.21
CA MET U 135 -12.11 -11.32 43.00
C MET U 135 -11.05 -10.25 43.22
N ASP U 136 -10.99 -9.67 44.43
CA ASP U 136 -9.98 -8.63 44.73
C ASP U 136 -8.58 -9.25 44.62
N ASP U 137 -8.41 -10.48 45.11
CA ASP U 137 -7.08 -11.13 45.09
C ASP U 137 -6.65 -11.34 43.64
N ILE U 138 -7.57 -11.73 42.76
CA ILE U 138 -7.20 -12.01 41.34
C ILE U 138 -7.20 -10.69 40.56
N MET U 139 -7.82 -9.64 41.09
CA MET U 139 -7.75 -8.32 40.40
C MET U 139 -6.64 -7.48 41.05
N THR U 147 -12.75 -10.59 33.59
CA THR U 147 -13.02 -11.34 32.37
C THR U 147 -13.42 -12.77 32.73
N PHE U 148 -13.84 -13.53 31.71
CA PHE U 148 -14.24 -14.94 31.96
C PHE U 148 -13.03 -15.69 32.50
N ASN U 149 -11.83 -15.28 32.10
CA ASN U 149 -10.60 -15.89 32.65
C ASN U 149 -10.58 -15.60 34.16
N ASP U 150 -10.92 -14.37 34.54
CA ASP U 150 -10.95 -14.00 35.98
C ASP U 150 -12.04 -14.82 36.67
N TRP U 151 -13.21 -14.95 36.04
CA TRP U 151 -14.34 -15.71 36.65
C TRP U 151 -13.93 -17.18 36.84
N GLY U 152 -13.27 -17.75 35.85
CA GLY U 152 -12.85 -19.16 35.94
C GLY U 152 -11.86 -19.36 37.06
N GLU U 153 -10.95 -18.39 37.22
CA GLU U 153 -9.96 -18.45 38.34
C GLU U 153 -10.72 -18.35 39.65
N CYS U 154 -11.74 -17.49 39.71
CA CYS U 154 -12.55 -17.34 40.95
C CYS U 154 -13.21 -18.67 41.27
N ALA U 155 -13.75 -19.35 40.24
CA ALA U 155 -14.37 -20.67 40.45
C ALA U 155 -13.29 -21.65 40.93
N THR U 156 -12.09 -21.55 40.35
CA THR U 156 -10.99 -22.48 40.72
C THR U 156 -10.65 -22.31 42.21
N ARG U 157 -10.62 -21.05 42.67
CA ARG U 157 -10.31 -20.80 44.09
C ARG U 157 -11.41 -21.45 44.95
N ILE U 158 -12.68 -21.26 44.56
CA ILE U 158 -13.80 -21.78 45.39
C ILE U 158 -13.73 -23.32 45.43
N VAL U 159 -13.52 -23.96 44.28
CA VAL U 159 -13.52 -25.45 44.25
C VAL U 159 -12.35 -25.96 45.10
N SER U 160 -11.20 -25.28 45.01
CA SER U 160 -10.00 -25.73 45.76
C SER U 160 -10.28 -25.68 47.26
N ILE U 161 -10.95 -24.61 47.72
CA ILE U 161 -11.23 -24.46 49.18
C ILE U 161 -12.00 -25.68 49.66
N TYR U 162 -13.10 -26.03 48.97
CA TYR U 162 -13.95 -27.15 49.44
C TYR U 162 -13.12 -28.44 49.53
N ARG U 163 -12.29 -28.70 48.51
CA ARG U 163 -11.49 -29.95 48.52
C ARG U 163 -10.59 -29.94 49.75
N TYR U 164 -9.92 -28.81 50.01
CA TYR U 164 -9.02 -28.72 51.19
C TYR U 164 -9.85 -28.98 52.46
N ILE U 165 -10.96 -28.25 52.62
CA ILE U 165 -11.75 -28.39 53.88
C ILE U 165 -12.20 -29.84 54.02
N SER U 166 -12.64 -30.47 52.93
CA SER U 166 -13.18 -31.86 53.01
C SER U 166 -12.16 -32.84 53.60
N LYS U 167 -10.91 -32.80 53.15
CA LYS U 167 -9.94 -33.82 53.63
C LYS U 167 -9.77 -33.62 55.14
N LEU U 168 -9.76 -32.38 55.60
CA LEU U 168 -9.70 -32.13 57.06
C LEU U 168 -11.03 -32.56 57.67
N GLN U 169 -12.13 -32.37 56.94
CA GLN U 169 -13.48 -32.69 57.47
C GLN U 169 -13.52 -34.15 57.93
N GLU U 170 -12.99 -35.06 57.09
CA GLU U 170 -12.98 -36.49 57.47
C GLU U 170 -12.03 -36.68 58.66
N HIS U 171 -10.88 -36.01 58.63
CA HIS U 171 -9.87 -36.12 59.72
C HIS U 171 -10.39 -35.60 61.07
N TYR U 172 -10.99 -34.41 61.09
CA TYR U 172 -11.30 -33.78 62.40
C TYR U 172 -12.79 -33.86 62.76
N GLN U 173 -13.58 -34.63 62.02
CA GLN U 173 -14.99 -34.83 62.44
C GLN U 173 -15.69 -33.47 62.65
N PHE U 174 -15.57 -32.57 61.67
CA PHE U 174 -16.30 -31.28 61.80
C PHE U 174 -17.32 -31.17 60.66
N HIS U 175 -18.58 -30.87 61.00
CA HIS U 175 -19.57 -30.63 59.92
C HIS U 175 -19.23 -29.30 59.27
N LEU U 176 -19.38 -29.19 57.95
CA LEU U 176 -19.15 -27.87 57.30
C LEU U 176 -20.51 -27.28 56.94
N ALA U 177 -20.66 -25.97 57.07
CA ALA U 177 -21.92 -25.29 56.67
C ALA U 177 -21.61 -23.96 55.99
N ILE U 178 -22.20 -23.72 54.82
CA ILE U 178 -22.01 -22.39 54.15
C ILE U 178 -23.40 -21.78 53.95
N SER U 179 -23.52 -20.46 54.09
CA SER U 179 -24.85 -19.79 53.97
C SER U 179 -24.76 -18.61 53.00
N GLY U 180 -25.85 -18.33 52.26
CA GLY U 180 -25.86 -17.24 51.27
C GLY U 180 -27.20 -16.53 51.23
N HIS U 181 -27.38 -15.58 50.31
CA HIS U 181 -28.63 -14.77 50.29
C HIS U 181 -29.46 -15.06 49.03
N GLU U 182 -30.76 -15.28 49.21
CA GLU U 182 -31.68 -15.56 48.08
C GLU U 182 -31.69 -14.37 47.09
N GLY U 183 -31.52 -14.65 45.79
CA GLY U 183 -31.59 -13.59 44.77
C GLY U 183 -31.66 -14.17 43.36
N THR U 200 -33.36 -19.52 44.17
CA THR U 200 -32.08 -20.24 44.37
C THR U 200 -31.07 -19.31 45.07
N ILE U 201 -29.98 -19.87 45.58
CA ILE U 201 -28.93 -19.01 46.21
C ILE U 201 -28.38 -18.09 45.11
N GLU U 202 -28.16 -16.81 45.43
CA GLU U 202 -27.72 -15.84 44.38
C GLU U 202 -26.21 -15.97 44.15
N ALA U 203 -25.79 -16.08 42.88
CA ALA U 203 -24.36 -16.19 42.52
C ALA U 203 -24.26 -16.45 41.02
N GLN U 204 -23.05 -16.72 40.52
CA GLN U 204 -22.90 -17.10 39.09
C GLN U 204 -22.92 -18.63 39.00
N ASP U 205 -23.58 -19.19 37.99
CA ASP U 205 -23.75 -20.67 37.91
C ASP U 205 -22.47 -21.45 38.21
N GLN U 206 -21.32 -21.06 37.65
CA GLN U 206 -20.10 -21.90 37.79
C GLN U 206 -19.94 -22.18 39.28
N ILE U 207 -20.18 -21.18 40.12
CA ILE U 207 -20.08 -21.35 41.59
C ILE U 207 -21.27 -22.20 42.04
N LYS U 208 -22.49 -21.76 41.69
CA LYS U 208 -23.70 -22.50 42.12
C LYS U 208 -23.51 -23.99 41.79
N LYS U 209 -23.15 -24.30 40.54
CA LYS U 209 -23.00 -25.73 40.14
C LYS U 209 -22.11 -26.44 41.16
N ALA U 210 -20.91 -25.89 41.41
CA ALA U 210 -19.97 -26.54 42.31
C ALA U 210 -20.57 -26.69 43.71
N VAL U 211 -21.16 -25.61 44.22
CA VAL U 211 -21.71 -25.66 45.61
C VAL U 211 -22.80 -26.73 45.67
N ILE U 212 -23.78 -26.67 44.78
CA ILE U 212 -24.93 -27.61 44.86
C ILE U 212 -24.38 -29.03 44.73
N SER U 213 -23.51 -29.30 43.75
CA SER U 213 -23.04 -30.69 43.53
C SER U 213 -22.41 -31.22 44.83
N GLN U 214 -21.41 -30.51 45.36
CA GLN U 214 -20.68 -30.96 46.57
C GLN U 214 -21.58 -31.01 47.81
N SER U 215 -22.49 -30.05 47.99
CA SER U 215 -23.28 -29.99 49.25
C SER U 215 -24.16 -31.23 49.42
N ASP U 216 -24.10 -31.86 50.59
CA ASP U 216 -24.98 -33.02 50.87
C ASP U 216 -26.42 -32.51 50.99
N VAL U 217 -26.68 -31.59 51.92
CA VAL U 217 -28.08 -31.10 52.15
C VAL U 217 -28.19 -29.63 51.74
N LEU U 218 -29.10 -29.31 50.81
CA LEU U 218 -29.33 -27.89 50.47
C LEU U 218 -30.75 -27.57 50.91
N ALA U 219 -30.93 -26.51 51.70
CA ALA U 219 -32.26 -26.20 52.25
C ALA U 219 -32.55 -24.70 52.15
N ARG U 220 -33.83 -24.34 52.08
CA ARG U 220 -34.24 -22.91 52.02
C ARG U 220 -35.03 -22.62 53.29
N MET U 221 -34.67 -21.55 54.02
CA MET U 221 -35.30 -21.29 55.33
C MET U 221 -36.26 -20.10 55.20
N THR U 222 -37.55 -20.30 55.53
CA THR U 222 -38.56 -19.23 55.38
C THR U 222 -39.46 -19.17 56.62
N ILE U 223 -40.04 -18.00 56.90
CA ILE U 223 -40.94 -17.83 58.08
C ILE U 223 -42.39 -17.95 57.61
N GLU U 224 -43.17 -18.82 58.23
CA GLU U 224 -44.58 -19.04 57.81
C GLU U 224 -45.51 -18.78 58.99
N THR U 233 -49.59 -17.69 65.07
CA THR U 233 -48.38 -16.83 65.20
C THR U 233 -47.39 -17.19 64.09
N TYR U 234 -46.41 -16.32 63.82
CA TYR U 234 -45.36 -16.62 62.81
C TYR U 234 -44.51 -17.79 63.30
N GLN U 235 -44.12 -18.68 62.37
CA GLN U 235 -43.29 -19.85 62.73
C GLN U 235 -42.04 -19.89 61.83
N TYR U 236 -40.89 -20.29 62.38
CA TYR U 236 -39.65 -20.40 61.56
C TYR U 236 -39.45 -21.87 61.18
N VAL U 237 -39.52 -22.18 59.89
CA VAL U 237 -39.46 -23.61 59.46
C VAL U 237 -38.52 -23.76 58.25
N LEU U 238 -37.69 -24.80 58.24
CA LEU U 238 -36.77 -25.05 57.11
C LEU U 238 -37.43 -26.08 56.18
N ASN U 239 -37.69 -25.71 54.93
CA ASN U 239 -38.41 -26.64 54.01
C ASN U 239 -37.47 -27.18 52.94
N ALA U 240 -37.19 -28.48 52.97
CA ALA U 240 -36.32 -29.10 51.94
C ALA U 240 -37.18 -29.98 51.02
N GLU U 241 -38.50 -29.92 51.15
CA GLU U 241 -39.41 -30.73 50.29
C GLU U 241 -39.18 -30.34 48.83
N PRO U 242 -39.17 -31.31 47.86
CA PRO U 242 -38.89 -30.99 46.47
C PRO U 242 -39.92 -29.99 45.94
N SER U 243 -39.51 -29.13 45.01
CA SER U 243 -40.43 -28.09 44.48
C SER U 243 -39.85 -27.43 43.22
N ASN U 244 -40.68 -27.22 42.19
CA ASN U 244 -40.19 -26.49 40.98
C ASN U 244 -39.79 -25.05 41.34
N LEU U 245 -40.58 -24.38 42.20
CA LEU U 245 -40.31 -22.94 42.50
C LEU U 245 -38.96 -22.72 43.17
N PHE U 246 -38.56 -23.60 44.10
CA PHE U 246 -37.30 -23.43 44.86
C PHE U 246 -36.56 -24.76 44.82
N GLU U 247 -35.23 -24.79 44.87
CA GLU U 247 -34.59 -26.12 44.73
C GLU U 247 -33.99 -26.56 46.06
N THR U 248 -34.38 -27.75 46.52
CA THR U 248 -33.87 -28.30 47.80
C THR U 248 -33.52 -29.77 47.59
N LYS U 249 -32.56 -30.31 48.35
CA LYS U 249 -32.27 -31.76 48.25
C LYS U 249 -31.69 -32.27 49.57
N ILE U 250 -32.28 -33.31 50.15
CA ILE U 250 -31.67 -33.90 51.38
C ILE U 250 -31.21 -35.31 51.02
N ARG U 251 -29.99 -35.69 51.42
CA ARG U 251 -29.48 -37.02 51.01
C ARG U 251 -29.67 -38.02 52.15
N HIS U 252 -30.43 -39.08 51.91
CA HIS U 252 -30.64 -40.15 52.94
C HIS U 252 -30.58 -41.51 52.23
N SER U 253 -30.19 -42.56 52.95
CA SER U 253 -30.05 -43.90 52.34
C SER U 253 -31.44 -44.47 52.03
N SER U 254 -31.54 -45.42 51.10
CA SER U 254 -32.85 -45.97 50.69
C SER U 254 -33.70 -46.35 51.90
N ASN U 255 -33.12 -47.09 52.86
CA ASN U 255 -33.91 -47.58 54.01
C ASN U 255 -34.45 -46.38 54.81
N ILE U 256 -33.64 -45.34 55.00
CA ILE U 256 -34.08 -44.15 55.78
C ILE U 256 -35.18 -43.44 54.99
N LYS U 257 -36.27 -43.06 55.66
CA LYS U 257 -37.37 -42.31 55.00
C LYS U 257 -37.64 -41.03 55.80
N ILE U 258 -37.73 -39.89 55.11
CA ILE U 258 -38.07 -38.63 55.84
C ILE U 258 -39.59 -38.43 55.72
N ASN U 259 -40.33 -38.74 56.78
CA ASN U 259 -41.80 -38.55 56.78
C ASN U 259 -42.10 -37.06 56.66
N ASN U 260 -41.31 -36.21 57.32
CA ASN U 260 -41.55 -34.74 57.29
C ASN U 260 -40.26 -34.01 56.87
N LYS U 261 -40.28 -33.34 55.71
CA LYS U 261 -39.06 -32.62 55.22
C LYS U 261 -39.06 -31.16 55.67
N ARG U 262 -40.09 -30.73 56.42
CA ARG U 262 -40.08 -29.35 56.96
C ARG U 262 -39.79 -29.41 58.47
N PHE U 263 -38.77 -28.68 58.92
CA PHE U 263 -38.39 -28.72 60.35
C PHE U 263 -38.65 -27.35 60.97
N ILE U 264 -39.47 -27.29 62.03
CA ILE U 264 -39.75 -26.00 62.73
C ILE U 264 -38.72 -25.84 63.84
N ASN U 265 -38.27 -24.60 64.12
CA ASN U 265 -37.19 -24.41 65.12
C ASN U 265 -36.06 -25.42 64.83
N PRO U 266 -35.46 -25.43 63.62
CA PRO U 266 -34.44 -26.43 63.28
C PRO U 266 -33.04 -26.21 63.87
N SER U 267 -32.28 -27.29 64.04
CA SER U 267 -30.88 -27.19 64.53
C SER U 267 -30.05 -28.18 63.71
N ILE U 268 -28.72 -28.06 63.70
CA ILE U 268 -27.93 -28.96 62.81
C ILE U 268 -28.13 -30.40 63.32
N ASN U 269 -28.13 -30.59 64.64
CA ASN U 269 -28.32 -31.94 65.24
C ASN U 269 -29.59 -32.58 64.67
N ASP U 270 -30.74 -31.91 64.79
CA ASP U 270 -32.01 -32.49 64.34
C ASP U 270 -31.91 -32.99 62.91
N VAL U 271 -31.32 -32.18 62.04
CA VAL U 271 -31.16 -32.60 60.61
C VAL U 271 -30.27 -33.84 60.59
N VAL U 272 -29.14 -33.82 61.29
CA VAL U 272 -28.21 -34.98 61.31
C VAL U 272 -28.98 -36.23 61.75
N GLN U 273 -29.75 -36.14 62.83
CA GLN U 273 -30.49 -37.30 63.33
C GLN U 273 -31.52 -37.77 62.32
N ALA U 274 -32.19 -36.84 61.66
CA ALA U 274 -33.17 -37.21 60.64
C ALA U 274 -32.51 -37.94 59.48
N ILE U 275 -31.29 -37.54 59.12
CA ILE U 275 -30.62 -38.13 57.92
C ILE U 275 -29.88 -39.41 58.29
N ARG U 276 -29.55 -39.65 59.57
CA ARG U 276 -28.97 -40.92 59.97
C ARG U 276 -30.03 -41.91 60.45
N ASN U 277 -30.90 -41.50 61.36
CA ASN U 277 -31.93 -42.36 61.90
C ASN U 277 -33.28 -42.03 61.29
N GLY U 278 -34.26 -42.89 61.53
CA GLY U 278 -35.59 -42.72 61.00
C GLY U 278 -36.26 -41.43 61.42
N ASN U 279 -36.84 -40.72 60.45
CA ASN U 279 -37.51 -39.41 60.75
C ASN U 279 -38.57 -39.61 61.83
N MET V 1 42.06 -40.64 55.95
CA MET V 1 41.18 -39.79 56.73
C MET V 1 41.92 -38.56 57.24
N ILE V 2 41.33 -37.38 57.03
CA ILE V 2 41.94 -36.11 57.53
C ILE V 2 40.83 -35.06 57.66
N ARG V 3 40.82 -34.31 58.77
CA ARG V 3 39.80 -33.23 58.93
C ARG V 3 40.42 -32.01 59.60
N ASN V 4 39.89 -30.81 59.32
CA ASN V 4 40.37 -29.59 60.01
C ASN V 4 39.83 -29.59 61.45
N ARG V 5 40.56 -29.00 62.39
CA ARG V 5 40.14 -29.02 63.82
C ARG V 5 39.69 -27.62 64.21
N LEU V 6 39.36 -26.77 63.23
CA LEU V 6 39.02 -25.35 63.53
C LEU V 6 37.82 -25.27 64.47
N SER V 7 36.79 -26.09 64.24
CA SER V 7 35.55 -25.95 65.05
C SER V 7 35.86 -26.20 66.53
N GLU V 8 36.70 -27.20 66.82
CA GLU V 8 37.02 -27.54 68.24
C GLU V 8 37.91 -26.43 68.83
N LEU V 9 38.94 -26.01 68.11
CA LEU V 9 39.89 -25.01 68.65
C LEU V 9 39.14 -23.72 69.01
N LEU V 10 38.31 -23.23 68.08
CA LEU V 10 37.57 -21.96 68.32
C LEU V 10 36.67 -22.12 69.56
N SER V 11 36.06 -23.29 69.73
CA SER V 11 35.13 -23.49 70.87
C SER V 11 35.89 -23.39 72.19
N GLU V 12 37.06 -24.02 72.28
CA GLU V 12 37.84 -24.01 73.56
C GLU V 12 38.26 -22.57 73.87
N ARG V 13 38.75 -21.84 72.88
CA ARG V 13 39.19 -20.43 73.10
C ARG V 13 37.96 -19.53 73.27
N GLY V 14 36.80 -19.98 72.78
CA GLY V 14 35.55 -19.21 72.98
C GLY V 14 35.34 -18.13 71.95
N LEU V 15 36.27 -17.96 71.01
CA LEU V 15 36.07 -16.94 69.93
C LEU V 15 34.89 -17.32 69.04
N LYS V 16 34.09 -16.33 68.63
CA LYS V 16 32.94 -16.60 67.73
C LYS V 16 33.41 -16.58 66.28
N ILE V 17 32.67 -17.22 65.37
CA ILE V 17 33.08 -17.29 63.94
C ILE V 17 33.13 -15.87 63.39
N SER V 18 32.17 -15.03 63.77
CA SER V 18 32.10 -13.67 63.17
C SER V 18 33.37 -12.88 63.48
N ARG V 19 33.83 -12.91 64.74
CA ARG V 19 35.02 -12.08 65.09
C ARG V 19 36.24 -12.59 64.31
N VAL V 20 36.40 -13.91 64.25
CA VAL V 20 37.62 -14.47 63.60
C VAL V 20 37.60 -14.03 62.13
N ALA V 21 36.43 -14.11 61.48
CA ALA V 21 36.35 -13.77 60.04
C ALA V 21 36.72 -12.29 59.85
N LYS V 22 36.26 -11.43 60.74
CA LYS V 22 36.54 -9.96 60.61
C LYS V 22 38.04 -9.72 60.73
N ASP V 23 38.71 -10.41 61.66
CA ASP V 23 40.16 -10.15 61.89
C ASP V 23 41.00 -10.78 60.78
N VAL V 24 40.87 -12.09 60.56
CA VAL V 24 41.77 -12.77 59.57
C VAL V 24 41.39 -12.34 58.15
N LYS V 25 40.38 -11.48 58.01
CA LYS V 25 39.97 -10.95 56.69
C LYS V 25 39.59 -12.12 55.77
N ILE V 26 38.94 -13.16 56.32
CA ILE V 26 38.43 -14.28 55.48
C ILE V 26 36.91 -14.20 55.49
N ALA V 27 36.26 -14.35 54.33
CA ALA V 27 34.79 -14.16 54.26
C ALA V 27 34.09 -15.18 55.18
N ARG V 28 33.08 -14.73 55.93
CA ARG V 28 32.37 -15.60 56.90
C ARG V 28 31.91 -16.90 56.24
N SER V 29 31.35 -16.82 55.04
CA SER V 29 30.77 -18.05 54.43
C SER V 29 31.87 -19.12 54.27
N SER V 30 33.03 -18.72 53.77
CA SER V 30 34.13 -19.70 53.55
C SER V 30 34.58 -20.27 54.89
N LEU V 31 34.74 -19.40 55.89
CA LEU V 31 35.26 -19.86 57.21
C LEU V 31 34.26 -20.83 57.84
N THR V 32 32.96 -20.58 57.68
CA THR V 32 31.91 -21.47 58.25
C THR V 32 31.97 -22.83 57.54
N SER V 33 32.05 -22.82 56.21
CA SER V 33 32.14 -24.09 55.44
C SER V 33 33.38 -24.84 55.92
N MET V 34 34.51 -24.16 56.01
CA MET V 34 35.79 -24.79 56.46
C MET V 34 35.69 -25.19 57.94
N ALA V 35 34.87 -24.49 58.74
CA ALA V 35 34.68 -24.93 60.14
C ALA V 35 34.10 -26.33 60.08
N GLN V 36 33.15 -26.56 59.18
CA GLN V 36 32.64 -27.94 58.96
C GLN V 36 33.65 -28.60 58.02
N ASN V 37 33.59 -29.90 57.78
CA ASN V 37 34.63 -30.48 56.90
C ASN V 37 34.08 -30.52 55.48
N ASP V 38 33.04 -29.74 55.20
CA ASP V 38 32.37 -29.77 53.88
C ASP V 38 33.33 -29.38 52.73
N SER V 39 34.15 -28.34 52.91
CA SER V 39 35.02 -27.88 51.79
C SER V 39 35.94 -29.01 51.32
N GLU V 40 36.36 -28.98 50.05
CA GLU V 40 37.29 -30.03 49.54
C GLU V 40 38.73 -29.51 49.51
N MET V 41 38.92 -28.22 49.25
CA MET V 41 40.29 -27.65 49.16
C MET V 41 40.46 -26.48 50.14
N ILE V 42 41.69 -26.28 50.65
CA ILE V 42 41.97 -25.15 51.58
C ILE V 42 43.14 -24.33 51.04
N ARG V 43 43.03 -23.00 51.02
CA ARG V 43 44.10 -22.15 50.43
C ARG V 43 45.25 -21.99 51.42
N TYR V 44 46.49 -22.10 50.95
CA TYR V 44 47.65 -22.00 51.87
C TYR V 44 47.51 -20.73 52.73
N ASP V 45 46.99 -19.65 52.15
CA ASP V 45 46.90 -18.38 52.91
C ASP V 45 46.05 -18.60 54.16
N ALA V 46 44.95 -19.35 54.03
CA ALA V 46 44.04 -19.58 55.18
C ALA V 46 44.78 -20.34 56.29
N ILE V 47 45.61 -21.32 55.91
CA ILE V 47 46.30 -22.15 56.94
C ILE V 47 47.22 -21.25 57.77
N ASP V 48 47.89 -20.28 57.14
CA ASP V 48 48.88 -19.46 57.89
C ASP V 48 48.16 -18.37 58.71
N LYS V 49 47.20 -17.66 58.10
CA LYS V 49 46.53 -16.55 58.82
C LYS V 49 45.96 -17.11 60.12
N LEU V 50 45.19 -18.21 60.04
CA LEU V 50 44.54 -18.79 61.25
C LEU V 50 45.62 -19.28 62.23
N CYS V 51 46.67 -19.94 61.72
CA CYS V 51 47.71 -20.52 62.61
C CYS V 51 48.43 -19.40 63.37
N SER V 52 48.70 -18.28 62.71
CA SER V 52 49.32 -17.14 63.39
C SER V 52 48.34 -16.50 64.37
N TYR V 53 47.05 -16.52 64.03
CA TYR V 53 46.05 -15.82 64.87
C TYR V 53 45.78 -16.60 66.16
N LEU V 54 45.79 -17.92 66.11
CA LEU V 54 45.46 -18.74 67.31
C LEU V 54 46.74 -19.34 67.92
N HIS V 55 47.90 -18.88 67.46
CA HIS V 55 49.18 -19.36 68.04
C HIS V 55 49.16 -20.88 68.03
N ILE V 56 48.71 -21.48 66.92
CA ILE V 56 48.65 -22.96 66.80
C ILE V 56 49.60 -23.38 65.67
N SER V 57 50.38 -24.44 65.88
CA SER V 57 51.26 -24.98 64.82
C SER V 57 50.40 -25.67 63.76
N PRO V 58 50.88 -25.87 62.51
CA PRO V 58 50.07 -26.48 61.47
C PRO V 58 49.65 -27.89 61.92
N SER V 59 50.50 -28.54 62.72
CA SER V 59 50.22 -29.91 63.22
C SER V 59 48.84 -29.93 63.87
N GLU V 60 48.60 -28.99 64.77
CA GLU V 60 47.35 -28.95 65.57
C GLU V 60 46.13 -28.80 64.64
N PHE V 61 46.25 -27.97 63.60
CA PHE V 61 45.08 -27.68 62.74
C PHE V 61 44.55 -28.96 62.08
N PHE V 62 45.42 -29.91 61.72
CA PHE V 62 44.89 -31.08 60.98
C PHE V 62 45.02 -32.36 61.81
N GLU V 63 43.98 -33.20 61.80
CA GLU V 63 44.06 -34.51 62.49
C GLU V 63 44.19 -35.60 61.43
N HIS V 64 45.15 -36.51 61.58
CA HIS V 64 45.39 -37.51 60.54
C HIS V 64 45.35 -38.91 61.14
N ASN V 65 44.99 -39.87 60.30
CA ASN V 65 44.95 -41.28 60.65
C ASN V 65 45.24 -42.04 59.36
N PRO V 66 46.17 -43.01 59.38
CA PRO V 66 46.56 -43.69 58.14
C PRO V 66 45.46 -44.54 57.53
N ILE V 67 44.38 -44.84 58.27
CA ILE V 67 43.32 -45.67 57.72
C ILE V 67 42.61 -44.92 56.59
N ASN V 68 41.98 -45.69 55.70
CA ASN V 68 41.30 -45.12 54.55
C ASN V 68 40.19 -46.05 54.10
N PHE V 69 38.96 -45.52 53.98
CA PHE V 69 37.81 -46.40 53.62
C PHE V 69 37.27 -46.03 52.23
N ASP V 70 36.74 -47.00 51.49
CA ASP V 70 36.13 -46.72 50.16
C ASP V 70 34.76 -47.39 50.08
N PHE V 71 33.78 -46.72 49.46
CA PHE V 71 32.40 -47.26 49.36
C PHE V 71 31.95 -47.22 47.90
N THR V 72 31.45 -48.35 47.39
CA THR V 72 30.92 -48.39 46.00
C THR V 72 29.47 -48.89 46.03
N PHE V 73 28.57 -48.24 45.29
CA PHE V 73 27.13 -48.62 45.31
C PHE V 73 26.78 -49.34 44.00
N ASP V 74 25.95 -50.38 44.07
CA ASP V 74 25.63 -51.17 42.85
C ASP V 74 25.03 -50.28 41.77
N GLU V 75 25.49 -50.44 40.53
CA GLU V 75 24.91 -49.67 39.40
C GLU V 75 23.45 -50.09 39.21
N GLU V 76 23.16 -51.38 39.35
CA GLU V 76 21.78 -51.90 39.15
C GLU V 76 21.19 -52.31 40.49
N PRO V 77 20.28 -51.53 41.10
CA PRO V 77 19.63 -51.92 42.36
C PRO V 77 18.29 -52.60 42.07
N ASN V 78 17.69 -53.27 43.05
CA ASN V 78 16.34 -53.86 42.84
C ASN V 78 15.32 -52.98 43.56
N TYR V 79 14.43 -52.31 42.83
CA TYR V 79 13.51 -51.35 43.51
C TYR V 79 12.07 -51.55 43.02
N LYS V 80 11.11 -51.53 43.95
CA LYS V 80 9.69 -51.57 43.54
C LYS V 80 8.94 -50.45 44.27
N ILE V 81 8.34 -49.51 43.52
CA ILE V 81 7.64 -48.37 44.17
C ILE V 81 6.19 -48.35 43.69
N ASN V 82 5.23 -48.27 44.61
CA ASN V 82 3.79 -48.32 44.25
C ASN V 82 3.14 -46.98 44.59
N ASP V 83 2.53 -46.31 43.60
CA ASP V 83 1.87 -45.00 43.84
C ASP V 83 0.69 -45.22 44.80
N VAL V 84 0.51 -44.33 45.78
CA VAL V 84 -0.56 -44.53 46.82
C VAL V 84 -1.76 -43.61 46.51
N PHE V 85 -1.57 -42.58 45.69
CA PHE V 85 -2.67 -41.62 45.41
C PHE V 85 -3.11 -40.99 46.75
N GLU V 86 -4.40 -41.06 47.10
CA GLU V 86 -4.88 -40.57 48.42
C GLU V 86 -4.72 -39.03 48.52
N GLY V 87 -4.76 -38.31 47.40
CA GLY V 87 -4.76 -36.84 47.44
C GLY V 87 -3.60 -36.18 48.18
N PHE V 88 -2.38 -36.68 48.01
CA PHE V 88 -1.20 -36.02 48.61
C PHE V 88 -1.24 -34.50 48.38
N GLU V 89 -1.82 -34.06 47.25
CA GLU V 89 -1.75 -32.62 46.90
C GLU V 89 -2.23 -31.74 48.06
N VAL V 90 -3.27 -32.16 48.78
CA VAL V 90 -3.81 -31.33 49.89
C VAL V 90 -2.78 -31.26 51.02
N THR V 91 -2.46 -32.39 51.64
CA THR V 91 -1.53 -32.40 52.80
C THR V 91 -0.18 -32.95 52.35
N ALA V 92 0.93 -32.26 52.66
CA ALA V 92 2.24 -32.70 52.12
C ALA V 92 2.82 -33.81 53.01
N ASN V 93 2.24 -35.01 52.92
CA ASN V 93 2.79 -36.17 53.66
C ASN V 93 3.28 -37.16 52.61
N ILE V 94 4.60 -37.27 52.43
CA ILE V 94 5.16 -38.11 51.33
C ILE V 94 4.46 -39.46 51.29
N THR V 95 4.21 -40.07 52.44
CA THR V 95 3.68 -41.46 52.45
C THR V 95 2.47 -41.55 51.51
N HIS V 96 1.62 -40.51 51.48
CA HIS V 96 0.41 -40.52 50.62
C HIS V 96 0.82 -40.55 49.15
N ALA V 97 1.87 -39.81 48.79
CA ALA V 97 2.27 -39.73 47.37
C ALA V 97 2.78 -41.08 46.85
N PHE V 98 3.60 -41.80 47.60
CA PHE V 98 4.17 -43.07 47.07
C PHE V 98 4.57 -44.01 48.22
N SER V 99 4.64 -45.31 47.93
CA SER V 99 5.08 -46.30 48.95
C SER V 99 6.14 -47.22 48.34
N ILE V 100 7.22 -47.51 49.08
CA ILE V 100 8.30 -48.41 48.58
C ILE V 100 7.95 -49.85 48.99
N GLU V 101 7.66 -50.71 48.01
CA GLU V 101 7.38 -52.13 48.36
C GLU V 101 8.68 -52.80 48.83
N ASN V 102 9.77 -52.66 48.07
CA ASN V 102 11.08 -53.23 48.51
C ASN V 102 12.24 -52.63 47.71
N PHE V 103 13.25 -52.09 48.41
CA PHE V 103 14.44 -51.51 47.73
C PHE V 103 15.69 -52.11 48.38
N ASP V 104 16.38 -53.00 47.68
CA ASP V 104 17.58 -53.68 48.25
C ASP V 104 18.76 -53.59 47.27
N PHE V 105 19.98 -53.49 47.79
CA PHE V 105 21.18 -53.37 46.92
C PHE V 105 22.42 -53.68 47.76
N GLU V 106 23.60 -53.58 47.15
CA GLU V 106 24.85 -53.96 47.87
C GLU V 106 25.81 -52.79 47.89
N ILE V 107 26.50 -52.58 49.01
CA ILE V 107 27.56 -51.52 49.07
C ILE V 107 28.89 -52.23 49.34
N LEU V 108 29.90 -52.03 48.49
CA LEU V 108 31.19 -52.75 48.65
C LEU V 108 32.19 -51.84 49.37
N VAL V 109 32.71 -52.28 50.52
CA VAL V 109 33.62 -51.40 51.32
C VAL V 109 35.01 -52.02 51.38
N ASP V 110 36.06 -51.24 51.10
CA ASP V 110 37.46 -51.74 51.15
C ASP V 110 38.24 -51.02 52.25
N VAL V 111 38.56 -51.72 53.34
CA VAL V 111 39.28 -51.07 54.49
C VAL V 111 40.77 -51.23 54.25
N GLU V 112 41.42 -50.19 53.70
CA GLU V 112 42.86 -50.32 53.37
C GLU V 112 43.68 -50.05 54.64
N LEU V 113 44.56 -50.97 55.02
CA LEU V 113 45.33 -50.79 56.27
C LEU V 113 46.47 -49.80 56.03
N ASP V 114 47.25 -49.49 57.07
CA ASP V 114 48.44 -48.60 56.88
C ASP V 114 49.38 -49.34 55.93
N ASN V 115 49.56 -50.65 56.14
CA ASN V 115 50.38 -51.46 55.20
C ASN V 115 49.64 -51.53 53.86
N ARG V 116 50.31 -52.00 52.81
CA ARG V 116 49.68 -52.07 51.46
C ARG V 116 48.49 -53.02 51.51
N GLN V 117 48.49 -53.99 52.43
CA GLN V 117 47.40 -55.01 52.47
C GLN V 117 46.05 -54.34 52.67
N LYS V 118 45.02 -54.83 51.98
CA LYS V 118 43.65 -54.26 52.11
C LYS V 118 42.68 -55.40 52.44
N LEU V 119 41.58 -55.09 53.12
CA LEU V 119 40.55 -56.13 53.40
C LEU V 119 39.26 -55.73 52.66
N ASN V 120 38.52 -56.72 52.14
CA ASN V 120 37.27 -56.42 51.42
C ASN V 120 36.07 -56.91 52.22
N PHE V 121 35.10 -56.02 52.48
CA PHE V 121 33.85 -56.46 53.16
C PHE V 121 32.68 -56.06 52.26
N ASP V 122 31.70 -56.95 52.13
CA ASP V 122 30.54 -56.68 51.23
C ASP V 122 29.26 -56.54 52.07
N LEU V 123 28.58 -55.39 51.97
CA LEU V 123 27.38 -55.14 52.81
C LEU V 123 26.13 -55.20 51.92
N ASP V 124 25.09 -55.90 52.36
CA ASP V 124 23.81 -55.94 51.61
C ASP V 124 22.81 -55.09 52.41
N VAL V 125 22.20 -54.09 51.79
CA VAL V 125 21.30 -53.16 52.54
C VAL V 125 19.88 -53.22 51.98
N SER V 126 18.87 -53.28 52.85
CA SER V 126 17.46 -53.40 52.39
C SER V 126 16.57 -52.38 53.08
N TYR V 127 15.42 -52.05 52.48
CA TYR V 127 14.46 -51.08 53.07
C TYR V 127 13.74 -51.73 54.25
N LYS V 128 13.46 -50.96 55.31
CA LYS V 128 12.78 -51.51 56.50
C LYS V 128 11.46 -50.76 56.74
N GLU V 129 11.52 -49.43 56.85
CA GLU V 129 10.33 -48.64 57.15
C GLU V 129 10.63 -47.17 56.90
N THR V 130 9.58 -46.34 56.86
CA THR V 130 9.80 -44.88 56.72
C THR V 130 9.41 -44.16 58.02
N GLU V 131 10.40 -43.83 58.86
CA GLU V 131 10.13 -43.18 60.16
C GLU V 131 9.72 -41.71 59.93
N LYS V 132 8.89 -41.16 60.82
CA LYS V 132 8.46 -39.74 60.74
C LYS V 132 9.22 -38.93 61.78
N ILE V 133 10.34 -38.30 61.41
CA ILE V 133 11.16 -37.55 62.39
C ILE V 133 10.33 -36.38 62.93
N THR V 134 9.61 -35.68 62.05
CA THR V 134 8.72 -34.56 62.46
C THR V 134 7.44 -34.64 61.62
N ASN V 135 6.41 -33.86 61.96
CA ASN V 135 5.13 -34.00 61.21
C ASN V 135 5.37 -33.72 59.73
N SER V 136 6.18 -32.71 59.39
CA SER V 136 6.37 -32.34 57.97
C SER V 136 7.53 -33.09 57.31
N GLN V 137 8.38 -33.79 58.07
CA GLN V 137 9.58 -34.44 57.45
C GLN V 137 9.71 -35.90 57.87
N HIS V 138 10.19 -36.76 56.96
CA HIS V 138 10.38 -38.20 57.27
C HIS V 138 11.81 -38.62 56.89
N ARG V 139 12.27 -39.74 57.45
CA ARG V 139 13.62 -40.27 57.11
C ARG V 139 13.48 -41.76 56.77
N PHE V 140 13.75 -42.13 55.52
CA PHE V 140 13.71 -43.56 55.15
C PHE V 140 14.78 -44.28 55.96
N ILE V 141 14.45 -45.47 56.49
CA ILE V 141 15.42 -46.21 57.34
C ILE V 141 15.82 -47.51 56.61
N PHE V 142 17.11 -47.72 56.38
CA PHE V 142 17.60 -48.94 55.69
C PHE V 142 18.47 -49.74 56.65
N THR V 143 18.29 -51.07 56.69
CA THR V 143 19.05 -51.91 57.64
C THR V 143 19.93 -52.90 56.86
N ILE V 144 21.17 -53.09 57.31
CA ILE V 144 22.10 -54.06 56.65
C ILE V 144 21.58 -55.48 56.90
N LYS V 145 21.45 -56.28 55.84
CA LYS V 145 20.87 -57.65 55.98
C LYS V 145 21.90 -58.54 56.68
N ASN V 146 23.08 -58.68 56.07
CA ASN V 146 24.16 -59.51 56.68
C ASN V 146 25.10 -58.62 57.52
N GLU V 147 25.13 -58.86 58.83
CA GLU V 147 26.07 -58.10 59.71
C GLU V 147 27.04 -59.10 60.36
N ASP V 148 26.61 -60.34 60.58
CA ASP V 148 27.46 -61.34 61.30
C ASP V 148 28.73 -61.64 60.47
N GLU V 149 28.59 -61.79 59.16
CA GLU V 149 29.77 -62.03 58.28
C GLU V 149 30.69 -60.82 58.30
N ASN V 150 30.15 -59.62 58.49
CA ASN V 150 30.99 -58.40 58.41
C ASN V 150 31.22 -57.80 59.80
N ILE V 151 31.33 -58.63 60.84
CA ILE V 151 31.63 -58.13 62.21
C ILE V 151 33.01 -57.47 62.24
N GLY V 152 33.98 -58.00 61.51
CA GLY V 152 35.36 -57.47 61.54
C GLY V 152 35.40 -56.01 61.11
N LEU V 153 34.51 -55.62 60.20
CA LEU V 153 34.50 -54.24 59.67
C LEU V 153 34.30 -53.31 60.88
N LYS V 154 33.45 -53.71 61.82
CA LYS V 154 33.15 -52.83 62.99
C LYS V 154 34.43 -52.59 63.80
N LYS V 155 35.28 -53.60 63.94
CA LYS V 155 36.51 -53.45 64.76
C LYS V 155 37.39 -52.35 64.16
N TYR V 156 37.51 -52.30 62.84
CA TYR V 156 38.29 -51.21 62.19
C TYR V 156 37.60 -49.86 62.41
N VAL V 157 36.27 -49.79 62.33
CA VAL V 157 35.57 -48.48 62.41
C VAL V 157 35.77 -47.82 63.78
N ASP V 158 35.55 -48.55 64.87
CA ASP V 158 35.60 -47.91 66.22
C ASP V 158 37.04 -47.57 66.61
N SER V 159 38.02 -48.05 65.86
CA SER V 159 39.42 -47.72 66.18
C SER V 159 39.75 -46.27 65.90
N LEU V 160 38.95 -45.63 65.04
CA LEU V 160 39.20 -44.20 64.70
C LEU V 160 38.85 -43.30 65.88
N SER V 161 39.34 -42.06 65.87
CA SER V 161 39.00 -41.08 66.92
C SER V 161 37.55 -40.64 66.72
N ALA V 162 36.92 -40.09 67.75
CA ALA V 162 35.48 -39.75 67.65
C ALA V 162 35.26 -38.76 66.51
N GLY V 163 36.14 -37.75 66.38
CA GLY V 163 35.92 -36.73 65.34
C GLY V 163 35.96 -37.33 63.95
N LEU V 164 36.92 -38.21 63.69
CA LEU V 164 36.99 -38.89 62.36
C LEU V 164 35.75 -39.77 62.17
N LYS V 165 35.33 -40.49 63.22
CA LYS V 165 34.19 -41.43 63.07
C LYS V 165 32.93 -40.65 62.70
N ASN V 166 32.71 -39.51 63.33
CA ASN V 166 31.51 -38.68 63.01
C ASN V 166 31.61 -38.25 61.54
N LEU V 167 32.81 -37.88 61.08
CA LEU V 167 32.98 -37.48 59.66
C LEU V 167 32.61 -38.66 58.75
N LEU V 168 33.14 -39.85 59.04
CA LEU V 168 32.90 -41.01 58.13
C LEU V 168 31.40 -41.29 58.07
N PHE V 169 30.70 -41.22 59.20
CA PHE V 169 29.25 -41.53 59.22
C PHE V 169 28.51 -40.50 58.37
N LYS V 170 28.91 -39.23 58.43
CA LYS V 170 28.25 -38.23 57.54
C LYS V 170 28.47 -38.62 56.08
N LYS V 171 29.68 -39.04 55.72
CA LYS V 171 29.98 -39.35 54.30
C LYS V 171 29.12 -40.52 53.83
N ILE V 172 29.02 -41.58 54.63
CA ILE V 172 28.26 -42.79 54.17
C ILE V 172 26.78 -42.40 54.01
N ASN V 173 26.26 -41.59 54.93
CA ASN V 173 24.83 -41.20 54.88
C ASN V 173 24.59 -40.26 53.69
N GLN V 174 25.41 -39.23 53.52
CA GLN V 174 25.13 -38.26 52.42
C GLN V 174 25.01 -39.03 51.10
N LYS V 175 25.95 -39.95 50.84
CA LYS V 175 25.92 -40.73 49.58
C LYS V 175 24.64 -41.55 49.50
N LEU V 176 24.30 -42.26 50.58
CA LEU V 176 23.08 -43.13 50.57
C LEU V 176 21.87 -42.26 50.25
N SER V 177 21.75 -41.10 50.91
CA SER V 177 20.54 -40.24 50.73
C SER V 177 20.47 -39.80 49.26
N GLY V 178 21.60 -39.42 48.67
CA GLY V 178 21.60 -39.04 47.26
C GLY V 178 21.22 -40.21 46.37
N TYR V 179 21.78 -41.39 46.65
CA TYR V 179 21.52 -42.58 45.81
C TYR V 179 20.02 -42.88 45.82
N VAL V 180 19.44 -43.15 47.00
CA VAL V 180 18.01 -43.57 47.06
C VAL V 180 17.11 -42.45 46.53
N SER V 181 17.38 -41.20 46.90
CA SER V 181 16.49 -40.09 46.47
C SER V 181 16.48 -40.00 44.94
N GLU V 182 17.65 -40.11 44.32
CA GLU V 182 17.73 -39.96 42.83
C GLU V 182 16.92 -41.08 42.17
N ILE V 183 17.02 -42.30 42.70
CA ILE V 183 16.28 -43.44 42.09
C ILE V 183 14.77 -43.15 42.18
N ILE V 184 14.28 -42.75 43.36
CA ILE V 184 12.81 -42.57 43.54
C ILE V 184 12.31 -41.44 42.65
N VAL V 185 13.00 -40.30 42.63
CA VAL V 185 12.48 -39.12 41.87
C VAL V 185 12.18 -39.55 40.43
N LYS V 186 12.97 -40.44 39.84
CA LYS V 186 12.75 -40.81 38.42
C LYS V 186 11.46 -41.60 38.29
N ASN V 187 11.24 -42.60 39.16
CA ASN V 187 10.06 -43.49 39.01
C ASN V 187 8.75 -42.75 39.28
N ILE V 188 8.72 -41.81 40.22
CA ILE V 188 7.42 -41.14 40.59
C ILE V 188 7.33 -39.76 39.95
N ASP V 189 6.20 -39.45 39.29
CA ASP V 189 5.99 -38.11 38.67
C ASP V 189 5.69 -37.08 39.75
N ASP V 190 5.97 -35.80 39.49
CA ASP V 190 5.79 -34.75 40.54
C ASP V 190 4.32 -34.35 40.69
N ILE V 191 3.92 -33.94 41.89
CA ILE V 191 2.53 -33.44 42.11
C ILE V 191 2.65 -32.06 42.76
N GLU V 192 2.02 -31.02 42.18
CA GLU V 192 2.15 -29.65 42.74
C GLU V 192 0.98 -29.36 43.68
N GLU V 193 1.23 -28.69 44.82
CA GLU V 193 0.17 -28.43 45.82
C GLU V 193 -0.81 -27.34 45.34
N LEU V 194 -2.07 -27.42 45.77
CA LEU V 194 -3.09 -26.41 45.39
C LEU V 194 -2.74 -25.03 45.96
N PHE V 195 -2.37 -24.97 47.25
CA PHE V 195 -2.11 -23.67 47.91
C PHE V 195 -0.60 -23.38 47.91
N LYS V 201 7.53 -21.00 47.92
CA LYS V 201 6.05 -21.03 48.05
C LYS V 201 5.56 -22.46 47.76
N SER V 202 5.21 -22.75 46.50
CA SER V 202 4.68 -24.09 46.14
C SER V 202 5.78 -25.14 46.37
N THR V 203 5.40 -26.30 46.92
CA THR V 203 6.37 -27.40 47.18
C THR V 203 6.01 -28.61 46.32
N THR V 204 6.70 -28.81 45.20
CA THR V 204 6.38 -29.96 44.31
C THR V 204 6.87 -31.25 44.97
N LEU V 205 6.34 -32.40 44.53
CA LEU V 205 6.70 -33.69 45.18
C LEU V 205 8.20 -33.94 45.02
N HIS V 206 8.77 -33.67 43.84
CA HIS V 206 10.21 -33.99 43.62
C HIS V 206 11.07 -33.21 44.62
N LYS V 207 10.73 -31.94 44.86
CA LYS V 207 11.55 -31.12 45.79
C LYS V 207 11.50 -31.75 47.17
N GLU V 208 10.32 -32.21 47.59
CA GLU V 208 10.18 -32.84 48.92
C GLU V 208 11.01 -34.13 48.96
N ILE V 209 10.99 -34.91 47.88
CA ILE V 209 11.72 -36.21 47.88
C ILE V 209 13.23 -35.93 48.03
N LEU V 210 13.74 -34.93 47.31
CA LEU V 210 15.18 -34.61 47.38
C LEU V 210 15.53 -34.16 48.79
N GLN V 211 14.66 -33.36 49.41
CA GLN V 211 14.90 -32.85 50.79
C GLN V 211 14.96 -34.07 51.73
N THR V 212 14.10 -35.06 51.51
CA THR V 212 14.02 -36.23 52.43
C THR V 212 15.42 -36.87 52.55
N ASP V 213 15.79 -37.30 53.76
CA ASP V 213 17.12 -37.91 54.00
C ASP V 213 16.97 -39.36 54.48
N SER V 214 17.87 -40.25 54.05
CA SER V 214 17.82 -41.66 54.50
C SER V 214 19.06 -41.98 55.32
N ARG V 215 18.88 -42.52 56.52
CA ARG V 215 20.05 -42.80 57.40
C ARG V 215 20.12 -44.31 57.67
N LEU V 216 21.28 -44.92 57.41
CA LEU V 216 21.46 -46.38 57.60
C LEU V 216 21.40 -46.73 59.09
N SER V 217 20.65 -47.76 59.46
CA SER V 217 20.54 -48.20 60.87
C SER V 217 21.19 -49.57 60.98
N SER V 218 22.35 -49.67 61.62
CA SER V 218 23.08 -50.97 61.67
C SER V 218 24.00 -51.04 62.90
N ASP V 219 24.34 -52.25 63.33
CA ASP V 219 25.23 -52.44 64.50
C ASP V 219 26.64 -51.90 64.19
N ILE V 220 27.13 -52.13 62.97
CA ILE V 220 28.51 -51.71 62.61
C ILE V 220 28.68 -50.23 62.96
N PHE V 221 27.76 -49.37 62.50
CA PHE V 221 27.86 -47.92 62.76
C PHE V 221 26.99 -47.59 63.97
N LYS V 222 27.58 -47.09 65.06
CA LYS V 222 26.79 -46.90 66.30
C LYS V 222 26.55 -45.41 66.60
N GLU V 223 26.99 -44.51 65.71
CA GLU V 223 26.85 -43.05 66.00
C GLU V 223 26.55 -42.29 64.71
N MET W 1 54.07 -16.99 56.43
CA MET W 1 54.88 -17.82 55.55
C MET W 1 54.62 -19.29 55.77
N ILE W 2 54.36 -20.03 54.67
CA ILE W 2 54.12 -21.50 54.77
C ILE W 2 54.45 -22.12 53.40
N ARG W 3 55.16 -23.25 53.38
CA ARG W 3 55.44 -23.94 52.09
C ARG W 3 55.36 -25.46 52.27
N ASN W 4 55.03 -26.18 51.19
CA ASN W 4 55.03 -27.66 51.24
C ASN W 4 56.48 -28.16 51.23
N ARG W 5 56.76 -29.29 51.86
CA ARG W 5 58.14 -29.81 51.97
C ARG W 5 58.28 -31.03 51.06
N LEU W 6 57.35 -31.20 50.10
CA LEU W 6 57.36 -32.44 49.28
C LEU W 6 58.67 -32.58 48.51
N SER W 7 59.21 -31.50 47.96
CA SER W 7 60.42 -31.62 47.11
C SER W 7 61.58 -32.18 47.93
N GLU W 8 61.73 -31.72 49.17
CA GLU W 8 62.85 -32.17 50.03
C GLU W 8 62.62 -33.62 50.45
N LEU W 9 61.41 -33.94 50.90
CA LEU W 9 61.13 -35.31 51.42
C LEU W 9 61.40 -36.34 50.30
N LEU W 10 60.88 -36.09 49.11
CA LEU W 10 61.05 -37.06 47.98
C LEU W 10 62.55 -37.22 47.68
N SER W 11 63.31 -36.14 47.75
CA SER W 11 64.76 -36.21 47.41
C SER W 11 65.48 -37.12 48.41
N GLU W 12 65.20 -36.99 49.71
CA GLU W 12 65.90 -37.79 50.74
C GLU W 12 65.55 -39.27 50.54
N ARG W 13 64.26 -39.58 50.32
CA ARG W 13 63.84 -40.99 50.11
C ARG W 13 64.29 -41.46 48.73
N GLY W 14 64.56 -40.53 47.81
CA GLY W 14 65.08 -40.91 46.48
C GLY W 14 63.99 -41.29 45.49
N LEU W 15 62.72 -41.28 45.90
CA LEU W 15 61.62 -41.57 44.95
C LEU W 15 61.53 -40.51 43.85
N LYS W 16 61.29 -40.92 42.61
CA LYS W 16 61.14 -39.95 41.49
C LYS W 16 59.70 -39.45 41.43
N ILE W 17 59.48 -38.28 40.82
CA ILE W 17 58.11 -37.69 40.78
C ILE W 17 57.21 -38.65 39.99
N SER W 18 57.73 -39.25 38.92
CA SER W 18 56.86 -40.10 38.06
C SER W 18 56.30 -41.27 38.86
N ARG W 19 57.14 -41.95 39.64
CA ARG W 19 56.65 -43.16 40.36
C ARG W 19 55.59 -42.73 41.38
N VAL W 20 55.84 -41.64 42.10
CA VAL W 20 54.89 -41.21 43.17
C VAL W 20 53.54 -40.91 42.51
N ALA W 21 53.57 -40.22 41.37
CA ALA W 21 52.30 -39.83 40.71
C ALA W 21 51.53 -41.08 40.29
N LYS W 22 52.24 -42.09 39.77
CA LYS W 22 51.58 -43.33 39.31
C LYS W 22 50.91 -44.04 40.49
N ASP W 23 51.58 -44.07 41.64
CA ASP W 23 51.03 -44.82 42.81
C ASP W 23 49.89 -44.03 43.47
N VAL W 24 50.14 -42.79 43.88
CA VAL W 24 49.10 -42.02 44.64
C VAL W 24 47.96 -41.63 43.69
N LYS W 25 48.07 -42.00 42.42
CA LYS W 25 46.99 -41.72 41.43
C LYS W 25 46.75 -40.20 41.36
N ILE W 26 47.81 -39.40 41.45
CA ILE W 26 47.67 -37.92 41.28
C ILE W 26 48.36 -37.55 39.97
N ALA W 27 47.74 -36.72 39.14
CA ALA W 27 48.30 -36.41 37.81
C ALA W 27 49.69 -35.77 37.97
N ARG W 28 50.66 -36.20 37.15
CA ARG W 28 52.06 -35.70 37.24
C ARG W 28 52.10 -34.17 37.24
N SER W 29 51.33 -33.52 36.37
CA SER W 29 51.46 -32.04 36.27
C SER W 29 51.13 -31.39 37.61
N SER W 30 50.04 -31.83 38.25
CA SER W 30 49.63 -31.23 39.54
C SER W 30 50.72 -31.50 40.59
N LEU W 31 51.23 -32.73 40.64
CA LEU W 31 52.21 -33.09 41.69
C LEU W 31 53.50 -32.26 41.49
N THR W 32 53.89 -32.03 40.23
CA THR W 32 55.11 -31.23 39.94
C THR W 32 54.90 -29.79 40.40
N SER W 33 53.75 -29.21 40.04
CA SER W 33 53.44 -27.82 40.47
C SER W 33 53.46 -27.76 41.99
N MET W 34 52.82 -28.72 42.65
CA MET W 34 52.79 -28.76 44.14
C MET W 34 54.18 -29.06 44.69
N ALA W 35 55.03 -29.78 43.94
CA ALA W 35 56.42 -29.99 44.41
C ALA W 35 57.05 -28.61 44.54
N GLN W 36 56.81 -27.73 43.58
CA GLN W 36 57.25 -26.33 43.71
C GLN W 36 56.19 -25.64 44.58
N ASN W 37 56.41 -24.41 45.03
CA ASN W 37 55.36 -23.83 45.91
C ASN W 37 54.43 -22.98 45.02
N ASP W 38 54.45 -23.22 43.71
CA ASP W 38 53.67 -22.40 42.75
C ASP W 38 52.16 -22.48 43.03
N SER W 39 51.62 -23.67 43.30
CA SER W 39 50.14 -23.80 43.47
C SER W 39 49.66 -22.91 44.62
N GLU W 40 48.39 -22.47 44.56
CA GLU W 40 47.84 -21.62 45.65
C GLU W 40 47.00 -22.47 46.62
N MET W 41 46.31 -23.49 46.11
CA MET W 41 45.42 -24.33 46.97
C MET W 41 45.83 -25.81 46.88
N ILE W 42 45.63 -26.56 47.97
CA ILE W 42 45.94 -28.03 47.98
C ILE W 42 44.70 -28.81 48.43
N ARG W 43 44.35 -29.89 47.72
CA ARG W 43 43.11 -30.64 48.05
C ARG W 43 43.36 -31.56 49.25
N TYR W 44 42.42 -31.61 50.19
CA TYR W 44 42.62 -32.47 51.40
C TYR W 44 43.04 -33.87 50.96
N ASP W 45 42.47 -34.38 49.86
CA ASP W 45 42.78 -35.77 49.44
C ASP W 45 44.29 -35.90 49.21
N ALA W 46 44.92 -34.89 48.59
CA ALA W 46 46.36 -34.96 48.29
C ALA W 46 47.15 -35.03 49.60
N ILE W 47 46.75 -34.27 50.61
CA ILE W 47 47.53 -34.25 51.89
C ILE W 47 47.53 -35.65 52.49
N ASP W 48 46.41 -36.37 52.43
CA ASP W 48 46.34 -37.70 53.11
C ASP W 48 47.04 -38.77 52.26
N LYS W 49 46.76 -38.82 50.96
CA LYS W 49 47.37 -39.88 50.11
C LYS W 49 48.88 -39.84 50.29
N LEU W 50 49.48 -38.65 50.12
CA LEU W 50 50.96 -38.52 50.20
C LEU W 50 51.42 -38.87 51.63
N CYS W 51 50.71 -38.39 52.65
CA CYS W 51 51.15 -38.61 54.05
C CYS W 51 51.11 -40.11 54.39
N SER W 52 50.10 -40.84 53.90
CA SER W 52 50.06 -42.28 54.11
C SER W 52 51.14 -42.98 53.31
N TYR W 53 51.46 -42.43 52.12
CA TYR W 53 52.44 -43.11 51.22
C TYR W 53 53.86 -42.97 51.75
N LEU W 54 54.20 -41.83 52.35
CA LEU W 54 55.60 -41.60 52.81
C LEU W 54 55.69 -41.74 54.33
N HIS W 55 54.62 -42.26 54.96
CA HIS W 55 54.65 -42.49 56.43
C HIS W 55 55.11 -41.19 57.10
N ILE W 56 54.56 -40.06 56.65
CA ILE W 56 54.91 -38.74 57.23
C ILE W 56 53.66 -38.13 57.88
N SER W 57 53.79 -37.58 59.08
CA SER W 57 52.63 -36.90 59.73
C SER W 57 52.35 -35.58 59.00
N PRO W 58 51.15 -34.98 59.11
CA PRO W 58 50.82 -33.76 58.40
C PRO W 58 51.81 -32.66 58.82
N SER W 59 52.28 -32.72 60.07
CA SER W 59 53.22 -31.71 60.61
C SER W 59 54.41 -31.59 59.66
N GLU W 60 55.01 -32.73 59.32
CA GLU W 60 56.24 -32.75 58.50
C GLU W 60 55.99 -32.11 57.12
N PHE W 61 54.82 -32.37 56.54
CA PHE W 61 54.56 -31.88 55.16
C PHE W 61 54.63 -30.35 55.10
N PHE W 62 54.20 -29.64 56.15
CA PHE W 62 54.17 -28.16 56.00
C PHE W 62 55.18 -27.50 56.94
N GLU W 63 55.89 -26.49 56.45
CA GLU W 63 56.83 -25.72 57.33
C GLU W 63 56.20 -24.36 57.61
N HIS W 64 56.14 -23.94 58.88
CA HIS W 64 55.45 -22.70 59.21
C HIS W 64 56.37 -21.78 59.99
N ASN W 65 56.12 -20.48 59.86
CA ASN W 65 56.84 -19.44 60.59
C ASN W 65 55.86 -18.30 60.78
N PRO W 66 55.72 -17.78 62.01
CA PRO W 66 54.70 -16.74 62.26
C PRO W 66 54.95 -15.43 61.53
N ILE W 67 56.16 -15.20 61.00
CA ILE W 67 56.43 -13.94 60.31
C ILE W 67 55.60 -13.84 59.04
N ASN W 68 55.37 -12.61 58.59
CA ASN W 68 54.56 -12.38 57.41
C ASN W 68 54.98 -11.07 56.76
N PHE W 69 55.29 -11.08 55.46
CA PHE W 69 55.78 -9.86 54.78
C PHE W 69 54.76 -9.39 53.74
N ASP W 70 54.68 -8.08 53.51
CA ASP W 70 53.76 -7.52 52.48
C ASP W 70 54.53 -6.53 51.60
N PHE W 71 54.27 -6.53 50.29
CA PHE W 71 54.99 -5.63 49.35
C PHE W 71 53.97 -4.87 48.51
N THR W 72 54.10 -3.54 48.45
CA THR W 72 53.19 -2.72 47.59
C THR W 72 54.05 -1.89 46.62
N PHE W 73 53.65 -1.83 45.34
CA PHE W 73 54.44 -1.10 44.32
C PHE W 73 53.73 0.20 43.94
N ASP W 74 54.47 1.29 43.74
CA ASP W 74 53.84 2.60 43.46
C ASP W 74 52.96 2.51 42.22
N GLU W 75 51.75 3.08 42.30
CA GLU W 75 50.84 3.11 41.12
C GLU W 75 51.49 3.97 40.03
N GLU W 76 52.12 5.08 40.43
CA GLU W 76 52.74 6.00 39.44
C GLU W 76 54.26 5.92 39.55
N PRO W 77 54.96 5.25 38.62
CA PRO W 77 56.43 5.20 38.64
C PRO W 77 57.00 6.29 37.74
N ASN W 78 58.30 6.58 37.84
CA ASN W 78 58.93 7.56 36.91
C ASN W 78 59.75 6.78 35.89
N TYR W 79 59.36 6.81 34.61
CA TYR W 79 60.07 5.97 33.61
C TYR W 79 60.39 6.76 32.35
N LYS W 80 61.61 6.62 31.82
CA LYS W 80 61.93 7.25 30.52
C LYS W 80 62.57 6.19 29.62
N ILE W 81 61.95 5.91 28.46
CA ILE W 81 62.47 4.85 27.55
C ILE W 81 62.75 5.48 26.18
N ASN W 82 63.95 5.28 25.63
CA ASN W 82 64.32 5.90 24.32
C ASN W 82 64.51 4.80 23.28
N ASP W 83 63.78 4.87 22.17
CA ASP W 83 63.90 3.85 21.08
C ASP W 83 65.32 3.94 20.49
N VAL W 84 65.97 2.79 20.24
CA VAL W 84 67.38 2.80 19.76
C VAL W 84 67.42 2.51 18.24
N PHE W 85 66.34 1.97 17.68
CA PHE W 85 66.34 1.61 16.23
C PHE W 85 67.48 0.59 15.99
N GLU W 86 68.39 0.87 15.05
CA GLU W 86 69.57 -0.01 14.83
C GLU W 86 69.14 -1.39 14.31
N GLY W 87 68.01 -1.47 13.59
CA GLY W 87 67.61 -2.73 12.94
C GLY W 87 67.50 -3.95 13.84
N PHE W 88 66.95 -3.82 15.04
CA PHE W 88 66.70 -4.99 15.90
C PHE W 88 66.07 -6.15 15.11
N GLU W 89 65.28 -5.84 14.09
CA GLU W 89 64.52 -6.91 13.37
C GLU W 89 65.46 -8.04 12.94
N VAL W 90 66.67 -7.71 12.47
CA VAL W 90 67.62 -8.76 11.97
C VAL W 90 68.05 -9.64 13.15
N THR W 91 68.75 -9.05 14.13
CA THR W 91 69.29 -9.84 15.27
C THR W 91 68.45 -9.57 16.52
N ALA W 92 67.99 -10.62 17.21
CA ALA W 92 67.06 -10.39 18.35
C ALA W 92 67.86 -10.02 19.61
N ASN W 93 68.41 -8.81 19.64
CA ASN W 93 69.11 -8.33 20.86
C ASN W 93 68.29 -7.15 21.39
N ILE W 94 67.56 -7.36 22.49
CA ILE W 94 66.63 -6.32 23.00
C ILE W 94 67.31 -4.96 23.03
N THR W 95 68.57 -4.90 23.45
CA THR W 95 69.23 -3.58 23.63
C THR W 95 69.03 -2.72 22.37
N HIS W 96 69.10 -3.33 21.18
CA HIS W 96 68.94 -2.59 19.91
C HIS W 96 67.54 -2.01 19.81
N ALA W 97 66.53 -2.77 20.25
CA ALA W 97 65.13 -2.31 20.12
C ALA W 97 64.85 -1.08 20.99
N PHE W 98 65.31 -1.06 22.24
CA PHE W 98 64.97 0.08 23.14
C PHE W 98 66.02 0.24 24.25
N SER W 99 66.13 1.45 24.81
CA SER W 99 67.06 1.69 25.94
C SER W 99 66.33 2.44 27.06
N ILE W 100 66.53 2.02 28.31
CA ILE W 100 65.87 2.69 29.48
C ILE W 100 66.79 3.81 29.96
N GLU W 101 66.38 5.07 29.81
CA GLU W 101 67.20 6.19 30.33
C GLU W 101 67.18 6.17 31.86
N ASN W 102 66.00 6.08 32.48
CA ASN W 102 65.93 5.97 33.96
C ASN W 102 64.55 5.50 34.42
N PHE W 103 64.50 4.44 35.23
CA PHE W 103 63.22 3.90 35.75
C PHE W 103 63.36 3.76 37.27
N ASP W 104 62.70 4.63 38.04
CA ASP W 104 62.83 4.58 39.52
C ASP W 104 61.44 4.62 40.17
N PHE W 105 61.27 3.93 41.31
CA PHE W 105 59.95 3.89 41.99
C PHE W 105 60.16 3.41 43.42
N GLU W 106 59.07 3.27 44.18
CA GLU W 106 59.20 2.88 45.61
C GLU W 106 58.43 1.60 45.90
N ILE W 107 58.99 0.72 46.72
CA ILE W 107 58.24 -0.50 47.15
C ILE W 107 58.05 -0.41 48.67
N LEU W 108 56.81 -0.48 49.15
CA LEU W 108 56.56 -0.33 50.61
C LEU W 108 56.43 -1.71 51.25
N VAL W 109 57.29 -2.03 52.23
CA VAL W 109 57.27 -3.39 52.84
C VAL W 109 56.85 -3.30 54.32
N ASP W 110 55.90 -4.13 54.75
CA ASP W 110 55.44 -4.13 56.16
C ASP W 110 55.79 -5.47 56.82
N VAL W 111 56.75 -5.48 57.74
CA VAL W 111 57.19 -6.75 58.40
C VAL W 111 56.33 -6.94 59.65
N GLU W 112 55.28 -7.76 59.55
CA GLU W 112 54.37 -7.92 60.71
C GLU W 112 54.96 -8.96 61.67
N LEU W 113 55.14 -8.61 62.93
CA LEU W 113 55.79 -9.56 63.89
C LEU W 113 54.76 -10.61 64.31
N ASP W 114 55.18 -11.58 65.14
CA ASP W 114 54.20 -12.57 65.67
C ASP W 114 53.18 -11.80 66.50
N ASN W 115 53.66 -10.85 67.31
CA ASN W 115 52.74 -9.97 68.08
C ASN W 115 51.98 -9.09 67.09
N ARG W 116 50.92 -8.41 67.54
CA ARG W 116 50.12 -7.56 66.63
C ARG W 116 50.99 -6.43 66.07
N GLN W 117 52.04 -6.03 66.81
CA GLN W 117 52.87 -4.87 66.37
C GLN W 117 53.47 -5.14 64.99
N LYS W 118 53.52 -4.11 64.14
CA LYS W 118 54.10 -4.25 62.79
C LYS W 118 55.16 -3.15 62.59
N LEU W 119 56.15 -3.41 61.74
CA LEU W 119 57.16 -2.37 61.43
C LEU W 119 57.03 -1.99 59.95
N ASN W 120 57.23 -0.72 59.62
CA ASN W 120 57.12 -0.26 58.22
C ASN W 120 58.49 0.12 57.67
N PHE W 121 58.90 -0.46 56.54
CA PHE W 121 60.17 -0.04 55.90
C PHE W 121 59.85 0.38 54.47
N ASP W 122 60.46 1.48 54.00
CA ASP W 122 60.17 1.99 52.63
C ASP W 122 61.42 1.86 51.77
N LEU W 123 61.32 1.14 50.64
CA LEU W 123 62.50 0.89 49.78
C LEU W 123 62.36 1.71 48.50
N ASP W 124 63.42 2.40 48.08
CA ASP W 124 63.39 3.15 46.79
C ASP W 124 64.28 2.36 45.82
N VAL W 125 63.75 1.98 44.65
CA VAL W 125 64.53 1.11 43.72
C VAL W 125 64.73 1.84 42.39
N SER W 126 65.95 1.79 41.84
CA SER W 126 66.26 2.50 40.57
C SER W 126 66.95 1.58 39.57
N TYR W 127 66.89 1.91 38.28
CA TYR W 127 67.54 1.11 37.21
C TYR W 127 69.06 1.34 37.27
N LYS W 128 69.84 0.29 37.01
CA LYS W 128 71.33 0.40 37.05
C LYS W 128 71.91 0.03 35.69
N GLU W 129 71.59 -1.15 35.17
CA GLU W 129 72.16 -1.60 33.91
C GLU W 129 71.38 -2.82 33.41
N THR W 130 71.59 -3.19 32.15
CA THR W 130 70.95 -4.42 31.61
C THR W 130 72.01 -5.50 31.36
N GLU W 131 72.15 -6.45 32.30
CA GLU W 131 73.17 -7.52 32.16
C GLU W 131 72.74 -8.52 31.10
N LYS W 132 73.71 -9.15 30.43
CA LYS W 132 73.43 -10.18 29.39
C LYS W 132 73.72 -11.56 29.98
N ILE W 133 72.69 -12.24 30.51
CA ILE W 133 72.92 -13.57 31.16
C ILE W 133 73.41 -14.55 30.10
N THR W 134 72.81 -14.53 28.91
CA THR W 134 73.25 -15.40 27.78
C THR W 134 73.15 -14.58 26.49
N ASN W 135 73.69 -15.09 25.38
CA ASN W 135 73.69 -14.27 24.14
C ASN W 135 72.26 -13.89 23.77
N SER W 136 71.32 -14.83 23.88
CA SER W 136 69.92 -14.55 23.44
C SER W 136 69.05 -13.95 24.55
N GLN W 137 69.50 -13.95 25.81
CA GLN W 137 68.61 -13.48 26.90
C GLN W 137 69.33 -12.48 27.81
N HIS W 138 68.60 -11.47 28.32
CA HIS W 138 69.19 -10.45 29.24
C HIS W 138 68.33 -10.34 30.51
N ARG W 139 68.92 -9.80 31.57
CA ARG W 139 68.16 -9.58 32.84
C ARG W 139 68.37 -8.14 33.29
N PHE W 140 67.31 -7.33 33.30
CA PHE W 140 67.44 -5.94 33.80
C PHE W 140 67.84 -6.02 35.28
N ILE W 141 68.77 -5.17 35.70
CA ILE W 141 69.24 -5.21 37.12
C ILE W 141 68.83 -3.90 37.81
N PHE W 142 68.11 -4.00 38.93
CA PHE W 142 67.65 -2.80 39.67
C PHE W 142 68.28 -2.81 41.06
N THR W 143 68.78 -1.67 41.51
CA THR W 143 69.47 -1.61 42.83
C THR W 143 68.71 -0.68 43.78
N ILE W 144 68.55 -1.08 45.04
CA ILE W 144 67.85 -0.23 46.06
C ILE W 144 68.72 0.99 46.33
N LYS W 145 68.13 2.19 46.27
CA LYS W 145 68.90 3.44 46.45
C LYS W 145 69.27 3.58 47.92
N ASN W 146 68.27 3.63 48.80
CA ASN W 146 68.51 3.74 50.27
C ASN W 146 68.52 2.35 50.90
N GLU W 147 69.67 1.93 51.43
CA GLU W 147 69.75 0.63 52.14
C GLU W 147 70.13 0.88 53.61
N ASP W 148 70.88 1.95 53.88
CA ASP W 148 71.36 2.22 55.27
C ASP W 148 70.19 2.49 56.21
N GLU W 149 69.19 3.25 55.76
CA GLU W 149 67.98 3.51 56.59
C GLU W 149 67.21 2.21 56.81
N ASN W 150 67.27 1.27 55.87
CA ASN W 150 66.46 0.03 55.99
C ASN W 150 67.34 -1.17 56.34
N ILE W 151 68.39 -0.97 57.14
CA ILE W 151 69.26 -2.10 57.58
C ILE W 151 68.46 -3.08 58.44
N GLY W 152 67.53 -2.57 59.27
CA GLY W 152 66.77 -3.43 60.19
C GLY W 152 65.97 -4.48 59.43
N LEU W 153 65.51 -4.15 58.23
CA LEU W 153 64.67 -5.06 57.43
C LEU W 153 65.49 -6.34 57.21
N LYS W 154 66.79 -6.18 56.96
CA LYS W 154 67.66 -7.36 56.68
C LYS W 154 67.66 -8.31 57.88
N LYS W 155 67.68 -7.76 59.10
CA LYS W 155 67.76 -8.62 60.31
C LYS W 155 66.53 -9.53 60.37
N TYR W 156 65.35 -9.00 60.04
CA TYR W 156 64.13 -9.85 60.00
C TYR W 156 64.23 -10.89 58.88
N VAL W 157 64.76 -10.52 57.70
CA VAL W 157 64.78 -11.47 56.55
C VAL W 157 65.64 -12.70 56.83
N ASP W 158 66.87 -12.52 57.31
CA ASP W 158 67.78 -13.68 57.48
C ASP W 158 67.34 -14.57 58.64
N SER W 159 66.39 -14.11 59.47
CA SER W 159 65.92 -14.93 60.58
C SER W 159 65.10 -16.12 60.11
N LEU W 160 64.58 -16.04 58.89
CA LEU W 160 63.75 -17.16 58.35
C LEU W 160 64.64 -18.36 57.99
N SER W 161 64.04 -19.53 57.85
CA SER W 161 64.80 -20.75 57.44
C SER W 161 65.18 -20.60 55.96
N ALA W 162 66.18 -21.35 55.50
CA ALA W 162 66.65 -21.17 54.11
C ALA W 162 65.50 -21.42 53.13
N GLY W 163 64.69 -22.46 53.37
CA GLY W 163 63.63 -22.79 52.41
C GLY W 163 62.63 -21.66 52.27
N LEU W 164 62.22 -21.07 53.41
CA LEU W 164 61.28 -19.92 53.36
C LEU W 164 61.95 -18.74 52.67
N LYS W 165 63.23 -18.49 52.97
CA LYS W 165 63.92 -17.30 52.39
C LYS W 165 63.96 -17.41 50.87
N ASN W 166 64.25 -18.60 50.35
CA ASN W 166 64.30 -18.80 48.88
C ASN W 166 62.90 -18.52 48.32
N LEU W 167 61.85 -18.98 49.01
CA LEU W 167 60.47 -18.72 48.54
C LEU W 167 60.22 -17.21 48.50
N LEU W 168 60.57 -16.49 49.56
CA LEU W 168 60.27 -15.03 49.62
C LEU W 168 60.98 -14.33 48.46
N PHE W 169 62.23 -14.69 48.20
CA PHE W 169 63.02 -14.03 47.13
C PHE W 169 62.36 -14.28 45.77
N LYS W 170 61.84 -15.49 45.55
CA LYS W 170 61.12 -15.75 44.29
C LYS W 170 59.91 -14.82 44.19
N LYS W 171 59.17 -14.66 45.29
CA LYS W 171 57.93 -13.83 45.24
C LYS W 171 58.28 -12.38 44.90
N ILE W 172 59.31 -11.82 45.55
CA ILE W 172 59.62 -10.38 45.32
C ILE W 172 60.06 -10.21 43.86
N ASN W 173 60.84 -11.15 43.33
CA ASN W 173 61.35 -11.03 41.94
C ASN W 173 60.20 -11.21 40.96
N GLN W 174 59.37 -12.24 41.12
CA GLN W 174 58.30 -12.48 40.12
C GLN W 174 57.48 -11.20 39.96
N LYS W 175 57.09 -10.58 41.08
CA LYS W 175 56.27 -9.34 41.03
C LYS W 175 57.05 -8.24 40.30
N LEU W 176 58.31 -8.04 40.67
CA LEU W 176 59.13 -6.96 40.05
C LEU W 176 59.16 -7.18 38.53
N SER W 177 59.45 -8.42 38.11
CA SER W 177 59.59 -8.71 36.66
C SER W 177 58.28 -8.39 35.95
N GLY W 178 57.15 -8.78 36.54
CA GLY W 178 55.85 -8.45 35.92
C GLY W 178 55.63 -6.96 35.88
N TYR W 179 55.94 -6.26 36.97
CA TYR W 179 55.71 -4.79 37.02
C TYR W 179 56.51 -4.11 35.91
N VAL W 180 57.84 -4.24 35.92
CA VAL W 180 58.68 -3.51 34.93
C VAL W 180 58.31 -3.95 33.51
N SER W 181 58.14 -5.25 33.27
CA SER W 181 57.87 -5.73 31.89
C SER W 181 56.57 -5.10 31.38
N GLU W 182 55.53 -5.06 32.21
CA GLU W 182 54.22 -4.54 31.76
C GLU W 182 54.36 -3.06 31.38
N ILE W 183 55.12 -2.30 32.18
CA ILE W 183 55.29 -0.86 31.90
C ILE W 183 55.98 -0.70 30.54
N ILE W 184 57.08 -1.42 30.30
CA ILE W 184 57.86 -1.23 29.05
C ILE W 184 57.01 -1.63 27.84
N VAL W 185 56.34 -2.79 27.89
CA VAL W 185 55.60 -3.28 26.70
C VAL W 185 54.67 -2.18 26.18
N LYS W 186 54.07 -1.40 27.08
CA LYS W 186 53.09 -0.37 26.62
C LYS W 186 53.82 0.73 25.86
N ASN W 187 54.93 1.24 26.40
CA ASN W 187 55.62 2.40 25.77
C ASN W 187 56.23 2.03 24.42
N ILE W 188 56.77 0.82 24.26
CA ILE W 188 57.49 0.48 22.98
C ILE W 188 56.58 -0.38 22.09
N ASP W 189 56.47 0.00 20.80
CA ASP W 189 55.65 -0.79 19.82
C ASP W 189 56.40 -2.07 19.44
N ASP W 190 55.68 -3.11 19.00
CA ASP W 190 56.34 -4.41 18.70
C ASP W 190 57.01 -4.39 17.33
N ILE W 191 58.09 -5.17 17.18
CA ILE W 191 58.78 -5.28 15.85
C ILE W 191 58.86 -6.77 15.53
N GLU W 192 58.37 -7.20 14.36
CA GLU W 192 58.37 -8.65 14.01
C GLU W 192 59.61 -8.98 13.18
N GLU W 193 60.26 -10.14 13.44
CA GLU W 193 61.51 -10.50 12.74
C GLU W 193 61.25 -10.92 11.28
N LEU W 194 62.22 -10.68 10.40
CA LEU W 194 62.08 -11.07 8.97
C LEU W 194 62.00 -12.59 8.82
N PHE W 195 62.89 -13.33 9.49
CA PHE W 195 62.93 -14.81 9.32
C PHE W 195 62.15 -15.49 10.44
N LYS W 201 57.67 -19.85 16.16
CA LYS W 201 58.48 -19.45 14.98
C LYS W 201 58.88 -17.98 15.13
N SER W 202 58.09 -17.06 14.59
CA SER W 202 58.41 -15.61 14.65
C SER W 202 58.42 -15.15 16.11
N THR W 203 59.38 -14.31 16.49
CA THR W 203 59.46 -13.79 17.88
C THR W 203 59.28 -12.28 17.87
N THR W 204 58.07 -11.80 18.19
CA THR W 204 57.80 -10.34 18.18
C THR W 204 58.51 -9.69 19.37
N LEU W 205 58.73 -8.37 19.32
CA LEU W 205 59.47 -7.69 20.41
C LEU W 205 58.72 -7.84 21.73
N HIS W 206 57.39 -7.69 21.71
CA HIS W 206 56.63 -7.74 22.99
C HIS W 206 56.85 -9.10 23.66
N LYS W 207 56.83 -10.18 22.87
CA LYS W 207 56.98 -11.54 23.47
C LYS W 207 58.34 -11.61 24.16
N GLU W 208 59.38 -11.08 23.50
CA GLU W 208 60.75 -11.11 24.07
C GLU W 208 60.76 -10.29 25.36
N ILE W 209 60.10 -9.13 25.37
CA ILE W 209 60.13 -8.24 26.57
C ILE W 209 59.49 -8.99 27.74
N LEU W 210 58.36 -9.65 27.50
CA LEU W 210 57.64 -10.37 28.59
C LEU W 210 58.53 -11.50 29.10
N GLN W 211 59.22 -12.19 28.21
CA GLN W 211 60.11 -13.31 28.60
C GLN W 211 61.22 -12.74 29.49
N THR W 212 61.73 -11.56 29.15
CA THR W 212 62.87 -10.97 29.91
C THR W 212 62.51 -10.89 31.40
N ASP W 213 63.47 -11.19 32.27
CA ASP W 213 63.24 -11.17 33.74
C ASP W 213 64.13 -10.12 34.42
N SER W 214 63.61 -9.44 35.43
CA SER W 214 64.42 -8.43 36.17
C SER W 214 64.62 -8.92 37.61
N ARG W 215 65.87 -8.94 38.08
CA ARG W 215 66.15 -9.45 39.45
C ARG W 215 66.78 -8.33 40.28
N LEU W 216 66.20 -8.04 41.45
CA LEU W 216 66.70 -6.94 42.31
C LEU W 216 68.08 -7.32 42.88
N SER W 217 69.03 -6.39 42.84
CA SER W 217 70.39 -6.63 43.38
C SER W 217 70.58 -5.71 44.58
N SER W 218 70.61 -6.27 45.80
CA SER W 218 70.69 -5.41 47.01
C SER W 218 71.31 -6.18 48.18
N ASP W 219 71.87 -5.45 49.15
CA ASP W 219 72.49 -6.08 50.35
C ASP W 219 71.42 -6.79 51.17
N ILE W 220 70.24 -6.19 51.32
CA ILE W 220 69.16 -6.79 52.16
C ILE W 220 68.94 -8.25 51.75
N PHE W 221 68.75 -8.48 50.46
CA PHE W 221 68.49 -9.86 49.96
C PHE W 221 69.81 -10.43 49.45
N LYS W 222 70.30 -11.52 50.05
CA LYS W 222 71.65 -12.02 49.67
C LYS W 222 71.58 -13.34 48.88
N GLU W 223 70.37 -13.82 48.58
CA GLU W 223 70.25 -15.13 47.89
C GLU W 223 69.09 -15.10 46.90
N ASP X 30 72.99 11.33 24.95
CA ASP X 30 73.50 11.87 23.67
C ASP X 30 72.41 11.72 22.61
N ILE X 31 71.87 12.84 22.12
CA ILE X 31 70.82 12.78 21.06
C ILE X 31 71.45 12.17 19.81
N LEU X 32 72.70 12.49 19.52
CA LEU X 32 73.40 11.91 18.34
C LEU X 32 73.38 10.38 18.48
N THR X 33 73.85 9.85 19.61
CA THR X 33 73.92 8.38 19.83
C THR X 33 72.51 7.78 19.84
N GLN X 34 71.53 8.50 20.39
CA GLN X 34 70.14 7.98 20.45
C GLN X 34 69.69 7.73 19.01
N LEU X 35 69.98 8.65 18.10
CA LEU X 35 69.70 8.40 16.66
C LEU X 35 70.89 7.64 16.07
N GLY X 36 70.85 7.32 14.78
CA GLY X 36 71.93 6.51 14.18
C GLY X 36 73.03 7.36 13.57
N VAL X 37 72.99 8.67 13.77
CA VAL X 37 73.99 9.55 13.09
C VAL X 37 75.39 9.10 13.50
N LYS X 38 76.31 8.98 12.53
CA LYS X 38 77.68 8.49 12.82
C LYS X 38 78.67 9.18 11.87
N ASP X 39 79.95 9.25 12.25
CA ASP X 39 80.95 9.98 11.42
C ASP X 39 81.32 9.13 10.22
N ILE X 40 81.64 9.76 9.09
CA ILE X 40 81.95 9.01 7.83
C ILE X 40 83.43 8.63 7.82
N SER X 41 84.31 9.54 8.26
CA SER X 41 85.74 9.24 8.19
C SER X 41 86.08 7.94 8.91
N LYS X 42 85.47 7.71 10.07
CA LYS X 42 85.72 6.47 10.80
C LYS X 42 85.03 5.28 10.15
N GLN X 43 83.85 5.51 9.57
CA GLN X 43 83.08 4.38 8.96
C GLN X 43 83.78 3.86 7.70
N ASN X 44 84.35 4.76 6.90
CA ASN X 44 84.95 4.33 5.60
C ASN X 44 86.40 3.87 5.79
N ALA X 45 86.92 3.89 7.01
CA ALA X 45 88.33 3.52 7.19
C ALA X 45 88.63 2.04 6.99
N ASN X 46 87.81 1.17 7.58
CA ASN X 46 88.03 -0.28 7.45
C ASN X 46 86.82 -0.99 6.89
N LYS X 47 85.98 -0.28 6.16
CA LYS X 47 84.75 -0.88 5.67
C LYS X 47 85.00 -2.09 4.80
N PHE X 48 84.19 -3.13 4.98
CA PHE X 48 84.30 -4.33 4.11
C PHE X 48 83.31 -4.19 2.94
N TYR X 49 83.84 -3.86 1.76
CA TYR X 49 83.01 -3.63 0.54
C TYR X 49 82.38 -4.91 -0.01
N LYS X 50 81.17 -4.82 -0.59
CA LYS X 50 80.57 -6.00 -1.28
C LYS X 50 81.01 -5.99 -2.74
N PHE X 51 81.16 -7.16 -3.38
CA PHE X 51 81.68 -7.20 -4.77
C PHE X 51 80.76 -8.06 -5.63
N ALA X 52 80.19 -7.49 -6.70
CA ALA X 52 79.39 -8.34 -7.62
C ALA X 52 80.16 -8.50 -8.94
N ILE X 53 80.43 -9.74 -9.35
CA ILE X 53 81.25 -9.97 -10.57
C ILE X 53 80.43 -10.81 -11.55
N TYR X 54 79.93 -10.21 -12.64
CA TYR X 54 79.19 -10.98 -13.65
C TYR X 54 80.12 -11.27 -14.84
N GLY X 55 80.08 -12.50 -15.36
CA GLY X 55 80.97 -12.87 -16.47
C GLY X 55 80.34 -13.86 -17.45
N LYS X 56 80.93 -14.02 -18.64
CA LYS X 56 80.44 -15.04 -19.60
C LYS X 56 80.98 -16.41 -19.20
N PHE X 57 80.67 -17.46 -19.97
CA PHE X 57 81.10 -18.84 -19.59
C PHE X 57 82.62 -18.98 -19.68
N GLY X 58 83.22 -19.72 -18.75
CA GLY X 58 84.68 -19.97 -18.80
C GLY X 58 85.51 -18.70 -18.79
N THR X 59 85.09 -17.68 -18.03
CA THR X 59 85.90 -16.44 -17.91
C THR X 59 86.72 -16.49 -16.62
N GLY X 60 86.69 -17.61 -15.89
CA GLY X 60 87.44 -17.75 -14.63
C GLY X 60 86.97 -16.78 -13.55
N LYS X 61 85.67 -16.50 -13.51
CA LYS X 61 85.11 -15.55 -12.50
C LYS X 61 85.33 -16.08 -11.08
N THR X 62 85.13 -17.39 -10.86
CA THR X 62 85.32 -17.99 -9.51
C THR X 62 86.80 -17.89 -9.11
N THR X 63 87.71 -18.09 -10.06
CA THR X 63 89.17 -17.97 -9.76
C THR X 63 89.42 -16.66 -9.02
N PHE X 64 88.97 -15.54 -9.57
CA PHE X 64 89.17 -14.20 -8.96
C PHE X 64 88.73 -14.22 -7.49
N LEU X 65 87.52 -14.68 -7.23
CA LEU X 65 86.95 -14.62 -5.86
C LEU X 65 87.80 -15.48 -4.91
N THR X 66 88.26 -16.65 -5.35
CA THR X 66 88.97 -17.58 -4.44
C THR X 66 90.50 -17.57 -4.63
N LYS X 67 91.01 -16.67 -5.48
CA LYS X 67 92.48 -16.62 -5.74
C LYS X 67 93.20 -16.38 -4.41
N ASP X 68 92.63 -15.55 -3.55
CA ASP X 68 93.27 -15.19 -2.25
C ASP X 68 93.44 -16.45 -1.40
N ASN X 69 92.73 -17.52 -1.72
CA ASN X 69 92.80 -18.82 -0.97
C ASN X 69 92.34 -18.58 0.48
N ASN X 70 91.58 -17.51 0.71
CA ASN X 70 91.00 -17.25 2.05
C ASN X 70 89.50 -17.04 1.87
N ALA X 71 88.78 -18.04 1.37
CA ALA X 71 87.35 -17.80 1.05
C ALA X 71 86.44 -18.95 1.49
N LEU X 72 85.18 -18.64 1.79
CA LEU X 72 84.18 -19.69 2.11
C LEU X 72 83.15 -19.67 0.97
N VAL X 73 83.07 -20.73 0.17
CA VAL X 73 82.19 -20.69 -1.04
C VAL X 73 80.87 -21.40 -0.76
N LEU X 74 79.76 -20.66 -0.72
CA LEU X 74 78.42 -21.30 -0.59
C LEU X 74 77.88 -21.59 -2.00
N ASP X 75 78.43 -22.61 -2.67
CA ASP X 75 77.99 -22.94 -4.06
C ASP X 75 76.57 -23.52 -4.03
N ILE X 76 75.81 -23.31 -5.11
CA ILE X 76 74.38 -23.75 -5.13
C ILE X 76 74.18 -24.76 -6.26
N ASN X 77 73.88 -26.02 -5.91
CA ASN X 77 73.59 -27.07 -6.92
C ASN X 77 74.70 -27.11 -7.98
N GLU X 78 75.95 -26.84 -7.58
CA GLU X 78 77.11 -26.85 -8.51
C GLU X 78 78.39 -27.14 -7.71
N ASP X 79 79.46 -27.59 -8.38
CA ASP X 79 80.75 -27.78 -7.66
C ASP X 79 81.89 -27.20 -8.50
N GLY X 80 82.26 -25.93 -8.28
CA GLY X 80 83.39 -25.31 -9.00
C GLY X 80 84.58 -25.09 -8.10
N THR X 81 84.67 -25.84 -7.00
CA THR X 81 85.76 -25.65 -6.02
C THR X 81 87.09 -26.18 -6.58
N THR X 82 87.04 -26.92 -7.68
CA THR X 82 88.28 -27.54 -8.22
C THR X 82 89.30 -26.45 -8.58
N VAL X 83 88.85 -25.31 -9.12
CA VAL X 83 89.80 -24.25 -9.56
C VAL X 83 90.48 -23.69 -8.31
N THR X 84 89.77 -23.58 -7.20
CA THR X 84 90.35 -23.04 -5.94
C THR X 84 91.43 -23.99 -5.42
N GLU X 85 92.46 -23.46 -4.76
CA GLU X 85 93.54 -24.31 -4.20
C GLU X 85 93.23 -24.65 -2.74
N ASP X 86 92.81 -23.65 -1.95
CA ASP X 86 92.52 -23.88 -0.51
C ASP X 86 91.33 -23.02 -0.06
N GLY X 87 90.70 -23.39 1.06
CA GLY X 87 89.52 -22.68 1.58
C GLY X 87 88.48 -23.65 2.10
N ALA X 88 87.27 -23.18 2.43
CA ALA X 88 86.18 -24.10 2.84
C ALA X 88 84.99 -23.96 1.89
N VAL X 89 84.46 -25.08 1.38
CA VAL X 89 83.28 -25.03 0.46
C VAL X 89 82.09 -25.79 1.07
N VAL X 90 80.90 -25.20 1.02
CA VAL X 90 79.67 -25.87 1.55
C VAL X 90 78.61 -25.95 0.44
N GLN X 91 78.29 -27.16 -0.01
CA GLN X 91 77.25 -27.35 -1.05
C GLN X 91 75.89 -26.90 -0.50
N ILE X 92 75.09 -26.19 -1.31
CA ILE X 92 73.72 -25.83 -0.88
C ILE X 92 72.75 -26.60 -1.78
N LYS X 93 71.90 -27.45 -1.21
CA LYS X 93 71.03 -28.31 -2.06
C LYS X 93 69.56 -27.91 -1.91
N ASN X 94 69.20 -27.17 -0.86
CA ASN X 94 67.77 -26.86 -0.63
C ASN X 94 67.64 -25.44 -0.10
N TYR X 95 66.49 -24.80 -0.30
CA TYR X 95 66.25 -23.44 0.25
C TYR X 95 66.36 -23.54 1.78
N LYS X 96 65.83 -24.63 2.35
CA LYS X 96 65.90 -24.82 3.82
C LYS X 96 67.36 -24.88 4.23
N HIS X 97 68.20 -25.57 3.46
CA HIS X 97 69.64 -25.66 3.80
C HIS X 97 70.25 -24.26 3.72
N PHE X 98 69.83 -23.48 2.72
CA PHE X 98 70.37 -22.11 2.54
C PHE X 98 70.03 -21.26 3.76
N SER X 99 68.77 -21.32 4.21
CA SER X 99 68.34 -20.51 5.36
C SER X 99 69.20 -20.87 6.57
N ALA X 100 69.39 -22.16 6.82
CA ALA X 100 70.16 -22.61 8.01
C ALA X 100 71.59 -22.05 7.97
N VAL X 101 72.29 -22.20 6.85
CA VAL X 101 73.73 -21.77 6.83
C VAL X 101 73.81 -20.26 7.09
N ILE X 102 72.92 -19.48 6.49
CA ILE X 102 72.95 -17.99 6.66
C ILE X 102 72.69 -17.66 8.13
N LYS X 103 71.70 -18.31 8.74
CA LYS X 103 71.33 -18.00 10.15
C LYS X 103 72.49 -18.38 11.07
N MET X 104 73.17 -19.49 10.79
CA MET X 104 74.25 -19.95 11.71
C MET X 104 75.60 -19.45 11.20
N LEU X 105 75.61 -18.58 10.19
CA LEU X 105 76.89 -18.14 9.59
C LEU X 105 77.79 -17.50 10.66
N PRO X 106 77.31 -16.64 11.59
CA PRO X 106 78.16 -16.12 12.64
C PRO X 106 78.92 -17.27 13.33
N LYS X 107 78.20 -18.26 13.81
CA LYS X 107 78.82 -19.37 14.58
C LYS X 107 79.87 -20.06 13.70
N ILE X 108 79.55 -20.28 12.42
CA ILE X 108 80.46 -21.02 11.51
C ILE X 108 81.77 -20.24 11.41
N ILE X 109 81.71 -18.97 11.03
CA ILE X 109 82.96 -18.19 10.81
C ILE X 109 83.87 -18.37 12.03
N GLU X 110 83.30 -18.33 13.23
CA GLU X 110 84.12 -18.42 14.46
C GLU X 110 84.86 -19.77 14.47
N GLN X 111 84.19 -20.85 14.07
CA GLN X 111 84.83 -22.18 14.16
C GLN X 111 85.96 -22.33 13.12
N LEU X 112 85.67 -22.08 11.85
CA LEU X 112 86.76 -22.16 10.83
C LEU X 112 87.96 -21.33 11.30
N ARG X 113 87.74 -20.11 11.81
CA ARG X 113 88.87 -19.30 12.32
C ARG X 113 89.52 -20.01 13.52
N GLU X 114 88.73 -20.65 14.36
CA GLU X 114 89.27 -21.40 15.53
C GLU X 114 90.11 -22.58 15.01
N ASN X 115 89.65 -23.25 13.95
CA ASN X 115 90.41 -24.37 13.34
C ASN X 115 91.69 -23.79 12.72
N GLY X 116 91.71 -22.47 12.49
CA GLY X 116 92.87 -21.81 11.87
C GLY X 116 92.65 -21.54 10.40
N LYS X 117 91.56 -22.04 9.84
CA LYS X 117 91.23 -21.71 8.43
C LYS X 117 90.94 -20.20 8.38
N GLN X 118 91.42 -19.51 7.33
CA GLN X 118 91.24 -18.04 7.25
C GLN X 118 90.05 -17.74 6.34
N ILE X 119 88.96 -17.17 6.88
CA ILE X 119 87.83 -16.77 6.00
C ILE X 119 87.71 -15.24 6.02
N ASP X 120 87.88 -14.60 4.87
CA ASP X 120 87.76 -13.12 4.78
C ASP X 120 86.60 -12.78 3.84
N VAL X 121 86.15 -13.74 3.03
CA VAL X 121 85.07 -13.46 2.04
C VAL X 121 84.07 -14.61 1.98
N VAL X 122 82.78 -14.29 1.97
CA VAL X 122 81.70 -15.31 1.84
C VAL X 122 81.14 -15.16 0.43
N VAL X 123 81.15 -16.22 -0.37
CA VAL X 123 80.76 -16.09 -1.80
C VAL X 123 79.52 -16.93 -2.10
N ILE X 124 78.52 -16.36 -2.76
CA ILE X 124 77.36 -17.17 -3.23
C ILE X 124 77.62 -17.37 -4.72
N GLU X 125 77.77 -18.62 -5.17
CA GLU X 125 78.19 -18.90 -6.56
C GLU X 125 77.24 -18.35 -7.62
N THR X 126 75.91 -18.46 -7.44
CA THR X 126 74.99 -18.07 -8.54
C THR X 126 73.72 -17.36 -8.06
N ILE X 127 73.50 -16.13 -8.54
CA ILE X 127 72.27 -15.38 -8.17
C ILE X 127 71.06 -16.04 -8.86
N GLN X 128 71.26 -16.62 -10.04
CA GLN X 128 70.10 -17.20 -10.78
C GLN X 128 69.58 -18.42 -9.99
N LYS X 129 70.48 -19.19 -9.38
CA LYS X 129 70.06 -20.33 -8.52
C LYS X 129 69.28 -19.80 -7.31
N LEU X 130 69.68 -18.67 -6.73
CA LEU X 130 68.90 -18.10 -5.61
C LEU X 130 67.49 -17.79 -6.11
N ARG X 131 67.38 -17.28 -7.33
CA ARG X 131 66.02 -17.04 -7.89
C ARG X 131 65.28 -18.38 -7.97
N ASP X 132 65.95 -19.42 -8.46
CA ASP X 132 65.26 -20.73 -8.65
C ASP X 132 64.83 -21.30 -7.31
N ILE X 133 65.70 -21.25 -6.29
CA ILE X 133 65.36 -21.91 -4.99
C ILE X 133 64.24 -21.11 -4.29
N THR X 134 64.39 -19.79 -4.20
CA THR X 134 63.37 -18.95 -3.52
C THR X 134 62.02 -19.19 -4.21
N MET X 135 62.06 -19.36 -5.54
CA MET X 135 60.78 -19.53 -6.29
C MET X 135 60.12 -20.84 -5.85
N ASP X 136 60.93 -21.89 -5.66
CA ASP X 136 60.36 -23.20 -5.23
C ASP X 136 59.74 -23.04 -3.83
N ASP X 137 60.41 -22.30 -2.96
CA ASP X 137 59.91 -22.12 -1.56
C ASP X 137 58.56 -21.40 -1.61
N ILE X 138 58.42 -20.40 -2.47
CA ILE X 138 57.16 -19.60 -2.51
C ILE X 138 56.14 -20.35 -3.39
N MET X 139 56.60 -21.28 -4.22
CA MET X 139 55.62 -22.08 -5.02
C MET X 139 55.36 -23.41 -4.29
N THR X 147 53.20 -15.54 -10.31
CA THR X 147 52.56 -14.27 -10.59
C THR X 147 53.46 -13.13 -10.12
N PHE X 148 53.06 -11.90 -10.45
CA PHE X 148 53.87 -10.72 -10.03
C PHE X 148 53.91 -10.70 -8.50
N ASN X 149 52.86 -11.21 -7.85
CA ASN X 149 52.88 -11.31 -6.37
C ASN X 149 54.01 -12.26 -6.00
N ASP X 150 54.14 -13.37 -6.71
CA ASP X 150 55.22 -14.34 -6.44
C ASP X 150 56.58 -13.66 -6.70
N TRP X 151 56.68 -12.92 -7.80
CA TRP X 151 57.96 -12.25 -8.15
C TRP X 151 58.33 -11.24 -7.07
N GLY X 152 57.35 -10.47 -6.60
CA GLY X 152 57.61 -9.47 -5.56
C GLY X 152 58.09 -10.12 -4.28
N GLU X 153 57.49 -11.27 -3.94
CA GLU X 153 57.92 -12.02 -2.73
C GLU X 153 59.35 -12.51 -2.96
N CYS X 154 59.67 -12.95 -4.18
CA CYS X 154 61.03 -13.43 -4.48
C CYS X 154 62.01 -12.26 -4.28
N ALA X 155 61.63 -11.07 -4.75
CA ALA X 155 62.48 -9.88 -4.56
C ALA X 155 62.61 -9.60 -3.06
N THR X 156 61.52 -9.76 -2.32
CA THR X 156 61.53 -9.47 -0.87
C THR X 156 62.52 -10.42 -0.18
N ARG X 157 62.52 -11.69 -0.58
CA ARG X 157 63.47 -12.66 0.02
C ARG X 157 64.89 -12.18 -0.28
N ILE X 158 65.16 -11.80 -1.52
CA ILE X 158 66.56 -11.43 -1.92
C ILE X 158 66.98 -10.19 -1.12
N VAL X 159 66.12 -9.18 -1.02
CA VAL X 159 66.52 -7.91 -0.34
C VAL X 159 66.77 -8.23 1.15
N SER X 160 65.93 -9.09 1.73
CA SER X 160 66.07 -9.42 3.18
C SER X 160 67.42 -10.08 3.43
N ILE X 161 67.83 -10.98 2.53
CA ILE X 161 69.12 -11.71 2.72
C ILE X 161 70.24 -10.68 2.83
N TYR X 162 70.34 -9.76 1.88
CA TYR X 162 71.46 -8.79 1.87
C TYR X 162 71.49 -8.01 3.18
N ARG X 163 70.31 -7.56 3.63
CA ARG X 163 70.25 -6.75 4.88
C ARG X 163 70.82 -7.60 6.03
N TYR X 164 70.38 -8.85 6.13
CA TYR X 164 70.86 -9.74 7.21
C TYR X 164 72.37 -9.87 7.09
N ILE X 165 72.86 -10.23 5.90
CA ILE X 165 74.32 -10.48 5.74
C ILE X 165 75.09 -9.21 6.11
N SER X 166 74.59 -8.04 5.68
CA SER X 166 75.32 -6.76 5.92
C SER X 166 75.57 -6.52 7.41
N LYS X 167 74.56 -6.70 8.26
CA LYS X 167 74.76 -6.36 9.69
C LYS X 167 75.85 -7.28 10.25
N LEU X 168 75.86 -8.54 9.83
CA LEU X 168 76.96 -9.46 10.24
C LEU X 168 78.25 -8.98 9.57
N GLN X 169 78.15 -8.48 8.35
CA GLN X 169 79.35 -8.07 7.57
C GLN X 169 80.16 -7.06 8.39
N GLU X 170 79.48 -6.06 8.96
CA GLU X 170 80.18 -5.05 9.78
C GLU X 170 80.73 -5.72 11.04
N HIS X 171 79.94 -6.60 11.64
CA HIS X 171 80.35 -7.31 12.89
C HIS X 171 81.56 -8.22 12.68
N TYR X 172 81.55 -9.06 11.64
CA TYR X 172 82.60 -10.11 11.52
C TYR X 172 83.67 -9.77 10.47
N GLN X 173 83.68 -8.56 9.94
CA GLN X 173 84.78 -8.18 9.03
C GLN X 173 84.91 -9.21 7.89
N PHE X 174 83.80 -9.54 7.23
CA PHE X 174 83.91 -10.46 6.07
C PHE X 174 83.45 -9.73 4.80
N HIS X 175 84.27 -9.77 3.76
CA HIS X 175 83.83 -9.17 2.47
C HIS X 175 82.75 -10.08 1.89
N LEU X 176 81.71 -9.51 1.27
CA LEU X 176 80.70 -10.36 0.62
C LEU X 176 80.92 -10.30 -0.89
N ALA X 177 80.72 -11.41 -1.59
CA ALA X 177 80.83 -11.42 -3.07
C ALA X 177 79.74 -12.31 -3.67
N ILE X 178 79.02 -11.80 -4.66
CA ILE X 178 78.01 -12.64 -5.36
C ILE X 178 78.37 -12.66 -6.85
N SER X 179 78.17 -13.78 -7.53
CA SER X 179 78.55 -13.90 -8.96
C SER X 179 77.37 -14.46 -9.77
N GLY X 180 77.24 -14.03 -11.03
CA GLY X 180 76.12 -14.47 -11.89
C GLY X 180 76.56 -14.67 -13.33
N HIS X 181 75.64 -14.98 -14.24
CA HIS X 181 76.01 -15.27 -15.65
C HIS X 181 75.49 -14.21 -16.61
N GLU X 182 76.35 -13.73 -17.50
CA GLU X 182 75.96 -12.70 -18.51
C GLU X 182 74.83 -13.22 -19.40
N GLY X 183 73.76 -12.43 -19.58
CA GLY X 183 72.66 -12.81 -20.49
C GLY X 183 71.70 -11.66 -20.73
N THR X 200 74.75 -7.07 -19.33
CA THR X 200 74.47 -6.94 -17.87
C THR X 200 74.26 -8.33 -17.26
N ILE X 201 74.30 -8.42 -15.93
CA ILE X 201 74.03 -9.73 -15.26
C ILE X 201 72.60 -10.15 -15.62
N GLU X 202 72.38 -11.42 -15.95
CA GLU X 202 71.04 -11.88 -16.40
C GLU X 202 70.13 -12.10 -15.19
N ALA X 203 68.92 -11.53 -15.22
CA ALA X 203 67.93 -11.69 -14.12
C ALA X 203 66.72 -10.81 -14.41
N GLN X 204 65.78 -10.69 -13.47
CA GLN X 204 64.65 -9.75 -13.66
C GLN X 204 65.02 -8.43 -12.98
N ASP X 205 64.69 -7.29 -13.59
CA ASP X 205 65.13 -5.97 -13.07
C ASP X 205 64.94 -5.83 -11.54
N GLN X 206 63.80 -6.23 -10.99
CA GLN X 206 63.54 -5.95 -9.55
C GLN X 206 64.76 -6.46 -8.77
N ILE X 207 65.28 -7.62 -9.18
CA ILE X 207 66.49 -8.19 -8.51
C ILE X 207 67.69 -7.35 -8.93
N LYS X 208 67.88 -7.20 -10.24
CA LYS X 208 69.06 -6.43 -10.74
C LYS X 208 69.11 -5.09 -10.00
N LYS X 209 68.00 -4.35 -9.97
CA LYS X 209 68.01 -3.01 -9.31
C LYS X 209 68.59 -3.16 -7.90
N ALA X 210 68.04 -4.08 -7.11
CA ALA X 210 68.49 -4.23 -5.73
C ALA X 210 69.97 -4.58 -5.66
N VAL X 211 70.38 -5.55 -6.48
CA VAL X 211 71.80 -6.00 -6.45
C VAL X 211 72.71 -4.82 -6.81
N ILE X 212 72.45 -4.16 -7.94
CA ILE X 212 73.36 -3.09 -8.41
C ILE X 212 73.38 -2.00 -7.33
N SER X 213 72.22 -1.57 -6.83
CA SER X 213 72.21 -0.45 -5.85
C SER X 213 73.09 -0.79 -4.65
N GLN X 214 72.82 -1.93 -4.00
CA GLN X 214 73.59 -2.33 -2.78
C GLN X 214 75.06 -2.60 -3.07
N SER X 215 75.39 -3.23 -4.21
CA SER X 215 76.79 -3.64 -4.46
C SER X 215 77.72 -2.43 -4.53
N ASP X 216 78.84 -2.47 -3.79
CA ASP X 216 79.84 -1.38 -3.87
C ASP X 216 80.52 -1.43 -5.24
N VAL X 217 81.13 -2.56 -5.57
CA VAL X 217 81.89 -2.68 -6.86
C VAL X 217 81.19 -3.68 -7.78
N LEU X 218 80.80 -3.24 -8.98
CA LEU X 218 80.23 -4.21 -9.96
C LEU X 218 81.22 -4.27 -11.12
N ALA X 219 81.64 -5.47 -11.50
CA ALA X 219 82.68 -5.60 -12.55
C ALA X 219 82.32 -6.72 -13.53
N ARG X 220 82.81 -6.62 -14.76
CA ARG X 220 82.55 -7.65 -15.80
C ARG X 220 83.91 -8.27 -16.15
N MET X 221 84.01 -9.61 -16.11
CA MET X 221 85.33 -10.26 -16.31
C MET X 221 85.37 -10.90 -17.70
N THR X 222 86.34 -10.53 -18.53
CA THR X 222 86.43 -11.06 -19.92
C THR X 222 87.87 -11.42 -20.26
N ILE X 223 88.06 -12.36 -21.20
CA ILE X 223 89.43 -12.80 -21.61
C ILE X 223 89.80 -12.06 -22.89
N GLU X 224 90.96 -11.39 -22.91
CA GLU X 224 91.37 -10.60 -24.09
C GLU X 224 92.74 -11.11 -24.58
N THR X 233 99.44 -13.69 -26.37
CA THR X 233 98.69 -14.80 -25.74
C THR X 233 97.39 -14.27 -25.13
N TYR X 234 96.44 -15.17 -24.84
CA TYR X 234 95.17 -14.74 -24.19
C TYR X 234 95.47 -14.24 -22.78
N GLN X 235 94.77 -13.17 -22.35
CA GLN X 235 94.98 -12.60 -20.99
C GLN X 235 93.63 -12.52 -20.28
N TYR X 236 93.61 -12.78 -18.97
CA TYR X 236 92.36 -12.66 -18.17
C TYR X 236 92.36 -11.31 -17.44
N VAL X 237 91.44 -10.42 -17.79
CA VAL X 237 91.45 -9.05 -17.20
C VAL X 237 90.04 -8.63 -16.79
N LEU X 238 89.91 -8.00 -15.62
CA LEU X 238 88.59 -7.53 -15.13
C LEU X 238 88.46 -6.04 -15.49
N ASN X 239 87.45 -5.68 -16.30
CA ASN X 239 87.34 -4.27 -16.75
C ASN X 239 86.13 -3.60 -16.09
N ALA X 240 86.39 -2.60 -15.24
CA ALA X 240 85.29 -1.85 -14.60
C ALA X 240 85.22 -0.44 -15.18
N GLU X 241 85.97 -0.17 -16.25
CA GLU X 241 85.96 1.17 -16.90
C GLU X 241 84.53 1.47 -17.37
N PRO X 242 84.02 2.72 -17.26
CA PRO X 242 82.64 3.03 -17.63
C PRO X 242 82.46 2.74 -19.12
N SER X 243 81.24 2.34 -19.51
CA SER X 243 80.97 2.00 -20.93
C SER X 243 79.48 1.86 -21.19
N ASN X 244 78.98 2.40 -22.31
CA ASN X 244 77.55 2.22 -22.67
C ASN X 244 77.23 0.74 -22.91
N LEU X 245 78.13 0.00 -23.57
CA LEU X 245 77.84 -1.41 -23.94
C LEU X 245 77.64 -2.31 -22.70
N PHE X 246 78.46 -2.13 -21.66
CA PHE X 246 78.39 -2.99 -20.45
C PHE X 246 78.37 -2.08 -19.24
N GLU X 247 77.74 -2.46 -18.12
CA GLU X 247 77.68 -1.47 -17.02
C GLU X 247 78.60 -1.90 -15.87
N THR X 248 79.51 -1.01 -15.48
CA THR X 248 80.46 -1.30 -14.37
C THR X 248 80.52 -0.07 -13.46
N LYS X 249 80.81 -0.25 -12.18
CA LYS X 249 80.99 0.92 -11.28
C LYS X 249 81.93 0.54 -10.12
N ILE X 250 82.99 1.32 -9.92
CA ILE X 250 83.86 1.06 -8.73
C ILE X 250 83.73 2.27 -7.81
N ARG X 251 83.56 2.06 -6.51
CA ARG X 251 83.34 3.21 -5.59
C ARG X 251 84.65 3.56 -4.90
N HIS X 252 85.14 4.79 -5.09
CA HIS X 252 86.39 5.25 -4.42
C HIS X 252 86.16 6.70 -3.96
N SER X 253 86.85 7.12 -2.90
CA SER X 253 86.67 8.50 -2.37
C SER X 253 87.28 9.52 -3.33
N SER X 254 86.83 10.78 -3.27
CA SER X 254 87.31 11.81 -4.23
C SER X 254 88.84 11.80 -4.31
N ASN X 255 89.53 11.80 -3.18
CA ASN X 255 91.02 11.89 -3.20
C ASN X 255 91.59 10.69 -3.95
N ILE X 256 91.06 9.49 -3.71
CA ILE X 256 91.57 8.25 -4.37
C ILE X 256 91.28 8.35 -5.86
N LYS X 257 92.28 8.04 -6.71
CA LYS X 257 92.06 8.04 -8.18
C LYS X 257 92.48 6.68 -8.73
N ILE X 258 91.65 6.08 -9.58
CA ILE X 258 92.06 4.79 -10.21
C ILE X 258 92.66 5.11 -11.57
N ASN X 259 94.00 5.09 -11.68
CA ASN X 259 94.68 5.36 -12.96
C ASN X 259 94.31 4.25 -13.95
N ASN X 260 94.20 3.00 -13.48
CA ASN X 260 93.88 1.87 -14.38
C ASN X 260 92.69 1.08 -13.82
N LYS X 261 91.56 1.06 -14.54
CA LYS X 261 90.34 0.36 -14.06
C LYS X 261 90.31 -1.09 -14.60
N ARG X 262 91.31 -1.50 -15.38
CA ARG X 262 91.35 -2.91 -15.85
C ARG X 262 92.45 -3.64 -15.08
N PHE X 263 92.10 -4.76 -14.43
CA PHE X 263 93.09 -5.51 -13.62
C PHE X 263 93.34 -6.88 -14.27
N ILE X 264 94.60 -7.18 -14.61
CA ILE X 264 94.94 -8.50 -15.21
C ILE X 264 95.29 -9.46 -14.08
N ASN X 265 94.95 -10.75 -14.20
CA ASN X 265 95.16 -11.69 -13.07
C ASN X 265 94.65 -11.05 -11.77
N PRO X 266 93.36 -10.64 -11.69
CA PRO X 266 92.85 -9.94 -10.50
C PRO X 266 92.57 -10.81 -9.27
N SER X 267 92.65 -10.21 -8.08
CA SER X 267 92.30 -10.93 -6.82
C SER X 267 91.50 -9.95 -5.95
N ILE X 268 90.78 -10.44 -4.94
CA ILE X 268 89.92 -9.49 -4.17
C ILE X 268 90.84 -8.48 -3.47
N ASN X 269 91.97 -8.94 -2.93
CA ASN X 269 92.94 -8.04 -2.26
C ASN X 269 93.29 -6.87 -3.18
N ASP X 270 93.79 -7.15 -4.40
CA ASP X 270 94.22 -6.09 -5.30
C ASP X 270 93.14 -5.02 -5.47
N VAL X 271 91.90 -5.47 -5.67
CA VAL X 271 90.77 -4.49 -5.81
C VAL X 271 90.65 -3.70 -4.51
N VAL X 272 90.66 -4.38 -3.36
CA VAL X 272 90.53 -3.69 -2.05
C VAL X 272 91.64 -2.63 -1.94
N GLN X 273 92.88 -2.98 -2.25
CA GLN X 273 93.99 -2.04 -2.12
C GLN X 273 93.82 -0.87 -3.09
N ALA X 274 93.35 -1.14 -4.31
CA ALA X 274 93.11 -0.07 -5.27
C ALA X 274 92.04 0.89 -4.78
N ILE X 275 91.03 0.35 -4.09
CA ILE X 275 89.88 1.22 -3.67
C ILE X 275 90.17 1.91 -2.33
N ARG X 276 91.12 1.41 -1.53
CA ARG X 276 91.52 2.12 -0.31
C ARG X 276 92.72 3.02 -0.54
N ASN X 277 93.77 2.50 -1.15
CA ASN X 277 94.99 3.27 -1.40
C ASN X 277 95.07 3.67 -2.87
N GLY X 278 96.00 4.57 -3.17
CA GLY X 278 96.18 5.05 -4.52
C GLY X 278 96.51 3.98 -5.53
N ASN X 279 95.81 4.01 -6.67
CA ASN X 279 96.01 2.98 -7.72
C ASN X 279 97.48 2.94 -8.13
N ASP Y 30 -12.78 -75.36 11.71
CA ASP Y 30 -14.14 -74.79 11.54
C ASP Y 30 -14.02 -73.37 10.98
N ILE Y 31 -14.47 -73.16 9.74
CA ILE Y 31 -14.40 -71.80 9.12
C ILE Y 31 -15.26 -70.86 9.95
N LEU Y 32 -16.41 -71.33 10.45
CA LEU Y 32 -17.28 -70.49 11.31
C LEU Y 32 -16.47 -69.99 12.50
N THR Y 33 -15.85 -70.93 13.25
CA THR Y 33 -15.07 -70.57 14.47
C THR Y 33 -13.86 -69.70 14.08
N GLN Y 34 -13.25 -69.95 12.94
CA GLN Y 34 -12.07 -69.16 12.50
C GLN Y 34 -12.52 -67.71 12.39
N LEU Y 35 -13.68 -67.46 11.81
CA LEU Y 35 -14.24 -66.08 11.80
C LEU Y 35 -15.01 -65.88 13.09
N GLY Y 36 -15.61 -64.70 13.30
CA GLY Y 36 -16.28 -64.41 14.57
C GLY Y 36 -17.76 -64.76 14.56
N VAL Y 37 -18.24 -65.40 13.50
CA VAL Y 37 -19.70 -65.64 13.38
C VAL Y 37 -20.15 -66.46 14.60
N LYS Y 38 -21.26 -66.06 15.23
CA LYS Y 38 -21.76 -66.75 16.45
C LYS Y 38 -23.28 -66.70 16.48
N ASP Y 39 -23.92 -67.62 17.21
CA ASP Y 39 -25.40 -67.71 17.21
C ASP Y 39 -25.96 -66.57 18.08
N ILE Y 40 -27.15 -66.06 17.75
CA ILE Y 40 -27.74 -64.92 18.49
C ILE Y 40 -28.54 -65.45 19.69
N SER Y 41 -29.26 -66.56 19.52
CA SER Y 41 -30.09 -67.05 20.61
C SER Y 41 -29.26 -67.28 21.87
N LYS Y 42 -28.05 -67.83 21.72
CA LYS Y 42 -27.20 -68.07 22.88
C LYS Y 42 -26.58 -66.76 23.39
N GLN Y 43 -26.28 -65.84 22.48
CA GLN Y 43 -25.60 -64.58 22.88
C GLN Y 43 -26.56 -63.69 23.69
N ASN Y 44 -27.84 -63.65 23.30
CA ASN Y 44 -28.80 -62.73 23.96
C ASN Y 44 -29.42 -63.37 25.21
N ALA Y 45 -29.03 -64.59 25.56
CA ALA Y 45 -29.67 -65.25 26.69
C ALA Y 45 -29.27 -64.67 28.05
N ASN Y 46 -27.98 -64.42 28.27
CA ASN Y 46 -27.52 -63.87 29.54
C ASN Y 46 -26.73 -62.59 29.36
N LYS Y 47 -26.97 -61.89 28.27
CA LYS Y 47 -26.18 -60.71 27.98
C LYS Y 47 -26.29 -59.66 29.07
N PHE Y 48 -25.16 -59.03 29.41
CA PHE Y 48 -25.19 -57.93 30.40
C PHE Y 48 -25.32 -56.59 29.65
N TYR Y 49 -26.51 -56.01 29.69
CA TYR Y 49 -26.82 -54.74 28.96
C TYR Y 49 -26.14 -53.52 29.58
N LYS Y 50 -25.76 -52.53 28.76
CA LYS Y 50 -25.21 -51.26 29.31
C LYS Y 50 -26.39 -50.29 29.52
N PHE Y 51 -26.32 -49.40 30.53
CA PHE Y 51 -27.47 -48.51 30.83
C PHE Y 51 -26.97 -47.07 30.93
N ALA Y 52 -27.52 -46.17 30.12
CA ALA Y 52 -27.15 -44.74 30.26
C ALA Y 52 -28.36 -43.99 30.83
N ILE Y 53 -28.20 -43.30 31.96
CA ILE Y 53 -29.34 -42.62 32.62
C ILE Y 53 -29.01 -41.13 32.76
N TYR Y 54 -29.62 -40.27 31.94
CA TYR Y 54 -29.38 -38.80 32.07
C TYR Y 54 -30.56 -38.18 32.84
N GLY Y 55 -30.26 -37.26 33.77
CA GLY Y 55 -31.34 -36.65 34.58
C GLY Y 55 -31.05 -35.21 34.94
N LYS Y 56 -32.07 -34.47 35.40
CA LYS Y 56 -31.83 -33.08 35.88
C LYS Y 56 -31.30 -33.13 37.31
N PHE Y 57 -31.05 -31.96 37.93
CA PHE Y 57 -30.47 -31.94 39.30
C PHE Y 57 -31.44 -32.52 40.32
N GLY Y 58 -30.91 -33.26 41.31
CA GLY Y 58 -31.77 -33.80 42.40
C GLY Y 58 -32.89 -34.67 41.89
N THR Y 59 -32.66 -35.47 40.85
CA THR Y 59 -33.69 -36.42 40.36
C THR Y 59 -33.44 -37.81 40.93
N GLY Y 60 -32.45 -37.94 41.83
CA GLY Y 60 -32.11 -39.26 42.43
C GLY Y 60 -31.62 -40.26 41.41
N LYS Y 61 -30.88 -39.81 40.40
CA LYS Y 61 -30.37 -40.73 39.33
C LYS Y 61 -29.40 -41.75 39.93
N THR Y 62 -28.52 -41.34 40.84
CA THR Y 62 -27.56 -42.28 41.48
C THR Y 62 -28.32 -43.33 42.31
N THR Y 63 -29.39 -42.90 43.00
CA THR Y 63 -30.21 -43.86 43.80
C THR Y 63 -30.54 -45.07 42.93
N PHE Y 64 -31.12 -44.86 41.74
CA PHE Y 64 -31.50 -45.94 40.82
C PHE Y 64 -30.34 -46.90 40.61
N LEU Y 65 -29.18 -46.39 40.24
CA LEU Y 65 -28.02 -47.24 39.90
C LEU Y 65 -27.58 -48.07 41.12
N THR Y 66 -27.60 -47.48 42.32
CA THR Y 66 -27.08 -48.18 43.52
C THR Y 66 -28.19 -48.72 44.43
N LYS Y 67 -29.45 -48.64 44.01
CA LYS Y 67 -30.57 -49.13 44.84
C LYS Y 67 -30.37 -50.61 45.13
N ASP Y 68 -29.86 -51.36 44.14
CA ASP Y 68 -29.68 -52.83 44.29
C ASP Y 68 -28.67 -53.12 45.42
N ASN Y 69 -27.90 -52.12 45.84
CA ASN Y 69 -26.88 -52.26 46.92
C ASN Y 69 -25.84 -53.29 46.50
N ASN Y 70 -25.71 -53.54 45.19
CA ASN Y 70 -24.65 -54.44 44.67
C ASN Y 70 -23.89 -53.68 43.58
N ALA Y 71 -23.25 -52.57 43.93
CA ALA Y 71 -22.63 -51.74 42.86
C ALA Y 71 -21.24 -51.22 43.24
N LEU Y 72 -20.39 -51.01 42.24
CA LEU Y 72 -19.05 -50.39 42.48
C LEU Y 72 -19.09 -49.03 41.80
N VAL Y 73 -19.01 -47.95 42.57
CA VAL Y 73 -19.19 -46.58 41.97
C VAL Y 73 -17.83 -45.91 41.74
N LEU Y 74 -17.43 -45.73 40.47
CA LEU Y 74 -16.19 -44.96 40.18
C LEU Y 74 -16.54 -43.48 40.04
N ASP Y 75 -16.82 -42.81 41.16
CA ASP Y 75 -17.21 -41.37 41.12
C ASP Y 75 -16.01 -40.51 40.72
N ILE Y 76 -16.26 -39.37 40.07
CA ILE Y 76 -15.14 -38.53 39.55
C ILE Y 76 -15.21 -37.14 40.19
N ASN Y 77 -14.21 -36.81 41.02
CA ASN Y 77 -14.13 -35.46 41.65
C ASN Y 77 -15.47 -35.11 42.33
N GLU Y 78 -16.16 -36.12 42.88
CA GLU Y 78 -17.45 -35.90 43.57
C GLU Y 78 -17.68 -37.02 44.60
N ASP Y 79 -18.55 -36.81 45.58
CA ASP Y 79 -18.88 -37.91 46.53
C ASP Y 79 -20.39 -37.99 46.75
N GLY Y 80 -21.09 -38.82 45.96
CA GLY Y 80 -22.54 -38.98 46.14
C GLY Y 80 -22.88 -40.36 46.72
N THR Y 81 -21.92 -40.98 47.40
CA THR Y 81 -22.13 -42.36 47.94
C THR Y 81 -23.08 -42.31 49.14
N THR Y 82 -23.36 -41.13 49.68
CA THR Y 82 -24.19 -41.03 50.91
C THR Y 82 -25.59 -41.63 50.65
N VAL Y 83 -26.14 -41.42 49.45
CA VAL Y 83 -27.52 -41.92 49.16
C VAL Y 83 -27.50 -43.45 49.17
N THR Y 84 -26.41 -44.05 48.68
CA THR Y 84 -26.30 -45.53 48.65
C THR Y 84 -26.22 -46.08 50.08
N GLU Y 85 -26.75 -47.29 50.30
CA GLU Y 85 -26.71 -47.91 51.65
C GLU Y 85 -25.48 -48.81 51.77
N ASP Y 86 -25.20 -49.63 50.74
CA ASP Y 86 -24.04 -50.55 50.78
C ASP Y 86 -23.41 -50.69 49.39
N GLY Y 87 -22.16 -51.16 49.34
CA GLY Y 87 -21.41 -51.30 48.07
C GLY Y 87 -19.97 -50.86 48.22
N ALA Y 88 -19.21 -50.75 47.13
CA ALA Y 88 -17.83 -50.22 47.21
C ALA Y 88 -17.70 -48.96 46.35
N VAL Y 89 -17.13 -47.89 46.90
CA VAL Y 89 -16.94 -46.62 46.12
C VAL Y 89 -15.45 -46.27 46.03
N VAL Y 90 -14.98 -45.92 44.83
CA VAL Y 90 -13.56 -45.50 44.62
C VAL Y 90 -13.50 -44.10 44.02
N GLN Y 91 -12.99 -43.13 44.78
CA GLN Y 91 -12.85 -41.74 44.26
C GLN Y 91 -11.86 -41.72 43.09
N ILE Y 92 -12.16 -40.98 42.02
CA ILE Y 92 -11.18 -40.84 40.91
C ILE Y 92 -10.74 -39.37 40.92
N LYS Y 93 -9.44 -39.10 41.09
CA LYS Y 93 -8.98 -37.70 41.22
C LYS Y 93 -8.13 -37.28 40.01
N ASN Y 94 -7.63 -38.25 39.25
CA ASN Y 94 -6.69 -37.89 38.13
C ASN Y 94 -6.97 -38.80 36.93
N TYR Y 95 -6.65 -38.34 35.72
CA TYR Y 95 -6.80 -39.20 34.52
C TYR Y 95 -5.91 -40.43 34.71
N LYS Y 96 -4.72 -40.23 35.28
CA LYS Y 96 -3.79 -41.36 35.51
C LYS Y 96 -4.47 -42.35 36.46
N HIS Y 97 -5.14 -41.85 37.48
CA HIS Y 97 -5.83 -42.75 38.44
C HIS Y 97 -6.93 -43.50 37.70
N PHE Y 98 -7.62 -42.80 36.79
CA PHE Y 98 -8.73 -43.43 36.04
C PHE Y 98 -8.17 -44.58 35.17
N SER Y 99 -7.07 -44.33 34.49
CA SER Y 99 -6.48 -45.37 33.61
C SER Y 99 -6.14 -46.60 34.45
N ALA Y 100 -5.50 -46.39 35.60
CA ALA Y 100 -5.08 -47.52 36.46
C ALA Y 100 -6.29 -48.36 36.87
N VAL Y 101 -7.35 -47.74 37.39
CA VAL Y 101 -8.49 -48.55 37.92
C VAL Y 101 -9.11 -49.38 36.78
N ILE Y 102 -9.26 -48.78 35.59
CA ILE Y 102 -9.87 -49.50 34.44
C ILE Y 102 -8.98 -50.69 34.06
N LYS Y 103 -7.66 -50.46 33.99
CA LYS Y 103 -6.73 -51.54 33.57
C LYS Y 103 -6.75 -52.68 34.60
N MET Y 104 -6.84 -52.35 35.88
CA MET Y 104 -6.76 -53.40 36.93
C MET Y 104 -8.18 -53.81 37.34
N LEU Y 105 -9.20 -53.33 36.63
CA LEU Y 105 -10.60 -53.62 37.03
C LEU Y 105 -10.85 -55.14 37.11
N PRO Y 106 -10.37 -55.98 36.16
CA PRO Y 106 -10.55 -57.42 36.30
C PRO Y 106 -10.08 -57.88 37.68
N LYS Y 107 -8.85 -57.55 38.04
CA LYS Y 107 -8.27 -58.03 39.33
C LYS Y 107 -9.15 -57.54 40.48
N ILE Y 108 -9.60 -56.28 40.43
CA ILE Y 108 -10.40 -55.69 41.55
C ILE Y 108 -11.68 -56.51 41.72
N ILE Y 109 -12.46 -56.67 40.66
CA ILE Y 109 -13.77 -57.37 40.78
C ILE Y 109 -13.54 -58.69 41.52
N GLU Y 110 -12.47 -59.42 41.17
CA GLU Y 110 -12.22 -60.75 41.80
C GLU Y 110 -12.05 -60.58 43.30
N GLN Y 111 -11.37 -59.53 43.75
CA GLN Y 111 -11.08 -59.39 45.20
C GLN Y 111 -12.35 -59.03 45.97
N LEU Y 112 -13.05 -57.97 45.56
CA LEU Y 112 -14.33 -57.63 46.25
C LEU Y 112 -15.23 -58.87 46.33
N ARG Y 113 -15.35 -59.65 45.25
CA ARG Y 113 -16.16 -60.89 45.30
C ARG Y 113 -15.53 -61.87 46.30
N GLU Y 114 -14.19 -61.94 46.35
CA GLU Y 114 -13.50 -62.83 47.31
C GLU Y 114 -13.80 -62.36 48.74
N ASN Y 115 -13.83 -61.05 48.96
CA ASN Y 115 -14.16 -60.48 50.29
C ASN Y 115 -15.62 -60.79 50.59
N GLY Y 116 -16.39 -61.14 49.55
CA GLY Y 116 -17.83 -61.43 49.72
C GLY Y 116 -18.70 -60.25 49.33
N LYS Y 117 -18.09 -59.10 49.04
CA LYS Y 117 -18.88 -57.95 48.53
C LYS Y 117 -19.44 -58.35 47.17
N GLN Y 118 -20.69 -57.99 46.87
CA GLN Y 118 -21.32 -58.41 45.59
C GLN Y 118 -21.25 -57.24 44.60
N ILE Y 119 -20.48 -57.39 43.51
CA ILE Y 119 -20.47 -56.32 42.48
C ILE Y 119 -21.09 -56.86 41.20
N ASP Y 120 -22.20 -56.27 40.76
CA ASP Y 120 -22.87 -56.71 39.50
C ASP Y 120 -22.86 -55.55 38.50
N VAL Y 121 -22.60 -54.32 38.96
CA VAL Y 121 -22.62 -53.14 38.06
C VAL Y 121 -21.46 -52.19 38.37
N VAL Y 122 -20.79 -51.71 37.32
CA VAL Y 122 -19.68 -50.72 37.48
C VAL Y 122 -20.24 -49.39 36.99
N VAL Y 123 -20.22 -48.34 37.81
CA VAL Y 123 -20.89 -47.07 37.42
C VAL Y 123 -19.87 -45.93 37.34
N ILE Y 124 -19.88 -45.16 36.26
CA ILE Y 124 -19.04 -43.94 36.17
C ILE Y 124 -19.99 -42.79 36.46
N GLU Y 125 -19.77 -42.03 37.53
CA GLU Y 125 -20.75 -40.99 37.97
C GLU Y 125 -21.02 -39.92 36.91
N THR Y 126 -20.01 -39.41 36.22
CA THR Y 126 -20.26 -38.25 35.31
C THR Y 126 -19.49 -38.32 33.98
N ILE Y 127 -20.20 -38.30 32.85
CA ILE Y 127 -19.54 -38.31 31.53
C ILE Y 127 -18.87 -36.96 31.30
N GLN Y 128 -19.43 -35.88 31.84
CA GLN Y 128 -18.85 -34.53 31.59
C GLN Y 128 -17.47 -34.46 32.26
N LYS Y 129 -17.32 -35.07 33.44
CA LYS Y 129 -15.99 -35.12 34.10
C LYS Y 129 -15.00 -35.93 33.26
N LEU Y 130 -15.46 -37.02 32.62
CA LEU Y 130 -14.56 -37.78 31.72
C LEU Y 130 -14.09 -36.84 30.60
N ARG Y 131 -14.98 -36.00 30.09
CA ARG Y 131 -14.55 -35.01 29.07
C ARG Y 131 -13.50 -34.09 29.67
N ASP Y 132 -13.73 -33.62 30.90
CA ASP Y 132 -12.78 -32.65 31.52
C ASP Y 132 -11.42 -33.31 31.74
N ILE Y 133 -11.39 -34.55 32.26
CA ILE Y 133 -10.08 -35.17 32.60
C ILE Y 133 -9.33 -35.52 31.31
N THR Y 134 -9.99 -36.16 30.36
CA THR Y 134 -9.31 -36.56 29.10
C THR Y 134 -8.76 -35.30 28.45
N MET Y 135 -9.49 -34.19 28.57
CA MET Y 135 -9.03 -32.93 27.91
C MET Y 135 -7.72 -32.48 28.56
N ASP Y 136 -7.63 -32.59 29.89
CA ASP Y 136 -6.39 -32.18 30.59
C ASP Y 136 -5.23 -33.07 30.13
N ASP Y 137 -5.49 -34.37 29.98
CA ASP Y 137 -4.41 -35.32 29.57
C ASP Y 137 -3.91 -34.93 28.19
N ILE Y 138 -4.81 -34.56 27.27
CA ILE Y 138 -4.40 -34.24 25.87
C ILE Y 138 -3.91 -32.79 25.82
N MET Y 139 -4.26 -31.98 26.82
CA MET Y 139 -3.72 -30.59 26.84
C MET Y 139 -2.50 -30.54 27.76
N THR Y 147 -8.42 -27.73 20.02
CA THR Y 147 -8.77 -27.70 18.61
C THR Y 147 -9.62 -28.92 18.27
N PHE Y 148 -10.13 -28.95 17.04
CA PHE Y 148 -10.95 -30.11 16.61
C PHE Y 148 -10.08 -31.35 16.66
N ASN Y 149 -8.77 -31.20 16.44
CA ASN Y 149 -7.85 -32.34 16.58
C ASN Y 149 -7.91 -32.82 18.03
N ASP Y 150 -7.89 -31.87 18.97
CA ASP Y 150 -7.97 -32.23 20.42
C ASP Y 150 -9.32 -32.89 20.68
N TRP Y 151 -10.41 -32.35 20.12
CA TRP Y 151 -11.77 -32.91 20.36
C TRP Y 151 -11.83 -34.34 19.81
N GLY Y 152 -11.27 -34.56 18.62
CA GLY Y 152 -11.30 -35.89 18.00
C GLY Y 152 -10.53 -36.90 18.86
N GLU Y 153 -9.40 -36.45 19.41
CA GLU Y 153 -8.60 -37.31 20.31
C GLU Y 153 -9.43 -37.63 21.55
N CYS Y 154 -10.14 -36.62 22.06
CA CYS Y 154 -10.99 -36.83 23.26
C CYS Y 154 -12.05 -37.87 22.94
N ALA Y 155 -12.65 -37.78 21.75
CA ALA Y 155 -13.66 -38.78 21.33
C ALA Y 155 -12.97 -40.15 21.23
N THR Y 156 -11.74 -40.17 20.70
CA THR Y 156 -11.02 -41.46 20.53
C THR Y 156 -10.80 -42.11 21.90
N ARG Y 157 -10.44 -41.30 22.90
CA ARG Y 157 -10.23 -41.85 24.26
C ARG Y 157 -11.55 -42.44 24.75
N ILE Y 158 -12.66 -41.73 24.56
CA ILE Y 158 -13.97 -42.19 25.10
C ILE Y 158 -14.36 -43.50 24.40
N VAL Y 159 -14.22 -43.56 23.07
CA VAL Y 159 -14.66 -44.78 22.34
C VAL Y 159 -13.78 -45.97 22.78
N SER Y 160 -12.49 -45.72 22.97
CA SER Y 160 -11.55 -46.80 23.35
C SER Y 160 -11.96 -47.38 24.71
N ILE Y 161 -12.34 -46.52 25.65
CA ILE Y 161 -12.71 -46.98 27.02
C ILE Y 161 -13.86 -47.99 26.89
N TYR Y 162 -14.93 -47.61 26.18
CA TYR Y 162 -16.12 -48.49 26.10
C TYR Y 162 -15.72 -49.86 25.52
N ARG Y 163 -14.91 -49.85 24.47
CA ARG Y 163 -14.50 -51.12 23.83
C ARG Y 163 -13.77 -51.99 24.87
N TYR Y 164 -12.84 -51.37 25.60
CA TYR Y 164 -12.09 -52.13 26.63
C TYR Y 164 -13.08 -52.68 27.66
N ILE Y 165 -13.93 -51.82 28.21
CA ILE Y 165 -14.86 -52.27 29.28
C ILE Y 165 -15.73 -53.40 28.74
N SER Y 166 -16.22 -53.28 27.50
CA SER Y 166 -17.15 -54.29 26.95
C SER Y 166 -16.54 -55.70 26.94
N LYS Y 167 -15.29 -55.84 26.49
CA LYS Y 167 -14.71 -57.21 26.39
C LYS Y 167 -14.67 -57.81 27.80
N LEU Y 168 -14.33 -56.99 28.80
CA LEU Y 168 -14.35 -57.48 30.20
C LEU Y 168 -15.80 -57.72 30.59
N GLN Y 169 -16.71 -56.89 30.09
CA GLN Y 169 -18.16 -56.98 30.47
C GLN Y 169 -18.66 -58.39 30.18
N GLU Y 170 -18.35 -58.92 29.00
CA GLU Y 170 -18.79 -60.29 28.64
C GLU Y 170 -18.08 -61.30 29.54
N HIS Y 171 -16.78 -61.07 29.78
CA HIS Y 171 -15.97 -61.98 30.63
C HIS Y 171 -16.44 -62.03 32.08
N TYR Y 172 -16.67 -60.87 32.70
CA TYR Y 172 -16.92 -60.87 34.16
C TYR Y 172 -18.40 -60.65 34.53
N GLN Y 173 -19.29 -60.69 33.55
CA GLN Y 173 -20.74 -60.60 33.89
C GLN Y 173 -21.02 -59.37 34.76
N PHE Y 174 -20.54 -58.20 34.33
CA PHE Y 174 -20.87 -56.97 35.10
C PHE Y 174 -21.68 -56.04 34.20
N HIS Y 175 -22.82 -55.55 34.70
CA HIS Y 175 -23.58 -54.54 33.92
C HIS Y 175 -22.80 -53.24 33.96
N LEU Y 176 -22.77 -52.48 32.87
CA LEU Y 176 -22.11 -51.16 32.91
C LEU Y 176 -23.18 -50.09 32.95
N ALA Y 177 -22.95 -49.01 33.69
CA ALA Y 177 -23.90 -47.87 33.73
C ALA Y 177 -23.14 -46.55 33.75
N ILE Y 178 -23.51 -45.62 32.88
CA ILE Y 178 -22.87 -44.26 32.92
C ILE Y 178 -23.99 -43.23 33.11
N SER Y 179 -23.73 -42.16 33.86
CA SER Y 179 -24.78 -41.15 34.14
C SER Y 179 -24.24 -39.75 33.84
N GLY Y 180 -25.11 -38.84 33.38
CA GLY Y 180 -24.69 -37.46 33.03
C GLY Y 180 -25.75 -36.45 33.41
N HIS Y 181 -25.55 -35.17 33.07
CA HIS Y 181 -26.49 -34.10 33.50
C HIS Y 181 -27.24 -33.49 32.30
N GLU Y 182 -28.56 -33.37 32.42
CA GLU Y 182 -29.39 -32.77 31.34
C GLU Y 182 -28.95 -31.33 31.04
N GLY Y 183 -28.73 -31.00 29.76
CA GLY Y 183 -28.39 -29.62 29.37
C GLY Y 183 -28.46 -29.43 27.86
N THR Y 200 -31.75 -33.71 26.11
CA THR Y 200 -30.77 -34.79 25.87
C THR Y 200 -29.61 -34.66 26.87
N ILE Y 201 -28.79 -35.70 27.01
CA ILE Y 201 -27.60 -35.61 27.90
C ILE Y 201 -26.70 -34.51 27.36
N GLU Y 202 -26.14 -33.66 28.23
CA GLU Y 202 -25.33 -32.51 27.76
C GLU Y 202 -23.92 -32.98 27.42
N ALA Y 203 -23.41 -32.59 26.23
CA ALA Y 203 -22.05 -32.97 25.79
C ALA Y 203 -21.86 -32.51 24.35
N GLN Y 204 -20.74 -32.87 23.71
CA GLN Y 204 -20.57 -32.55 22.27
C GLN Y 204 -21.02 -33.77 21.47
N ASP Y 205 -21.71 -33.57 20.35
CA ASP Y 205 -22.30 -34.70 19.58
C ASP Y 205 -21.34 -35.88 19.40
N GLN Y 206 -20.08 -35.64 19.04
CA GLN Y 206 -19.18 -36.78 18.70
C GLN Y 206 -19.27 -37.78 19.86
N ILE Y 207 -19.29 -37.25 21.09
CA ILE Y 207 -19.40 -38.12 22.30
C ILE Y 207 -20.83 -38.66 22.34
N LYS Y 208 -21.82 -37.76 22.31
CA LYS Y 208 -23.23 -38.20 22.39
C LYS Y 208 -23.46 -39.33 21.38
N LYS Y 209 -23.07 -39.12 20.12
CA LYS Y 209 -23.32 -40.16 19.08
C LYS Y 209 -22.78 -41.50 19.60
N ALA Y 210 -21.51 -41.53 20.01
CA ALA Y 210 -20.90 -42.79 20.45
C ALA Y 210 -21.66 -43.39 21.63
N VAL Y 211 -21.95 -42.55 22.62
CA VAL Y 211 -22.64 -43.06 23.85
C VAL Y 211 -24.00 -43.65 23.44
N ILE Y 212 -24.83 -42.86 22.74
CA ILE Y 212 -26.21 -43.33 22.42
C ILE Y 212 -26.08 -44.63 21.60
N SER Y 213 -25.24 -44.65 20.57
CA SER Y 213 -25.17 -45.85 19.69
C SER Y 213 -24.86 -47.09 20.54
N GLN Y 214 -23.76 -47.05 21.31
CA GLN Y 214 -23.33 -48.23 22.11
C GLN Y 214 -24.33 -48.57 23.22
N SER Y 215 -24.93 -47.57 23.88
CA SER Y 215 -25.79 -47.86 25.05
C SER Y 215 -27.01 -48.70 24.66
N ASP Y 216 -27.27 -49.79 25.38
CA ASP Y 216 -28.48 -50.60 25.11
C ASP Y 216 -29.71 -49.79 25.53
N VAL Y 217 -29.78 -49.39 26.81
CA VAL Y 217 -30.98 -48.67 27.31
C VAL Y 217 -30.61 -47.22 27.65
N LEU Y 218 -31.28 -46.24 27.04
CA LEU Y 218 -31.05 -44.84 27.43
C LEU Y 218 -32.35 -44.33 28.05
N ALA Y 219 -32.29 -43.77 29.25
CA ALA Y 219 -33.52 -43.36 29.95
C ALA Y 219 -33.35 -41.98 30.59
N ARG Y 220 -34.46 -41.26 30.77
CA ARG Y 220 -34.42 -39.92 31.41
C ARG Y 220 -35.21 -40.03 32.72
N MET Y 221 -34.63 -39.60 33.84
CA MET Y 221 -35.29 -39.80 35.15
C MET Y 221 -35.84 -38.45 35.64
N THR Y 222 -37.15 -38.38 35.91
CA THR Y 222 -37.79 -37.11 36.34
C THR Y 222 -38.75 -37.37 37.51
N ILE Y 223 -38.99 -36.35 38.34
CA ILE Y 223 -39.91 -36.48 39.50
C ILE Y 223 -41.27 -35.91 39.11
N GLU Y 224 -42.35 -36.68 39.28
CA GLU Y 224 -43.70 -36.23 38.87
C GLU Y 224 -44.63 -36.28 40.08
N THR Y 233 -48.82 -36.96 46.14
CA THR Y 233 -47.43 -36.68 46.59
C THR Y 233 -46.48 -36.77 45.40
N TYR Y 234 -45.26 -36.23 45.53
CA TYR Y 234 -44.25 -36.32 44.46
C TYR Y 234 -43.83 -37.79 44.27
N GLN Y 235 -43.63 -38.21 43.02
CA GLN Y 235 -43.22 -39.61 42.73
C GLN Y 235 -41.96 -39.59 41.87
N TYR Y 236 -41.04 -40.54 42.10
CA TYR Y 236 -39.81 -40.64 41.26
C TYR Y 236 -40.02 -41.74 40.22
N VAL Y 237 -40.05 -41.37 38.93
CA VAL Y 237 -40.36 -42.38 37.88
C VAL Y 237 -39.38 -42.21 36.70
N LEU Y 238 -38.90 -43.33 36.15
CA LEU Y 238 -37.98 -43.29 34.99
C LEU Y 238 -38.81 -43.51 33.72
N ASN Y 239 -38.82 -42.53 32.81
CA ASN Y 239 -39.68 -42.65 31.59
C ASN Y 239 -38.83 -42.88 30.35
N ALA Y 240 -38.95 -44.07 29.74
CA ALA Y 240 -38.21 -44.35 28.50
C ALA Y 240 -39.18 -44.41 27.31
N GLU Y 241 -40.43 -44.00 27.53
CA GLU Y 241 -41.44 -43.98 26.44
C GLU Y 241 -40.96 -43.06 25.32
N PRO Y 242 -41.13 -43.39 24.02
CA PRO Y 242 -40.62 -42.58 22.92
C PRO Y 242 -41.25 -41.18 22.99
N SER Y 243 -40.51 -40.16 22.57
CA SER Y 243 -41.03 -38.77 22.65
C SER Y 243 -40.15 -37.81 21.83
N ASN Y 244 -40.76 -36.89 21.08
CA ASN Y 244 -39.96 -35.88 20.33
C ASN Y 244 -39.19 -34.98 21.31
N LEU Y 245 -39.83 -34.58 22.42
CA LEU Y 245 -39.19 -33.61 23.36
C LEU Y 245 -37.90 -34.16 23.99
N PHE Y 246 -37.88 -35.45 24.36
CA PHE Y 246 -36.71 -36.04 25.04
C PHE Y 246 -36.41 -37.37 24.34
N GLU Y 247 -35.15 -37.82 24.30
CA GLU Y 247 -34.91 -39.05 23.51
C GLU Y 247 -34.62 -40.23 24.44
N THR Y 248 -35.39 -41.31 24.29
CA THR Y 248 -35.20 -42.52 25.12
C THR Y 248 -35.28 -43.75 24.22
N LYS Y 249 -34.61 -44.84 24.58
CA LYS Y 249 -34.75 -46.09 23.78
C LYS Y 249 -34.49 -47.31 24.68
N ILE Y 250 -35.41 -48.25 24.71
CA ILE Y 250 -35.15 -49.50 25.48
C ILE Y 250 -35.08 -50.65 24.47
N ARG Y 251 -34.08 -51.53 24.58
CA ARG Y 251 -33.94 -52.60 23.55
C ARG Y 251 -34.54 -53.90 24.09
N HIS Y 252 -35.55 -54.44 23.41
CA HIS Y 252 -36.17 -55.73 23.81
C HIS Y 252 -36.44 -56.54 22.54
N SER Y 253 -36.45 -57.87 22.65
CA SER Y 253 -36.65 -58.73 21.47
C SER Y 253 -38.11 -58.64 21.00
N SER Y 254 -38.38 -58.96 19.74
CA SER Y 254 -39.75 -58.81 19.17
C SER Y 254 -40.80 -59.45 20.11
N ASN Y 255 -40.55 -60.68 20.55
CA ASN Y 255 -41.58 -61.37 21.38
C ASN Y 255 -41.82 -60.59 22.67
N ILE Y 256 -40.77 -60.07 23.30
CA ILE Y 256 -40.91 -59.31 24.58
C ILE Y 256 -41.67 -58.01 24.28
N LYS Y 257 -42.66 -57.68 25.10
CA LYS Y 257 -43.42 -56.41 24.93
C LYS Y 257 -43.38 -55.64 26.25
N ILE Y 258 -43.05 -54.35 26.21
CA ILE Y 258 -43.09 -53.53 27.46
C ILE Y 258 -44.46 -52.85 27.53
N ASN Y 259 -45.37 -53.38 28.35
CA ASN Y 259 -46.71 -52.76 28.51
C ASN Y 259 -46.53 -51.38 29.13
N ASN Y 260 -45.59 -51.22 30.08
CA ASN Y 260 -45.39 -49.92 30.76
C ASN Y 260 -43.91 -49.51 30.69
N LYS Y 261 -43.61 -48.41 29.99
CA LYS Y 261 -42.20 -47.97 29.83
C LYS Y 261 -41.81 -46.97 30.93
N ARG Y 262 -42.74 -46.65 31.84
CA ARG Y 262 -42.38 -45.76 32.98
C ARG Y 262 -42.27 -46.60 34.25
N PHE Y 263 -41.13 -46.53 34.95
CA PHE Y 263 -40.94 -47.35 36.17
C PHE Y 263 -40.85 -46.42 37.38
N ILE Y 264 -41.71 -46.62 38.37
CA ILE Y 264 -41.68 -45.79 39.62
C ILE Y 264 -40.76 -46.49 40.62
N ASN Y 265 -40.02 -45.75 41.44
CA ASN Y 265 -39.03 -46.39 42.35
C ASN Y 265 -38.22 -47.43 41.56
N PRO Y 266 -37.54 -47.06 40.46
CA PRO Y 266 -36.82 -48.04 39.63
C PRO Y 266 -35.49 -48.57 40.19
N SER Y 267 -35.11 -49.78 39.78
CA SER Y 267 -33.80 -50.35 40.18
C SER Y 267 -33.22 -51.05 38.95
N ILE Y 268 -31.91 -51.34 38.92
CA ILE Y 268 -31.35 -51.93 37.67
C ILE Y 268 -32.00 -53.29 37.45
N ASN Y 269 -32.19 -54.07 38.53
CA ASN Y 269 -32.84 -55.41 38.41
C ASN Y 269 -34.17 -55.27 37.66
N ASP Y 270 -35.09 -54.42 38.15
CA ASP Y 270 -36.41 -54.31 37.55
C ASP Y 270 -36.33 -54.08 36.04
N VAL Y 271 -35.42 -53.18 35.63
CA VAL Y 271 -35.24 -52.92 34.18
C VAL Y 271 -34.76 -54.21 33.51
N VAL Y 272 -33.76 -54.86 34.09
CA VAL Y 272 -33.22 -56.12 33.50
C VAL Y 272 -34.36 -57.13 33.33
N GLN Y 273 -35.18 -57.33 34.36
CA GLN Y 273 -36.27 -58.29 34.28
C GLN Y 273 -37.29 -57.88 33.22
N ALA Y 274 -37.59 -56.59 33.12
CA ALA Y 274 -38.52 -56.13 32.11
C ALA Y 274 -37.98 -56.39 30.70
N ILE Y 275 -36.67 -56.26 30.52
CA ILE Y 275 -36.08 -56.40 29.15
C ILE Y 275 -35.79 -57.87 28.81
N ARG Y 276 -35.69 -58.75 29.82
CA ARG Y 276 -35.55 -60.18 29.53
C ARG Y 276 -36.89 -60.90 29.53
N ASN Y 277 -37.69 -60.71 30.57
CA ASN Y 277 -39.00 -61.36 30.69
C ASN Y 277 -40.11 -60.38 30.37
N GLY Y 278 -41.31 -60.91 30.23
CA GLY Y 278 -42.48 -60.10 29.91
C GLY Y 278 -42.79 -59.03 30.93
N ASN Y 279 -43.03 -57.80 30.45
CA ASN Y 279 -43.30 -56.65 31.36
C ASN Y 279 -44.47 -57.00 32.27
N MET Z 1 32.47 -79.71 21.67
CA MET Z 1 31.82 -79.10 22.84
C MET Z 1 32.85 -78.55 23.81
N ILE Z 2 32.66 -77.29 24.22
CA ILE Z 2 33.58 -76.65 25.21
C ILE Z 2 32.82 -75.50 25.90
N ARG Z 3 32.93 -75.40 27.23
CA ARG Z 3 32.27 -74.27 27.95
C ARG Z 3 33.16 -73.76 29.08
N ASN Z 4 33.03 -72.47 29.43
CA ASN Z 4 33.79 -71.92 30.59
C ASN Z 4 33.15 -72.43 31.88
N ARG Z 5 33.94 -72.61 32.93
CA ARG Z 5 33.43 -73.17 34.21
C ARG Z 5 33.36 -72.04 35.24
N LEU Z 6 33.39 -70.77 34.80
CA LEU Z 6 33.46 -69.64 35.76
C LEU Z 6 32.26 -69.66 36.70
N SER Z 7 31.06 -69.93 36.20
CA SER Z 7 29.86 -69.83 37.06
C SER Z 7 29.95 -70.82 38.22
N GLU Z 8 30.43 -72.03 37.96
CA GLU Z 8 30.53 -73.07 39.01
C GLU Z 8 31.64 -72.70 39.99
N LEU Z 9 32.81 -72.31 39.48
CA LEU Z 9 33.97 -72.02 40.38
C LEU Z 9 33.59 -70.89 41.34
N LEU Z 10 33.03 -69.80 40.82
CA LEU Z 10 32.68 -68.64 41.68
C LEU Z 10 31.67 -69.08 42.75
N SER Z 11 30.72 -69.95 42.39
CA SER Z 11 29.69 -70.39 43.36
C SER Z 11 30.34 -71.15 44.52
N GLU Z 12 31.26 -72.05 44.22
CA GLU Z 12 31.90 -72.87 45.29
C GLU Z 12 32.69 -71.95 46.22
N ARG Z 13 33.47 -71.02 45.66
CA ARG Z 13 34.27 -70.09 46.48
C ARG Z 13 33.35 -69.06 47.14
N GLY Z 14 32.15 -68.86 46.59
CA GLY Z 14 31.18 -67.95 47.20
C GLY Z 14 31.38 -66.49 46.82
N LEU Z 15 32.39 -66.17 46.01
CA LEU Z 15 32.59 -64.77 45.54
C LEU Z 15 31.43 -64.32 44.67
N LYS Z 16 30.99 -63.07 44.83
CA LYS Z 16 29.88 -62.53 44.00
C LYS Z 16 30.46 -61.96 42.70
N ILE Z 17 29.64 -61.86 41.66
CA ILE Z 17 30.14 -61.37 40.33
C ILE Z 17 30.64 -59.95 40.51
N SER Z 18 29.95 -59.13 41.31
CA SER Z 18 30.33 -57.70 41.43
C SER Z 18 31.75 -57.57 41.98
N ARG Z 19 32.08 -58.31 43.05
CA ARG Z 19 33.41 -58.14 43.66
C ARG Z 19 34.49 -58.57 42.66
N VAL Z 20 34.27 -59.69 41.96
CA VAL Z 20 35.31 -60.21 41.04
C VAL Z 20 35.55 -59.15 39.95
N ALA Z 21 34.47 -58.56 39.43
CA ALA Z 21 34.61 -57.57 38.34
C ALA Z 21 35.41 -56.37 38.84
N LYS Z 22 35.14 -55.93 40.06
CA LYS Z 22 35.86 -54.74 40.61
C LYS Z 22 37.35 -55.04 40.74
N ASP Z 23 37.70 -56.24 41.18
CA ASP Z 23 39.13 -56.57 41.40
C ASP Z 23 39.85 -56.82 40.06
N VAL Z 24 39.36 -57.77 39.27
CA VAL Z 24 40.09 -58.15 38.02
C VAL Z 24 39.98 -57.00 37.00
N LYS Z 25 39.28 -55.93 37.35
CA LYS Z 25 39.17 -54.74 36.46
C LYS Z 25 38.53 -55.18 35.13
N ILE Z 26 37.56 -56.09 35.17
CA ILE Z 26 36.82 -56.49 33.94
C ILE Z 26 35.39 -55.97 34.10
N ALA Z 27 34.82 -55.36 33.05
CA ALA Z 27 33.49 -54.74 33.17
C ALA Z 27 32.45 -55.80 33.54
N ARG Z 28 31.56 -55.47 34.49
CA ARG Z 28 30.54 -56.45 34.98
C ARG Z 28 29.78 -57.08 33.82
N SER Z 29 29.36 -56.29 32.84
CA SER Z 29 28.50 -56.85 31.77
C SER Z 29 29.24 -57.98 31.05
N SER Z 30 30.51 -57.76 30.71
CA SER Z 30 31.28 -58.80 29.98
C SER Z 30 31.43 -60.04 30.86
N LEU Z 31 31.76 -59.85 32.15
CA LEU Z 31 32.02 -61.00 33.05
C LEU Z 31 30.72 -61.80 33.21
N THR Z 32 29.57 -61.12 33.28
CA THR Z 32 28.27 -61.83 33.43
C THR Z 32 27.98 -62.64 32.17
N SER Z 33 28.17 -62.03 31.00
CA SER Z 33 27.95 -62.75 29.73
C SER Z 33 28.87 -63.97 29.69
N MET Z 34 30.14 -63.78 30.03
CA MET Z 34 31.13 -64.90 30.03
C MET Z 34 30.79 -65.89 31.15
N ALA Z 35 30.15 -65.44 32.23
CA ALA Z 35 29.73 -66.41 33.28
C ALA Z 35 28.77 -67.38 32.61
N GLN Z 36 27.86 -66.86 31.77
CA GLN Z 36 27.00 -67.75 30.96
C GLN Z 36 27.85 -68.17 29.76
N ASN Z 37 27.43 -69.11 28.94
CA ASN Z 37 28.32 -69.51 27.82
C ASN Z 37 27.90 -68.70 26.58
N ASP Z 38 27.16 -67.60 26.79
CA ASP Z 38 26.62 -66.81 25.65
C ASP Z 38 27.74 -66.24 24.76
N SER Z 39 28.81 -65.70 25.34
CA SER Z 39 29.88 -65.05 24.52
C SER Z 39 30.46 -66.05 23.51
N GLU Z 40 30.97 -65.56 22.38
CA GLU Z 40 31.58 -66.46 21.38
C GLU Z 40 33.11 -66.45 21.50
N MET Z 41 33.69 -65.30 21.86
CA MET Z 41 35.18 -65.19 21.95
C MET Z 41 35.60 -64.73 23.35
N ILE Z 42 36.79 -65.17 23.81
CA ILE Z 42 37.32 -64.75 25.14
C ILE Z 42 38.71 -64.17 24.97
N ARG Z 43 39.00 -63.01 25.59
CA ARG Z 43 40.32 -62.36 25.39
C ARG Z 43 41.38 -63.03 26.26
N TYR Z 44 42.57 -63.27 25.71
CA TYR Z 44 43.62 -63.96 26.50
C TYR Z 44 43.78 -63.26 27.85
N ASP Z 45 43.66 -61.93 27.89
CA ASP Z 45 43.89 -61.20 29.17
C ASP Z 45 42.90 -61.73 30.22
N ALA Z 46 41.65 -61.96 29.84
CA ALA Z 46 40.63 -62.42 30.80
C ALA Z 46 41.02 -63.79 31.36
N ILE Z 47 41.55 -64.68 30.51
CA ILE Z 47 41.88 -66.05 30.97
C ILE Z 47 42.94 -65.96 32.07
N ASP Z 48 43.92 -65.07 31.92
CA ASP Z 48 45.04 -65.03 32.90
C ASP Z 48 44.60 -64.29 34.18
N LYS Z 49 43.96 -63.13 34.04
CA LYS Z 49 43.58 -62.36 35.25
C LYS Z 49 42.77 -63.26 36.17
N LEU Z 50 41.72 -63.90 35.63
CA LEU Z 50 40.84 -64.76 36.46
C LEU Z 50 41.64 -65.94 37.02
N CYS Z 51 42.48 -66.57 36.19
CA CYS Z 51 43.21 -67.78 36.63
C CYS Z 51 44.18 -67.42 37.77
N SER Z 52 44.83 -66.26 37.70
CA SER Z 52 45.69 -65.81 38.80
C SER Z 52 44.86 -65.45 40.03
N TYR Z 53 43.66 -64.92 39.81
CA TYR Z 53 42.83 -64.43 40.94
C TYR Z 53 42.24 -65.60 41.74
N LEU Z 54 41.87 -66.70 41.06
CA LEU Z 54 41.22 -67.84 41.77
C LEU Z 54 42.21 -68.99 41.92
N HIS Z 55 43.49 -68.74 41.65
CA HIS Z 55 44.52 -69.79 41.85
C HIS Z 55 44.05 -71.05 41.12
N ILE Z 56 43.54 -70.89 39.90
CA ILE Z 56 43.05 -72.05 39.09
C ILE Z 56 43.93 -72.16 37.84
N SER Z 57 44.34 -73.37 37.47
CA SER Z 57 45.12 -73.57 36.23
C SER Z 57 44.18 -73.39 35.03
N PRO Z 58 44.68 -73.12 33.81
CA PRO Z 58 43.81 -72.90 32.66
C PRO Z 58 42.96 -74.16 32.42
N SER Z 59 43.51 -75.33 32.76
CA SER Z 59 42.80 -76.62 32.57
C SER Z 59 41.43 -76.53 33.22
N GLU Z 60 41.40 -76.11 34.48
CA GLU Z 60 40.15 -76.07 35.28
C GLU Z 60 39.13 -75.14 34.63
N PHE Z 61 39.57 -74.01 34.09
CA PHE Z 61 38.60 -73.01 33.55
C PHE Z 61 37.79 -73.62 32.40
N PHE Z 62 38.36 -74.49 31.59
CA PHE Z 62 37.58 -74.95 30.42
C PHE Z 62 37.25 -76.44 30.54
N GLU Z 63 36.01 -76.83 30.21
CA GLU Z 63 35.64 -78.27 30.19
C GLU Z 63 35.54 -78.73 28.73
N HIS Z 64 36.18 -79.84 28.37
CA HIS Z 64 36.19 -80.25 26.97
C HIS Z 64 35.70 -81.67 26.84
N ASN Z 65 35.14 -81.97 25.67
CA ASN Z 65 34.67 -83.30 25.31
C ASN Z 65 34.82 -83.42 23.81
N PRO Z 66 35.42 -84.51 23.31
CA PRO Z 66 35.69 -84.60 21.87
C PRO Z 66 34.44 -84.70 21.00
N ILE Z 67 33.27 -84.99 21.59
CA ILE Z 67 32.06 -85.09 20.78
C ILE Z 67 31.70 -83.73 20.19
N ASN Z 68 30.95 -83.77 19.09
CA ASN Z 68 30.57 -82.55 18.39
C ASN Z 68 29.26 -82.79 17.64
N PHE Z 69 28.26 -81.93 17.85
CA PHE Z 69 26.94 -82.14 17.21
C PHE Z 69 26.65 -81.02 16.21
N ASP Z 70 25.91 -81.32 15.13
CA ASP Z 70 25.53 -80.30 14.13
C ASP Z 70 24.03 -80.40 13.85
N PHE Z 71 23.35 -79.26 13.69
CA PHE Z 71 21.88 -79.26 13.45
C PHE Z 71 21.59 -78.41 12.21
N THR Z 72 20.82 -78.96 11.26
CA THR Z 72 20.42 -78.18 10.06
C THR Z 72 18.90 -78.18 9.96
N PHE Z 73 18.29 -77.02 9.65
CA PHE Z 73 16.81 -76.92 9.59
C PHE Z 73 16.37 -76.80 8.13
N ASP Z 74 15.25 -77.44 7.76
CA ASP Z 74 14.83 -77.45 6.33
C ASP Z 74 14.60 -76.02 5.85
N GLU Z 75 15.09 -75.70 4.65
CA GLU Z 75 14.87 -74.36 4.06
C GLU Z 75 13.37 -74.18 3.79
N GLU Z 76 12.71 -75.25 3.34
CA GLU Z 76 11.26 -75.16 3.00
C GLU Z 76 10.46 -75.97 4.03
N PRO Z 77 9.77 -75.33 5.01
CA PRO Z 77 8.94 -76.05 5.96
C PRO Z 77 7.47 -76.08 5.48
N ASN Z 78 6.63 -76.93 6.07
CA ASN Z 78 5.19 -76.90 5.70
C ASN Z 78 4.43 -76.22 6.83
N TYR Z 79 3.83 -75.05 6.56
CA TYR Z 79 3.18 -74.30 7.66
C TYR Z 79 1.80 -73.80 7.26
N LYS Z 80 0.80 -73.94 8.14
CA LYS Z 80 -0.53 -73.35 7.85
C LYS Z 80 -0.97 -72.54 9.07
N ILE Z 81 -1.21 -71.24 8.90
CA ILE Z 81 -1.59 -70.38 10.05
C ILE Z 81 -2.93 -69.71 9.75
N ASN Z 82 -3.90 -69.79 10.66
CA ASN Z 82 -5.25 -69.22 10.42
C ASN Z 82 -5.50 -68.07 11.39
N ASP Z 83 -5.80 -66.88 10.89
CA ASP Z 83 -6.07 -65.70 11.76
C ASP Z 83 -7.33 -65.98 12.58
N VAL Z 84 -7.33 -65.66 13.88
CA VAL Z 84 -8.48 -65.98 14.76
C VAL Z 84 -9.33 -64.73 15.01
N PHE Z 85 -8.79 -63.54 14.75
CA PHE Z 85 -9.53 -62.28 15.04
C PHE Z 85 -9.87 -62.25 16.54
N GLU Z 86 -11.15 -62.09 16.90
CA GLU Z 86 -11.57 -62.16 18.34
C GLU Z 86 -10.98 -60.99 19.14
N GLY Z 87 -10.71 -59.84 18.50
CA GLY Z 87 -10.28 -58.63 19.22
C GLY Z 87 -9.05 -58.78 20.10
N PHE Z 88 -8.02 -59.48 19.64
CA PHE Z 88 -6.74 -59.56 20.40
C PHE Z 88 -6.32 -58.18 20.90
N GLU Z 89 -6.65 -57.12 20.17
CA GLU Z 89 -6.12 -55.77 20.53
C GLU Z 89 -6.42 -55.44 21.99
N VAL Z 90 -7.59 -55.81 22.50
CA VAL Z 90 -7.96 -55.48 23.91
C VAL Z 90 -7.05 -56.26 24.86
N THR Z 91 -7.13 -57.59 24.85
CA THR Z 91 -6.34 -58.41 25.80
C THR Z 91 -5.18 -59.07 25.06
N ALA Z 92 -3.95 -58.96 25.58
CA ALA Z 92 -2.78 -59.46 24.81
C ALA Z 92 -2.64 -60.98 25.01
N ASN Z 93 -3.53 -61.77 24.42
CA ASN Z 93 -3.41 -63.25 24.50
C ASN Z 93 -3.14 -63.71 23.06
N ILE Z 94 -1.91 -64.11 22.76
CA ILE Z 94 -1.53 -64.46 21.37
C ILE Z 94 -2.59 -65.36 20.74
N THR Z 95 -3.10 -66.34 21.48
CA THR Z 95 -4.02 -67.33 20.87
C THR Z 95 -5.12 -66.61 20.08
N HIS Z 96 -5.62 -65.48 20.61
CA HIS Z 96 -6.70 -64.72 19.93
C HIS Z 96 -6.21 -64.18 18.59
N ALA Z 97 -4.95 -63.71 18.55
CA ALA Z 97 -4.42 -63.10 17.31
C ALA Z 97 -4.30 -64.12 16.18
N PHE Z 98 -3.78 -65.32 16.45
CA PHE Z 98 -3.57 -66.30 15.35
C PHE Z 98 -3.56 -67.74 15.88
N SER Z 99 -3.86 -68.71 15.02
CA SER Z 99 -3.82 -70.14 15.41
C SER Z 99 -3.02 -70.94 14.37
N ILE Z 100 -2.15 -71.84 14.81
CA ILE Z 100 -1.34 -72.68 13.87
C ILE Z 100 -2.13 -73.96 13.58
N GLU Z 101 -2.58 -74.14 12.33
CA GLU Z 101 -3.29 -75.40 11.99
C GLU Z 101 -2.29 -76.56 12.00
N ASN Z 102 -1.15 -76.41 11.31
CA ASN Z 102 -0.10 -77.47 11.34
C ASN Z 102 1.25 -76.95 10.85
N PHE Z 103 2.31 -77.13 11.64
CA PHE Z 103 3.67 -76.69 11.24
C PHE Z 103 4.62 -77.86 11.45
N ASP Z 104 5.09 -78.48 10.36
CA ASP Z 104 5.98 -79.66 10.47
C ASP Z 104 7.21 -79.49 9.57
N PHE Z 105 8.35 -80.01 9.98
CA PHE Z 105 9.60 -79.86 9.19
C PHE Z 105 10.63 -80.87 9.69
N GLU Z 106 11.83 -80.86 9.12
CA GLU Z 106 12.84 -81.88 9.49
C GLU Z 106 14.11 -81.20 10.00
N ILE Z 107 14.74 -81.76 11.03
CA ILE Z 107 16.04 -81.22 11.50
C ILE Z 107 17.08 -82.33 11.33
N LEU Z 108 18.17 -82.07 10.59
CA LEU Z 108 19.18 -83.12 10.31
C LEU Z 108 20.33 -83.00 11.30
N VAL Z 109 20.60 -84.06 12.07
CA VAL Z 109 21.67 -83.97 13.13
C VAL Z 109 22.81 -84.94 12.79
N ASP Z 110 24.05 -84.47 12.84
CA ASP Z 110 25.24 -85.33 12.55
C ASP Z 110 26.10 -85.47 13.81
N VAL Z 111 26.12 -86.66 14.42
CA VAL Z 111 26.89 -86.87 15.68
C VAL Z 111 28.29 -87.33 15.29
N GLU Z 112 29.25 -86.41 15.26
CA GLU Z 112 30.62 -86.79 14.81
C GLU Z 112 31.37 -87.39 15.98
N LEU Z 113 31.91 -88.61 15.83
CA LEU Z 113 32.59 -89.28 16.97
C LEU Z 113 33.99 -88.68 17.13
N ASP Z 114 34.74 -89.13 18.15
CA ASP Z 114 36.13 -88.66 18.31
C ASP Z 114 36.90 -89.11 17.06
N ASN Z 115 36.67 -90.34 16.62
CA ASN Z 115 37.29 -90.83 15.36
C ASN Z 115 36.67 -90.04 14.20
N ARG Z 116 37.26 -90.14 13.00
CA ARG Z 116 36.76 -89.38 11.83
C ARG Z 116 35.32 -89.84 11.51
N GLN Z 117 34.98 -91.07 11.86
CA GLN Z 117 33.64 -91.63 11.49
C GLN Z 117 32.53 -90.75 12.08
N LYS Z 118 31.46 -90.53 11.30
CA LYS Z 118 30.32 -89.72 11.79
C LYS Z 118 29.03 -90.53 11.60
N LEU Z 119 28.01 -90.27 12.42
CA LEU Z 119 26.71 -90.95 12.25
C LEU Z 119 25.65 -89.89 11.89
N ASN Z 120 24.71 -90.24 11.01
CA ASN Z 120 23.66 -89.29 10.60
C ASN Z 120 22.30 -89.71 11.16
N PHE Z 121 21.62 -88.81 11.87
CA PHE Z 121 20.26 -89.12 12.35
C PHE Z 121 19.32 -88.01 11.82
N ASP Z 122 18.12 -88.40 11.35
CA ASP Z 122 17.18 -87.41 10.77
C ASP Z 122 15.95 -87.31 11.67
N LEU Z 123 15.64 -86.11 12.17
CA LEU Z 123 14.50 -85.93 13.10
C LEU Z 123 13.37 -85.20 12.38
N ASP Z 124 12.14 -85.68 12.51
CA ASP Z 124 10.97 -84.96 11.92
C ASP Z 124 10.20 -84.34 13.09
N VAL Z 125 9.95 -83.03 13.06
CA VAL Z 125 9.32 -82.36 14.22
C VAL Z 125 8.00 -81.72 13.79
N SER Z 126 6.94 -81.88 14.60
CA SER Z 126 5.60 -81.35 14.23
C SER Z 126 5.00 -80.54 15.39
N TYR Z 127 4.05 -79.65 15.10
CA TYR Z 127 3.37 -78.84 16.15
C TYR Z 127 2.39 -79.72 16.92
N LYS Z 128 2.28 -79.49 18.23
CA LYS Z 128 1.35 -80.30 19.07
C LYS Z 128 0.31 -79.39 19.72
N GLU Z 129 0.75 -78.36 20.45
CA GLU Z 129 -0.18 -77.50 21.16
C GLU Z 129 0.56 -76.25 21.62
N THR Z 130 -0.19 -75.22 22.04
CA THR Z 130 0.45 -74.00 22.59
C THR Z 130 0.19 -73.90 24.10
N GLU Z 131 1.16 -74.31 24.91
CA GLU Z 131 0.97 -74.29 26.40
C GLU Z 131 1.04 -72.86 26.91
N LYS Z 132 0.34 -72.56 28.01
CA LYS Z 132 0.35 -71.21 28.64
C LYS Z 132 1.23 -71.26 29.88
N ILE Z 133 2.51 -70.89 29.77
CA ILE Z 133 3.44 -70.97 30.94
C ILE Z 133 2.95 -70.01 32.02
N THR Z 134 2.53 -68.79 31.63
CA THR Z 134 1.98 -67.79 32.58
C THR Z 134 0.81 -67.08 31.89
N ASN Z 135 0.04 -66.29 32.62
CA ASN Z 135 -1.16 -65.67 31.99
C ASN Z 135 -0.73 -64.81 30.79
N SER Z 136 0.37 -64.06 30.93
CA SER Z 136 0.78 -63.14 29.83
C SER Z 136 1.71 -63.80 28.82
N GLN Z 137 2.25 -65.00 29.10
CA GLN Z 137 3.25 -65.60 28.17
C GLN Z 137 2.91 -67.05 27.84
N HIS Z 138 3.19 -67.48 26.60
CA HIS Z 138 2.92 -68.88 26.18
C HIS Z 138 4.18 -69.47 25.55
N ARG Z 139 4.25 -70.81 25.49
CA ARG Z 139 5.41 -71.49 24.85
C ARG Z 139 4.87 -72.53 23.85
N PHE Z 140 5.12 -72.33 22.56
CA PHE Z 140 4.69 -73.33 21.56
C PHE Z 140 5.43 -74.63 21.86
N ILE Z 141 4.73 -75.77 21.79
CA ILE Z 141 5.37 -77.07 22.12
C ILE Z 141 5.42 -77.92 20.84
N PHE Z 142 6.61 -78.39 20.45
CA PHE Z 142 6.77 -79.22 19.23
C PHE Z 142 7.28 -80.59 19.64
N THR Z 143 6.72 -81.66 19.06
CA THR Z 143 7.12 -83.04 19.45
C THR Z 143 7.73 -83.76 18.24
N ILE Z 144 8.83 -84.49 18.45
CA ILE Z 144 9.47 -85.27 17.36
C ILE Z 144 8.54 -86.40 16.95
N LYS Z 145 8.27 -86.54 15.64
CA LYS Z 145 7.31 -87.57 15.17
C LYS Z 145 7.96 -88.93 15.28
N ASN Z 146 9.10 -89.13 14.60
CA ASN Z 146 9.83 -90.42 14.68
C ASN Z 146 10.92 -90.36 15.76
N GLU Z 147 10.78 -91.17 16.81
CA GLU Z 147 11.81 -91.24 17.87
C GLU Z 147 12.39 -92.65 17.91
N ASP Z 148 11.60 -93.67 17.55
CA ASP Z 148 12.06 -95.08 17.64
C ASP Z 148 13.24 -95.34 16.69
N GLU Z 149 13.18 -94.80 15.47
CA GLU Z 149 14.30 -94.94 14.51
C GLU Z 149 15.53 -94.22 15.03
N ASN Z 150 15.35 -93.14 15.81
CA ASN Z 150 16.52 -92.33 16.24
C ASN Z 150 16.80 -92.56 17.73
N ILE Z 151 16.58 -93.78 18.25
CA ILE Z 151 16.89 -94.10 19.68
C ILE Z 151 18.40 -93.97 19.92
N GLY Z 152 19.23 -94.35 18.95
CA GLY Z 152 20.70 -94.34 19.13
C GLY Z 152 21.20 -92.93 19.44
N LEU Z 153 20.54 -91.91 18.89
CA LEU Z 153 20.98 -90.51 19.08
C LEU Z 153 20.97 -90.24 20.59
N LYS Z 154 19.96 -90.76 21.29
CA LYS Z 154 19.83 -90.50 22.75
C LYS Z 154 21.05 -91.05 23.48
N LYS Z 155 21.56 -92.22 23.08
CA LYS Z 155 22.70 -92.84 23.79
C LYS Z 155 23.92 -91.91 23.72
N TYR Z 156 24.15 -91.29 22.57
CA TYR Z 156 25.26 -90.31 22.45
C TYR Z 156 24.99 -89.07 23.33
N VAL Z 157 23.76 -88.59 23.38
CA VAL Z 157 23.46 -87.32 24.13
C VAL Z 157 23.74 -87.48 25.62
N ASP Z 158 23.21 -88.53 26.26
CA ASP Z 158 23.34 -88.65 27.73
C ASP Z 158 24.79 -88.98 28.15
N SER Z 159 25.65 -89.33 27.19
CA SER Z 159 27.04 -89.62 27.53
C SER Z 159 27.81 -88.37 27.93
N LEU Z 160 27.30 -87.20 27.55
CA LEU Z 160 27.99 -85.92 27.90
C LEU Z 160 27.81 -85.61 29.39
N SER Z 161 28.66 -84.73 29.93
CA SER Z 161 28.53 -84.31 31.35
C SER Z 161 27.30 -83.43 31.48
N ALA Z 162 26.77 -83.26 32.69
CA ALA Z 162 25.51 -82.50 32.85
C ALA Z 162 25.69 -81.07 32.33
N GLY Z 163 26.84 -80.45 32.62
CA GLY Z 163 27.02 -79.04 32.21
C GLY Z 163 26.98 -78.90 30.70
N LEU Z 164 27.66 -79.79 29.99
CA LEU Z 164 27.64 -79.74 28.50
C LEU Z 164 26.22 -80.03 28.00
N LYS Z 165 25.52 -80.99 28.62
CA LYS Z 165 24.17 -81.36 28.12
C LYS Z 165 23.23 -80.16 28.24
N ASN Z 166 23.30 -79.44 29.36
CA ASN Z 166 22.43 -78.25 29.54
C ASN Z 166 22.78 -77.23 28.45
N LEU Z 167 24.06 -77.06 28.14
CA LEU Z 167 24.46 -76.12 27.06
C LEU Z 167 23.84 -76.57 25.74
N LEU Z 168 23.97 -77.85 25.39
CA LEU Z 168 23.47 -78.32 24.07
C LEU Z 168 21.97 -78.07 23.98
N PHE Z 169 21.24 -78.34 25.05
CA PHE Z 169 19.76 -78.18 25.03
C PHE Z 169 19.42 -76.70 24.81
N LYS Z 170 20.17 -75.79 25.43
CA LYS Z 170 19.91 -74.35 25.19
C LYS Z 170 20.13 -74.05 23.70
N LYS Z 171 21.18 -74.60 23.10
CA LYS Z 171 21.50 -74.27 21.68
C LYS Z 171 20.37 -74.76 20.77
N ILE Z 172 19.90 -75.99 20.98
CA ILE Z 172 18.86 -76.55 20.06
C ILE Z 172 17.59 -75.72 20.20
N ASN Z 173 17.24 -75.31 21.43
CA ASN Z 173 16.00 -74.55 21.67
C ASN Z 173 16.14 -73.15 21.08
N GLN Z 174 17.24 -72.45 21.36
CA GLN Z 174 17.36 -71.04 20.87
C GLN Z 174 17.12 -71.04 19.36
N LYS Z 175 17.76 -71.95 18.63
CA LYS Z 175 17.63 -71.99 17.15
C LYS Z 175 16.15 -72.26 16.79
N LEU Z 176 15.54 -73.26 17.42
CA LEU Z 176 14.13 -73.61 17.10
C LEU Z 176 13.26 -72.38 17.30
N SER Z 177 13.41 -71.70 18.43
CA SER Z 177 12.55 -70.53 18.76
C SER Z 177 12.72 -69.46 17.69
N GLY Z 178 13.97 -69.20 17.28
CA GLY Z 178 14.19 -68.22 16.21
C GLY Z 178 13.56 -68.66 14.91
N TYR Z 179 13.73 -69.94 14.55
CA TYR Z 179 13.19 -70.45 13.26
C TYR Z 179 11.67 -70.27 13.25
N VAL Z 180 10.96 -70.87 14.19
CA VAL Z 180 9.45 -70.83 14.15
C VAL Z 180 8.98 -69.37 14.27
N SER Z 181 9.57 -68.59 15.17
CA SER Z 181 9.08 -67.20 15.37
C SER Z 181 9.22 -66.41 14.07
N GLU Z 182 10.36 -66.55 13.38
CA GLU Z 182 10.60 -65.76 12.16
C GLU Z 182 9.56 -66.13 11.10
N ILE Z 183 9.24 -67.43 10.98
CA ILE Z 183 8.26 -67.87 9.96
C ILE Z 183 6.91 -67.23 10.28
N ILE Z 184 6.45 -67.31 11.53
CA ILE Z 184 5.10 -66.80 11.88
C ILE Z 184 5.02 -65.29 11.65
N VAL Z 185 6.01 -64.54 12.14
CA VAL Z 185 5.93 -63.05 12.06
C VAL Z 185 5.63 -62.63 10.61
N LYS Z 186 6.18 -63.34 9.62
CA LYS Z 186 5.97 -62.90 8.21
C LYS Z 186 4.52 -63.13 7.82
N ASN Z 187 3.95 -64.30 8.12
CA ASN Z 187 2.58 -64.62 7.66
C ASN Z 187 1.52 -63.74 8.33
N ILE Z 188 1.69 -63.39 9.61
CA ILE Z 188 0.62 -62.63 10.33
C ILE Z 188 0.99 -61.15 10.43
N ASP Z 189 0.07 -60.25 10.07
CA ASP Z 189 0.31 -58.78 10.17
C ASP Z 189 0.24 -58.33 11.63
N ASP Z 190 0.90 -57.23 11.99
CA ASP Z 190 0.95 -56.80 13.41
C ASP Z 190 -0.34 -56.10 13.83
N ILE Z 191 -0.71 -56.20 15.11
CA ILE Z 191 -1.90 -55.48 15.63
C ILE Z 191 -1.43 -54.67 16.85
N GLU Z 192 -1.67 -53.36 16.87
CA GLU Z 192 -1.20 -52.50 17.99
C GLU Z 192 -2.31 -52.35 19.05
N GLU Z 193 -1.97 -52.41 20.34
CA GLU Z 193 -2.99 -52.34 21.43
C GLU Z 193 -3.56 -50.92 21.57
N LEU Z 194 -4.82 -50.81 22.00
CA LEU Z 194 -5.46 -49.49 22.22
C LEU Z 194 -4.76 -48.73 23.35
N PHE Z 195 -4.50 -49.39 24.48
CA PHE Z 195 -3.92 -48.69 25.66
C PHE Z 195 -2.40 -48.90 25.70
N LYS Z 201 6.04 -49.33 26.25
CA LYS Z 201 4.61 -48.99 26.45
C LYS Z 201 3.74 -49.90 25.57
N SER Z 202 3.42 -49.44 24.35
CA SER Z 202 2.57 -50.23 23.43
C SER Z 202 3.28 -51.54 23.06
N THR Z 203 2.53 -52.64 23.03
CA THR Z 203 3.13 -53.97 22.67
C THR Z 203 2.48 -54.47 21.38
N THR Z 204 3.18 -54.32 20.24
CA THR Z 204 2.62 -54.75 18.94
C THR Z 204 2.64 -56.28 18.88
N LEU Z 205 1.85 -56.88 18.00
CA LEU Z 205 1.75 -58.36 17.93
C LEU Z 205 3.12 -58.95 17.57
N HIS Z 206 3.83 -58.33 16.62
CA HIS Z 206 5.13 -58.91 16.17
C HIS Z 206 6.08 -59.00 17.37
N LYS Z 207 6.12 -57.95 18.19
CA LYS Z 207 7.07 -57.95 19.33
C LYS Z 207 6.72 -59.12 20.26
N GLU Z 208 5.43 -59.34 20.49
CA GLU Z 208 5.00 -60.45 21.38
C GLU Z 208 5.41 -61.78 20.75
N ILE Z 209 5.25 -61.93 19.43
CA ILE Z 209 5.56 -63.22 18.76
C ILE Z 209 7.06 -63.50 18.93
N LEU Z 210 7.90 -62.49 18.74
CA LEU Z 210 9.37 -62.68 18.84
C LEU Z 210 9.72 -63.07 20.27
N GLN Z 211 9.07 -62.44 21.25
CA GLN Z 211 9.34 -62.74 22.68
C GLN Z 211 8.96 -64.21 22.94
N THR Z 212 7.86 -64.67 22.34
CA THR Z 212 7.38 -66.05 22.59
C THR Z 212 8.50 -67.07 22.31
N ASP Z 213 8.63 -68.09 23.14
CA ASP Z 213 9.70 -69.11 22.98
C ASP Z 213 9.08 -70.49 22.73
N SER Z 214 9.72 -71.29 21.87
CA SER Z 214 9.22 -72.66 21.60
C SER Z 214 10.25 -73.69 22.08
N ARG Z 215 9.81 -74.65 22.89
CA ARG Z 215 10.76 -75.65 23.46
C ARG Z 215 10.37 -77.04 22.98
N LEU Z 216 11.32 -77.78 22.39
CA LEU Z 216 11.04 -79.14 21.85
C LEU Z 216 10.76 -80.10 23.01
N SER Z 217 9.71 -80.91 22.89
CA SER Z 217 9.36 -81.91 23.94
C SER Z 217 9.57 -83.29 23.33
N SER Z 218 10.60 -84.02 23.78
CA SER Z 218 10.90 -85.34 23.16
C SER Z 218 11.65 -86.24 24.14
N ASP Z 219 11.58 -87.56 23.93
CA ASP Z 219 12.28 -88.53 24.80
C ASP Z 219 13.80 -88.35 24.68
N ILE Z 220 14.31 -88.11 23.48
CA ILE Z 220 15.77 -88.00 23.26
C ILE Z 220 16.34 -86.99 24.26
N PHE Z 221 15.76 -85.79 24.32
CA PHE Z 221 16.27 -84.73 25.23
C PHE Z 221 15.43 -84.77 26.50
N LYS Z 222 16.05 -85.04 27.66
CA LYS Z 222 15.25 -85.22 28.90
C LYS Z 222 15.43 -84.04 29.87
N GLU Z 223 16.19 -83.02 29.49
CA GLU Z 223 16.46 -81.90 30.44
C GLU Z 223 16.51 -80.58 29.68
N MET AA 1 50.87 -63.79 32.33
CA MET AA 1 51.47 -64.30 31.11
C MET AA 1 50.76 -65.56 30.63
N ILE AA 2 50.39 -65.58 29.35
CA ILE AA 2 49.72 -66.79 28.75
C ILE AA 2 49.95 -66.76 27.24
N ARG AA 3 50.31 -67.90 26.63
CA ARG AA 3 50.47 -67.95 25.16
C ARG AA 3 49.93 -69.27 24.61
N ASN AA 4 49.48 -69.28 23.34
CA ASN AA 4 49.05 -70.54 22.69
C ASN AA 4 50.29 -71.36 22.35
N ARG AA 5 50.17 -72.69 22.35
CA ARG AA 5 51.34 -73.57 22.09
C ARG AA 5 51.16 -74.21 20.71
N LEU AA 6 50.31 -73.62 19.86
CA LEU AA 6 50.01 -74.27 18.55
C LEU AA 6 51.28 -74.42 17.72
N SER AA 7 52.15 -73.40 17.69
CA SER AA 7 53.34 -73.47 16.80
C SER AA 7 54.22 -74.66 17.18
N GLU AA 8 54.40 -74.90 18.48
CA GLU AA 8 55.28 -76.01 18.93
C GLU AA 8 54.60 -77.35 18.64
N LEU AA 9 53.31 -77.48 18.97
CA LEU AA 9 52.61 -78.78 18.81
C LEU AA 9 52.66 -79.19 17.33
N LEU AA 10 52.31 -78.27 16.42
CA LEU AA 10 52.28 -78.59 14.97
C LEU AA 10 53.69 -79.03 14.52
N SER AA 11 54.72 -78.39 15.03
CA SER AA 11 56.11 -78.71 14.59
C SER AA 11 56.46 -80.15 14.98
N GLU AA 12 56.13 -80.55 16.21
CA GLU AA 12 56.47 -81.92 16.69
C GLU AA 12 55.73 -82.95 15.84
N ARG AA 13 54.44 -82.73 15.61
CA ARG AA 13 53.64 -83.69 14.79
C ARG AA 13 54.03 -83.57 13.32
N GLY AA 14 54.62 -82.44 12.92
CA GLY AA 14 55.11 -82.28 11.54
C GLY AA 14 54.04 -81.81 10.57
N LEU AA 15 52.80 -81.62 11.04
CA LEU AA 15 51.72 -81.11 10.14
C LEU AA 15 52.04 -79.68 9.68
N LYS AA 16 51.77 -79.36 8.42
CA LYS AA 16 52.01 -77.99 7.89
C LYS AA 16 50.78 -77.12 8.19
N ILE AA 17 50.95 -75.80 8.22
CA ILE AA 17 49.83 -74.88 8.55
C ILE AA 17 48.75 -75.06 7.48
N SER AA 18 49.14 -75.21 6.22
CA SER AA 18 48.13 -75.26 5.13
C SER AA 18 47.20 -76.45 5.33
N ARG AA 19 47.74 -77.63 5.64
CA ARG AA 19 46.86 -78.83 5.74
C ARG AA 19 45.90 -78.63 6.92
N VAL AA 20 46.41 -78.13 8.04
CA VAL AA 20 45.55 -78.01 9.25
C VAL AA 20 44.40 -77.05 8.92
N ALA AA 21 44.71 -75.94 8.24
CA ALA AA 21 43.67 -74.94 7.93
C ALA AA 21 42.60 -75.57 7.03
N LYS AA 22 43.02 -76.37 6.05
CA LYS AA 22 42.06 -77.00 5.10
C LYS AA 22 41.13 -77.94 5.87
N ASP AA 23 41.67 -78.71 6.82
CA ASP AA 23 40.85 -79.71 7.54
C ASP AA 23 39.94 -79.02 8.57
N VAL AA 24 40.51 -78.27 9.50
CA VAL AA 24 39.68 -77.67 10.60
C VAL AA 24 38.78 -76.57 10.04
N LYS AA 25 38.87 -76.32 8.73
CA LYS AA 25 37.99 -75.31 8.08
C LYS AA 25 38.21 -73.94 8.75
N ILE AA 26 39.45 -73.62 9.12
CA ILE AA 26 39.77 -72.27 9.67
C ILE AA 26 40.64 -71.55 8.64
N ALA AA 27 40.35 -70.28 8.35
CA ALA AA 27 41.08 -69.57 7.28
C ALA AA 27 42.57 -69.51 7.61
N ARG AA 28 43.43 -69.77 6.62
CA ARG AA 28 44.90 -69.80 6.83
C ARG AA 28 45.39 -68.54 7.55
N SER AA 29 44.91 -67.36 7.14
CA SER AA 29 45.47 -66.13 7.73
C SER AA 29 45.24 -66.11 9.24
N SER AA 30 44.03 -66.46 9.68
CA SER AA 30 43.72 -66.45 11.13
C SER AA 30 44.60 -67.48 11.85
N LEU AA 31 44.72 -68.68 11.28
CA LEU AA 31 45.49 -69.76 11.96
C LEU AA 31 46.96 -69.35 12.07
N THR AA 32 47.50 -68.68 11.05
CA THR AA 32 48.91 -68.24 11.08
C THR AA 32 49.10 -67.18 12.16
N SER AA 33 48.19 -66.20 12.21
CA SER AA 33 48.27 -65.15 13.25
C SER AA 33 48.21 -65.83 14.62
N MET AA 34 47.26 -66.74 14.81
CA MET AA 34 47.11 -67.47 16.11
C MET AA 34 48.31 -68.38 16.33
N ALA AA 35 48.96 -68.87 15.28
CA ALA AA 35 50.19 -69.68 15.49
C ALA AA 35 51.19 -68.77 16.20
N GLN AA 36 51.29 -67.52 15.78
CA GLN AA 36 52.12 -66.53 16.52
C GLN AA 36 51.24 -66.06 17.69
N ASN AA 37 51.77 -65.32 18.65
CA ASN AA 37 50.87 -64.93 19.78
C ASN AA 37 50.31 -63.54 19.46
N ASP AA 38 50.35 -63.13 18.19
CA ASP AA 38 49.91 -61.76 17.79
C ASP AA 38 48.43 -61.52 18.12
N SER AA 39 47.54 -62.48 17.83
CA SER AA 39 46.09 -62.25 18.03
C SER AA 39 45.80 -61.90 19.50
N GLU AA 40 44.73 -61.14 19.75
CA GLU AA 40 44.37 -60.78 21.15
C GLU AA 40 43.25 -61.69 21.67
N MET AA 41 42.33 -62.10 20.79
CA MET AA 41 41.18 -62.95 21.22
C MET AA 41 41.13 -64.25 20.42
N ILE AA 42 40.64 -65.34 21.05
CA ILE AA 42 40.51 -66.65 20.34
C ILE AA 42 39.06 -67.15 20.46
N ARG AA 43 38.47 -67.62 19.36
CA ARG AA 43 37.05 -68.04 19.39
C ARG AA 43 36.93 -69.43 19.99
N TYR AA 44 35.95 -69.66 20.87
CA TYR AA 44 35.80 -70.98 21.52
C TYR AA 44 35.82 -72.07 20.43
N ASP AA 45 35.22 -71.82 19.27
CA ASP AA 45 35.13 -72.87 18.23
C ASP AA 45 36.55 -73.30 17.86
N ALA AA 46 37.48 -72.36 17.74
CA ALA AA 46 38.87 -72.70 17.34
C ALA AA 46 39.51 -73.61 18.39
N ILE AA 47 39.27 -73.33 19.66
CA ILE AA 47 39.92 -74.14 20.74
C ILE AA 47 39.47 -75.58 20.62
N ASP AA 48 38.19 -75.83 20.31
CA ASP AA 48 37.69 -77.24 20.29
C ASP AA 48 38.10 -77.94 18.99
N LYS AA 49 37.93 -77.28 17.84
CA LYS AA 49 38.25 -77.95 16.55
C LYS AA 49 39.70 -78.44 16.62
N LEU AA 50 40.63 -77.55 16.98
CA LEU AA 50 42.07 -77.92 17.00
C LEU AA 50 42.30 -79.01 18.06
N CYS AA 51 41.69 -78.88 19.24
CA CYS AA 51 41.93 -79.85 20.34
C CYS AA 51 41.44 -81.24 19.93
N SER AA 52 40.30 -81.32 19.24
CA SER AA 52 39.82 -82.61 18.75
C SER AA 52 40.71 -83.13 17.63
N TYR AA 53 41.26 -82.22 16.82
CA TYR AA 53 42.06 -82.65 15.64
C TYR AA 53 43.43 -83.20 16.07
N LEU AA 54 44.03 -82.62 17.10
CA LEU AA 54 45.40 -83.06 17.50
C LEU AA 54 45.32 -83.92 18.77
N HIS AA 55 44.12 -84.33 19.16
CA HIS AA 55 43.96 -85.21 20.35
C HIS AA 55 44.73 -84.58 21.51
N ILE AA 56 44.57 -83.27 21.68
CA ILE AA 56 45.26 -82.54 22.79
C ILE AA 56 44.18 -81.97 23.73
N SER AA 57 44.38 -82.11 25.05
CA SER AA 57 43.43 -81.51 26.02
C SER AA 57 43.60 -79.99 26.01
N PRO AA 58 42.62 -79.19 26.49
CA PRO AA 58 42.73 -77.74 26.46
C PRO AA 58 43.95 -77.31 27.26
N SER AA 59 44.29 -78.08 28.30
CA SER AA 59 45.44 -77.77 29.18
C SER AA 59 46.68 -77.57 28.31
N GLU AA 60 46.95 -78.53 27.43
CA GLU AA 60 48.18 -78.53 26.61
C GLU AA 60 48.22 -77.28 25.72
N PHE AA 61 47.08 -76.88 25.17
CA PHE AA 61 47.08 -75.75 24.20
C PHE AA 61 47.59 -74.46 24.86
N PHE AA 62 47.32 -74.24 26.15
CA PHE AA 62 47.73 -72.93 26.72
C PHE AA 62 48.81 -73.12 27.78
N GLU AA 63 49.83 -72.25 27.78
CA GLU AA 63 50.87 -72.29 28.83
C GLU AA 63 50.65 -71.10 29.76
N HIS AA 64 50.63 -71.33 31.08
CA HIS AA 64 50.32 -70.25 32.00
C HIS AA 64 51.40 -70.12 33.05
N ASN AA 65 51.55 -68.91 33.58
CA ASN AA 65 52.48 -68.59 34.64
C ASN AA 65 51.86 -67.44 35.42
N PRO AA 66 51.80 -67.54 36.75
CA PRO AA 66 51.11 -66.50 37.53
C PRO AA 66 51.79 -65.14 37.50
N ILE AA 67 53.04 -65.05 37.05
CA ILE AA 67 53.72 -63.76 37.01
C ILE AA 67 53.04 -62.84 36.00
N ASN AA 68 53.23 -61.53 36.18
CA ASN AA 68 52.61 -60.54 35.32
C ASN AA 68 53.44 -59.27 35.33
N PHE AA 69 53.83 -58.77 34.16
CA PHE AA 69 54.71 -57.57 34.10
C PHE AA 69 53.95 -56.39 33.47
N ASP AA 70 54.27 -55.16 33.90
CA ASP AA 70 53.63 -53.95 33.31
C ASP AA 70 54.72 -52.94 32.95
N PHE AA 71 54.57 -52.24 31.81
CA PHE AA 71 55.60 -51.27 31.36
C PHE AA 71 54.91 -49.94 31.05
N THR AA 72 55.42 -48.84 31.61
CA THR AA 72 54.87 -47.50 31.30
C THR AA 72 55.99 -46.60 30.78
N PHE AA 73 55.72 -45.83 29.71
CA PHE AA 73 56.76 -44.98 29.09
C PHE AA 73 56.48 -43.51 29.43
N ASP AA 74 57.53 -42.72 29.70
CA ASP AA 74 57.32 -41.31 30.12
C ASP AA 74 56.56 -40.54 29.05
N GLU AA 75 55.57 -39.75 29.48
CA GLU AA 75 54.80 -38.91 28.52
C GLU AA 75 55.75 -37.87 27.92
N GLU AA 76 56.64 -37.32 28.75
CA GLU AA 76 57.57 -36.26 28.26
C GLU AA 76 59.00 -36.83 28.20
N PRO AA 77 59.53 -37.17 27.01
CA PRO AA 77 60.92 -37.64 26.90
C PRO AA 77 61.86 -36.47 26.57
N ASN AA 78 63.18 -36.66 26.70
CA ASN AA 78 64.12 -35.58 26.29
C ASN AA 78 64.75 -36.00 24.96
N TYR AA 79 64.49 -35.26 23.89
CA TYR AA 79 64.99 -35.70 22.56
C TYR AA 79 65.62 -34.54 21.80
N LYS AA 80 66.78 -34.78 21.17
CA LYS AA 80 67.37 -33.73 20.29
C LYS AA 80 67.73 -34.37 18.96
N ILE AA 81 67.15 -33.88 17.85
CA ILE AA 81 67.40 -34.49 16.51
C ILE AA 81 67.96 -33.40 15.59
N ASN AA 82 69.07 -33.66 14.91
CA ASN AA 82 69.71 -32.65 14.03
C ASN AA 82 69.66 -33.13 12.57
N ASP AA 83 69.05 -32.34 11.69
CA ASP AA 83 68.96 -32.72 10.25
C ASP AA 83 70.37 -32.79 9.67
N VAL AA 84 70.68 -33.80 8.86
CA VAL AA 84 72.06 -33.99 8.33
C VAL AA 84 72.13 -33.53 6.86
N PHE AA 85 70.98 -33.40 6.18
CA PHE AA 85 70.98 -33.03 4.74
C PHE AA 85 71.79 -34.09 3.97
N GLU AA 86 72.80 -33.68 3.21
CA GLU AA 86 73.70 -34.65 2.51
C GLU AA 86 72.91 -35.43 1.43
N GLY AA 87 71.86 -34.84 0.85
CA GLY AA 87 71.17 -35.47 -0.29
C GLY AA 87 70.64 -36.87 -0.07
N PHE AA 88 70.06 -37.16 1.10
CA PHE AA 88 69.42 -38.48 1.33
C PHE AA 88 68.55 -38.88 0.14
N GLU AA 89 67.95 -37.92 -0.56
CA GLU AA 89 66.97 -38.25 -1.62
C GLU AA 89 67.57 -39.27 -2.62
N VAL AA 90 68.85 -39.13 -2.97
CA VAL AA 90 69.48 -40.05 -3.96
C VAL AA 90 69.56 -41.45 -3.36
N THR AA 91 70.32 -41.62 -2.28
CA THR AA 91 70.51 -42.98 -1.70
C THR AA 91 69.70 -43.09 -0.41
N ALA AA 92 68.91 -44.15 -0.24
CA ALA AA 92 68.01 -44.22 0.93
C ALA AA 92 68.78 -44.73 2.15
N ASN AA 93 69.66 -43.91 2.71
CA ASN AA 93 70.38 -44.29 3.96
C ASN AA 93 69.89 -43.32 5.03
N ILE AA 94 69.06 -43.79 5.96
CA ILE AA 94 68.43 -42.89 6.97
C ILE AA 94 69.48 -41.97 7.57
N THR AA 95 70.67 -42.48 7.88
CA THR AA 95 71.66 -41.65 8.61
C THR AA 95 71.82 -40.30 7.92
N HIS AA 96 71.80 -40.27 6.59
CA HIS AA 96 71.97 -39.01 5.82
C HIS AA 96 70.80 -38.06 6.11
N ALA AA 97 69.59 -38.62 6.21
CA ALA AA 97 68.39 -37.76 6.42
C ALA AA 97 68.42 -37.05 7.78
N PHE AA 98 68.77 -37.77 8.86
CA PHE AA 98 68.72 -37.12 10.21
C PHE AA 98 69.68 -37.83 11.18
N SER AA 99 70.10 -37.11 12.23
CA SER AA 99 70.98 -37.72 13.27
C SER AA 99 70.41 -37.40 14.66
N ILE AA 100 70.39 -38.40 15.56
CA ILE AA 100 69.88 -38.19 16.95
C ILE AA 100 71.05 -37.74 17.82
N GLU AA 101 71.02 -36.50 18.32
CA GLU AA 101 72.10 -36.06 19.24
C GLU AA 101 71.96 -36.79 20.58
N ASN AA 102 70.77 -36.81 21.16
CA ASN AA 102 70.54 -37.57 22.43
C ASN AA 102 69.06 -37.78 22.71
N PHE AA 103 68.64 -39.04 22.93
CA PHE AA 103 67.23 -39.34 23.24
C PHE AA 103 67.21 -40.23 24.49
N ASP AA 104 66.78 -39.66 25.63
CA ASP AA 104 66.78 -40.44 26.91
C ASP AA 104 65.41 -40.31 27.60
N PHE AA 105 64.97 -41.35 28.29
CA PHE AA 105 63.64 -41.34 28.96
C PHE AA 105 63.60 -42.47 29.98
N GLU AA 106 62.46 -42.62 30.67
CA GLU AA 106 62.38 -43.64 31.74
C GLU AA 106 61.24 -44.63 31.45
N ILE AA 107 61.45 -45.92 31.71
CA ILE AA 107 60.35 -46.91 31.58
C ILE AA 107 60.09 -47.49 32.96
N LEU AA 108 58.85 -47.42 33.46
CA LEU AA 108 58.54 -47.90 34.84
C LEU AA 108 57.97 -49.31 34.76
N VAL AA 109 58.61 -50.29 35.42
CA VAL AA 109 58.16 -51.70 35.32
C VAL AA 109 57.67 -52.19 36.68
N ASP AA 110 56.50 -52.82 36.74
CA ASP AA 110 55.96 -53.34 38.02
C ASP AA 110 55.85 -54.87 37.95
N VAL AA 111 56.69 -55.60 38.68
CA VAL AA 111 56.69 -57.08 38.63
C VAL AA 111 55.72 -57.59 39.70
N GLU AA 112 54.49 -57.91 39.32
CA GLU AA 112 53.48 -58.33 40.34
C GLU AA 112 53.67 -59.81 40.64
N LEU AA 113 53.86 -60.16 41.90
CA LEU AA 113 54.12 -61.59 42.26
C LEU AA 113 52.81 -62.37 42.21
N ASP AA 114 52.86 -63.68 42.45
CA ASP AA 114 51.60 -64.47 42.53
C ASP AA 114 50.79 -63.92 43.70
N ASN AA 115 51.46 -63.65 44.82
CA ASN AA 115 50.79 -63.01 45.98
C ASN AA 115 50.40 -61.59 45.57
N ARG AA 116 49.56 -60.92 46.37
CA ARG AA 116 49.10 -59.55 46.04
C ARG AA 116 50.31 -58.61 46.00
N GLN AA 117 51.37 -58.92 46.76
CA GLN AA 117 52.53 -58.00 46.85
C GLN AA 117 53.13 -57.75 45.47
N LYS AA 118 53.54 -56.50 45.20
CA LYS AA 118 54.16 -56.16 43.90
C LYS AA 118 55.49 -55.47 44.16
N LEU AA 119 56.43 -55.56 43.21
CA LEU AA 119 57.72 -54.84 43.36
C LEU AA 119 57.82 -53.80 42.23
N ASN AA 120 58.40 -52.64 42.53
CA ASN AA 120 58.53 -51.57 41.51
C ASN AA 120 59.99 -51.39 41.11
N PHE AA 121 60.29 -51.46 39.82
CA PHE AA 121 61.68 -51.19 39.35
C PHE AA 121 61.61 -50.07 38.32
N ASP AA 122 62.54 -49.12 38.37
CA ASP AA 122 62.51 -47.97 37.43
C ASP AA 122 63.73 -48.03 36.51
N LEU AA 123 63.51 -48.08 35.19
CA LEU AA 123 64.63 -48.23 34.23
C LEU AA 123 64.83 -46.90 33.49
N ASP AA 124 66.07 -46.43 33.37
CA ASP AA 124 66.35 -45.20 32.58
C ASP AA 124 67.04 -45.66 31.30
N VAL AA 125 66.51 -45.28 30.13
CA VAL AA 125 67.07 -45.79 28.84
C VAL AA 125 67.58 -44.62 27.99
N SER AA 126 68.76 -44.76 27.40
CA SER AA 126 69.36 -43.66 26.60
C SER AA 126 69.82 -44.17 25.22
N TYR AA 127 69.96 -43.26 24.25
CA TYR AA 127 70.43 -43.63 22.89
C TYR AA 127 71.94 -43.90 22.92
N LYS AA 128 72.39 -44.89 22.15
CA LYS AA 128 73.83 -45.24 22.13
C LYS AA 128 74.38 -45.08 20.71
N GLU AA 129 73.77 -45.74 19.73
CA GLU AA 129 74.28 -45.68 18.36
C GLU AA 129 73.22 -46.24 17.42
N THR AA 130 73.41 -46.02 16.10
CA THR AA 130 72.47 -46.60 15.10
C THR AA 130 73.18 -47.70 14.30
N GLU AA 131 72.98 -48.96 14.67
CA GLU AA 131 73.65 -50.09 13.98
C GLU AA 131 73.02 -50.31 12.60
N LYS AA 132 73.81 -50.79 11.64
CA LYS AA 132 73.32 -51.09 10.27
C LYS AA 132 73.14 -52.60 10.12
N ILE AA 133 71.93 -53.12 10.35
CA ILE AA 133 71.71 -54.60 10.28
C ILE AA 133 71.98 -55.07 8.85
N THR AA 134 71.50 -54.31 7.85
CA THR AA 134 71.74 -54.64 6.42
C THR AA 134 71.99 -53.32 5.67
N ASN AA 135 72.43 -53.38 4.41
CA ASN AA 135 72.77 -52.11 3.72
C ASN AA 135 71.53 -51.20 3.67
N SER AA 136 70.35 -51.76 3.40
CA SER AA 136 69.14 -50.92 3.24
C SER AA 136 68.41 -50.68 4.57
N GLN AA 137 68.74 -51.40 5.64
CA GLN AA 137 67.95 -51.26 6.90
C GLN AA 137 68.86 -51.07 8.11
N HIS AA 138 68.41 -50.26 9.08
CA HIS AA 138 69.21 -50.01 10.32
C HIS AA 138 68.33 -50.26 11.56
N ARG AA 139 68.97 -50.47 12.71
CA ARG AA 139 68.22 -50.67 13.98
C ARG AA 139 68.81 -49.74 15.04
N PHE AA 140 68.02 -48.76 15.51
CA PHE AA 140 68.51 -47.87 16.59
C PHE AA 140 68.76 -48.74 17.82
N ILE AA 141 69.87 -48.51 18.53
CA ILE AA 141 70.20 -49.34 19.72
C ILE AA 141 70.14 -48.46 20.96
N PHE AA 142 69.33 -48.84 21.95
CA PHE AA 142 69.21 -48.06 23.21
C PHE AA 142 69.70 -48.91 24.38
N THR AA 143 70.48 -48.32 25.28
CA THR AA 143 71.06 -49.08 26.42
C THR AA 143 70.52 -48.53 27.75
N ILE AA 144 70.17 -49.42 28.67
CA ILE AA 144 69.68 -48.98 30.02
C ILE AA 144 70.84 -48.34 30.78
N LYS AA 145 70.63 -47.14 31.32
CA LYS AA 145 71.72 -46.41 32.00
C LYS AA 145 72.00 -47.09 33.34
N ASN AA 146 70.99 -47.15 34.21
CA ASN AA 146 71.15 -47.83 35.54
C ASN AA 146 70.71 -49.29 35.44
N GLU AA 147 71.64 -50.23 35.63
CA GLU AA 147 71.28 -51.67 35.64
C GLU AA 147 71.61 -52.26 37.02
N ASP AA 148 72.62 -51.71 37.70
CA ASP AA 148 73.05 -52.28 39.01
C ASP AA 148 71.95 -52.15 40.06
N GLU AA 149 71.25 -51.02 40.10
CA GLU AA 149 70.11 -50.83 41.03
C GLU AA 149 68.98 -51.80 40.68
N ASN AA 150 68.84 -52.16 39.40
CA ASN AA 150 67.68 -53.01 39.00
C ASN AA 150 68.14 -54.43 38.68
N ILE AA 151 69.16 -54.95 39.39
CA ILE AA 151 69.62 -56.36 39.17
C ILE AA 151 68.50 -57.34 39.54
N GLY AA 152 67.71 -57.03 40.58
CA GLY AA 152 66.66 -57.97 41.03
C GLY AA 152 65.65 -58.24 39.94
N LEU AA 153 65.39 -57.26 39.08
CA LEU AA 153 64.38 -57.41 38.00
C LEU AA 153 64.82 -58.61 37.15
N LYS AA 154 66.12 -58.75 36.91
CA LYS AA 154 66.62 -59.85 36.04
C LYS AA 154 66.26 -61.20 36.66
N LYS AA 155 66.35 -61.33 37.99
CA LYS AA 155 66.08 -62.62 38.64
C LYS AA 155 64.64 -63.06 38.35
N TYR AA 156 63.69 -62.12 38.40
CA TYR AA 156 62.28 -62.45 38.06
C TYR AA 156 62.16 -62.82 36.57
N VAL AA 157 62.86 -62.12 35.68
CA VAL AA 157 62.68 -62.36 34.22
C VAL AA 157 63.12 -63.78 33.84
N ASP AA 158 64.31 -64.21 34.24
CA ASP AA 158 64.82 -65.53 33.77
C ASP AA 158 64.06 -66.68 34.42
N SER AA 159 63.23 -66.41 35.44
CA SER AA 159 62.47 -67.48 36.07
C SER AA 159 61.37 -68.01 35.15
N LEU AA 160 60.98 -67.23 34.15
CA LEU AA 160 59.91 -67.65 33.21
C LEU AA 160 60.43 -68.74 32.28
N SER AA 161 59.53 -69.48 31.64
CA SER AA 161 59.93 -70.52 30.66
C SER AA 161 60.44 -69.83 29.40
N ALA AA 162 61.20 -70.52 28.57
CA ALA AA 162 61.82 -69.86 27.39
C ALA AA 162 60.72 -69.28 26.49
N GLY AA 163 59.63 -70.02 26.28
CA GLY AA 163 58.59 -69.54 25.36
C GLY AA 163 57.97 -68.23 25.85
N LEU AA 164 57.67 -68.15 27.15
CA LEU AA 164 57.11 -66.89 27.72
C LEU AA 164 58.16 -65.78 27.62
N LYS AA 165 59.42 -66.09 27.89
CA LYS AA 165 60.46 -65.03 27.90
C LYS AA 165 60.58 -64.42 26.50
N ASN AA 166 60.55 -65.26 25.46
CA ASN AA 166 60.65 -64.74 24.08
C ASN AA 166 59.44 -63.85 23.82
N LEU AA 167 58.26 -64.24 24.29
CA LEU AA 167 57.05 -63.40 24.10
C LEU AA 167 57.26 -62.05 24.79
N LEU AA 168 57.71 -62.05 26.04
CA LEU AA 168 57.85 -60.78 26.79
C LEU AA 168 58.83 -59.85 26.05
N PHE AA 169 59.93 -60.40 25.54
CA PHE AA 169 60.95 -59.57 24.87
C PHE AA 169 60.35 -58.95 23.61
N LYS AA 170 59.52 -59.71 22.88
CA LYS AA 170 58.85 -59.12 21.69
C LYS AA 170 57.98 -57.95 22.14
N LYS AA 171 57.24 -58.11 23.25
CA LYS AA 171 56.30 -57.04 23.67
C LYS AA 171 57.08 -55.77 24.03
N ILE AA 172 58.18 -55.91 24.79
CA ILE AA 172 58.92 -54.69 25.24
C ILE AA 172 59.49 -53.99 24.00
N ASN AA 173 60.00 -54.77 23.04
CA ASN AA 173 60.63 -54.16 21.83
C ASN AA 173 59.55 -53.51 20.96
N GLN AA 174 58.44 -54.20 20.68
CA GLN AA 174 57.42 -53.62 19.77
C GLN AA 174 57.03 -52.23 20.30
N LYS AA 175 56.76 -52.13 21.60
CA LYS AA 175 56.35 -50.83 22.19
C LYS AA 175 57.46 -49.81 22.01
N LEU AA 176 58.70 -50.18 22.33
CA LEU AA 176 59.84 -49.22 22.24
C LEU AA 176 59.92 -48.71 20.80
N SER AA 177 59.85 -49.62 19.82
CA SER AA 177 60.02 -49.23 18.40
C SER AA 177 58.91 -48.24 18.01
N GLY AA 178 57.67 -48.51 18.45
CA GLY AA 178 56.57 -47.58 18.16
C GLY AA 178 56.81 -46.24 18.83
N TYR AA 179 57.22 -46.26 20.10
CA TYR AA 179 57.44 -45.00 20.84
C TYR AA 179 58.47 -44.14 20.12
N VAL AA 180 59.70 -44.65 19.97
CA VAL AA 180 60.79 -43.82 19.38
C VAL AA 180 60.43 -43.42 17.95
N SER AA 181 59.90 -44.33 17.14
CA SER AA 181 59.60 -44.01 15.73
C SER AA 181 58.59 -42.86 15.67
N GLU AA 182 57.54 -42.93 16.50
CA GLU AA 182 56.47 -41.89 16.44
C GLU AA 182 57.08 -40.52 16.79
N ILE AA 183 57.96 -40.49 17.80
CA ILE AA 183 58.56 -39.19 18.21
C ILE AA 183 59.37 -38.63 17.04
N ILE AA 184 60.22 -39.44 16.41
CA ILE AA 184 61.11 -38.93 15.33
C ILE AA 184 60.28 -38.44 14.15
N VAL AA 185 59.31 -39.23 13.70
CA VAL AA 185 58.54 -38.87 12.47
C VAL AA 185 58.01 -37.44 12.61
N LYS AA 186 57.59 -37.03 13.82
CA LYS AA 186 57.00 -35.67 13.96
C LYS AA 186 58.08 -34.61 13.75
N ASN AA 187 59.24 -34.76 14.38
CA ASN AA 187 60.28 -33.70 14.32
C ASN AA 187 60.87 -33.55 12.91
N ILE AA 188 61.03 -34.65 12.16
CA ILE AA 188 61.70 -34.54 10.82
C ILE AA 188 60.67 -34.58 9.70
N ASP AA 189 60.75 -33.62 8.75
CA ASP AA 189 59.83 -33.59 7.59
C ASP AA 189 60.20 -34.69 6.58
N ASP AA 190 59.24 -35.14 5.78
CA ASP AA 190 59.50 -36.28 4.86
C ASP AA 190 60.25 -35.82 3.61
N ILE AA 191 61.07 -36.70 3.03
CA ILE AA 191 61.78 -36.39 1.76
C ILE AA 191 61.45 -37.50 0.76
N GLU AA 192 60.94 -37.16 -0.43
CA GLU AA 192 60.55 -38.21 -1.42
C GLU AA 192 61.71 -38.46 -2.39
N GLU AA 193 61.95 -39.73 -2.75
CA GLU AA 193 63.10 -40.08 -3.65
C GLU AA 193 62.83 -39.66 -5.09
N LEU AA 194 63.89 -39.33 -5.84
CA LEU AA 194 63.75 -38.94 -7.27
C LEU AA 194 63.23 -40.11 -8.10
N PHE AA 195 63.82 -41.31 -7.93
CA PHE AA 195 63.43 -42.47 -8.78
C PHE AA 195 62.42 -43.34 -8.04
N LYS AA 201 56.44 -48.35 -4.72
CA LYS AA 201 57.42 -47.69 -5.62
C LYS AA 201 58.23 -46.66 -4.84
N SER AA 202 57.78 -45.40 -4.83
CA SER AA 202 58.51 -44.33 -4.12
C SER AA 202 58.53 -44.62 -2.61
N THR AA 203 59.67 -44.38 -1.97
CA THR AA 203 59.79 -44.63 -0.50
C THR AA 203 60.07 -43.30 0.21
N THR AA 204 59.03 -42.70 0.81
CA THR AA 204 59.20 -41.39 1.51
C THR AA 204 59.98 -41.63 2.81
N LEU AA 205 60.57 -40.57 3.36
CA LEU AA 205 61.40 -40.72 4.58
C LEU AA 205 60.54 -41.24 5.74
N HIS AA 206 59.32 -40.74 5.88
CA HIS AA 206 58.49 -41.14 7.04
C HIS AA 206 58.25 -42.66 6.98
N LYS AA 207 57.97 -43.18 5.78
CA LYS AA 207 57.67 -44.63 5.67
C LYS AA 207 58.90 -45.42 6.13
N GLU AA 208 60.09 -44.97 5.72
CA GLU AA 208 61.35 -45.67 6.11
C GLU AA 208 61.51 -45.59 7.63
N ILE AA 209 61.21 -44.44 8.23
CA ILE AA 209 61.42 -44.27 9.70
C ILE AA 209 60.49 -45.25 10.43
N LEU AA 210 59.24 -45.36 9.99
CA LEU AA 210 58.26 -46.26 10.66
C LEU AA 210 58.75 -47.70 10.52
N GLN AA 211 59.27 -48.06 9.34
CA GLN AA 211 59.76 -49.44 9.11
C GLN AA 211 60.92 -49.71 10.07
N THR AA 212 61.78 -48.72 10.29
CA THR AA 212 62.98 -48.90 11.15
C THR AA 212 62.56 -49.43 12.53
N ASP AA 213 63.32 -50.38 13.08
CA ASP AA 213 62.99 -50.98 14.39
C ASP AA 213 64.10 -50.69 15.42
N SER AA 214 63.72 -50.44 16.67
CA SER AA 214 64.73 -50.19 17.74
C SER AA 214 64.69 -51.32 18.76
N ARG AA 215 65.83 -51.93 19.06
CA ARG AA 215 65.85 -53.07 20.01
C ARG AA 215 66.71 -52.70 21.22
N LEU AA 216 66.16 -52.85 22.43
CA LEU AA 216 66.90 -52.48 23.68
C LEU AA 216 68.06 -53.46 23.89
N SER AA 217 69.24 -52.95 24.21
CA SER AA 217 70.43 -53.81 24.47
C SER AA 217 70.79 -53.65 25.95
N SER AA 218 70.56 -54.69 26.75
CA SER AA 218 70.80 -54.57 28.22
C SER AA 218 71.08 -55.93 28.85
N ASP AA 219 71.76 -55.95 30.00
CA ASP AA 219 72.07 -57.22 30.71
C ASP AA 219 70.77 -57.89 31.18
N ILE AA 220 69.82 -57.11 31.68
CA ILE AA 220 68.55 -57.69 32.23
C ILE AA 220 67.96 -58.65 31.20
N PHE AA 221 67.78 -58.18 29.96
CA PHE AA 221 67.18 -59.02 28.89
C PHE AA 221 68.30 -59.65 28.07
N LYS AA 222 68.41 -60.98 28.06
CA LYS AA 222 69.58 -61.61 27.39
C LYS AA 222 69.18 -62.31 26.09
N GLU AA 223 67.92 -62.22 25.69
CA GLU AA 223 67.47 -62.96 24.48
C GLU AA 223 66.44 -62.13 23.71
N ASP BA 30 79.67 -31.00 16.78
CA ASP BA 30 80.45 -30.10 15.88
C ASP BA 30 79.47 -29.40 14.93
N ILE BA 31 79.33 -28.08 15.07
CA ILE BA 31 78.42 -27.30 14.18
C ILE BA 31 78.95 -27.42 12.75
N LEU BA 32 80.26 -27.40 12.57
CA LEU BA 32 80.86 -27.56 11.21
C LEU BA 32 80.36 -28.88 10.61
N THR BA 33 80.56 -29.99 11.33
CA THR BA 33 80.15 -31.33 10.83
C THR BA 33 78.63 -31.40 10.63
N GLN BA 34 77.87 -30.76 11.52
CA GLN BA 34 76.38 -30.78 11.42
C GLN BA 34 76.02 -30.19 10.06
N LEU BA 35 76.66 -29.08 9.67
CA LEU BA 35 76.45 -28.53 8.31
C LEU BA 35 77.41 -29.24 7.35
N GLY BA 36 77.40 -28.90 6.07
CA GLY BA 36 78.23 -29.62 5.10
C GLY BA 36 79.59 -28.99 4.89
N VAL BA 37 79.94 -27.97 5.69
CA VAL BA 37 81.20 -27.23 5.44
C VAL BA 37 82.36 -28.23 5.50
N LYS BA 38 83.28 -28.17 4.54
CA LYS BA 38 84.42 -29.13 4.48
C LYS BA 38 85.65 -28.43 3.90
N ASP BA 39 86.85 -28.94 4.19
CA ASP BA 39 88.09 -28.26 3.75
C ASP BA 39 88.30 -28.51 2.26
N ILE BA 40 88.91 -27.57 1.53
CA ILE BA 40 89.09 -27.70 0.07
C ILE BA 40 90.39 -28.46 -0.22
N SER BA 41 91.45 -28.20 0.55
CA SER BA 41 92.72 -28.85 0.26
C SER BA 41 92.57 -30.37 0.25
N LYS BA 42 91.82 -30.91 1.20
CA LYS BA 42 91.61 -32.36 1.24
C LYS BA 42 90.66 -32.82 0.15
N GLN BA 43 89.67 -31.99 -0.19
CA GLN BA 43 88.65 -32.42 -1.20
C GLN BA 43 89.28 -32.47 -2.59
N ASN BA 44 90.17 -31.53 -2.92
CA ASN BA 44 90.73 -31.46 -4.29
C ASN BA 44 91.95 -32.38 -4.44
N ALA BA 45 92.34 -33.10 -3.39
CA ALA BA 45 93.54 -33.92 -3.49
C ALA BA 45 93.40 -35.15 -4.38
N ASN BA 46 92.31 -35.89 -4.23
CA ASN BA 46 92.09 -37.10 -5.03
C ASN BA 46 90.78 -37.05 -5.79
N LYS BA 47 90.26 -35.86 -6.05
CA LYS BA 47 88.96 -35.74 -6.68
C LYS BA 47 88.91 -36.42 -8.04
N PHE BA 48 87.81 -37.12 -8.32
CA PHE BA 48 87.63 -37.73 -9.66
C PHE BA 48 86.85 -36.76 -10.56
N TYR BA 49 87.56 -36.10 -11.47
CA TYR BA 49 86.96 -35.09 -12.38
C TYR BA 49 86.03 -35.70 -13.42
N LYS BA 50 84.98 -34.98 -13.82
CA LYS BA 50 84.10 -35.45 -14.94
C LYS BA 50 84.67 -34.89 -16.25
N PHE BA 51 84.52 -35.60 -17.38
CA PHE BA 51 85.13 -35.15 -18.65
C PHE BA 51 84.07 -35.17 -19.76
N ALA BA 52 83.81 -34.04 -20.40
CA ALA BA 52 82.88 -34.05 -21.55
C ALA BA 52 83.68 -33.81 -22.83
N ILE BA 53 83.61 -34.72 -23.80
CA ILE BA 53 84.43 -34.60 -25.04
C ILE BA 53 83.49 -34.59 -26.25
N TYR BA 54 83.31 -33.43 -26.88
CA TYR BA 54 82.45 -33.36 -28.09
C TYR BA 54 83.36 -33.34 -29.33
N GLY BA 55 83.00 -34.10 -30.36
CA GLY BA 55 83.85 -34.16 -31.57
C GLY BA 55 83.04 -34.32 -32.86
N LYS BA 56 83.67 -34.09 -34.02
CA LYS BA 56 82.98 -34.33 -35.32
C LYS BA 56 83.04 -35.82 -35.64
N PHE BA 57 82.49 -36.24 -36.80
CA PHE BA 57 82.45 -37.68 -37.15
C PHE BA 57 83.87 -38.23 -37.38
N GLY BA 58 84.13 -39.47 -36.96
CA GLY BA 58 85.43 -40.11 -37.21
C GLY BA 58 86.61 -39.32 -36.65
N THR BA 59 86.45 -38.70 -35.48
CA THR BA 59 87.57 -37.97 -34.84
C THR BA 59 88.23 -38.87 -33.77
N GLY BA 60 87.78 -40.13 -33.67
CA GLY BA 60 88.33 -41.07 -32.67
C GLY BA 60 88.08 -40.63 -31.23
N LYS BA 61 86.92 -40.01 -30.98
CA LYS BA 61 86.59 -39.52 -29.61
C LYS BA 61 86.50 -40.70 -28.63
N THR BA 62 85.89 -41.81 -29.04
CA THR BA 62 85.77 -43.00 -28.14
C THR BA 62 87.16 -43.57 -27.84
N THR BA 63 88.06 -43.58 -28.84
CA THR BA 63 89.45 -44.07 -28.61
C THR BA 63 90.00 -43.41 -27.34
N PHE BA 64 89.98 -42.07 -27.27
CA PHE BA 64 90.51 -41.31 -26.11
C PHE BA 64 89.95 -41.88 -24.80
N LEU BA 65 88.64 -42.00 -24.71
CA LEU BA 65 87.99 -42.42 -23.45
C LEU BA 65 88.44 -43.84 -23.07
N THR BA 66 88.56 -44.75 -24.04
CA THR BA 66 88.88 -46.16 -23.73
C THR BA 66 90.35 -46.54 -23.99
N LYS BA 67 91.18 -45.56 -24.33
CA LYS BA 67 92.61 -45.85 -24.64
C LYS BA 67 93.25 -46.49 -23.40
N ASP BA 68 92.88 -46.03 -22.21
CA ASP BA 68 93.47 -46.53 -20.94
C ASP BA 68 93.17 -48.03 -20.79
N ASN BA 69 92.20 -48.55 -21.55
CA ASN BA 69 91.80 -50.01 -21.49
C ASN BA 69 91.31 -50.33 -20.09
N ASN BA 70 90.89 -49.32 -19.32
CA ASN BA 70 90.29 -49.55 -17.99
C ASN BA 70 88.95 -48.82 -17.95
N ALA BA 71 88.01 -49.19 -18.82
CA ALA BA 71 86.75 -48.41 -18.90
C ALA BA 71 85.50 -49.28 -19.01
N LEU BA 72 84.37 -48.78 -18.51
CA LEU BA 72 83.07 -49.48 -18.66
C LEU BA 72 82.22 -48.61 -19.59
N VAL BA 73 81.90 -49.09 -20.79
CA VAL BA 73 81.18 -48.23 -21.77
C VAL BA 73 79.69 -48.54 -21.78
N LEU BA 74 78.86 -47.59 -21.33
CA LEU BA 74 77.38 -47.77 -21.43
C LEU BA 74 76.91 -47.20 -22.77
N ASP BA 75 77.19 -47.88 -23.88
CA ASP BA 75 76.80 -47.38 -25.22
C ASP BA 75 75.28 -47.43 -25.39
N ILE BA 76 74.73 -46.51 -26.18
CA ILE BA 76 73.24 -46.43 -26.33
C ILE BA 76 72.85 -46.67 -27.78
N ASN BA 77 72.16 -47.79 -28.05
CA ASN BA 77 71.66 -48.09 -29.42
C ASN BA 77 72.80 -47.98 -30.44
N GLU BA 78 74.03 -48.33 -30.03
CA GLU BA 78 75.21 -48.26 -30.93
C GLU BA 78 76.26 -49.27 -30.46
N ASP BA 79 77.20 -49.66 -31.31
CA ASP BA 79 78.31 -50.54 -30.85
C ASP BA 79 79.64 -50.04 -31.39
N GLY BA 80 80.34 -49.20 -30.62
CA GLY BA 80 81.67 -48.71 -31.04
C GLY BA 80 82.79 -49.31 -30.21
N THR BA 81 82.55 -50.48 -29.61
CA THR BA 81 83.54 -51.12 -28.71
C THR BA 81 84.69 -51.70 -29.54
N THR BA 82 84.53 -51.78 -30.86
CA THR BA 82 85.57 -52.42 -31.72
C THR BA 82 86.91 -51.68 -31.58
N VAL BA 83 86.86 -50.35 -31.49
CA VAL BA 83 88.12 -49.55 -31.42
C VAL BA 83 88.84 -49.88 -30.12
N THR BA 84 88.08 -50.08 -29.04
CA THR BA 84 88.68 -50.41 -27.71
C THR BA 84 89.36 -51.78 -27.77
N GLU BA 85 90.44 -51.97 -27.01
CA GLU BA 85 91.16 -53.26 -26.98
C GLU BA 85 90.62 -54.13 -25.84
N ASP BA 86 90.45 -53.54 -24.65
CA ASP BA 86 89.97 -54.31 -23.46
C ASP BA 86 89.05 -53.44 -22.60
N GLY BA 87 88.23 -54.08 -21.75
CA GLY BA 87 87.29 -53.35 -20.87
C GLY BA 87 85.96 -54.09 -20.82
N ALA BA 88 84.92 -53.48 -20.23
CA ALA BA 88 83.57 -54.10 -20.23
C ALA BA 88 82.57 -53.16 -20.93
N VAL BA 89 81.78 -53.69 -21.87
CA VAL BA 89 80.76 -52.86 -22.58
C VAL BA 89 79.35 -53.41 -22.33
N VAL BA 90 78.40 -52.52 -22.01
CA VAL BA 90 76.98 -52.93 -21.78
C VAL BA 90 76.06 -52.16 -22.73
N GLN BA 91 75.42 -52.86 -23.68
CA GLN BA 91 74.49 -52.20 -24.62
C GLN BA 91 73.28 -51.66 -23.85
N ILE BA 92 72.82 -50.45 -24.17
CA ILE BA 92 71.58 -49.92 -23.52
C ILE BA 92 70.52 -49.85 -24.62
N LYS BA 93 69.40 -50.54 -24.47
CA LYS BA 93 68.40 -50.60 -25.57
C LYS BA 93 67.10 -49.88 -25.17
N ASN BA 94 66.89 -49.65 -23.86
CA ASN BA 94 65.60 -49.06 -23.42
C ASN BA 94 65.86 -48.08 -22.27
N TYR BA 95 64.98 -47.10 -22.08
CA TYR BA 95 65.12 -46.17 -20.93
C TYR BA 95 65.04 -47.00 -19.65
N LYS BA 96 64.15 -48.00 -19.63
CA LYS BA 96 64.02 -48.87 -18.43
C LYS BA 96 65.36 -49.55 -18.18
N HIS BA 97 66.01 -50.03 -19.25
CA HIS BA 97 67.32 -50.71 -19.09
C HIS BA 97 68.32 -49.69 -18.54
N PHE BA 98 68.25 -48.45 -19.02
CA PHE BA 98 69.21 -47.41 -18.56
C PHE BA 98 69.01 -47.17 -17.06
N SER BA 99 67.77 -47.04 -16.63
CA SER BA 99 67.49 -46.77 -15.19
C SER BA 99 68.09 -47.90 -14.35
N ALA BA 100 67.86 -49.15 -14.76
CA ALA BA 100 68.34 -50.31 -13.97
C ALA BA 100 69.86 -50.27 -13.83
N VAL BA 101 70.60 -50.08 -14.93
CA VAL BA 101 72.09 -50.17 -14.83
C VAL BA 101 72.60 -49.07 -13.90
N ILE BA 102 72.05 -47.86 -14.00
CA ILE BA 102 72.51 -46.72 -13.15
C ILE BA 102 72.22 -47.05 -11.69
N LYS BA 103 71.03 -47.57 -11.39
CA LYS BA 103 70.64 -47.86 -9.98
C LYS BA 103 71.54 -48.96 -9.42
N MET BA 104 71.87 -49.96 -10.24
CA MET BA 104 72.67 -51.10 -9.72
C MET BA 104 74.15 -50.86 -10.01
N LEU BA 105 74.52 -49.68 -10.49
CA LEU BA 105 75.93 -49.43 -10.89
C LEU BA 105 76.88 -49.69 -9.70
N PRO BA 106 76.59 -49.25 -8.45
CA PRO BA 106 77.46 -49.59 -7.34
C PRO BA 106 77.77 -51.08 -7.31
N LYS BA 107 76.73 -51.91 -7.32
CA LYS BA 107 76.92 -53.39 -7.21
C LYS BA 107 77.78 -53.86 -8.38
N ILE BA 108 77.53 -53.35 -9.58
CA ILE BA 108 78.26 -53.82 -10.79
C ILE BA 108 79.76 -53.53 -10.61
N ILE BA 109 80.11 -52.28 -10.32
CA ILE BA 109 81.56 -51.92 -10.22
C ILE BA 109 82.24 -52.92 -9.30
N GLU BA 110 81.61 -53.27 -8.18
CA GLU BA 110 82.24 -54.19 -7.20
C GLU BA 110 82.53 -55.54 -7.87
N GLN BA 111 81.61 -56.03 -8.69
CA GLN BA 111 81.80 -57.38 -9.29
C GLN BA 111 82.92 -57.37 -10.33
N LEU BA 112 82.85 -56.48 -11.32
CA LEU BA 112 83.95 -56.40 -12.31
C LEU BA 112 85.30 -56.30 -11.60
N ARG BA 113 85.40 -55.47 -10.55
CA ARG BA 113 86.68 -55.39 -9.80
C ARG BA 113 86.98 -56.73 -9.12
N GLU BA 114 85.94 -57.41 -8.63
CA GLU BA 114 86.12 -58.76 -7.99
C GLU BA 114 86.61 -59.74 -9.05
N ASN BA 115 86.07 -59.66 -10.27
CA ASN BA 115 86.52 -60.53 -11.38
C ASN BA 115 87.96 -60.16 -11.74
N GLY BA 116 88.41 -58.97 -11.32
CA GLY BA 116 89.77 -58.50 -11.63
C GLY BA 116 89.77 -57.52 -12.77
N LYS BA 117 88.63 -57.33 -13.44
CA LYS BA 117 88.56 -56.29 -14.50
C LYS BA 117 88.74 -54.93 -13.82
N GLN BA 118 89.50 -54.02 -14.45
CA GLN BA 118 89.78 -52.70 -13.81
C GLN BA 118 88.83 -51.66 -14.39
N ILE BA 119 87.92 -51.11 -13.58
CA ILE BA 119 87.06 -50.02 -14.09
C ILE BA 119 87.40 -48.73 -13.34
N ASP BA 120 87.87 -47.70 -14.07
CA ASP BA 120 88.20 -46.40 -13.43
C ASP BA 120 87.30 -45.31 -14.02
N VAL BA 121 86.66 -45.59 -15.16
CA VAL BA 121 85.81 -44.56 -15.83
C VAL BA 121 84.52 -45.19 -16.37
N VAL BA 122 83.39 -44.51 -16.14
CA VAL BA 122 82.07 -44.96 -16.67
C VAL BA 122 81.72 -44.00 -17.80
N VAL BA 123 81.48 -44.52 -19.01
CA VAL BA 123 81.28 -43.62 -20.18
C VAL BA 123 79.89 -43.79 -20.77
N ILE BA 124 79.18 -42.70 -21.02
CA ILE BA 124 77.87 -42.78 -21.73
C ILE BA 124 78.19 -42.35 -23.16
N GLU BA 125 78.00 -43.22 -24.14
CA GLU BA 125 78.46 -42.92 -25.54
C GLU BA 125 77.81 -41.68 -26.14
N THR BA 126 76.51 -41.45 -25.95
CA THR BA 126 75.85 -40.32 -26.67
C THR BA 126 74.82 -39.57 -25.84
N ILE BA 127 75.02 -38.26 -25.67
CA ILE BA 127 74.04 -37.42 -24.92
C ILE BA 127 72.76 -37.27 -25.75
N GLN BA 128 72.89 -37.25 -27.08
CA GLN BA 128 71.70 -37.04 -27.94
C GLN BA 128 70.76 -38.25 -27.78
N LYS BA 129 71.32 -39.46 -27.66
CA LYS BA 129 70.48 -40.67 -27.42
C LYS BA 129 69.80 -40.56 -26.06
N LEU BA 130 70.47 -40.02 -25.04
CA LEU BA 130 69.80 -39.82 -23.73
C LEU BA 130 68.59 -38.90 -23.94
N ARG BA 131 68.76 -37.86 -24.76
CA ARG BA 131 67.59 -36.98 -25.06
C ARG BA 131 66.50 -37.83 -25.72
N ASP BA 132 66.86 -38.67 -26.68
CA ASP BA 132 65.84 -39.45 -27.42
C ASP BA 132 65.12 -40.43 -26.48
N ILE BA 133 65.86 -41.13 -25.61
CA ILE BA 133 65.21 -42.17 -24.76
C ILE BA 133 64.34 -41.49 -23.70
N THR BA 134 64.87 -40.48 -23.01
CA THR BA 134 64.08 -39.79 -21.95
C THR BA 134 62.81 -39.25 -22.59
N MET BA 135 62.92 -38.78 -23.83
CA MET BA 135 61.72 -38.18 -24.49
C MET BA 135 60.66 -39.26 -24.69
N ASP BA 136 61.08 -40.47 -25.07
CA ASP BA 136 60.11 -41.58 -25.27
C ASP BA 136 59.44 -41.90 -23.93
N ASP BA 137 60.21 -41.91 -22.85
CA ASP BA 137 59.66 -42.26 -21.51
C ASP BA 137 58.61 -41.22 -21.13
N ILE BA 138 58.86 -39.94 -21.41
CA ILE BA 138 57.91 -38.87 -20.99
C ILE BA 138 56.80 -38.76 -22.04
N MET BA 139 57.02 -39.29 -23.24
CA MET BA 139 55.93 -39.29 -24.26
C MET BA 139 55.22 -40.64 -24.23
N THR BA 147 56.12 -30.65 -25.67
CA THR BA 147 55.91 -29.26 -25.27
C THR BA 147 57.07 -28.81 -24.39
N PHE BA 148 57.10 -27.52 -24.06
CA PHE BA 148 58.17 -26.99 -23.19
C PHE BA 148 58.08 -27.71 -21.84
N ASN BA 149 56.87 -28.09 -21.44
CA ASN BA 149 56.71 -28.88 -20.20
C ASN BA 149 57.47 -30.19 -20.38
N ASP BA 150 57.31 -30.82 -21.55
CA ASP BA 150 58.03 -32.09 -21.83
C ASP BA 150 59.54 -31.82 -21.82
N TRP BA 151 59.97 -30.72 -22.44
CA TRP BA 151 61.42 -30.41 -22.52
C TRP BA 151 61.97 -30.19 -21.11
N GLY BA 152 61.23 -29.46 -20.27
CA GLY BA 152 61.68 -29.19 -18.90
C GLY BA 152 61.83 -30.48 -18.11
N GLU BA 153 60.88 -31.41 -18.32
CA GLU BA 153 60.93 -32.72 -17.64
C GLU BA 153 62.17 -33.47 -18.16
N CYS BA 154 62.45 -33.37 -19.45
CA CYS BA 154 63.63 -34.05 -20.04
C CYS BA 154 64.89 -33.47 -19.38
N ALA BA 155 64.94 -32.15 -19.20
CA ALA BA 155 66.09 -31.52 -18.52
C ALA BA 155 66.16 -32.03 -17.09
N THR BA 156 64.99 -32.16 -16.44
CA THR BA 156 64.95 -32.61 -15.02
C THR BA 156 65.54 -34.02 -14.92
N ARG BA 157 65.20 -34.89 -15.88
CA ARG BA 157 65.75 -36.26 -15.86
C ARG BA 157 67.27 -36.18 -16.01
N ILE BA 158 67.76 -35.35 -16.93
CA ILE BA 158 69.23 -35.30 -17.19
C ILE BA 158 69.94 -34.78 -15.93
N VAL BA 159 69.42 -33.71 -15.31
CA VAL BA 159 70.11 -33.12 -14.14
C VAL BA 159 70.11 -34.14 -13.00
N SER BA 160 69.00 -34.87 -12.84
CA SER BA 160 68.89 -35.86 -11.73
C SER BA 160 69.95 -36.94 -11.90
N ILE BA 161 70.15 -37.40 -13.14
CA ILE BA 161 71.13 -38.49 -13.40
C ILE BA 161 72.51 -38.05 -12.89
N TYR BA 162 72.97 -36.87 -13.31
CA TYR BA 162 74.33 -36.41 -12.93
C TYR BA 162 74.46 -36.38 -11.40
N ARG BA 163 73.44 -35.86 -10.72
CA ARG BA 163 73.51 -35.74 -9.24
C ARG BA 163 73.68 -37.15 -8.66
N TYR BA 164 72.88 -38.10 -9.14
CA TYR BA 164 72.97 -39.49 -8.63
C TYR BA 164 74.38 -40.02 -8.91
N ILE BA 165 74.84 -39.92 -10.15
CA ILE BA 165 76.17 -40.50 -10.50
C ILE BA 165 77.24 -39.86 -9.62
N SER BA 166 77.17 -38.53 -9.41
CA SER BA 166 78.22 -37.81 -8.65
C SER BA 166 78.38 -38.38 -7.24
N LYS BA 167 77.29 -38.62 -6.51
CA LYS BA 167 77.46 -39.07 -5.10
C LYS BA 167 78.16 -40.42 -5.12
N LEU BA 168 77.83 -41.28 -6.08
CA LEU BA 168 78.55 -42.56 -6.22
C LEU BA 168 79.98 -42.27 -6.67
N GLN BA 169 80.15 -41.24 -7.51
CA GLN BA 169 81.48 -40.92 -8.07
C GLN BA 169 82.49 -40.71 -6.92
N GLU BA 170 82.09 -39.95 -5.90
CA GLU BA 170 82.98 -39.70 -4.75
C GLU BA 170 83.18 -41.02 -3.99
N HIS BA 171 82.11 -41.78 -3.83
CA HIS BA 171 82.16 -43.08 -3.10
C HIS BA 171 83.05 -44.11 -3.79
N TYR BA 172 82.89 -44.31 -5.10
CA TYR BA 172 83.59 -45.45 -5.75
C TYR BA 172 84.79 -45.02 -6.59
N GLN BA 173 85.22 -43.77 -6.49
CA GLN BA 173 86.47 -43.36 -7.18
C GLN BA 173 86.39 -43.73 -8.68
N PHE BA 174 85.30 -43.35 -9.35
CA PHE BA 174 85.23 -43.61 -10.81
C PHE BA 174 85.14 -42.27 -11.54
N HIS BA 175 86.01 -42.07 -12.53
CA HIS BA 175 85.89 -40.83 -13.37
C HIS BA 175 84.64 -40.98 -14.23
N LEU BA 176 83.90 -39.90 -14.43
CA LEU BA 176 82.73 -39.99 -15.34
C LEU BA 176 83.10 -39.29 -16.66
N ALA BA 177 82.64 -39.83 -17.78
CA ALA BA 177 82.89 -39.18 -19.10
C ALA BA 177 81.64 -39.29 -19.98
N ILE BA 178 81.20 -38.18 -20.56
CA ILE BA 178 80.06 -38.25 -21.52
C ILE BA 178 80.53 -37.67 -22.85
N SER BA 179 80.06 -38.23 -23.97
CA SER BA 179 80.53 -37.77 -25.31
C SER BA 179 79.31 -37.49 -26.20
N GLY BA 180 79.44 -36.50 -27.10
CA GLY BA 180 78.33 -36.13 -28.00
C GLY BA 180 78.83 -35.75 -29.38
N HIS BA 181 77.93 -35.29 -30.27
CA HIS BA 181 78.34 -35.01 -31.68
C HIS BA 181 78.25 -33.51 -31.98
N GLU BA 182 79.30 -32.96 -32.60
CA GLU BA 182 79.33 -31.52 -32.97
C GLU BA 182 78.19 -31.18 -33.93
N GLY BA 183 77.43 -30.12 -33.65
CA GLY BA 183 76.35 -29.66 -34.55
C GLY BA 183 75.82 -28.29 -34.16
N THR BA 200 79.96 -26.10 -30.96
CA THR BA 200 79.59 -26.58 -29.59
C THR BA 200 78.93 -27.95 -29.70
N ILE BA 201 78.80 -28.67 -28.57
CA ILE BA 201 78.09 -29.98 -28.59
C ILE BA 201 76.64 -29.71 -29.02
N GLU BA 202 76.09 -30.56 -29.88
CA GLU BA 202 74.72 -30.30 -30.41
C GLU BA 202 73.67 -30.76 -29.39
N ALA BA 203 72.70 -29.91 -29.08
CA ALA BA 203 71.61 -30.25 -28.12
C ALA BA 203 70.76 -29.00 -27.89
N GLN BA 204 69.81 -29.06 -26.95
CA GLN BA 204 69.04 -27.82 -26.61
C GLN BA 204 69.73 -27.17 -25.40
N ASP BA 205 69.81 -25.84 -25.38
CA ASP BA 205 70.58 -25.13 -24.32
C ASP BA 205 70.30 -25.67 -22.90
N GLN BA 206 69.04 -25.91 -22.54
CA GLN BA 206 68.75 -26.26 -21.12
C GLN BA 206 69.68 -27.42 -20.76
N ILE BA 207 69.85 -28.36 -21.69
CA ILE BA 207 70.76 -29.52 -21.45
C ILE BA 207 72.20 -29.00 -21.51
N LYS BA 208 72.56 -28.32 -22.59
CA LYS BA 208 73.94 -27.82 -22.74
C LYS BA 208 74.34 -27.06 -21.46
N LYS BA 209 73.50 -26.13 -21.02
CA LYS BA 209 73.86 -25.32 -19.81
C LYS BA 209 74.23 -26.28 -18.68
N ALA BA 210 73.35 -27.24 -18.37
CA ALA BA 210 73.60 -28.15 -17.27
C ALA BA 210 74.90 -28.93 -17.47
N VAL BA 211 75.07 -29.49 -18.66
CA VAL BA 211 76.28 -30.32 -18.95
C VAL BA 211 77.53 -29.45 -18.76
N ILE BA 212 77.58 -28.30 -19.43
CA ILE BA 212 78.82 -27.47 -19.38
C ILE BA 212 79.07 -27.09 -17.92
N SER BA 213 78.05 -26.60 -17.21
CA SER BA 213 78.29 -26.12 -15.82
C SER BA 213 78.90 -27.24 -14.98
N GLN BA 214 78.25 -28.40 -14.93
CA GLN BA 214 78.73 -29.54 -14.09
C GLN BA 214 80.07 -30.09 -14.58
N SER BA 215 80.30 -30.17 -15.90
CA SER BA 215 81.54 -30.83 -16.40
C SER BA 215 82.79 -30.09 -15.94
N ASP BA 216 83.76 -30.81 -15.38
CA ASP BA 216 85.05 -30.18 -14.99
C ASP BA 216 85.80 -29.79 -16.28
N VAL BA 217 86.08 -30.78 -17.14
CA VAL BA 217 86.88 -30.50 -18.36
C VAL BA 217 86.01 -30.67 -19.60
N LEU BA 218 85.88 -29.64 -20.43
CA LEU BA 218 85.15 -29.80 -21.72
C LEU BA 218 86.17 -29.61 -22.83
N ALA BA 219 86.24 -30.57 -23.75
CA ALA BA 219 87.30 -30.51 -24.80
C ALA BA 219 86.71 -30.86 -26.17
N ARG BA 220 87.31 -30.35 -27.24
CA ARG BA 220 86.86 -30.65 -28.62
C ARG BA 220 87.99 -31.41 -29.30
N MET BA 221 87.68 -32.56 -29.91
CA MET BA 221 88.75 -33.43 -30.47
C MET BA 221 88.73 -33.33 -32.01
N THR BA 222 89.84 -32.92 -32.62
CA THR BA 222 89.89 -32.74 -34.09
C THR BA 222 91.18 -33.34 -34.66
N ILE BA 223 91.17 -33.74 -35.93
CA ILE BA 223 92.37 -34.33 -36.58
C ILE BA 223 93.07 -33.24 -37.39
N GLU BA 224 94.37 -33.03 -37.16
CA GLU BA 224 95.12 -31.94 -37.86
C GLU BA 224 96.30 -32.56 -38.61
N THR BA 233 102.04 -35.94 -41.82
CA THR BA 233 100.94 -36.93 -41.75
C THR BA 233 99.81 -36.36 -40.89
N TYR BA 234 98.62 -36.95 -40.99
CA TYR BA 234 97.48 -36.51 -40.13
C TYR BA 234 97.78 -36.84 -38.68
N GLN BA 235 97.39 -35.95 -37.75
CA GLN BA 235 97.64 -36.18 -36.31
C GLN BA 235 96.32 -36.02 -35.56
N TYR BA 236 96.10 -36.84 -34.52
CA TYR BA 236 94.87 -36.73 -33.69
C TYR BA 236 95.21 -35.95 -32.40
N VAL BA 237 94.63 -34.76 -32.23
CA VAL BA 237 95.01 -33.91 -31.07
C VAL BA 237 93.76 -33.32 -30.42
N LEU BA 238 93.71 -33.30 -29.08
CA LEU BA 238 92.56 -32.73 -28.36
C LEU BA 238 92.91 -31.29 -27.96
N ASN BA 239 92.15 -30.30 -28.44
CA ASN BA 239 92.51 -28.88 -28.17
C ASN BA 239 91.51 -28.26 -27.19
N ALA BA 240 91.97 -27.92 -25.98
CA ALA BA 240 91.09 -27.26 -25.00
C ALA BA 240 91.51 -25.79 -24.83
N GLU BA 241 92.40 -25.30 -25.69
CA GLU BA 241 92.85 -23.89 -25.63
C GLU BA 241 91.63 -22.97 -25.83
N PRO BA 242 91.51 -21.84 -25.09
CA PRO BA 242 90.34 -20.98 -25.19
C PRO BA 242 90.21 -20.46 -26.63
N SER BA 243 88.98 -20.24 -27.08
CA SER BA 243 88.76 -19.78 -28.48
C SER BA 243 87.32 -19.30 -28.67
N ASN BA 244 87.12 -18.18 -29.37
CA ASN BA 244 85.74 -17.71 -29.68
C ASN BA 244 85.02 -18.73 -30.57
N LEU BA 245 85.70 -19.31 -31.56
CA LEU BA 245 85.04 -20.22 -32.54
C LEU BA 245 84.46 -21.48 -31.86
N PHE BA 246 85.19 -22.06 -30.91
CA PHE BA 246 84.75 -23.33 -30.25
C PHE BA 246 84.90 -23.13 -28.74
N GLU BA 247 84.08 -23.78 -27.91
CA GLU BA 247 84.22 -23.45 -26.47
C GLU BA 247 84.85 -24.62 -25.72
N THR BA 248 85.94 -24.35 -25.01
CA THR BA 248 86.65 -25.40 -24.23
C THR BA 248 87.00 -24.83 -22.85
N LYS BA 249 87.09 -25.68 -21.83
CA LYS BA 249 87.54 -25.18 -20.49
C LYS BA 249 88.20 -26.31 -19.72
N ILE BA 250 89.43 -26.09 -19.24
CA ILE BA 250 90.06 -27.13 -18.37
C ILE BA 250 90.21 -26.52 -16.98
N ARG BA 251 89.86 -27.26 -15.93
CA ARG BA 251 89.92 -26.66 -14.56
C ARG BA 251 91.21 -27.11 -13.87
N HIS BA 252 92.06 -26.15 -13.49
CA HIS BA 252 93.31 -26.47 -12.76
C HIS BA 252 93.50 -25.41 -11.66
N SER BA 253 94.18 -25.77 -10.58
CA SER BA 253 94.36 -24.82 -9.45
C SER BA 253 95.35 -23.72 -9.85
N SER BA 254 95.30 -22.56 -9.17
CA SER BA 254 96.16 -21.42 -9.56
C SER BA 254 97.61 -21.85 -9.73
N ASN BA 255 98.16 -22.60 -8.78
CA ASN BA 255 99.60 -22.97 -8.84
C ASN BA 255 99.86 -23.80 -10.11
N ILE BA 256 98.97 -24.74 -10.42
CA ILE BA 256 99.14 -25.61 -11.62
C ILE BA 256 99.03 -24.74 -12.87
N LYS BA 257 99.96 -24.91 -13.83
CA LYS BA 257 99.90 -24.16 -15.11
C LYS BA 257 99.94 -25.15 -16.26
N ILE BA 258 99.05 -25.01 -17.24
CA ILE BA 258 99.10 -25.90 -18.43
C ILE BA 258 99.91 -25.18 -19.51
N ASN BA 259 101.17 -25.57 -19.69
CA ASN BA 259 102.02 -24.96 -20.75
C ASN BA 259 101.44 -25.29 -22.11
N ASN BA 260 100.91 -26.52 -22.28
CA ASN BA 260 100.35 -26.94 -23.60
C ASN BA 260 98.93 -27.49 -23.40
N LYS BA 261 97.92 -26.81 -23.97
CA LYS BA 261 96.50 -27.24 -23.81
C LYS BA 261 96.08 -28.17 -24.95
N ARG BA 262 96.98 -28.46 -25.89
CA ARG BA 262 96.64 -29.42 -26.98
C ARG BA 262 97.39 -30.74 -26.71
N PHE BA 263 96.66 -31.85 -26.65
CA PHE BA 263 97.30 -33.16 -26.36
C PHE BA 263 97.18 -34.06 -27.59
N ILE BA 264 98.32 -34.55 -28.11
CA ILE BA 264 98.30 -35.46 -29.29
C ILE BA 264 98.23 -36.90 -28.76
N ASN BA 265 97.53 -37.80 -29.46
CA ASN BA 265 97.34 -39.18 -28.92
C ASN BA 265 96.93 -39.09 -27.44
N PRO BA 266 95.83 -38.39 -27.09
CA PRO BA 266 95.44 -38.21 -25.70
C PRO BA 266 94.80 -39.42 -25.00
N SER BA 267 94.93 -39.50 -23.67
CA SER BA 267 94.27 -40.57 -22.89
C SER BA 267 93.72 -39.92 -21.61
N ILE BA 268 92.79 -40.57 -20.90
CA ILE BA 268 92.20 -39.88 -19.73
C ILE BA 268 93.31 -39.66 -18.69
N ASN BA 269 94.19 -40.64 -18.51
CA ASN BA 269 95.32 -40.51 -17.55
C ASN BA 269 96.09 -39.22 -17.83
N ASP BA 270 96.58 -39.04 -19.07
CA ASP BA 270 97.40 -37.87 -19.38
C ASP BA 270 96.72 -36.58 -18.96
N VAL BA 271 95.42 -36.46 -19.27
CA VAL BA 271 94.66 -35.24 -18.87
C VAL BA 271 94.67 -35.15 -17.34
N VAL BA 272 94.36 -36.26 -16.65
CA VAL BA 272 94.33 -36.26 -15.16
C VAL BA 272 95.68 -35.77 -14.63
N GLN BA 273 96.78 -36.31 -15.15
CA GLN BA 273 98.11 -35.93 -14.67
C GLN BA 273 98.40 -34.46 -14.95
N ALA BA 274 97.97 -33.97 -16.12
CA ALA BA 274 98.18 -32.57 -16.44
C ALA BA 274 97.40 -31.67 -15.49
N ILE BA 275 96.21 -32.10 -15.08
CA ILE BA 275 95.34 -31.23 -14.22
C ILE BA 275 95.70 -31.37 -12.73
N ARG BA 276 96.37 -32.46 -12.33
CA ARG BA 276 96.84 -32.57 -10.95
C ARG BA 276 98.28 -32.08 -10.80
N ASN BA 277 99.19 -32.56 -11.65
CA ASN BA 277 100.59 -32.18 -11.58
C ASN BA 277 100.93 -31.19 -12.68
N GLY BA 278 102.12 -30.59 -12.59
CA GLY BA 278 102.56 -29.61 -13.56
C GLY BA 278 102.63 -30.14 -14.98
N ASN BA 279 102.08 -29.36 -15.92
CA ASN BA 279 102.07 -29.79 -17.34
C ASN BA 279 103.50 -30.08 -17.81
N ASP CA 30 -26.86 -72.80 -29.80
CA ASP CA 30 -27.98 -71.84 -29.60
C ASP CA 30 -27.39 -70.42 -29.49
N ILE CA 31 -27.69 -69.57 -30.46
CA ILE CA 31 -27.19 -68.16 -30.43
C ILE CA 31 -27.79 -67.48 -29.19
N LEU CA 32 -29.05 -67.77 -28.87
CA LEU CA 32 -29.70 -67.19 -27.67
C LEU CA 32 -28.86 -67.54 -26.44
N THR CA 33 -28.59 -68.84 -26.23
CA THR CA 33 -27.80 -69.30 -25.05
C THR CA 33 -26.38 -68.74 -25.09
N GLN CA 34 -25.79 -68.63 -26.28
CA GLN CA 34 -24.40 -68.11 -26.41
C GLN CA 34 -24.40 -66.70 -25.83
N LEU CA 35 -25.41 -65.89 -26.15
CA LEU CA 35 -25.53 -64.55 -25.51
C LEU CA 35 -26.29 -64.73 -24.20
N GLY CA 36 -26.53 -63.66 -23.46
CA GLY CA 36 -27.17 -63.78 -22.12
C GLY CA 36 -28.68 -63.64 -22.19
N VAL CA 37 -29.26 -63.57 -23.40
CA VAL CA 37 -30.73 -63.31 -23.49
C VAL CA 37 -31.46 -64.41 -22.72
N LYS CA 38 -32.44 -64.03 -21.90
CA LYS CA 38 -33.19 -65.01 -21.07
C LYS CA 38 -34.64 -64.55 -20.91
N ASP CA 39 -35.56 -65.46 -20.61
CA ASP CA 39 -37.00 -65.10 -20.54
C ASP CA 39 -37.26 -64.38 -19.23
N ILE CA 40 -38.22 -63.45 -19.21
CA ILE CA 40 -38.50 -62.64 -17.99
C ILE CA 40 -39.49 -63.39 -17.09
N SER CA 41 -40.50 -64.04 -17.67
CA SER CA 41 -41.50 -64.70 -16.85
C SER CA 41 -40.86 -65.70 -15.89
N LYS CA 42 -39.86 -66.45 -16.36
CA LYS CA 42 -39.18 -67.42 -15.50
C LYS CA 42 -38.25 -66.72 -14.52
N GLN CA 43 -37.63 -65.61 -14.94
CA GLN CA 43 -36.65 -64.92 -14.08
C GLN CA 43 -37.36 -64.26 -12.90
N ASN CA 44 -38.54 -63.68 -13.12
CA ASN CA 44 -39.22 -62.91 -12.04
C ASN CA 44 -40.08 -63.83 -11.17
N ALA CA 45 -40.08 -65.14 -11.43
CA ALA CA 45 -40.96 -66.02 -10.65
C ALA CA 45 -40.50 -66.25 -9.22
N ASN CA 46 -39.21 -66.50 -9.01
CA ASN CA 46 -38.68 -66.73 -7.67
C ASN CA 46 -37.56 -65.79 -7.32
N LYS CA 47 -37.50 -64.65 -7.97
CA LYS CA 47 -36.38 -63.74 -7.76
C LYS CA 47 -36.25 -63.31 -6.32
N PHE CA 48 -35.01 -63.25 -5.82
CA PHE CA 48 -34.77 -62.75 -4.44
C PHE CA 48 -34.46 -61.25 -4.52
N TYR CA 49 -35.44 -60.42 -4.13
CA TYR CA 49 -35.32 -58.95 -4.19
C TYR CA 49 -34.34 -58.38 -3.15
N LYS CA 50 -33.64 -57.30 -3.47
CA LYS CA 50 -32.78 -56.61 -2.46
C LYS CA 50 -33.63 -55.54 -1.75
N PHE CA 51 -33.38 -55.26 -0.46
CA PHE CA 51 -34.23 -54.31 0.29
C PHE CA 51 -33.34 -53.27 0.99
N ALA CA 52 -33.54 -51.99 0.69
CA ALA CA 52 -32.79 -50.95 1.43
C ALA CA 52 -33.75 -50.22 2.36
N ILE CA 53 -33.47 -50.18 3.66
CA ILE CA 53 -34.41 -49.55 4.63
C ILE CA 53 -33.66 -48.46 5.39
N TYR CA 54 -33.94 -47.19 5.10
CA TYR CA 54 -33.29 -46.08 5.84
C TYR CA 54 -34.28 -45.54 6.89
N GLY CA 55 -33.79 -45.29 8.10
CA GLY CA 55 -34.68 -44.80 9.18
C GLY CA 55 -34.01 -43.82 10.13
N LYS CA 56 -34.80 -43.11 10.94
CA LYS CA 56 -34.20 -42.21 11.97
C LYS CA 56 -33.79 -43.05 13.20
N PHE CA 57 -33.26 -42.41 14.24
CA PHE CA 57 -32.77 -43.16 15.43
C PHE CA 57 -33.94 -43.83 16.16
N GLY CA 58 -33.72 -45.04 16.68
CA GLY CA 58 -34.76 -45.74 17.47
C GLY CA 58 -36.07 -45.93 16.72
N THR CA 59 -36.00 -46.22 15.41
CA THR CA 59 -37.24 -46.50 14.63
C THR CA 59 -37.44 -48.02 14.50
N GLY CA 60 -36.59 -48.81 15.17
CA GLY CA 60 -36.68 -50.28 15.10
C GLY CA 60 -36.45 -50.83 13.71
N LYS CA 61 -35.55 -50.21 12.94
CA LYS CA 61 -35.26 -50.65 11.55
C LYS CA 61 -34.68 -52.07 11.55
N THR CA 62 -33.78 -52.38 12.49
CA THR CA 62 -33.17 -53.74 12.56
C THR CA 62 -34.26 -54.77 12.91
N THR CA 63 -35.19 -54.42 13.78
CA THR CA 63 -36.31 -55.34 14.14
C THR CA 63 -36.92 -55.90 12.85
N PHE CA 64 -37.34 -55.01 11.93
CA PHE CA 64 -37.96 -55.41 10.65
C PHE CA 64 -37.13 -56.47 9.95
N LEU CA 65 -35.84 -56.20 9.77
CA LEU CA 65 -34.95 -57.11 8.99
C LEU CA 65 -34.86 -58.48 9.68
N THR CA 66 -34.78 -58.50 11.02
CA THR CA 66 -34.57 -59.79 11.74
C THR CA 66 -35.84 -60.33 12.39
N LYS CA 67 -36.99 -59.71 12.14
CA LYS CA 67 -38.26 -60.17 12.76
C LYS CA 67 -38.52 -61.61 12.35
N ASP CA 68 -38.20 -61.95 11.10
CA ASP CA 68 -38.45 -63.32 10.56
C ASP CA 68 -37.66 -64.35 11.36
N ASN CA 69 -36.65 -63.91 12.12
CA ASN CA 69 -35.79 -64.81 12.96
C ASN CA 69 -35.07 -65.81 12.04
N ASN CA 70 -34.94 -65.47 10.75
CA ASN CA 70 -34.16 -66.31 9.81
C ASN CA 70 -33.14 -65.41 9.12
N ALA CA 71 -32.23 -64.80 9.87
CA ALA CA 71 -31.33 -63.81 9.24
C ALA CA 71 -29.88 -63.93 9.69
N LEU CA 72 -28.93 -63.56 8.83
CA LEU CA 72 -27.49 -63.52 9.21
C LEU CA 72 -27.08 -62.05 9.21
N VAL CA 73 -26.74 -61.50 10.39
CA VAL CA 73 -26.47 -60.03 10.46
C VAL CA 73 -24.96 -59.75 10.45
N LEU CA 74 -24.46 -59.15 9.37
CA LEU CA 74 -23.03 -58.73 9.35
C LEU CA 74 -22.91 -57.31 9.91
N ASP CA 75 -23.07 -57.15 11.23
CA ASP CA 75 -23.01 -55.81 11.87
C ASP CA 75 -21.58 -55.25 11.80
N ILE CA 76 -21.45 -53.92 11.73
CA ILE CA 76 -20.10 -53.30 11.56
C ILE CA 76 -19.80 -52.39 12.75
N ASN CA 77 -18.80 -52.77 13.57
CA ASN CA 77 -18.38 -51.92 14.71
C ASN CA 77 -19.60 -51.55 15.58
N GLU CA 78 -20.58 -52.44 15.67
CA GLU CA 78 -21.81 -52.19 16.49
C GLU CA 78 -22.40 -53.53 16.93
N ASP CA 79 -23.24 -53.54 17.97
CA ASP CA 79 -23.93 -54.81 18.35
C ASP CA 79 -25.41 -54.53 18.62
N GLY CA 80 -26.27 -54.68 17.61
CA GLY CA 80 -27.72 -54.48 17.81
C GLY CA 80 -28.47 -55.79 17.74
N THR CA 81 -27.79 -56.91 17.99
CA THR CA 81 -28.42 -58.25 17.88
C THR CA 81 -29.39 -58.48 19.05
N THR CA 82 -29.35 -57.62 20.08
CA THR CA 82 -30.19 -57.85 21.28
C THR CA 82 -31.67 -57.85 20.89
N VAL CA 83 -32.08 -56.97 19.96
CA VAL CA 83 -33.52 -56.86 19.58
C VAL CA 83 -33.94 -58.18 18.92
N THR CA 84 -33.05 -58.78 18.13
CA THR CA 84 -33.37 -60.05 17.43
C THR CA 84 -33.55 -61.17 18.45
N GLU CA 85 -34.43 -62.14 18.16
CA GLU CA 85 -34.65 -63.28 19.09
C GLU CA 85 -33.75 -64.46 18.70
N ASP CA 86 -33.66 -64.77 17.41
CA ASP CA 86 -32.82 -65.91 16.94
C ASP CA 86 -32.17 -65.59 15.59
N GLY CA 87 -31.11 -66.33 15.24
CA GLY CA 87 -30.37 -66.10 13.98
C GLY CA 87 -28.87 -66.21 14.21
N ALA CA 88 -28.05 -65.85 13.23
CA ALA CA 88 -26.57 -65.84 13.42
C ALA CA 88 -26.03 -64.43 13.20
N VAL CA 89 -25.21 -63.93 14.13
CA VAL CA 89 -24.60 -62.56 13.98
C VAL CA 89 -23.08 -62.65 13.93
N VAL CA 90 -22.45 -61.95 13.00
CA VAL CA 90 -20.95 -61.93 12.88
C VAL CA 90 -20.46 -60.48 12.96
N GLN CA 91 -19.72 -60.15 14.02
CA GLN CA 91 -19.16 -58.78 14.17
C GLN CA 91 -18.14 -58.53 13.06
N ILE CA 92 -18.14 -57.35 12.46
CA ILE CA 92 -17.08 -57.01 11.45
C ILE CA 92 -16.23 -55.90 12.07
N LYS CA 93 -14.93 -56.13 12.24
CA LYS CA 93 -14.09 -55.13 12.95
C LYS CA 93 -13.08 -54.48 12.00
N ASN CA 94 -12.82 -55.09 10.84
CA ASN CA 94 -11.77 -54.57 9.94
C ASN CA 94 -12.22 -54.73 8.48
N TYR CA 95 -11.70 -53.90 7.58
CA TYR CA 95 -12.03 -54.05 6.13
C TYR CA 95 -11.54 -55.43 5.69
N LYS CA 96 -10.38 -55.85 6.19
CA LYS CA 96 -9.84 -57.18 5.83
C LYS CA 96 -10.84 -58.25 6.28
N HIS CA 97 -11.40 -58.09 7.48
CA HIS CA 97 -12.39 -59.08 8.00
C HIS CA 97 -13.59 -59.06 7.07
N PHE CA 98 -14.00 -57.87 6.63
CA PHE CA 98 -15.19 -57.75 5.75
C PHE CA 98 -14.95 -58.50 4.44
N SER CA 99 -13.77 -58.30 3.85
CA SER CA 99 -13.46 -58.96 2.56
C SER CA 99 -13.55 -60.48 2.74
N ALA CA 100 -12.95 -61.00 3.82
CA ALA CA 100 -12.94 -62.46 4.04
C ALA CA 100 -14.36 -63.01 4.14
N VAL CA 101 -15.23 -62.40 4.95
CA VAL CA 101 -16.58 -63.00 5.15
C VAL CA 101 -17.34 -63.01 3.82
N ILE CA 102 -17.23 -61.93 3.03
CA ILE CA 102 -17.96 -61.86 1.73
C ILE CA 102 -17.43 -62.94 0.79
N LYS CA 103 -16.11 -63.10 0.73
CA LYS CA 103 -15.50 -64.10 -0.20
C LYS CA 103 -15.91 -65.51 0.22
N MET CA 104 -15.98 -65.78 1.53
CA MET CA 104 -16.29 -67.16 2.00
C MET CA 104 -17.79 -67.28 2.28
N LEU CA 105 -18.58 -66.26 1.93
CA LEU CA 105 -20.03 -66.28 2.28
C LEU CA 105 -20.70 -67.53 1.69
N PRO CA 106 -20.44 -67.96 0.43
CA PRO CA 106 -21.03 -69.19 -0.06
C PRO CA 106 -20.82 -70.33 0.93
N LYS CA 107 -19.57 -70.57 1.31
CA LYS CA 107 -19.24 -71.71 2.20
C LYS CA 107 -20.01 -71.56 3.52
N ILE CA 108 -20.07 -70.34 4.05
CA ILE CA 108 -20.73 -70.11 5.37
C ILE CA 108 -22.20 -70.51 5.27
N ILE CA 109 -22.93 -69.94 4.31
CA ILE CA 109 -24.39 -70.22 4.20
C ILE CA 109 -24.60 -71.73 4.26
N GLU CA 110 -23.77 -72.49 3.54
CA GLU CA 110 -23.95 -73.97 3.49
C GLU CA 110 -23.85 -74.55 4.91
N GLN CA 111 -22.91 -74.06 5.72
CA GLN CA 111 -22.69 -74.67 7.05
C GLN CA 111 -23.85 -74.33 8.00
N LEU CA 112 -24.19 -73.05 8.15
CA LEU CA 112 -25.35 -72.70 9.02
C LEU CA 112 -26.57 -73.53 8.61
N ARG CA 113 -26.83 -73.67 7.30
CA ARG CA 113 -27.98 -74.51 6.86
C ARG CA 113 -27.74 -75.97 7.27
N GLU CA 114 -26.49 -76.43 7.19
CA GLU CA 114 -26.14 -77.82 7.60
C GLU CA 114 -26.39 -77.97 9.10
N ASN CA 115 -26.03 -76.95 9.88
CA ASN CA 115 -26.26 -76.97 11.35
C ASN CA 115 -27.78 -76.94 11.59
N GLY CA 116 -28.56 -76.54 10.57
CA GLY CA 116 -30.02 -76.45 10.71
C GLY CA 116 -30.47 -75.02 10.93
N LYS CA 117 -29.53 -74.10 11.15
CA LYS CA 117 -29.92 -72.67 11.26
C LYS CA 117 -30.48 -72.24 9.91
N GLN CA 118 -31.56 -71.44 9.90
CA GLN CA 118 -32.20 -71.04 8.62
C GLN CA 118 -31.72 -69.64 8.24
N ILE CA 119 -30.97 -69.51 7.15
CA ILE CA 119 -30.58 -68.13 6.70
C ILE CA 119 -31.25 -67.85 5.36
N ASP CA 120 -32.11 -66.83 5.31
CA ASP CA 120 -32.79 -66.44 4.05
C ASP CA 120 -32.38 -65.02 3.67
N VAL CA 121 -31.79 -64.27 4.61
CA VAL CA 121 -31.42 -62.85 4.32
C VAL CA 121 -30.06 -62.52 4.93
N VAL CA 122 -29.19 -61.84 4.16
CA VAL CA 122 -27.87 -61.40 4.66
C VAL CA 122 -27.99 -59.89 4.84
N VAL CA 123 -27.71 -59.37 6.04
CA VAL CA 123 -27.94 -57.93 6.32
C VAL CA 123 -26.64 -57.22 6.66
N ILE CA 124 -26.36 -56.08 6.03
CA ILE CA 124 -25.18 -55.26 6.44
C ILE CA 124 -25.78 -54.13 7.28
N GLU CA 125 -25.41 -54.03 8.55
CA GLU CA 125 -26.07 -53.06 9.48
C GLU CA 125 -25.95 -51.59 9.04
N THR CA 126 -24.79 -51.16 8.56
CA THR CA 126 -24.63 -49.70 8.28
C THR CA 126 -23.83 -49.39 7.01
N ILE CA 127 -24.44 -48.66 6.07
CA ILE CA 127 -23.73 -48.27 4.83
C ILE CA 127 -22.67 -47.21 5.17
N GLN CA 128 -22.93 -46.37 6.17
CA GLN CA 128 -21.96 -45.29 6.50
C GLN CA 128 -20.67 -45.93 7.02
N LYS CA 129 -20.78 -47.02 7.80
CA LYS CA 129 -19.56 -47.73 8.27
C LYS CA 129 -18.81 -48.33 7.08
N LEU CA 130 -19.52 -48.84 6.06
CA LEU CA 130 -18.82 -49.34 4.85
C LEU CA 130 -18.03 -48.19 4.24
N ARG CA 131 -18.61 -46.99 4.22
CA ARG CA 131 -17.85 -45.82 3.71
C ARG CA 131 -16.61 -45.62 4.57
N ASP CA 132 -16.76 -45.70 5.89
CA ASP CA 132 -15.62 -45.43 6.81
C ASP CA 132 -14.52 -46.48 6.62
N ILE CA 133 -14.89 -47.77 6.52
CA ILE CA 133 -13.85 -48.83 6.46
C ILE CA 133 -13.15 -48.77 5.09
N THR CA 134 -13.91 -48.70 4.00
CA THR CA 134 -13.30 -48.66 2.65
C THR CA 134 -12.35 -47.47 2.59
N MET CA 135 -12.73 -46.37 3.24
CA MET CA 135 -11.89 -45.15 3.17
C MET CA 135 -10.55 -45.43 3.86
N ASP CA 136 -10.57 -46.14 4.99
CA ASP CA 136 -9.32 -46.47 5.71
C ASP CA 136 -8.45 -47.35 4.82
N ASP CA 137 -9.06 -48.31 4.12
CA ASP CA 137 -8.29 -49.24 3.26
C ASP CA 137 -7.60 -48.45 2.14
N ILE CA 138 -8.30 -47.47 1.56
CA ILE CA 138 -7.72 -46.69 0.42
C ILE CA 138 -6.83 -45.58 0.99
N MET CA 139 -6.99 -45.23 2.27
CA MET CA 139 -6.07 -44.22 2.86
C MET CA 139 -4.95 -44.94 3.60
N THR CA 147 -9.29 -37.41 -1.60
CA THR CA 147 -9.52 -36.65 -2.83
C THR CA 147 -10.67 -37.29 -3.61
N PHE CA 148 -11.09 -36.62 -4.68
CA PHE CA 148 -12.18 -37.16 -5.52
C PHE CA 148 -11.71 -38.50 -6.09
N ASN CA 149 -10.41 -38.64 -6.31
CA ASN CA 149 -9.87 -39.95 -6.77
C ASN CA 149 -10.16 -40.98 -5.68
N ASP CA 150 -9.93 -40.60 -4.41
CA ASP CA 150 -10.20 -41.51 -3.29
C ASP CA 150 -11.71 -41.81 -3.24
N TRP CA 151 -12.54 -40.79 -3.42
CA TRP CA 151 -14.01 -40.98 -3.35
C TRP CA 151 -14.46 -41.92 -4.47
N GLY CA 152 -13.91 -41.74 -5.67
CA GLY CA 152 -14.29 -42.59 -6.81
C GLY CA 152 -13.90 -44.03 -6.56
N GLU CA 153 -12.73 -44.24 -5.94
CA GLU CA 153 -12.27 -45.60 -5.59
C GLU CA 153 -13.24 -46.17 -4.55
N CYS CA 154 -13.66 -45.34 -3.59
CA CYS CA 154 -14.61 -45.81 -2.55
C CYS CA 154 -15.91 -46.25 -3.22
N ALA CA 155 -16.37 -45.47 -4.20
CA ALA CA 155 -17.59 -45.84 -4.94
C ALA CA 155 -17.34 -47.15 -5.69
N THR CA 156 -16.14 -47.29 -6.26
CA THR CA 156 -15.81 -48.51 -7.05
C THR CA 156 -15.88 -49.74 -6.12
N ARG CA 157 -15.36 -49.60 -4.91
CA ARG CA 157 -15.42 -50.73 -3.95
C ARG CA 157 -16.88 -51.06 -3.67
N ILE CA 158 -17.72 -50.05 -3.43
CA ILE CA 158 -19.14 -50.32 -3.06
C ILE CA 158 -19.85 -50.99 -4.23
N VAL CA 159 -19.64 -50.50 -5.45
CA VAL CA 159 -20.37 -51.08 -6.62
C VAL CA 159 -19.91 -52.53 -6.82
N SER CA 160 -18.62 -52.78 -6.64
CA SER CA 160 -18.07 -54.15 -6.85
C SER CA 160 -18.72 -55.12 -5.87
N ILE CA 161 -18.88 -54.69 -4.60
CA ILE CA 161 -19.46 -55.59 -3.57
C ILE CA 161 -20.84 -56.04 -4.04
N TYR CA 162 -21.71 -55.10 -4.42
CA TYR CA 162 -23.09 -55.47 -4.80
C TYR CA 162 -23.08 -56.48 -5.95
N ARG CA 163 -22.23 -56.25 -6.95
CA ARG CA 163 -22.18 -57.16 -8.11
C ARG CA 163 -21.80 -58.57 -7.63
N TYR CA 164 -20.78 -58.65 -6.77
CA TYR CA 164 -20.35 -59.97 -6.24
C TYR CA 164 -21.51 -60.59 -5.49
N ILE CA 165 -22.11 -59.86 -4.56
CA ILE CA 165 -23.20 -60.45 -3.71
C ILE CA 165 -24.32 -60.93 -4.64
N SER CA 166 -24.68 -60.13 -5.65
CA SER CA 166 -25.84 -60.46 -6.54
C SER CA 166 -25.65 -61.83 -7.21
N LYS CA 167 -24.47 -62.12 -7.76
CA LYS CA 167 -24.32 -63.40 -8.51
C LYS CA 167 -24.54 -64.55 -7.52
N LEU CA 168 -24.04 -64.39 -6.30
CA LEU CA 168 -24.29 -65.42 -5.26
C LEU CA 168 -25.78 -65.39 -4.89
N GLN CA 169 -26.37 -64.19 -4.90
CA GLN CA 169 -27.79 -64.02 -4.49
C GLN CA 169 -28.68 -64.94 -5.34
N GLU CA 170 -28.46 -64.95 -6.66
CA GLU CA 170 -29.26 -65.82 -7.56
C GLU CA 170 -28.92 -67.28 -7.24
N HIS CA 171 -27.64 -67.58 -7.03
CA HIS CA 171 -27.18 -68.97 -6.75
C HIS CA 171 -27.74 -69.51 -5.43
N TYR CA 172 -27.66 -68.74 -4.34
CA TYR CA 172 -28.00 -69.31 -3.01
C TYR CA 172 -29.36 -68.86 -2.48
N GLN CA 173 -30.17 -68.20 -3.30
CA GLN CA 173 -31.55 -67.87 -2.85
C GLN CA 173 -31.50 -67.13 -1.51
N PHE CA 174 -30.67 -66.08 -1.41
CA PHE CA 174 -30.68 -65.29 -0.15
C PHE CA 174 -31.12 -63.85 -0.47
N HIS CA 175 -32.10 -63.34 0.26
CA HIS CA 175 -32.49 -61.92 0.08
C HIS CA 175 -31.35 -61.05 0.64
N LEU CA 176 -31.04 -59.94 -0.02
CA LEU CA 176 -30.02 -59.04 0.56
C LEU CA 176 -30.74 -57.83 1.16
N ALA CA 177 -30.24 -57.31 2.27
CA ALA CA 177 -30.83 -56.09 2.88
C ALA CA 177 -29.71 -55.20 3.43
N ILE CA 178 -29.73 -53.91 3.10
CA ILE CA 178 -28.73 -52.97 3.67
C ILE CA 178 -29.51 -51.86 4.39
N SER CA 179 -28.99 -51.36 5.52
CA SER CA 179 -29.72 -50.33 6.30
C SER CA 179 -28.78 -49.15 6.62
N GLY CA 180 -29.31 -47.93 6.68
CA GLY CA 180 -28.49 -46.73 6.94
C GLY CA 180 -29.22 -45.72 7.81
N HIS CA 181 -28.63 -44.55 8.06
CA HIS CA 181 -29.25 -43.56 8.99
C HIS CA 181 -29.70 -42.31 8.25
N GLU CA 182 -30.94 -41.86 8.50
CA GLU CA 182 -31.49 -40.64 7.86
C GLU CA 182 -30.63 -39.42 8.20
N GLY CA 183 -30.25 -38.63 7.19
CA GLY CA 183 -29.49 -37.39 7.42
C GLY CA 183 -29.41 -36.53 6.16
N THR CA 200 -33.69 -38.42 2.96
CA THR CA 200 -33.04 -39.52 2.20
C THR CA 200 -31.97 -40.19 3.05
N ILE CA 201 -31.50 -41.37 2.65
CA ILE CA 201 -30.39 -42.04 3.40
C ILE CA 201 -29.17 -41.11 3.33
N GLU CA 202 -28.45 -40.95 4.45
CA GLU CA 202 -27.31 -40.00 4.48
C GLU CA 202 -26.07 -40.65 3.85
N ALA CA 203 -25.41 -39.95 2.92
CA ALA CA 203 -24.18 -40.46 2.26
C ALA CA 203 -23.78 -39.48 1.16
N GLN CA 204 -22.78 -39.83 0.35
CA GLN CA 204 -22.43 -38.97 -0.81
C GLN CA 204 -23.17 -39.52 -2.04
N ASP CA 205 -23.69 -38.65 -2.89
CA ASP CA 205 -24.54 -39.08 -4.04
C ASP CA 205 -23.95 -40.29 -4.80
N GLN CA 206 -22.65 -40.30 -5.10
CA GLN CA 206 -22.12 -41.36 -5.99
C GLN CA 206 -22.56 -42.70 -5.37
N ILE CA 207 -22.51 -42.79 -4.04
CA ILE CA 207 -22.95 -44.04 -3.34
C ILE CA 207 -24.47 -44.10 -3.43
N LYS CA 208 -25.15 -43.04 -2.99
CA LYS CA 208 -26.63 -43.04 -3.01
C LYS CA 208 -27.11 -43.48 -4.39
N LYS CA 209 -26.60 -42.86 -5.45
CA LYS CA 209 -27.08 -43.21 -6.82
C LYS CA 209 -26.99 -44.72 -7.00
N ALA CA 210 -25.81 -45.30 -6.74
CA ALA CA 210 -25.63 -46.73 -6.95
C ALA CA 210 -26.59 -47.55 -6.11
N VAL CA 211 -26.70 -47.20 -4.83
CA VAL CA 211 -27.58 -47.98 -3.90
C VAL CA 211 -29.02 -47.90 -4.42
N ILE CA 212 -29.54 -46.69 -4.64
CA ILE CA 212 -30.96 -46.54 -5.02
C ILE CA 212 -31.18 -47.31 -6.34
N SER CA 213 -30.32 -47.11 -7.33
CA SER CA 213 -30.55 -47.75 -8.65
C SER CA 213 -30.67 -49.27 -8.48
N GLN CA 214 -29.67 -49.90 -7.86
CA GLN CA 214 -29.64 -51.38 -7.69
C GLN CA 214 -30.76 -51.87 -6.78
N SER CA 215 -31.09 -51.15 -5.69
CA SER CA 215 -32.07 -51.67 -4.71
C SER CA 215 -33.46 -51.85 -5.35
N ASP CA 216 -34.06 -53.03 -5.16
CA ASP CA 216 -35.44 -53.24 -5.67
C ASP CA 216 -36.41 -52.39 -4.84
N VAL CA 217 -36.44 -52.59 -3.52
CA VAL CA 217 -37.41 -51.85 -2.66
C VAL CA 217 -36.65 -50.89 -1.75
N LEU CA 218 -36.96 -49.60 -1.81
CA LEU CA 218 -36.35 -48.64 -0.85
C LEU CA 218 -37.49 -48.11 0.02
N ALA CA 219 -37.33 -48.19 1.34
CA ALA CA 219 -38.45 -47.80 2.25
C ALA CA 219 -37.91 -46.96 3.41
N ARG CA 220 -38.77 -46.11 3.98
CA ARG CA 220 -38.38 -45.27 5.15
C ARG CA 220 -39.26 -45.71 6.32
N MET CA 221 -38.64 -46.01 7.47
CA MET CA 221 -39.41 -46.59 8.61
C MET CA 221 -39.58 -45.50 9.69
N THR CA 222 -40.82 -45.18 10.05
CA THR CA 222 -41.09 -44.10 11.04
C THR CA 222 -42.15 -44.56 12.05
N ILE CA 223 -42.14 -44.00 13.26
CA ILE CA 223 -43.13 -44.37 14.32
C ILE CA 223 -44.23 -43.31 14.32
N GLU CA 224 -45.49 -43.74 14.20
CA GLU CA 224 -46.63 -42.77 14.14
C GLU CA 224 -47.61 -43.08 15.28
N THR CA 233 -52.19 -45.15 20.71
CA THR CA 233 -50.82 -45.53 21.13
C THR CA 233 -49.86 -45.35 19.96
N TYR CA 234 -48.56 -45.30 20.22
CA TYR CA 234 -47.54 -45.18 19.14
C TYR CA 234 -47.57 -46.46 18.29
N GLN CA 235 -47.41 -46.32 16.97
CA GLN CA 235 -47.41 -47.50 16.06
C GLN CA 235 -46.14 -47.46 15.20
N TYR CA 236 -45.56 -48.63 14.92
CA TYR CA 236 -44.37 -48.70 14.04
C TYR CA 236 -44.82 -49.11 12.64
N VAL CA 237 -44.65 -48.22 11.65
CA VAL CA 237 -45.18 -48.51 10.28
C VAL CA 237 -44.12 -48.14 9.23
N LEU CA 238 -43.96 -48.97 8.20
CA LEU CA 238 -43.00 -48.69 7.12
C LEU CA 238 -43.77 -48.07 5.96
N ASN CA 239 -43.43 -46.84 5.57
CA ASN CA 239 -44.22 -46.14 4.50
C ASN CA 239 -43.39 -46.03 3.22
N ALA CA 240 -43.81 -46.73 2.16
CA ALA CA 240 -43.11 -46.63 0.87
C ALA CA 240 -43.97 -45.87 -0.14
N GLU CA 241 -45.06 -45.25 0.33
CA GLU CA 241 -45.95 -44.47 -0.57
C GLU CA 241 -45.15 -43.32 -1.19
N PRO CA 242 -45.33 -42.99 -2.49
CA PRO CA 242 -44.54 -41.95 -3.14
C PRO CA 242 -44.73 -40.62 -2.41
N SER CA 243 -43.69 -39.77 -2.39
CA SER CA 243 -43.79 -38.48 -1.67
C SER CA 243 -42.62 -37.57 -2.05
N ASN CA 244 -42.88 -36.27 -2.26
CA ASN CA 244 -41.78 -35.31 -2.54
C ASN CA 244 -40.85 -35.20 -1.33
N LEU CA 245 -41.41 -35.18 -0.11
CA LEU CA 245 -40.57 -34.96 1.12
C LEU CA 245 -39.55 -36.09 1.32
N PHE CA 246 -39.93 -37.34 1.09
CA PHE CA 246 -39.02 -38.49 1.35
C PHE CA 246 -39.08 -39.39 0.10
N GLU CA 247 -38.00 -40.11 -0.22
CA GLU CA 247 -38.10 -40.87 -1.49
C GLU CA 247 -38.22 -42.37 -1.20
N THR CA 248 -39.26 -42.99 -1.76
CA THR CA 248 -39.49 -44.45 -1.56
C THR CA 248 -39.86 -45.06 -2.92
N LYS CA 249 -39.57 -46.35 -3.13
CA LYS CA 249 -40.01 -47.01 -4.38
C LYS CA 249 -40.17 -48.51 -4.14
N ILE CA 250 -41.34 -49.06 -4.46
CA ILE CA 250 -41.50 -50.55 -4.34
C ILE CA 250 -41.71 -51.08 -5.77
N ARG CA 251 -41.02 -52.16 -6.14
CA ARG CA 251 -41.14 -52.65 -7.54
C ARG CA 251 -42.12 -53.83 -7.58
N HIS CA 252 -43.20 -53.68 -8.36
CA HIS CA 252 -44.20 -54.77 -8.51
C HIS CA 252 -44.60 -54.83 -10.00
N SER CA 253 -45.02 -56.00 -10.47
CA SER CA 253 -45.39 -56.14 -11.91
C SER CA 253 -46.72 -55.43 -12.18
N SER CA 254 -47.00 -55.05 -13.42
CA SER CA 254 -48.22 -54.29 -13.76
C SER CA 254 -49.45 -54.94 -13.13
N ASN CA 255 -49.62 -56.25 -13.29
CA ASN CA 255 -50.85 -56.92 -12.78
C ASN CA 255 -50.94 -56.74 -11.25
N ILE CA 256 -49.82 -56.90 -10.55
CA ILE CA 256 -49.82 -56.78 -9.07
C ILE CA 256 -50.14 -55.33 -8.69
N LYS CA 257 -51.04 -55.13 -7.73
CA LYS CA 257 -51.37 -53.76 -7.27
C LYS CA 257 -51.21 -53.71 -5.75
N ILE CA 258 -50.51 -52.68 -5.24
CA ILE CA 258 -50.38 -52.54 -3.76
C ILE CA 258 -51.50 -51.59 -3.29
N ASN CA 259 -52.57 -52.14 -2.72
CA ASN CA 259 -53.68 -51.31 -2.20
C ASN CA 259 -53.15 -50.46 -1.03
N ASN CA 260 -52.26 -51.02 -0.21
CA ASN CA 260 -51.73 -50.27 0.97
C ASN CA 260 -50.21 -50.34 0.96
N LYS CA 261 -49.54 -49.18 0.81
CA LYS CA 261 -48.06 -49.13 0.76
C LYS CA 261 -47.47 -48.89 2.15
N ARG CA 262 -48.31 -48.76 3.18
CA ARG CA 262 -47.79 -48.62 4.56
C ARG CA 262 -48.02 -49.93 5.31
N PHE CA 263 -46.95 -50.50 5.89
CA PHE CA 263 -47.07 -51.80 6.60
C PHE CA 263 -46.80 -51.57 8.08
N ILE CA 264 -47.74 -51.94 8.96
CA ILE CA 264 -47.55 -51.79 10.43
C ILE CA 264 -46.94 -53.10 10.94
N ASN CA 265 -46.07 -53.05 11.94
CA ASN CA 265 -45.37 -54.28 12.39
C ASN CA 265 -44.86 -55.05 11.17
N PRO CA 266 -44.02 -54.45 10.30
CA PRO CA 266 -43.58 -55.11 9.07
C PRO CA 266 -42.50 -56.19 9.23
N SER CA 267 -42.47 -57.15 8.30
CA SER CA 267 -41.41 -58.20 8.30
C SER CA 267 -40.98 -58.41 6.85
N ILE CA 268 -39.82 -59.03 6.59
CA ILE CA 268 -39.37 -59.12 5.18
C ILE CA 268 -40.38 -59.99 4.42
N ASN CA 269 -40.85 -61.08 5.05
CA ASN CA 269 -41.86 -61.97 4.40
C ASN CA 269 -43.05 -61.14 3.90
N ASP CA 270 -43.70 -60.37 4.78
CA ASP CA 270 -44.89 -59.61 4.40
C ASP CA 270 -44.63 -58.79 3.15
N VAL CA 271 -43.49 -58.10 3.11
CA VAL CA 271 -43.15 -57.27 1.92
C VAL CA 271 -43.02 -58.21 0.71
N VAL CA 272 -42.29 -59.31 0.86
CA VAL CA 272 -42.10 -60.28 -0.27
C VAL CA 272 -43.48 -60.72 -0.78
N GLN CA 273 -44.39 -61.11 0.12
CA GLN CA 273 -45.71 -61.58 -0.29
C GLN CA 273 -46.50 -60.47 -0.98
N ALA CA 274 -46.40 -59.24 -0.48
CA ALA CA 274 -47.08 -58.12 -1.11
C ALA CA 274 -46.56 -57.87 -2.51
N ILE CA 275 -45.25 -58.07 -2.72
CA ILE CA 275 -44.65 -57.74 -4.06
C ILE CA 275 -44.78 -58.93 -5.03
N ARG CA 276 -45.00 -60.16 -4.54
CA ARG CA 276 -45.27 -61.28 -5.43
C ARG CA 276 -46.76 -61.50 -5.64
N ASN CA 277 -47.54 -61.56 -4.57
CA ASN CA 277 -48.97 -61.80 -4.65
C ASN CA 277 -49.73 -60.50 -4.41
N GLY CA 278 -51.03 -60.53 -4.69
CA GLY CA 278 -51.88 -59.37 -4.53
C GLY CA 278 -51.92 -58.82 -3.12
N ASN CA 279 -51.77 -57.50 -2.98
CA ASN CA 279 -51.74 -56.86 -1.64
C ASN CA 279 -53.03 -57.22 -0.88
N MET DA 1 14.71 -93.27 -26.28
CA MET DA 1 14.17 -93.12 -24.94
C MET DA 1 15.23 -93.43 -23.88
N ILE DA 2 15.37 -92.52 -22.91
CA ILE DA 2 16.34 -92.74 -21.79
C ILE DA 2 15.89 -91.89 -20.59
N ARG DA 3 15.91 -92.46 -19.38
CA ARG DA 3 15.55 -91.67 -18.18
C ARG DA 3 16.46 -92.04 -17.00
N ASN DA 4 16.67 -91.11 -16.07
CA ASN DA 4 17.46 -91.42 -14.85
C ASN DA 4 16.59 -92.27 -13.92
N ARG DA 5 17.20 -93.16 -13.12
CA ARG DA 5 16.43 -94.07 -12.24
C ARG DA 5 16.62 -93.60 -10.79
N LEU DA 6 17.04 -92.36 -10.58
CA LEU DA 6 17.36 -91.90 -9.20
C LEU DA 6 16.13 -92.00 -8.29
N SER DA 7 14.95 -91.63 -8.79
CA SER DA 7 13.76 -91.60 -7.92
C SER DA 7 13.46 -93.00 -7.37
N GLU DA 8 13.58 -94.02 -8.21
CA GLU DA 8 13.28 -95.41 -7.79
C GLU DA 8 14.37 -95.90 -6.82
N LEU DA 9 15.64 -95.68 -7.17
CA LEU DA 9 16.75 -96.20 -6.33
C LEU DA 9 16.64 -95.62 -4.92
N LEU DA 10 16.47 -94.30 -4.81
CA LEU DA 10 16.39 -93.64 -3.49
C LEU DA 10 15.21 -94.22 -2.69
N SER DA 11 14.09 -94.49 -3.36
CA SER DA 11 12.89 -94.99 -2.64
C SER DA 11 13.19 -96.37 -2.04
N GLU DA 12 13.82 -97.26 -2.79
CA GLU DA 12 14.11 -98.63 -2.29
C GLU DA 12 15.05 -98.54 -1.08
N ARG DA 13 16.10 -97.74 -1.19
CA ARG DA 13 17.08 -97.59 -0.07
C ARG DA 13 16.44 -96.77 1.06
N GLY DA 14 15.41 -95.99 0.75
CA GLY DA 14 14.69 -95.23 1.79
C GLY DA 14 15.34 -93.91 2.14
N LEU DA 15 16.47 -93.57 1.51
CA LEU DA 15 17.10 -92.25 1.76
C LEU DA 15 16.20 -91.10 1.29
N LYS DA 16 16.12 -90.02 2.05
CA LYS DA 16 15.30 -88.84 1.65
C LYS DA 16 16.14 -87.93 0.75
N ILE DA 17 15.47 -87.11 -0.06
CA ILE DA 17 16.20 -86.22 -1.02
C ILE DA 17 17.08 -85.27 -0.21
N SER DA 18 16.58 -84.77 0.92
CA SER DA 18 17.35 -83.76 1.67
C SER DA 18 18.70 -84.33 2.14
N ARG DA 19 18.70 -85.55 2.69
CA ARG DA 19 19.97 -86.09 3.22
C ARG DA 19 20.96 -86.29 2.07
N VAL DA 20 20.48 -86.82 0.94
CA VAL DA 20 21.40 -87.12 -0.18
C VAL DA 20 22.03 -85.80 -0.65
N ALA DA 21 21.22 -84.75 -0.75
CA ALA DA 21 21.73 -83.45 -1.26
C ALA DA 21 22.81 -82.93 -0.30
N LYS DA 22 22.58 -83.06 1.00
CA LYS DA 22 23.54 -82.55 2.01
C LYS DA 22 24.88 -83.29 1.88
N ASP DA 23 24.82 -84.62 1.66
CA ASP DA 23 26.07 -85.41 1.61
C ASP DA 23 26.80 -85.20 0.28
N VAL DA 24 26.13 -85.46 -0.85
CA VAL DA 24 26.83 -85.39 -2.17
C VAL DA 24 27.13 -83.94 -2.51
N LYS DA 25 26.76 -83.00 -1.64
CA LYS DA 25 27.06 -81.56 -1.84
C LYS DA 25 26.44 -81.10 -3.18
N ILE DA 26 25.25 -81.60 -3.51
CA ILE DA 26 24.54 -81.11 -4.74
C ILE DA 26 23.31 -80.33 -4.25
N ALA DA 27 23.04 -79.17 -4.84
CA ALA DA 27 21.93 -78.31 -4.35
C ALA DA 27 20.60 -79.06 -4.45
N ARG DA 28 19.77 -78.98 -3.41
CA ARG DA 28 18.48 -79.72 -3.39
C ARG DA 28 17.66 -79.47 -4.66
N SER DA 29 17.59 -78.22 -5.11
CA SER DA 29 16.68 -77.93 -6.26
C SER DA 29 17.13 -78.75 -7.48
N SER DA 30 18.43 -78.78 -7.75
CA SER DA 30 18.93 -79.52 -8.94
C SER DA 30 18.64 -81.02 -8.77
N LEU DA 31 18.90 -81.55 -7.57
CA LEU DA 31 18.73 -83.01 -7.35
C LEU DA 31 17.24 -83.38 -7.50
N THR DA 32 16.34 -82.51 -7.04
CA THR DA 32 14.88 -82.77 -7.16
C THR DA 32 14.47 -82.77 -8.64
N SER DA 33 14.93 -81.76 -9.38
CA SER DA 33 14.62 -81.69 -10.83
C SER DA 33 15.15 -82.96 -11.50
N MET DA 34 16.40 -83.33 -11.20
CA MET DA 34 17.01 -84.55 -11.80
C MET DA 34 16.31 -85.81 -11.27
N ALA DA 35 15.73 -85.76 -10.06
CA ALA DA 35 14.96 -86.93 -9.59
C ALA DA 35 13.82 -87.13 -10.57
N GLN DA 36 13.18 -86.04 -11.00
CA GLN DA 36 12.16 -86.14 -12.08
C GLN DA 36 12.96 -86.17 -13.38
N ASN DA 37 12.35 -86.44 -14.53
CA ASN DA 37 13.19 -86.49 -15.75
C ASN DA 37 13.12 -85.12 -16.42
N ASP DA 38 12.73 -84.08 -15.68
CA ASP DA 38 12.54 -82.73 -16.25
C ASP DA 38 13.85 -82.17 -16.83
N SER DA 39 14.98 -82.32 -16.14
CA SER DA 39 16.25 -81.69 -16.62
C SER DA 39 16.59 -82.22 -18.01
N GLU DA 40 17.33 -81.43 -18.80
CA GLU DA 40 17.74 -81.88 -20.16
C GLU DA 40 19.18 -82.38 -20.14
N MET DA 41 20.05 -81.78 -19.32
CA MET DA 41 21.48 -82.17 -19.29
C MET DA 41 21.90 -82.58 -17.87
N ILE DA 42 22.86 -83.50 -17.75
CA ILE DA 42 23.37 -83.94 -16.41
C ILE DA 42 24.88 -83.78 -16.38
N ARG DA 43 25.44 -83.21 -15.31
CA ARG DA 43 26.90 -82.96 -15.25
C ARG DA 43 27.65 -84.24 -14.88
N TYR DA 44 28.76 -84.55 -15.55
CA TYR DA 44 29.49 -85.79 -15.27
C TYR DA 44 29.73 -85.91 -13.76
N ASP DA 45 30.00 -84.79 -13.09
CA ASP DA 45 30.32 -84.86 -11.64
C ASP DA 45 29.14 -85.50 -10.90
N ALA DA 46 27.91 -85.14 -11.26
CA ALA DA 46 26.71 -85.67 -10.58
C ALA DA 46 26.64 -87.19 -10.76
N ILE DA 47 26.95 -87.69 -11.96
CA ILE DA 47 26.83 -89.13 -12.24
C ILE DA 47 27.79 -89.89 -11.31
N ASP DA 48 28.99 -89.37 -11.08
CA ASP DA 48 29.98 -90.13 -10.26
C ASP DA 48 29.67 -90.00 -8.77
N LYS DA 49 29.40 -88.79 -8.28
CA LYS DA 49 29.16 -88.60 -6.83
C LYS DA 49 28.04 -89.56 -6.41
N LEU DA 50 26.91 -89.52 -7.12
CA LEU DA 50 25.75 -90.36 -6.74
C LEU DA 50 26.11 -91.84 -6.88
N CYS DA 51 26.80 -92.22 -7.95
CA CYS DA 51 27.12 -93.65 -8.19
C CYS DA 51 28.05 -94.18 -7.09
N SER DA 52 29.01 -93.37 -6.63
CA SER DA 52 29.86 -93.78 -5.52
C SER DA 52 29.08 -93.81 -4.21
N TYR DA 53 28.09 -92.92 -4.07
CA TYR DA 53 27.34 -92.81 -2.79
C TYR DA 53 26.39 -93.98 -2.61
N LEU DA 54 25.77 -94.45 -3.70
CA LEU DA 54 24.76 -95.54 -3.59
C LEU DA 54 25.35 -96.87 -4.06
N HIS DA 55 26.67 -96.91 -4.27
CA HIS DA 55 27.33 -98.18 -4.67
C HIS DA 55 26.57 -98.74 -5.87
N ILE DA 56 26.24 -97.88 -6.83
CA ILE DA 56 25.52 -98.31 -8.06
C ILE DA 56 26.42 -98.06 -9.27
N SER DA 57 26.50 -99.02 -10.19
CA SER DA 57 27.28 -98.82 -11.44
C SER DA 57 26.54 -97.83 -12.34
N PRO DA 58 27.21 -97.18 -13.31
CA PRO DA 58 26.55 -96.19 -14.16
C PRO DA 58 25.39 -96.87 -14.91
N SER DA 59 25.54 -98.15 -15.21
CA SER DA 59 24.51 -98.93 -15.94
C SER DA 59 23.18 -98.76 -15.23
N GLU DA 60 23.16 -98.99 -13.93
CA GLU DA 60 21.91 -98.99 -13.12
C GLU DA 60 21.26 -97.60 -13.19
N PHE DA 61 22.06 -96.53 -13.15
CA PHE DA 61 21.47 -95.16 -13.07
C PHE DA 61 20.62 -94.87 -14.31
N PHE DA 62 20.98 -95.38 -15.50
CA PHE DA 62 20.20 -94.98 -16.70
C PHE DA 62 19.45 -96.18 -17.27
N GLU DA 63 18.18 -95.98 -17.67
CA GLU DA 63 17.42 -97.06 -18.35
C GLU DA 63 17.31 -96.71 -19.82
N HIS DA 64 17.62 -97.64 -20.72
CA HIS DA 64 17.64 -97.33 -22.14
C HIS DA 64 16.77 -98.31 -22.91
N ASN DA 65 16.24 -97.84 -24.04
CA ASN DA 65 15.44 -98.61 -24.96
C ASN DA 65 15.68 -98.05 -26.34
N PRO DA 66 15.98 -98.90 -27.34
CA PRO DA 66 16.33 -98.38 -28.66
C PRO DA 66 15.19 -97.68 -29.38
N ILE DA 67 13.94 -97.84 -28.93
CA ILE DA 67 12.83 -97.19 -29.61
C ILE DA 67 12.93 -95.68 -29.46
N ASN DA 68 12.29 -94.96 -30.39
CA ASN DA 68 12.35 -93.51 -30.38
C ASN DA 68 11.10 -92.96 -31.08
N PHE DA 69 10.37 -92.05 -30.41
CA PHE DA 69 9.11 -91.53 -30.98
C PHE DA 69 9.25 -90.04 -31.31
N ASP DA 70 8.56 -89.57 -32.34
CA ASP DA 70 8.57 -88.12 -32.71
C ASP DA 70 7.14 -87.64 -32.91
N PHE DA 71 6.84 -86.41 -32.46
CA PHE DA 71 5.46 -85.85 -32.57
C PHE DA 71 5.53 -84.48 -33.24
N THR DA 72 4.73 -84.26 -34.27
CA THR DA 72 4.67 -82.92 -34.93
C THR DA 72 3.23 -82.42 -34.92
N PHE DA 73 3.01 -81.14 -34.59
CA PHE DA 73 1.63 -80.59 -34.50
C PHE DA 73 1.38 -79.66 -35.69
N ASP DA 74 0.16 -79.70 -36.25
CA ASP DA 74 -0.13 -78.90 -37.47
C ASP DA 74 0.12 -77.42 -37.20
N GLU DA 75 0.78 -76.73 -38.13
CA GLU DA 75 1.01 -75.27 -38.00
C GLU DA 75 -0.34 -74.55 -38.04
N GLU DA 76 -1.25 -75.02 -38.90
CA GLU DA 76 -2.57 -74.38 -39.06
C GLU DA 76 -3.66 -75.28 -38.50
N PRO DA 77 -4.21 -75.01 -37.29
CA PRO DA 77 -5.30 -75.82 -36.73
C PRO DA 77 -6.66 -75.18 -37.08
N ASN DA 78 -7.76 -75.91 -36.91
CA ASN DA 78 -9.10 -75.30 -37.13
C ASN DA 78 -9.72 -75.03 -35.77
N TYR DA 79 -9.93 -73.76 -35.40
CA TYR DA 79 -10.42 -73.47 -34.03
C TYR DA 79 -11.56 -72.46 -34.06
N LYS DA 80 -12.62 -72.70 -33.29
CA LYS DA 80 -13.69 -71.68 -33.17
C LYS DA 80 -13.99 -71.46 -31.68
N ILE DA 81 -13.82 -70.23 -31.20
CA ILE DA 81 -14.03 -69.94 -29.74
C ILE DA 81 -15.09 -68.84 -29.61
N ASN DA 82 -16.12 -69.06 -28.79
CA ASN DA 82 -17.22 -68.08 -28.64
C ASN DA 82 -17.21 -67.51 -27.22
N ASP DA 83 -17.11 -66.19 -27.07
CA ASP DA 83 -17.10 -65.54 -25.74
C ASP DA 83 -18.46 -65.80 -25.06
N VAL DA 84 -18.46 -66.14 -23.77
CA VAL DA 84 -19.74 -66.49 -23.08
C VAL DA 84 -20.20 -65.32 -22.19
N PHE DA 85 -19.31 -64.37 -21.89
CA PHE DA 85 -19.68 -63.25 -20.98
C PHE DA 85 -20.13 -63.83 -19.64
N GLU DA 86 -21.33 -63.50 -19.16
CA GLU DA 86 -21.88 -64.10 -17.90
C GLU DA 86 -21.04 -63.68 -16.69
N GLY DA 87 -20.40 -62.51 -16.72
CA GLY DA 87 -19.69 -61.98 -15.54
C GLY DA 87 -18.64 -62.88 -14.91
N PHE DA 88 -17.82 -63.55 -15.73
CA PHE DA 88 -16.70 -64.36 -15.18
C PHE DA 88 -15.93 -63.57 -14.11
N GLU DA 89 -15.87 -62.24 -14.22
CA GLU DA 89 -15.02 -61.45 -13.30
C GLU DA 89 -15.33 -61.78 -11.84
N VAL DA 90 -16.60 -61.99 -11.49
CA VAL DA 90 -16.98 -62.27 -10.08
C VAL DA 90 -16.42 -63.64 -9.67
N THR DA 91 -16.88 -64.72 -10.32
CA THR DA 91 -16.44 -66.09 -9.93
C THR DA 91 -15.46 -66.62 -10.97
N ALA DA 92 -14.32 -67.14 -10.54
CA ALA DA 92 -13.28 -67.54 -11.53
C ALA DA 92 -13.60 -68.93 -12.08
N ASN DA 93 -14.63 -69.05 -12.92
CA ASN DA 93 -14.95 -70.34 -13.58
C ASN DA 93 -14.71 -70.12 -15.07
N ILE DA 94 -13.62 -70.68 -15.60
CA ILE DA 94 -13.23 -70.42 -17.02
C ILE DA 94 -14.45 -70.55 -17.93
N THR DA 95 -15.30 -71.57 -17.71
CA THR DA 95 -16.40 -71.83 -18.66
C THR DA 95 -17.17 -70.54 -18.94
N HIS DA 96 -17.36 -69.70 -17.90
CA HIS DA 96 -18.12 -68.43 -18.06
C HIS DA 96 -17.38 -67.49 -19.00
N ALA DA 97 -16.04 -67.46 -18.90
CA ALA DA 97 -15.24 -66.52 -19.72
C ALA DA 97 -15.33 -66.87 -21.21
N PHE DA 98 -15.21 -68.15 -21.59
CA PHE DA 98 -15.20 -68.49 -23.04
C PHE DA 98 -15.65 -69.94 -23.26
N SER DA 99 -16.14 -70.24 -24.46
CA SER DA 99 -16.55 -71.63 -24.80
C SER DA 99 -15.94 -72.03 -26.15
N ILE DA 100 -15.40 -73.25 -26.24
CA ILE DA 100 -14.80 -73.74 -27.52
C ILE DA 100 -15.89 -74.43 -28.34
N GLU DA 101 -16.27 -73.85 -29.48
CA GLU DA 101 -17.28 -74.52 -30.34
C GLU DA 101 -16.67 -75.78 -30.96
N ASN DA 102 -15.47 -75.68 -31.56
CA ASN DA 102 -14.79 -76.88 -32.11
C ASN DA 102 -13.31 -76.61 -32.38
N PHE DA 103 -12.42 -77.45 -31.85
CA PHE DA 103 -10.96 -77.29 -32.07
C PHE DA 103 -10.41 -78.65 -32.52
N ASP DA 104 -10.06 -78.78 -33.79
CA ASP DA 104 -9.56 -80.07 -34.33
C ASP DA 104 -8.26 -79.87 -35.12
N PHE DA 105 -7.35 -80.84 -35.07
CA PHE DA 105 -6.05 -80.70 -35.78
C PHE DA 105 -5.41 -82.08 -35.89
N GLU DA 106 -4.22 -82.16 -36.46
CA GLU DA 106 -3.57 -83.48 -36.69
C GLU DA 106 -2.20 -83.53 -36.01
N ILE DA 107 -1.87 -84.68 -35.40
CA ILE DA 107 -0.50 -84.84 -34.83
C ILE DA 107 0.17 -85.98 -35.59
N LEU DA 108 1.35 -85.74 -36.16
CA LEU DA 108 2.03 -86.78 -36.99
C LEU DA 108 3.09 -87.49 -36.14
N VAL DA 109 2.97 -88.81 -35.98
CA VAL DA 109 3.91 -89.56 -35.09
C VAL DA 109 4.74 -90.53 -35.92
N ASP DA 110 6.07 -90.54 -35.74
CA ASP DA 110 6.96 -91.46 -36.48
C ASP DA 110 7.64 -92.43 -35.50
N VAL DA 111 7.26 -93.71 -35.54
CA VAL DA 111 7.83 -94.70 -34.58
C VAL DA 111 9.06 -95.32 -35.24
N GLU DA 112 10.25 -94.83 -34.89
CA GLU DA 112 11.48 -95.33 -35.56
C GLU DA 112 11.92 -96.62 -34.86
N LEU DA 113 12.09 -97.71 -35.61
CA LEU DA 113 12.44 -99.00 -34.99
C LEU DA 113 13.94 -99.00 -34.64
N ASP DA 114 14.43 -100.08 -34.03
CA ASP DA 114 15.89 -100.17 -33.75
C ASP DA 114 16.60 -100.18 -35.11
N ASN DA 115 16.06 -100.93 -36.07
CA ASN DA 115 16.62 -100.92 -37.44
C ASN DA 115 16.36 -99.53 -38.05
N ARG DA 116 16.99 -99.22 -39.17
CA ARG DA 116 16.83 -97.89 -39.81
C ARG DA 116 15.37 -97.69 -40.21
N GLN DA 117 14.64 -98.77 -40.48
CA GLN DA 117 13.24 -98.66 -40.98
C GLN DA 117 12.38 -97.89 -39.97
N LYS DA 118 11.49 -97.02 -40.47
CA LYS DA 118 10.60 -96.24 -39.58
C LYS DA 118 9.15 -96.45 -40.04
N LEU DA 119 8.19 -96.30 -39.13
CA LEU DA 119 6.76 -96.40 -39.52
C LEU DA 119 6.10 -95.05 -39.27
N ASN DA 120 5.17 -94.66 -40.14
CA ASN DA 120 4.48 -93.35 -39.98
C ASN DA 120 3.02 -93.56 -39.60
N PHE DA 121 2.57 -92.95 -38.51
CA PHE DA 121 1.13 -93.03 -38.13
C PHE DA 121 0.62 -91.60 -38.01
N ASP DA 122 -0.59 -91.34 -38.53
CA ASP DA 122 -1.15 -89.96 -38.50
C ASP DA 122 -2.38 -89.93 -37.59
N LEU DA 123 -2.37 -89.08 -36.55
CA LEU DA 123 -3.48 -89.05 -35.57
C LEU DA 123 -4.28 -87.75 -35.78
N ASP DA 124 -5.62 -87.85 -35.82
CA ASP DA 124 -6.47 -86.64 -35.92
C ASP DA 124 -7.12 -86.45 -34.55
N VAL DA 125 -6.97 -85.27 -33.93
CA VAL DA 125 -7.48 -85.08 -32.54
C VAL DA 125 -8.52 -83.95 -32.52
N SER DA 126 -9.64 -84.16 -31.83
CA SER DA 126 -10.73 -83.15 -31.79
C SER DA 126 -11.17 -82.85 -30.37
N TYR DA 127 -11.80 -81.69 -30.13
CA TYR DA 127 -12.29 -81.31 -28.79
C TYR DA 127 -13.55 -82.13 -28.46
N LYS DA 128 -13.71 -82.52 -27.20
CA LYS DA 128 -14.89 -83.32 -26.80
C LYS DA 128 -15.68 -82.57 -25.71
N GLU DA 129 -15.03 -82.18 -24.62
CA GLU DA 129 -15.72 -81.53 -23.52
C GLU DA 129 -14.69 -80.93 -22.57
N THR DA 130 -15.14 -80.06 -21.65
CA THR DA 130 -14.22 -79.49 -20.63
C THR DA 130 -14.58 -80.05 -19.25
N GLU DA 131 -13.85 -81.07 -18.79
CA GLU DA 131 -14.13 -81.70 -17.48
C GLU DA 131 -13.70 -80.78 -16.34
N LYS DA 132 -14.39 -80.85 -15.19
CA LYS DA 132 -14.03 -80.03 -14.00
C LYS DA 132 -13.32 -80.91 -12.98
N ILE DA 133 -11.98 -80.94 -12.99
CA ILE DA 133 -11.22 -81.83 -12.08
C ILE DA 133 -11.51 -81.39 -10.63
N THR DA 134 -11.51 -80.08 -10.36
CA THR DA 134 -11.83 -79.55 -9.02
C THR DA 134 -12.68 -78.28 -9.21
N ASN DA 135 -13.26 -77.73 -8.14
CA ASN DA 135 -14.16 -76.57 -8.32
C ASN DA 135 -13.39 -75.42 -8.98
N SER DA 136 -12.14 -75.18 -8.58
CA SER DA 136 -11.39 -74.02 -9.12
C SER DA 136 -10.60 -74.37 -10.40
N GLN DA 137 -10.46 -75.65 -10.75
CA GLN DA 137 -9.60 -76.00 -11.92
C GLN DA 137 -10.31 -76.95 -12.88
N HIS DA 138 -10.07 -76.80 -14.18
CA HIS DA 138 -10.70 -77.68 -15.21
C HIS DA 138 -9.61 -78.26 -16.13
N ARG DA 139 -9.92 -79.35 -16.82
CA ARG DA 139 -8.97 -79.95 -17.79
C ARG DA 139 -9.70 -80.19 -19.12
N PHE DA 140 -9.29 -79.48 -20.17
CA PHE DA 140 -9.91 -79.71 -21.49
C PHE DA 140 -9.60 -81.14 -21.91
N ILE DA 141 -10.60 -81.85 -22.46
CA ILE DA 141 -10.39 -83.27 -22.85
C ILE DA 141 -10.48 -83.39 -24.36
N PHE DA 142 -9.44 -83.94 -25.01
CA PHE DA 142 -9.44 -84.10 -26.47
C PHE DA 142 -9.37 -85.59 -26.81
N THR DA 143 -10.17 -86.03 -27.80
CA THR DA 143 -10.22 -87.47 -28.14
C THR DA 143 -9.75 -87.68 -29.58
N ILE DA 144 -8.94 -88.72 -29.82
CA ILE DA 144 -8.44 -89.02 -31.20
C ILE DA 144 -9.64 -89.50 -32.03
N LYS DA 145 -9.82 -88.91 -33.23
CA LYS DA 145 -10.99 -89.24 -34.07
C LYS DA 145 -10.77 -90.64 -34.67
N ASN DA 146 -9.70 -90.81 -35.43
CA ASN DA 146 -9.37 -92.13 -36.03
C ASN DA 146 -8.42 -92.91 -35.13
N GLU DA 147 -8.89 -94.05 -34.59
CA GLU DA 147 -8.00 -94.92 -33.76
C GLU DA 147 -7.86 -96.28 -34.43
N ASP DA 148 -8.88 -96.71 -35.18
CA ASP DA 148 -8.87 -98.07 -35.81
C ASP DA 148 -7.73 -98.17 -36.84
N GLU DA 149 -7.53 -97.13 -37.64
CA GLU DA 149 -6.42 -97.12 -38.63
C GLU DA 149 -5.07 -97.14 -37.91
N ASN DA 150 -5.00 -96.55 -36.71
CA ASN DA 150 -3.69 -96.44 -36.01
C ASN DA 150 -3.62 -97.42 -34.83
N ILE DA 151 -4.23 -98.61 -34.95
CA ILE DA 151 -4.14 -99.64 -33.87
C ILE DA 151 -2.69 -100.10 -33.70
N GLY DA 152 -1.92 -100.19 -34.79
CA GLY DA 152 -0.54 -100.71 -34.71
C GLY DA 152 0.32 -99.84 -33.81
N LEU DA 153 0.04 -98.54 -33.76
CA LEU DA 153 0.85 -97.60 -32.96
C LEU DA 153 0.78 -98.09 -31.50
N LYS DA 154 -0.39 -98.55 -31.07
CA LYS DA 154 -0.57 -98.98 -29.66
C LYS DA 154 0.38 -100.15 -29.36
N LYS DA 155 0.55 -101.08 -30.31
CA LYS DA 155 1.40 -102.27 -30.06
C LYS DA 155 2.83 -101.83 -29.75
N TYR DA 156 3.33 -100.83 -30.48
CA TYR DA 156 4.69 -100.29 -30.18
C TYR DA 156 4.72 -99.61 -28.81
N VAL DA 157 3.67 -98.86 -28.45
CA VAL DA 157 3.70 -98.08 -27.17
C VAL DA 157 3.78 -99.00 -25.96
N ASP DA 158 2.93 -100.02 -25.87
CA ASP DA 158 2.89 -100.85 -24.63
C ASP DA 158 4.13 -101.75 -24.53
N SER DA 159 4.94 -101.83 -25.58
CA SER DA 159 6.15 -102.65 -25.53
C SER DA 159 7.20 -102.04 -24.62
N LEU DA 160 7.10 -100.73 -24.37
CA LEU DA 160 8.10 -100.05 -23.50
C LEU DA 160 7.89 -100.46 -22.04
N SER DA 161 8.91 -100.22 -21.20
CA SER DA 161 8.77 -100.50 -19.74
C SER DA 161 7.85 -99.46 -19.13
N ALA DA 162 7.29 -99.75 -17.95
CA ALA DA 162 6.30 -98.82 -17.37
C ALA DA 162 6.93 -97.44 -17.15
N GLY DA 163 8.18 -97.41 -16.67
CA GLY DA 163 8.79 -96.10 -16.37
C GLY DA 163 8.93 -95.25 -17.62
N LEU DA 164 9.38 -95.85 -18.72
CA LEU DA 164 9.51 -95.10 -20.00
C LEU DA 164 8.11 -94.69 -20.48
N LYS DA 165 7.11 -95.57 -20.35
CA LYS DA 165 5.76 -95.24 -20.87
C LYS DA 165 5.19 -94.03 -20.13
N ASN DA 166 5.39 -93.98 -18.81
CA ASN DA 166 4.88 -92.82 -18.03
C ASN DA 166 5.60 -91.56 -18.53
N LEU DA 167 6.90 -91.65 -18.80
CA LEU DA 167 7.65 -90.47 -19.32
C LEU DA 167 7.06 -90.03 -20.65
N LEU DA 168 6.82 -90.97 -21.57
CA LEU DA 168 6.33 -90.59 -22.93
C LEU DA 168 4.97 -89.89 -22.79
N PHE DA 169 4.10 -90.41 -21.93
CA PHE DA 169 2.74 -89.82 -21.77
C PHE DA 169 2.87 -88.39 -21.23
N LYS DA 170 3.80 -88.16 -20.31
CA LYS DA 170 4.00 -86.77 -19.82
C LYS DA 170 4.41 -85.88 -20.99
N LYS DA 171 5.31 -86.36 -21.85
CA LYS DA 171 5.83 -85.51 -22.95
C LYS DA 171 4.69 -85.16 -23.92
N ILE DA 172 3.86 -86.14 -24.28
CA ILE DA 172 2.79 -85.86 -25.29
C ILE DA 172 1.80 -84.86 -24.68
N ASN DA 173 1.49 -85.01 -23.39
CA ASN DA 173 0.50 -84.12 -22.73
C ASN DA 173 1.10 -82.71 -22.59
N GLN DA 174 2.33 -82.59 -22.08
CA GLN DA 174 2.89 -81.23 -21.85
C GLN DA 174 2.80 -80.43 -23.16
N LYS DA 175 3.21 -81.04 -24.27
CA LYS DA 175 3.19 -80.33 -25.58
C LYS DA 175 1.75 -79.95 -25.92
N LEU DA 176 0.81 -80.89 -25.81
CA LEU DA 176 -0.61 -80.61 -26.17
C LEU DA 176 -1.10 -79.43 -25.34
N SER DA 177 -0.85 -79.44 -24.04
CA SER DA 177 -1.36 -78.38 -23.14
C SER DA 177 -0.79 -77.03 -23.57
N GLY DA 178 0.50 -76.99 -23.89
CA GLY DA 178 1.10 -75.73 -24.38
C GLY DA 178 0.48 -75.30 -25.69
N TYR DA 179 0.30 -76.24 -26.61
CA TYR DA 179 -0.25 -75.90 -27.95
C TYR DA 179 -1.64 -75.29 -27.78
N VAL DA 180 -2.59 -76.03 -27.20
CA VAL DA 180 -3.99 -75.52 -27.11
C VAL DA 180 -4.03 -74.24 -26.27
N SER DA 181 -3.32 -74.19 -25.16
CA SER DA 181 -3.40 -72.99 -24.28
C SER DA 181 -2.93 -71.76 -25.06
N GLU DA 182 -1.82 -71.88 -25.79
CA GLU DA 182 -1.26 -70.72 -26.51
C GLU DA 182 -2.27 -70.22 -27.55
N ILE DA 183 -2.93 -71.13 -28.25
CA ILE DA 183 -3.91 -70.74 -29.29
C ILE DA 183 -5.05 -69.95 -28.62
N ILE DA 184 -5.61 -70.48 -27.53
CA ILE DA 184 -6.79 -69.82 -26.89
C ILE DA 184 -6.40 -68.44 -26.35
N VAL DA 185 -5.28 -68.34 -25.64
CA VAL DA 185 -4.91 -67.05 -24.99
C VAL DA 185 -4.95 -65.93 -26.04
N LYS DA 186 -4.55 -66.20 -27.29
CA LYS DA 186 -4.49 -65.12 -28.30
C LYS DA 186 -5.92 -64.68 -28.65
N ASN DA 187 -6.82 -65.62 -28.91
CA ASN DA 187 -8.18 -65.26 -29.38
C ASN DA 187 -8.99 -64.54 -28.31
N ILE DA 188 -8.85 -64.91 -27.02
CA ILE DA 188 -9.70 -64.30 -25.95
C ILE DA 188 -8.92 -63.23 -25.19
N ASP DA 189 -9.52 -62.04 -25.01
CA ASP DA 189 -8.86 -60.95 -24.24
C ASP DA 189 -8.93 -61.25 -22.74
N ASP DA 190 -8.01 -60.70 -21.94
CA ASP DA 190 -7.96 -61.04 -20.50
C ASP DA 190 -9.02 -60.26 -19.70
N ILE DA 191 -9.51 -60.84 -18.61
CA ILE DA 191 -10.49 -60.14 -17.73
C ILE DA 191 -9.91 -60.18 -16.31
N GLU DA 192 -9.76 -59.04 -15.64
CA GLU DA 192 -9.15 -59.01 -14.28
C GLU DA 192 -10.26 -59.05 -13.22
N GLU DA 193 -10.06 -59.81 -12.14
CA GLU DA 193 -11.11 -59.98 -11.08
C GLU DA 193 -11.25 -58.71 -10.24
N LEU DA 194 -12.46 -58.44 -9.73
CA LEU DA 194 -12.70 -57.25 -8.86
C LEU DA 194 -11.91 -57.35 -7.55
N PHE DA 195 -11.96 -58.52 -6.90
CA PHE DA 195 -11.31 -58.68 -5.57
C PHE DA 195 -9.92 -59.32 -5.73
N LYS DA 201 -2.05 -62.44 -6.01
CA LYS DA 201 -3.33 -61.83 -5.58
C LYS DA 201 -4.34 -61.89 -6.73
N SER DA 202 -4.41 -60.85 -7.56
CA SER DA 202 -5.38 -60.81 -8.69
C SER DA 202 -5.05 -61.94 -9.68
N THR DA 203 -6.08 -62.61 -10.19
CA THR DA 203 -5.87 -63.72 -11.18
C THR DA 203 -6.50 -63.33 -12.50
N THR DA 204 -5.71 -62.87 -13.47
CA THR DA 204 -6.25 -62.45 -14.79
C THR DA 204 -6.67 -63.70 -15.57
N LEU DA 205 -7.53 -63.53 -16.58
CA LEU DA 205 -8.04 -64.71 -17.34
C LEU DA 205 -6.88 -65.43 -18.02
N HIS DA 206 -5.93 -64.68 -18.61
CA HIS DA 206 -4.83 -65.33 -19.36
C HIS DA 206 -4.05 -66.25 -18.42
N LYS DA 207 -3.78 -65.78 -17.20
CA LYS DA 207 -2.97 -66.60 -16.26
C LYS DA 207 -3.72 -67.90 -15.98
N GLU DA 208 -5.04 -67.82 -15.79
CA GLU DA 208 -5.85 -69.04 -15.52
C GLU DA 208 -5.80 -69.96 -16.73
N ILE DA 209 -5.87 -69.41 -17.95
CA ILE DA 209 -5.89 -70.26 -19.18
C ILE DA 209 -4.57 -71.01 -19.27
N LEU DA 210 -3.45 -70.32 -19.00
CA LEU DA 210 -2.11 -70.98 -19.11
C LEU DA 210 -2.02 -72.07 -18.06
N GLN DA 211 -2.54 -71.82 -16.86
CA GLN DA 211 -2.49 -72.84 -15.76
C GLN DA 211 -3.30 -74.06 -16.21
N THR DA 212 -4.43 -73.84 -16.88
CA THR DA 212 -5.33 -74.96 -17.29
C THR DA 212 -4.52 -75.99 -18.09
N ASP DA 213 -4.76 -77.27 -17.86
CA ASP DA 213 -4.03 -78.36 -18.57
C ASP DA 213 -4.99 -79.21 -19.41
N SER DA 214 -4.55 -79.65 -20.58
CA SER DA 214 -5.40 -80.52 -21.45
C SER DA 214 -4.75 -81.90 -21.57
N ARG DA 215 -5.52 -82.95 -21.30
CA ARG DA 215 -4.95 -84.32 -21.33
C ARG DA 215 -5.69 -85.14 -22.40
N LEU DA 216 -4.95 -85.75 -23.34
CA LEU DA 216 -5.56 -86.54 -24.43
C LEU DA 216 -6.21 -87.81 -23.86
N SER DA 217 -7.44 -88.10 -24.29
CA SER DA 217 -8.15 -89.32 -23.82
C SER DA 217 -8.30 -90.25 -25.02
N SER DA 218 -7.57 -91.38 -25.05
CA SER DA 218 -7.61 -92.26 -26.24
C SER DA 218 -7.24 -93.70 -25.86
N ASP DA 219 -7.67 -94.66 -26.68
CA ASP DA 219 -7.36 -96.09 -26.41
C ASP DA 219 -5.86 -96.34 -26.53
N ILE DA 220 -5.21 -95.72 -27.52
CA ILE DA 220 -3.75 -95.95 -27.75
C ILE DA 220 -3.00 -95.76 -26.42
N PHE DA 221 -3.22 -94.62 -25.76
CA PHE DA 221 -2.50 -94.32 -24.50
C PHE DA 221 -3.42 -94.71 -23.33
N LYS DA 222 -3.01 -95.67 -22.50
CA LYS DA 222 -3.93 -96.17 -21.45
C LYS DA 222 -3.50 -95.71 -20.04
N GLU DA 223 -2.45 -94.91 -19.94
CA GLU DA 223 -1.95 -94.51 -18.59
C GLU DA 223 -1.45 -93.06 -18.63
N MET EA 1 36.00 -90.50 -10.70
CA MET EA 1 36.53 -90.52 -12.06
C MET EA 1 35.53 -91.14 -13.02
N ILE EA 2 35.27 -90.44 -14.14
CA ILE EA 2 34.35 -90.97 -15.18
C ILE EA 2 34.69 -90.29 -16.52
N ARG EA 3 34.75 -91.06 -17.62
CA ARG EA 3 35.01 -90.46 -18.94
C ARG EA 3 34.16 -91.14 -20.02
N ASN EA 4 33.83 -90.42 -21.10
CA ASN EA 4 33.11 -91.04 -22.24
C ASN EA 4 34.09 -91.92 -23.02
N ARG EA 5 33.60 -92.99 -23.63
CA ARG EA 5 34.49 -93.95 -24.36
C ARG EA 5 34.25 -93.76 -25.87
N LEU EA 6 33.67 -92.64 -26.28
CA LEU EA 6 33.30 -92.47 -27.72
C LEU EA 6 34.54 -92.56 -28.60
N SER EA 7 35.66 -91.95 -28.20
CA SER EA 7 36.84 -91.92 -29.09
C SER EA 7 37.31 -93.35 -29.39
N GLU EA 8 37.33 -94.21 -28.38
CA GLU EA 8 37.82 -95.61 -28.56
C GLU EA 8 36.81 -96.39 -29.41
N LEU EA 9 35.52 -96.28 -29.08
CA LEU EA 9 34.50 -97.09 -29.81
C LEU EA 9 34.53 -96.75 -31.30
N LEU EA 10 34.53 -95.45 -31.64
CA LEU EA 10 34.53 -95.03 -33.06
C LEU EA 10 35.78 -95.58 -33.76
N SER EA 11 36.92 -95.57 -33.07
CA SER EA 11 38.18 -96.04 -33.71
C SER EA 11 38.08 -97.52 -34.07
N GLU EA 12 37.55 -98.35 -33.16
CA GLU EA 12 37.47 -99.81 -33.41
C GLU EA 12 36.52 -100.06 -34.59
N ARG EA 13 35.41 -99.32 -34.65
CA ARG EA 13 34.45 -99.43 -35.78
C ARG EA 13 35.01 -98.69 -36.99
N GLY EA 14 35.85 -97.67 -36.77
CA GLY EA 14 36.47 -96.92 -37.88
C GLY EA 14 35.59 -95.80 -38.43
N LEU EA 15 34.40 -95.58 -37.84
CA LEU EA 15 33.56 -94.43 -38.30
C LEU EA 15 34.23 -93.11 -37.92
N LYS EA 16 34.25 -92.15 -38.85
CA LYS EA 16 34.86 -90.82 -38.60
C LYS EA 16 33.88 -89.90 -37.87
N ILE EA 17 34.38 -88.87 -37.20
CA ILE EA 17 33.51 -87.87 -36.52
C ILE EA 17 32.65 -87.18 -37.58
N SER EA 18 33.23 -86.90 -38.76
CA SER EA 18 32.50 -86.13 -39.80
C SER EA 18 31.22 -86.87 -40.19
N ARG EA 19 31.29 -88.20 -40.36
CA ARG EA 19 30.10 -88.97 -40.80
C ARG EA 19 29.12 -89.12 -39.63
N VAL EA 20 29.59 -89.68 -38.52
CA VAL EA 20 28.71 -89.90 -37.34
C VAL EA 20 27.92 -88.62 -37.10
N ALA EA 21 28.57 -87.47 -37.20
CA ALA EA 21 27.89 -86.19 -36.92
C ALA EA 21 26.76 -85.98 -37.94
N LYS EA 22 27.01 -86.31 -39.20
CA LYS EA 22 25.99 -86.11 -40.27
C LYS EA 22 24.77 -86.99 -39.98
N ASP EA 23 25.00 -88.23 -39.54
CA ASP EA 23 23.87 -89.17 -39.33
C ASP EA 23 23.11 -88.82 -38.04
N VAL EA 24 23.80 -88.80 -36.90
CA VAL EA 24 23.09 -88.60 -35.60
C VAL EA 24 22.59 -87.15 -35.51
N LYS EA 25 22.85 -86.34 -36.54
CA LYS EA 25 22.35 -84.93 -36.57
C LYS EA 25 22.89 -84.18 -35.35
N ILE EA 26 24.14 -84.45 -34.96
CA ILE EA 26 24.78 -83.67 -33.85
C ILE EA 26 25.89 -82.83 -34.47
N ALA EA 27 26.00 -81.56 -34.12
CA ALA EA 27 26.98 -80.66 -34.76
C ALA EA 27 28.40 -81.19 -34.54
N ARG EA 28 29.23 -81.18 -35.59
CA ARG EA 28 30.61 -81.74 -35.52
C ARG EA 28 31.37 -81.17 -34.33
N SER EA 29 31.28 -79.86 -34.10
CA SER EA 29 32.12 -79.26 -33.03
C SER EA 29 31.79 -79.90 -31.68
N SER EA 30 30.50 -80.06 -31.38
CA SER EA 30 30.09 -80.64 -30.07
C SER EA 30 30.58 -82.09 -30.00
N LEU EA 31 30.40 -82.86 -31.07
CA LEU EA 31 30.77 -84.30 -31.05
C LEU EA 31 32.29 -84.43 -30.86
N THR EA 32 33.07 -83.55 -31.47
CA THR EA 32 34.55 -83.59 -31.34
C THR EA 32 34.94 -83.28 -29.89
N SER EA 33 34.35 -82.22 -29.33
CA SER EA 33 34.64 -81.87 -27.91
C SER EA 33 34.28 -83.05 -27.03
N MET EA 34 33.10 -83.64 -27.24
CA MET EA 34 32.65 -84.81 -26.43
C MET EA 34 33.52 -86.03 -26.74
N ALA EA 35 34.09 -86.12 -27.95
CA ALA EA 35 35.01 -87.24 -28.24
C ALA EA 35 36.17 -87.12 -27.24
N GLN EA 36 36.65 -85.90 -27.03
CA GLN EA 36 37.66 -85.66 -25.96
C GLN EA 36 36.87 -85.57 -24.66
N ASN EA 37 37.51 -85.55 -23.49
CA ASN EA 37 36.67 -85.50 -22.27
C ASN EA 37 36.54 -84.04 -21.85
N ASP EA 38 36.81 -83.11 -22.76
CA ASP EA 38 36.82 -81.66 -22.44
C ASP EA 38 35.44 -81.19 -21.93
N SER EA 39 34.34 -81.60 -22.58
CA SER EA 39 33.00 -81.08 -22.19
C SER EA 39 32.71 -81.41 -20.72
N GLU EA 40 31.88 -80.59 -20.07
CA GLU EA 40 31.52 -80.85 -18.64
C GLU EA 40 30.15 -81.52 -18.54
N MET EA 41 29.22 -81.19 -19.44
CA MET EA 41 27.86 -81.77 -19.39
C MET EA 41 27.50 -82.47 -20.71
N ILE EA 42 26.68 -83.52 -20.65
CA ILE EA 42 26.24 -84.25 -21.88
C ILE EA 42 24.71 -84.30 -21.91
N ARG EA 43 24.10 -84.01 -23.05
CA ARG EA 43 22.61 -83.96 -23.13
C ARG EA 43 22.05 -85.39 -23.26
N TYR EA 44 20.98 -85.70 -22.53
CA TYR EA 44 20.41 -87.06 -22.58
C TYR EA 44 20.21 -87.47 -24.04
N ASP EA 45 19.81 -86.53 -24.90
CA ASP EA 45 19.51 -86.89 -26.31
C ASP EA 45 20.77 -87.49 -26.94
N ALA EA 46 21.93 -86.91 -26.67
CA ALA EA 46 23.19 -87.39 -27.27
C ALA EA 46 23.46 -88.83 -26.83
N ILE EA 47 23.21 -89.15 -25.56
CA ILE EA 47 23.53 -90.51 -25.03
C ILE EA 47 22.68 -91.53 -25.80
N ASP EA 48 21.42 -91.22 -26.10
CA ASP EA 48 20.55 -92.24 -26.75
C ASP EA 48 20.84 -92.33 -28.25
N LYS EA 49 20.95 -91.19 -28.95
CA LYS EA 49 21.18 -91.23 -30.41
C LYS EA 49 22.42 -92.08 -30.69
N LEU EA 50 23.53 -91.77 -30.01
CA LEU EA 50 24.80 -92.50 -30.26
C LEU EA 50 24.63 -93.98 -29.87
N CYS EA 51 23.99 -94.25 -28.72
CA CYS EA 51 23.86 -95.65 -28.24
C CYS EA 51 23.02 -96.47 -29.22
N SER EA 52 21.97 -95.89 -29.79
CA SER EA 52 21.19 -96.60 -30.81
C SER EA 52 21.97 -96.76 -32.09
N TYR EA 53 22.83 -95.77 -32.41
CA TYR EA 53 23.56 -95.79 -33.70
C TYR EA 53 24.68 -96.84 -33.68
N LEU EA 54 25.34 -97.03 -32.55
CA LEU EA 54 26.48 -97.97 -32.48
C LEU EA 54 26.07 -99.26 -31.78
N HIS EA 55 24.78 -99.45 -31.55
CA HIS EA 55 24.28 -100.70 -30.92
C HIS EA 55 25.10 -100.95 -29.65
N ILE EA 56 25.31 -99.89 -28.86
CA ILE EA 56 26.07 -100.01 -27.59
C ILE EA 56 25.13 -99.68 -26.42
N SER EA 57 25.18 -100.46 -25.35
CA SER EA 57 24.37 -100.15 -24.15
C SER EA 57 24.97 -98.93 -23.44
N PRO EA 58 24.22 -98.21 -22.58
CA PRO EA 58 24.73 -97.01 -21.93
C PRO EA 58 25.97 -97.40 -21.10
N SER EA 59 25.98 -98.62 -20.57
CA SER EA 59 27.11 -99.11 -19.73
C SER EA 59 28.41 -98.89 -20.49
N GLU EA 60 28.46 -99.35 -21.73
CA GLU EA 60 29.70 -99.31 -22.54
C GLU EA 60 30.17 -97.85 -22.73
N PHE EA 61 29.24 -96.93 -22.94
CA PHE EA 61 29.63 -95.53 -23.25
C PHE EA 61 30.43 -94.92 -22.10
N PHE EA 62 30.14 -95.26 -20.84
CA PHE EA 62 30.85 -94.56 -19.76
C PHE EA 62 31.75 -95.53 -18.99
N GLU EA 63 32.97 -95.09 -18.65
CA GLU EA 63 33.88 -95.93 -17.81
C GLU EA 63 33.92 -95.31 -16.41
N HIS EA 64 33.73 -96.12 -15.36
CA HIS EA 64 33.66 -95.57 -14.02
C HIS EA 64 34.66 -96.27 -13.11
N ASN EA 65 35.10 -95.54 -12.09
CA ASN EA 65 36.01 -96.04 -11.07
C ASN EA 65 35.68 -95.29 -9.79
N PRO EA 66 35.48 -95.98 -8.67
CA PRO EA 66 35.06 -95.28 -7.44
C PRO EA 66 36.09 -94.32 -6.87
N ILE EA 67 37.35 -94.39 -7.32
CA ILE EA 67 38.37 -93.50 -6.78
C ILE EA 67 38.06 -92.06 -7.19
N ASN EA 68 38.60 -91.11 -6.41
CA ASN EA 68 38.35 -89.70 -6.66
C ASN EA 68 39.51 -88.88 -6.10
N PHE EA 69 40.11 -88.02 -6.92
CA PHE EA 69 41.29 -87.24 -6.46
C PHE EA 69 40.95 -85.75 -6.40
N ASP EA 70 41.57 -85.02 -5.46
CA ASP EA 70 41.35 -83.55 -5.36
C ASP EA 70 42.71 -82.84 -5.27
N PHE EA 71 42.85 -81.70 -5.92
CA PHE EA 71 44.14 -80.95 -5.94
C PHE EA 71 43.89 -79.51 -5.52
N THR EA 72 44.65 -79.00 -4.55
CA THR EA 72 44.52 -77.57 -4.14
C THR EA 72 45.88 -76.89 -4.25
N PHE EA 73 45.93 -75.68 -4.80
CA PHE EA 73 47.22 -74.97 -5.02
C PHE EA 73 47.35 -73.82 -4.01
N ASP EA 74 48.55 -73.60 -3.48
CA ASP EA 74 48.72 -72.57 -2.41
C ASP EA 74 48.29 -71.19 -2.93
N GLU EA 75 47.53 -70.46 -2.12
CA GLU EA 75 47.11 -69.09 -2.50
C GLU EA 75 48.35 -68.20 -2.60
N GLU EA 76 49.31 -68.39 -1.68
CA GLU EA 76 50.53 -67.56 -1.67
C GLU EA 76 51.73 -68.40 -2.09
N PRO EA 77 52.26 -68.27 -3.33
CA PRO EA 77 53.44 -69.01 -3.75
C PRO EA 77 54.70 -68.15 -3.54
N ASN EA 78 55.89 -68.74 -3.60
CA ASN EA 78 57.13 -67.93 -3.52
C ASN EA 78 57.72 -67.83 -4.92
N TYR EA 79 57.77 -66.62 -5.51
CA TYR EA 79 58.22 -66.50 -6.91
C TYR EA 79 59.22 -65.36 -7.07
N LYS EA 80 60.31 -65.59 -7.81
CA LYS EA 80 61.24 -64.48 -8.13
C LYS EA 80 61.51 -64.48 -9.63
N ILE EA 81 61.18 -63.38 -10.32
CA ILE EA 81 61.35 -63.33 -11.80
C ILE EA 81 62.27 -62.14 -12.14
N ASN EA 82 63.30 -62.36 -12.93
CA ASN EA 82 64.27 -61.28 -13.27
C ASN EA 82 64.19 -60.98 -14.77
N ASP EA 83 63.93 -59.72 -15.13
CA ASP EA 83 63.83 -59.33 -16.57
C ASP EA 83 65.21 -59.51 -17.20
N VAL EA 84 65.28 -60.07 -18.41
CA VAL EA 84 66.59 -60.36 -19.06
C VAL EA 84 66.90 -59.31 -20.14
N PHE EA 85 65.89 -58.55 -20.59
CA PHE EA 85 66.12 -57.57 -21.68
C PHE EA 85 66.64 -58.31 -22.91
N GLU EA 86 67.80 -57.90 -23.47
CA GLU EA 86 68.42 -58.64 -24.60
C GLU EA 86 67.55 -58.55 -25.87
N GLY EA 87 66.76 -57.49 -26.02
CA GLY EA 87 65.99 -57.27 -27.27
C GLY EA 87 65.08 -58.40 -27.71
N PHE EA 88 64.35 -59.02 -26.78
CA PHE EA 88 63.35 -60.04 -27.15
C PHE EA 88 62.49 -59.57 -28.33
N GLU EA 89 62.26 -58.27 -28.45
CA GLU EA 89 61.31 -57.76 -29.48
C GLU EA 89 61.67 -58.31 -30.87
N VAL EA 90 62.95 -58.39 -31.20
CA VAL EA 90 63.37 -58.86 -32.55
C VAL EA 90 63.01 -60.34 -32.69
N THR EA 91 63.61 -61.22 -31.88
CA THR EA 91 63.36 -62.68 -32.02
C THR EA 91 62.45 -63.15 -30.89
N ALA EA 92 61.38 -63.88 -31.20
CA ALA EA 92 60.40 -64.24 -30.14
C ALA EA 92 60.89 -65.47 -29.36
N ASN EA 93 61.93 -65.29 -28.54
CA ASN EA 93 62.42 -66.39 -27.67
C ASN EA 93 62.14 -65.96 -26.24
N ILE EA 94 61.14 -66.56 -25.59
CA ILE EA 94 60.71 -66.11 -24.24
C ILE EA 94 61.93 -65.92 -23.33
N THR EA 95 62.90 -66.84 -23.40
CA THR EA 95 64.02 -66.78 -22.43
C THR EA 95 64.62 -65.36 -22.40
N HIS EA 96 64.70 -64.71 -23.56
CA HIS EA 96 65.28 -63.33 -23.64
C HIS EA 96 64.41 -62.36 -22.86
N ALA EA 97 63.08 -62.51 -22.95
CA ALA EA 97 62.16 -61.56 -22.29
C ALA EA 97 62.29 -61.62 -20.76
N PHE EA 98 62.33 -62.83 -20.17
CA PHE EA 98 62.36 -62.91 -18.68
C PHE EA 98 63.01 -64.23 -18.22
N SER EA 99 63.52 -64.26 -16.99
CA SER EA 99 64.11 -65.50 -16.43
C SER EA 99 63.54 -65.74 -15.02
N ILE EA 100 63.17 -66.98 -14.70
CA ILE EA 100 62.63 -67.32 -13.35
C ILE EA 100 63.81 -67.70 -12.44
N GLU EA 101 64.10 -66.89 -11.42
CA GLU EA 101 65.18 -67.26 -10.48
C GLU EA 101 64.74 -68.47 -9.65
N ASN EA 102 63.54 -68.42 -9.05
CA ASN EA 102 63.03 -69.59 -8.29
C ASN EA 102 61.51 -69.47 -8.04
N PHE EA 103 60.75 -70.50 -8.42
CA PHE EA 103 59.28 -70.50 -8.20
C PHE EA 103 58.91 -71.82 -7.51
N ASP EA 104 58.57 -71.77 -6.22
CA ASP EA 104 58.25 -73.02 -5.46
C ASP EA 104 56.93 -72.84 -4.70
N PHE EA 105 56.15 -73.92 -4.57
CA PHE EA 105 54.84 -73.85 -3.87
C PHE EA 105 54.40 -75.26 -3.51
N GLU EA 106 53.21 -75.38 -2.91
CA GLU EA 106 52.75 -76.72 -2.45
C GLU EA 106 51.41 -77.07 -3.09
N ILE EA 107 51.23 -78.34 -3.48
CA ILE EA 107 49.90 -78.78 -4.00
C ILE EA 107 49.39 -79.85 -3.04
N LEU EA 108 48.18 -79.67 -2.49
CA LEU EA 108 47.64 -80.63 -1.49
C LEU EA 108 46.69 -81.61 -2.18
N VAL EA 109 46.98 -82.91 -2.12
CA VAL EA 109 46.16 -83.92 -2.85
C VAL EA 109 45.45 -84.84 -1.85
N ASP EA 110 44.14 -85.04 -2.01
CA ASP EA 110 43.37 -85.94 -1.10
C ASP EA 110 42.85 -87.14 -1.88
N VAL EA 111 43.39 -88.34 -1.64
CA VAL EA 111 42.97 -89.55 -2.39
C VAL EA 111 41.81 -90.20 -1.62
N GLU EA 112 40.58 -89.93 -2.02
CA GLU EA 112 39.42 -90.48 -1.27
C GLU EA 112 39.16 -91.91 -1.72
N LEU EA 113 39.13 -92.86 -0.79
CA LEU EA 113 38.95 -94.29 -1.18
C LEU EA 113 37.48 -94.54 -1.49
N ASP EA 114 37.13 -95.77 -1.90
CA ASP EA 114 35.70 -96.10 -2.13
C ASP EA 114 35.00 -95.97 -0.79
N ASN EA 115 35.63 -96.46 0.28
CA ASN EA 115 35.06 -96.28 1.65
C ASN EA 115 35.13 -94.79 2.00
N ARG EA 116 34.45 -94.37 3.07
CA ARG EA 116 34.43 -92.94 3.45
C ARG EA 116 35.85 -92.48 3.80
N GLN EA 117 36.71 -93.40 4.23
CA GLN EA 117 38.08 -93.02 4.68
C GLN EA 117 38.84 -92.32 3.54
N LYS EA 118 39.60 -91.27 3.87
CA LYS EA 118 40.40 -90.55 2.85
C LYS EA 118 41.85 -90.47 3.30
N LEU EA 119 42.79 -90.37 2.37
CA LEU EA 119 44.22 -90.22 2.75
C LEU EA 119 44.69 -88.85 2.25
N ASN EA 120 45.55 -88.18 3.03
CA ASN EA 120 46.06 -86.84 2.63
C ASN EA 120 47.55 -86.93 2.27
N PHE EA 121 47.91 -86.46 1.07
CA PHE EA 121 49.35 -86.42 0.71
C PHE EA 121 49.68 -84.97 0.33
N ASP EA 122 50.84 -84.46 0.77
CA ASP EA 122 51.20 -83.05 0.49
C ASP EA 122 52.42 -83.02 -0.44
N LEU EA 123 52.31 -82.38 -1.60
CA LEU EA 123 53.42 -82.36 -2.60
C LEU EA 123 54.03 -80.96 -2.63
N ASP EA 124 55.37 -80.87 -2.59
CA ASP EA 124 56.05 -79.55 -2.71
C ASP EA 124 56.68 -79.52 -4.11
N VAL EA 125 56.37 -78.50 -4.92
CA VAL EA 125 56.87 -78.48 -6.32
C VAL EA 125 57.74 -77.25 -6.55
N SER EA 126 58.89 -77.42 -7.22
CA SER EA 126 59.83 -76.30 -7.45
C SER EA 126 60.23 -76.20 -8.92
N TYR EA 127 60.71 -75.02 -9.36
CA TYR EA 127 61.15 -74.82 -10.76
C TYR EA 127 62.51 -75.51 -10.95
N LYS EA 128 62.73 -76.09 -12.13
CA LYS EA 128 64.01 -76.78 -12.42
C LYS EA 128 64.70 -76.13 -13.63
N GLU EA 129 64.00 -76.03 -14.76
CA GLU EA 129 64.61 -75.49 -15.97
C GLU EA 129 63.51 -75.21 -16.99
N THR EA 130 63.86 -74.46 -18.04
CA THR EA 130 62.88 -74.21 -19.13
C THR EA 130 63.31 -74.94 -20.40
N GLU EA 131 62.73 -76.11 -20.67
CA GLU EA 131 63.10 -76.92 -21.86
C GLU EA 131 62.55 -76.26 -23.13
N LYS EA 132 63.24 -76.44 -24.26
CA LYS EA 132 62.80 -75.89 -25.57
C LYS EA 132 62.22 -77.04 -26.41
N ILE EA 133 60.89 -77.23 -26.37
CA ILE EA 133 60.26 -78.36 -27.12
C ILE EA 133 60.50 -78.15 -28.61
N THR EA 134 60.33 -76.91 -29.09
CA THR EA 134 60.58 -76.58 -30.52
C THR EA 134 61.24 -75.20 -30.57
N ASN EA 135 61.76 -74.78 -31.72
CA ASN EA 135 62.50 -73.49 -31.76
C ASN EA 135 61.59 -72.35 -31.30
N SER EA 136 60.31 -72.37 -31.70
CA SER EA 136 59.41 -71.23 -31.37
C SER EA 136 58.66 -71.45 -30.04
N GLN EA 137 58.69 -72.66 -29.47
CA GLN EA 137 57.88 -72.91 -28.24
C GLN EA 137 58.70 -73.58 -27.14
N HIS EA 138 58.44 -73.24 -25.88
CA HIS EA 138 59.17 -73.84 -24.73
C HIS EA 138 58.16 -74.39 -23.70
N ARG EA 139 58.62 -75.30 -22.84
CA ARG EA 139 57.74 -75.84 -21.77
C ARG EA 139 58.49 -75.74 -20.43
N PHE EA 140 57.99 -74.92 -19.50
CA PHE EA 140 58.63 -74.83 -18.17
C PHE EA 140 58.51 -76.21 -17.51
N ILE EA 141 59.58 -76.66 -16.87
CA ILE EA 141 59.56 -78.02 -16.23
C ILE EA 141 59.66 -77.85 -14.72
N PHE EA 142 58.70 -78.42 -13.97
CA PHE EA 142 58.71 -78.31 -12.50
C PHE EA 142 58.85 -79.72 -11.91
N THR EA 143 59.68 -79.88 -10.89
CA THR EA 143 59.93 -81.22 -10.29
C THR EA 143 59.48 -81.23 -8.83
N ILE EA 144 58.80 -82.31 -8.40
CA ILE EA 144 58.36 -82.44 -6.98
C ILE EA 144 59.59 -82.60 -6.10
N LYS EA 145 59.68 -81.80 -5.03
CA LYS EA 145 60.88 -81.82 -4.16
C LYS EA 145 60.86 -83.11 -3.33
N ASN EA 146 59.80 -83.28 -2.53
CA ASN EA 146 59.66 -84.52 -1.70
C ASN EA 146 58.82 -85.56 -2.45
N GLU EA 147 59.43 -86.70 -2.79
CA GLU EA 147 58.68 -87.80 -3.44
C GLU EA 147 58.73 -89.04 -2.53
N ASP EA 148 59.79 -89.20 -1.74
CA ASP EA 148 59.94 -90.41 -0.89
C ASP EA 148 58.83 -90.49 0.16
N GLU EA 149 58.49 -89.35 0.78
CA GLU EA 149 57.38 -89.32 1.78
C GLU EA 149 56.05 -89.63 1.08
N ASN EA 150 55.91 -89.29 -0.20
CA ASN EA 150 54.60 -89.48 -0.89
C ASN EA 150 54.67 -90.64 -1.87
N ILE EA 151 55.43 -91.69 -1.56
CA ILE EA 151 55.48 -92.90 -2.44
C ILE EA 151 54.11 -93.57 -2.51
N GLY EA 152 53.37 -93.59 -1.41
CA GLY EA 152 52.06 -94.28 -1.37
C GLY EA 152 51.10 -93.70 -2.40
N LEU EA 153 51.21 -92.40 -2.68
CA LEU EA 153 50.28 -91.73 -3.62
C LEU EA 153 50.42 -92.45 -4.96
N LYS EA 154 51.64 -92.83 -5.33
CA LYS EA 154 51.89 -93.46 -6.65
C LYS EA 154 51.10 -94.79 -6.73
N LYS EA 155 51.05 -95.54 -5.63
CA LYS EA 155 50.37 -96.86 -5.66
C LYS EA 155 48.90 -96.67 -6.01
N TYR EA 156 48.26 -95.64 -5.45
CA TYR EA 156 46.84 -95.35 -5.82
C TYR EA 156 46.73 -94.92 -7.29
N VAL EA 157 47.68 -94.12 -7.79
CA VAL EA 157 47.55 -93.58 -9.17
C VAL EA 157 47.60 -94.71 -10.22
N ASP EA 158 48.58 -95.59 -10.15
CA ASP EA 158 48.73 -96.62 -11.21
C ASP EA 158 47.63 -97.68 -11.15
N SER EA 159 46.84 -97.69 -10.07
CA SER EA 159 45.75 -98.65 -9.96
C SER EA 159 44.62 -98.35 -10.95
N LEU EA 160 44.55 -97.10 -11.43
CA LEU EA 160 43.47 -96.72 -12.38
C LEU EA 160 43.74 -97.33 -13.76
N SER EA 161 42.72 -97.40 -14.61
CA SER EA 161 42.89 -97.91 -15.98
C SER EA 161 43.67 -96.88 -16.79
N ALA EA 162 44.26 -97.28 -17.91
CA ALA EA 162 45.14 -96.34 -18.66
C ALA EA 162 44.32 -95.12 -19.10
N GLY EA 163 43.09 -95.33 -19.56
CA GLY EA 163 42.30 -94.19 -20.08
C GLY EA 163 42.05 -93.16 -18.98
N LEU EA 164 41.67 -93.63 -17.79
CA LEU EA 164 41.45 -92.69 -16.65
C LEU EA 164 42.77 -92.01 -16.28
N LYS EA 165 43.87 -92.77 -16.27
CA LYS EA 165 45.17 -92.17 -15.84
C LYS EA 165 45.57 -91.04 -16.78
N ASN EA 166 45.38 -91.24 -18.08
CA ASN EA 166 45.73 -90.18 -19.07
C ASN EA 166 44.85 -88.97 -18.79
N LEU EA 167 43.57 -89.19 -18.48
CA LEU EA 167 42.67 -88.05 -18.16
C LEU EA 167 43.20 -87.30 -16.94
N LEU EA 168 43.54 -88.03 -15.87
CA LEU EA 168 43.97 -87.36 -14.62
C LEU EA 168 45.22 -86.52 -14.89
N PHE EA 169 46.16 -87.06 -15.66
CA PHE EA 169 47.43 -86.34 -15.93
C PHE EA 169 47.12 -85.05 -16.72
N LYS EA 170 46.17 -85.10 -17.65
CA LYS EA 170 45.79 -83.86 -18.37
C LYS EA 170 45.25 -82.84 -17.35
N LYS EA 171 44.42 -83.28 -16.42
CA LYS EA 171 43.79 -82.33 -15.47
C LYS EA 171 44.87 -81.66 -14.60
N ILE EA 172 45.81 -82.45 -14.08
CA ILE EA 172 46.84 -81.86 -13.16
C ILE EA 172 47.68 -80.86 -13.95
N ASN EA 173 48.02 -81.19 -15.20
CA ASN EA 173 48.88 -80.30 -16.02
C ASN EA 173 48.11 -79.03 -16.38
N GLN EA 174 46.87 -79.17 -16.89
CA GLN EA 174 46.14 -77.96 -17.35
C GLN EA 174 46.11 -76.95 -16.19
N LYS EA 175 45.79 -77.39 -14.99
CA LYS EA 175 45.71 -76.47 -13.82
C LYS EA 175 47.07 -75.85 -13.57
N LEU EA 176 48.13 -76.66 -13.54
CA LEU EA 176 49.49 -76.14 -13.26
C LEU EA 176 49.83 -75.06 -14.28
N SER EA 177 49.59 -75.34 -15.57
CA SER EA 177 49.97 -74.39 -16.64
C SER EA 177 49.22 -73.07 -16.43
N GLY EA 178 47.93 -73.15 -16.10
CA GLY EA 178 47.17 -71.91 -15.83
C GLY EA 178 47.72 -71.18 -14.62
N TYR EA 179 48.01 -71.92 -13.55
CA TYR EA 179 48.51 -71.28 -12.31
C TYR EA 179 49.80 -70.52 -12.61
N VAL EA 180 50.84 -71.22 -13.07
CA VAL EA 180 52.16 -70.57 -13.26
C VAL EA 180 52.04 -69.44 -14.30
N SER EA 181 51.34 -69.69 -15.42
CA SER EA 181 51.26 -68.66 -16.48
C SER EA 181 50.62 -67.39 -15.92
N GLU EA 182 49.54 -67.52 -15.15
CA GLU EA 182 48.82 -66.34 -14.63
C GLU EA 182 49.75 -65.53 -13.71
N ILE EA 183 50.53 -66.23 -12.88
CA ILE EA 183 51.44 -65.51 -11.94
C ILE EA 183 52.46 -64.72 -12.76
N ILE EA 184 53.09 -65.35 -13.75
CA ILE EA 184 54.18 -64.66 -14.52
C ILE EA 184 53.61 -63.46 -15.27
N VAL EA 185 52.49 -63.64 -15.97
CA VAL EA 185 51.96 -62.53 -16.83
C VAL EA 185 51.84 -61.25 -16.00
N LYS EA 186 51.47 -61.36 -14.71
CA LYS EA 186 51.27 -60.14 -13.90
C LYS EA 186 52.62 -59.45 -13.65
N ASN EA 187 53.64 -60.21 -13.25
CA ASN EA 187 54.94 -59.60 -12.87
C ASN EA 187 55.65 -58.97 -14.07
N ILE EA 188 55.56 -59.57 -15.26
CA ILE EA 188 56.34 -59.05 -16.43
C ILE EA 188 55.43 -58.24 -17.37
N ASP EA 189 55.86 -57.03 -17.75
CA ASP EA 189 55.07 -56.18 -18.69
C ASP EA 189 55.19 -56.74 -20.11
N ASP EA 190 54.21 -56.46 -20.98
CA ASP EA 190 54.21 -57.04 -22.34
C ASP EA 190 55.16 -56.28 -23.27
N ILE EA 191 55.73 -56.98 -24.26
CA ILE EA 191 56.61 -56.32 -25.26
C ILE EA 191 56.06 -56.68 -26.65
N GLU EA 192 55.76 -55.69 -27.50
CA GLU EA 192 55.16 -55.98 -28.83
C GLU EA 192 56.27 -56.06 -29.89
N GLU EA 193 56.18 -57.03 -30.83
CA GLU EA 193 57.25 -57.21 -31.85
C GLU EA 193 57.23 -56.10 -32.91
N LEU EA 194 58.39 -55.79 -33.48
CA LEU EA 194 58.48 -54.74 -34.54
C LEU EA 194 57.71 -55.18 -35.79
N PHE EA 195 57.92 -56.42 -36.24
CA PHE EA 195 57.30 -56.88 -37.51
C PHE EA 195 56.02 -57.66 -37.21
N LYS EA 201 48.63 -61.70 -36.26
CA LYS EA 201 49.82 -61.01 -36.82
C LYS EA 201 50.82 -60.75 -35.69
N SER EA 202 50.74 -59.57 -35.05
CA SER EA 202 51.69 -59.22 -33.96
C SER EA 202 51.50 -60.18 -32.79
N THR EA 203 52.61 -60.62 -32.19
CA THR EA 203 52.56 -61.55 -31.03
C THR EA 203 53.13 -60.85 -29.80
N THR EA 204 52.27 -60.34 -28.91
CA THR EA 204 52.74 -59.64 -27.69
C THR EA 204 53.32 -60.67 -26.72
N LEU EA 205 54.14 -60.22 -25.77
CA LEU EA 205 54.80 -61.16 -24.83
C LEU EA 205 53.73 -61.90 -24.00
N HIS EA 206 52.70 -61.19 -23.54
CA HIS EA 206 51.69 -61.84 -22.66
C HIS EA 206 51.04 -63.00 -23.42
N LYS EA 207 50.72 -62.80 -24.70
CA LYS EA 207 50.04 -63.87 -25.47
C LYS EA 207 50.95 -65.09 -25.53
N GLU EA 208 52.25 -64.86 -25.76
CA GLU EA 208 53.22 -65.99 -25.82
C GLU EA 208 53.28 -66.69 -24.47
N ILE EA 209 53.27 -65.93 -23.37
CA ILE EA 209 53.40 -66.54 -22.02
C ILE EA 209 52.18 -67.44 -21.78
N LEU EA 210 50.98 -66.96 -22.14
CA LEU EA 210 49.75 -67.75 -21.90
C LEU EA 210 49.81 -69.02 -22.74
N GLN EA 211 50.30 -68.92 -23.98
CA GLN EA 211 50.40 -70.10 -24.88
C GLN EA 211 51.36 -71.11 -24.24
N THR EA 212 52.44 -70.63 -23.63
CA THR EA 212 53.46 -71.54 -23.05
C THR EA 212 52.80 -72.50 -22.07
N ASP EA 213 53.22 -73.77 -22.08
CA ASP EA 213 52.63 -74.81 -21.18
C ASP EA 213 53.70 -75.36 -20.23
N SER EA 214 53.30 -75.64 -18.99
CA SER EA 214 54.26 -76.22 -18.01
C SER EA 214 53.80 -77.63 -17.64
N ARG EA 215 54.71 -78.61 -17.73
CA ARG EA 215 54.33 -80.02 -17.44
C ARG EA 215 55.16 -80.53 -16.27
N LEU EA 216 54.50 -81.07 -15.24
CA LEU EA 216 55.21 -81.57 -14.02
C LEU EA 216 56.02 -82.81 -14.39
N SER EA 217 57.27 -82.87 -13.93
CA SER EA 217 58.14 -84.05 -14.20
C SER EA 217 58.41 -84.72 -12.86
N SER EA 218 57.84 -85.91 -12.63
CA SER EA 218 57.99 -86.57 -11.30
C SER EA 218 57.82 -88.08 -11.42
N ASP EA 219 58.37 -88.84 -10.45
CA ASP EA 219 58.26 -90.32 -10.46
C ASP EA 219 56.79 -90.73 -10.28
N ILE EA 220 56.06 -90.04 -9.40
CA ILE EA 220 54.65 -90.43 -9.10
C ILE EA 220 53.88 -90.56 -10.43
N PHE EA 221 53.95 -89.54 -11.28
CA PHE EA 221 53.21 -89.56 -12.57
C PHE EA 221 54.18 -90.02 -13.66
N LYS EA 222 53.91 -91.15 -14.31
CA LYS EA 222 54.89 -91.70 -15.28
C LYS EA 222 54.42 -91.55 -16.73
N GLU EA 223 53.26 -90.92 -16.95
CA GLU EA 223 52.72 -90.84 -18.34
C GLU EA 223 52.03 -89.48 -18.55
N ASP FA 30 73.71 -64.01 -10.86
CA ASP FA 30 74.81 -63.12 -11.28
C ASP FA 30 74.21 -61.78 -11.72
N ILE FA 31 74.49 -60.70 -10.97
CA ILE FA 31 73.98 -59.35 -11.33
C ILE FA 31 74.58 -58.97 -12.69
N LEU FA 32 75.84 -59.31 -12.93
CA LEU FA 32 76.48 -59.01 -14.23
C LEU FA 32 75.65 -59.64 -15.35
N THR FA 33 75.40 -60.96 -15.25
CA THR FA 33 74.64 -61.70 -16.29
C THR FA 33 73.20 -61.16 -16.39
N GLN FA 34 72.61 -60.79 -15.25
CA GLN FA 34 71.21 -60.27 -15.26
C GLN FA 34 71.19 -59.03 -16.15
N LEU FA 35 72.19 -58.15 -16.02
CA LEU FA 35 72.30 -57.00 -16.95
C LEU FA 35 73.07 -57.47 -18.19
N GLY FA 36 73.30 -56.59 -19.16
CA GLY FA 36 73.94 -57.01 -20.41
C GLY FA 36 75.45 -56.83 -20.38
N VAL FA 37 76.02 -56.49 -19.23
CA VAL FA 37 77.48 -56.18 -19.20
C VAL FA 37 78.25 -57.42 -19.68
N LYS FA 38 79.23 -57.23 -20.57
CA LYS FA 38 79.99 -58.37 -21.14
C LYS FA 38 81.43 -57.93 -21.41
N ASP FA 39 82.36 -58.89 -21.48
CA ASP FA 39 83.80 -58.53 -21.63
C ASP FA 39 84.06 -58.13 -23.08
N ILE FA 40 85.01 -57.21 -23.31
CA ILE FA 40 85.29 -56.71 -24.69
C ILE FA 40 86.29 -57.64 -25.38
N SER FA 41 87.29 -58.12 -24.66
CA SER FA 41 88.32 -58.94 -25.31
C SER FA 41 87.69 -60.15 -26.01
N LYS FA 42 86.70 -60.77 -25.38
CA LYS FA 42 86.04 -61.92 -25.99
C LYS FA 42 85.10 -61.48 -27.11
N GLN FA 43 84.46 -60.32 -26.96
CA GLN FA 43 83.48 -59.86 -27.97
C GLN FA 43 84.18 -59.47 -29.27
N ASN FA 44 85.35 -58.84 -29.18
CA ASN FA 44 86.03 -58.33 -30.39
C ASN FA 44 86.91 -59.43 -31.04
N ALA FA 45 86.94 -60.63 -30.48
CA ALA FA 45 87.82 -61.66 -31.02
C ALA FA 45 87.37 -62.22 -32.37
N ASN FA 46 86.09 -62.53 -32.52
CA ASN FA 46 85.57 -63.08 -33.77
C ASN FA 46 84.43 -62.26 -34.33
N LYS FA 47 84.35 -60.99 -33.96
CA LYS FA 47 83.24 -60.18 -34.38
C LYS FA 47 83.11 -60.09 -35.88
N PHE FA 48 81.86 -60.16 -36.39
CA PHE FA 48 81.63 -59.99 -37.84
C PHE FA 48 81.30 -58.53 -38.13
N TYR FA 49 82.27 -57.79 -38.68
CA TYR FA 49 82.13 -56.35 -38.96
C TYR FA 49 81.15 -56.05 -40.11
N LYS FA 50 80.43 -54.92 -40.05
CA LYS FA 50 79.57 -54.51 -41.19
C LYS FA 50 80.41 -53.63 -42.14
N PHE FA 51 80.16 -53.65 -43.45
CA PHE FA 51 81.00 -52.89 -44.40
C PHE FA 51 80.12 -52.05 -45.32
N ALA FA 52 80.30 -50.73 -45.34
CA ALA FA 52 79.53 -49.91 -46.29
C ALA FA 52 80.49 -49.39 -47.36
N ILE FA 53 80.21 -49.66 -48.63
CA ILE FA 53 81.15 -49.26 -49.72
C ILE FA 53 80.39 -48.39 -50.72
N TYR FA 54 80.72 -47.09 -50.78
CA TYR FA 54 80.13 -46.21 -51.83
C TYR FA 54 81.21 -46.01 -52.90
N GLY FA 55 81.10 -46.70 -54.04
CA GLY FA 55 82.17 -46.66 -55.05
C GLY FA 55 81.84 -45.85 -56.28
N LYS FA 56 80.87 -44.92 -56.21
CA LYS FA 56 80.44 -44.15 -57.40
C LYS FA 56 79.89 -45.07 -58.47
N PHE FA 57 80.41 -44.96 -59.70
CA PHE FA 57 79.86 -45.75 -60.84
C PHE FA 57 80.98 -46.48 -61.58
N GLY FA 58 80.72 -47.72 -62.02
CA GLY FA 58 81.69 -48.46 -62.85
C GLY FA 58 83.06 -48.61 -62.22
N THR FA 59 83.12 -48.89 -60.92
CA THR FA 59 84.45 -48.96 -60.24
C THR FA 59 84.77 -50.41 -59.83
N GLY FA 60 83.80 -51.16 -59.29
CA GLY FA 60 84.18 -52.51 -58.85
C GLY FA 60 83.79 -52.76 -57.40
N LYS FA 61 82.98 -51.87 -56.82
CA LYS FA 61 82.52 -52.04 -55.41
C LYS FA 61 81.73 -53.36 -55.30
N THR FA 62 80.90 -53.70 -56.29
CA THR FA 62 80.21 -55.02 -56.25
C THR FA 62 81.25 -56.12 -56.42
N THR FA 63 82.04 -56.11 -57.50
CA THR FA 63 83.16 -57.07 -57.63
C THR FA 63 83.78 -57.29 -56.25
N PHE FA 64 84.18 -56.22 -55.56
CA PHE FA 64 84.81 -56.30 -54.22
C PHE FA 64 83.98 -57.18 -53.29
N LEU FA 65 82.69 -56.90 -53.18
CA LEU FA 65 81.81 -57.62 -52.22
C LEU FA 65 81.74 -59.11 -52.57
N THR FA 66 81.66 -59.44 -53.87
CA THR FA 66 81.47 -60.86 -54.27
C THR FA 66 82.75 -61.53 -54.78
N LYS FA 67 83.89 -60.84 -54.68
CA LYS FA 67 85.18 -61.41 -55.18
C LYS FA 67 85.45 -62.72 -54.43
N ASP FA 68 85.12 -62.77 -53.14
CA ASP FA 68 85.40 -63.97 -52.30
C ASP FA 68 84.62 -65.17 -52.85
N ASN FA 69 83.61 -64.94 -53.69
CA ASN FA 69 82.77 -66.01 -54.29
C ASN FA 69 82.05 -66.78 -53.16
N ASN FA 70 81.91 -66.15 -52.00
CA ASN FA 70 81.14 -66.77 -50.88
C ASN FA 70 80.10 -65.74 -50.42
N ALA FA 71 79.18 -65.34 -51.30
CA ALA FA 71 78.26 -64.22 -50.92
C ALA FA 71 76.82 -64.48 -51.33
N LEU FA 72 75.87 -63.93 -50.58
CA LEU FA 72 74.43 -64.00 -50.96
C LEU FA 72 74.00 -62.57 -51.30
N VAL FA 73 73.66 -62.32 -52.57
CA VAL FA 73 73.36 -60.90 -52.99
C VAL FA 73 71.86 -60.65 -53.04
N LEU FA 74 71.34 -59.82 -52.14
CA LEU FA 74 69.91 -59.43 -52.21
C LEU FA 74 69.78 -58.18 -53.10
N ASP FA 75 69.93 -58.32 -54.41
CA ASP FA 75 69.87 -57.17 -55.34
C ASP FA 75 68.44 -56.62 -55.41
N ILE FA 76 68.28 -55.32 -55.65
CA ILE FA 76 66.93 -54.69 -55.64
C ILE FA 76 66.62 -54.09 -57.00
N ASN FA 77 65.64 -54.66 -57.71
CA ASN FA 77 65.20 -54.10 -59.02
C ASN FA 77 66.42 -53.92 -59.95
N GLU FA 78 67.41 -54.81 -59.83
CA GLU FA 78 68.63 -54.73 -60.68
C GLU FA 78 69.25 -56.13 -60.79
N ASP FA 79 70.10 -56.36 -61.80
CA ASP FA 79 70.80 -57.68 -61.88
C ASP FA 79 72.28 -57.45 -62.21
N GLY FA 80 73.14 -57.35 -61.18
CA GLY FA 80 74.60 -57.19 -61.41
C GLY FA 80 75.36 -58.43 -61.05
N THR FA 81 74.69 -59.60 -61.04
CA THR FA 81 75.34 -60.87 -60.62
C THR FA 81 76.32 -61.35 -61.70
N THR FA 82 76.27 -60.76 -62.89
CA THR FA 82 77.12 -61.23 -64.02
C THR FA 82 78.61 -61.12 -63.63
N VAL FA 83 78.99 -60.06 -62.92
CA VAL FA 83 80.43 -59.84 -62.58
C VAL FA 83 80.86 -60.95 -61.63
N THR FA 84 79.97 -61.37 -60.73
CA THR FA 84 80.32 -62.39 -59.70
C THR FA 84 80.54 -63.76 -60.35
N GLU FA 85 81.76 -64.31 -60.26
CA GLU FA 85 82.06 -65.65 -60.81
C GLU FA 85 81.25 -66.74 -60.09
N ASP FA 86 81.17 -66.68 -58.75
CA ASP FA 86 80.50 -67.77 -57.99
C ASP FA 86 79.81 -67.20 -56.74
N GLY FA 87 78.80 -67.90 -56.22
CA GLY FA 87 78.12 -67.46 -54.98
C GLY FA 87 76.62 -67.70 -55.05
N ALA FA 88 75.83 -66.95 -54.26
CA ALA FA 88 74.35 -67.06 -54.32
C ALA FA 88 73.74 -65.66 -54.44
N VAL FA 89 72.61 -65.53 -55.12
CA VAL FA 89 71.98 -64.19 -55.33
C VAL FA 89 70.45 -64.33 -55.23
N VAL FA 90 69.76 -63.26 -54.83
CA VAL FA 90 68.27 -63.29 -54.71
C VAL FA 90 67.70 -61.95 -55.16
N GLN FA 91 66.79 -61.97 -56.15
CA GLN FA 91 66.19 -60.73 -56.69
C GLN FA 91 65.16 -60.19 -55.69
N ILE FA 92 65.01 -58.86 -55.57
CA ILE FA 92 63.95 -58.31 -54.67
C ILE FA 92 63.10 -57.39 -55.54
N LYS FA 93 61.79 -57.67 -55.65
CA LYS FA 93 60.95 -56.86 -56.58
C LYS FA 93 59.92 -56.04 -55.80
N ASN FA 94 59.67 -56.37 -54.54
CA ASN FA 94 58.60 -55.67 -53.78
C ASN FA 94 59.05 -55.48 -52.33
N TYR FA 95 58.51 -54.47 -51.63
CA TYR FA 95 58.83 -54.28 -50.20
C TYR FA 95 58.37 -55.52 -49.45
N LYS FA 96 57.21 -56.06 -49.84
CA LYS FA 96 56.68 -57.28 -49.18
C LYS FA 96 57.69 -58.41 -49.37
N HIS FA 97 58.27 -58.52 -50.58
CA HIS FA 97 59.25 -59.59 -50.84
C HIS FA 97 60.47 -59.35 -49.94
N PHE FA 98 60.85 -58.08 -49.79
CA PHE FA 98 62.04 -57.74 -48.97
C PHE FA 98 61.80 -58.18 -47.52
N SER FA 99 60.62 -57.85 -46.99
CA SER FA 99 60.31 -58.20 -45.58
C SER FA 99 60.42 -59.73 -45.40
N ALA FA 100 59.84 -60.48 -46.33
CA ALA FA 100 59.83 -61.96 -46.22
C ALA FA 100 61.27 -62.50 -46.17
N VAL FA 101 62.12 -62.09 -47.11
CA VAL FA 101 63.49 -62.70 -47.16
C VAL FA 101 64.23 -62.38 -45.86
N ILE FA 102 64.12 -61.15 -45.34
CA ILE FA 102 64.84 -60.77 -44.09
C ILE FA 102 64.32 -61.62 -42.94
N LYS FA 103 62.99 -61.79 -42.84
CA LYS FA 103 62.39 -62.54 -41.70
C LYS FA 103 62.84 -64.01 -41.79
N MET FA 104 62.91 -64.57 -43.00
CA MET FA 104 63.24 -66.02 -43.12
C MET FA 104 64.73 -66.17 -43.38
N LEU FA 105 65.51 -65.09 -43.27
CA LEU FA 105 66.96 -65.18 -43.60
C LEU FA 105 67.65 -66.25 -42.74
N PRO FA 106 67.39 -66.37 -41.42
CA PRO FA 106 67.99 -67.45 -40.65
C PRO FA 106 67.80 -68.79 -41.35
N LYS FA 107 66.55 -69.13 -41.67
CA LYS FA 107 66.23 -70.45 -42.27
C LYS FA 107 67.02 -70.59 -43.58
N ILE FA 108 66.99 -69.55 -44.41
CA ILE FA 108 67.65 -69.59 -45.75
C ILE FA 108 69.13 -69.92 -45.61
N ILE FA 109 69.88 -69.13 -44.84
CA ILE FA 109 71.36 -69.29 -44.78
C ILE FA 109 71.71 -70.71 -44.35
N GLU FA 110 70.97 -71.27 -43.39
CA GLU FA 110 71.36 -72.62 -42.89
C GLU FA 110 71.30 -73.60 -44.06
N GLN FA 111 70.25 -73.53 -44.88
CA GLN FA 111 70.10 -74.50 -45.99
C GLN FA 111 71.17 -74.28 -47.07
N LEU FA 112 71.58 -73.04 -47.37
CA LEU FA 112 72.67 -72.92 -48.37
C LEU FA 112 73.90 -73.65 -47.82
N ARG FA 113 74.17 -73.49 -46.52
CA ARG FA 113 75.30 -74.23 -45.90
C ARG FA 113 75.02 -75.73 -46.03
N GLU FA 114 73.75 -76.13 -45.87
CA GLU FA 114 73.37 -77.55 -46.09
C GLU FA 114 73.70 -77.95 -47.52
N ASN FA 115 73.14 -77.24 -48.51
CA ASN FA 115 73.38 -77.60 -49.94
C ASN FA 115 74.89 -77.61 -50.17
N GLY FA 116 75.65 -76.97 -49.28
CA GLY FA 116 77.12 -76.89 -49.42
C GLY FA 116 77.56 -75.54 -49.97
N LYS FA 117 76.60 -74.71 -50.39
CA LYS FA 117 76.98 -73.34 -50.83
C LYS FA 117 77.53 -72.60 -49.62
N GLN FA 118 78.59 -71.80 -49.79
CA GLN FA 118 79.22 -71.11 -48.63
C GLN FA 118 78.72 -69.67 -48.60
N ILE FA 119 77.97 -69.30 -47.56
CA ILE FA 119 77.55 -67.86 -47.46
C ILE FA 119 78.22 -67.27 -46.21
N ASP FA 120 79.06 -66.25 -46.40
CA ASP FA 120 79.73 -65.58 -45.25
C ASP FA 120 79.30 -64.11 -45.21
N VAL FA 121 78.72 -63.60 -46.31
CA VAL FA 121 78.32 -62.17 -46.35
C VAL FA 121 76.96 -62.01 -47.02
N VAL FA 122 76.09 -61.17 -46.44
CA VAL FA 122 74.75 -60.87 -47.02
C VAL FA 122 74.85 -59.44 -47.56
N VAL FA 123 74.58 -59.22 -48.84
CA VAL FA 123 74.80 -57.88 -49.44
C VAL FA 123 73.49 -57.29 -49.94
N ILE FA 124 73.19 -56.04 -49.60
CA ILE FA 124 72.01 -55.35 -50.18
C ILE FA 124 72.60 -54.44 -51.27
N GLU FA 125 72.23 -54.64 -52.52
CA GLU FA 125 72.88 -53.90 -53.65
C GLU FA 125 72.74 -52.38 -53.56
N THR FA 126 71.57 -51.86 -53.20
CA THR FA 126 71.40 -50.37 -53.27
C THR FA 126 70.58 -49.79 -52.10
N ILE FA 127 71.18 -48.86 -51.35
CA ILE FA 127 70.45 -48.19 -50.23
C ILE FA 127 69.38 -47.26 -50.81
N GLN FA 128 69.64 -46.68 -51.99
CA GLN FA 128 68.67 -45.71 -52.56
C GLN FA 128 67.38 -46.47 -52.92
N LYS FA 129 67.51 -47.71 -53.42
CA LYS FA 129 66.31 -48.53 -53.71
C LYS FA 129 65.55 -48.85 -52.42
N LEU FA 130 66.27 -49.09 -51.31
CA LEU FA 130 65.56 -49.31 -50.02
C LEU FA 130 64.75 -48.06 -49.69
N ARG FA 131 65.32 -46.88 -49.95
CA ARG FA 131 64.54 -45.63 -49.72
C ARG FA 131 63.30 -45.66 -50.62
N ASP FA 132 63.47 -46.03 -51.88
CA ASP FA 132 62.32 -46.00 -52.84
C ASP FA 132 61.24 -46.99 -52.42
N ILE FA 133 61.63 -48.21 -52.02
CA ILE FA 133 60.60 -49.25 -51.71
C ILE FA 133 59.88 -48.89 -50.41
N THR FA 134 60.65 -48.55 -49.35
CA THR FA 134 60.02 -48.22 -48.06
C THR FA 134 59.07 -47.05 -48.27
N MET FA 135 59.43 -46.13 -49.16
CA MET FA 135 58.58 -44.93 -49.38
C MET FA 135 57.24 -45.38 -49.97
N ASP FA 136 57.28 -46.34 -50.92
CA ASP FA 136 56.04 -46.84 -51.54
C ASP FA 136 55.17 -47.50 -50.47
N ASP FA 137 55.79 -48.26 -49.57
CA ASP FA 137 55.03 -48.98 -48.52
C ASP FA 137 54.32 -47.96 -47.62
N ILE FA 138 55.00 -46.86 -47.28
CA ILE FA 138 54.41 -45.85 -46.35
C ILE FA 138 53.51 -44.91 -47.15
N MET FA 139 53.67 -44.87 -48.49
CA MET FA 139 52.74 -44.04 -49.29
C MET FA 139 51.63 -44.93 -49.86
N THR FA 147 55.85 -36.33 -46.53
CA THR FA 147 56.07 -35.31 -45.51
C THR FA 147 57.22 -35.73 -44.60
N PHE FA 148 57.63 -34.82 -43.72
CA PHE FA 148 58.72 -35.15 -42.77
C PHE FA 148 58.27 -36.33 -41.90
N ASN FA 149 56.96 -36.43 -41.65
CA ASN FA 149 56.44 -37.60 -40.91
C ASN FA 149 56.74 -38.85 -41.73
N ASP FA 150 56.51 -38.77 -43.05
CA ASP FA 150 56.81 -39.92 -43.93
C ASP FA 150 58.31 -40.21 -43.91
N TRP FA 151 59.13 -39.15 -43.97
CA TRP FA 151 60.61 -39.34 -44.00
C TRP FA 151 61.06 -39.99 -42.69
N GLY FA 152 60.51 -39.55 -41.56
CA GLY FA 152 60.89 -40.10 -40.25
C GLY FA 152 60.52 -41.58 -40.16
N GLU FA 153 59.36 -41.92 -40.71
CA GLU FA 153 58.92 -43.34 -40.74
C GLU FA 153 59.89 -44.12 -41.62
N CYS FA 154 60.31 -43.53 -42.74
CA CYS FA 154 61.27 -44.22 -43.65
C CYS FA 154 62.57 -44.47 -42.88
N ALA FA 155 63.02 -43.47 -42.11
CA ALA FA 155 64.25 -43.65 -41.30
C ALA FA 155 64.00 -44.76 -40.28
N THR FA 156 62.80 -44.78 -39.69
CA THR FA 156 62.48 -45.79 -38.65
C THR FA 156 62.57 -47.19 -39.25
N ARG FA 157 62.06 -47.35 -40.49
CA ARG FA 157 62.13 -48.67 -41.15
C ARG FA 157 63.61 -49.05 -41.34
N ILE FA 158 64.42 -48.10 -41.81
CA ILE FA 158 65.85 -48.41 -42.10
C ILE FA 158 66.55 -48.81 -40.80
N VAL FA 159 66.34 -48.04 -39.72
CA VAL FA 159 67.08 -48.33 -38.44
C VAL FA 159 66.63 -49.69 -37.93
N SER FA 160 65.34 -50.00 -38.05
CA SER FA 160 64.81 -51.28 -37.52
C SER FA 160 65.47 -52.45 -38.26
N ILE FA 161 65.63 -52.32 -39.58
CA ILE FA 161 66.23 -53.43 -40.38
C ILE FA 161 67.61 -53.74 -39.82
N TYR FA 162 68.47 -52.73 -39.67
CA TYR FA 162 69.86 -52.99 -39.21
C TYR FA 162 69.84 -53.70 -37.86
N ARG FA 163 68.99 -53.26 -36.94
CA ARG FA 163 68.95 -53.87 -35.60
C ARG FA 163 68.59 -55.35 -35.75
N TYR FA 164 67.58 -55.65 -36.56
CA TYR FA 164 67.15 -57.06 -36.77
C TYR FA 164 68.34 -57.83 -37.35
N ILE FA 165 68.93 -57.32 -38.44
CA ILE FA 165 70.03 -58.08 -39.11
C ILE FA 165 71.16 -58.31 -38.09
N SER FA 166 71.50 -57.30 -37.29
CA SER FA 166 72.65 -57.41 -36.36
C SER FA 166 72.48 -58.59 -35.38
N LYS FA 167 71.30 -58.75 -34.78
CA LYS FA 167 71.16 -59.82 -33.77
C LYS FA 167 71.40 -61.17 -34.45
N LEU FA 168 70.90 -61.31 -35.69
CA LEU FA 168 71.18 -62.55 -36.46
C LEU FA 168 72.66 -62.57 -36.81
N GLN FA 169 73.25 -61.40 -37.08
CA GLN FA 169 74.67 -61.31 -37.51
C GLN FA 169 75.55 -61.99 -36.47
N GLU FA 170 75.33 -61.70 -35.19
CA GLU FA 170 76.13 -62.33 -34.12
C GLU FA 170 75.82 -63.84 -34.08
N HIS FA 171 74.54 -64.18 -34.22
CA HIS FA 171 74.10 -65.61 -34.18
C HIS FA 171 74.68 -66.43 -35.35
N TYR FA 172 74.59 -65.94 -36.58
CA TYR FA 172 74.94 -66.80 -37.74
C TYR FA 172 76.30 -66.47 -38.36
N GLN FA 173 77.10 -65.62 -37.70
CA GLN FA 173 78.47 -65.38 -38.22
C GLN FA 173 78.43 -64.98 -39.69
N PHE FA 174 77.59 -63.99 -40.04
CA PHE FA 174 77.59 -63.51 -41.44
C PHE FA 174 78.02 -62.03 -41.45
N HIS FA 175 78.99 -61.69 -42.30
CA HIS FA 175 79.35 -60.27 -42.43
C HIS FA 175 78.21 -59.57 -43.19
N LEU FA 176 77.88 -58.34 -42.80
CA LEU FA 176 76.84 -57.60 -43.58
C LEU FA 176 77.56 -56.55 -44.43
N ALA FA 177 77.07 -56.32 -45.65
CA ALA FA 177 77.63 -55.27 -46.52
C ALA FA 177 76.52 -54.54 -47.26
N ILE FA 178 76.51 -53.20 -47.23
CA ILE FA 178 75.51 -52.44 -48.02
C ILE FA 178 76.27 -51.51 -48.96
N SER FA 179 75.76 -51.29 -50.18
CA SER FA 179 76.48 -50.46 -51.18
C SER FA 179 75.52 -49.40 -51.76
N GLY FA 180 76.04 -48.22 -52.10
CA GLY FA 180 75.21 -47.12 -52.63
C GLY FA 180 75.94 -46.34 -53.71
N HIS FA 181 75.33 -45.26 -54.23
CA HIS FA 181 75.95 -44.51 -55.36
C HIS FA 181 76.38 -43.11 -54.92
N GLU FA 182 77.61 -42.73 -55.27
CA GLU FA 182 78.14 -41.37 -54.94
C GLU FA 182 77.27 -40.27 -55.54
N GLY FA 183 76.87 -39.28 -54.74
CA GLY FA 183 76.09 -38.14 -55.26
C GLY FA 183 75.99 -37.01 -54.25
N THR FA 200 80.29 -38.06 -50.67
CA THR FA 200 79.65 -38.96 -49.67
C THR FA 200 78.59 -39.81 -50.35
N ILE FA 201 78.13 -40.88 -49.69
CA ILE FA 201 77.04 -41.72 -50.27
C ILE FA 201 75.80 -40.82 -50.43
N GLU FA 202 75.09 -40.93 -51.55
CA GLU FA 202 73.94 -40.03 -51.80
C GLU FA 202 72.70 -40.53 -51.05
N ALA FA 203 72.03 -39.64 -50.30
CA ALA FA 203 70.80 -40.00 -49.54
C ALA FA 203 70.38 -38.80 -48.71
N GLN FA 204 69.38 -38.96 -47.83
CA GLN FA 204 69.02 -37.87 -46.91
C GLN FA 204 69.76 -38.10 -45.58
N ASP FA 205 70.26 -37.05 -44.95
CA ASP FA 205 71.11 -37.21 -43.73
C ASP FA 205 70.54 -38.20 -42.71
N GLN FA 206 69.23 -38.15 -42.42
CA GLN FA 206 68.71 -39.00 -41.31
C GLN FA 206 69.16 -40.44 -41.60
N ILE FA 207 69.12 -40.84 -42.87
CA ILE FA 207 69.59 -42.20 -43.26
C ILE FA 207 71.11 -42.23 -43.17
N LYS FA 208 71.77 -41.28 -43.84
CA LYS FA 208 73.26 -41.26 -43.82
C LYS FA 208 73.74 -41.37 -42.37
N LYS FA 209 73.21 -40.51 -41.48
CA LYS FA 209 73.68 -40.54 -40.07
C LYS FA 209 73.61 -41.97 -39.55
N ALA FA 210 72.45 -42.61 -39.66
CA ALA FA 210 72.27 -43.95 -39.12
C ALA FA 210 73.26 -44.93 -39.76
N VAL FA 211 73.37 -44.89 -41.08
CA VAL FA 211 74.26 -45.84 -41.80
C VAL FA 211 75.70 -45.63 -41.32
N ILE FA 212 76.20 -44.39 -41.37
CA ILE FA 212 77.62 -44.14 -41.03
C ILE FA 212 77.83 -44.58 -39.58
N SER FA 213 76.97 -44.17 -38.66
CA SER FA 213 77.20 -44.49 -37.23
C SER FA 213 77.34 -46.01 -37.05
N GLN FA 214 76.34 -46.77 -37.50
CA GLN FA 214 76.34 -48.25 -37.32
C GLN FA 214 77.48 -48.93 -38.10
N SER FA 215 77.79 -48.46 -39.31
CA SER FA 215 78.79 -49.19 -40.14
C SER FA 215 80.17 -49.20 -39.48
N ASP FA 216 80.79 -50.38 -39.40
CA ASP FA 216 82.17 -50.46 -38.85
C ASP FA 216 83.13 -49.81 -39.85
N VAL FA 217 83.17 -50.30 -41.08
CA VAL FA 217 84.13 -49.77 -42.09
C VAL FA 217 83.37 -49.05 -43.21
N LEU FA 218 83.67 -47.78 -43.44
CA LEU FA 218 83.05 -47.08 -44.60
C LEU FA 218 84.18 -46.75 -45.57
N ALA FA 219 84.04 -47.13 -46.83
CA ALA FA 219 85.15 -46.95 -47.80
C ALA FA 219 84.62 -46.41 -49.13
N ARG FA 220 85.46 -45.70 -49.88
CA ARG FA 220 85.07 -45.16 -51.20
C ARG FA 220 85.96 -45.86 -52.24
N MET FA 221 85.35 -46.43 -53.29
CA MET FA 221 86.14 -47.22 -54.26
C MET FA 221 86.30 -46.43 -55.56
N THR FA 222 87.53 -46.18 -56.00
CA THR FA 222 87.79 -45.36 -57.21
C THR FA 222 88.87 -46.02 -58.08
N ILE FA 223 88.86 -45.76 -59.39
CA ILE FA 223 89.86 -46.34 -60.32
C ILE FA 223 90.96 -45.31 -60.57
N GLU FA 224 92.22 -45.67 -60.36
CA GLU FA 224 93.35 -44.71 -60.51
C GLU FA 224 94.32 -45.26 -61.55
N THR FA 233 98.47 -51.09 -66.24
CA THR FA 233 97.49 -50.14 -66.82
C THR FA 233 96.73 -49.44 -65.69
N TYR FA 234 95.41 -49.29 -65.85
CA TYR FA 234 94.58 -48.66 -64.80
C TYR FA 234 94.63 -49.51 -63.54
N GLN FA 235 94.72 -48.87 -62.37
CA GLN FA 235 94.79 -49.61 -61.08
C GLN FA 235 93.52 -49.33 -60.27
N TYR FA 236 92.86 -50.38 -59.78
CA TYR FA 236 91.58 -50.18 -59.06
C TYR FA 236 91.88 -50.35 -57.56
N VAL FA 237 91.65 -49.30 -56.78
CA VAL FA 237 92.05 -49.36 -55.34
C VAL FA 237 90.92 -48.82 -54.45
N LEU FA 238 90.79 -49.37 -53.24
CA LEU FA 238 89.77 -48.86 -52.29
C LEU FA 238 90.52 -47.96 -51.29
N ASN FA 239 90.19 -46.67 -51.24
CA ASN FA 239 90.95 -45.74 -50.36
C ASN FA 239 90.11 -45.36 -49.14
N ALA FA 240 90.51 -45.82 -47.96
CA ALA FA 240 89.79 -45.45 -46.71
C ALA FA 240 90.65 -44.45 -45.91
N GLU FA 241 91.73 -43.94 -46.50
CA GLU FA 241 92.60 -42.96 -45.82
C GLU FA 241 91.78 -41.71 -45.48
N PRO FA 242 91.96 -41.08 -44.29
CA PRO FA 242 91.14 -39.94 -43.89
C PRO FA 242 91.33 -38.80 -44.91
N SER FA 243 90.28 -38.00 -45.13
CA SER FA 243 90.37 -36.91 -46.14
C SER FA 243 89.19 -35.95 -45.98
N ASN FA 244 89.43 -34.64 -46.07
CA ASN FA 244 88.31 -33.65 -46.02
C ASN FA 244 87.39 -33.85 -47.23
N LEU FA 245 87.94 -34.09 -48.42
CA LEU FA 245 87.12 -34.17 -49.66
C LEU FA 245 86.11 -35.33 -49.61
N PHE FA 246 86.51 -36.49 -49.10
CA PHE FA 246 85.62 -37.69 -49.07
C PHE FA 246 85.68 -38.27 -47.67
N GLU FA 247 84.61 -38.90 -47.18
CA GLU FA 247 84.71 -39.35 -45.77
C GLU FA 247 84.85 -40.87 -45.70
N THR FA 248 85.89 -41.34 -45.01
CA THR FA 248 86.14 -42.80 -44.86
C THR FA 248 86.51 -43.09 -43.41
N LYS FA 249 86.24 -44.28 -42.90
CA LYS FA 249 86.68 -44.63 -41.53
C LYS FA 249 86.86 -46.15 -41.41
N ILE FA 250 88.03 -46.59 -40.98
CA ILE FA 250 88.21 -48.06 -40.74
C ILE FA 250 88.41 -48.25 -39.24
N ARG FA 251 87.74 -49.22 -38.63
CA ARG FA 251 87.85 -49.38 -37.15
C ARG FA 251 88.85 -50.49 -36.84
N HIS FA 252 89.93 -50.16 -36.12
CA HIS FA 252 90.94 -51.18 -35.70
C HIS FA 252 91.33 -50.88 -34.26
N SER FA 253 91.76 -51.90 -33.51
CA SER FA 253 92.12 -51.70 -32.08
C SER FA 253 93.44 -50.94 -31.99
N SER FA 254 93.70 -50.28 -30.86
CA SER FA 254 94.92 -49.43 -30.71
C SER FA 254 96.17 -50.20 -31.16
N ASN FA 255 96.35 -51.44 -30.71
CA ASN FA 255 97.59 -52.19 -31.05
C ASN FA 255 97.69 -52.37 -32.57
N ILE FA 256 96.57 -52.71 -33.22
CA ILE FA 256 96.57 -52.93 -34.69
C ILE FA 256 96.89 -51.59 -35.38
N LYS FA 257 97.78 -51.61 -36.37
CA LYS FA 257 98.11 -50.38 -37.14
C LYS FA 257 97.94 -50.68 -38.63
N ILE FA 258 97.24 -49.81 -39.36
CA ILE FA 258 97.11 -50.02 -40.83
C ILE FA 258 98.22 -49.19 -41.51
N ASN FA 259 99.30 -49.84 -41.93
CA ASN FA 259 100.40 -49.13 -42.62
C ASN FA 259 99.87 -48.59 -43.95
N ASN FA 260 99.01 -49.34 -44.64
CA ASN FA 260 98.47 -48.90 -45.95
C ASN FA 260 96.94 -48.97 -45.93
N LYS FA 261 96.26 -47.81 -46.06
CA LYS FA 261 94.77 -47.78 -46.03
C LYS FA 261 94.19 -47.88 -47.43
N ARG FA 262 95.04 -47.97 -48.46
CA ARG FA 262 94.51 -48.16 -49.85
C ARG FA 262 94.77 -49.61 -50.27
N PHE FA 263 93.71 -50.30 -50.70
CA PHE FA 263 93.86 -51.74 -51.09
C PHE FA 263 93.58 -51.87 -52.59
N ILE FA 264 94.54 -52.41 -53.34
CA ILE FA 264 94.35 -52.62 -54.82
C ILE FA 264 93.76 -54.01 -55.02
N ASN FA 265 92.89 -54.20 -56.00
CA ASN FA 265 92.21 -55.52 -56.15
C ASN FA 265 91.69 -55.99 -54.79
N PRO FA 266 90.85 -55.21 -54.08
CA PRO FA 266 90.42 -55.58 -52.73
C PRO FA 266 89.35 -56.68 -52.64
N SER FA 267 89.31 -57.40 -51.52
CA SER FA 267 88.27 -58.43 -51.28
C SER FA 267 87.83 -58.31 -49.82
N ILE FA 268 86.68 -58.86 -49.43
CA ILE FA 268 86.23 -58.64 -48.04
C ILE FA 268 87.24 -59.30 -47.09
N ASN FA 269 87.74 -60.48 -47.46
CA ASN FA 269 88.75 -61.19 -46.62
C ASN FA 269 89.92 -60.26 -46.32
N ASP FA 270 90.57 -59.70 -47.36
CA ASP FA 270 91.74 -58.86 -47.15
C ASP FA 270 91.48 -57.76 -46.13
N VAL FA 271 90.32 -57.10 -46.25
CA VAL FA 271 89.97 -56.03 -45.27
C VAL FA 271 89.86 -56.66 -43.89
N VAL FA 272 89.14 -57.78 -43.78
CA VAL FA 272 88.96 -58.47 -42.46
C VAL FA 272 90.33 -58.76 -41.86
N GLN FA 273 91.24 -59.33 -42.64
CA GLN FA 273 92.57 -59.68 -42.13
C GLN FA 273 93.35 -58.43 -41.71
N ALA FA 274 93.22 -57.35 -42.49
CA ALA FA 274 93.90 -56.11 -42.13
C ALA FA 274 93.36 -55.54 -40.82
N ILE FA 275 92.05 -55.71 -40.57
CA ILE FA 275 91.44 -55.10 -39.35
C ILE FA 275 91.59 -56.02 -38.14
N ARG FA 276 91.83 -57.33 -38.33
CA ARG FA 276 92.10 -58.20 -37.20
C ARG FA 276 93.59 -58.35 -36.94
N ASN FA 277 94.38 -58.65 -37.97
CA ASN FA 277 95.81 -58.83 -37.82
C ASN FA 277 96.56 -57.62 -38.36
N GLY FA 278 97.85 -57.57 -38.08
CA GLY FA 278 98.69 -56.46 -38.51
C GLY FA 278 98.74 -56.26 -40.00
N ASN FA 279 98.56 -55.01 -40.43
CA ASN FA 279 98.54 -54.70 -41.89
C ASN FA 279 99.84 -55.20 -42.54
N ASP GA 30 -35.24 -45.79 -63.83
CA ASP GA 30 -36.04 -44.77 -63.12
C ASP GA 30 -35.11 -43.81 -62.38
N ILE GA 31 -35.06 -42.55 -62.81
CA ILE GA 31 -34.18 -41.55 -62.14
C ILE GA 31 -34.66 -41.38 -60.68
N LEU GA 32 -35.97 -41.42 -60.47
CA LEU GA 32 -36.52 -41.32 -59.09
C LEU GA 32 -35.93 -42.44 -58.23
N THR GA 33 -36.06 -43.69 -58.69
CA THR GA 33 -35.55 -44.86 -57.93
C THR GA 33 -34.03 -44.80 -57.79
N GLN GA 34 -33.33 -44.31 -58.82
CA GLN GA 34 -31.85 -44.22 -58.77
C GLN GA 34 -31.49 -43.33 -57.59
N LEU GA 35 -32.19 -42.20 -57.41
CA LEU GA 35 -31.98 -41.36 -56.20
C LEU GA 35 -32.87 -41.92 -55.09
N GLY GA 36 -32.86 -41.30 -53.92
CA GLY GA 36 -33.61 -41.86 -52.77
C GLY GA 36 -35.00 -41.27 -52.65
N VAL GA 37 -35.44 -40.48 -53.64
CA VAL GA 37 -36.75 -39.79 -53.49
C VAL GA 37 -37.84 -40.84 -53.30
N LYS GA 38 -38.74 -40.64 -52.34
CA LYS GA 38 -39.81 -41.63 -52.04
C LYS GA 38 -41.07 -40.90 -51.58
N ASP GA 39 -42.23 -41.53 -51.70
CA ASP GA 39 -43.51 -40.85 -51.38
C ASP GA 39 -43.66 -40.80 -49.85
N ILE GA 40 -44.32 -39.75 -49.33
CA ILE GA 40 -44.46 -39.58 -47.85
C ILE GA 40 -45.69 -40.34 -47.36
N SER GA 41 -46.78 -40.32 -48.12
CA SER GA 41 -48.00 -40.97 -47.65
C SER GA 41 -47.76 -42.43 -47.33
N LYS GA 42 -46.98 -43.13 -48.17
CA LYS GA 42 -46.68 -44.52 -47.92
C LYS GA 42 -45.67 -44.69 -46.79
N GLN GA 43 -44.73 -43.76 -46.67
CA GLN GA 43 -43.66 -43.88 -45.65
C GLN GA 43 -44.25 -43.67 -44.24
N ASN GA 44 -45.20 -42.74 -44.09
CA ASN GA 44 -45.73 -42.42 -42.74
C ASN GA 44 -46.87 -43.35 -42.36
N ALA GA 45 -47.23 -44.31 -43.20
CA ALA GA 45 -48.38 -45.15 -42.89
C ALA GA 45 -48.13 -46.16 -41.77
N ASN GA 46 -46.99 -46.85 -41.80
CA ASN GA 46 -46.67 -47.83 -40.77
C ASN GA 46 -45.36 -47.55 -40.09
N LYS GA 47 -44.93 -46.30 -40.11
CA LYS GA 47 -43.61 -45.98 -39.57
C LYS GA 47 -43.49 -46.34 -38.10
N PHE GA 48 -42.33 -46.90 -37.73
CA PHE GA 48 -42.08 -47.20 -36.29
C PHE GA 48 -41.34 -46.01 -35.65
N TYR GA 49 -42.07 -45.22 -34.86
CA TYR GA 49 -41.53 -44.00 -34.21
C TYR GA 49 -40.52 -44.31 -33.10
N LYS GA 50 -39.51 -43.46 -32.90
CA LYS GA 50 -38.59 -43.61 -31.75
C LYS GA 50 -39.15 -42.83 -30.56
N PHE GA 51 -38.93 -43.27 -29.31
CA PHE GA 51 -39.54 -42.59 -28.14
C PHE GA 51 -38.46 -42.32 -27.10
N ALA GA 52 -38.26 -41.06 -26.73
CA ALA GA 52 -37.30 -40.77 -25.64
C ALA GA 52 -38.09 -40.31 -24.40
N ILE GA 53 -37.93 -40.99 -23.27
CA ILE GA 53 -38.73 -40.66 -22.05
C ILE GA 53 -37.76 -40.33 -20.92
N TYR GA 54 -37.64 -39.05 -20.54
CA TYR GA 54 -36.77 -38.67 -19.40
C TYR GA 54 -37.65 -38.44 -18.17
N GLY GA 55 -37.21 -38.94 -17.01
CA GLY GA 55 -38.02 -38.80 -15.79
C GLY GA 55 -37.17 -38.63 -14.53
N LYS GA 56 -37.79 -38.19 -13.42
CA LYS GA 56 -37.06 -38.11 -12.13
C LYS GA 56 -37.01 -39.50 -11.49
N PHE GA 57 -36.40 -39.63 -10.31
CA PHE GA 57 -36.26 -40.95 -9.65
C PHE GA 57 -37.62 -41.52 -9.25
N GLY GA 58 -37.80 -42.84 -9.40
CA GLY GA 58 -39.06 -43.49 -8.96
C GLY GA 58 -40.29 -42.91 -9.63
N THR GA 59 -40.20 -42.54 -10.92
CA THR GA 59 -41.40 -42.05 -11.65
C THR GA 59 -42.01 -43.20 -12.48
N GLY GA 60 -41.48 -44.41 -12.33
CA GLY GA 60 -41.99 -45.57 -13.09
C GLY GA 60 -41.80 -45.43 -14.59
N LYS GA 61 -40.70 -44.82 -15.02
CA LYS GA 61 -40.44 -44.61 -16.46
C LYS GA 61 -40.28 -45.96 -17.18
N THR GA 62 -39.59 -46.92 -16.57
CA THR GA 62 -39.41 -48.26 -17.19
C THR GA 62 -40.77 -48.96 -17.32
N THR GA 63 -41.64 -48.81 -16.31
CA THR GA 63 -42.99 -49.43 -16.38
C THR GA 63 -43.63 -49.09 -17.73
N PHE GA 64 -43.69 -47.80 -18.07
CA PHE GA 64 -44.30 -47.34 -19.35
C PHE GA 64 -43.74 -48.14 -20.53
N LEU GA 65 -42.42 -48.20 -20.65
CA LEU GA 65 -41.77 -48.85 -21.82
C LEU GA 65 -42.13 -50.33 -21.87
N THR GA 66 -42.18 -51.02 -20.72
CA THR GA 66 -42.39 -52.49 -20.72
C THR GA 66 -43.83 -52.88 -20.33
N LYS GA 67 -44.73 -51.91 -20.17
CA LYS GA 67 -46.12 -52.21 -19.76
C LYS GA 67 -46.75 -53.14 -20.80
N ASP GA 68 -46.43 -52.93 -22.07
CA ASP GA 68 -47.01 -53.73 -23.18
C ASP GA 68 -46.62 -55.20 -23.02
N ASN GA 69 -45.59 -55.49 -22.22
CA ASN GA 69 -45.11 -56.88 -21.98
C ASN GA 69 -44.63 -57.48 -23.30
N ASN GA 70 -44.29 -56.63 -24.27
CA ASN GA 70 -43.71 -57.10 -25.55
C ASN GA 70 -42.43 -56.32 -25.79
N ALA GA 71 -41.44 -56.43 -24.90
CA ALA GA 71 -40.24 -55.57 -25.04
C ALA GA 71 -38.94 -56.32 -24.80
N LEU GA 72 -37.86 -55.87 -25.44
CA LEU GA 72 -36.50 -56.44 -25.18
C LEU GA 72 -35.69 -55.34 -24.50
N VAL GA 73 -35.30 -55.53 -23.23
CA VAL GA 73 -34.64 -54.44 -22.48
C VAL GA 73 -33.11 -54.64 -22.46
N LEU GA 74 -32.37 -53.77 -23.15
CA LEU GA 74 -30.88 -53.83 -23.06
C LEU GA 74 -30.41 -52.95 -21.89
N ASP GA 75 -30.62 -53.40 -20.66
CA ASP GA 75 -30.25 -52.60 -19.46
C ASP GA 75 -28.72 -52.52 -19.34
N ILE GA 76 -28.20 -51.42 -18.78
CA ILE GA 76 -26.73 -51.21 -18.72
C ILE GA 76 -26.28 -51.13 -17.26
N ASN GA 77 -25.50 -52.10 -16.79
CA ASN GA 77 -24.95 -52.07 -15.41
C ASN GA 77 -26.08 -51.82 -14.39
N GLU GA 78 -27.29 -52.32 -14.67
CA GLU GA 78 -28.44 -52.15 -13.75
C GLU GA 78 -29.44 -53.29 -13.98
N ASP GA 79 -30.33 -53.56 -13.02
CA ASP GA 79 -31.38 -54.58 -13.24
C ASP GA 79 -32.74 -54.06 -12.77
N GLY GA 80 -33.52 -53.44 -13.67
CA GLY GA 80 -34.87 -52.96 -13.31
C GLY GA 80 -35.96 -53.79 -13.95
N THR GA 81 -35.64 -55.03 -14.30
CA THR GA 81 -36.62 -55.91 -15.01
C THR GA 81 -37.71 -56.37 -14.03
N THR GA 82 -37.51 -56.16 -12.72
CA THR GA 82 -38.48 -56.69 -11.71
C THR GA 82 -39.86 -56.06 -11.96
N VAL GA 83 -39.92 -54.78 -12.33
CA VAL GA 83 -41.23 -54.09 -12.52
C VAL GA 83 -41.95 -54.74 -13.70
N THR GA 84 -41.21 -55.13 -14.74
CA THR GA 84 -41.82 -55.76 -15.94
C THR GA 84 -42.40 -57.12 -15.56
N GLU GA 85 -43.48 -57.54 -16.22
CA GLU GA 85 -44.10 -58.85 -15.95
C GLU GA 85 -43.54 -59.91 -16.90
N ASP GA 86 -43.44 -59.58 -18.20
CA ASP GA 86 -42.93 -60.55 -19.21
C ASP GA 86 -42.10 -59.83 -20.28
N GLY GA 87 -41.26 -60.59 -21.01
CA GLY GA 87 -40.38 -60.01 -22.04
C GLY GA 87 -39.01 -60.66 -22.00
N ALA GA 88 -38.04 -60.12 -22.75
CA ALA GA 88 -36.64 -60.64 -22.67
C ALA GA 88 -35.70 -59.52 -22.22
N VAL GA 89 -34.85 -59.78 -21.22
CA VAL GA 89 -33.87 -58.76 -20.74
C VAL GA 89 -32.43 -59.25 -20.92
N VAL GA 90 -31.55 -58.41 -21.45
CA VAL GA 90 -30.12 -58.77 -21.64
C VAL GA 90 -29.23 -57.74 -20.90
N GLN GA 91 -28.53 -58.19 -19.86
CA GLN GA 91 -27.61 -57.29 -19.11
C GLN GA 91 -26.47 -56.85 -20.03
N ILE GA 92 -26.08 -55.57 -20.00
CA ILE GA 92 -24.90 -55.12 -20.78
C ILE GA 92 -23.81 -54.74 -19.76
N LYS GA 93 -22.65 -55.39 -19.81
CA LYS GA 93 -21.62 -55.15 -18.76
C LYS GA 93 -20.40 -54.45 -19.36
N ASN GA 94 -20.23 -54.48 -20.69
CA ASN GA 94 -19.00 -53.93 -21.29
C ASN GA 94 -19.35 -53.23 -22.62
N TYR GA 95 -18.53 -52.27 -23.04
CA TYR GA 95 -18.76 -51.61 -24.36
C TYR GA 95 -18.67 -52.69 -25.44
N LYS GA 96 -17.71 -53.61 -25.28
CA LYS GA 96 -17.55 -54.70 -26.26
C LYS GA 96 -18.85 -55.52 -26.31
N HIS GA 97 -19.44 -55.78 -25.15
CA HIS GA 97 -20.70 -56.57 -25.11
C HIS GA 97 -21.79 -55.76 -25.83
N PHE GA 98 -21.78 -54.44 -25.63
CA PHE GA 98 -22.81 -53.58 -26.25
C PHE GA 98 -22.68 -53.65 -27.77
N SER GA 99 -21.46 -53.55 -28.27
CA SER GA 99 -21.24 -53.57 -29.75
C SER GA 99 -21.77 -54.89 -30.30
N ALA GA 100 -21.44 -56.01 -29.65
CA ALA GA 100 -21.86 -57.33 -30.16
C ALA GA 100 -23.39 -57.42 -30.24
N VAL GA 101 -24.11 -57.05 -29.18
CA VAL GA 101 -25.59 -57.25 -29.20
C VAL GA 101 -26.20 -56.41 -30.33
N ILE GA 102 -25.73 -55.16 -30.50
CA ILE GA 102 -26.29 -54.28 -31.56
C ILE GA 102 -26.01 -54.89 -32.93
N LYS GA 103 -24.79 -55.38 -33.16
CA LYS GA 103 -24.42 -55.94 -34.48
C LYS GA 103 -25.26 -57.19 -34.76
N MET GA 104 -25.50 -58.01 -33.74
CA MET GA 104 -26.23 -59.28 -33.97
C MET GA 104 -27.72 -59.09 -33.67
N LEU GA 105 -28.16 -57.85 -33.45
CA LEU GA 105 -29.57 -57.61 -33.06
C LEU GA 105 -30.52 -58.16 -34.12
N PRO GA 106 -30.29 -58.01 -35.45
CA PRO GA 106 -31.17 -58.61 -36.44
C PRO GA 106 -31.37 -60.10 -36.12
N LYS GA 107 -30.28 -60.85 -35.99
CA LYS GA 107 -30.37 -62.31 -35.77
C LYS GA 107 -31.17 -62.58 -34.50
N ILE GA 108 -30.92 -61.81 -33.44
CA ILE GA 108 -31.60 -62.05 -32.14
C ILE GA 108 -33.11 -61.91 -32.33
N ILE GA 109 -33.56 -60.77 -32.85
CA ILE GA 109 -35.02 -60.53 -32.98
C ILE GA 109 -35.67 -61.75 -33.63
N GLU GA 110 -35.02 -62.29 -34.68
CA GLU GA 110 -35.62 -63.43 -35.42
C GLU GA 110 -35.81 -64.61 -34.47
N GLN GA 111 -34.84 -64.86 -33.58
CA GLN GA 111 -34.92 -66.06 -32.72
C GLN GA 111 -36.01 -65.90 -31.65
N LEU GA 112 -35.98 -64.81 -30.88
CA LEU GA 112 -37.06 -64.60 -29.88
C LEU GA 112 -38.43 -64.74 -30.56
N ARG GA 113 -38.61 -64.15 -31.75
CA ARG GA 113 -39.91 -64.31 -32.46
C ARG GA 113 -40.13 -65.79 -32.81
N GLU GA 114 -39.06 -66.50 -33.20
CA GLU GA 114 -39.16 -67.94 -33.53
C GLU GA 114 -39.56 -68.71 -32.27
N ASN GA 115 -39.00 -68.34 -31.11
CA ASN GA 115 -39.35 -68.98 -29.81
C ASN GA 115 -40.80 -68.63 -29.50
N GLY GA 116 -41.34 -67.59 -30.15
CA GLY GA 116 -42.73 -67.15 -29.89
C GLY GA 116 -42.78 -65.95 -28.97
N LYS GA 117 -41.64 -65.54 -28.41
CA LYS GA 117 -41.60 -64.31 -27.60
C LYS GA 117 -41.91 -63.14 -28.54
N GLN GA 118 -42.70 -62.16 -28.10
CA GLN GA 118 -43.09 -61.03 -28.98
C GLN GA 118 -42.20 -59.82 -28.68
N ILE GA 119 -41.36 -59.41 -29.63
CA ILE GA 119 -40.55 -58.18 -29.38
C ILE GA 119 -40.99 -57.11 -30.37
N ASP GA 120 -41.52 -55.99 -29.87
CA ASP GA 120 -41.96 -54.87 -30.75
C ASP GA 120 -41.12 -53.63 -30.43
N VAL GA 121 -40.43 -53.62 -29.29
CA VAL GA 121 -39.65 -52.42 -28.89
C VAL GA 121 -38.30 -52.83 -28.28
N VAL GA 122 -37.22 -52.15 -28.69
CA VAL GA 122 -35.87 -52.40 -28.13
C VAL GA 122 -35.55 -51.21 -27.23
N VAL GA 123 -35.25 -51.43 -25.96
CA VAL GA 123 -35.09 -50.29 -25.00
C VAL GA 123 -33.66 -50.25 -24.45
N ILE GA 124 -33.03 -49.08 -24.47
CA ILE GA 124 -31.70 -48.94 -23.80
C ILE GA 124 -32.02 -48.22 -22.49
N GLU GA 125 -31.75 -48.85 -21.35
CA GLU GA 125 -32.18 -48.29 -20.03
C GLU GA 125 -31.60 -46.91 -19.73
N THR GA 126 -30.33 -46.65 -20.01
CA THR GA 126 -29.74 -45.35 -19.57
C THR GA 126 -28.79 -44.72 -20.59
N ILE GA 127 -29.08 -43.49 -21.03
CA ILE GA 127 -28.17 -42.79 -21.98
C ILE GA 127 -26.90 -42.38 -21.24
N GLN GA 128 -26.99 -42.09 -19.93
CA GLN GA 128 -25.78 -41.63 -19.20
C GLN GA 128 -24.78 -42.78 -19.12
N LYS GA 129 -25.25 -44.01 -18.96
CA LYS GA 129 -24.34 -45.19 -18.98
C LYS GA 129 -23.69 -45.34 -20.36
N LEU GA 130 -24.43 -45.07 -21.44
CA LEU GA 130 -23.80 -45.11 -22.79
C LEU GA 130 -22.67 -44.10 -22.82
N ARG GA 131 -22.88 -42.92 -22.24
CA ARG GA 131 -21.76 -41.93 -22.17
C ARG GA 131 -20.60 -42.54 -21.40
N ASP GA 132 -20.89 -43.19 -20.26
CA ASP GA 132 -19.79 -43.73 -19.40
C ASP GA 132 -19.04 -44.82 -20.15
N ILE GA 133 -19.74 -45.74 -20.82
CA ILE GA 133 -19.05 -46.90 -21.46
C ILE GA 133 -18.24 -46.40 -22.67
N THR GA 134 -18.86 -45.60 -23.54
CA THR GA 134 -18.15 -45.11 -24.75
C THR GA 134 -16.90 -44.36 -24.30
N MET GA 135 -17.00 -43.65 -23.17
CA MET GA 135 -15.85 -42.85 -22.70
C MET GA 135 -14.71 -43.80 -22.32
N ASP GA 136 -15.04 -44.92 -21.68
CA ASP GA 136 -13.98 -45.90 -21.28
C ASP GA 136 -13.32 -46.47 -22.54
N ASP GA 137 -14.13 -46.74 -23.57
CA ASP GA 137 -13.59 -47.34 -24.82
C ASP GA 137 -12.61 -46.35 -25.46
N ILE GA 138 -12.94 -45.06 -25.45
CA ILE GA 138 -12.08 -44.04 -26.11
C ILE GA 138 -10.95 -43.64 -25.15
N MET GA 139 -11.11 -43.91 -23.86
CA MET GA 139 -10.00 -43.62 -22.92
C MET GA 139 -9.20 -44.90 -22.68
N THR GA 147 -10.75 -34.91 -23.35
CA THR GA 147 -10.65 -33.63 -24.05
C THR GA 147 -11.85 -33.45 -24.96
N PHE GA 148 -11.97 -32.27 -25.55
CA PHE GA 148 -13.11 -32.00 -26.47
C PHE GA 148 -13.00 -32.98 -27.64
N ASN GA 149 -11.77 -33.37 -28.00
CA ASN GA 149 -11.59 -34.39 -29.06
C ASN GA 149 -12.25 -35.68 -28.57
N ASP GA 150 -12.03 -36.03 -27.30
CA ASP GA 150 -12.64 -37.25 -26.73
C ASP GA 150 -14.16 -37.08 -26.73
N TRP GA 151 -14.66 -35.91 -26.34
CA TRP GA 151 -16.13 -35.68 -26.27
C TRP GA 151 -16.73 -35.79 -27.68
N GLY GA 152 -16.05 -35.23 -28.69
CA GLY GA 152 -16.56 -35.28 -30.06
C GLY GA 152 -16.63 -36.72 -30.56
N GLU GA 153 -15.62 -37.51 -30.19
CA GLU GA 153 -15.60 -38.95 -30.57
C GLU GA 153 -16.77 -39.64 -29.86
N CYS GA 154 -17.02 -39.28 -28.61
CA CYS GA 154 -18.15 -39.89 -27.85
C CYS GA 154 -19.45 -39.56 -28.57
N ALA GA 155 -19.59 -38.31 -29.02
CA ALA GA 155 -20.80 -37.90 -29.77
C ALA GA 155 -20.87 -38.72 -31.06
N THR GA 156 -19.71 -38.90 -31.71
CA THR GA 156 -19.68 -39.64 -33.00
C THR GA 156 -20.18 -41.08 -32.77
N ARG GA 157 -19.74 -41.70 -31.67
CA ARG GA 157 -20.20 -43.08 -31.38
C ARG GA 157 -21.72 -43.07 -31.20
N ILE GA 158 -22.25 -42.09 -30.45
CA ILE GA 158 -23.71 -42.07 -30.15
C ILE GA 158 -24.48 -41.87 -31.46
N VAL GA 159 -24.05 -40.94 -32.31
CA VAL GA 159 -24.81 -40.64 -33.56
C VAL GA 159 -24.76 -41.89 -34.45
N SER GA 160 -23.61 -42.57 -34.50
CA SER GA 160 -23.47 -43.76 -35.38
C SER GA 160 -24.45 -44.84 -34.94
N ILE GA 161 -24.59 -45.04 -33.62
CA ILE GA 161 -25.48 -46.11 -33.11
C ILE GA 161 -26.89 -45.88 -33.64
N TYR GA 162 -27.42 -44.66 -33.47
CA TYR GA 162 -28.81 -44.38 -33.88
C TYR GA 162 -28.98 -44.68 -35.38
N ARG GA 163 -28.03 -44.25 -36.19
CA ARG GA 163 -28.15 -44.47 -37.65
C ARG GA 163 -28.22 -45.98 -37.92
N TYR GA 164 -27.34 -46.75 -37.28
CA TYR GA 164 -27.35 -48.22 -37.48
C TYR GA 164 -28.71 -48.76 -37.05
N ILE GA 165 -29.15 -48.43 -35.83
CA ILE GA 165 -30.43 -49.00 -35.32
C ILE GA 165 -31.56 -48.62 -36.27
N SER GA 166 -31.59 -47.38 -36.76
CA SER GA 166 -32.71 -46.91 -37.62
C SER GA 166 -32.87 -47.77 -38.87
N LYS GA 167 -31.77 -48.09 -39.57
CA LYS GA 167 -31.94 -48.84 -40.84
C LYS GA 167 -32.55 -50.20 -40.52
N LEU GA 168 -32.14 -50.80 -39.40
CA LEU GA 168 -32.77 -52.08 -38.97
C LEU GA 168 -34.20 -51.78 -38.54
N GLN GA 169 -34.43 -50.61 -37.93
CA GLN GA 169 -35.77 -50.25 -37.40
C GLN GA 169 -36.80 -50.36 -38.53
N GLU GA 170 -36.48 -49.80 -39.70
CA GLU GA 170 -37.42 -49.87 -40.85
C GLU GA 170 -37.55 -51.33 -41.30
N HIS GA 171 -36.43 -52.04 -41.33
CA HIS GA 171 -36.41 -53.47 -41.78
C HIS GA 171 -37.21 -54.38 -40.85
N TYR GA 172 -37.01 -54.28 -39.54
CA TYR GA 172 -37.60 -55.30 -38.62
C TYR GA 172 -38.82 -54.77 -37.85
N GLN GA 173 -39.33 -53.60 -38.21
CA GLN GA 173 -40.59 -53.14 -37.56
C GLN GA 173 -40.45 -53.17 -36.03
N PHE GA 174 -39.37 -52.59 -35.50
CA PHE GA 174 -39.25 -52.53 -34.01
C PHE GA 174 -39.24 -51.06 -33.59
N HIS GA 175 -40.09 -50.70 -32.62
CA HIS GA 175 -40.03 -49.32 -32.09
C HIS GA 175 -38.75 -49.20 -31.26
N LEU GA 176 -38.08 -48.06 -31.31
CA LEU GA 176 -36.89 -47.87 -30.45
C LEU GA 176 -37.28 -46.94 -29.30
N ALA GA 177 -36.76 -47.19 -28.10
CA ALA GA 177 -37.02 -46.30 -26.95
C ALA GA 177 -35.75 -46.14 -26.11
N ILE GA 178 -35.36 -44.91 -25.79
CA ILE GA 178 -34.20 -44.68 -24.90
C ILE GA 178 -34.67 -43.88 -23.69
N SER GA 179 -34.14 -44.15 -22.50
CA SER GA 179 -34.61 -43.45 -21.27
C SER GA 179 -33.41 -42.90 -20.50
N GLY GA 180 -33.57 -41.76 -19.82
CA GLY GA 180 -32.46 -41.13 -19.07
C GLY GA 180 -32.95 -40.50 -17.78
N HIS GA 181 -32.07 -39.81 -17.04
CA HIS GA 181 -32.46 -39.25 -15.72
C HIS GA 181 -32.47 -37.72 -15.74
N GLU GA 182 -33.54 -37.12 -15.22
CA GLU GA 182 -33.66 -35.64 -15.16
C GLU GA 182 -32.52 -35.03 -14.33
N GLY GA 183 -31.84 -34.01 -14.87
CA GLY GA 183 -30.78 -33.31 -14.12
C GLY GA 183 -30.36 -32.03 -14.81
N THR GA 200 -34.71 -30.83 -18.25
CA THR GA 200 -34.35 -31.56 -19.48
C THR GA 200 -33.58 -32.84 -19.12
N ILE GA 201 -33.44 -33.77 -20.07
CA ILE GA 201 -32.64 -34.99 -19.80
C ILE GA 201 -31.20 -34.56 -19.50
N GLU GA 202 -30.57 -35.16 -18.49
CA GLU GA 202 -29.21 -34.71 -18.09
C GLU GA 202 -28.16 -35.31 -19.02
N ALA GA 203 -27.25 -34.48 -19.55
CA ALA GA 203 -26.16 -34.95 -20.45
C ALA GA 203 -25.41 -33.73 -20.98
N GLN GA 204 -24.48 -33.93 -21.92
CA GLN GA 204 -23.80 -32.76 -22.55
C GLN GA 204 -24.56 -32.42 -23.84
N ASP GA 205 -24.74 -31.13 -24.13
CA ASP GA 205 -25.57 -30.72 -25.29
C ASP GA 205 -25.30 -31.52 -26.57
N GLN GA 206 -24.04 -31.76 -26.92
CA GLN GA 206 -23.76 -32.38 -28.24
C GLN GA 206 -24.61 -33.66 -28.32
N ILE GA 207 -24.70 -34.38 -27.20
CA ILE GA 207 -25.53 -35.61 -27.15
C ILE GA 207 -27.00 -35.18 -27.16
N LYS GA 208 -27.38 -34.32 -26.22
CA LYS GA 208 -28.80 -33.88 -26.13
C LYS GA 208 -29.27 -33.44 -27.53
N LYS GA 209 -28.51 -32.57 -28.20
CA LYS GA 209 -28.95 -32.07 -29.53
C LYS GA 209 -29.27 -33.27 -30.42
N ALA GA 210 -28.34 -34.22 -30.54
CA ALA GA 210 -28.56 -35.35 -31.43
C ALA GA 210 -29.78 -36.16 -31.02
N VAL GA 211 -29.90 -36.45 -29.72
CA VAL GA 211 -31.04 -37.27 -29.22
C VAL GA 211 -32.35 -36.55 -29.55
N ILE GA 212 -32.47 -35.29 -29.12
CA ILE GA 212 -33.76 -34.57 -29.30
C ILE GA 212 -34.07 -34.52 -30.80
N SER GA 213 -33.10 -34.13 -31.64
CA SER GA 213 -33.40 -33.97 -33.08
C SER GA 213 -33.96 -35.28 -33.65
N GLN GA 214 -33.23 -36.38 -33.48
CA GLN GA 214 -33.64 -37.70 -34.03
C GLN GA 214 -34.94 -38.21 -33.40
N SER GA 215 -35.13 -38.04 -32.09
CA SER GA 215 -36.31 -38.65 -31.41
C SER GA 215 -37.62 -38.10 -31.96
N ASP GA 216 -38.56 -38.99 -32.32
CA ASP GA 216 -39.90 -38.53 -32.77
C ASP GA 216 -40.63 -37.92 -31.58
N VAL GA 217 -40.84 -38.71 -30.51
CA VAL GA 217 -41.62 -38.23 -29.34
C VAL GA 217 -40.70 -38.08 -28.13
N LEU GA 218 -40.63 -36.88 -27.54
CA LEU GA 218 -39.85 -36.73 -26.29
C LEU GA 218 -40.86 -36.38 -25.20
N ALA GA 219 -40.85 -37.10 -24.10
CA ALA GA 219 -41.87 -36.89 -23.04
C ALA GA 219 -41.23 -36.90 -21.66
N ARG GA 220 -41.84 -36.22 -20.70
CA ARG GA 220 -41.33 -36.19 -19.30
C ARG GA 220 -42.39 -36.86 -18.43
N MET GA 221 -42.00 -37.83 -17.60
CA MET GA 221 -42.99 -38.63 -16.83
C MET GA 221 -42.93 -38.19 -15.36
N THR GA 222 -44.06 -37.73 -14.80
CA THR GA 222 -44.08 -37.24 -13.40
C THR GA 222 -45.32 -37.78 -12.67
N ILE GA 223 -45.25 -37.90 -11.34
CA ILE GA 223 -46.40 -38.42 -10.53
C ILE GA 223 -47.14 -37.22 -9.95
N GLU GA 224 -48.46 -37.15 -10.17
CA GLU GA 224 -49.26 -35.99 -9.69
C GLU GA 224 -50.38 -36.51 -8.78
N THR GA 233 -55.80 -39.47 -4.70
CA THR GA 233 -54.63 -40.38 -4.61
C THR GA 233 -53.56 -39.95 -5.62
N TYR GA 234 -52.33 -40.41 -5.44
CA TYR GA 234 -51.24 -40.11 -6.41
C TYR GA 234 -51.56 -40.75 -7.76
N GLN GA 235 -51.25 -40.06 -8.85
CA GLN GA 235 -51.52 -40.60 -10.21
C GLN GA 235 -50.24 -40.53 -11.03
N TYR GA 236 -49.98 -41.54 -11.88
CA TYR GA 236 -48.79 -41.52 -12.76
C TYR GA 236 -49.21 -41.06 -14.16
N VAL GA 237 -48.72 -39.91 -14.61
CA VAL GA 237 -49.18 -39.35 -15.91
C VAL GA 237 -47.99 -38.84 -16.71
N LEU GA 238 -47.98 -39.10 -18.02
CA LEU GA 238 -46.88 -38.63 -18.90
C LEU GA 238 -47.35 -37.33 -19.57
N ASN GA 239 -46.64 -36.22 -19.35
CA ASN GA 239 -47.10 -34.91 -19.90
C ASN GA 239 -46.17 -34.45 -21.02
N ALA GA 240 -46.69 -34.41 -22.26
CA ALA GA 240 -45.88 -33.91 -23.39
C ALA GA 240 -46.39 -32.54 -23.85
N GLU GA 241 -47.30 -31.94 -23.07
CA GLU GA 241 -47.85 -30.61 -23.42
C GLU GA 241 -46.70 -29.59 -23.48
N PRO GA 242 -46.67 -28.64 -24.43
CA PRO GA 242 -45.56 -27.71 -24.57
C PRO GA 242 -45.43 -26.88 -23.27
N SER GA 243 -44.19 -26.50 -22.92
CA SER GA 243 -43.98 -25.73 -21.66
C SER GA 243 -42.57 -25.13 -21.63
N ASN GA 244 -42.44 -23.88 -21.19
CA ASN GA 244 -41.09 -23.29 -21.04
C ASN GA 244 -40.27 -24.03 -19.99
N LEU GA 245 -40.89 -24.43 -18.87
CA LEU GA 245 -40.14 -25.08 -17.75
C LEU GA 245 -39.50 -26.40 -18.17
N PHE GA 246 -40.21 -27.22 -18.95
CA PHE GA 246 -39.70 -28.57 -19.34
C PHE GA 246 -39.89 -28.71 -20.85
N GLU GA 247 -39.05 -29.47 -21.55
CA GLU GA 247 -39.25 -29.46 -23.03
C GLU GA 247 -39.82 -30.81 -23.49
N THR GA 248 -40.94 -30.76 -24.20
CA THR GA 248 -41.59 -32.00 -24.71
C THR GA 248 -42.01 -31.75 -26.16
N LYS GA 249 -42.08 -32.81 -26.98
CA LYS GA 249 -42.58 -32.64 -28.36
C LYS GA 249 -43.19 -33.94 -28.87
N ILE GA 250 -44.44 -33.91 -29.33
CA ILE GA 250 -45.03 -35.15 -29.93
C ILE GA 250 -45.25 -34.85 -31.41
N ARG GA 251 -44.87 -35.78 -32.30
CA ARG GA 251 -45.00 -35.49 -33.76
C ARG GA 251 -46.28 -36.16 -34.29
N HIS GA 252 -47.20 -35.36 -34.82
CA HIS GA 252 -48.45 -35.90 -35.43
C HIS GA 252 -48.72 -35.12 -36.72
N SER GA 253 -49.41 -35.74 -37.68
CA SER GA 253 -49.69 -35.07 -38.97
C SER GA 253 -50.73 -33.97 -38.78
N SER GA 254 -50.78 -32.99 -39.68
CA SER GA 254 -51.70 -31.83 -39.52
C SER GA 254 -53.12 -32.31 -39.20
N ASN GA 255 -53.64 -33.28 -39.95
CA ASN GA 255 -55.05 -33.72 -39.75
C ASN GA 255 -55.22 -34.27 -38.33
N ILE GA 256 -54.25 -35.06 -37.85
CA ILE GA 256 -54.34 -35.67 -36.49
C ILE GA 256 -54.27 -34.55 -35.46
N LYS GA 257 -55.15 -34.58 -34.46
CA LYS GA 257 -55.11 -33.56 -33.38
C LYS GA 257 -55.06 -34.28 -32.03
N ILE GA 258 -54.15 -33.88 -31.14
CA ILE GA 258 -54.11 -34.50 -29.79
C ILE GA 258 -54.95 -33.61 -28.86
N ASN GA 259 -56.17 -34.03 -28.55
CA ASN GA 259 -57.04 -33.26 -27.62
C ASN GA 259 -56.39 -33.27 -26.23
N ASN GA 260 -55.78 -34.38 -25.83
CA ASN GA 260 -55.16 -34.48 -24.47
C ASN GA 260 -53.72 -34.97 -24.61
N LYS GA 261 -52.74 -34.13 -24.24
CA LYS GA 261 -51.31 -34.50 -24.36
C LYS GA 261 -50.80 -35.13 -23.05
N ARG GA 262 -51.65 -35.26 -22.04
CA ARG GA 262 -51.22 -35.95 -20.79
C ARG GA 262 -51.88 -37.34 -20.75
N PHE GA 263 -51.07 -38.39 -20.59
CA PHE GA 263 -51.62 -39.77 -20.58
C PHE GA 263 -51.42 -40.38 -19.19
N ILE GA 264 -52.51 -40.81 -18.54
CA ILE GA 264 -52.40 -41.45 -17.19
C ILE GA 264 -52.24 -42.96 -17.41
N ASN GA 265 -51.47 -43.64 -16.56
CA ASN GA 265 -51.19 -45.09 -16.80
C ASN GA 265 -50.82 -45.29 -18.27
N PRO GA 266 -49.78 -44.61 -18.80
CA PRO GA 266 -49.44 -44.72 -20.23
C PRO GA 266 -48.73 -46.00 -20.68
N SER GA 267 -48.89 -46.37 -21.95
CA SER GA 267 -48.18 -47.54 -22.52
C SER GA 267 -47.70 -47.16 -23.92
N ILE GA 268 -46.76 -47.89 -24.51
CA ILE GA 268 -46.23 -47.42 -25.83
C ILE GA 268 -47.39 -47.50 -26.84
N ASN GA 269 -48.20 -48.55 -26.78
CA ASN GA 269 -49.36 -48.69 -27.70
C ASN GA 269 -50.22 -47.42 -27.67
N ASP GA 270 -50.70 -47.01 -26.48
CA ASP GA 270 -51.57 -45.86 -26.39
C ASP GA 270 -51.00 -44.64 -27.10
N VAL GA 271 -49.70 -44.39 -26.88
CA VAL GA 271 -49.04 -43.24 -27.56
C VAL GA 271 -49.09 -43.47 -29.07
N VAL GA 272 -48.72 -44.68 -29.52
CA VAL GA 272 -48.72 -45.00 -30.97
C VAL GA 272 -50.12 -44.72 -31.54
N GLN GA 273 -51.17 -45.21 -30.88
CA GLN GA 273 -52.53 -45.02 -31.38
C GLN GA 273 -52.91 -43.54 -31.41
N ALA GA 274 -52.50 -42.79 -30.38
CA ALA GA 274 -52.77 -41.36 -30.35
C ALA GA 274 -52.09 -40.64 -31.50
N ILE GA 275 -50.88 -41.08 -31.87
CA ILE GA 275 -50.10 -40.36 -32.92
C ILE GA 275 -50.49 -40.84 -34.32
N ARG GA 276 -51.09 -42.03 -34.47
CA ARG GA 276 -51.59 -42.45 -35.76
C ARG GA 276 -53.06 -42.10 -35.96
N ASN GA 277 -53.91 -42.44 -35.00
CA ASN GA 277 -55.34 -42.17 -35.08
C ASN GA 277 -55.72 -40.99 -34.21
N GLY GA 278 -56.94 -40.51 -34.39
CA GLY GA 278 -57.43 -39.38 -33.63
C GLY GA 278 -57.43 -39.58 -32.13
N ASN GA 279 -56.92 -38.59 -31.40
CA ASN GA 279 -56.83 -38.70 -29.91
C ASN GA 279 -58.23 -38.98 -29.34
N MET HA 1 -1.71 -76.54 -73.25
CA MET HA 1 -2.30 -76.90 -71.97
C MET HA 1 -1.46 -77.96 -71.26
N ILE HA 2 -1.14 -77.72 -69.99
CA ILE HA 2 -0.38 -78.71 -69.17
C ILE HA 2 -0.67 -78.45 -67.69
N ARG HA 3 -0.92 -79.50 -66.90
CA ARG HA 3 -1.13 -79.32 -65.44
C ARG HA 3 -0.48 -80.44 -64.66
N ASN HA 4 -0.08 -80.18 -63.40
CA ASN HA 4 0.47 -81.24 -62.52
C ASN HA 4 -0.68 -82.14 -62.07
N ARG HA 5 -0.41 -83.42 -61.83
CA ARG HA 5 -1.48 -84.38 -61.45
C ARG HA 5 -1.29 -84.74 -59.98
N LEU HA 6 -0.55 -83.93 -59.22
CA LEU HA 6 -0.24 -84.29 -57.81
C LEU HA 6 -1.51 -84.45 -56.99
N SER HA 7 -2.50 -83.56 -57.17
CA SER HA 7 -3.70 -83.60 -56.31
C SER HA 7 -4.42 -84.95 -56.48
N GLU HA 8 -4.52 -85.42 -57.72
CA GLU HA 8 -5.25 -86.70 -57.98
C GLU HA 8 -4.43 -87.87 -57.45
N LEU HA 9 -3.13 -87.90 -57.73
CA LEU HA 9 -2.28 -89.06 -57.31
C LEU HA 9 -2.34 -89.21 -55.79
N LEU HA 10 -2.14 -88.11 -55.05
CA LEU HA 10 -2.14 -88.17 -53.57
C LEU HA 10 -3.50 -88.69 -53.08
N SER HA 11 -4.59 -88.27 -53.72
CA SER HA 11 -5.94 -88.69 -53.26
C SER HA 11 -6.10 -90.20 -53.40
N GLU HA 12 -5.68 -90.77 -54.53
CA GLU HA 12 -5.84 -92.23 -54.77
C GLU HA 12 -5.02 -93.00 -53.74
N ARG HA 13 -3.77 -92.59 -53.50
CA ARG HA 13 -2.90 -93.28 -52.52
C ARG HA 13 -3.37 -92.95 -51.10
N GLY HA 14 -4.11 -91.86 -50.93
CA GLY HA 14 -4.67 -91.51 -49.61
C GLY HA 14 -3.70 -90.76 -48.71
N LEU HA 15 -2.47 -90.51 -49.17
CA LEU HA 15 -1.51 -89.71 -48.36
C LEU HA 15 -2.01 -88.28 -48.17
N LYS HA 16 -1.83 -87.72 -46.98
CA LYS HA 16 -2.25 -86.32 -46.71
C LYS HA 16 -1.11 -85.38 -47.12
N ILE HA 17 -1.44 -84.10 -47.39
CA ILE HA 17 -0.42 -83.13 -47.86
C ILE HA 17 0.64 -82.97 -46.75
N SER HA 18 0.21 -82.96 -45.49
CA SER HA 18 1.17 -82.70 -44.39
C SER HA 18 2.25 -83.78 -44.35
N ARG HA 19 1.86 -85.06 -44.46
CA ARG HA 19 2.87 -86.13 -44.33
C ARG HA 19 3.85 -86.04 -45.50
N VAL HA 20 3.34 -85.80 -46.71
CA VAL HA 20 4.24 -85.79 -47.90
C VAL HA 20 5.24 -84.65 -47.72
N ALA HA 21 4.78 -83.49 -47.25
CA ALA HA 21 5.68 -82.33 -47.10
C ALA HA 21 6.78 -82.66 -46.09
N LYS HA 22 6.41 -83.33 -44.98
CA LYS HA 22 7.40 -83.66 -43.92
C LYS HA 22 8.46 -84.60 -44.49
N ASP HA 23 8.06 -85.58 -45.30
CA ASP HA 23 9.02 -86.58 -45.81
C ASP HA 23 9.89 -85.98 -46.92
N VAL HA 24 9.27 -85.47 -47.99
CA VAL HA 24 10.07 -84.99 -49.17
C VAL HA 24 10.81 -83.70 -48.78
N LYS HA 25 10.64 -83.24 -47.55
CA LYS HA 25 11.36 -82.02 -47.07
C LYS HA 25 11.02 -80.82 -47.97
N ILE HA 26 9.77 -80.74 -48.43
CA ILE HA 26 9.32 -79.55 -49.21
C ILE HA 26 8.33 -78.78 -48.34
N ALA HA 27 8.46 -77.45 -48.27
CA ALA HA 27 7.61 -76.65 -47.36
C ALA HA 27 6.13 -76.83 -47.73
N ARG HA 28 5.27 -77.02 -46.73
CA ARG HA 28 3.82 -77.27 -46.96
C ARG HA 28 3.22 -76.22 -47.91
N SER HA 29 3.54 -74.95 -47.70
CA SER HA 29 2.87 -73.90 -48.51
C SER HA 29 3.16 -74.12 -50.00
N SER HA 30 4.42 -74.39 -50.34
CA SER HA 30 4.78 -74.59 -51.76
C SER HA 30 4.06 -75.83 -52.30
N LEU HA 31 4.05 -76.92 -51.54
CA LEU HA 31 3.45 -78.19 -52.03
C LEU HA 31 1.94 -77.99 -52.24
N THR HA 32 1.29 -77.22 -51.36
CA THR HA 32 -0.16 -76.96 -51.50
C THR HA 32 -0.42 -76.14 -52.76
N SER HA 33 0.37 -75.08 -52.96
CA SER HA 33 0.22 -74.24 -54.18
C SER HA 33 0.41 -75.13 -55.41
N MET HA 34 1.46 -75.96 -55.40
CA MET HA 34 1.75 -76.86 -56.55
C MET HA 34 0.67 -77.95 -56.64
N ALA HA 35 0.04 -78.32 -55.53
CA ALA HA 35 -1.07 -79.29 -55.61
C ALA HA 35 -2.14 -78.65 -56.51
N GLN HA 36 -2.40 -77.37 -56.32
CA GLN HA 36 -3.30 -76.63 -57.24
C GLN HA 36 -2.44 -76.26 -58.44
N ASN HA 37 -3.01 -75.76 -59.53
CA ASN HA 37 -2.12 -75.48 -60.69
C ASN HA 37 -1.72 -74.00 -60.62
N ASP HA 38 -1.88 -73.37 -59.44
CA ASP HA 38 -1.62 -71.92 -59.28
C ASP HA 38 -0.16 -71.57 -59.61
N SER HA 39 0.82 -72.35 -59.14
CA SER HA 39 2.24 -71.97 -59.35
C SER HA 39 2.56 -71.85 -60.85
N GLU HA 40 3.54 -71.03 -61.21
CA GLU HA 40 3.92 -70.87 -62.64
C GLU HA 40 5.16 -71.72 -62.96
N MET HA 41 6.08 -71.86 -62.01
CA MET HA 41 7.33 -72.62 -62.26
C MET HA 41 7.50 -73.75 -61.24
N ILE HA 42 8.13 -74.86 -61.64
CA ILE HA 42 8.39 -76.00 -60.71
C ILE HA 42 9.89 -76.33 -60.72
N ARG HA 43 10.48 -76.53 -59.54
CA ARG HA 43 11.94 -76.77 -59.46
C ARG HA 43 12.25 -78.23 -59.80
N TYR HA 44 13.29 -78.48 -60.61
CA TYR HA 44 13.62 -79.87 -61.00
C TYR HA 44 13.68 -80.75 -59.75
N ASP HA 45 14.20 -80.22 -58.64
CA ASP HA 45 14.35 -81.05 -57.42
C ASP HA 45 12.98 -81.59 -57.01
N ALA HA 46 11.94 -80.76 -57.08
CA ALA HA 46 10.59 -81.19 -56.64
C ALA HA 46 10.10 -82.34 -57.54
N ILE HA 47 10.37 -82.27 -58.84
CA ILE HA 47 9.86 -83.31 -59.77
C ILE HA 47 10.47 -84.66 -59.38
N ASP HA 48 11.76 -84.68 -59.00
CA ASP HA 48 12.41 -85.99 -58.73
C ASP HA 48 12.03 -86.50 -57.33
N LYS HA 49 12.08 -85.64 -56.31
CA LYS HA 49 11.78 -86.12 -54.94
C LYS HA 49 10.40 -86.78 -54.94
N LEU HA 50 9.39 -86.08 -55.47
CA LEU HA 50 8.00 -86.62 -55.47
C LEU HA 50 7.94 -87.90 -56.32
N CYS HA 51 8.59 -87.91 -57.48
CA CYS HA 51 8.50 -89.07 -58.41
C CYS HA 51 9.15 -90.30 -57.75
N SER HA 52 10.25 -90.12 -57.03
CA SER HA 52 10.85 -91.24 -56.31
C SER HA 52 9.98 -91.67 -55.13
N TYR HA 53 9.30 -90.70 -54.51
CA TYR HA 53 8.50 -91.00 -53.28
C TYR HA 53 7.23 -91.78 -53.63
N LEU HA 54 6.60 -91.47 -54.77
CA LEU HA 54 5.31 -92.13 -55.12
C LEU HA 54 5.54 -93.18 -56.21
N HIS HA 55 6.80 -93.50 -56.49
CA HIS HA 55 7.11 -94.56 -57.51
C HIS HA 55 6.33 -94.23 -58.78
N ILE HA 56 6.34 -92.96 -59.18
CA ILE HA 56 5.63 -92.53 -60.42
C ILE HA 56 6.67 -92.02 -61.41
N SER HA 57 6.55 -92.39 -62.68
CA SER HA 57 7.45 -91.87 -63.73
C SER HA 57 7.11 -90.40 -64.00
N PRO HA 58 8.01 -89.57 -64.58
CA PRO HA 58 7.73 -88.17 -64.81
C PRO HA 58 6.50 -88.05 -65.71
N SER HA 59 6.31 -89.01 -66.60
CA SER HA 59 5.15 -89.01 -67.55
C SER HA 59 3.87 -88.81 -66.76
N GLU HA 60 3.67 -89.62 -65.73
CA GLU HA 60 2.42 -89.63 -64.94
C GLU HA 60 2.20 -88.26 -64.29
N PHE HA 61 3.26 -87.63 -63.79
CA PHE HA 61 3.09 -86.36 -63.04
C PHE HA 61 2.46 -85.28 -63.93
N PHE HA 62 2.77 -85.26 -65.23
CA PHE HA 62 2.23 -84.12 -66.03
C PHE HA 62 1.22 -84.62 -67.07
N GLU HA 63 0.11 -83.89 -67.24
CA GLU HA 63 -0.88 -84.24 -68.29
C GLU HA 63 -0.75 -83.22 -69.42
N HIS HA 64 -0.65 -83.67 -70.67
CA HIS HA 64 -0.42 -82.74 -71.77
C HIS HA 64 -1.47 -82.92 -72.84
N ASN HA 65 -1.73 -81.84 -73.58
CA ASN HA 65 -2.65 -81.83 -74.70
C ASN HA 65 -2.14 -80.77 -75.66
N PRO HA 66 -2.01 -81.09 -76.96
CA PRO HA 66 -1.42 -80.12 -77.89
C PRO HA 66 -2.24 -78.87 -78.11
N ILE HA 67 -3.51 -78.86 -77.71
CA ILE HA 67 -4.35 -77.67 -77.92
C ILE HA 67 -3.82 -76.51 -77.06
N ASN HA 68 -4.15 -75.30 -77.50
CA ASN HA 68 -3.68 -74.10 -76.81
C ASN HA 68 -4.65 -72.96 -77.06
N PHE HA 69 -5.15 -72.32 -76.00
CA PHE HA 69 -6.16 -71.23 -76.17
C PHE HA 69 -5.57 -69.89 -75.75
N ASP HA 70 -6.01 -68.80 -76.39
CA ASP HA 70 -5.54 -67.44 -76.02
C ASP HA 70 -6.76 -66.52 -75.87
N PHE HA 71 -6.74 -65.62 -74.87
CA PHE HA 71 -7.88 -64.72 -74.61
C PHE HA 71 -7.37 -63.27 -74.54
N THR HA 72 -7.98 -62.36 -75.29
CA THR HA 72 -7.60 -60.93 -75.21
C THR HA 72 -8.83 -60.09 -74.88
N PHE HA 73 -8.71 -59.12 -73.97
CA PHE HA 73 -9.87 -58.31 -73.53
C PHE HA 73 -9.75 -56.90 -74.12
N ASP HA 74 -10.87 -56.31 -74.54
CA ASP HA 74 -10.82 -54.98 -75.21
C ASP HA 74 -10.19 -53.94 -74.28
N GLU HA 75 -9.28 -53.13 -74.81
CA GLU HA 75 -8.65 -52.05 -74.00
C GLU HA 75 -9.74 -51.04 -73.62
N GLU HA 76 -10.66 -50.75 -74.54
CA GLU HA 76 -11.72 -49.75 -74.27
C GLU HA 76 -13.07 -50.46 -74.14
N PRO HA 77 -13.62 -50.66 -72.92
CA PRO HA 77 -14.94 -51.26 -72.75
C PRO HA 77 -16.01 -50.18 -72.66
N ASN HA 78 -17.30 -50.54 -72.79
CA ASN HA 78 -18.38 -49.54 -72.60
C ASN HA 78 -19.01 -49.79 -71.23
N TYR HA 79 -18.88 -48.85 -70.30
CA TYR HA 79 -19.39 -49.11 -68.93
C TYR HA 79 -20.18 -47.92 -68.40
N LYS HA 80 -21.33 -48.18 -67.77
CA LYS HA 80 -22.08 -47.08 -67.10
C LYS HA 80 -22.41 -47.52 -65.68
N ILE HA 81 -21.94 -46.78 -64.67
CA ILE HA 81 -22.19 -47.17 -63.25
C ILE HA 81 -22.89 -46.01 -62.54
N ASN HA 82 -24.00 -46.29 -61.85
CA ASN HA 82 -24.79 -45.22 -61.18
C ASN HA 82 -24.74 -45.43 -59.66
N ASP HA 83 -24.28 -44.43 -58.90
CA ASP HA 83 -24.20 -44.54 -57.43
C ASP HA 83 -25.61 -44.67 -56.88
N VAL HA 84 -25.84 -45.58 -55.91
CA VAL HA 84 -27.21 -45.82 -55.39
C VAL HA 84 -27.39 -45.13 -54.02
N PHE HA 85 -26.30 -44.74 -53.36
CA PHE HA 85 -26.41 -44.13 -52.01
C PHE HA 85 -27.11 -45.13 -51.07
N GLU HA 86 -28.20 -44.72 -50.41
CA GLU HA 86 -29.00 -45.66 -49.58
C GLU HA 86 -28.19 -46.14 -48.36
N GLY HA 87 -27.24 -45.34 -47.88
CA GLY HA 87 -26.52 -45.67 -46.62
C GLY HA 87 -25.83 -47.01 -46.58
N PHE HA 88 -25.17 -47.42 -47.67
CA PHE HA 88 -24.37 -48.67 -47.65
C PHE HA 88 -23.51 -48.76 -46.38
N GLU HA 89 -23.06 -47.62 -45.86
CA GLU HA 89 -22.09 -47.65 -44.72
C GLU HA 89 -22.61 -48.53 -43.57
N VAL HA 90 -23.91 -48.49 -43.29
CA VAL HA 90 -24.47 -49.29 -42.17
C VAL HA 90 -24.37 -50.79 -42.50
N THR HA 91 -25.05 -51.24 -43.55
CA THR HA 91 -25.06 -52.69 -43.90
C THR HA 91 -24.20 -52.92 -45.13
N ALA HA 92 -23.28 -53.89 -45.07
CA ALA HA 92 -22.33 -54.05 -46.20
C ALA HA 92 -22.98 -54.86 -47.33
N ASN HA 93 -23.92 -54.25 -48.04
CA ASN HA 93 -24.54 -54.92 -49.21
C ASN HA 93 -24.13 -54.11 -50.44
N ILE HA 94 -23.20 -54.63 -51.25
CA ILE HA 94 -22.64 -53.85 -52.39
C ILE HA 94 -23.77 -53.18 -53.17
N THR HA 95 -24.87 -53.88 -53.40
CA THR HA 95 -25.92 -53.31 -54.29
C THR HA 95 -26.27 -51.89 -53.86
N HIS HA 96 -26.30 -51.63 -52.55
CA HIS HA 96 -26.64 -50.28 -52.02
C HIS HA 96 -25.58 -49.27 -52.44
N ALA HA 97 -24.31 -49.67 -52.43
CA ALA HA 97 -23.22 -48.73 -52.75
C ALA HA 97 -23.27 -48.28 -54.23
N PHE HA 98 -23.48 -49.21 -55.17
CA PHE HA 98 -23.45 -48.81 -56.60
C PHE HA 98 -24.27 -49.78 -57.46
N SER HA 99 -24.74 -49.31 -58.62
CA SER HA 99 -25.49 -50.19 -59.56
C SER HA 99 -24.90 -50.06 -60.97
N ILE HA 100 -24.73 -51.18 -61.67
CA ILE HA 100 -24.18 -51.16 -63.06
C ILE HA 100 -25.36 -51.02 -64.04
N GLU HA 101 -25.46 -49.89 -64.74
CA GLU HA 101 -26.54 -49.74 -65.75
C GLU HA 101 -26.27 -50.68 -66.94
N ASN HA 102 -25.05 -50.65 -67.49
CA ASN HA 102 -24.70 -51.59 -68.59
C ASN HA 102 -23.17 -51.66 -68.79
N PHE HA 103 -22.61 -52.87 -68.78
CA PHE HA 103 -21.15 -53.06 -69.00
C PHE HA 103 -20.99 -54.14 -70.08
N ASP HA 104 -20.58 -53.74 -71.28
CA ASP HA 104 -20.43 -54.70 -72.40
C ASP HA 104 -19.06 -54.54 -73.07
N PHE HA 105 -18.47 -55.63 -73.56
CA PHE HA 105 -17.13 -55.56 -74.20
C PHE HA 105 -16.91 -56.84 -75.00
N GLU HA 106 -15.73 -56.97 -75.62
CA GLU HA 106 -15.48 -58.15 -76.49
C GLU HA 106 -14.25 -58.92 -76.01
N ILE HA 107 -14.30 -60.25 -76.05
CA ILE HA 107 -13.10 -61.06 -75.71
C ILE HA 107 -12.71 -61.84 -76.96
N LEU HA 108 -11.47 -61.71 -77.43
CA LEU HA 108 -11.05 -62.38 -78.69
C LEU HA 108 -10.32 -63.68 -78.36
N VAL HA 109 -10.83 -64.82 -78.84
CA VAL HA 109 -10.21 -66.13 -78.49
C VAL HA 109 -9.62 -66.80 -79.73
N ASP HA 110 -8.37 -67.26 -79.65
CA ASP HA 110 -7.72 -67.94 -80.81
C ASP HA 110 -7.43 -69.40 -80.47
N VAL HA 111 -8.16 -70.34 -81.08
CA VAL HA 111 -7.98 -71.79 -80.76
C VAL HA 111 -6.93 -72.35 -81.71
N GLU HA 112 -5.68 -72.45 -81.25
CA GLU HA 112 -4.59 -72.91 -82.15
C GLU HA 112 -4.60 -74.43 -82.19
N LEU HA 113 -4.68 -75.03 -83.38
CA LEU HA 113 -4.76 -76.51 -83.47
C LEU HA 113 -3.38 -77.11 -83.27
N ASP HA 114 -3.26 -78.44 -83.28
CA ASP HA 114 -1.92 -79.08 -83.17
C ASP HA 114 -1.13 -78.63 -84.41
N ASN HA 115 -1.78 -78.65 -85.58
CA ASN HA 115 -1.13 -78.15 -86.81
C ASN HA 115 -0.92 -76.63 -86.66
N ARG HA 116 -0.14 -76.02 -87.54
CA ARG HA 116 0.14 -74.57 -87.44
C ARG HA 116 -1.16 -73.79 -87.62
N GLN HA 117 -2.14 -74.35 -88.31
CA GLN HA 117 -3.41 -73.61 -88.61
C GLN HA 117 -4.08 -73.19 -87.30
N LYS HA 118 -4.64 -71.98 -87.26
CA LYS HA 118 -5.35 -71.49 -86.05
C LYS HA 118 -6.75 -71.03 -86.46
N LEU HA 119 -7.71 -71.06 -85.53
CA LEU HA 119 -9.07 -70.55 -85.83
C LEU HA 119 -9.32 -69.35 -84.92
N ASN HA 120 -10.04 -68.33 -85.43
CA ASN HA 120 -10.33 -67.12 -84.61
C ASN HA 120 -11.82 -67.06 -84.29
N PHE HA 121 -12.17 -66.94 -83.00
CA PHE HA 121 -13.59 -66.76 -82.63
C PHE HA 121 -13.69 -65.48 -81.81
N ASP HA 122 -14.73 -64.67 -82.05
CA ASP HA 122 -14.87 -63.38 -81.33
C ASP HA 122 -16.11 -63.43 -80.43
N LEU HA 123 -15.94 -63.22 -79.12
CA LEU HA 123 -17.08 -63.34 -78.18
C LEU HA 123 -17.46 -61.94 -77.69
N ASP HA 124 -18.75 -61.61 -77.68
CA ASP HA 124 -19.22 -60.30 -77.13
C ASP HA 124 -19.90 -60.60 -75.80
N VAL HA 125 -19.46 -59.97 -74.71
CA VAL HA 125 -20.02 -60.32 -73.36
C VAL HA 125 -20.68 -59.09 -72.74
N SER HA 126 -21.88 -59.27 -72.16
CA SER HA 126 -22.63 -58.12 -71.58
C SER HA 126 -23.09 -58.43 -70.15
N TYR HA 127 -23.37 -57.39 -69.36
CA TYR HA 127 -23.86 -57.57 -67.97
C TYR HA 127 -25.31 -58.04 -67.98
N LYS HA 128 -25.69 -58.92 -67.06
CA LYS HA 128 -27.08 -59.43 -67.01
C LYS HA 128 -27.71 -59.10 -65.65
N GLU HA 129 -27.05 -59.49 -64.55
CA GLU HA 129 -27.64 -59.26 -63.22
C GLU HA 129 -26.56 -59.52 -62.18
N THR HA 130 -26.82 -59.09 -60.92
CA THR HA 130 -25.87 -59.37 -59.82
C THR HA 130 -26.48 -60.39 -58.86
N GLU HA 131 -26.12 -61.67 -58.99
CA GLU HA 131 -26.68 -62.74 -58.13
C GLU HA 131 -26.10 -62.63 -56.71
N LYS HA 132 -26.87 -63.04 -55.70
CA LYS HA 132 -26.40 -63.02 -54.29
C LYS HA 132 -26.06 -64.46 -53.87
N ILE HA 133 -24.79 -64.86 -53.97
CA ILE HA 133 -24.39 -66.26 -53.64
C ILE HA 133 -24.67 -66.50 -52.15
N THR HA 134 -24.32 -65.54 -51.30
CA THR HA 134 -24.58 -65.63 -49.84
C THR HA 134 -25.01 -64.25 -49.34
N ASN HA 135 -25.50 -64.13 -48.10
CA ASN HA 135 -26.01 -62.83 -47.64
C ASN HA 135 -24.90 -61.77 -47.72
N SER HA 136 -23.67 -62.14 -47.34
CA SER HA 136 -22.57 -61.13 -47.31
C SER HA 136 -21.81 -61.04 -48.64
N GLN HA 137 -22.01 -61.98 -49.57
CA GLN HA 137 -21.19 -61.95 -50.82
C GLN HA 137 -22.07 -62.09 -52.07
N HIS HA 138 -21.68 -61.41 -53.17
CA HIS HA 138 -22.44 -61.48 -54.45
C HIS HA 138 -21.49 -61.83 -55.59
N ARG HA 139 -22.05 -62.32 -56.70
CA ARG HA 139 -21.22 -62.63 -57.89
C ARG HA 139 -21.87 -61.99 -59.12
N PHE HA 140 -21.19 -61.01 -59.74
CA PHE HA 140 -21.73 -60.40 -60.97
C PHE HA 140 -21.83 -61.49 -62.04
N ILE HA 141 -22.92 -61.53 -62.79
CA ILE HA 141 -23.10 -62.58 -63.82
C ILE HA 141 -23.09 -61.93 -65.21
N PHE HA 142 -22.20 -62.38 -66.09
CA PHE HA 142 -22.11 -61.82 -67.46
C PHE HA 142 -22.46 -62.91 -68.47
N THR HA 143 -23.26 -62.58 -69.48
CA THR HA 143 -23.69 -63.60 -70.48
C THR HA 143 -23.18 -63.22 -71.87
N ILE HA 144 -22.68 -64.21 -72.62
CA ILE HA 144 -22.18 -63.95 -74.00
C ILE HA 144 -23.38 -63.60 -74.90
N LYS HA 145 -23.29 -62.50 -75.64
CA LYS HA 145 -24.43 -62.03 -76.46
C LYS HA 145 -24.57 -62.96 -77.67
N ASN HA 146 -23.53 -63.06 -78.49
CA ASN HA 146 -23.54 -63.97 -79.68
C ASN HA 146 -22.93 -65.32 -79.31
N GLU HA 147 -23.74 -66.39 -79.36
CA GLU HA 147 -23.22 -67.75 -79.10
C GLU HA 147 -23.42 -68.60 -80.36
N ASP HA 148 -24.46 -68.32 -81.15
CA ASP HA 148 -24.77 -69.15 -82.35
C ASP HA 148 -23.63 -69.08 -83.38
N GLU HA 149 -23.07 -67.88 -83.60
CA GLU HA 149 -21.93 -67.72 -84.53
C GLU HA 149 -20.71 -68.48 -83.98
N ASN HA 150 -20.58 -68.58 -82.66
CA ASN HA 150 -19.35 -69.21 -82.09
C ASN HA 150 -19.67 -70.60 -81.53
N ILE HA 151 -20.58 -71.35 -82.16
CA ILE HA 151 -20.88 -72.75 -81.71
C ILE HA 151 -19.63 -73.63 -81.88
N GLY HA 152 -18.85 -73.42 -82.93
CA GLY HA 152 -17.68 -74.28 -83.19
C GLY HA 152 -16.69 -74.23 -82.04
N LEU HA 153 -16.59 -73.10 -81.37
CA LEU HA 153 -15.61 -72.94 -80.26
C LEU HA 153 -15.93 -74.01 -79.21
N LYS HA 154 -17.23 -74.26 -78.98
CA LYS HA 154 -17.64 -75.24 -77.95
C LYS HA 154 -17.09 -76.64 -78.30
N LYS HA 155 -17.11 -77.00 -79.59
CA LYS HA 155 -16.66 -78.35 -79.99
C LYS HA 155 -15.19 -78.54 -79.61
N TYR HA 156 -14.36 -77.52 -79.80
CA TYR HA 156 -12.94 -77.61 -79.37
C TYR HA 156 -12.84 -77.70 -77.84
N VAL HA 157 -13.65 -76.95 -77.10
CA VAL HA 157 -13.51 -76.92 -75.61
C VAL HA 157 -13.80 -78.28 -74.99
N ASP HA 158 -14.92 -78.93 -75.34
CA ASP HA 158 -15.29 -80.19 -74.66
C ASP HA 158 -14.37 -81.35 -75.08
N SER HA 159 -13.54 -81.15 -76.11
CA SER HA 159 -12.63 -82.20 -76.52
C SER HA 159 -11.51 -82.43 -75.50
N LEU HA 160 -11.26 -81.44 -74.65
CA LEU HA 160 -10.19 -81.57 -73.62
C LEU HA 160 -10.63 -82.54 -72.53
N SER HA 161 -9.67 -83.04 -71.74
CA SER HA 161 -9.99 -83.93 -70.60
C SER HA 161 -10.63 -83.09 -69.50
N ALA HA 162 -11.34 -83.72 -68.57
CA ALA HA 162 -12.07 -82.95 -67.55
C ALA HA 162 -11.10 -82.09 -66.75
N GLY HA 163 -9.93 -82.65 -66.38
CA GLY HA 163 -9.00 -81.88 -65.53
C GLY HA 163 -8.52 -80.63 -66.24
N LEU HA 164 -8.16 -80.73 -67.52
CA LEU HA 164 -7.73 -79.53 -68.30
C LEU HA 164 -8.90 -78.56 -68.41
N LYS HA 165 -10.12 -79.06 -68.66
CA LYS HA 165 -11.27 -78.15 -68.88
C LYS HA 165 -11.52 -77.32 -67.61
N ASN HA 166 -11.44 -77.97 -66.44
CA ASN HA 166 -11.66 -77.23 -65.17
C ASN HA 166 -10.56 -76.17 -65.05
N LEU HA 167 -9.33 -76.49 -65.42
CA LEU HA 167 -8.23 -75.48 -65.35
C LEU HA 167 -8.57 -74.30 -66.27
N LEU HA 168 -8.97 -74.58 -67.52
CA LEU HA 168 -9.22 -73.48 -68.48
C LEU HA 168 -10.32 -72.57 -67.94
N PHE HA 169 -11.38 -73.15 -67.37
CA PHE HA 169 -12.52 -72.35 -66.87
C PHE HA 169 -12.04 -71.45 -65.73
N LYS HA 170 -11.16 -71.97 -64.86
CA LYS HA 170 -10.62 -71.10 -63.79
C LYS HA 170 -9.87 -69.93 -64.42
N LYS HA 171 -9.08 -70.19 -65.46
CA LYS HA 171 -8.25 -69.10 -66.04
C LYS HA 171 -9.16 -68.02 -66.65
N ILE HA 172 -10.19 -68.41 -67.38
CA ILE HA 172 -11.05 -67.40 -68.06
C ILE HA 172 -11.75 -66.57 -66.99
N ASN HA 173 -12.21 -67.22 -65.90
CA ASN HA 173 -12.95 -66.50 -64.84
C ASN HA 173 -11.99 -65.57 -64.08
N GLN HA 174 -10.82 -66.08 -63.66
CA GLN HA 174 -9.93 -65.22 -62.84
C GLN HA 174 -9.67 -63.92 -63.60
N LYS HA 175 -9.36 -64.00 -64.89
CA LYS HA 175 -9.07 -62.79 -65.69
C LYS HA 175 -10.31 -61.88 -65.72
N LEU HA 176 -11.48 -62.46 -66.00
CA LEU HA 176 -12.73 -61.64 -66.09
C LEU HA 176 -12.92 -60.90 -64.77
N SER HA 177 -12.79 -61.61 -63.65
CA SER HA 177 -13.06 -61.00 -62.32
C SER HA 177 -12.10 -59.84 -62.10
N GLY HA 178 -10.82 -60.03 -62.45
CA GLY HA 178 -9.85 -58.93 -62.30
C GLY HA 178 -10.20 -57.77 -63.21
N TYR HA 179 -10.57 -58.06 -64.46
CA TYR HA 179 -10.89 -56.98 -65.42
C TYR HA 179 -12.05 -56.14 -64.90
N VAL HA 180 -13.22 -56.76 -64.67
CA VAL HA 180 -14.42 -55.98 -64.26
C VAL HA 180 -14.16 -55.29 -62.92
N SER HA 181 -13.57 -55.99 -61.96
CA SER HA 181 -13.37 -55.39 -60.61
C SER HA 181 -12.50 -54.14 -60.73
N GLU HA 182 -11.42 -54.21 -61.52
CA GLU HA 182 -10.48 -53.06 -61.62
C GLU HA 182 -11.22 -51.86 -62.22
N ILE HA 183 -12.06 -52.10 -63.24
CA ILE HA 183 -12.79 -50.98 -63.89
C ILE HA 183 -13.71 -50.32 -62.85
N ILE HA 184 -14.49 -51.12 -62.11
CA ILE HA 184 -15.48 -50.53 -61.16
C ILE HA 184 -14.75 -49.76 -60.06
N VAL HA 185 -13.72 -50.34 -59.46
CA VAL HA 185 -13.06 -49.67 -58.30
C VAL HA 185 -12.67 -48.24 -58.67
N LYS HA 186 -12.27 -47.99 -59.93
CA LYS HA 186 -11.82 -46.62 -60.29
C LYS HA 186 -13.03 -45.68 -60.30
N ASN HA 187 -14.14 -46.08 -60.92
CA ASN HA 187 -15.30 -45.16 -61.07
C ASN HA 187 -15.96 -44.83 -59.73
N ILE HA 188 -16.03 -45.79 -58.79
CA ILE HA 188 -16.76 -45.55 -57.51
C ILE HA 188 -15.78 -45.26 -56.38
N ASP HA 189 -16.02 -44.17 -55.61
CA ASP HA 189 -15.15 -43.82 -54.46
C ASP HA 189 -15.43 -44.77 -53.29
N ASP HA 190 -14.46 -44.95 -52.39
CA ASP HA 190 -14.63 -45.94 -51.28
C ASP HA 190 -15.48 -45.36 -50.15
N ILE HA 191 -16.21 -46.23 -49.44
CA ILE HA 191 -17.02 -45.78 -48.27
C ILE HA 191 -16.60 -46.65 -47.09
N GLU HA 192 -16.19 -46.06 -45.96
CA GLU HA 192 -15.71 -46.85 -44.79
C GLU HA 192 -16.88 -47.08 -43.81
N GLU HA 193 -16.99 -48.29 -43.25
CA GLU HA 193 -18.13 -48.61 -42.33
C GLU HA 193 -17.97 -47.91 -40.96
N LEU HA 194 -19.10 -47.59 -40.32
CA LEU HA 194 -19.07 -46.95 -38.98
C LEU HA 194 -18.45 -47.88 -37.94
N PHE HA 195 -18.87 -49.15 -37.91
CA PHE HA 195 -18.41 -50.09 -36.86
C PHE HA 195 -17.26 -50.95 -37.40
N LYS HA 201 -10.61 -55.69 -39.66
CA LYS HA 201 -11.70 -55.02 -38.91
C LYS HA 201 -12.59 -54.24 -39.88
N SER HA 202 -12.28 -52.97 -40.10
CA SER HA 202 -13.10 -52.11 -41.00
C SER HA 202 -13.03 -52.67 -42.44
N THR HA 203 -14.15 -52.68 -43.14
CA THR HA 203 -14.19 -53.20 -44.54
C THR HA 203 -14.57 -52.06 -45.47
N THR HA 204 -13.60 -51.46 -46.15
CA THR HA 204 -13.88 -50.32 -47.07
C THR HA 204 -14.58 -50.86 -48.33
N LEU HA 205 -15.27 -50.00 -49.07
CA LEU HA 205 -16.02 -50.46 -50.26
C LEU HA 205 -15.06 -51.07 -51.29
N HIS HA 206 -13.90 -50.45 -51.50
CA HIS HA 206 -12.97 -50.95 -52.55
C HIS HA 206 -12.56 -52.39 -52.22
N LYS HA 207 -12.27 -52.67 -50.95
CA LYS HA 207 -11.81 -54.02 -50.56
C LYS HA 207 -12.93 -55.02 -50.90
N GLU HA 208 -14.18 -54.65 -50.60
CA GLU HA 208 -15.32 -55.55 -50.89
C GLU HA 208 -15.43 -55.76 -52.40
N ILE HA 209 -15.24 -54.70 -53.19
CA ILE HA 209 -15.40 -54.82 -54.68
C ILE HA 209 -14.34 -55.79 -55.20
N LEU HA 210 -13.10 -55.67 -54.72
CA LEU HA 210 -12.00 -56.55 -55.20
C LEU HA 210 -12.32 -57.99 -54.82
N GLN HA 211 -12.84 -58.20 -53.61
CA GLN HA 211 -13.19 -59.57 -53.14
C GLN HA 211 -14.27 -60.14 -54.06
N THR HA 212 -15.22 -59.31 -54.48
CA THR HA 212 -16.36 -59.79 -55.31
C THR HA 212 -15.81 -60.49 -56.56
N ASP HA 213 -16.43 -61.61 -56.96
CA ASP HA 213 -15.98 -62.39 -58.14
C ASP HA 213 -17.07 -62.40 -59.22
N SER HA 214 -16.68 -62.35 -60.49
CA SER HA 214 -17.67 -62.41 -61.60
C SER HA 214 -17.44 -63.67 -62.42
N ARG HA 215 -18.49 -64.47 -62.62
CA ARG HA 215 -18.34 -65.74 -63.35
C ARG HA 215 -19.18 -65.70 -64.63
N LEU HA 216 -18.57 -65.99 -65.78
CA LEU HA 216 -19.29 -65.94 -67.09
C LEU HA 216 -20.32 -67.07 -67.15
N SER HA 217 -21.54 -66.77 -67.58
CA SER HA 217 -22.61 -67.79 -67.72
C SER HA 217 -22.91 -67.95 -69.20
N SER HA 218 -22.53 -69.07 -69.81
CA SER HA 218 -22.72 -69.24 -71.28
C SER HA 218 -22.82 -70.71 -71.65
N ASP HA 219 -23.44 -71.01 -72.80
CA ASP HA 219 -23.57 -72.41 -73.28
C ASP HA 219 -22.19 -73.00 -73.60
N ILE HA 220 -21.32 -72.21 -74.21
CA ILE HA 220 -19.97 -72.71 -74.61
C ILE HA 220 -19.31 -73.40 -73.42
N PHE HA 221 -19.24 -72.71 -72.27
CA PHE HA 221 -18.59 -73.26 -71.07
C PHE HA 221 -19.67 -73.88 -70.17
N LYS HA 222 -19.62 -75.18 -69.93
CA LYS HA 222 -20.74 -75.84 -69.18
C LYS HA 222 -20.32 -76.25 -67.76
N GLU HA 223 -19.09 -75.93 -67.36
CA GLU HA 223 -18.62 -76.39 -66.03
C GLU HA 223 -17.72 -75.32 -65.39
N MET IA 1 18.09 -87.84 -59.68
CA MET IA 1 18.71 -87.35 -60.91
C MET IA 1 17.65 -87.12 -61.98
N ILE IA 2 17.70 -85.94 -62.62
CA ILE IA 2 16.75 -85.62 -63.72
C ILE IA 2 17.38 -84.52 -64.59
N ARG IA 3 17.32 -84.65 -65.92
CA ARG IA 3 17.85 -83.59 -66.81
C ARG IA 3 16.95 -83.41 -68.02
N ASN IA 4 16.92 -82.20 -68.60
CA ASN IA 4 16.15 -81.96 -69.84
C ASN IA 4 16.90 -82.61 -71.02
N ARG IA 5 16.18 -83.06 -72.04
CA ARG IA 5 16.82 -83.76 -73.19
C ARG IA 5 16.78 -82.83 -74.40
N LEU IA 6 16.57 -81.53 -74.19
CA LEU IA 6 16.39 -80.60 -75.34
C LEU IA 6 17.62 -80.61 -76.25
N SER IA 7 18.82 -80.63 -75.67
CA SER IA 7 20.04 -80.52 -76.52
C SER IA 7 20.12 -81.70 -77.50
N GLU IA 8 19.79 -82.90 -77.02
CA GLU IA 8 19.88 -84.12 -77.88
C GLU IA 8 18.76 -84.07 -78.93
N LEU IA 9 17.53 -83.77 -78.51
CA LEU IA 9 16.39 -83.78 -79.47
C LEU IA 9 16.66 -82.80 -80.61
N LEU IA 10 17.05 -81.57 -80.28
CA LEU IA 10 17.28 -80.54 -81.33
C LEU IA 10 18.38 -81.03 -82.28
N SER IA 11 19.41 -81.68 -81.76
CA SER IA 11 20.54 -82.14 -82.61
C SER IA 11 20.05 -83.17 -83.64
N GLU IA 12 19.24 -84.13 -83.20
CA GLU IA 12 18.75 -85.20 -84.12
C GLU IA 12 17.88 -84.57 -85.20
N ARG IA 13 16.97 -83.66 -84.83
CA ARG IA 13 16.08 -83.01 -85.83
C ARG IA 13 16.89 -81.99 -86.64
N GLY IA 14 18.03 -81.54 -86.11
CA GLY IA 14 18.91 -80.62 -86.86
C GLY IA 14 18.50 -79.17 -86.76
N LEU IA 15 17.42 -78.86 -86.02
CA LEU IA 15 17.02 -77.44 -85.82
C LEU IA 15 18.08 -76.68 -85.02
N LYS IA 16 18.37 -75.44 -85.39
CA LYS IA 16 19.36 -74.61 -84.65
C LYS IA 16 18.65 -73.92 -83.49
N ILE IA 17 19.41 -73.52 -82.47
CA ILE IA 17 18.80 -72.88 -81.25
C ILE IA 17 18.12 -71.58 -81.69
N SER IA 18 18.74 -70.84 -82.61
CA SER IA 18 18.18 -69.52 -82.98
C SER IA 18 16.78 -69.68 -83.58
N ARG IA 19 16.60 -70.63 -84.50
CA ARG IA 19 15.27 -70.75 -85.16
C ARG IA 19 14.23 -71.14 -84.12
N VAL IA 20 14.56 -72.08 -83.23
CA VAL IA 20 13.55 -72.56 -82.25
C VAL IA 20 13.14 -71.38 -81.38
N ALA IA 21 14.11 -70.57 -80.95
CA ALA IA 21 13.80 -69.43 -80.05
C ALA IA 21 12.86 -68.46 -80.76
N LYS IA 22 13.12 -68.20 -82.04
CA LYS IA 22 12.30 -67.23 -82.81
C LYS IA 22 10.86 -67.74 -82.90
N ASP IA 23 10.68 -69.05 -83.12
CA ASP IA 23 9.31 -69.60 -83.32
C ASP IA 23 8.57 -69.71 -81.97
N VAL IA 24 9.15 -70.43 -81.01
CA VAL IA 24 8.42 -70.66 -79.72
C VAL IA 24 8.34 -69.37 -78.93
N LYS IA 25 8.91 -68.28 -79.46
CA LYS IA 25 8.84 -66.95 -78.78
C LYS IA 25 9.46 -67.06 -77.39
N ILE IA 26 10.55 -67.84 -77.25
CA ILE IA 26 11.29 -67.90 -75.95
C ILE IA 26 12.65 -67.23 -76.17
N ALA IA 27 13.07 -66.38 -75.24
CA ALA IA 27 14.33 -65.61 -75.45
C ALA IA 27 15.51 -66.57 -75.61
N ARG IA 28 16.39 -66.30 -76.58
CA ARG IA 28 17.55 -67.19 -76.87
C ARG IA 28 18.34 -67.52 -75.61
N SER IA 29 18.61 -66.51 -74.77
CA SER IA 29 19.49 -66.76 -73.61
C SER IA 29 18.87 -67.84 -72.71
N SER IA 30 17.57 -67.74 -72.43
CA SER IA 30 16.90 -68.72 -71.55
C SER IA 30 16.95 -70.10 -72.20
N LEU IA 31 16.65 -70.19 -73.50
CA LEU IA 31 16.59 -71.50 -74.18
C LEU IA 31 17.98 -72.14 -74.18
N THR IA 32 19.03 -71.34 -74.35
CA THR IA 32 20.43 -71.87 -74.35
C THR IA 32 20.77 -72.41 -72.96
N SER IA 33 20.46 -71.63 -71.91
CA SER IA 33 20.72 -72.09 -70.53
C SER IA 33 19.96 -73.39 -70.30
N MET IA 34 18.68 -73.44 -70.68
CA MET IA 34 17.85 -74.67 -70.51
C MET IA 34 18.37 -75.78 -71.43
N ALA IA 35 18.98 -75.44 -72.56
CA ALA IA 35 19.56 -76.51 -73.40
C ALA IA 35 20.61 -77.21 -72.55
N GLN IA 36 21.40 -76.44 -71.81
CA GLN IA 36 22.35 -77.05 -70.84
C GLN IA 36 21.51 -77.36 -69.59
N ASN IA 37 22.02 -78.09 -68.61
CA ASN IA 37 21.14 -78.39 -67.46
C ASN IA 37 21.40 -77.33 -66.38
N ASP IA 38 21.99 -76.20 -66.76
CA ASP IA 38 22.38 -75.15 -65.78
C ASP IA 38 21.16 -74.60 -65.03
N SER IA 39 20.06 -74.32 -65.71
CA SER IA 39 18.89 -73.68 -65.04
C SER IA 39 18.39 -74.56 -63.88
N GLU IA 40 17.78 -73.95 -62.86
CA GLU IA 40 17.24 -74.74 -61.72
C GLU IA 40 15.73 -74.95 -61.87
N MET IA 41 15.02 -73.98 -62.44
CA MET IA 41 13.55 -74.09 -62.58
C MET IA 41 13.11 -73.94 -64.04
N ILE IA 42 12.03 -74.60 -64.44
CA ILE IA 42 11.50 -74.50 -65.84
C ILE IA 42 10.03 -74.08 -65.79
N ARG IA 43 9.63 -73.11 -66.61
CA ARG IA 43 8.23 -72.61 -66.56
C ARG IA 43 7.30 -73.56 -67.31
N TYR IA 44 6.13 -73.87 -66.76
CA TYR IA 44 5.20 -74.81 -67.42
C TYR IA 44 5.01 -74.39 -68.88
N ASP IA 45 4.96 -73.09 -69.15
CA ASP IA 45 4.70 -72.63 -70.54
C ASP IA 45 5.78 -73.19 -71.47
N ALA IA 46 7.04 -73.18 -71.02
CA ALA IA 46 8.15 -73.66 -71.87
C ALA IA 46 7.97 -75.14 -72.19
N ILE IA 47 7.52 -75.94 -71.20
CA ILE IA 47 7.40 -77.40 -71.42
C ILE IA 47 6.37 -77.64 -72.52
N ASP IA 48 5.27 -76.87 -72.55
CA ASP IA 48 4.21 -77.16 -73.55
C ASP IA 48 4.58 -76.60 -74.93
N LYS IA 49 5.07 -75.36 -74.99
CA LYS IA 49 5.40 -74.77 -76.31
C LYS IA 49 6.36 -75.70 -77.04
N LEU IA 50 7.46 -76.09 -76.38
CA LEU IA 50 8.48 -76.95 -77.03
C LEU IA 50 7.86 -78.31 -77.38
N CYS IA 51 7.08 -78.89 -76.47
CA CYS IA 51 6.52 -80.25 -76.71
C CYS IA 51 5.56 -80.22 -77.91
N SER IA 52 4.78 -79.16 -78.05
CA SER IA 52 3.90 -79.04 -79.23
C SER IA 52 4.72 -78.79 -80.49
N TYR IA 53 5.84 -78.07 -80.34
CA TYR IA 53 6.65 -77.69 -81.53
C TYR IA 53 7.42 -78.89 -82.09
N LEU IA 54 7.90 -79.77 -81.23
CA LEU IA 54 8.72 -80.92 -81.71
C LEU IA 54 7.90 -82.21 -81.68
N HIS IA 55 6.58 -82.10 -81.47
CA HIS IA 55 5.70 -83.29 -81.49
C HIS IA 55 6.31 -84.34 -80.56
N ILE IA 56 6.74 -83.90 -79.37
CA ILE IA 56 7.33 -84.82 -78.36
C ILE IA 56 6.43 -84.82 -77.12
N SER IA 57 6.16 -86.01 -76.56
CA SER IA 57 5.37 -86.08 -75.30
C SER IA 57 6.23 -85.58 -74.14
N PRO IA 58 5.64 -85.17 -72.99
CA PRO IA 58 6.42 -84.63 -71.89
C PRO IA 58 7.42 -85.71 -71.42
N SER IA 59 7.04 -86.97 -71.55
CA SER IA 59 7.91 -88.11 -71.13
C SER IA 59 9.27 -87.95 -71.76
N GLU IA 60 9.31 -87.75 -73.07
CA GLU IA 60 10.58 -87.69 -73.84
C GLU IA 60 11.44 -86.53 -73.35
N PHE IA 61 10.83 -85.39 -73.04
CA PHE IA 61 11.64 -84.20 -72.66
C PHE IA 61 12.48 -84.47 -71.41
N PHE IA 62 11.99 -85.27 -70.46
CA PHE IA 62 12.78 -85.41 -69.21
C PHE IA 62 13.30 -86.84 -69.06
N GLU IA 63 14.56 -87.00 -68.64
CA GLU IA 63 15.12 -88.35 -68.36
C GLU IA 63 15.22 -88.51 -66.85
N HIS IA 64 14.71 -89.63 -66.30
CA HIS IA 64 14.70 -89.79 -64.85
C HIS IA 64 15.37 -91.09 -64.46
N ASN IA 65 15.91 -91.10 -63.25
CA ASN IA 65 16.54 -92.26 -62.65
C ASN IA 65 16.34 -92.15 -61.15
N PRO IA 66 15.86 -93.20 -60.48
CA PRO IA 66 15.55 -93.08 -59.05
C PRO IA 66 16.77 -92.85 -58.16
N ILE IA 67 17.98 -93.07 -58.66
CA ILE IA 67 19.16 -92.88 -57.83
C ILE IA 67 19.32 -91.40 -57.48
N ASN IA 68 20.03 -91.14 -56.38
CA ASN IA 68 20.22 -89.78 -55.90
C ASN IA 68 21.50 -89.70 -55.10
N PHE IA 69 22.40 -88.77 -55.45
CA PHE IA 69 23.71 -88.68 -54.75
C PHE IA 69 23.80 -87.38 -53.96
N ASP IA 70 24.53 -87.39 -52.84
CA ASP IA 70 24.73 -86.15 -52.03
C ASP IA 70 26.23 -86.01 -51.70
N PHE IA 71 26.74 -84.79 -51.73
CA PHE IA 71 28.18 -84.54 -51.47
C PHE IA 71 28.32 -83.46 -50.40
N THR IA 72 29.12 -83.72 -49.36
CA THR IA 72 29.36 -82.70 -48.31
C THR IA 72 30.87 -82.47 -48.18
N PHE IA 73 31.30 -81.21 -48.07
CA PHE IA 73 32.75 -80.90 -48.01
C PHE IA 73 33.11 -80.47 -46.58
N ASP IA 74 34.28 -80.89 -46.08
CA ASP IA 74 34.65 -80.59 -44.67
C ASP IA 74 34.68 -79.07 -44.45
N GLU IA 75 34.09 -78.62 -43.33
CA GLU IA 75 34.11 -77.18 -42.98
C GLU IA 75 35.57 -76.76 -42.73
N GLU IA 76 36.34 -77.63 -42.08
CA GLU IA 76 37.75 -77.30 -41.74
C GLU IA 76 38.69 -78.15 -42.59
N PRO IA 77 39.33 -77.61 -43.65
CA PRO IA 77 40.29 -78.36 -44.45
C PRO IA 77 41.72 -78.11 -43.94
N ASN IA 78 42.69 -78.92 -44.36
CA ASN IA 78 44.11 -78.64 -43.97
C ASN IA 78 44.81 -78.07 -45.20
N TYR IA 79 45.25 -76.81 -45.12
CA TYR IA 79 45.84 -76.17 -46.34
C TYR IA 79 47.13 -75.43 -45.99
N LYS IA 80 48.16 -75.58 -46.83
CA LYS IA 80 49.40 -74.79 -46.62
C LYS IA 80 49.77 -74.15 -47.96
N ILE IA 81 49.84 -72.82 -48.02
CA ILE IA 81 50.15 -72.12 -49.30
C ILE IA 81 51.38 -71.24 -49.09
N ASN IA 82 52.39 -71.35 -49.96
CA ASN IA 82 53.64 -70.57 -49.80
C ASN IA 82 53.78 -69.58 -50.96
N ASP IA 83 53.91 -68.29 -50.66
CA ASP IA 83 54.06 -67.26 -51.73
C ASP IA 83 55.38 -67.50 -52.46
N VAL IA 84 55.38 -67.41 -53.80
CA VAL IA 84 56.61 -67.72 -54.59
C VAL IA 84 57.29 -66.43 -55.04
N PHE IA 85 56.59 -65.30 -55.01
CA PHE IA 85 57.18 -64.03 -55.52
C PHE IA 85 57.57 -64.20 -56.98
N GLU IA 86 58.83 -63.94 -57.34
CA GLU IA 86 59.32 -64.20 -58.74
C GLU IA 86 58.61 -63.27 -59.74
N GLY IA 87 58.17 -62.08 -59.31
CA GLY IA 87 57.62 -61.09 -60.26
C GLY IA 87 56.45 -61.55 -61.12
N PHE IA 88 55.51 -62.30 -60.55
CA PHE IA 88 54.29 -62.67 -61.31
C PHE IA 88 53.70 -61.47 -62.06
N GLU IA 89 53.86 -60.26 -61.52
CA GLU IA 89 53.19 -59.08 -62.12
C GLU IA 89 53.49 -58.97 -63.62
N VAL IA 90 54.73 -59.27 -64.03
CA VAL IA 90 55.11 -59.13 -65.47
C VAL IA 90 54.35 -60.19 -66.28
N THR IA 91 54.59 -61.48 -66.03
CA THR IA 91 53.96 -62.55 -66.83
C THR IA 91 52.86 -63.22 -66.01
N ALA IA 92 51.65 -63.37 -66.56
CA ALA IA 92 50.54 -63.88 -65.74
C ALA IA 92 50.59 -65.41 -65.68
N ASN IA 93 51.56 -65.96 -64.94
CA ASN IA 93 51.63 -67.43 -64.74
C ASN IA 93 51.37 -67.68 -63.26
N ILE IA 94 50.19 -68.18 -62.92
CA ILE IA 94 49.79 -68.33 -61.48
C ILE IA 94 50.93 -68.96 -60.68
N THR IA 95 51.60 -69.97 -61.24
CA THR IA 95 52.61 -70.70 -60.44
C THR IA 95 53.57 -69.72 -59.77
N HIS IA 96 53.95 -68.64 -60.48
CA HIS IA 96 54.89 -67.64 -59.93
C HIS IA 96 54.28 -66.94 -58.72
N ALA IA 97 52.97 -66.65 -58.79
CA ALA IA 97 52.31 -65.91 -57.69
C ALA IA 97 52.28 -66.72 -56.39
N PHE IA 98 51.94 -68.02 -56.45
CA PHE IA 98 51.81 -68.80 -55.20
C PHE IA 98 52.01 -70.30 -55.46
N SER IA 99 52.39 -71.06 -54.44
CA SER IA 99 52.55 -72.52 -54.57
C SER IA 99 51.83 -73.23 -53.42
N ILE IA 100 51.09 -74.30 -53.71
CA ILE IA 100 50.36 -75.07 -52.65
C ILE IA 100 51.29 -76.15 -52.12
N GLU IA 101 51.72 -76.06 -50.86
CA GLU IA 101 52.57 -77.13 -50.28
C GLU IA 101 51.73 -78.40 -50.09
N ASN IA 102 50.54 -78.29 -49.47
CA ASN IA 102 49.65 -79.48 -49.34
C ASN IA 102 48.22 -79.06 -48.96
N PHE IA 103 47.23 -79.51 -49.73
CA PHE IA 103 45.81 -79.19 -49.45
C PHE IA 103 45.03 -80.51 -49.45
N ASP IA 104 44.61 -80.98 -48.27
CA ASP IA 104 43.88 -82.27 -48.19
C ASP IA 104 42.60 -82.11 -47.35
N PHE IA 105 41.54 -82.84 -47.69
CA PHE IA 105 40.25 -82.72 -46.97
C PHE IA 105 39.39 -83.94 -47.29
N GLU IA 106 38.18 -83.99 -46.75
CA GLU IA 106 37.32 -85.18 -46.95
C GLU IA 106 35.99 -84.79 -47.60
N ILE IA 107 35.49 -85.60 -48.53
CA ILE IA 107 34.15 -85.33 -49.11
C ILE IA 107 33.25 -86.52 -48.75
N LEU IA 108 32.11 -86.28 -48.10
CA LEU IA 108 31.24 -87.40 -47.65
C LEU IA 108 30.12 -87.61 -48.67
N VAL IA 109 30.02 -88.81 -49.25
CA VAL IA 109 29.00 -89.06 -50.32
C VAL IA 109 27.98 -90.09 -49.84
N ASP IA 110 26.68 -89.80 -49.99
CA ASP IA 110 25.61 -90.76 -49.57
C ASP IA 110 24.83 -91.23 -50.79
N VAL IA 111 24.99 -92.50 -51.19
CA VAL IA 111 24.31 -93.02 -52.40
C VAL IA 111 22.96 -93.60 -51.96
N GLU IA 112 21.89 -92.82 -52.11
CA GLU IA 112 20.56 -93.29 -51.62
C GLU IA 112 19.94 -94.20 -52.69
N LEU IA 113 19.57 -95.43 -52.33
CA LEU IA 113 19.03 -96.37 -53.34
C LEU IA 113 17.57 -96.00 -53.64
N ASP IA 114 16.93 -96.72 -54.56
CA ASP IA 114 15.48 -96.48 -54.83
C ASP IA 114 14.73 -96.80 -53.54
N ASN IA 115 15.11 -97.90 -52.88
CA ASN IA 115 14.50 -98.23 -51.57
C ASN IA 115 14.96 -97.18 -50.55
N ARG IA 116 14.34 -97.15 -49.37
CA ARG IA 116 14.70 -96.13 -48.34
C ARG IA 116 16.16 -96.34 -47.92
N GLN IA 117 16.68 -97.56 -48.03
CA GLN IA 117 18.06 -97.85 -47.55
C GLN IA 117 19.07 -96.94 -48.26
N LYS IA 118 20.07 -96.45 -47.53
CA LYS IA 118 21.12 -95.59 -48.13
C LYS IA 118 22.50 -96.17 -47.78
N LEU IA 119 23.50 -95.92 -48.61
CA LEU IA 119 24.87 -96.38 -48.30
C LEU IA 119 25.76 -95.15 -48.11
N ASN IA 120 26.71 -95.22 -47.17
CA ASN IA 120 27.61 -94.06 -46.91
C ASN IA 120 29.03 -94.39 -47.37
N PHE IA 121 29.62 -93.55 -48.21
CA PHE IA 121 31.04 -93.74 -48.60
C PHE IA 121 31.80 -92.45 -48.27
N ASP IA 122 33.00 -92.59 -47.71
CA ASP IA 122 33.79 -91.38 -47.31
C ASP IA 122 35.03 -91.28 -48.19
N LEU IA 123 35.21 -90.15 -48.88
CA LEU IA 123 36.35 -89.99 -49.82
C LEU IA 123 37.34 -88.99 -49.22
N ASP IA 124 38.64 -89.32 -49.24
CA ASP IA 124 39.68 -88.37 -48.76
C ASP IA 124 40.41 -87.86 -50.01
N VAL IA 125 40.47 -86.54 -50.21
CA VAL IA 125 41.07 -86.01 -51.47
C VAL IA 125 42.27 -85.13 -51.13
N SER IA 126 43.37 -85.28 -51.88
CA SER IA 126 44.62 -84.52 -51.59
C SER IA 126 45.16 -83.86 -52.86
N TYR IA 127 45.98 -82.80 -52.71
CA TYR IA 127 46.58 -82.10 -53.87
C TYR IA 127 47.70 -82.96 -54.47
N LYS IA 128 47.84 -82.96 -55.79
CA LYS IA 128 48.90 -83.77 -56.45
C LYS IA 128 49.84 -82.86 -57.24
N GLU IA 129 49.30 -82.03 -58.14
CA GLU IA 129 50.14 -81.18 -58.98
C GLU IA 129 49.26 -80.15 -59.66
N THR IA 130 49.89 -79.12 -60.25
CA THR IA 130 49.11 -78.11 -61.03
C THR IA 130 49.42 -78.24 -62.52
N GLU IA 131 48.56 -78.91 -63.27
CA GLU IA 131 48.78 -79.13 -64.72
C GLU IA 131 48.55 -77.83 -65.49
N LYS IA 132 49.27 -77.64 -66.61
CA LYS IA 132 49.10 -76.43 -67.46
C LYS IA 132 48.29 -76.81 -68.70
N ILE IA 133 46.97 -76.61 -68.68
CA ILE IA 133 46.11 -77.01 -69.83
C ILE IA 133 46.52 -76.19 -71.06
N THR IA 134 46.75 -74.88 -70.88
CA THR IA 134 47.21 -74.00 -71.98
C THR IA 134 48.24 -73.03 -71.41
N ASN IA 135 48.95 -72.27 -72.25
CA ASN IA 135 50.03 -71.40 -71.72
C ASN IA 135 49.43 -70.42 -70.71
N SER IA 136 48.25 -69.86 -70.99
CA SER IA 136 47.68 -68.82 -70.09
C SER IA 136 46.79 -69.42 -68.99
N GLN IA 137 46.44 -70.70 -69.06
CA GLN IA 137 45.49 -71.26 -68.06
C GLN IA 137 45.99 -72.58 -67.47
N HIS IA 138 45.72 -72.82 -66.18
CA HIS IA 138 46.15 -74.07 -65.51
C HIS IA 138 44.95 -74.72 -64.81
N ARG IA 139 45.06 -76.02 -64.51
CA ARG IA 139 43.97 -76.73 -63.77
C ARG IA 139 44.60 -77.49 -62.61
N PHE IA 140 44.28 -77.11 -61.38
CA PHE IA 140 44.78 -77.85 -60.20
C PHE IA 140 44.24 -79.27 -60.28
N ILE IA 141 45.07 -80.27 -60.00
CA ILE IA 141 44.62 -81.69 -60.09
C ILE IA 141 44.63 -82.31 -58.70
N PHE IA 142 43.49 -82.85 -58.25
CA PHE IA 142 43.40 -83.47 -56.91
C PHE IA 142 43.07 -84.95 -57.07
N THR IA 143 43.76 -85.82 -56.30
CA THR IA 143 43.55 -87.28 -56.44
C THR IA 143 42.99 -87.86 -55.14
N ILE IA 144 42.01 -88.76 -55.24
CA ILE IA 144 41.42 -89.40 -54.03
C ILE IA 144 42.47 -90.32 -53.41
N LYS IA 145 42.71 -90.19 -52.10
CA LYS IA 145 43.77 -90.97 -51.43
C LYS IA 145 43.30 -92.42 -51.31
N ASN IA 146 42.18 -92.64 -50.63
CA ASN IA 146 41.62 -94.02 -50.48
C ASN IA 146 40.59 -94.29 -51.58
N GLU IA 147 40.88 -95.25 -52.46
CA GLU IA 147 39.90 -95.64 -53.51
C GLU IA 147 39.50 -97.11 -53.31
N ASP IA 148 40.42 -97.93 -52.76
CA ASP IA 148 40.14 -99.39 -52.61
C ASP IA 148 38.97 -99.62 -51.65
N GLU IA 149 38.91 -98.88 -50.55
CA GLU IA 149 37.78 -99.00 -49.59
C GLU IA 149 36.48 -98.55 -50.26
N ASN IA 150 36.55 -97.61 -51.20
CA ASN IA 150 35.31 -97.06 -51.81
C ASN IA 150 35.12 -97.57 -53.24
N ILE IA 151 35.52 -98.81 -53.52
CA ILE IA 151 35.31 -99.42 -54.87
C ILE IA 151 33.81 -99.55 -55.16
N GLY IA 152 32.99 -99.86 -54.15
CA GLY IA 152 31.56 -100.07 -54.37
C GLY IA 152 30.88 -98.83 -54.93
N LEU IA 153 31.38 -97.65 -54.55
CA LEU IA 153 30.76 -96.37 -54.99
C LEU IA 153 30.81 -96.37 -56.53
N LYS IA 154 31.91 -96.87 -57.11
CA LYS IA 154 32.06 -96.85 -58.58
C LYS IA 154 30.95 -97.68 -59.23
N LYS IA 155 30.58 -98.81 -58.63
CA LYS IA 155 29.56 -99.70 -59.24
C LYS IA 155 28.24 -98.94 -59.36
N TYR IA 156 27.87 -98.16 -58.34
CA TYR IA 156 26.64 -97.34 -58.42
C TYR IA 156 26.78 -96.25 -59.50
N VAL IA 157 27.95 -95.63 -59.62
CA VAL IA 157 28.10 -94.48 -60.57
C VAL IA 157 27.91 -94.93 -62.02
N ASP IA 158 28.60 -95.98 -62.45
CA ASP IA 158 28.55 -96.38 -63.88
C ASP IA 158 27.17 -96.96 -64.26
N SER IA 159 26.32 -97.25 -63.27
CA SER IA 159 25.01 -97.79 -63.58
C SER IA 159 24.10 -96.74 -64.21
N LEU IA 160 24.43 -95.46 -64.03
CA LEU IA 160 23.59 -94.37 -64.61
C LEU IA 160 23.79 -94.31 -66.13
N SER IA 161 22.86 -93.66 -66.83
CA SER IA 161 22.99 -93.47 -68.30
C SER IA 161 24.10 -92.47 -68.56
N ALA IA 162 24.66 -92.44 -69.77
CA ALA IA 162 25.81 -91.56 -70.05
C ALA IA 162 25.43 -90.10 -69.79
N GLY IA 163 24.22 -89.69 -70.21
CA GLY IA 163 23.85 -88.28 -70.07
C GLY IA 163 23.80 -87.88 -68.60
N LEU IA 164 23.21 -88.71 -67.75
CA LEU IA 164 23.16 -88.41 -66.29
C LEU IA 164 24.60 -88.41 -65.73
N LYS IA 165 25.43 -89.36 -66.15
CA LYS IA 165 26.80 -89.45 -65.58
C LYS IA 165 27.59 -88.17 -65.89
N ASN IA 166 27.47 -87.67 -67.12
CA ASN IA 166 28.18 -86.42 -67.50
C ASN IA 166 27.66 -85.30 -66.60
N LEU IA 167 26.35 -85.25 -66.36
CA LEU IA 167 25.78 -84.19 -65.48
C LEU IA 167 26.40 -84.31 -64.07
N LEU IA 168 26.43 -85.52 -63.51
CA LEU IA 168 26.93 -85.69 -62.12
C LEU IA 168 28.38 -85.21 -62.04
N PHE IA 169 29.19 -85.57 -63.04
CA PHE IA 169 30.63 -85.21 -63.02
C PHE IA 169 30.78 -83.68 -63.07
N LYS IA 170 29.93 -83.00 -63.84
CA LYS IA 170 29.99 -81.52 -63.86
C LYS IA 170 29.67 -81.01 -62.45
N LYS IA 171 28.67 -81.57 -61.78
CA LYS IA 171 28.26 -81.05 -60.45
C LYS IA 171 29.41 -81.23 -59.45
N ILE IA 172 30.05 -82.40 -59.43
CA ILE IA 172 31.10 -82.64 -58.40
C ILE IA 172 32.27 -81.68 -58.68
N ASN IA 173 32.61 -81.46 -59.95
CA ASN IA 173 33.75 -80.58 -60.29
C ASN IA 173 33.41 -79.13 -59.97
N GLN IA 174 32.23 -78.64 -60.39
CA GLN IA 174 31.91 -77.21 -60.16
C GLN IA 174 32.08 -76.91 -58.67
N LYS IA 175 31.53 -77.75 -57.80
CA LYS IA 175 31.62 -77.52 -56.34
C LYS IA 175 33.09 -77.52 -55.91
N LEU IA 176 33.86 -78.52 -56.34
CA LEU IA 176 35.28 -78.62 -55.93
C LEU IA 176 36.00 -77.34 -56.34
N SER IA 177 35.81 -76.89 -57.58
CA SER IA 177 36.53 -75.69 -58.08
C SER IA 177 36.17 -74.48 -57.22
N GLY IA 178 34.89 -74.32 -56.89
CA GLY IA 178 34.50 -73.21 -56.02
C GLY IA 178 35.12 -73.34 -54.64
N TYR IA 179 35.11 -74.54 -54.08
CA TYR IA 179 35.65 -74.75 -52.71
C TYR IA 179 37.14 -74.35 -52.69
N VAL IA 180 37.96 -75.01 -53.50
CA VAL IA 180 39.43 -74.76 -53.45
C VAL IA 180 39.73 -73.30 -53.81
N SER IA 181 39.07 -72.77 -54.85
CA SER IA 181 39.39 -71.40 -55.29
C SER IA 181 39.09 -70.41 -54.15
N GLU IA 182 37.96 -70.58 -53.46
CA GLU IA 182 37.56 -69.62 -52.41
C GLU IA 182 38.60 -69.67 -51.28
N ILE IA 183 39.07 -70.87 -50.93
CA ILE IA 183 40.07 -70.98 -49.82
C ILE IA 183 41.34 -70.24 -50.22
N ILE IA 184 41.85 -70.46 -51.44
CA ILE IA 184 43.15 -69.85 -51.85
C ILE IA 184 43.01 -68.33 -51.90
N VAL IA 185 41.95 -67.81 -52.52
CA VAL IA 185 41.83 -66.34 -52.72
C VAL IA 185 42.01 -65.64 -51.36
N LYS IA 186 41.52 -66.23 -50.27
CA LYS IA 186 41.61 -65.54 -48.95
C LYS IA 186 43.07 -65.48 -48.49
N ASN IA 187 43.80 -66.60 -48.57
CA ASN IA 187 45.19 -66.65 -48.04
C ASN IA 187 46.14 -65.77 -48.84
N ILE IA 188 45.98 -65.67 -50.16
CA ILE IA 188 46.97 -64.91 -50.99
C ILE IA 188 46.42 -63.53 -51.36
N ASP IA 189 47.20 -62.47 -51.14
CA ASP IA 189 46.77 -61.09 -51.51
C ASP IA 189 46.86 -60.90 -53.03
N ASP IA 190 46.07 -59.97 -53.58
CA ASP IA 190 46.01 -59.81 -55.06
C ASP IA 190 47.22 -59.01 -55.57
N ILE IA 191 47.65 -59.29 -56.81
CA ILE IA 191 48.76 -58.52 -57.43
C ILE IA 191 48.24 -58.00 -58.77
N GLU IA 192 48.32 -56.69 -59.03
CA GLU IA 192 47.77 -56.12 -60.30
C GLU IA 192 48.91 -56.01 -61.34
N GLU IA 193 48.62 -56.34 -62.61
CA GLU IA 193 49.66 -56.32 -63.67
C GLU IA 193 50.05 -54.89 -64.06
N LEU IA 194 51.31 -54.69 -64.48
CA LEU IA 194 51.78 -53.35 -64.92
C LEU IA 194 51.03 -52.89 -66.17
N PHE IA 195 50.91 -53.77 -67.18
CA PHE IA 195 50.29 -53.36 -68.47
C PHE IA 195 48.83 -53.78 -68.50
N LYS IA 201 40.54 -55.43 -69.11
CA LYS IA 201 41.92 -54.95 -69.35
C LYS IA 201 42.86 -55.56 -68.30
N SER IA 202 43.06 -54.86 -67.18
CA SER IA 202 43.98 -55.36 -66.12
C SER IA 202 43.43 -56.67 -65.54
N THR IA 203 44.31 -57.65 -65.29
CA THR IA 203 43.89 -58.94 -64.71
C THR IA 203 44.52 -59.12 -63.34
N THR IA 204 43.77 -58.87 -62.27
CA THR IA 204 44.33 -59.00 -60.89
C THR IA 204 44.50 -60.49 -60.57
N LEU IA 205 45.34 -60.80 -59.57
CA LEU IA 205 45.60 -62.22 -59.25
C LEU IA 205 44.31 -62.91 -58.81
N HIS IA 206 43.49 -62.25 -58.00
CA HIS IA 206 42.26 -62.92 -57.48
C HIS IA 206 41.38 -63.33 -58.65
N LYS IA 207 41.23 -62.46 -59.65
CA LYS IA 207 40.35 -62.78 -60.80
C LYS IA 207 40.88 -64.03 -61.48
N GLU IA 208 42.20 -64.12 -61.66
CA GLU IA 208 42.81 -65.30 -62.33
C GLU IA 208 42.55 -66.55 -61.48
N ILE IA 209 42.67 -66.43 -60.15
CA ILE IA 209 42.50 -67.62 -59.27
C ILE IA 209 41.06 -68.12 -59.40
N LEU IA 210 40.08 -67.21 -59.41
CA LEU IA 210 38.66 -67.61 -59.51
C LEU IA 210 38.42 -68.29 -60.86
N GLN IA 211 39.03 -67.76 -61.92
CA GLN IA 211 38.86 -68.34 -63.28
C GLN IA 211 39.44 -69.77 -63.27
N THR IA 212 40.56 -69.97 -62.57
CA THR IA 212 41.23 -71.30 -62.56
C THR IA 212 40.23 -72.37 -62.13
N ASP IA 213 40.28 -73.55 -62.77
CA ASP IA 213 39.34 -74.66 -62.44
C ASP IA 213 40.11 -75.88 -61.94
N SER IA 214 39.56 -76.59 -60.96
CA SER IA 214 40.21 -77.82 -60.44
C SER IA 214 39.35 -79.03 -60.76
N ARG IA 215 39.94 -80.06 -61.37
CA ARG IA 215 39.15 -81.26 -61.77
C ARG IA 215 39.69 -82.48 -61.04
N LEU IA 216 38.83 -83.23 -60.35
CA LEU IA 216 39.26 -84.41 -59.57
C LEU IA 216 39.71 -85.52 -60.53
N SER IA 217 40.85 -86.15 -60.25
CA SER IA 217 41.37 -87.26 -61.10
C SER IA 217 41.32 -88.54 -60.27
N SER IA 218 40.41 -89.46 -60.59
CA SER IA 218 40.24 -90.68 -59.75
C SER IA 218 39.66 -91.83 -60.57
N ASP IA 219 39.90 -93.07 -60.13
CA ASP IA 219 39.37 -94.27 -60.83
C ASP IA 219 37.83 -94.28 -60.77
N ILE IA 220 37.26 -93.90 -59.63
CA ILE IA 220 35.77 -93.95 -59.46
C ILE IA 220 35.12 -93.21 -60.64
N PHE IA 221 35.55 -91.97 -60.90
CA PHE IA 221 34.95 -91.17 -61.99
C PHE IA 221 35.83 -91.31 -63.22
N LYS IA 222 35.30 -91.87 -64.32
CA LYS IA 222 36.17 -92.15 -65.50
C LYS IA 222 35.88 -91.19 -66.66
N GLU IA 223 34.98 -90.23 -66.49
CA GLU IA 223 34.60 -89.35 -67.63
C GLU IA 223 34.35 -87.93 -67.11
N ASP JA 30 61.65 -76.72 -49.61
CA ASP JA 30 63.01 -76.10 -49.63
C ASP JA 30 62.86 -74.61 -49.33
N ILE JA 31 63.37 -74.16 -48.18
CA ILE JA 31 63.29 -72.71 -47.81
C ILE JA 31 64.08 -71.93 -48.85
N LEU JA 32 65.22 -72.46 -49.31
CA LEU JA 32 66.03 -71.77 -50.36
C LEU JA 32 65.15 -71.53 -51.58
N THR JA 33 64.53 -72.59 -52.11
CA THR JA 33 63.67 -72.49 -53.32
C THR JA 33 62.46 -71.59 -53.06
N GLN JA 34 61.90 -71.63 -51.84
CA GLN JA 34 60.72 -70.80 -51.51
C GLN JA 34 61.13 -69.34 -51.69
N LEU JA 35 62.32 -68.96 -51.22
CA LEU JA 35 62.85 -67.59 -51.50
C LEU JA 35 63.55 -67.63 -52.86
N GLY JA 36 64.09 -66.50 -53.30
CA GLY JA 36 64.70 -66.44 -54.65
C GLY JA 36 66.18 -66.75 -54.64
N VAL JA 37 66.74 -67.20 -53.53
CA VAL JA 37 68.22 -67.43 -53.58
C VAL JA 37 68.53 -68.38 -54.75
N LYS JA 38 69.44 -67.98 -55.62
CA LYS JA 38 69.82 -68.80 -56.80
C LYS JA 38 71.36 -68.85 -56.90
N ASP JA 39 71.92 -69.95 -57.41
CA ASP JA 39 73.40 -70.08 -57.44
C ASP JA 39 73.97 -69.18 -58.55
N ILE JA 40 74.95 -68.34 -58.20
CA ILE JA 40 75.54 -67.37 -59.19
C ILE JA 40 76.30 -68.12 -60.29
N SER JA 41 77.11 -69.13 -59.94
CA SER JA 41 77.95 -69.80 -60.97
C SER JA 41 77.07 -70.47 -62.02
N LYS JA 42 76.01 -71.14 -61.59
CA LYS JA 42 75.07 -71.80 -62.54
C LYS JA 42 74.39 -70.72 -63.39
N GLN JA 43 74.05 -69.58 -62.78
CA GLN JA 43 73.30 -68.53 -63.51
C GLN JA 43 74.16 -67.80 -64.55
N ASN JA 44 75.42 -67.52 -64.25
CA ASN JA 44 76.21 -66.67 -65.20
C ASN JA 44 76.79 -67.50 -66.34
N ALA JA 45 76.64 -68.82 -66.31
CA ALA JA 45 77.30 -69.65 -67.35
C ALA JA 45 76.78 -69.25 -68.73
N ASN JA 46 75.46 -69.06 -68.88
CA ASN JA 46 74.87 -68.70 -70.20
C ASN JA 46 74.23 -67.31 -70.15
N LYS JA 47 74.48 -66.51 -69.11
CA LYS JA 47 73.77 -65.21 -68.97
C LYS JA 47 73.85 -64.34 -70.24
N PHE JA 48 72.71 -63.78 -70.67
CA PHE JA 48 72.66 -62.87 -71.85
C PHE JA 48 72.79 -61.41 -71.36
N TYR JA 49 73.96 -60.82 -71.57
CA TYR JA 49 74.27 -59.45 -71.12
C TYR JA 49 73.53 -58.37 -71.91
N LYS JA 50 73.16 -57.26 -71.27
CA LYS JA 50 72.55 -56.12 -72.01
C LYS JA 50 73.68 -55.18 -72.47
N PHE JA 51 73.54 -54.50 -73.62
CA PHE JA 51 74.65 -53.67 -74.14
C PHE JA 51 74.11 -52.28 -74.48
N ALA JA 52 74.66 -51.23 -73.88
CA ALA JA 52 74.25 -49.86 -74.28
C ALA JA 52 75.41 -49.21 -75.03
N ILE JA 53 75.17 -48.75 -76.26
CA ILE JA 53 76.27 -48.17 -77.08
C ILE JA 53 75.89 -46.74 -77.49
N TYR JA 54 76.52 -45.74 -76.88
CA TYR JA 54 76.23 -44.33 -77.27
C TYR JA 54 77.34 -43.83 -78.19
N GLY JA 55 76.98 -43.12 -79.26
CA GLY JA 55 77.99 -42.65 -80.23
C GLY JA 55 77.65 -41.31 -80.84
N LYS JA 56 78.62 -40.64 -81.48
CA LYS JA 56 78.32 -39.37 -82.20
C LYS JA 56 77.73 -39.70 -83.58
N PHE JA 57 77.42 -38.68 -84.39
CA PHE JA 57 76.77 -38.92 -85.70
C PHE JA 57 77.71 -39.67 -86.65
N GLY JA 58 77.17 -40.59 -87.46
CA GLY JA 58 77.97 -41.30 -88.46
C GLY JA 58 79.16 -42.05 -87.86
N THR JA 59 78.98 -42.64 -86.67
CA THR JA 59 80.07 -43.46 -86.07
C THR JA 59 79.82 -44.95 -86.35
N GLY JA 60 78.80 -45.26 -87.16
CA GLY JA 60 78.47 -46.66 -87.49
C GLY JA 60 78.06 -47.48 -86.27
N LYS JA 61 77.36 -46.85 -85.32
CA LYS JA 61 76.92 -47.56 -84.08
C LYS JA 61 75.96 -48.70 -84.43
N THR JA 62 75.03 -48.48 -85.35
CA THR JA 62 74.06 -49.54 -85.75
C THR JA 62 74.81 -50.71 -86.41
N THR JA 63 75.83 -50.41 -87.23
CA THR JA 63 76.64 -51.48 -87.87
C THR JA 63 77.04 -52.50 -86.81
N PHE JA 64 77.67 -52.05 -85.72
CA PHE JA 64 78.14 -52.94 -84.63
C PHE JA 64 77.02 -53.87 -84.18
N LEU JA 65 75.85 -53.31 -83.86
CA LEU JA 65 74.73 -54.11 -83.30
C LEU JA 65 74.27 -55.16 -84.33
N THR JA 66 74.21 -54.80 -85.61
CA THR JA 66 73.65 -55.73 -86.63
C THR JA 66 74.73 -56.42 -87.48
N LYS JA 67 76.01 -56.23 -87.14
CA LYS JA 67 77.10 -56.84 -87.93
C LYS JA 67 76.93 -58.36 -87.93
N ASP JA 68 76.50 -58.92 -86.79
CA ASP JA 68 76.34 -60.40 -86.65
C ASP JA 68 75.30 -60.90 -87.65
N ASN JA 69 74.48 -60.01 -88.21
CA ASN JA 69 73.42 -60.38 -89.20
C ASN JA 69 72.42 -61.33 -88.53
N ASN JA 70 72.36 -61.33 -87.20
CA ASN JA 70 71.37 -62.14 -86.47
C ASN JA 70 70.63 -61.21 -85.50
N ALA JA 71 69.94 -60.19 -86.02
CA ALA JA 71 69.35 -59.18 -85.09
C ALA JA 71 67.93 -58.79 -85.49
N LEU JA 72 67.11 -58.40 -84.50
CA LEU JA 72 65.75 -57.87 -84.77
C LEU JA 72 65.78 -56.39 -84.37
N VAL JA 73 65.64 -55.47 -85.33
CA VAL JA 73 65.80 -54.02 -85.00
C VAL JA 73 64.43 -53.36 -84.83
N LEU JA 74 64.10 -52.93 -83.60
CA LEU JA 74 62.85 -52.16 -83.40
C LEU JA 74 63.15 -50.66 -83.56
N ASP JA 75 63.37 -50.20 -84.78
CA ASP JA 75 63.72 -48.78 -85.04
C ASP JA 75 62.51 -47.88 -84.75
N ILE JA 76 62.77 -46.64 -84.32
CA ILE JA 76 61.66 -45.74 -83.92
C ILE JA 76 61.63 -44.50 -84.82
N ASN JA 77 60.60 -44.34 -85.64
CA ASN JA 77 60.46 -43.14 -86.50
C ASN JA 77 61.75 -42.90 -87.30
N GLU JA 78 62.43 -43.97 -87.68
CA GLU JA 78 63.69 -43.87 -88.48
C GLU JA 78 63.89 -45.15 -89.28
N ASP JA 79 64.72 -45.12 -90.33
CA ASP JA 79 65.02 -46.37 -91.07
C ASP JA 79 66.53 -46.46 -91.35
N GLY JA 80 67.29 -47.11 -90.46
CA GLY JA 80 68.74 -47.28 -90.68
C GLY JA 80 69.08 -48.73 -91.00
N THR JA 81 68.12 -49.50 -91.51
CA THR JA 81 68.34 -50.94 -91.80
C THR JA 81 69.22 -51.10 -93.03
N THR JA 82 69.45 -50.04 -93.79
CA THR JA 82 70.22 -50.15 -95.06
C THR JA 82 71.63 -50.66 -94.77
N VAL JA 83 72.24 -50.22 -93.67
CA VAL JA 83 73.64 -50.64 -93.36
C VAL JA 83 73.67 -52.14 -93.08
N THR JA 84 72.63 -52.66 -92.43
CA THR JA 84 72.55 -54.11 -92.11
C THR JA 84 72.42 -54.92 -93.41
N GLU JA 85 72.98 -56.13 -93.43
CA GLU JA 85 72.89 -57.01 -94.63
C GLU JA 85 71.68 -57.92 -94.52
N ASP JA 86 71.48 -58.55 -93.35
CA ASP JA 86 70.35 -59.49 -93.15
C ASP JA 86 69.77 -59.37 -91.73
N GLY JA 87 68.55 -59.85 -91.53
CA GLY JA 87 67.87 -59.76 -90.21
C GLY JA 87 66.41 -59.39 -90.38
N ALA JA 88 65.70 -59.09 -89.29
CA ALA JA 88 64.30 -58.61 -89.39
C ALA JA 88 64.17 -57.22 -88.78
N VAL JA 89 63.55 -56.27 -89.48
CA VAL JA 89 63.36 -54.89 -88.95
C VAL JA 89 61.87 -54.55 -88.84
N VAL JA 90 61.44 -53.97 -87.71
CA VAL JA 90 60.02 -53.58 -87.52
C VAL JA 90 59.96 -52.07 -87.18
N GLN JA 91 59.37 -51.28 -88.08
CA GLN JA 91 59.23 -49.82 -87.82
C GLN JA 91 58.29 -49.60 -86.63
N ILE JA 92 58.62 -48.68 -85.73
CA ILE JA 92 57.69 -48.33 -84.62
C ILE JA 92 57.20 -46.91 -84.88
N LYS JA 93 55.90 -46.70 -85.02
CA LYS JA 93 55.39 -45.35 -85.39
C LYS JA 93 54.59 -44.73 -84.25
N ASN JA 94 54.15 -45.55 -83.28
CA ASN JA 94 53.27 -45.01 -82.22
C ASN JA 94 53.62 -45.67 -80.89
N TYR JA 95 53.33 -45.01 -79.77
CA TYR JA 95 53.58 -45.62 -78.43
C TYR JA 95 52.71 -46.88 -78.35
N LYS JA 96 51.49 -46.80 -78.87
CA LYS JA 96 50.58 -47.98 -78.84
C LYS JA 96 51.24 -49.12 -79.62
N HIS JA 97 51.85 -48.81 -80.76
CA HIS JA 97 52.52 -49.85 -81.57
C HIS JA 97 53.67 -50.43 -80.74
N PHE JA 98 54.38 -49.56 -80.03
CA PHE JA 98 55.54 -50.02 -79.22
C PHE JA 98 55.06 -50.99 -78.15
N SER JA 99 53.99 -50.63 -77.45
CA SER JA 99 53.47 -51.50 -76.36
C SER JA 99 53.13 -52.88 -76.95
N ALA JA 100 52.43 -52.90 -78.09
CA ALA JA 100 52.00 -54.18 -78.69
C ALA JA 100 53.21 -55.07 -79.00
N VAL JA 101 54.23 -54.53 -79.69
CA VAL JA 101 55.36 -55.40 -80.11
C VAL JA 101 56.06 -55.99 -78.87
N ILE JA 102 56.25 -55.18 -77.82
CA ILE JA 102 56.94 -55.66 -76.59
C ILE JA 102 56.10 -56.77 -75.95
N LYS JA 103 54.78 -56.56 -75.85
CA LYS JA 103 53.90 -57.56 -75.18
C LYS JA 103 53.91 -58.86 -75.99
N MET JA 104 53.92 -58.78 -77.32
CA MET JA 104 53.83 -60.01 -78.14
C MET JA 104 55.24 -60.46 -78.54
N LEU JA 105 56.27 -59.84 -77.98
CA LEU JA 105 57.66 -60.17 -78.40
C LEU JA 105 57.94 -61.67 -78.20
N PRO JA 106 57.55 -62.33 -77.09
CA PRO JA 106 57.75 -63.76 -76.96
C PRO JA 106 57.24 -64.49 -78.21
N LYS JA 107 55.98 -64.26 -78.57
CA LYS JA 107 55.35 -64.98 -79.71
C LYS JA 107 56.17 -64.70 -80.97
N ILE JA 108 56.58 -63.45 -81.18
CA ILE JA 108 57.30 -63.06 -82.42
C ILE JA 108 58.60 -63.87 -82.51
N ILE JA 109 59.44 -63.81 -81.48
CA ILE JA 109 60.76 -64.51 -81.55
C ILE JA 109 60.52 -65.94 -82.00
N GLU JA 110 59.50 -66.61 -81.48
CA GLU JA 110 59.26 -68.03 -81.82
C GLU JA 110 59.01 -68.16 -83.33
N GLN JA 111 58.27 -67.22 -83.92
CA GLN JA 111 57.91 -67.37 -85.36
C GLN JA 111 59.15 -67.13 -86.25
N LEU JA 112 59.84 -65.99 -86.08
CA LEU JA 112 61.07 -65.77 -86.89
C LEU JA 112 62.00 -66.98 -86.78
N ARG JA 113 62.18 -67.55 -85.58
CA ARG JA 113 63.02 -68.76 -85.44
C ARG JA 113 62.38 -69.92 -86.21
N GLU JA 114 61.05 -70.03 -86.17
CA GLU JA 114 60.33 -71.10 -86.91
C GLU JA 114 60.55 -70.90 -88.42
N ASN JA 115 60.53 -69.65 -88.89
CA ASN JA 115 60.78 -69.33 -90.32
C ASN JA 115 62.24 -69.67 -90.62
N GLY JA 116 63.07 -69.79 -89.58
CA GLY JA 116 64.51 -70.08 -89.77
C GLY JA 116 65.35 -68.83 -89.64
N LYS JA 117 64.73 -67.66 -89.54
CA LYS JA 117 65.50 -66.42 -89.30
C LYS JA 117 66.15 -66.55 -87.92
N GLN JA 118 67.40 -66.11 -87.76
CA GLN JA 118 68.10 -66.27 -86.46
C GLN JA 118 68.03 -64.94 -85.70
N ILE JA 119 67.33 -64.91 -84.56
CA ILE JA 119 67.34 -63.65 -83.76
C ILE JA 119 68.03 -63.94 -82.42
N ASP JA 120 69.15 -63.25 -82.16
CA ASP JA 120 69.88 -63.43 -80.89
C ASP JA 120 69.88 -62.11 -80.11
N VAL JA 121 69.57 -61.00 -80.78
CA VAL JA 121 69.60 -59.66 -80.11
C VAL JA 121 68.40 -58.82 -80.53
N VAL JA 122 67.76 -58.15 -79.57
CA VAL JA 122 66.62 -57.24 -79.85
C VAL JA 122 67.17 -55.82 -79.64
N VAL JA 123 67.08 -54.96 -80.64
CA VAL JA 123 67.72 -53.61 -80.54
C VAL JA 123 66.68 -52.50 -80.61
N ILE JA 124 66.73 -51.54 -79.70
CA ILE JA 124 65.84 -50.35 -79.80
C ILE JA 124 66.75 -49.25 -80.34
N GLU JA 125 66.46 -48.70 -81.52
CA GLU JA 125 67.40 -47.76 -82.19
C GLU JA 125 67.68 -46.49 -81.38
N THR JA 126 66.69 -45.88 -80.73
CA THR JA 126 66.95 -44.58 -80.07
C THR JA 126 66.24 -44.41 -78.73
N ILE JA 127 67.01 -44.16 -77.66
CA ILE JA 127 66.41 -43.93 -76.31
C ILE JA 127 65.70 -42.57 -76.31
N GLN JA 128 66.21 -41.60 -77.08
CA GLN JA 128 65.61 -40.25 -77.05
C GLN JA 128 64.20 -40.33 -77.65
N LYS JA 129 64.01 -41.15 -78.68
CA LYS JA 129 62.65 -41.34 -79.26
C LYS JA 129 61.74 -42.01 -78.22
N LEU JA 130 62.25 -42.94 -77.42
CA LEU JA 130 61.40 -43.54 -76.35
C LEU JA 130 60.96 -42.42 -75.41
N ARG JA 131 61.86 -41.48 -75.10
CA ARG JA 131 61.45 -40.32 -74.26
C ARG JA 131 60.33 -39.56 -74.97
N ASP JA 132 60.49 -39.32 -76.27
CA ASP JA 132 59.50 -38.50 -77.01
C ASP JA 132 58.14 -39.22 -77.05
N ILE JA 133 58.13 -40.52 -77.31
CA ILE JA 133 56.83 -41.24 -77.47
C ILE JA 133 56.14 -41.35 -76.10
N THR JA 134 56.87 -41.79 -75.08
CA THR JA 134 56.26 -41.96 -73.74
C THR JA 134 55.70 -40.60 -73.30
N MET JA 135 56.39 -39.52 -73.67
CA MET JA 135 55.93 -38.17 -73.24
C MET JA 135 54.58 -37.88 -73.88
N ASP JA 136 54.43 -38.24 -75.16
CA ASP JA 136 53.15 -37.99 -75.87
C ASP JA 136 52.04 -38.80 -75.20
N ASP JA 137 52.34 -40.04 -74.81
CA ASP JA 137 51.31 -40.91 -74.18
C ASP JA 137 50.86 -40.29 -72.85
N ILE JA 138 51.79 -39.74 -72.09
CA ILE JA 138 51.44 -39.17 -70.75
C ILE JA 138 50.91 -37.74 -70.94
N MET JA 139 51.19 -37.12 -72.09
CA MET JA 139 50.61 -35.78 -72.35
C MET JA 139 49.35 -35.92 -73.19
N THR JA 147 55.55 -31.60 -66.44
CA THR JA 147 55.96 -31.29 -65.08
C THR JA 147 56.86 -32.41 -64.56
N PHE JA 148 57.44 -32.20 -63.37
CA PHE JA 148 58.30 -33.24 -62.77
C PHE JA 148 57.46 -34.49 -62.54
N ASN JA 149 56.16 -34.32 -62.30
CA ASN JA 149 55.27 -35.49 -62.16
C ASN JA 149 55.27 -36.23 -63.50
N ASP JA 150 55.19 -35.47 -64.60
CA ASP JA 150 55.22 -36.09 -65.95
C ASP JA 150 56.56 -36.78 -66.16
N TRP JA 151 57.65 -36.11 -65.77
CA TRP JA 151 59.01 -36.68 -65.97
C TRP JA 151 59.15 -37.98 -65.16
N GLY JA 152 58.65 -37.98 -63.93
CA GLY JA 152 58.75 -39.18 -63.08
C GLY JA 152 57.96 -40.33 -63.68
N GLU JA 153 56.81 -40.03 -64.26
CA GLU JA 153 55.98 -41.06 -64.93
C GLU JA 153 56.76 -41.58 -66.14
N CYS JA 154 57.42 -40.67 -66.86
CA CYS JA 154 58.22 -41.08 -68.04
C CYS JA 154 59.33 -42.04 -67.58
N ALA JA 155 59.98 -41.71 -66.47
CA ALA JA 155 61.03 -42.59 -65.92
C ALA JA 155 60.39 -43.93 -65.53
N THR JA 156 59.18 -43.88 -64.95
CA THR JA 156 58.51 -45.12 -64.50
C THR JA 156 58.24 -46.02 -65.71
N ARG JA 157 57.81 -45.43 -66.82
CA ARG JA 157 57.56 -46.23 -68.05
C ARG JA 157 58.88 -46.87 -68.48
N ILE JA 158 59.96 -46.10 -68.49
CA ILE JA 158 61.26 -46.64 -69.00
C ILE JA 158 61.72 -47.79 -68.09
N VAL JA 159 61.64 -47.60 -66.77
CA VAL JA 159 62.15 -48.66 -65.83
C VAL JA 159 61.30 -49.91 -66.01
N SER JA 160 59.98 -49.73 -66.17
CA SER JA 160 59.06 -50.89 -66.29
C SER JA 160 59.43 -51.71 -67.54
N ILE JA 161 59.73 -51.02 -68.65
CA ILE JA 161 60.06 -51.73 -69.91
C ILE JA 161 61.23 -52.67 -69.66
N TYR JA 162 62.33 -52.14 -69.11
CA TYR JA 162 63.53 -52.98 -68.91
C TYR JA 162 63.20 -54.21 -68.08
N ARG JA 163 62.45 -54.02 -67.00
CA ARG JA 163 62.12 -55.17 -66.11
C ARG JA 163 61.36 -56.22 -66.94
N TYR JA 164 60.37 -55.78 -67.73
CA TYR JA 164 59.59 -56.74 -68.55
C TYR JA 164 60.55 -57.44 -69.51
N ILE JA 165 61.36 -56.68 -70.25
CA ILE JA 165 62.24 -57.30 -71.27
C ILE JA 165 63.17 -58.30 -70.56
N SER JA 166 63.71 -57.95 -69.40
CA SER JA 166 64.69 -58.81 -68.71
C SER JA 166 64.12 -60.21 -68.42
N LYS JA 167 62.90 -60.28 -67.89
CA LYS JA 167 62.38 -61.62 -67.50
C LYS JA 167 62.27 -62.47 -68.76
N LEU JA 168 61.86 -61.87 -69.88
CA LEU JA 168 61.83 -62.61 -71.16
C LEU JA 168 63.28 -62.89 -71.58
N GLN JA 169 64.19 -61.96 -71.30
CA GLN JA 169 65.60 -62.09 -71.73
C GLN JA 169 66.17 -63.41 -71.20
N GLU JA 170 65.93 -63.72 -69.93
CA GLU JA 170 66.43 -64.98 -69.34
C GLU JA 170 65.70 -66.15 -70.00
N HIS JA 171 64.39 -66.01 -70.21
CA HIS JA 171 63.56 -67.08 -70.83
C HIS JA 171 63.98 -67.39 -72.28
N TYR JA 172 64.14 -66.36 -73.11
CA TYR JA 172 64.32 -66.63 -74.56
C TYR JA 172 65.76 -66.45 -75.03
N GLN JA 173 66.71 -66.29 -74.12
CA GLN JA 173 68.13 -66.25 -74.55
C GLN JA 173 68.33 -65.19 -75.63
N PHE JA 174 67.84 -63.96 -75.41
CA PHE JA 174 68.10 -62.90 -76.41
C PHE JA 174 68.93 -61.79 -75.75
N HIS JA 175 70.03 -61.40 -76.38
CA HIS JA 175 70.80 -60.25 -75.84
C HIS JA 175 69.97 -58.98 -76.09
N LEU JA 176 69.98 -58.04 -75.15
CA LEU JA 176 69.27 -56.76 -75.41
C LEU JA 176 70.31 -55.70 -75.71
N ALA JA 177 70.01 -54.78 -76.62
CA ALA JA 177 70.94 -53.65 -76.92
C ALA JA 177 70.14 -52.37 -77.15
N ILE JA 178 70.51 -51.29 -76.48
CA ILE JA 178 69.84 -49.97 -76.74
C ILE JA 178 70.91 -48.97 -77.18
N SER JA 179 70.59 -48.07 -78.09
CA SER JA 179 71.60 -47.11 -78.62
C SER JA 179 71.03 -45.69 -78.56
N GLY JA 180 71.90 -44.69 -78.33
CA GLY JA 180 71.46 -43.28 -78.22
C GLY JA 180 72.47 -42.33 -78.84
N HIS JA 181 72.25 -41.02 -78.73
CA HIS JA 181 73.14 -40.04 -79.40
C HIS JA 181 73.92 -39.20 -78.38
N GLU JA 182 75.23 -39.06 -78.59
CA GLU JA 182 76.09 -38.26 -77.68
C GLU JA 182 75.63 -36.81 -77.63
N GLY JA 183 75.46 -36.25 -76.42
CA GLY JA 183 75.09 -34.83 -76.27
C GLY JA 183 75.24 -34.35 -74.84
N THR JA 200 78.72 -38.16 -72.49
CA THR JA 200 77.78 -39.20 -72.01
C THR JA 200 76.58 -39.28 -72.95
N ILE JA 201 75.78 -40.34 -72.84
CA ILE JA 201 74.55 -40.45 -73.68
C ILE JA 201 73.64 -39.27 -73.30
N GLU JA 202 73.02 -38.62 -74.29
CA GLU JA 202 72.20 -37.42 -74.01
C GLU JA 202 70.82 -37.83 -73.50
N ALA JA 203 70.36 -37.25 -72.40
CA ALA JA 203 69.03 -37.56 -71.82
C ALA JA 203 68.90 -36.84 -70.48
N GLN JA 204 67.82 -37.10 -69.73
CA GLN JA 204 67.70 -36.52 -68.37
C GLN JA 204 68.23 -37.57 -67.37
N ASP JA 205 68.97 -37.13 -66.34
CA ASP JA 205 69.62 -38.08 -65.41
C ASP JA 205 68.71 -39.23 -64.96
N GLN JA 206 67.45 -38.96 -64.59
CA GLN JA 206 66.61 -40.03 -64.00
C GLN JA 206 66.67 -41.22 -64.96
N ILE JA 207 66.62 -40.94 -66.27
CA ILE JA 207 66.70 -42.01 -67.29
C ILE JA 207 68.14 -42.52 -67.32
N LYS JA 208 69.10 -41.61 -67.49
CA LYS JA 208 70.53 -42.03 -67.57
C LYS JA 208 70.83 -42.95 -66.38
N LYS JA 209 70.49 -42.52 -65.16
CA LYS JA 209 70.82 -43.34 -63.96
C LYS JA 209 70.30 -44.76 -64.19
N ALA JA 210 69.01 -44.89 -64.52
CA ALA JA 210 68.42 -46.21 -64.68
C ALA JA 210 69.14 -47.02 -65.76
N VAL JA 211 69.37 -46.37 -66.91
CA VAL JA 211 70.01 -47.10 -68.05
C VAL JA 211 71.40 -47.57 -67.62
N ILE JA 212 72.22 -46.65 -67.11
CA ILE JA 212 73.63 -47.03 -66.79
C ILE JA 212 73.59 -48.14 -65.74
N SER JA 213 72.79 -47.99 -64.68
CA SER JA 213 72.81 -49.00 -63.59
C SER JA 213 72.49 -50.39 -64.17
N GLN JA 214 71.36 -50.51 -64.87
CA GLN JA 214 70.92 -51.83 -65.42
C GLN JA 214 71.88 -52.34 -66.50
N SER JA 215 72.42 -51.48 -67.37
CA SER JA 215 73.23 -51.98 -68.50
C SER JA 215 74.49 -52.70 -68.03
N ASP JA 216 74.74 -53.91 -68.55
CA ASP JA 216 75.99 -54.63 -68.20
C ASP JA 216 77.18 -53.89 -68.82
N VAL JA 217 77.17 -53.73 -70.14
CA VAL JA 217 78.33 -53.08 -70.85
C VAL JA 217 77.90 -51.74 -71.43
N LEU JA 218 78.57 -50.65 -71.04
CA LEU JA 218 78.28 -49.34 -71.68
C LEU JA 218 79.54 -48.95 -72.44
N ALA JA 219 79.40 -48.62 -73.73
CA ALA JA 219 80.59 -48.33 -74.55
C ALA JA 219 80.34 -47.09 -75.42
N ARG JA 220 81.42 -46.39 -75.80
CA ARG JA 220 81.31 -45.21 -76.67
C ARG JA 220 82.05 -45.54 -77.97
N MET JA 221 81.40 -45.34 -79.12
CA MET JA 221 82.00 -45.77 -80.41
C MET JA 221 82.49 -44.53 -81.18
N THR JA 222 83.79 -44.48 -81.52
CA THR JA 222 84.37 -43.31 -82.21
C THR JA 222 85.27 -43.75 -83.34
N ILE JA 223 85.45 -42.91 -84.37
CA ILE JA 223 86.32 -43.24 -85.54
C ILE JA 223 87.68 -42.58 -85.33
N GLU JA 224 88.76 -43.35 -85.40
CA GLU JA 224 90.12 -42.81 -85.15
C GLU JA 224 91.00 -43.06 -86.38
N THR JA 233 94.91 -44.78 -92.41
CA THR JA 233 93.49 -44.63 -92.84
C THR JA 233 92.61 -44.51 -91.61
N TYR JA 234 91.37 -44.02 -91.78
CA TYR JA 234 90.42 -43.93 -90.64
C TYR JA 234 90.06 -45.35 -90.17
N GLN JA 235 89.92 -45.53 -88.86
CA GLN JA 235 89.56 -46.86 -88.29
C GLN JA 235 88.34 -46.70 -87.38
N TYR JA 236 87.45 -47.69 -87.38
CA TYR JA 236 86.26 -47.65 -86.48
C TYR JA 236 86.54 -48.53 -85.26
N VAL JA 237 86.62 -47.94 -84.07
CA VAL JA 237 87.01 -48.72 -82.86
C VAL JA 237 86.08 -48.35 -81.69
N LEU JA 238 85.67 -49.36 -80.92
CA LEU JA 238 84.80 -49.12 -79.73
C LEU JA 238 85.70 -49.07 -78.50
N ASN JA 239 85.71 -47.95 -77.78
CA ASN JA 239 86.64 -47.82 -76.62
C ASN JA 239 85.86 -47.83 -75.30
N ALA JA 240 86.04 -48.88 -74.49
CA ALA JA 240 85.36 -48.94 -73.19
C ALA JA 240 86.39 -48.74 -72.07
N GLU JA 241 87.62 -48.35 -72.41
CA GLU JA 241 88.67 -48.13 -71.39
C GLU JA 241 88.22 -47.01 -70.44
N PRO JA 242 88.47 -47.10 -69.12
CA PRO JA 242 87.98 -46.10 -68.18
C PRO JA 242 88.57 -44.73 -68.53
N SER JA 243 87.81 -43.66 -68.27
CA SER JA 243 88.30 -42.30 -68.63
C SER JA 243 87.43 -41.23 -67.95
N ASN JA 244 88.04 -40.16 -67.42
CA ASN JA 244 87.26 -39.05 -66.84
C ASN JA 244 86.42 -38.36 -67.93
N LEU JA 245 86.99 -38.16 -69.13
CA LEU JA 245 86.27 -37.40 -70.20
C LEU JA 245 84.97 -38.09 -70.64
N PHE JA 246 84.98 -39.42 -70.78
CA PHE JA 246 83.79 -40.16 -71.26
C PHE JA 246 83.56 -41.33 -70.31
N GLU JA 247 82.32 -41.79 -70.12
CA GLU JA 247 82.16 -42.86 -69.11
C GLU JA 247 81.85 -44.19 -69.79
N THR JA 248 82.66 -45.21 -69.47
CA THR JA 248 82.47 -46.56 -70.06
C THR JA 248 82.63 -47.60 -68.95
N LYS JA 249 81.97 -48.75 -69.06
CA LYS JA 249 82.18 -49.83 -68.05
C LYS JA 249 81.91 -51.19 -68.69
N ILE JA 250 82.87 -52.10 -68.59
CA ILE JA 250 82.59 -53.49 -69.10
C ILE JA 250 82.61 -54.42 -67.89
N ARG JA 251 81.63 -55.33 -67.78
CA ARG JA 251 81.57 -56.19 -66.57
C ARG JA 251 82.18 -57.55 -66.89
N HIS JA 252 83.25 -57.93 -66.17
CA HIS JA 252 83.88 -59.27 -66.36
C HIS JA 252 84.23 -59.83 -64.97
N SER JA 253 84.27 -61.15 -64.83
CA SER JA 253 84.55 -61.76 -63.52
C SER JA 253 86.03 -61.56 -63.15
N SER JA 254 86.37 -61.62 -61.87
CA SER JA 254 87.76 -61.36 -61.41
C SER JA 254 88.77 -62.13 -62.26
N ASN JA 255 88.55 -63.43 -62.46
CA ASN JA 255 89.55 -64.25 -63.19
C ASN JA 255 89.72 -63.71 -64.62
N ILE JA 256 88.61 -63.35 -65.28
CA ILE JA 256 88.68 -62.83 -66.68
C ILE JA 256 89.41 -61.49 -66.67
N LYS JA 257 90.34 -61.30 -67.60
CA LYS JA 257 91.08 -60.00 -67.70
C LYS JA 257 90.96 -59.49 -69.14
N ILE JA 258 90.60 -58.23 -69.32
CA ILE JA 258 90.55 -57.66 -70.70
C ILE JA 258 91.89 -56.98 -70.97
N ASN JA 259 92.77 -57.63 -71.73
CA ASN JA 259 94.09 -57.04 -72.07
C ASN JA 259 93.85 -55.79 -72.93
N ASN JA 260 92.86 -55.84 -73.83
CA ASN JA 260 92.59 -54.69 -74.74
C ASN JA 260 91.10 -54.31 -74.66
N LYS JA 261 90.80 -53.10 -74.16
CA LYS JA 261 89.39 -52.66 -74.01
C LYS JA 261 88.92 -51.90 -75.27
N ARG JA 262 89.79 -51.73 -76.27
CA ARG JA 262 89.36 -51.08 -77.53
C ARG JA 262 89.22 -52.15 -78.62
N PHE JA 263 88.04 -52.23 -79.25
CA PHE JA 263 87.81 -53.26 -80.29
C PHE JA 263 87.64 -52.58 -81.65
N ILE JA 264 88.46 -52.96 -82.64
CA ILE JA 264 88.35 -52.37 -84.01
C ILE JA 264 87.40 -53.26 -84.81
N ASN JA 265 86.60 -52.70 -85.71
CA ASN JA 265 85.59 -53.52 -86.43
C ASN JA 265 84.85 -54.41 -85.43
N PRO JA 266 84.21 -53.86 -84.38
CA PRO JA 266 83.57 -54.67 -83.34
C PRO JA 266 82.23 -55.32 -83.72
N SER JA 267 81.89 -56.44 -83.08
CA SER JA 267 80.58 -57.11 -83.30
C SER JA 267 80.08 -57.57 -81.93
N ILE JA 268 78.79 -57.89 -81.78
CA ILE JA 268 78.30 -58.23 -80.41
C ILE JA 268 79.00 -59.52 -79.97
N ASN JA 269 79.16 -60.49 -80.89
CA ASN JA 269 79.85 -61.76 -80.56
C ASN JA 269 81.22 -61.46 -79.93
N ASP JA 270 82.08 -60.70 -80.61
CA ASP JA 270 83.42 -60.44 -80.11
C ASP JA 270 83.40 -59.94 -78.68
N VAL JA 271 82.50 -59.00 -78.39
CA VAL JA 271 82.39 -58.47 -77.00
C VAL JA 271 81.96 -59.62 -76.08
N VAL JA 272 80.96 -60.39 -76.48
CA VAL JA 272 80.48 -61.53 -75.64
C VAL JA 272 81.67 -62.46 -75.34
N GLN JA 273 82.44 -62.83 -76.35
CA GLN JA 273 83.55 -63.75 -76.16
C GLN JA 273 84.61 -63.14 -75.25
N ALA JA 274 84.88 -61.83 -75.40
CA ALA JA 274 85.85 -61.16 -74.54
C ALA JA 274 85.38 -61.17 -73.09
N ILE JA 275 84.06 -61.04 -72.87
CA ILE JA 275 83.55 -60.94 -71.46
C ILE JA 275 83.32 -62.32 -70.85
N ARG JA 276 83.20 -63.38 -71.66
CA ARG JA 276 83.12 -64.73 -71.10
C ARG JA 276 84.48 -65.41 -71.04
N ASN JA 277 85.22 -65.40 -72.14
CA ASN JA 277 86.53 -66.04 -72.19
C ASN JA 277 87.64 -64.99 -72.13
N GLY JA 278 88.87 -65.46 -71.95
CA GLY JA 278 90.02 -64.58 -71.85
C GLY JA 278 90.24 -63.71 -73.07
N ASN JA 279 90.47 -62.42 -72.83
CA ASN JA 279 90.67 -61.46 -73.96
C ASN JA 279 91.81 -61.95 -74.85
#